data_5EBZ
#
_entry.id   5EBZ
#
_cell.length_a   174.510
_cell.length_b   186.940
_cell.length_c   275.830
_cell.angle_alpha   90.00
_cell.angle_beta   98.84
_cell.angle_gamma   90.00
#
_symmetry.space_group_name_H-M   'P 1 21 1'
#
loop_
_entity.id
_entity.type
_entity.pdbx_description
1 polymer 'Inhibitor of nuclear factor kappa-B kinase subunit alpha'
2 branched 2,3-di-O-sulfo-alpha-D-glucopyranose-(1-6)-alpha-D-glucopyranose-(1-6)-2,4-di-O-sulfo-alpha-D-glucopyranose
3 branched '[(2S,3R,4S,5S,6R)-6-(hydroxymethyl)-2,4-bis(oxidanyl)-5-oxidanylsulfanyloxy-oxan-3-yl] hydrogen sulfate-(1-6)-(2S,3R,4R,5S,6R)-6-(hydroxymethyl)-5-oxidanylsulfanyloxy-oxane-2,3,4-triol-(1-6)-2-O-sulfo-alpha-D-glucopyranose-(1-6)-[(2R,3R,4R,5R,6S)-2-(hydroxymethyl)-5,6-bis(oxidanyl)-3-oxidanylsulfanyloxy-oxan-4-yl] hydrogen sulfate-(1-6)-[(2S,3R,4S,5R,6R)-6-(hydroxymethyl)-2,5-bis(oxidanyl)-4-oxidanylsulfanyloxy-oxan-3-yl] hydrogen sulfate-(1-6)-[(2R,3R,4R,5R,6S)-2-(hydroxymethyl)-5,6-bis(oxidanyl)-3-oxidanylsulfanyloxy-oxan-4-yl] hydrogen sulfate-(1-6)-2,4-di-O-sulfo-alpha-D-glucopyranose'
4 non-polymer 2-azanyl-5-phenyl-3-(4-sulfamoylphenyl)benzamide
#
_entity_poly.entity_id   1
_entity_poly.type   'polypeptide(L)'
_entity_poly.pdbx_seq_one_letter_code
;DPEFGAGGPWEMRERLGTGGFGNVCLYQHRELDLKIAIKSCRLELSTKNRERWCHEIQIMKKLNHANVVKACDVPEELNI
LIHDVPLLAMEYCSGGDLRKLLNKPENCCGLKESQILSLLSDIGSGIRYLHENKIIHRDLKPENIVLQDVGGKIIHKIID
LGYAKDVDQGELCTEFVGTLQYLAPELFENKPYTATVDYWSFGTMVFECIAGYRPFLHHLQPFTWHEKIKKKDPKCIFAC
EEMSGEVRFSSHLPQPNSLCSLIVEPMENWLQLMLNWDPQQRGGPVDLTLKQPRCFVLMDHILNLKIVHILNMTSAKIIS
FLLPPDESLHSLQSRIERETGINTGSQELLSETGISLDPRKPASQCVLDGVRGCDSYMVYLFDKSKTVYEGPFASRSLSD
CVNYIVQDSKIQLPIIQLRKVWAEAVHYVSGLKEDYSRLFQGQRAAMLSLLRYNANLTKMKNTLISASQQLKAKLEFFHK
SIQLDLERYSEQMTYGISSEKMLKAWKEMEEKAIHYAEVGVIGYLEDQIMSLHAEIMELQKSPYGRRQGDLMESLEQRAI
DLYKQLKHRPSDHSYSDSTEMVKIIVHTVQSQDRVLKELFGHLSKLLGCKQKIIDLLPKVEVALSNIKEADNTVMFMQGK
RQKEIWHLLKIACTQ
;
_entity_poly.pdbx_strand_id   A,B,C,D,E,F,G,H,I,J,K,L
#
# COMPACT_ATOMS: atom_id res chain seq x y z
N ASP A 1 -60.50 5.85 -43.59
CA ASP A 1 -61.45 4.72 -43.40
C ASP A 1 -62.63 5.11 -42.50
N PRO A 2 -63.66 5.75 -43.09
CA PRO A 2 -64.86 6.20 -42.38
C PRO A 2 -65.81 5.05 -42.06
N GLU A 3 -65.37 3.82 -42.33
CA GLU A 3 -66.16 2.61 -42.09
C GLU A 3 -67.31 2.47 -43.08
N PHE A 4 -68.50 2.93 -42.68
CA PHE A 4 -69.69 2.84 -43.54
C PHE A 4 -70.14 1.41 -43.75
N GLY A 5 -69.42 0.68 -44.60
CA GLY A 5 -69.77 -0.70 -44.87
C GLY A 5 -71.21 -0.86 -45.32
N ALA A 6 -71.78 0.21 -45.85
CA ALA A 6 -73.15 0.20 -46.32
C ALA A 6 -73.20 -0.05 -47.83
N GLY A 7 -73.01 -1.31 -48.23
CA GLY A 7 -73.04 -1.65 -49.63
C GLY A 7 -71.86 -1.05 -50.38
N GLY A 8 -72.08 0.10 -50.99
CA GLY A 8 -71.03 0.77 -51.73
C GLY A 8 -71.51 1.80 -52.74
N PRO A 9 -72.60 2.53 -52.46
CA PRO A 9 -73.10 3.55 -53.39
C PRO A 9 -71.99 4.51 -53.79
N TRP A 10 -71.66 5.43 -52.89
CA TRP A 10 -70.60 6.39 -53.15
C TRP A 10 -69.25 5.72 -52.93
N GLU A 11 -68.20 6.53 -52.82
CA GLU A 11 -66.85 6.01 -52.59
C GLU A 11 -65.86 7.16 -52.50
N MET A 12 -65.11 7.21 -51.40
CA MET A 12 -64.15 8.29 -51.20
C MET A 12 -62.82 8.03 -51.91
N ARG A 13 -62.25 9.09 -52.48
CA ARG A 13 -60.99 9.00 -53.19
C ARG A 13 -59.83 9.23 -52.24
N GLU A 14 -59.62 10.50 -51.88
CA GLU A 14 -58.55 10.88 -50.97
C GLU A 14 -59.09 11.78 -49.86
N ARG A 15 -58.36 11.86 -48.76
CA ARG A 15 -58.78 12.70 -47.64
C ARG A 15 -58.44 14.16 -47.94
N LEU A 16 -58.51 15.00 -46.91
CA LEU A 16 -58.21 16.42 -47.08
C LEU A 16 -57.18 16.89 -46.06
N GLY A 17 -57.00 18.22 -45.99
CA GLY A 17 -56.05 18.78 -45.06
C GLY A 17 -56.46 18.74 -43.60
N THR A 18 -56.41 19.90 -42.94
CA THR A 18 -56.76 20.01 -41.53
C THR A 18 -58.19 19.58 -41.24
N GLY A 19 -58.58 19.63 -39.98
CA GLY A 19 -59.93 19.24 -39.60
C GLY A 19 -59.93 18.42 -38.32
N GLY A 20 -59.16 17.34 -38.33
CA GLY A 20 -59.09 16.47 -37.17
C GLY A 20 -58.91 15.01 -37.53
N PHE A 21 -59.04 14.13 -36.55
CA PHE A 21 -58.89 12.70 -36.77
C PHE A 21 -59.75 12.25 -37.93
N GLY A 22 -59.12 11.98 -39.07
CA GLY A 22 -59.86 11.55 -40.25
C GLY A 22 -60.97 12.52 -40.60
N ASN A 23 -60.59 13.75 -40.91
CA ASN A 23 -61.55 14.78 -41.27
C ASN A 23 -62.26 14.50 -42.61
N VAL A 24 -62.58 15.56 -43.34
CA VAL A 24 -63.27 15.44 -44.61
C VAL A 24 -62.53 14.55 -45.60
N CYS A 25 -63.27 13.90 -46.48
CA CYS A 25 -62.71 13.03 -47.50
C CYS A 25 -63.39 13.25 -48.84
N LEU A 26 -62.62 13.20 -49.91
CA LEU A 26 -63.16 13.40 -51.26
C LEU A 26 -64.11 12.26 -51.59
N TYR A 27 -65.40 12.49 -51.40
CA TYR A 27 -66.40 11.48 -51.68
C TYR A 27 -66.99 11.60 -53.07
N GLN A 28 -66.64 10.64 -53.93
CA GLN A 28 -67.14 10.62 -55.31
C GLN A 28 -68.12 9.46 -55.46
N HIS A 29 -69.08 9.61 -56.36
CA HIS A 29 -70.06 8.56 -56.58
C HIS A 29 -69.70 7.73 -57.81
N ARG A 30 -69.30 6.49 -57.57
CA ARG A 30 -68.91 5.59 -58.65
C ARG A 30 -69.99 5.50 -59.72
N GLU A 31 -71.24 5.64 -59.30
CA GLU A 31 -72.38 5.58 -60.20
C GLU A 31 -72.63 6.93 -60.86
N LEU A 32 -72.99 7.93 -60.06
CA LEU A 32 -73.27 9.27 -60.58
C LEU A 32 -71.99 10.03 -60.90
N ASP A 33 -72.07 11.35 -60.87
CA ASP A 33 -70.93 12.19 -61.18
C ASP A 33 -70.62 13.17 -60.05
N LEU A 34 -71.40 13.12 -58.98
CA LEU A 34 -71.18 14.00 -57.86
C LEU A 34 -69.95 13.58 -57.05
N LYS A 35 -69.11 14.55 -56.71
CA LYS A 35 -67.90 14.27 -55.95
C LYS A 35 -67.81 15.14 -54.70
N ILE A 36 -68.96 15.58 -54.20
CA ILE A 36 -69.01 16.41 -53.01
C ILE A 36 -68.37 15.69 -51.82
N ALA A 37 -67.49 16.39 -51.11
CA ALA A 37 -66.80 15.82 -49.95
C ALA A 37 -67.56 16.08 -48.66
N ILE A 38 -67.45 15.13 -47.74
CA ILE A 38 -68.13 15.25 -46.46
C ILE A 38 -67.13 15.01 -45.34
N LYS A 39 -67.35 15.67 -44.20
CA LYS A 39 -66.44 15.52 -43.08
C LYS A 39 -66.77 14.32 -42.22
N SER A 40 -65.74 13.59 -41.80
CA SER A 40 -65.92 12.42 -40.97
C SER A 40 -65.58 12.76 -39.51
N CYS A 41 -66.43 12.30 -38.60
CA CYS A 41 -66.24 12.56 -37.17
C CYS A 41 -65.04 11.81 -36.61
N ARG A 42 -64.36 12.42 -35.66
CA ARG A 42 -63.20 11.78 -35.06
C ARG A 42 -63.65 10.53 -34.31
N LEU A 43 -62.83 10.07 -33.37
CA LEU A 43 -63.15 8.90 -32.58
C LEU A 43 -64.35 9.18 -31.67
N GLU A 44 -64.22 8.82 -30.40
CA GLU A 44 -65.32 9.05 -29.45
C GLU A 44 -65.31 10.49 -28.94
N LEU A 45 -65.93 11.38 -29.69
CA LEU A 45 -66.00 12.78 -29.30
C LEU A 45 -66.63 12.91 -27.92
N SER A 46 -66.02 13.73 -27.07
CA SER A 46 -66.52 13.93 -25.72
C SER A 46 -67.96 14.41 -25.73
N THR A 47 -68.70 14.08 -24.68
CA THR A 47 -70.10 14.47 -24.57
C THR A 47 -70.24 15.97 -24.72
N LYS A 48 -69.33 16.71 -24.09
CA LYS A 48 -69.36 18.17 -24.16
C LYS A 48 -68.96 18.66 -25.55
N ASN A 49 -68.08 17.90 -26.20
CA ASN A 49 -67.61 18.27 -27.53
C ASN A 49 -68.66 17.95 -28.57
N ARG A 50 -69.59 17.07 -28.20
CA ARG A 50 -70.65 16.67 -29.12
C ARG A 50 -71.46 17.86 -29.62
N GLU A 51 -71.68 18.83 -28.74
CA GLU A 51 -72.46 20.02 -29.09
C GLU A 51 -71.67 20.93 -30.01
N ARG A 52 -70.36 20.76 -30.00
CA ARG A 52 -69.49 21.57 -30.84
C ARG A 52 -69.64 21.17 -32.31
N TRP A 53 -69.70 19.87 -32.55
CA TRP A 53 -69.81 19.36 -33.91
C TRP A 53 -71.16 19.69 -34.50
N CYS A 54 -72.21 19.42 -33.74
CA CYS A 54 -73.56 19.70 -34.20
C CYS A 54 -73.72 21.21 -34.40
N HIS A 55 -72.80 21.97 -33.81
CA HIS A 55 -72.84 23.42 -33.91
C HIS A 55 -72.29 23.89 -35.24
N GLU A 56 -71.17 23.30 -35.64
CA GLU A 56 -70.53 23.67 -36.90
C GLU A 56 -71.49 23.49 -38.07
N ILE A 57 -72.07 22.31 -38.17
CA ILE A 57 -73.00 22.02 -39.25
C ILE A 57 -74.15 23.00 -39.23
N GLN A 58 -74.48 23.49 -38.06
CA GLN A 58 -75.57 24.44 -37.90
C GLN A 58 -75.26 25.72 -38.66
N ILE A 59 -74.25 26.44 -38.19
CA ILE A 59 -73.86 27.69 -38.81
C ILE A 59 -73.36 27.50 -40.23
N MET A 60 -72.86 26.31 -40.54
CA MET A 60 -72.34 26.02 -41.86
C MET A 60 -73.45 26.09 -42.91
N LYS A 61 -74.63 25.60 -42.54
CA LYS A 61 -75.76 25.60 -43.46
C LYS A 61 -76.31 27.01 -43.58
N LYS A 62 -75.91 27.88 -42.66
CA LYS A 62 -76.34 29.27 -42.68
C LYS A 62 -75.58 30.04 -43.75
N LEU A 63 -74.38 29.57 -44.06
CA LEU A 63 -73.54 30.21 -45.07
C LEU A 63 -73.95 29.72 -46.45
N ASN A 64 -74.49 30.63 -47.27
CA ASN A 64 -74.93 30.30 -48.62
C ASN A 64 -74.13 31.07 -49.65
N HIS A 65 -73.08 31.74 -49.19
CA HIS A 65 -72.22 32.51 -50.08
C HIS A 65 -71.33 31.56 -50.88
N ALA A 66 -71.73 31.33 -52.13
CA ALA A 66 -71.01 30.43 -53.02
C ALA A 66 -69.58 30.88 -53.28
N ASN A 67 -69.10 31.87 -52.53
CA ASN A 67 -67.74 32.37 -52.69
C ASN A 67 -66.83 31.74 -51.65
N VAL A 68 -67.43 31.00 -50.72
CA VAL A 68 -66.71 30.30 -49.66
C VAL A 68 -67.24 28.89 -49.52
N VAL A 69 -66.73 28.17 -48.54
CA VAL A 69 -67.17 26.79 -48.33
C VAL A 69 -68.68 26.72 -48.16
N LYS A 70 -69.35 25.98 -49.03
CA LYS A 70 -70.80 25.83 -48.95
C LYS A 70 -71.16 24.57 -48.16
N ALA A 71 -72.34 24.58 -47.55
CA ALA A 71 -72.77 23.44 -46.77
C ALA A 71 -73.96 22.74 -47.44
N CYS A 72 -73.67 21.87 -48.39
CA CYS A 72 -74.71 21.13 -49.11
C CYS A 72 -75.33 20.07 -48.20
N ASP A 73 -76.57 19.71 -48.49
CA ASP A 73 -77.25 18.69 -47.69
C ASP A 73 -76.55 17.35 -47.81
N VAL A 74 -76.49 16.63 -46.70
CA VAL A 74 -75.86 15.31 -46.65
C VAL A 74 -76.62 14.32 -47.55
N PRO A 75 -75.88 13.53 -48.34
CA PRO A 75 -76.48 12.54 -49.26
C PRO A 75 -77.17 11.39 -48.55
N GLU A 76 -77.72 10.48 -49.35
CA GLU A 76 -78.43 9.32 -48.83
C GLU A 76 -77.66 8.61 -47.73
N GLU A 77 -76.33 8.76 -47.73
CA GLU A 77 -75.50 8.12 -46.72
C GLU A 77 -75.31 9.00 -45.49
N LEU A 78 -76.30 8.99 -44.60
CA LEU A 78 -76.24 9.78 -43.38
C LEU A 78 -75.59 8.97 -42.26
N ASN A 79 -76.41 8.23 -41.52
CA ASN A 79 -75.91 7.41 -40.42
C ASN A 79 -75.09 8.28 -39.49
N ILE A 80 -74.21 7.66 -38.72
CA ILE A 80 -73.35 8.38 -37.78
C ILE A 80 -71.97 7.72 -37.70
N LEU A 81 -70.94 8.53 -37.85
CA LEU A 81 -69.56 8.04 -37.78
C LEU A 81 -69.27 7.53 -36.37
N ILE A 82 -68.01 7.68 -35.97
CA ILE A 82 -67.59 7.22 -34.65
C ILE A 82 -68.45 7.85 -33.56
N HIS A 83 -69.29 7.03 -32.93
CA HIS A 83 -70.20 7.46 -31.88
C HIS A 83 -71.34 8.29 -32.47
N ASP A 84 -72.26 8.72 -31.61
CA ASP A 84 -73.41 9.49 -32.03
C ASP A 84 -73.02 10.88 -32.56
N VAL A 85 -72.82 10.97 -33.86
CA VAL A 85 -72.46 12.23 -34.52
C VAL A 85 -72.81 12.19 -36.00
N PRO A 86 -73.44 13.26 -36.51
CA PRO A 86 -73.82 13.32 -37.93
C PRO A 86 -72.64 13.52 -38.83
N LEU A 87 -72.85 14.21 -39.94
CA LEU A 87 -71.78 14.49 -40.90
C LEU A 87 -71.85 15.92 -41.41
N LEU A 88 -70.89 16.29 -42.24
CA LEU A 88 -70.85 17.63 -42.81
C LEU A 88 -70.52 17.60 -44.30
N ALA A 89 -71.56 17.61 -45.12
CA ALA A 89 -71.39 17.58 -46.57
C ALA A 89 -71.09 18.98 -47.07
N MET A 90 -70.32 19.08 -48.14
CA MET A 90 -69.97 20.38 -48.69
C MET A 90 -69.37 20.28 -50.08
N GLU A 91 -69.43 21.38 -50.82
CA GLU A 91 -68.90 21.43 -52.20
C GLU A 91 -67.41 21.12 -52.24
N TYR A 92 -66.98 20.42 -53.29
CA TYR A 92 -65.58 20.06 -53.45
C TYR A 92 -64.91 20.92 -54.50
N CYS A 93 -63.62 21.15 -54.33
CA CYS A 93 -62.86 21.96 -55.27
C CYS A 93 -61.51 21.30 -55.56
N SER A 94 -61.30 20.92 -56.82
CA SER A 94 -60.05 20.27 -57.21
C SER A 94 -58.92 21.27 -57.40
N GLY A 95 -59.26 22.55 -57.31
CA GLY A 95 -58.26 23.60 -57.48
C GLY A 95 -57.22 23.59 -56.37
N GLY A 96 -57.34 22.65 -55.45
CA GLY A 96 -56.39 22.56 -54.36
C GLY A 96 -56.43 23.79 -53.46
N ASP A 97 -55.68 23.72 -52.36
CA ASP A 97 -55.63 24.82 -51.41
C ASP A 97 -54.83 25.99 -51.98
N LEU A 98 -54.72 27.06 -51.20
CA LEU A 98 -53.97 28.24 -51.62
C LEU A 98 -52.47 28.00 -51.53
N ARG A 99 -52.07 27.18 -50.57
CA ARG A 99 -50.66 26.86 -50.38
C ARG A 99 -50.05 26.30 -51.67
N LYS A 100 -50.89 25.70 -52.50
CA LYS A 100 -50.43 25.14 -53.75
C LYS A 100 -49.90 26.25 -54.64
N LEU A 101 -50.78 27.20 -54.95
CA LEU A 101 -50.43 28.33 -55.79
C LEU A 101 -49.29 29.12 -55.20
N LEU A 102 -49.17 29.09 -53.89
CA LEU A 102 -48.12 29.82 -53.20
C LEU A 102 -46.77 29.12 -53.34
N ASN A 103 -46.78 27.81 -53.24
CA ASN A 103 -45.54 27.04 -53.38
C ASN A 103 -45.06 26.90 -54.81
N LYS A 104 -45.90 27.30 -55.77
CA LYS A 104 -45.54 27.21 -57.18
C LYS A 104 -44.27 28.01 -57.48
N PRO A 105 -43.25 27.34 -58.03
CA PRO A 105 -41.98 27.99 -58.36
C PRO A 105 -42.18 29.23 -59.22
N GLU A 106 -43.14 29.15 -60.13
CA GLU A 106 -43.42 30.26 -61.02
C GLU A 106 -43.77 31.52 -60.23
N ASN A 107 -44.35 31.33 -59.06
CA ASN A 107 -44.70 32.48 -58.24
C ASN A 107 -43.79 32.41 -57.02
N CYS A 108 -42.59 31.89 -57.24
CA CYS A 108 -41.61 31.74 -56.18
C CYS A 108 -41.40 33.03 -55.40
N CYS A 109 -41.59 34.15 -56.08
CA CYS A 109 -41.42 35.47 -55.46
C CYS A 109 -42.65 36.34 -55.70
N GLY A 110 -43.76 35.97 -55.07
CA GLY A 110 -44.98 36.74 -55.24
C GLY A 110 -45.74 36.36 -56.50
N LEU A 111 -47.02 36.04 -56.34
CA LEU A 111 -47.86 35.66 -57.49
C LEU A 111 -47.98 36.82 -58.46
N LYS A 112 -48.79 36.64 -59.49
CA LYS A 112 -48.98 37.67 -60.49
C LYS A 112 -50.18 38.56 -60.19
N GLU A 113 -50.13 39.78 -60.70
CA GLU A 113 -51.16 40.77 -60.42
C GLU A 113 -52.58 40.24 -60.53
N SER A 114 -52.83 39.48 -61.59
CA SER A 114 -54.16 38.92 -61.82
C SER A 114 -54.63 38.11 -60.62
N GLN A 115 -53.89 37.05 -60.31
CA GLN A 115 -54.23 36.18 -59.20
C GLN A 115 -54.32 36.95 -57.89
N ILE A 116 -53.39 37.89 -57.69
CA ILE A 116 -53.35 38.69 -56.49
C ILE A 116 -54.70 39.35 -56.21
N LEU A 117 -55.03 40.33 -57.03
CA LEU A 117 -56.29 41.04 -56.87
C LEU A 117 -57.48 40.09 -56.91
N SER A 118 -57.33 39.01 -57.66
CA SER A 118 -58.40 38.03 -57.80
C SER A 118 -58.66 37.34 -56.47
N LEU A 119 -57.76 37.55 -55.52
CA LEU A 119 -57.89 36.94 -54.20
C LEU A 119 -58.57 37.92 -53.24
N LEU A 120 -58.35 39.21 -53.46
CA LEU A 120 -58.96 40.23 -52.62
C LEU A 120 -60.45 40.30 -52.90
N SER A 121 -60.81 40.37 -54.17
CA SER A 121 -62.20 40.45 -54.57
C SER A 121 -62.94 39.19 -54.16
N ASP A 122 -62.19 38.13 -53.91
CA ASP A 122 -62.78 36.86 -53.51
C ASP A 122 -62.81 36.71 -51.97
N ILE A 123 -61.63 36.45 -51.39
CA ILE A 123 -61.53 36.28 -49.95
C ILE A 123 -62.05 37.50 -49.21
N GLY A 124 -61.81 38.67 -49.81
CA GLY A 124 -62.26 39.91 -49.18
C GLY A 124 -63.77 39.98 -49.06
N SER A 125 -64.46 39.38 -50.02
CA SER A 125 -65.91 39.38 -50.03
C SER A 125 -66.43 38.33 -49.09
N GLY A 126 -65.83 37.15 -49.15
CA GLY A 126 -66.26 36.07 -48.27
C GLY A 126 -65.97 36.37 -46.82
N ILE A 127 -64.79 36.92 -46.56
CA ILE A 127 -64.40 37.23 -45.19
C ILE A 127 -65.36 38.27 -44.65
N ARG A 128 -65.92 39.08 -45.54
CA ARG A 128 -66.87 40.11 -45.14
C ARG A 128 -68.22 39.47 -44.85
N TYR A 129 -68.61 38.53 -45.70
CA TYR A 129 -69.89 37.84 -45.55
C TYR A 129 -70.00 37.21 -44.17
N LEU A 130 -68.95 36.50 -43.78
CA LEU A 130 -68.93 35.84 -42.48
C LEU A 130 -69.17 36.85 -41.36
N HIS A 131 -68.70 38.08 -41.58
CA HIS A 131 -68.87 39.13 -40.59
C HIS A 131 -70.29 39.66 -40.60
N GLU A 132 -71.05 39.29 -41.64
CA GLU A 132 -72.42 39.73 -41.76
C GLU A 132 -73.36 38.71 -41.14
N ASN A 133 -72.77 37.75 -40.43
CA ASN A 133 -73.54 36.70 -39.76
C ASN A 133 -72.95 36.46 -38.38
N LYS A 134 -72.22 37.46 -37.88
CA LYS A 134 -71.60 37.38 -36.57
C LYS A 134 -70.68 36.17 -36.46
N ILE A 135 -70.25 35.66 -37.61
CA ILE A 135 -69.35 34.51 -37.65
C ILE A 135 -67.94 35.00 -37.94
N ILE A 136 -67.04 34.82 -36.98
CA ILE A 136 -65.66 35.27 -37.14
C ILE A 136 -64.68 34.11 -37.20
N HIS A 137 -63.99 33.99 -38.32
CA HIS A 137 -63.02 32.93 -38.52
C HIS A 137 -61.61 33.51 -38.43
N ARG A 138 -61.00 33.36 -37.26
CA ARG A 138 -59.67 33.90 -37.04
C ARG A 138 -58.57 33.03 -37.63
N ASP A 139 -58.79 31.72 -37.65
CA ASP A 139 -57.80 30.79 -38.17
C ASP A 139 -57.74 30.85 -39.68
N LEU A 140 -57.88 32.05 -40.23
CA LEU A 140 -57.84 32.23 -41.68
C LEU A 140 -56.43 32.08 -42.24
N LYS A 141 -55.94 30.84 -42.26
CA LYS A 141 -54.60 30.56 -42.77
C LYS A 141 -54.68 30.04 -44.21
N PRO A 142 -53.65 30.32 -45.01
CA PRO A 142 -53.58 29.90 -46.41
C PRO A 142 -54.04 28.46 -46.67
N GLU A 143 -53.67 27.54 -45.78
CA GLU A 143 -54.05 26.14 -45.92
C GLU A 143 -55.54 25.93 -45.65
N ASN A 144 -56.30 27.00 -45.70
CA ASN A 144 -57.75 26.95 -45.48
C ASN A 144 -58.53 27.70 -46.57
N ILE A 145 -57.85 27.95 -47.69
CA ILE A 145 -58.47 28.65 -48.80
C ILE A 145 -58.42 27.79 -50.06
N VAL A 146 -59.48 27.03 -50.29
CA VAL A 146 -59.54 26.16 -51.44
C VAL A 146 -59.77 26.95 -52.73
N LEU A 147 -59.40 26.34 -53.85
CA LEU A 147 -59.57 26.96 -55.16
C LEU A 147 -60.42 26.07 -56.07
N GLN A 148 -61.09 26.70 -57.04
CA GLN A 148 -61.93 25.95 -57.97
C GLN A 148 -61.98 26.66 -59.33
N ASP A 149 -62.03 25.87 -60.40
CA ASP A 149 -62.08 26.40 -61.75
C ASP A 149 -63.52 26.58 -62.20
N VAL A 150 -64.28 27.35 -61.42
CA VAL A 150 -65.68 27.60 -61.72
C VAL A 150 -65.82 28.30 -63.06
N GLY A 151 -66.06 27.51 -64.11
CA GLY A 151 -66.22 28.08 -65.43
C GLY A 151 -64.90 28.18 -66.17
N GLY A 152 -64.10 29.18 -65.81
CA GLY A 152 -62.82 29.35 -66.46
C GLY A 152 -61.79 30.02 -65.57
N LYS A 153 -62.25 30.94 -64.73
CA LYS A 153 -61.34 31.66 -63.82
C LYS A 153 -61.26 30.95 -62.48
N ILE A 154 -60.17 31.20 -61.75
CA ILE A 154 -59.97 30.61 -60.44
C ILE A 154 -60.83 31.30 -59.38
N ILE A 155 -61.57 30.51 -58.60
CA ILE A 155 -62.44 31.06 -57.57
C ILE A 155 -61.96 30.65 -56.20
N HIS A 156 -61.48 31.63 -55.44
CA HIS A 156 -60.99 31.37 -54.10
C HIS A 156 -62.16 31.26 -53.14
N LYS A 157 -62.07 30.34 -52.18
CA LYS A 157 -63.13 30.14 -51.21
C LYS A 157 -62.61 29.75 -49.83
N ILE A 158 -63.12 30.41 -48.81
CA ILE A 158 -62.72 30.13 -47.43
C ILE A 158 -63.32 28.79 -47.08
N ILE A 159 -62.75 28.11 -46.10
CA ILE A 159 -63.27 26.82 -45.71
C ILE A 159 -62.89 26.40 -44.29
N ASP A 160 -63.66 25.48 -43.73
CA ASP A 160 -63.44 24.98 -42.38
C ASP A 160 -63.60 26.07 -41.34
N LEU A 161 -64.58 25.90 -40.46
CA LEU A 161 -64.84 26.88 -39.42
C LEU A 161 -64.87 26.20 -38.06
N GLY A 162 -64.40 24.95 -38.01
CA GLY A 162 -64.37 24.21 -36.76
C GLY A 162 -63.57 24.89 -35.67
N TYR A 163 -63.03 26.07 -35.99
CA TYR A 163 -62.24 26.86 -35.06
C TYR A 163 -62.85 28.25 -34.86
N ALA A 164 -63.43 28.79 -35.94
CA ALA A 164 -64.05 30.12 -35.88
C ALA A 164 -64.99 30.29 -34.71
N LYS A 165 -65.19 31.55 -34.29
CA LYS A 165 -66.07 31.87 -33.19
C LYS A 165 -67.39 32.44 -33.71
N ASP A 166 -68.39 32.51 -32.83
CA ASP A 166 -69.70 33.04 -33.20
C ASP A 166 -70.33 33.72 -32.01
N VAL A 167 -71.66 33.89 -32.05
CA VAL A 167 -72.37 34.55 -30.97
C VAL A 167 -73.52 33.69 -30.43
N ASP A 168 -74.13 32.92 -31.32
CA ASP A 168 -75.24 32.05 -30.94
C ASP A 168 -74.79 30.90 -30.07
N GLN A 169 -75.68 29.94 -29.86
CA GLN A 169 -75.39 28.77 -29.03
C GLN A 169 -74.11 28.08 -29.48
N GLY A 170 -73.01 28.38 -28.80
CA GLY A 170 -71.74 27.78 -29.14
C GLY A 170 -70.61 28.79 -29.26
N GLU A 171 -70.37 29.55 -28.20
CA GLU A 171 -69.31 30.55 -28.19
C GLU A 171 -67.96 29.87 -28.40
N LEU A 172 -67.25 30.28 -29.45
CA LEU A 172 -65.94 29.72 -29.79
C LEU A 172 -66.05 28.24 -30.14
N CYS A 173 -64.90 27.57 -30.23
CA CYS A 173 -64.84 26.15 -30.55
C CYS A 173 -63.58 25.51 -29.98
N THR A 174 -62.47 26.24 -30.07
CA THR A 174 -61.20 25.74 -29.56
C THR A 174 -60.26 26.92 -29.30
N GLU A 175 -59.46 26.81 -28.25
CA GLU A 175 -58.51 27.86 -27.91
C GLU A 175 -57.28 27.85 -28.83
N PHE A 176 -56.39 26.89 -28.60
CA PHE A 176 -55.19 26.78 -29.41
C PHE A 176 -55.48 26.12 -30.75
N VAL A 177 -54.50 26.17 -31.65
CA VAL A 177 -54.64 25.55 -32.97
C VAL A 177 -53.37 24.73 -33.28
N GLY A 178 -52.95 24.75 -34.54
CA GLY A 178 -51.76 24.00 -34.92
C GLY A 178 -50.81 24.85 -35.74
N THR A 179 -49.51 24.72 -35.46
CA THR A 179 -48.46 25.46 -36.16
C THR A 179 -48.92 26.83 -36.63
N LEU A 180 -49.26 27.68 -35.67
CA LEU A 180 -49.74 29.02 -35.97
C LEU A 180 -48.65 29.78 -36.70
N GLN A 181 -49.07 30.70 -37.57
CA GLN A 181 -48.14 31.50 -38.36
C GLN A 181 -48.88 32.67 -39.00
N TYR A 182 -50.18 32.48 -39.19
CA TYR A 182 -51.01 33.50 -39.82
C TYR A 182 -52.25 33.80 -38.96
N LEU A 183 -52.05 34.55 -37.88
CA LEU A 183 -53.15 34.90 -36.98
C LEU A 183 -52.79 36.12 -36.15
N ALA A 184 -53.78 36.96 -35.90
CA ALA A 184 -53.58 38.17 -35.10
C ALA A 184 -52.98 37.82 -33.74
N PRO A 185 -52.18 38.72 -33.17
CA PRO A 185 -51.55 38.52 -31.87
C PRO A 185 -52.54 38.55 -30.70
N GLU A 186 -53.82 38.48 -31.01
CA GLU A 186 -54.83 38.51 -29.98
C GLU A 186 -54.89 37.19 -29.22
N LEU A 187 -55.13 36.10 -29.95
CA LEU A 187 -55.24 34.79 -29.34
C LEU A 187 -53.93 34.31 -28.71
N PHE A 188 -52.88 35.11 -28.86
CA PHE A 188 -51.59 34.75 -28.29
C PHE A 188 -51.50 35.12 -26.83
N GLU A 189 -52.52 35.81 -26.34
CA GLU A 189 -52.56 36.24 -24.95
C GLU A 189 -53.83 35.73 -24.27
N ASN A 190 -54.70 35.11 -25.06
CA ASN A 190 -55.96 34.58 -24.55
C ASN A 190 -56.79 35.66 -23.88
N LYS A 191 -56.40 36.92 -24.11
CA LYS A 191 -57.10 38.07 -23.55
C LYS A 191 -58.30 38.42 -24.41
N PRO A 192 -59.18 39.31 -23.92
CA PRO A 192 -60.38 39.71 -24.66
C PRO A 192 -60.07 40.09 -26.10
N TYR A 193 -60.39 39.19 -27.02
CA TYR A 193 -60.14 39.42 -28.44
C TYR A 193 -61.20 40.31 -29.05
N THR A 194 -61.12 40.52 -30.37
CA THR A 194 -62.07 41.37 -31.07
C THR A 194 -62.53 40.71 -32.35
N ALA A 195 -63.19 41.48 -33.21
CA ALA A 195 -63.69 40.96 -34.47
C ALA A 195 -62.73 41.29 -35.61
N THR A 196 -61.71 42.08 -35.31
CA THR A 196 -60.72 42.48 -36.31
C THR A 196 -59.65 41.41 -36.47
N VAL A 197 -59.68 40.42 -35.60
CA VAL A 197 -58.71 39.34 -35.65
C VAL A 197 -58.61 38.75 -37.04
N ASP A 198 -59.71 38.80 -37.78
CA ASP A 198 -59.74 38.24 -39.14
C ASP A 198 -58.99 39.13 -40.11
N TYR A 199 -59.11 40.43 -39.93
CA TYR A 199 -58.44 41.39 -40.81
C TYR A 199 -56.94 41.12 -40.92
N TRP A 200 -56.35 40.69 -39.81
CA TRP A 200 -54.92 40.41 -39.78
C TRP A 200 -54.59 39.19 -40.63
N SER A 201 -55.32 38.11 -40.40
CA SER A 201 -55.11 36.87 -41.14
C SER A 201 -55.18 37.13 -42.65
N PHE A 202 -56.19 37.90 -43.06
CA PHE A 202 -56.38 38.20 -44.46
C PHE A 202 -55.27 39.08 -44.98
N GLY A 203 -54.91 40.09 -44.20
CA GLY A 203 -53.85 40.99 -44.61
C GLY A 203 -52.53 40.29 -44.81
N THR A 204 -52.13 39.51 -43.83
CA THR A 204 -50.86 38.79 -43.89
C THR A 204 -50.73 37.98 -45.18
N MET A 205 -51.80 37.29 -45.55
CA MET A 205 -51.79 36.47 -46.77
C MET A 205 -51.66 37.33 -48.01
N VAL A 206 -52.44 38.41 -48.06
CA VAL A 206 -52.40 39.32 -49.21
C VAL A 206 -50.97 39.77 -49.47
N PHE A 207 -50.23 40.04 -48.39
CA PHE A 207 -48.85 40.48 -48.51
C PHE A 207 -48.02 39.37 -49.15
N GLU A 208 -48.13 38.16 -48.59
CA GLU A 208 -47.40 37.01 -49.08
C GLU A 208 -47.75 36.70 -50.54
N CYS A 209 -48.98 36.99 -50.93
CA CYS A 209 -49.38 36.76 -52.31
C CYS A 209 -48.78 37.80 -53.25
N ILE A 210 -47.84 38.57 -52.74
CA ILE A 210 -47.19 39.60 -53.54
C ILE A 210 -45.69 39.47 -53.39
N ALA A 211 -45.26 39.10 -52.18
CA ALA A 211 -43.84 38.96 -51.90
C ALA A 211 -43.44 37.51 -51.98
N GLY A 212 -44.24 36.63 -51.41
CA GLY A 212 -43.92 35.22 -51.46
C GLY A 212 -43.54 34.68 -50.09
N TYR A 213 -43.67 35.52 -49.07
CA TYR A 213 -43.33 35.12 -47.71
C TYR A 213 -44.06 35.95 -46.66
N ARG A 214 -43.88 35.58 -45.38
CA ARG A 214 -44.51 36.30 -44.27
C ARG A 214 -44.16 37.77 -44.29
N PRO A 215 -45.04 38.62 -43.73
CA PRO A 215 -44.83 40.07 -43.69
C PRO A 215 -43.77 40.51 -42.69
N PHE A 216 -43.26 39.55 -41.92
CA PHE A 216 -42.24 39.84 -40.92
C PHE A 216 -41.05 38.91 -41.04
N LEU A 217 -40.84 38.05 -40.04
CA LEU A 217 -39.75 37.11 -40.06
C LEU A 217 -40.20 35.76 -40.60
N HIS A 218 -39.84 35.48 -41.84
CA HIS A 218 -40.20 34.24 -42.49
C HIS A 218 -39.44 33.04 -41.92
N HIS A 219 -40.14 31.90 -41.89
CA HIS A 219 -39.58 30.65 -41.40
C HIS A 219 -39.10 30.77 -39.95
N LEU A 220 -39.50 31.84 -39.28
CA LEU A 220 -39.14 32.08 -37.89
C LEU A 220 -40.31 31.80 -36.95
N GLN A 221 -40.15 30.78 -36.12
CA GLN A 221 -41.18 30.37 -35.17
C GLN A 221 -41.86 31.60 -34.56
N PRO A 222 -43.21 31.63 -34.59
CA PRO A 222 -43.97 32.75 -34.03
C PRO A 222 -43.65 33.05 -32.56
N PHE A 223 -43.02 32.09 -31.89
CA PHE A 223 -42.64 32.27 -30.49
C PHE A 223 -41.81 33.55 -30.37
N THR A 224 -40.68 33.56 -31.05
CA THR A 224 -39.78 34.72 -31.04
C THR A 224 -40.12 35.65 -32.21
N TRP A 225 -40.89 35.13 -33.16
CA TRP A 225 -41.33 35.90 -34.32
C TRP A 225 -42.29 37.01 -33.86
N HIS A 226 -42.55 37.04 -32.56
CA HIS A 226 -43.44 38.04 -31.98
C HIS A 226 -42.68 39.13 -31.23
N GLU A 227 -42.01 38.74 -30.14
CA GLU A 227 -41.24 39.68 -29.33
C GLU A 227 -40.37 40.60 -30.18
N LYS A 228 -39.87 40.08 -31.29
CA LYS A 228 -39.02 40.88 -32.18
C LYS A 228 -39.80 41.97 -32.86
N ILE A 229 -41.09 41.73 -33.09
CA ILE A 229 -41.94 42.72 -33.73
C ILE A 229 -43.09 43.12 -32.82
N LYS A 230 -42.95 42.78 -31.54
CA LYS A 230 -43.96 43.08 -30.54
C LYS A 230 -44.44 44.52 -30.71
N LYS A 231 -43.50 45.45 -30.80
CA LYS A 231 -43.82 46.86 -30.98
C LYS A 231 -44.29 47.08 -32.40
N LYS A 232 -43.51 46.56 -33.35
CA LYS A 232 -43.83 46.68 -34.77
C LYS A 232 -44.25 48.11 -35.10
N ASP A 233 -43.28 48.92 -35.53
CA ASP A 233 -43.53 50.32 -35.88
C ASP A 233 -44.89 50.51 -36.56
N PRO A 234 -45.50 51.69 -36.36
CA PRO A 234 -46.81 51.99 -36.95
C PRO A 234 -46.79 51.91 -38.48
N LYS A 235 -47.88 51.38 -39.02
CA LYS A 235 -48.01 51.24 -40.47
C LYS A 235 -46.94 50.34 -41.08
N CYS A 236 -46.19 49.62 -40.25
CA CYS A 236 -45.16 48.74 -40.79
C CYS A 236 -45.79 47.48 -41.37
N ILE A 237 -45.29 47.05 -42.52
CA ILE A 237 -45.81 45.85 -43.16
C ILE A 237 -44.70 44.93 -43.65
N PHE A 238 -43.51 45.08 -43.07
CA PHE A 238 -42.37 44.25 -43.46
C PHE A 238 -41.23 44.36 -42.47
N ALA A 239 -40.50 43.26 -42.29
CA ALA A 239 -39.38 43.23 -41.37
C ALA A 239 -38.60 41.92 -41.48
N CYS A 240 -37.59 41.91 -42.34
CA CYS A 240 -36.79 40.72 -42.53
C CYS A 240 -35.50 40.81 -41.73
N GLU A 241 -34.61 39.86 -41.94
CA GLU A 241 -33.33 39.84 -41.24
C GLU A 241 -32.17 39.97 -42.22
N GLU A 242 -31.37 41.02 -42.04
CA GLU A 242 -30.22 41.28 -42.89
C GLU A 242 -29.27 40.10 -42.92
N MET A 243 -28.41 40.08 -43.93
CA MET A 243 -27.44 39.00 -44.10
C MET A 243 -26.63 38.81 -42.82
N SER A 244 -26.44 39.90 -42.09
CA SER A 244 -25.68 39.86 -40.85
C SER A 244 -26.58 39.56 -39.68
N GLY A 245 -27.68 38.85 -39.94
CA GLY A 245 -28.60 38.49 -38.88
C GLY A 245 -29.34 39.67 -38.30
N GLU A 246 -28.94 40.88 -38.67
CA GLU A 246 -29.60 42.09 -38.17
C GLU A 246 -31.09 42.09 -38.50
N VAL A 247 -31.81 43.05 -37.92
CA VAL A 247 -33.25 43.16 -38.17
C VAL A 247 -33.60 44.54 -38.71
N ARG A 248 -34.36 44.58 -39.80
CA ARG A 248 -34.74 45.83 -40.42
C ARG A 248 -36.25 45.92 -40.60
N PHE A 249 -36.80 47.09 -40.31
CA PHE A 249 -38.23 47.32 -40.43
C PHE A 249 -38.53 48.26 -41.59
N SER A 250 -39.76 48.22 -42.09
CA SER A 250 -40.17 49.07 -43.20
C SER A 250 -41.68 49.02 -43.42
N SER A 251 -42.26 50.16 -43.78
CA SER A 251 -43.68 50.26 -44.01
C SER A 251 -43.96 50.27 -45.52
N HIS A 252 -42.95 49.89 -46.30
CA HIS A 252 -43.09 49.85 -47.76
C HIS A 252 -43.32 48.43 -48.24
N LEU A 253 -43.53 48.27 -49.54
CA LEU A 253 -43.76 46.95 -50.12
C LEU A 253 -42.50 46.47 -50.81
N PRO A 254 -41.87 45.40 -50.31
CA PRO A 254 -40.65 44.81 -50.85
C PRO A 254 -40.67 44.56 -52.36
N GLN A 255 -39.50 44.25 -52.91
CA GLN A 255 -39.35 43.98 -54.33
C GLN A 255 -38.60 42.67 -54.52
N PRO A 256 -38.82 41.99 -55.66
CA PRO A 256 -39.73 42.39 -56.74
C PRO A 256 -41.17 41.94 -56.50
N ASN A 257 -42.13 42.67 -57.05
CA ASN A 257 -43.54 42.33 -56.89
C ASN A 257 -44.17 42.09 -58.26
N SER A 258 -45.48 42.25 -58.34
CA SER A 258 -46.18 42.03 -59.60
C SER A 258 -47.23 43.11 -59.82
N LEU A 259 -47.37 44.00 -58.85
CA LEU A 259 -48.34 45.07 -58.93
C LEU A 259 -47.80 46.18 -59.81
N CYS A 260 -48.68 46.91 -60.48
CA CYS A 260 -48.25 47.98 -61.36
C CYS A 260 -47.76 49.16 -60.53
N SER A 261 -47.19 50.16 -61.19
CA SER A 261 -46.67 51.34 -60.51
C SER A 261 -47.78 52.24 -59.95
N LEU A 262 -49.02 51.78 -60.04
CA LEU A 262 -50.15 52.57 -59.55
C LEU A 262 -50.85 51.88 -58.39
N ILE A 263 -51.05 50.58 -58.51
CA ILE A 263 -51.72 49.81 -57.46
C ILE A 263 -50.87 49.76 -56.18
N VAL A 264 -49.61 50.15 -56.30
CA VAL A 264 -48.71 50.13 -55.16
C VAL A 264 -49.13 51.14 -54.09
N GLU A 265 -49.40 52.37 -54.51
CA GLU A 265 -49.78 53.43 -53.59
C GLU A 265 -50.90 53.02 -52.64
N PRO A 266 -51.96 52.40 -53.17
CA PRO A 266 -53.07 51.98 -52.32
C PRO A 266 -52.82 50.66 -51.61
N MET A 267 -52.16 49.74 -52.29
CA MET A 267 -51.89 48.43 -51.72
C MET A 267 -51.10 48.54 -50.43
N GLU A 268 -50.08 49.38 -50.45
CA GLU A 268 -49.24 49.56 -49.27
C GLU A 268 -50.07 50.10 -48.11
N ASN A 269 -50.81 51.17 -48.38
CA ASN A 269 -51.63 51.80 -47.37
C ASN A 269 -52.65 50.82 -46.82
N TRP A 270 -53.20 50.01 -47.72
CA TRP A 270 -54.19 49.04 -47.31
C TRP A 270 -53.58 48.08 -46.30
N LEU A 271 -52.46 47.48 -46.68
CA LEU A 271 -51.77 46.52 -45.82
C LEU A 271 -51.45 47.13 -44.47
N GLN A 272 -51.23 48.44 -44.47
CA GLN A 272 -50.91 49.15 -43.25
C GLN A 272 -52.01 49.07 -42.21
N LEU A 273 -53.25 49.32 -42.63
CA LEU A 273 -54.36 49.26 -41.69
C LEU A 273 -54.75 47.82 -41.35
N MET A 274 -54.31 46.90 -42.18
CA MET A 274 -54.61 45.50 -41.96
C MET A 274 -53.53 44.85 -41.12
N LEU A 275 -52.37 45.49 -41.05
CA LEU A 275 -51.26 44.97 -40.26
C LEU A 275 -50.88 45.90 -39.11
N ASN A 276 -51.82 46.14 -38.20
CA ASN A 276 -51.57 47.01 -37.06
C ASN A 276 -51.77 46.19 -35.81
N TRP A 277 -50.70 46.02 -35.03
CA TRP A 277 -50.76 45.22 -33.80
C TRP A 277 -52.01 45.49 -32.95
N ASP A 278 -52.30 46.76 -32.69
CA ASP A 278 -53.45 47.12 -31.89
C ASP A 278 -54.71 46.58 -32.56
N PRO A 279 -55.45 45.73 -31.84
CA PRO A 279 -56.69 45.12 -32.36
C PRO A 279 -57.75 46.13 -32.78
N GLN A 280 -58.39 46.76 -31.80
CA GLN A 280 -59.44 47.73 -32.09
C GLN A 280 -58.97 48.95 -32.88
N GLN A 281 -57.73 48.92 -33.34
CA GLN A 281 -57.21 50.05 -34.10
C GLN A 281 -56.98 49.72 -35.58
N ARG A 282 -56.99 48.44 -35.92
CA ARG A 282 -56.81 48.04 -37.32
C ARG A 282 -58.03 48.43 -38.16
N GLY A 283 -57.90 49.52 -38.90
CA GLY A 283 -58.99 50.00 -39.72
C GLY A 283 -60.07 50.69 -38.90
N GLY A 284 -59.64 51.34 -37.81
CA GLY A 284 -60.57 52.04 -36.94
C GLY A 284 -61.54 52.92 -37.70
N PRO A 285 -61.04 53.71 -38.67
CA PRO A 285 -61.91 54.60 -39.46
C PRO A 285 -63.09 53.87 -40.10
N VAL A 286 -64.22 53.86 -39.41
CA VAL A 286 -65.42 53.21 -39.91
C VAL A 286 -66.38 54.24 -40.50
N ASP A 287 -66.07 54.70 -41.70
CA ASP A 287 -66.90 55.68 -42.39
C ASP A 287 -68.35 55.23 -42.42
N LEU A 288 -69.21 55.98 -41.75
CA LEU A 288 -70.63 55.66 -41.67
C LEU A 288 -71.32 55.83 -43.01
N THR A 289 -70.54 56.04 -44.06
CA THR A 289 -71.10 56.22 -45.40
C THR A 289 -71.27 54.87 -46.11
N LEU A 290 -70.34 53.96 -45.85
CA LEU A 290 -70.39 52.62 -46.45
C LEU A 290 -70.57 51.52 -45.41
N LYS A 291 -70.80 51.93 -44.16
CA LYS A 291 -71.00 51.00 -43.05
C LYS A 291 -69.76 50.16 -42.76
N GLN A 292 -68.77 50.23 -43.63
CA GLN A 292 -67.55 49.46 -43.44
C GLN A 292 -66.36 50.35 -43.13
N PRO A 293 -65.32 49.79 -42.48
CA PRO A 293 -64.10 50.53 -42.11
C PRO A 293 -63.21 50.87 -43.31
N ARG A 294 -62.17 51.65 -43.06
CA ARG A 294 -61.25 52.05 -44.10
C ARG A 294 -60.57 50.84 -44.73
N CYS A 295 -60.69 49.68 -44.08
CA CYS A 295 -60.08 48.45 -44.58
C CYS A 295 -60.75 47.99 -45.86
N PHE A 296 -62.07 47.91 -45.83
CA PHE A 296 -62.83 47.49 -47.00
C PHE A 296 -63.04 48.66 -47.96
N VAL A 297 -62.81 49.88 -47.46
CA VAL A 297 -62.97 51.06 -48.30
C VAL A 297 -61.92 51.07 -49.41
N LEU A 298 -60.65 51.03 -49.03
CA LEU A 298 -59.56 51.04 -50.00
C LEU A 298 -59.66 49.83 -50.92
N MET A 299 -60.04 48.70 -50.35
CA MET A 299 -60.17 47.48 -51.13
C MET A 299 -61.11 47.73 -52.31
N ASP A 300 -62.31 48.20 -52.01
CA ASP A 300 -63.31 48.47 -53.06
C ASP A 300 -62.83 49.60 -53.96
N HIS A 301 -62.01 50.49 -53.40
CA HIS A 301 -61.49 51.61 -54.15
C HIS A 301 -60.48 51.11 -55.16
N ILE A 302 -59.88 49.95 -54.87
CA ILE A 302 -58.88 49.36 -55.76
C ILE A 302 -59.53 48.49 -56.82
N LEU A 303 -60.17 47.41 -56.37
CA LEU A 303 -60.83 46.49 -57.27
C LEU A 303 -61.68 47.21 -58.31
N ASN A 304 -62.38 48.25 -57.87
CA ASN A 304 -63.24 49.02 -58.77
C ASN A 304 -62.45 50.11 -59.49
N LEU A 305 -61.48 49.67 -60.29
CA LEU A 305 -60.65 50.60 -61.06
C LEU A 305 -60.42 50.06 -62.47
N LYS A 306 -59.83 50.89 -63.33
CA LYS A 306 -59.56 50.50 -64.70
C LYS A 306 -58.08 50.12 -64.85
N ILE A 307 -57.21 51.12 -64.80
CA ILE A 307 -55.78 50.88 -64.91
C ILE A 307 -55.45 50.05 -66.14
N VAL A 308 -55.38 50.69 -67.30
CA VAL A 308 -55.09 49.99 -68.52
C VAL A 308 -53.60 49.92 -68.78
N HIS A 309 -53.05 48.72 -68.79
CA HIS A 309 -51.63 48.53 -69.04
C HIS A 309 -51.31 48.76 -70.52
N ILE A 310 -50.26 49.53 -70.80
CA ILE A 310 -49.86 49.83 -72.17
C ILE A 310 -48.40 49.46 -72.41
N LEU A 311 -48.18 48.57 -73.39
CA LEU A 311 -46.84 48.13 -73.72
C LEU A 311 -46.32 48.92 -74.92
N ASN A 312 -45.23 49.65 -74.71
CA ASN A 312 -44.63 50.44 -75.78
C ASN A 312 -43.70 49.58 -76.62
N MET A 313 -44.12 49.28 -77.84
CA MET A 313 -43.33 48.46 -78.74
C MET A 313 -42.20 49.27 -79.38
N THR A 314 -41.66 50.23 -78.62
CA THR A 314 -40.58 51.06 -79.11
C THR A 314 -39.53 51.21 -78.03
N SER A 315 -39.89 50.84 -76.81
CA SER A 315 -38.99 50.93 -75.68
C SER A 315 -39.24 49.81 -74.67
N ALA A 316 -40.03 48.83 -75.06
CA ALA A 316 -40.33 47.69 -74.20
C ALA A 316 -40.86 48.13 -72.84
N LYS A 317 -41.38 49.35 -72.78
CA LYS A 317 -41.93 49.88 -71.53
C LYS A 317 -43.38 49.46 -71.35
N ILE A 318 -43.82 49.40 -70.09
CA ILE A 318 -45.20 49.03 -69.79
C ILE A 318 -45.83 50.09 -68.90
N ILE A 319 -46.18 51.23 -69.49
CA ILE A 319 -46.78 52.31 -68.73
C ILE A 319 -48.27 52.06 -68.51
N SER A 320 -48.72 52.25 -67.27
CA SER A 320 -50.12 52.03 -66.94
C SER A 320 -50.86 53.37 -66.77
N PHE A 321 -52.14 53.37 -67.07
CA PHE A 321 -52.95 54.57 -66.96
C PHE A 321 -54.30 54.27 -66.30
N LEU A 322 -54.49 54.79 -65.09
CA LEU A 322 -55.74 54.58 -64.37
C LEU A 322 -56.79 55.52 -64.93
N LEU A 323 -57.45 55.07 -65.99
CA LEU A 323 -58.47 55.87 -66.65
C LEU A 323 -59.78 55.95 -65.89
N PRO A 324 -60.40 57.15 -65.85
CA PRO A 324 -61.67 57.35 -65.15
C PRO A 324 -62.84 56.93 -66.03
N PRO A 325 -64.02 56.73 -65.42
CA PRO A 325 -65.22 56.32 -66.15
C PRO A 325 -65.85 57.45 -66.96
N ASP A 326 -65.02 58.29 -67.57
CA ASP A 326 -65.51 59.41 -68.36
C ASP A 326 -64.54 59.80 -69.47
N GLU A 327 -63.26 59.85 -69.14
CA GLU A 327 -62.21 60.21 -70.09
C GLU A 327 -62.34 59.45 -71.41
N SER A 328 -61.89 60.08 -72.49
CA SER A 328 -61.93 59.48 -73.81
C SER A 328 -60.53 59.08 -74.24
N LEU A 329 -60.43 58.27 -75.29
CA LEU A 329 -59.13 57.83 -75.77
C LEU A 329 -58.35 59.03 -76.29
N HIS A 330 -59.05 59.98 -76.87
CA HIS A 330 -58.40 61.18 -77.40
C HIS A 330 -57.89 62.02 -76.24
N SER A 331 -58.44 61.77 -75.06
CA SER A 331 -58.05 62.49 -73.86
C SER A 331 -56.90 61.72 -73.21
N LEU A 332 -56.79 60.44 -73.54
CA LEU A 332 -55.74 59.59 -72.99
C LEU A 332 -54.48 59.62 -73.86
N GLN A 333 -54.68 59.60 -75.18
CA GLN A 333 -53.57 59.63 -76.11
C GLN A 333 -52.60 60.74 -75.74
N SER A 334 -53.15 61.85 -75.26
CA SER A 334 -52.33 62.99 -74.87
C SER A 334 -51.51 62.64 -73.64
N ARG A 335 -52.12 61.93 -72.70
CA ARG A 335 -51.46 61.51 -71.48
C ARG A 335 -50.24 60.66 -71.83
N ILE A 336 -50.45 59.74 -72.76
CA ILE A 336 -49.39 58.84 -73.20
C ILE A 336 -48.21 59.62 -73.74
N GLU A 337 -48.51 60.65 -74.52
CA GLU A 337 -47.49 61.49 -75.13
C GLU A 337 -46.55 62.10 -74.08
N ARG A 338 -47.04 62.23 -72.85
CA ARG A 338 -46.24 62.81 -71.79
C ARG A 338 -45.23 61.82 -71.21
N GLU A 339 -45.43 60.54 -71.48
CA GLU A 339 -44.53 59.51 -70.98
C GLU A 339 -43.96 58.66 -72.10
N THR A 340 -44.06 59.15 -73.33
CA THR A 340 -43.56 58.42 -74.49
C THR A 340 -42.85 59.35 -75.45
N GLY A 341 -43.45 60.52 -75.69
CA GLY A 341 -42.85 61.48 -76.60
C GLY A 341 -43.37 61.32 -78.02
N ILE A 342 -44.31 60.39 -78.18
CA ILE A 342 -44.90 60.13 -79.48
C ILE A 342 -46.03 61.12 -79.76
N ASN A 343 -46.02 61.72 -80.94
CA ASN A 343 -47.05 62.68 -81.31
C ASN A 343 -48.44 62.10 -81.08
N THR A 344 -49.32 62.91 -80.52
CA THR A 344 -50.69 62.48 -80.24
C THR A 344 -51.36 61.96 -81.51
N GLY A 345 -50.88 62.42 -82.66
CA GLY A 345 -51.46 61.99 -83.91
C GLY A 345 -50.79 60.75 -84.46
N SER A 346 -49.58 60.47 -83.98
CA SER A 346 -48.83 59.32 -84.43
C SER A 346 -48.88 58.20 -83.40
N GLN A 347 -49.90 58.22 -82.56
CA GLN A 347 -50.05 57.20 -81.54
C GLN A 347 -51.06 56.13 -81.95
N GLU A 348 -50.56 55.11 -82.65
CA GLU A 348 -51.41 54.01 -83.10
C GLU A 348 -51.26 52.82 -82.15
N LEU A 349 -52.18 52.71 -81.20
CA LEU A 349 -52.17 51.61 -80.24
C LEU A 349 -52.97 50.42 -80.72
N LEU A 350 -52.32 49.27 -80.82
CA LEU A 350 -52.98 48.05 -81.28
C LEU A 350 -53.16 47.10 -80.10
N SER A 351 -54.31 46.42 -80.07
CA SER A 351 -54.61 45.47 -79.00
C SER A 351 -54.18 44.06 -79.42
N GLU A 352 -54.36 43.11 -78.52
CA GLU A 352 -53.99 41.72 -78.79
C GLU A 352 -54.67 41.21 -80.05
N THR A 353 -55.90 41.66 -80.26
CA THR A 353 -56.68 41.26 -81.42
C THR A 353 -56.05 41.80 -82.70
N GLY A 354 -55.01 42.60 -82.54
CA GLY A 354 -54.34 43.17 -83.69
C GLY A 354 -55.04 44.40 -84.23
N ILE A 355 -56.30 44.58 -83.84
CA ILE A 355 -57.09 45.72 -84.28
C ILE A 355 -56.40 47.02 -83.89
N SER A 356 -56.61 48.05 -84.70
CA SER A 356 -56.01 49.35 -84.44
C SER A 356 -56.63 49.98 -83.20
N LEU A 357 -56.56 51.30 -83.09
CA LEU A 357 -57.13 52.02 -81.96
C LEU A 357 -58.65 52.01 -82.10
N ASP A 358 -59.31 53.07 -81.67
CA ASP A 358 -60.76 53.16 -81.78
C ASP A 358 -61.26 54.54 -81.40
N PRO A 359 -61.00 55.54 -82.26
CA PRO A 359 -61.39 56.94 -82.08
C PRO A 359 -62.82 57.15 -81.62
N ARG A 360 -63.74 56.44 -82.26
CA ARG A 360 -65.15 56.54 -81.90
C ARG A 360 -65.35 56.26 -80.42
N LYS A 361 -65.10 55.01 -80.01
CA LYS A 361 -65.24 54.63 -78.62
C LYS A 361 -64.22 55.36 -77.76
N PRO A 362 -64.61 55.79 -76.56
CA PRO A 362 -63.73 56.52 -75.64
C PRO A 362 -62.56 55.68 -75.16
N ALA A 363 -61.95 56.12 -74.05
CA ALA A 363 -60.82 55.40 -73.48
C ALA A 363 -61.31 54.22 -72.65
N SER A 364 -62.62 54.03 -72.65
CA SER A 364 -63.22 52.93 -71.90
C SER A 364 -63.47 51.72 -72.79
N GLN A 365 -62.49 51.39 -73.64
CA GLN A 365 -62.60 50.25 -74.53
C GLN A 365 -61.59 49.19 -74.12
N CYS A 366 -61.06 49.33 -72.89
CA CYS A 366 -60.06 48.39 -72.38
C CYS A 366 -60.47 47.83 -71.01
N VAL A 367 -61.78 47.77 -70.78
CA VAL A 367 -62.30 47.26 -69.51
C VAL A 367 -62.63 45.77 -69.55
N LEU A 368 -62.19 45.06 -68.52
CA LEU A 368 -62.43 43.63 -68.43
C LEU A 368 -63.11 43.30 -67.11
N ASP A 369 -64.43 43.11 -67.15
CA ASP A 369 -65.20 42.78 -65.95
C ASP A 369 -65.83 41.39 -66.04
N GLY A 370 -65.12 40.47 -66.69
CA GLY A 370 -65.61 39.11 -66.82
C GLY A 370 -64.62 38.11 -66.26
N VAL A 371 -63.34 38.40 -66.46
CA VAL A 371 -62.27 37.53 -65.98
C VAL A 371 -61.60 38.15 -64.76
N ARG A 372 -60.83 39.20 -64.98
CA ARG A 372 -60.14 39.89 -63.90
C ARG A 372 -59.75 41.31 -64.33
N GLY A 373 -59.35 41.46 -65.58
CA GLY A 373 -58.96 42.76 -66.08
C GLY A 373 -57.69 43.27 -65.42
N CYS A 374 -56.71 42.38 -65.28
CA CYS A 374 -55.45 42.74 -64.65
C CYS A 374 -54.26 42.03 -65.30
N ASP A 375 -53.35 42.81 -65.87
CA ASP A 375 -52.17 42.27 -66.53
C ASP A 375 -52.53 41.34 -67.69
N SER A 376 -53.66 41.61 -68.34
CA SER A 376 -54.12 40.80 -69.46
C SER A 376 -54.31 41.64 -70.73
N TYR A 377 -55.47 42.28 -70.85
CA TYR A 377 -55.76 43.10 -72.01
C TYR A 377 -54.93 44.38 -71.99
N MET A 378 -53.65 44.26 -72.29
CA MET A 378 -52.75 45.41 -72.31
C MET A 378 -52.40 45.78 -73.74
N VAL A 379 -52.85 46.96 -74.15
CA VAL A 379 -52.62 47.44 -75.50
C VAL A 379 -51.16 47.72 -75.79
N TYR A 380 -50.76 47.43 -77.02
CA TYR A 380 -49.40 47.63 -77.51
C TYR A 380 -49.30 48.94 -78.31
N LEU A 381 -48.58 49.92 -77.75
CA LEU A 381 -48.41 51.20 -78.41
C LEU A 381 -47.41 51.13 -79.55
N PHE A 382 -47.84 51.57 -80.73
CA PHE A 382 -46.98 51.58 -81.91
C PHE A 382 -46.80 52.99 -82.44
N ASP A 383 -45.56 53.33 -82.80
CA ASP A 383 -45.25 54.65 -83.32
C ASP A 383 -45.38 54.66 -84.84
N LYS A 384 -45.95 55.73 -85.38
CA LYS A 384 -46.14 55.86 -86.83
C LYS A 384 -44.91 56.43 -87.52
N SER A 385 -44.33 57.46 -86.94
CA SER A 385 -43.15 58.10 -87.52
C SER A 385 -41.99 57.12 -87.63
N LYS A 386 -41.60 56.52 -86.51
CA LYS A 386 -40.49 55.57 -86.50
C LYS A 386 -40.77 54.37 -87.40
N THR A 387 -40.06 54.31 -88.52
CA THR A 387 -40.23 53.20 -89.46
C THR A 387 -39.61 51.95 -88.88
N VAL A 388 -38.44 52.13 -88.27
CA VAL A 388 -37.69 51.06 -87.64
C VAL A 388 -37.14 51.56 -86.31
N TYR A 389 -37.72 51.10 -85.21
CA TYR A 389 -37.32 51.51 -83.87
C TYR A 389 -35.85 51.21 -83.61
N GLU A 390 -35.07 52.27 -83.44
CA GLU A 390 -33.63 52.14 -83.19
C GLU A 390 -33.37 51.23 -81.99
N GLY A 391 -33.85 51.65 -80.81
CA GLY A 391 -33.65 50.86 -79.62
C GLY A 391 -33.48 51.64 -78.33
N PRO A 392 -34.25 52.72 -78.11
CA PRO A 392 -34.12 53.49 -76.87
C PRO A 392 -34.58 52.68 -75.66
N PHE A 393 -34.92 51.42 -75.89
CA PHE A 393 -35.38 50.53 -74.83
C PHE A 393 -34.27 50.04 -73.91
N ALA A 394 -34.65 49.53 -72.75
CA ALA A 394 -33.71 49.02 -71.77
C ALA A 394 -34.27 47.73 -71.18
N SER A 395 -33.83 47.39 -69.97
CA SER A 395 -34.29 46.18 -69.31
C SER A 395 -34.15 46.27 -67.79
N ARG A 396 -34.59 45.22 -67.10
CA ARG A 396 -34.53 45.15 -65.65
C ARG A 396 -33.16 44.67 -65.17
N SER A 397 -32.85 44.92 -63.92
CA SER A 397 -31.59 44.51 -63.34
C SER A 397 -31.81 43.30 -62.44
N LEU A 398 -30.80 42.92 -61.68
CA LEU A 398 -30.90 41.77 -60.78
C LEU A 398 -30.71 42.21 -59.33
N SER A 399 -30.48 43.50 -59.14
CA SER A 399 -30.28 44.06 -57.82
C SER A 399 -29.03 43.49 -57.15
N ASP A 400 -28.58 44.15 -56.10
CA ASP A 400 -27.39 43.72 -55.36
C ASP A 400 -27.59 42.33 -54.77
N CYS A 401 -28.83 41.89 -54.71
CA CYS A 401 -29.16 40.58 -54.16
C CYS A 401 -28.68 39.46 -55.05
N VAL A 402 -28.82 39.64 -56.36
CA VAL A 402 -28.41 38.62 -57.30
C VAL A 402 -27.04 38.91 -57.89
N ASN A 403 -26.59 40.15 -57.73
CA ASN A 403 -25.29 40.54 -58.25
C ASN A 403 -24.16 39.66 -57.73
N TYR A 404 -24.26 39.25 -56.47
CA TYR A 404 -23.25 38.40 -55.87
C TYR A 404 -23.15 37.09 -56.64
N ILE A 405 -24.30 36.56 -57.04
CA ILE A 405 -24.36 35.31 -57.76
C ILE A 405 -23.69 35.41 -59.12
N VAL A 406 -23.74 36.59 -59.71
CA VAL A 406 -23.15 36.80 -61.03
C VAL A 406 -21.74 37.35 -60.98
N GLN A 407 -21.50 38.30 -60.09
CA GLN A 407 -20.19 38.91 -59.97
C GLN A 407 -19.21 37.99 -59.28
N ASP A 408 -19.61 37.46 -58.12
CA ASP A 408 -18.74 36.57 -57.34
C ASP A 408 -18.78 35.16 -57.93
N SER A 409 -19.86 34.85 -58.64
CA SER A 409 -20.02 33.54 -59.26
C SER A 409 -19.92 32.44 -58.22
N LYS A 410 -18.72 31.92 -58.00
CA LYS A 410 -18.50 30.85 -57.02
C LYS A 410 -18.32 31.42 -55.61
N ILE A 411 -19.41 31.46 -54.85
CA ILE A 411 -19.37 31.97 -53.50
C ILE A 411 -20.19 31.09 -52.57
N GLN A 412 -19.69 30.88 -51.36
CA GLN A 412 -20.38 30.06 -50.39
C GLN A 412 -21.24 30.93 -49.48
N LEU A 413 -22.49 31.14 -49.87
CA LEU A 413 -23.42 31.96 -49.10
C LEU A 413 -24.44 31.10 -48.37
N PRO A 414 -24.81 31.51 -47.14
CA PRO A 414 -25.79 30.77 -46.34
C PRO A 414 -27.12 30.56 -47.07
N ILE A 415 -27.62 29.33 -47.03
CA ILE A 415 -28.87 29.00 -47.70
C ILE A 415 -30.01 29.88 -47.20
N ILE A 416 -29.92 30.28 -45.95
CA ILE A 416 -30.94 31.14 -45.36
C ILE A 416 -31.10 32.40 -46.20
N GLN A 417 -30.07 32.70 -46.99
CA GLN A 417 -30.09 33.88 -47.84
C GLN A 417 -30.25 33.42 -49.29
N LEU A 418 -29.77 32.22 -49.57
CA LEU A 418 -29.86 31.66 -50.91
C LEU A 418 -31.31 31.46 -51.34
N ARG A 419 -32.14 31.12 -50.37
CA ARG A 419 -33.54 30.89 -50.64
C ARG A 419 -34.20 32.13 -51.23
N LYS A 420 -33.46 33.24 -51.23
CA LYS A 420 -33.98 34.48 -51.79
C LYS A 420 -33.21 34.91 -53.03
N VAL A 421 -31.90 35.01 -52.91
CA VAL A 421 -31.06 35.41 -54.03
C VAL A 421 -31.29 34.47 -55.19
N TRP A 422 -31.56 33.21 -54.89
CA TRP A 422 -31.81 32.22 -55.93
C TRP A 422 -33.21 32.39 -56.44
N ALA A 423 -34.14 32.59 -55.51
CA ALA A 423 -35.54 32.77 -55.85
C ALA A 423 -35.70 33.93 -56.82
N GLU A 424 -35.19 35.08 -56.43
CA GLU A 424 -35.27 36.25 -57.28
C GLU A 424 -34.59 35.99 -58.62
N ALA A 425 -33.48 35.25 -58.56
CA ALA A 425 -32.71 34.92 -59.76
C ALA A 425 -33.59 34.14 -60.72
N VAL A 426 -34.29 33.16 -60.17
CA VAL A 426 -35.16 32.33 -60.97
C VAL A 426 -36.29 33.19 -61.55
N HIS A 427 -36.79 34.13 -60.74
CA HIS A 427 -37.89 34.98 -61.18
C HIS A 427 -37.42 35.87 -62.31
N TYR A 428 -36.16 36.29 -62.22
CA TYR A 428 -35.60 37.14 -63.26
C TYR A 428 -35.46 36.33 -64.55
N VAL A 429 -34.99 35.09 -64.41
CA VAL A 429 -34.79 34.21 -65.55
C VAL A 429 -36.11 34.07 -66.29
N SER A 430 -37.11 33.54 -65.60
CA SER A 430 -38.43 33.37 -66.20
C SER A 430 -39.00 34.72 -66.59
N GLY A 431 -38.55 35.76 -65.89
CA GLY A 431 -39.02 37.10 -66.18
C GLY A 431 -38.75 37.49 -67.62
N LEU A 432 -37.49 37.40 -68.02
CA LEU A 432 -37.10 37.74 -69.38
C LEU A 432 -37.92 36.93 -70.38
N LYS A 433 -38.11 35.65 -70.05
CA LYS A 433 -38.86 34.74 -70.91
C LYS A 433 -40.29 35.25 -71.08
N GLU A 434 -41.04 35.29 -69.98
CA GLU A 434 -42.43 35.73 -70.02
C GLU A 434 -42.50 37.14 -70.60
N ASP A 435 -41.43 37.92 -70.42
CA ASP A 435 -41.39 39.28 -70.91
C ASP A 435 -41.25 39.25 -72.42
N TYR A 436 -40.60 38.22 -72.93
CA TYR A 436 -40.40 38.09 -74.36
C TYR A 436 -41.73 37.80 -75.04
N SER A 437 -42.55 36.99 -74.39
CA SER A 437 -43.85 36.62 -74.93
C SER A 437 -44.68 37.86 -75.18
N ARG A 438 -44.65 38.79 -74.25
CA ARG A 438 -45.41 40.02 -74.36
C ARG A 438 -44.98 40.77 -75.61
N LEU A 439 -43.68 40.88 -75.80
CA LEU A 439 -43.14 41.58 -76.95
C LEU A 439 -43.52 40.84 -78.24
N PHE A 440 -43.38 39.53 -78.21
CA PHE A 440 -43.71 38.71 -79.37
C PHE A 440 -45.14 38.95 -79.81
N GLN A 441 -46.06 38.94 -78.85
CA GLN A 441 -47.47 39.16 -79.14
C GLN A 441 -47.67 40.47 -79.90
N GLY A 442 -46.83 41.44 -79.59
CA GLY A 442 -46.94 42.73 -80.26
C GLY A 442 -46.80 42.54 -81.76
N GLN A 443 -45.83 41.72 -82.13
CA GLN A 443 -45.57 41.47 -83.54
C GLN A 443 -46.76 40.75 -84.13
N ARG A 444 -47.29 39.79 -83.37
CA ARG A 444 -48.44 39.01 -83.82
C ARG A 444 -49.62 39.93 -84.06
N ALA A 445 -49.82 40.88 -83.16
CA ALA A 445 -50.92 41.83 -83.28
C ALA A 445 -50.68 42.75 -84.47
N ALA A 446 -49.46 43.23 -84.60
CA ALA A 446 -49.10 44.11 -85.70
C ALA A 446 -49.26 43.37 -87.02
N MET A 447 -48.98 42.08 -86.99
CA MET A 447 -49.10 41.24 -88.18
C MET A 447 -50.54 41.26 -88.66
N LEU A 448 -51.47 41.09 -87.73
CA LEU A 448 -52.90 41.08 -88.05
C LEU A 448 -53.30 42.39 -88.69
N SER A 449 -52.75 43.49 -88.18
CA SER A 449 -53.07 44.80 -88.70
C SER A 449 -52.61 44.90 -90.15
N LEU A 450 -51.44 44.37 -90.43
CA LEU A 450 -50.91 44.38 -91.77
C LEU A 450 -51.73 43.47 -92.67
N LEU A 451 -52.10 42.31 -92.14
CA LEU A 451 -52.89 41.34 -92.90
C LEU A 451 -54.25 41.94 -93.22
N ARG A 452 -54.76 42.77 -92.33
CA ARG A 452 -56.06 43.39 -92.55
C ARG A 452 -55.94 44.52 -93.56
N TYR A 453 -54.87 45.29 -93.48
CA TYR A 453 -54.65 46.40 -94.40
C TYR A 453 -54.50 45.85 -95.81
N ASN A 454 -53.78 44.73 -95.94
CA ASN A 454 -53.57 44.11 -97.24
C ASN A 454 -54.91 43.73 -97.86
N ALA A 455 -55.78 43.15 -97.04
CA ALA A 455 -57.10 42.74 -97.50
C ALA A 455 -57.91 43.98 -97.91
N ASN A 456 -57.88 45.00 -97.05
CA ASN A 456 -58.61 46.23 -97.31
C ASN A 456 -58.14 46.88 -98.62
N LEU A 457 -56.84 46.89 -98.84
CA LEU A 457 -56.26 47.48 -100.05
C LEU A 457 -56.69 46.67 -101.27
N THR A 458 -56.57 45.35 -101.17
CA THR A 458 -56.91 44.46 -102.28
C THR A 458 -58.41 44.49 -102.60
N LYS A 459 -59.24 44.62 -101.57
CA LYS A 459 -60.69 44.66 -101.76
C LYS A 459 -61.08 45.75 -102.74
N MET A 460 -60.30 46.84 -102.74
CA MET A 460 -60.57 47.94 -103.66
C MET A 460 -60.00 47.64 -105.03
N LYS A 461 -58.97 46.79 -105.07
CA LYS A 461 -58.33 46.41 -106.33
C LYS A 461 -59.35 45.67 -107.19
N ASN A 462 -60.03 44.71 -106.56
CA ASN A 462 -61.03 43.91 -107.24
C ASN A 462 -62.17 44.79 -107.78
N THR A 463 -62.43 45.88 -107.08
CA THR A 463 -63.47 46.81 -107.48
C THR A 463 -62.90 47.89 -108.39
N LEU A 464 -61.58 48.06 -108.35
CA LEU A 464 -60.89 49.05 -109.18
C LEU A 464 -60.82 48.55 -110.61
N ILE A 465 -60.36 47.31 -110.77
CA ILE A 465 -60.27 46.70 -112.09
C ILE A 465 -61.68 46.45 -112.62
N SER A 466 -62.60 46.18 -111.71
CA SER A 466 -63.99 45.94 -112.07
C SER A 466 -64.64 47.25 -112.54
N ALA A 467 -64.25 48.35 -111.92
CA ALA A 467 -64.78 49.66 -112.27
C ALA A 467 -64.21 50.10 -113.61
N SER A 468 -62.96 49.73 -113.88
CA SER A 468 -62.31 50.08 -115.14
C SER A 468 -62.92 49.28 -116.28
N GLN A 469 -63.25 48.02 -116.01
CA GLN A 469 -63.86 47.16 -117.02
C GLN A 469 -65.13 47.80 -117.57
N GLN A 470 -65.75 48.65 -116.76
CA GLN A 470 -66.96 49.36 -117.17
C GLN A 470 -66.56 50.47 -118.13
N LEU A 471 -65.45 51.15 -117.81
CA LEU A 471 -64.92 52.24 -118.64
C LEU A 471 -64.59 51.73 -120.04
N LYS A 472 -63.76 50.70 -120.11
CA LYS A 472 -63.36 50.12 -121.38
C LYS A 472 -64.58 49.60 -122.13
N ALA A 473 -65.55 49.05 -121.38
CA ALA A 473 -66.77 48.51 -121.98
C ALA A 473 -67.63 49.63 -122.57
N LYS A 474 -67.60 50.78 -121.92
CA LYS A 474 -68.36 51.93 -122.39
C LYS A 474 -67.64 52.64 -123.53
N LEU A 475 -66.31 52.70 -123.46
CA LEU A 475 -65.51 53.34 -124.50
C LEU A 475 -65.79 52.66 -125.84
N GLU A 476 -65.90 51.34 -125.80
CA GLU A 476 -66.17 50.55 -127.00
C GLU A 476 -67.58 50.85 -127.50
N PHE A 477 -68.53 50.92 -126.57
CA PHE A 477 -69.92 51.18 -126.92
C PHE A 477 -70.10 52.66 -127.18
N PHE A 478 -68.99 53.37 -127.28
CA PHE A 478 -68.99 54.81 -127.54
C PHE A 478 -68.21 55.10 -128.81
N HIS A 479 -67.10 54.39 -129.01
CA HIS A 479 -66.27 54.57 -130.19
C HIS A 479 -66.97 54.07 -131.44
N LYS A 480 -67.91 53.16 -131.26
CA LYS A 480 -68.65 52.60 -132.39
C LYS A 480 -70.00 53.32 -132.51
N SER A 481 -70.19 54.33 -131.67
CA SER A 481 -71.41 55.11 -131.67
C SER A 481 -71.13 56.55 -132.08
N ILE A 482 -69.91 57.01 -131.79
CA ILE A 482 -69.51 58.37 -132.13
C ILE A 482 -69.18 58.49 -133.62
N GLN A 483 -68.46 57.50 -134.14
CA GLN A 483 -68.08 57.49 -135.55
C GLN A 483 -69.20 56.89 -136.38
N LEU A 484 -70.14 56.23 -135.70
CA LEU A 484 -71.28 55.61 -136.37
C LEU A 484 -72.16 56.71 -136.98
N ASP A 485 -72.03 57.92 -136.45
CA ASP A 485 -72.78 59.06 -136.95
C ASP A 485 -72.01 59.76 -138.07
N LEU A 486 -70.68 59.70 -138.01
CA LEU A 486 -69.82 60.32 -139.01
C LEU A 486 -70.04 59.73 -140.40
N GLU A 487 -70.20 58.41 -140.47
CA GLU A 487 -70.43 57.74 -141.74
C GLU A 487 -71.82 58.03 -142.28
N ARG A 488 -72.80 58.13 -141.39
CA ARG A 488 -74.19 58.42 -141.77
C ARG A 488 -74.34 59.90 -142.10
N TYR A 489 -73.31 60.68 -141.77
CA TYR A 489 -73.32 62.13 -142.02
C TYR A 489 -72.63 62.47 -143.33
N SER A 490 -71.44 61.91 -143.53
CA SER A 490 -70.64 62.15 -144.74
C SER A 490 -71.39 61.79 -146.02
N GLU A 491 -72.39 60.91 -145.90
CA GLU A 491 -73.17 60.49 -147.06
C GLU A 491 -74.46 61.29 -147.22
N GLN A 492 -74.57 62.40 -146.50
CA GLN A 492 -75.75 63.24 -146.57
C GLN A 492 -75.44 64.72 -146.38
N MET A 493 -74.18 65.10 -146.59
CA MET A 493 -73.77 66.49 -146.44
C MET A 493 -74.33 67.38 -147.55
N THR A 494 -75.21 66.82 -148.37
CA THR A 494 -75.81 67.56 -149.47
C THR A 494 -77.19 67.03 -149.81
N TYR A 495 -77.67 66.07 -149.03
CA TYR A 495 -78.98 65.47 -149.25
C TYR A 495 -79.95 65.74 -148.11
N GLY A 496 -79.60 65.27 -146.91
CA GLY A 496 -80.47 65.48 -145.76
C GLY A 496 -80.03 66.64 -144.90
N ILE A 497 -80.22 66.54 -143.59
CA ILE A 497 -79.84 67.59 -142.67
C ILE A 497 -78.32 67.60 -142.46
N SER A 498 -77.67 68.65 -142.93
CA SER A 498 -76.23 68.79 -142.79
C SER A 498 -75.87 70.11 -142.13
N SER A 499 -75.18 70.02 -140.99
CA SER A 499 -74.76 71.21 -140.26
C SER A 499 -73.24 71.36 -140.33
N GLU A 500 -72.72 72.41 -139.70
CA GLU A 500 -71.28 72.66 -139.71
C GLU A 500 -70.78 72.99 -138.31
N LYS A 501 -71.66 73.52 -137.47
CA LYS A 501 -71.29 73.89 -136.10
C LYS A 501 -71.04 72.64 -135.25
N MET A 502 -71.77 71.57 -135.52
CA MET A 502 -71.61 70.33 -134.78
C MET A 502 -70.63 69.40 -135.47
N LEU A 503 -70.08 69.85 -136.59
CA LEU A 503 -69.10 69.07 -137.34
C LEU A 503 -67.89 68.80 -136.46
N LYS A 504 -67.58 69.75 -135.59
CA LYS A 504 -66.45 69.63 -134.67
C LYS A 504 -66.94 69.26 -133.26
N ALA A 505 -68.13 69.72 -132.92
CA ALA A 505 -68.72 69.44 -131.61
C ALA A 505 -68.72 67.94 -131.33
N TRP A 506 -69.15 67.16 -132.32
CA TRP A 506 -69.20 65.71 -132.18
C TRP A 506 -67.83 65.08 -132.35
N LYS A 507 -67.04 65.62 -133.27
CA LYS A 507 -65.69 65.12 -133.55
C LYS A 507 -64.80 65.12 -132.32
N GLU A 508 -65.18 65.89 -131.31
CA GLU A 508 -64.40 65.97 -130.07
C GLU A 508 -64.66 64.80 -129.14
N MET A 509 -65.93 64.44 -128.99
CA MET A 509 -66.32 63.33 -128.12
C MET A 509 -65.50 62.07 -128.40
N GLU A 510 -65.31 61.78 -129.68
CA GLU A 510 -64.55 60.61 -130.11
C GLU A 510 -63.12 60.64 -129.61
N GLU A 511 -62.49 61.81 -129.72
CA GLU A 511 -61.10 61.99 -129.29
C GLU A 511 -60.98 62.02 -127.77
N LYS A 512 -62.07 62.37 -127.10
CA LYS A 512 -62.08 62.46 -125.64
C LYS A 512 -61.95 61.09 -124.99
N ALA A 513 -62.72 60.12 -125.48
CA ALA A 513 -62.67 58.77 -124.94
C ALA A 513 -61.31 58.12 -125.20
N ILE A 514 -60.60 58.64 -126.20
CA ILE A 514 -59.27 58.12 -126.56
C ILE A 514 -58.26 58.38 -125.46
N HIS A 515 -58.06 59.66 -125.14
CA HIS A 515 -57.10 60.05 -124.10
C HIS A 515 -57.44 59.41 -122.77
N TYR A 516 -58.66 58.88 -122.66
CA TYR A 516 -59.11 58.22 -121.44
C TYR A 516 -58.43 56.87 -121.28
N ALA A 517 -59.23 55.83 -121.06
CA ALA A 517 -58.71 54.49 -120.88
C ALA A 517 -57.77 54.38 -119.68
N GLU A 518 -58.33 54.00 -118.53
CA GLU A 518 -57.55 53.83 -117.31
C GLU A 518 -57.60 52.38 -116.84
N VAL A 519 -58.29 51.55 -117.62
CA VAL A 519 -58.41 50.13 -117.29
C VAL A 519 -57.04 49.46 -117.36
N GLY A 520 -56.20 49.93 -118.28
CA GLY A 520 -54.88 49.36 -118.43
C GLY A 520 -53.86 50.08 -117.57
N VAL A 521 -54.14 51.32 -117.22
CA VAL A 521 -53.24 52.11 -116.39
C VAL A 521 -53.13 51.46 -115.02
N ILE A 522 -54.02 50.51 -114.73
CA ILE A 522 -54.02 49.81 -113.47
C ILE A 522 -52.78 48.92 -113.37
N GLY A 523 -52.08 48.77 -114.49
CA GLY A 523 -50.89 47.95 -114.51
C GLY A 523 -49.87 48.37 -113.47
N TYR A 524 -49.60 49.67 -113.39
CA TYR A 524 -48.63 50.19 -112.42
C TYR A 524 -49.08 49.84 -111.02
N LEU A 525 -50.34 49.42 -110.89
CA LEU A 525 -50.90 49.07 -109.59
C LEU A 525 -51.06 47.56 -109.41
N GLU A 526 -51.76 46.92 -110.35
CA GLU A 526 -52.00 45.48 -110.27
C GLU A 526 -50.75 44.68 -109.97
N ASP A 527 -49.78 44.73 -110.87
CA ASP A 527 -48.53 44.00 -110.69
C ASP A 527 -47.64 44.58 -109.60
N GLN A 528 -48.12 45.64 -108.94
CA GLN A 528 -47.36 46.28 -107.87
C GLN A 528 -47.98 45.99 -106.51
N ILE A 529 -49.30 45.84 -106.49
CA ILE A 529 -50.00 45.54 -105.26
C ILE A 529 -49.86 44.05 -104.96
N MET A 530 -49.69 43.26 -106.00
CA MET A 530 -49.52 41.82 -105.86
C MET A 530 -48.07 41.53 -105.51
N SER A 531 -47.16 42.30 -106.07
CA SER A 531 -45.74 42.13 -105.80
C SER A 531 -45.50 42.38 -104.32
N LEU A 532 -46.40 43.16 -103.73
CA LEU A 532 -46.31 43.50 -102.32
C LEU A 532 -47.18 42.53 -101.54
N HIS A 533 -48.35 42.21 -102.11
CA HIS A 533 -49.28 41.29 -101.48
C HIS A 533 -48.60 39.96 -101.17
N ALA A 534 -48.07 39.34 -102.22
CA ALA A 534 -47.38 38.07 -102.07
C ALA A 534 -46.14 38.25 -101.19
N GLU A 535 -45.50 39.41 -101.31
CA GLU A 535 -44.31 39.72 -100.53
C GLU A 535 -44.60 39.63 -99.04
N ILE A 536 -45.71 40.22 -98.63
CA ILE A 536 -46.12 40.21 -97.23
C ILE A 536 -46.35 38.79 -96.74
N MET A 537 -47.11 38.01 -97.50
CA MET A 537 -47.38 36.62 -97.12
C MET A 537 -46.11 35.79 -97.25
N GLU A 538 -45.15 36.30 -98.03
CA GLU A 538 -43.88 35.62 -98.23
C GLU A 538 -43.00 35.87 -97.01
N LEU A 539 -43.14 37.07 -96.45
CA LEU A 539 -42.39 37.47 -95.28
C LEU A 539 -43.01 36.80 -94.05
N GLN A 540 -44.09 36.06 -94.28
CA GLN A 540 -44.79 35.37 -93.21
C GLN A 540 -44.24 33.96 -93.01
N LYS A 541 -43.61 33.43 -94.05
CA LYS A 541 -43.03 32.09 -93.99
C LYS A 541 -41.73 32.15 -93.22
N SER A 542 -41.07 33.30 -93.29
CA SER A 542 -39.79 33.51 -92.60
C SER A 542 -39.96 33.25 -91.11
N PRO A 543 -38.84 33.14 -90.37
CA PRO A 543 -38.90 32.91 -88.92
C PRO A 543 -39.44 34.12 -88.16
N TYR A 544 -40.52 33.91 -87.42
CA TYR A 544 -41.12 34.99 -86.65
C TYR A 544 -40.19 35.46 -85.54
N GLY A 545 -40.51 35.10 -84.31
CA GLY A 545 -39.70 35.49 -83.17
C GLY A 545 -39.64 34.42 -82.11
N ARG A 546 -40.81 33.99 -81.64
CA ARG A 546 -40.88 32.96 -80.61
C ARG A 546 -40.31 31.65 -81.14
N ARG A 547 -39.91 31.65 -82.42
CA ARG A 547 -39.35 30.45 -83.02
C ARG A 547 -38.23 29.96 -82.11
N GLN A 548 -37.47 30.90 -81.57
CA GLN A 548 -36.36 30.59 -80.68
C GLN A 548 -36.75 30.86 -79.23
N GLY A 549 -37.97 31.32 -79.03
CA GLY A 549 -38.42 31.61 -77.68
C GLY A 549 -38.44 30.35 -76.83
N ASP A 550 -38.67 29.22 -77.49
CA ASP A 550 -38.71 27.94 -76.81
C ASP A 550 -37.34 27.63 -76.22
N LEU A 551 -36.29 27.93 -76.99
CA LEU A 551 -34.93 27.68 -76.56
C LEU A 551 -34.68 28.39 -75.23
N MET A 552 -35.33 29.52 -75.07
CA MET A 552 -35.20 30.30 -73.85
C MET A 552 -36.04 29.67 -72.74
N GLU A 553 -37.22 29.19 -73.12
CA GLU A 553 -38.11 28.55 -72.16
C GLU A 553 -37.40 27.36 -71.53
N SER A 554 -36.44 26.80 -72.26
CA SER A 554 -35.67 25.65 -71.77
C SER A 554 -34.80 26.12 -70.61
N LEU A 555 -34.24 27.31 -70.77
CA LEU A 555 -33.39 27.89 -69.73
C LEU A 555 -34.22 28.10 -68.47
N GLU A 556 -35.48 28.46 -68.66
CA GLU A 556 -36.40 28.69 -67.55
C GLU A 556 -36.49 27.44 -66.69
N GLN A 557 -36.84 26.34 -67.33
CA GLN A 557 -36.98 25.06 -66.63
C GLN A 557 -35.70 24.74 -65.86
N ARG A 558 -34.56 25.13 -66.43
CA ARG A 558 -33.27 24.88 -65.78
C ARG A 558 -33.23 25.54 -64.42
N ALA A 559 -33.44 26.85 -64.40
CA ALA A 559 -33.41 27.61 -63.17
C ALA A 559 -34.37 27.00 -62.16
N ILE A 560 -35.54 26.63 -62.63
CA ILE A 560 -36.54 26.04 -61.76
C ILE A 560 -35.96 24.81 -61.06
N ASP A 561 -35.28 23.98 -61.82
CA ASP A 561 -34.69 22.76 -61.29
C ASP A 561 -33.70 23.07 -60.18
N LEU A 562 -32.98 24.17 -60.32
CA LEU A 562 -32.00 24.56 -59.32
C LEU A 562 -32.68 25.02 -58.05
N TYR A 563 -33.69 25.88 -58.19
CA TYR A 563 -34.42 26.38 -57.03
C TYR A 563 -35.14 25.21 -56.38
N LYS A 564 -35.42 24.19 -57.17
CA LYS A 564 -36.10 23.00 -56.69
C LYS A 564 -35.14 22.18 -55.83
N GLN A 565 -33.90 22.07 -56.29
CA GLN A 565 -32.88 21.32 -55.57
C GLN A 565 -32.28 22.20 -54.48
N LEU A 566 -32.97 23.29 -54.15
CA LEU A 566 -32.50 24.21 -53.13
C LEU A 566 -33.31 24.03 -51.86
N LYS A 567 -34.53 23.55 -52.01
CA LYS A 567 -35.42 23.32 -50.88
C LYS A 567 -35.63 21.83 -50.64
N HIS A 568 -35.90 21.10 -51.71
CA HIS A 568 -36.13 19.67 -51.61
C HIS A 568 -34.85 18.89 -51.41
N ARG A 569 -33.71 19.56 -51.50
CA ARG A 569 -32.43 18.89 -51.31
C ARG A 569 -32.32 18.39 -49.87
N PRO A 570 -31.57 17.30 -49.65
CA PRO A 570 -31.40 16.73 -48.32
C PRO A 570 -31.13 17.77 -47.24
N SER A 571 -32.20 18.28 -46.65
CA SER A 571 -32.10 19.28 -45.59
C SER A 571 -31.47 20.58 -46.08
N ASP A 572 -31.30 21.53 -45.16
CA ASP A 572 -30.72 22.83 -45.46
C ASP A 572 -30.21 23.53 -44.20
N HIS A 573 -30.33 24.85 -44.18
CA HIS A 573 -29.89 25.66 -43.05
C HIS A 573 -28.38 25.51 -42.84
N SER A 574 -27.65 25.20 -43.91
CA SER A 574 -26.20 25.03 -43.84
C SER A 574 -25.55 24.97 -45.22
N TYR A 575 -26.33 24.60 -46.22
CA TYR A 575 -25.83 24.48 -47.60
C TYR A 575 -25.26 25.81 -48.09
N SER A 576 -23.97 25.80 -48.42
CA SER A 576 -23.29 26.99 -48.91
C SER A 576 -22.80 26.77 -50.34
N ASP A 577 -23.44 27.43 -51.30
CA ASP A 577 -23.05 27.28 -52.70
C ASP A 577 -23.90 28.22 -53.55
N SER A 578 -23.42 28.53 -54.76
CA SER A 578 -24.17 29.42 -55.65
C SER A 578 -23.59 29.47 -57.06
N THR A 579 -22.40 28.91 -57.23
CA THR A 579 -21.74 28.92 -58.53
C THR A 579 -22.57 28.28 -59.65
N GLU A 580 -23.31 27.25 -59.30
CA GLU A 580 -24.12 26.56 -60.30
C GLU A 580 -25.14 27.46 -60.96
N MET A 581 -25.85 28.23 -60.14
CA MET A 581 -26.89 29.13 -60.66
C MET A 581 -26.34 30.02 -61.77
N VAL A 582 -25.09 30.45 -61.60
CA VAL A 582 -24.45 31.31 -62.58
C VAL A 582 -24.73 30.81 -63.98
N LYS A 583 -24.73 29.49 -64.11
CA LYS A 583 -24.96 28.83 -65.38
C LYS A 583 -26.21 29.39 -66.06
N ILE A 584 -27.36 28.96 -65.58
CA ILE A 584 -28.64 29.38 -66.13
C ILE A 584 -28.72 30.90 -66.29
N ILE A 585 -28.15 31.61 -65.32
CA ILE A 585 -28.18 33.07 -65.35
C ILE A 585 -27.58 33.66 -66.62
N VAL A 586 -26.31 33.40 -66.82
CA VAL A 586 -25.60 33.94 -67.98
C VAL A 586 -26.26 33.56 -69.31
N HIS A 587 -26.59 32.29 -69.47
CA HIS A 587 -27.18 31.80 -70.70
C HIS A 587 -28.45 32.55 -71.10
N THR A 588 -29.36 32.70 -70.15
CA THR A 588 -30.62 33.39 -70.41
C THR A 588 -30.37 34.80 -70.90
N VAL A 589 -29.35 35.45 -70.37
CA VAL A 589 -29.05 36.81 -70.76
C VAL A 589 -28.68 36.85 -72.24
N GLN A 590 -27.72 36.01 -72.60
CA GLN A 590 -27.24 35.94 -73.98
C GLN A 590 -28.39 35.66 -74.94
N SER A 591 -29.16 34.62 -74.64
CA SER A 591 -30.29 34.25 -75.48
C SER A 591 -31.28 35.39 -75.61
N GLN A 592 -31.51 36.09 -74.51
CA GLN A 592 -32.45 37.20 -74.49
C GLN A 592 -32.11 38.24 -75.54
N ASP A 593 -31.02 38.97 -75.31
CA ASP A 593 -30.59 40.01 -76.23
C ASP A 593 -30.43 39.57 -77.68
N ARG A 594 -30.22 38.28 -77.89
CA ARG A 594 -30.06 37.78 -79.24
C ARG A 594 -31.37 37.81 -80.01
N VAL A 595 -32.34 37.04 -79.53
CA VAL A 595 -33.65 36.99 -80.18
C VAL A 595 -34.44 38.27 -79.96
N LEU A 596 -34.03 39.03 -78.96
CA LEU A 596 -34.72 40.27 -78.64
C LEU A 596 -34.65 41.23 -79.82
N LYS A 597 -33.47 41.77 -80.06
CA LYS A 597 -33.30 42.70 -81.17
C LYS A 597 -33.57 41.98 -82.48
N GLU A 598 -33.51 40.66 -82.46
CA GLU A 598 -33.76 39.86 -83.64
C GLU A 598 -35.22 39.96 -83.99
N LEU A 599 -36.06 39.94 -82.96
CA LEU A 599 -37.50 40.03 -83.16
C LEU A 599 -37.84 41.35 -83.81
N PHE A 600 -37.21 42.42 -83.33
CA PHE A 600 -37.45 43.75 -83.87
C PHE A 600 -37.08 43.79 -85.34
N GLY A 601 -36.07 43.02 -85.70
CA GLY A 601 -35.63 42.98 -87.09
C GLY A 601 -36.73 42.44 -87.99
N HIS A 602 -37.23 41.26 -87.65
CA HIS A 602 -38.29 40.62 -88.43
C HIS A 602 -39.56 41.44 -88.33
N LEU A 603 -39.53 42.48 -87.52
CA LEU A 603 -40.68 43.36 -87.33
C LEU A 603 -40.55 44.60 -88.20
N SER A 604 -39.31 45.06 -88.35
CA SER A 604 -39.04 46.23 -89.15
C SER A 604 -39.64 46.07 -90.54
N LYS A 605 -39.58 44.86 -91.07
CA LYS A 605 -40.11 44.57 -92.39
C LYS A 605 -41.62 44.64 -92.37
N LEU A 606 -42.20 44.00 -91.36
CA LEU A 606 -43.64 43.96 -91.21
C LEU A 606 -44.18 45.38 -91.02
N LEU A 607 -43.55 46.13 -90.12
CA LEU A 607 -43.98 47.49 -89.84
C LEU A 607 -43.76 48.39 -91.05
N GLY A 608 -42.79 48.03 -91.87
CA GLY A 608 -42.49 48.83 -93.04
C GLY A 608 -43.48 48.64 -94.18
N CYS A 609 -43.97 47.41 -94.33
CA CYS A 609 -44.93 47.10 -95.40
C CYS A 609 -46.24 47.84 -95.22
N LYS A 610 -46.60 48.16 -93.98
CA LYS A 610 -47.84 48.87 -93.71
C LYS A 610 -47.85 50.23 -94.41
N GLN A 611 -46.83 51.04 -94.15
CA GLN A 611 -46.74 52.36 -94.75
C GLN A 611 -46.72 52.25 -96.26
N LYS A 612 -46.19 51.13 -96.76
CA LYS A 612 -46.12 50.90 -98.20
C LYS A 612 -47.52 50.69 -98.75
N ILE A 613 -48.37 50.07 -97.94
CA ILE A 613 -49.75 49.80 -98.34
C ILE A 613 -50.55 51.08 -98.20
N ILE A 614 -50.30 51.80 -97.12
CA ILE A 614 -51.00 53.05 -96.86
C ILE A 614 -50.53 54.13 -97.81
N ASP A 615 -49.37 53.91 -98.41
CA ASP A 615 -48.82 54.89 -99.34
C ASP A 615 -49.44 54.69 -100.71
N LEU A 616 -49.87 53.45 -100.99
CA LEU A 616 -50.49 53.12 -102.26
C LEU A 616 -52.00 53.25 -102.13
N LEU A 617 -52.45 53.33 -100.89
CA LEU A 617 -53.88 53.45 -100.59
C LEU A 617 -54.48 54.65 -101.32
N PRO A 618 -53.83 55.83 -101.22
CA PRO A 618 -54.35 57.03 -101.88
C PRO A 618 -54.29 56.93 -103.40
N LYS A 619 -53.29 56.21 -103.90
CA LYS A 619 -53.13 56.04 -105.34
C LYS A 619 -54.30 55.26 -105.91
N VAL A 620 -55.00 54.53 -105.04
CA VAL A 620 -56.15 53.75 -105.46
C VAL A 620 -57.31 54.69 -105.79
N GLU A 621 -57.61 55.60 -104.87
CA GLU A 621 -58.71 56.55 -105.08
C GLU A 621 -58.44 57.31 -106.36
N VAL A 622 -57.18 57.39 -106.73
CA VAL A 622 -56.82 58.09 -107.93
C VAL A 622 -57.37 57.36 -109.15
N ALA A 623 -57.08 56.06 -109.22
CA ALA A 623 -57.55 55.25 -110.34
C ALA A 623 -59.07 55.24 -110.38
N LEU A 624 -59.70 54.95 -109.24
CA LEU A 624 -61.15 54.91 -109.16
C LEU A 624 -61.77 56.22 -109.63
N SER A 625 -61.33 57.32 -109.04
CA SER A 625 -61.85 58.64 -109.40
C SER A 625 -61.65 58.95 -110.87
N ASN A 626 -60.46 58.64 -111.39
CA ASN A 626 -60.16 58.89 -112.80
C ASN A 626 -61.01 58.02 -113.73
N ILE A 627 -61.14 56.74 -113.38
CA ILE A 627 -61.91 55.81 -114.20
C ILE A 627 -63.40 56.15 -114.12
N LYS A 628 -63.85 56.56 -112.93
CA LYS A 628 -65.24 56.93 -112.71
C LYS A 628 -65.51 58.31 -113.32
N GLU A 629 -64.46 59.09 -113.49
CA GLU A 629 -64.58 60.43 -114.06
C GLU A 629 -65.05 60.29 -115.50
N ALA A 630 -64.35 59.47 -116.27
CA ALA A 630 -64.69 59.24 -117.66
C ALA A 630 -65.96 58.41 -117.72
N ASP A 631 -66.11 57.49 -116.76
CA ASP A 631 -67.28 56.63 -116.68
C ASP A 631 -68.55 57.46 -116.57
N ASN A 632 -68.42 58.65 -116.02
CA ASN A 632 -69.56 59.55 -115.86
C ASN A 632 -69.68 60.49 -117.06
N THR A 633 -68.56 61.06 -117.48
CA THR A 633 -68.55 61.97 -118.62
C THR A 633 -69.10 61.28 -119.88
N VAL A 634 -68.41 60.24 -120.33
CA VAL A 634 -68.83 59.50 -121.50
C VAL A 634 -70.28 59.04 -121.37
N MET A 635 -70.70 58.75 -120.13
CA MET A 635 -72.06 58.31 -119.85
C MET A 635 -73.07 59.36 -120.30
N PHE A 636 -72.92 60.57 -119.78
CA PHE A 636 -73.82 61.67 -120.11
C PHE A 636 -73.53 62.26 -121.49
N MET A 637 -72.53 61.69 -122.17
CA MET A 637 -72.18 62.15 -123.51
C MET A 637 -73.19 61.58 -124.48
N GLN A 638 -74.06 60.71 -123.97
CA GLN A 638 -75.10 60.09 -124.78
C GLN A 638 -76.07 61.14 -125.30
N GLY A 639 -76.26 62.21 -124.52
CA GLY A 639 -77.16 63.27 -124.93
C GLY A 639 -76.56 64.12 -126.04
N LYS A 640 -75.25 64.38 -125.95
CA LYS A 640 -74.56 65.18 -126.95
C LYS A 640 -74.39 64.36 -128.23
N ARG A 641 -74.80 63.10 -128.18
CA ARG A 641 -74.68 62.21 -129.33
C ARG A 641 -76.06 61.74 -129.81
N GLN A 642 -77.06 61.90 -128.95
CA GLN A 642 -78.43 61.51 -129.30
C GLN A 642 -79.36 62.71 -129.23
N LYS A 643 -79.46 63.31 -128.05
CA LYS A 643 -80.31 64.47 -127.84
C LYS A 643 -79.99 65.59 -128.83
N GLU A 644 -78.74 65.66 -129.29
CA GLU A 644 -78.34 66.69 -130.25
C GLU A 644 -78.91 66.42 -131.63
N ILE A 645 -79.53 65.25 -131.79
CA ILE A 645 -80.12 64.86 -133.06
C ILE A 645 -81.57 65.31 -133.09
N TRP A 646 -82.23 65.22 -131.94
CA TRP A 646 -83.63 65.62 -131.82
C TRP A 646 -83.74 67.14 -131.83
N HIS A 647 -82.74 67.79 -131.24
CA HIS A 647 -82.71 69.25 -131.18
C HIS A 647 -82.48 69.76 -132.60
N LEU A 648 -81.77 68.95 -133.39
CA LEU A 648 -81.47 69.27 -134.78
C LEU A 648 -82.33 68.36 -135.65
N LEU A 649 -83.63 68.35 -135.38
CA LEU A 649 -84.58 67.51 -136.12
C LEU A 649 -85.74 68.31 -136.68
N LYS A 650 -86.22 69.28 -135.91
CA LYS A 650 -87.35 70.11 -136.33
C LYS A 650 -86.94 71.21 -137.33
N ILE A 651 -85.79 71.04 -137.95
CA ILE A 651 -85.29 72.01 -138.92
C ILE A 651 -86.28 72.19 -140.07
N ALA A 652 -87.02 71.12 -140.37
CA ALA A 652 -88.01 71.16 -141.44
C ALA A 652 -89.36 70.65 -140.96
N CYS A 653 -89.45 70.34 -139.67
CA CYS A 653 -90.68 69.84 -139.09
C CYS A 653 -91.68 70.97 -138.88
N THR A 654 -91.37 72.13 -139.47
CA THR A 654 -92.22 73.29 -139.37
C THR A 654 -92.26 74.09 -140.68
N GLN A 655 -91.99 73.41 -141.78
CA GLN A 655 -92.00 74.06 -143.10
C GLN A 655 -93.38 73.94 -143.74
N ASP B 1 3.82 1.47 -95.95
CA ASP B 1 5.16 2.12 -95.84
C ASP B 1 5.89 2.18 -97.18
N PRO B 2 5.49 3.13 -98.04
CA PRO B 2 6.12 3.28 -99.35
C PRO B 2 7.46 3.99 -99.21
N GLU B 3 7.94 4.11 -97.98
CA GLU B 3 9.20 4.76 -97.68
C GLU B 3 9.12 6.26 -97.96
N PHE B 4 9.70 6.69 -99.09
CA PHE B 4 9.70 8.10 -99.47
C PHE B 4 10.12 9.00 -98.32
N GLY B 5 11.24 8.65 -97.68
CA GLY B 5 11.74 9.45 -96.58
C GLY B 5 12.42 10.71 -97.06
N ALA B 6 11.68 11.56 -97.77
CA ALA B 6 12.23 12.81 -98.29
C ALA B 6 11.28 13.98 -98.04
N GLY B 7 10.27 13.74 -97.21
CA GLY B 7 9.30 14.77 -96.89
C GLY B 7 8.53 15.23 -98.11
N GLY B 8 8.11 14.27 -98.94
CA GLY B 8 7.36 14.60 -100.13
C GLY B 8 6.18 15.51 -99.85
N PRO B 9 6.04 16.62 -100.60
CA PRO B 9 4.92 17.54 -100.40
C PRO B 9 3.59 16.81 -100.32
N TRP B 10 3.48 15.70 -101.05
CA TRP B 10 2.25 14.92 -101.02
C TRP B 10 2.13 14.21 -99.68
N GLU B 11 1.21 13.25 -99.59
CA GLU B 11 1.00 12.50 -98.36
C GLU B 11 -0.11 11.48 -98.56
N MET B 12 0.20 10.21 -98.30
CA MET B 12 -0.78 9.14 -98.47
C MET B 12 -1.74 9.02 -97.30
N ARG B 13 -3.00 8.75 -97.60
CA ARG B 13 -4.04 8.59 -96.58
C ARG B 13 -4.13 7.14 -96.17
N GLU B 14 -4.77 6.33 -97.01
CA GLU B 14 -4.92 4.91 -96.74
C GLU B 14 -4.47 4.08 -97.94
N ARG B 15 -4.16 2.81 -97.71
CA ARG B 15 -3.73 1.93 -98.79
C ARG B 15 -4.95 1.47 -99.59
N LEU B 16 -4.75 0.45 -100.42
CA LEU B 16 -5.83 -0.09 -101.23
C LEU B 16 -5.96 -1.60 -101.09
N GLY B 17 -6.79 -2.20 -101.93
CA GLY B 17 -7.01 -3.63 -101.88
C GLY B 17 -5.85 -4.47 -102.37
N THR B 18 -6.14 -5.39 -103.29
CA THR B 18 -5.12 -6.29 -103.85
C THR B 18 -3.98 -5.53 -104.53
N GLY B 19 -3.01 -6.28 -105.04
CA GLY B 19 -1.87 -5.67 -105.71
C GLY B 19 -0.57 -6.34 -105.32
N GLY B 20 -0.32 -6.41 -104.02
CA GLY B 20 0.90 -7.04 -103.53
C GLY B 20 1.43 -6.36 -102.28
N PHE B 21 2.65 -6.73 -101.89
CA PHE B 21 3.29 -6.15 -100.70
C PHE B 21 3.24 -4.63 -100.75
N GLY B 22 2.35 -4.04 -99.95
CA GLY B 22 2.22 -2.60 -99.92
C GLY B 22 1.97 -2.03 -101.30
N ASN B 23 0.85 -2.43 -101.90
CA ASN B 23 0.48 -1.96 -103.23
C ASN B 23 0.14 -0.47 -103.26
N VAL B 24 -0.79 -0.09 -104.13
CA VAL B 24 -1.20 1.30 -104.28
C VAL B 24 -1.68 1.91 -102.97
N CYS B 25 -1.49 3.21 -102.84
CA CYS B 25 -1.90 3.93 -101.64
C CYS B 25 -2.55 5.25 -102.03
N LEU B 26 -3.60 5.64 -101.31
CA LEU B 26 -4.32 6.87 -101.58
C LEU B 26 -3.40 8.06 -101.31
N TYR B 27 -2.76 8.56 -102.37
CA TYR B 27 -1.85 9.70 -102.25
C TYR B 27 -2.53 11.05 -102.48
N GLN B 28 -2.70 11.82 -101.40
CA GLN B 28 -3.32 13.14 -101.46
C GLN B 28 -2.26 14.21 -101.23
N HIS B 29 -2.44 15.37 -101.83
CA HIS B 29 -1.48 16.45 -101.68
C HIS B 29 -1.97 17.44 -100.62
N ARG B 30 -1.28 17.45 -99.48
CA ARG B 30 -1.63 18.34 -98.38
C ARG B 30 -1.74 19.79 -98.86
N GLU B 31 -0.93 20.14 -99.86
CA GLU B 31 -0.91 21.49 -100.41
C GLU B 31 -2.01 21.67 -101.46
N LEU B 32 -1.89 20.94 -102.57
CA LEU B 32 -2.87 21.01 -103.64
C LEU B 32 -4.16 20.29 -103.30
N ASP B 33 -4.89 19.86 -104.32
CA ASP B 33 -6.15 19.17 -104.13
C ASP B 33 -6.17 17.81 -104.83
N LEU B 34 -5.06 17.46 -105.48
CA LEU B 34 -4.96 16.19 -106.19
C LEU B 34 -4.79 15.03 -105.20
N LYS B 35 -5.57 13.98 -105.42
CA LYS B 35 -5.51 12.80 -104.55
C LYS B 35 -5.27 11.52 -105.35
N ILE B 36 -4.64 11.66 -106.50
CA ILE B 36 -4.35 10.51 -107.35
C ILE B 36 -3.47 9.51 -106.60
N ALA B 37 -3.87 8.24 -106.66
CA ALA B 37 -3.13 7.17 -105.97
C ALA B 37 -2.07 6.56 -106.89
N ILE B 38 -0.96 6.15 -106.28
CA ILE B 38 0.14 5.52 -107.01
C ILE B 38 0.50 4.19 -106.36
N LYS B 39 0.92 3.23 -107.19
CA LYS B 39 1.29 1.91 -106.68
C LYS B 39 2.73 1.87 -106.17
N SER B 40 2.90 1.22 -105.03
CA SER B 40 4.21 1.09 -104.42
C SER B 40 4.78 -0.31 -104.69
N CYS B 41 6.04 -0.36 -105.09
CA CYS B 41 6.71 -1.61 -105.39
C CYS B 41 6.92 -2.46 -104.14
N ARG B 42 6.85 -3.78 -104.30
CA ARG B 42 7.05 -4.68 -103.16
C ARG B 42 8.48 -4.56 -102.66
N LEU B 43 8.95 -5.57 -101.94
CA LEU B 43 10.31 -5.58 -101.43
C LEU B 43 11.31 -5.66 -102.57
N GLU B 44 12.27 -6.58 -102.45
CA GLU B 44 13.28 -6.74 -103.50
C GLU B 44 12.77 -7.61 -104.64
N LEU B 45 12.05 -6.99 -105.58
CA LEU B 45 11.51 -7.71 -106.72
C LEU B 45 12.64 -8.43 -107.46
N SER B 46 12.40 -9.70 -107.78
CA SER B 46 13.40 -10.51 -108.50
C SER B 46 13.82 -9.83 -109.80
N THR B 47 15.05 -10.09 -110.22
CA THR B 47 15.58 -9.51 -111.45
C THR B 47 14.66 -9.83 -112.63
N LYS B 48 14.18 -11.06 -112.69
CA LYS B 48 13.30 -11.49 -113.75
C LYS B 48 11.91 -10.85 -113.62
N ASN B 49 11.49 -10.60 -112.38
CA ASN B 49 10.20 -9.99 -112.11
C ASN B 49 10.23 -8.49 -112.38
N ARG B 50 11.44 -7.94 -112.42
CA ARG B 50 11.63 -6.52 -112.65
C ARG B 50 11.01 -6.09 -113.97
N GLU B 51 11.13 -6.94 -114.98
CA GLU B 51 10.58 -6.64 -116.31
C GLU B 51 9.05 -6.72 -116.30
N ARG B 52 8.51 -7.41 -115.31
CA ARG B 52 7.07 -7.56 -115.18
C ARG B 52 6.42 -6.25 -114.74
N TRP B 53 7.06 -5.58 -113.78
CA TRP B 53 6.56 -4.32 -113.24
C TRP B 53 6.65 -3.21 -114.28
N CYS B 54 7.81 -3.09 -114.92
CA CYS B 54 8.02 -2.07 -115.95
C CYS B 54 7.09 -2.35 -117.13
N HIS B 55 6.57 -3.56 -117.19
CA HIS B 55 5.66 -3.98 -118.25
C HIS B 55 4.26 -3.46 -118.00
N GLU B 56 3.78 -3.60 -116.75
CA GLU B 56 2.45 -3.14 -116.38
C GLU B 56 2.27 -1.66 -116.67
N ILE B 57 3.20 -0.84 -116.18
CA ILE B 57 3.14 0.60 -116.39
C ILE B 57 3.14 0.93 -117.89
N GLN B 58 3.77 0.07 -118.68
CA GLN B 58 3.85 0.24 -120.13
C GLN B 58 2.45 0.19 -120.75
N ILE B 59 1.82 -0.97 -120.68
CA ILE B 59 0.49 -1.17 -121.23
C ILE B 59 -0.57 -0.33 -120.50
N MET B 60 -0.31 0.00 -119.24
CA MET B 60 -1.23 0.81 -118.46
C MET B 60 -1.39 2.21 -119.05
N LYS B 61 -0.28 2.77 -119.54
CA LYS B 61 -0.30 4.10 -120.14
C LYS B 61 -0.94 4.03 -121.52
N LYS B 62 -1.07 2.81 -122.05
CA LYS B 62 -1.68 2.60 -123.35
C LYS B 62 -3.21 2.70 -123.23
N LEU B 63 -3.72 2.40 -122.04
CA LEU B 63 -5.16 2.45 -121.77
C LEU B 63 -5.59 3.87 -121.44
N ASN B 64 -6.49 4.42 -122.25
CA ASN B 64 -7.00 5.78 -122.06
C ASN B 64 -8.52 5.80 -122.03
N HIS B 65 -9.12 4.64 -121.77
CA HIS B 65 -10.57 4.52 -121.72
C HIS B 65 -11.06 5.07 -120.38
N ALA B 66 -12.12 5.89 -120.44
CA ALA B 66 -12.68 6.50 -119.25
C ALA B 66 -13.50 5.54 -118.40
N ASN B 67 -13.75 4.33 -118.91
CA ASN B 67 -14.53 3.35 -118.18
C ASN B 67 -13.63 2.25 -117.59
N VAL B 68 -12.37 2.60 -117.35
CA VAL B 68 -11.40 1.67 -116.78
C VAL B 68 -10.31 2.48 -116.09
N VAL B 69 -9.45 1.81 -115.34
CA VAL B 69 -8.37 2.49 -114.64
C VAL B 69 -7.52 3.30 -115.62
N LYS B 70 -7.30 4.57 -115.28
CA LYS B 70 -6.50 5.45 -116.11
C LYS B 70 -5.12 5.65 -115.48
N ALA B 71 -4.08 5.23 -116.21
CA ALA B 71 -2.71 5.34 -115.72
C ALA B 71 -2.11 6.69 -116.07
N CYS B 72 -2.23 7.65 -115.16
CA CYS B 72 -1.69 8.99 -115.37
C CYS B 72 -0.20 8.99 -115.09
N ASP B 73 0.49 10.06 -115.51
CA ASP B 73 1.92 10.17 -115.31
C ASP B 73 2.26 10.38 -113.84
N VAL B 74 3.30 9.71 -113.37
CA VAL B 74 3.74 9.83 -111.99
C VAL B 74 4.07 11.28 -111.65
N PRO B 75 3.68 11.75 -110.45
CA PRO B 75 3.95 13.12 -110.02
C PRO B 75 5.43 13.39 -109.81
N GLU B 76 5.74 14.58 -109.30
CA GLU B 76 7.11 14.98 -109.05
C GLU B 76 7.86 13.89 -108.29
N GLU B 77 7.17 13.28 -107.33
CA GLU B 77 7.78 12.22 -106.53
C GLU B 77 7.97 10.95 -107.34
N LEU B 78 8.92 10.98 -108.27
CA LEU B 78 9.20 9.83 -109.12
C LEU B 78 9.88 8.74 -108.29
N ASN B 79 11.19 8.85 -108.13
CA ASN B 79 11.95 7.87 -107.36
C ASN B 79 11.85 6.49 -107.97
N ILE B 80 12.31 5.48 -107.25
CA ILE B 80 12.27 4.10 -107.73
C ILE B 80 11.84 3.17 -106.60
N LEU B 81 11.54 3.75 -105.44
CA LEU B 81 11.11 3.00 -104.28
C LEU B 81 12.11 1.89 -103.97
N ILE B 82 11.64 0.81 -103.35
CA ILE B 82 12.50 -0.31 -103.01
C ILE B 82 12.95 -1.02 -104.29
N HIS B 83 14.26 -1.18 -104.44
CA HIS B 83 14.84 -1.82 -105.61
C HIS B 83 14.58 -1.00 -106.87
N ASP B 84 15.37 -1.26 -107.91
CA ASP B 84 15.24 -0.54 -109.17
C ASP B 84 13.93 -0.83 -109.88
N VAL B 85 12.89 -0.09 -109.53
CA VAL B 85 11.57 -0.26 -110.14
C VAL B 85 10.74 1.03 -110.07
N PRO B 86 10.12 1.41 -111.19
CA PRO B 86 9.29 2.62 -111.29
C PRO B 86 7.93 2.50 -110.60
N LEU B 87 7.23 3.63 -110.46
CA LEU B 87 5.92 3.66 -109.81
C LEU B 87 4.79 3.60 -110.83
N LEU B 88 3.56 3.56 -110.32
CA LEU B 88 2.39 3.51 -111.18
C LEU B 88 1.29 4.46 -110.68
N ALA B 89 1.27 5.68 -111.22
CA ALA B 89 0.28 6.67 -110.84
C ALA B 89 -1.02 6.39 -111.61
N MET B 90 -2.15 6.72 -110.98
CA MET B 90 -3.44 6.49 -111.61
C MET B 90 -4.57 7.23 -110.91
N GLU B 91 -5.66 7.44 -111.63
CA GLU B 91 -6.82 8.16 -111.10
C GLU B 91 -7.40 7.44 -109.87
N TYR B 92 -7.86 8.22 -108.90
CA TYR B 92 -8.45 7.67 -107.69
C TYR B 92 -9.97 7.80 -107.70
N CYS B 93 -10.65 6.85 -107.05
CA CYS B 93 -12.10 6.83 -106.98
C CYS B 93 -12.56 6.50 -105.56
N SER B 94 -13.23 7.45 -104.92
CA SER B 94 -13.71 7.25 -103.56
C SER B 94 -14.99 6.41 -103.53
N GLY B 95 -15.51 6.10 -104.70
CA GLY B 95 -16.72 5.31 -104.77
C GLY B 95 -16.55 3.88 -104.27
N GLY B 96 -15.34 3.58 -103.82
CA GLY B 96 -15.04 2.25 -103.32
C GLY B 96 -15.17 1.18 -104.39
N ASP B 97 -14.78 -0.05 -104.04
CA ASP B 97 -14.86 -1.15 -104.97
C ASP B 97 -16.30 -1.58 -105.20
N LEU B 98 -16.49 -2.57 -106.05
CA LEU B 98 -17.82 -3.09 -106.36
C LEU B 98 -18.36 -3.93 -105.20
N ARG B 99 -17.46 -4.61 -104.50
CA ARG B 99 -17.83 -5.46 -103.36
C ARG B 99 -18.61 -4.66 -102.33
N LYS B 100 -18.39 -3.34 -102.31
CA LYS B 100 -19.09 -2.46 -101.38
C LYS B 100 -20.57 -2.47 -101.70
N LEU B 101 -20.91 -2.07 -102.93
CA LEU B 101 -22.29 -2.01 -103.38
C LEU B 101 -22.95 -3.38 -103.31
N LEU B 102 -22.15 -4.43 -103.45
CA LEU B 102 -22.65 -5.80 -103.40
C LEU B 102 -23.00 -6.23 -101.97
N ASN B 103 -22.15 -5.85 -101.01
CA ASN B 103 -22.38 -6.18 -99.61
C ASN B 103 -23.47 -5.34 -98.96
N LYS B 104 -23.88 -4.26 -99.63
CA LYS B 104 -24.92 -3.40 -99.10
C LYS B 104 -26.20 -4.18 -98.80
N PRO B 105 -26.66 -4.14 -97.54
CA PRO B 105 -27.87 -4.85 -97.11
C PRO B 105 -29.05 -4.51 -98.01
N GLU B 106 -29.12 -3.25 -98.44
CA GLU B 106 -30.20 -2.79 -99.29
C GLU B 106 -30.23 -3.59 -100.60
N ASN B 107 -29.05 -4.01 -101.03
CA ASN B 107 -28.87 -4.79 -102.25
C ASN B 107 -28.58 -6.24 -101.85
N CYS B 108 -29.25 -6.69 -100.79
CA CYS B 108 -29.07 -8.04 -100.28
C CYS B 108 -29.55 -9.09 -101.27
N CYS B 109 -30.56 -8.77 -102.06
CA CYS B 109 -31.11 -9.71 -103.05
C CYS B 109 -30.84 -9.27 -104.48
N GLY B 110 -29.95 -8.29 -104.64
CA GLY B 110 -29.61 -7.81 -105.96
C GLY B 110 -29.80 -6.33 -106.17
N LEU B 111 -28.87 -5.70 -106.87
CA LEU B 111 -28.93 -4.27 -107.16
C LEU B 111 -30.23 -3.96 -107.91
N LYS B 112 -30.58 -2.68 -107.96
CA LYS B 112 -31.79 -2.26 -108.64
C LYS B 112 -31.55 -2.26 -110.14
N GLU B 113 -32.62 -2.42 -110.92
CA GLU B 113 -32.52 -2.45 -112.37
C GLU B 113 -31.59 -1.37 -112.91
N SER B 114 -31.70 -0.16 -112.35
CA SER B 114 -30.87 0.96 -112.79
C SER B 114 -29.39 0.63 -112.69
N GLN B 115 -28.94 0.34 -111.47
CA GLN B 115 -27.54 -0.01 -111.23
C GLN B 115 -27.09 -1.20 -112.05
N ILE B 116 -27.96 -2.21 -112.16
CA ILE B 116 -27.66 -3.42 -112.93
C ILE B 116 -27.20 -3.09 -114.35
N LEU B 117 -28.14 -2.62 -115.17
CA LEU B 117 -27.85 -2.27 -116.55
C LEU B 117 -26.74 -1.23 -116.64
N SER B 118 -26.66 -0.36 -115.63
CA SER B 118 -25.65 0.68 -115.59
C SER B 118 -24.25 0.08 -115.45
N LEU B 119 -24.19 -1.23 -115.17
CA LEU B 119 -22.93 -1.92 -115.01
C LEU B 119 -22.54 -2.60 -116.31
N LEU B 120 -23.55 -3.02 -117.07
CA LEU B 120 -23.32 -3.66 -118.36
C LEU B 120 -22.80 -2.63 -119.36
N SER B 121 -23.49 -1.49 -119.45
CA SER B 121 -23.10 -0.43 -120.37
C SER B 121 -21.74 0.13 -120.00
N ASP B 122 -21.33 -0.11 -118.76
CA ASP B 122 -20.03 0.36 -118.28
C ASP B 122 -18.94 -0.71 -118.42
N ILE B 123 -18.99 -1.71 -117.55
CA ILE B 123 -18.01 -2.78 -117.58
C ILE B 123 -18.00 -3.47 -118.93
N GLY B 124 -19.17 -3.57 -119.55
CA GLY B 124 -19.27 -4.21 -120.85
C GLY B 124 -18.50 -3.47 -121.92
N SER B 125 -18.43 -2.14 -121.77
CA SER B 125 -17.72 -1.32 -122.73
C SER B 125 -16.23 -1.35 -122.44
N GLY B 126 -15.87 -1.24 -121.17
CA GLY B 126 -14.48 -1.27 -120.79
C GLY B 126 -13.84 -2.62 -121.05
N ILE B 127 -14.56 -3.68 -120.72
CA ILE B 127 -14.07 -5.03 -120.92
C ILE B 127 -13.83 -5.27 -122.42
N ARG B 128 -14.60 -4.57 -123.25
CA ARG B 128 -14.49 -4.68 -124.69
C ARG B 128 -13.28 -3.90 -125.17
N TYR B 129 -13.07 -2.72 -124.60
CA TYR B 129 -11.96 -1.86 -124.96
C TYR B 129 -10.65 -2.60 -124.78
N LEU B 130 -10.49 -3.24 -123.62
CA LEU B 130 -9.28 -4.00 -123.31
C LEU B 130 -9.02 -5.06 -124.40
N HIS B 131 -10.10 -5.60 -124.95
CA HIS B 131 -9.99 -6.60 -125.99
C HIS B 131 -9.61 -5.97 -127.33
N GLU B 132 -9.69 -4.65 -127.39
CA GLU B 132 -9.35 -3.91 -128.61
C GLU B 132 -7.89 -3.48 -128.56
N ASN B 133 -7.16 -4.01 -127.59
CA ASN B 133 -5.74 -3.70 -127.42
C ASN B 133 -5.00 -4.98 -127.09
N LYS B 134 -5.61 -6.12 -127.41
CA LYS B 134 -5.04 -7.44 -127.15
C LYS B 134 -4.71 -7.61 -125.67
N ILE B 135 -5.37 -6.83 -124.84
CA ILE B 135 -5.18 -6.90 -123.39
C ILE B 135 -6.35 -7.66 -122.78
N ILE B 136 -6.06 -8.82 -122.21
CA ILE B 136 -7.10 -9.65 -121.60
C ILE B 136 -6.94 -9.75 -120.08
N HIS B 137 -7.94 -9.24 -119.36
CA HIS B 137 -7.93 -9.28 -117.91
C HIS B 137 -8.90 -10.35 -117.43
N ARG B 138 -8.36 -11.53 -117.11
CA ARG B 138 -9.19 -12.64 -116.66
C ARG B 138 -9.60 -12.54 -115.19
N ASP B 139 -8.75 -11.92 -114.38
CA ASP B 139 -9.03 -11.77 -112.95
C ASP B 139 -10.07 -10.67 -112.72
N LEU B 140 -11.08 -10.61 -113.58
CA LEU B 140 -12.14 -9.61 -113.47
C LEU B 140 -13.10 -9.95 -112.35
N LYS B 141 -12.65 -9.78 -111.11
CA LYS B 141 -13.47 -10.07 -109.95
C LYS B 141 -14.05 -8.78 -109.39
N PRO B 142 -15.24 -8.86 -108.78
CA PRO B 142 -15.94 -7.71 -108.19
C PRO B 142 -15.03 -6.76 -107.42
N GLU B 143 -14.10 -7.31 -106.63
CA GLU B 143 -13.20 -6.49 -105.83
C GLU B 143 -12.17 -5.77 -106.69
N ASN B 144 -12.45 -5.68 -108.00
CA ASN B 144 -11.57 -5.01 -108.95
C ASN B 144 -12.32 -4.04 -109.84
N ILE B 145 -13.52 -3.66 -109.40
CA ILE B 145 -14.35 -2.72 -110.14
C ILE B 145 -14.69 -1.51 -109.26
N VAL B 146 -13.87 -0.46 -109.37
CA VAL B 146 -14.06 0.75 -108.60
C VAL B 146 -15.24 1.58 -109.13
N LEU B 147 -15.81 2.40 -108.27
CA LEU B 147 -16.93 3.25 -108.62
C LEU B 147 -16.60 4.72 -108.39
N GLN B 148 -17.25 5.61 -109.14
CA GLN B 148 -17.02 7.04 -109.00
C GLN B 148 -18.28 7.82 -109.33
N ASP B 149 -18.49 8.93 -108.62
CA ASP B 149 -19.65 9.77 -108.83
C ASP B 149 -19.33 10.87 -109.84
N VAL B 150 -18.90 10.44 -111.03
CA VAL B 150 -18.54 11.37 -112.09
C VAL B 150 -19.75 12.22 -112.49
N GLY B 151 -19.86 13.41 -111.91
CA GLY B 151 -20.97 14.29 -112.21
C GLY B 151 -22.15 14.05 -111.30
N GLY B 152 -22.90 12.98 -111.57
CA GLY B 152 -24.05 12.67 -110.75
C GLY B 152 -24.37 11.19 -110.70
N LYS B 153 -24.13 10.50 -111.81
CA LYS B 153 -24.40 9.06 -111.89
C LYS B 153 -23.17 8.25 -111.53
N ILE B 154 -23.38 7.01 -111.11
CA ILE B 154 -22.28 6.13 -110.74
C ILE B 154 -21.58 5.60 -111.98
N ILE B 155 -20.25 5.71 -112.01
CA ILE B 155 -19.47 5.25 -113.14
C ILE B 155 -18.57 4.08 -112.75
N HIS B 156 -18.89 2.89 -113.25
CA HIS B 156 -18.11 1.68 -112.97
C HIS B 156 -16.85 1.68 -113.82
N LYS B 157 -15.75 1.26 -113.22
CA LYS B 157 -14.47 1.23 -113.94
C LYS B 157 -13.62 0.03 -113.53
N ILE B 158 -13.09 -0.69 -114.53
CA ILE B 158 -12.24 -1.84 -114.26
C ILE B 158 -10.92 -1.29 -113.73
N ILE B 159 -10.18 -2.10 -113.00
CA ILE B 159 -8.91 -1.63 -112.45
C ILE B 159 -7.94 -2.77 -112.13
N ASP B 160 -6.66 -2.43 -112.04
CA ASP B 160 -5.61 -3.40 -111.73
C ASP B 160 -5.49 -4.47 -112.82
N LEU B 161 -4.34 -4.51 -113.47
CA LEU B 161 -4.09 -5.47 -114.52
C LEU B 161 -2.78 -6.24 -114.26
N GLY B 162 -2.27 -6.10 -113.05
CA GLY B 162 -1.03 -6.79 -112.70
C GLY B 162 -1.15 -8.31 -112.75
N TYR B 163 -2.36 -8.79 -112.98
CA TYR B 163 -2.64 -10.23 -113.06
C TYR B 163 -2.99 -10.68 -114.48
N ALA B 164 -3.75 -9.85 -115.17
CA ALA B 164 -4.21 -10.14 -116.53
C ALA B 164 -3.13 -10.67 -117.48
N LYS B 165 -3.57 -11.18 -118.62
CA LYS B 165 -2.69 -11.74 -119.63
C LYS B 165 -2.54 -10.73 -120.77
N ASP B 166 -1.65 -11.02 -121.71
CA ASP B 166 -1.43 -10.14 -122.86
C ASP B 166 -0.87 -10.88 -124.07
N VAL B 167 -0.62 -10.14 -125.14
CA VAL B 167 -0.08 -10.71 -126.36
C VAL B 167 1.16 -9.96 -126.80
N ASP B 168 1.29 -8.72 -126.35
CA ASP B 168 2.44 -7.89 -126.69
C ASP B 168 3.72 -8.43 -126.03
N GLN B 169 4.41 -7.57 -125.29
CA GLN B 169 5.66 -7.96 -124.62
C GLN B 169 5.34 -8.74 -123.34
N GLY B 170 5.82 -9.98 -123.27
CA GLY B 170 5.59 -10.80 -122.10
C GLY B 170 4.13 -11.15 -121.89
N GLU B 171 3.77 -12.40 -122.12
CA GLU B 171 2.40 -12.87 -121.97
C GLU B 171 2.13 -13.18 -120.50
N LEU B 172 0.92 -12.85 -120.04
CA LEU B 172 0.51 -13.09 -118.66
C LEU B 172 1.49 -12.48 -117.67
N CYS B 173 1.25 -12.75 -116.38
CA CYS B 173 2.11 -12.23 -115.32
C CYS B 173 2.18 -13.25 -114.18
N THR B 174 1.03 -13.55 -113.59
CA THR B 174 0.95 -14.51 -112.49
C THR B 174 -0.19 -15.48 -112.74
N GLU B 175 0.11 -16.77 -112.67
CA GLU B 175 -0.90 -17.81 -112.91
C GLU B 175 -2.11 -17.64 -111.99
N PHE B 176 -2.08 -18.33 -110.85
CA PHE B 176 -3.18 -18.27 -109.89
C PHE B 176 -3.27 -16.90 -109.20
N VAL B 177 -4.42 -16.66 -108.57
CA VAL B 177 -4.65 -15.40 -107.84
C VAL B 177 -4.94 -15.70 -106.37
N GLY B 178 -5.99 -15.10 -105.83
CA GLY B 178 -6.34 -15.32 -104.44
C GLY B 178 -7.83 -15.40 -104.22
N THR B 179 -8.25 -16.34 -103.38
CA THR B 179 -9.66 -16.53 -103.05
C THR B 179 -10.49 -16.59 -104.32
N LEU B 180 -9.91 -17.20 -105.35
CA LEU B 180 -10.55 -17.33 -106.66
C LEU B 180 -12.03 -17.67 -106.48
N GLN B 181 -12.86 -17.14 -107.38
CA GLN B 181 -14.29 -17.38 -107.32
C GLN B 181 -14.97 -16.89 -108.60
N TYR B 182 -14.49 -15.78 -109.14
CA TYR B 182 -15.04 -15.19 -110.35
C TYR B 182 -14.05 -15.29 -111.49
N LEU B 183 -13.85 -16.49 -112.00
CA LEU B 183 -12.92 -16.70 -113.11
C LEU B 183 -13.27 -17.96 -113.90
N ALA B 184 -13.12 -17.88 -115.22
CA ALA B 184 -13.41 -19.01 -116.09
C ALA B 184 -12.62 -20.24 -115.67
N PRO B 185 -13.18 -21.45 -115.89
CA PRO B 185 -12.53 -22.70 -115.51
C PRO B 185 -11.31 -23.02 -116.37
N GLU B 186 -10.82 -22.04 -117.12
CA GLU B 186 -9.66 -22.23 -117.97
C GLU B 186 -8.37 -22.29 -117.16
N LEU B 187 -8.11 -21.24 -116.39
CA LEU B 187 -6.90 -21.17 -115.58
C LEU B 187 -6.85 -22.22 -114.47
N PHE B 188 -7.92 -23.00 -114.34
CA PHE B 188 -7.99 -24.03 -113.31
C PHE B 188 -7.29 -25.31 -113.77
N GLU B 189 -6.89 -25.33 -115.04
CA GLU B 189 -6.21 -26.51 -115.60
C GLU B 189 -4.85 -26.10 -116.16
N ASN B 190 -4.58 -24.80 -116.16
CA ASN B 190 -3.31 -24.27 -116.67
C ASN B 190 -3.10 -24.68 -118.13
N LYS B 191 -4.16 -25.17 -118.75
CA LYS B 191 -4.14 -25.60 -120.14
C LYS B 191 -4.30 -24.40 -121.06
N PRO B 192 -4.06 -24.58 -122.37
CA PRO B 192 -4.20 -23.48 -123.35
C PRO B 192 -5.52 -22.73 -123.19
N TYR B 193 -5.43 -21.54 -122.59
CA TYR B 193 -6.60 -20.71 -122.37
C TYR B 193 -7.00 -19.97 -123.65
N THR B 194 -8.01 -19.12 -123.54
CA THR B 194 -8.48 -18.34 -124.67
C THR B 194 -8.69 -16.88 -124.28
N ALA B 195 -9.36 -16.13 -125.15
CA ALA B 195 -9.64 -14.72 -124.90
C ALA B 195 -11.05 -14.53 -124.32
N THR B 196 -11.82 -15.62 -124.30
CA THR B 196 -13.18 -15.58 -123.78
C THR B 196 -13.19 -15.69 -122.25
N VAL B 197 -12.03 -15.97 -121.67
CA VAL B 197 -11.91 -16.11 -120.23
C VAL B 197 -12.52 -14.91 -119.50
N ASP B 198 -12.49 -13.76 -120.14
CA ASP B 198 -13.03 -12.53 -119.56
C ASP B 198 -14.56 -12.55 -119.55
N TYR B 199 -15.14 -13.07 -120.62
CA TYR B 199 -16.59 -13.13 -120.75
C TYR B 199 -17.22 -13.81 -119.55
N TRP B 200 -16.55 -14.82 -119.01
CA TRP B 200 -17.08 -15.56 -117.86
C TRP B 200 -17.07 -14.69 -116.60
N SER B 201 -15.94 -14.06 -116.33
CA SER B 201 -15.81 -13.21 -115.17
C SER B 201 -16.88 -12.13 -115.17
N PHE B 202 -17.10 -11.52 -116.34
CA PHE B 202 -18.11 -10.46 -116.47
C PHE B 202 -19.53 -11.01 -116.31
N GLY B 203 -19.79 -12.16 -116.93
CA GLY B 203 -21.10 -12.77 -116.84
C GLY B 203 -21.49 -13.14 -115.42
N THR B 204 -20.59 -13.83 -114.73
CA THR B 204 -20.82 -14.25 -113.36
C THR B 204 -21.26 -13.09 -112.46
N MET B 205 -20.56 -11.96 -112.59
CA MET B 205 -20.87 -10.78 -111.80
C MET B 205 -22.24 -10.22 -112.17
N VAL B 206 -22.51 -10.11 -113.47
CA VAL B 206 -23.79 -9.59 -113.94
C VAL B 206 -24.93 -10.38 -113.28
N PHE B 207 -24.75 -11.68 -113.15
CA PHE B 207 -25.75 -12.53 -112.54
C PHE B 207 -25.93 -12.15 -111.08
N GLU B 208 -24.83 -12.09 -110.36
CA GLU B 208 -24.85 -11.73 -108.94
C GLU B 208 -25.45 -10.33 -108.70
N CYS B 209 -25.28 -9.44 -109.68
CA CYS B 209 -25.82 -8.08 -109.58
C CYS B 209 -27.32 -8.07 -109.78
N ILE B 210 -27.91 -9.26 -109.80
CA ILE B 210 -29.35 -9.40 -110.00
C ILE B 210 -29.91 -10.35 -108.94
N ALA B 211 -29.14 -11.36 -108.59
CA ALA B 211 -29.55 -12.34 -107.59
C ALA B 211 -28.97 -11.99 -106.23
N GLY B 212 -27.69 -11.63 -106.22
CA GLY B 212 -27.04 -11.27 -104.97
C GLY B 212 -26.02 -12.32 -104.52
N TYR B 213 -25.78 -13.32 -105.38
CA TYR B 213 -24.83 -14.38 -105.08
C TYR B 213 -24.29 -15.04 -106.35
N ARG B 214 -23.34 -15.95 -106.17
CA ARG B 214 -22.70 -16.66 -107.27
C ARG B 214 -23.69 -17.18 -108.32
N PRO B 215 -23.23 -17.30 -109.57
CA PRO B 215 -24.03 -17.78 -110.69
C PRO B 215 -24.33 -19.27 -110.63
N PHE B 216 -23.87 -19.92 -109.56
CA PHE B 216 -24.07 -21.35 -109.40
C PHE B 216 -24.19 -21.67 -107.92
N LEU B 217 -23.23 -22.43 -107.39
CA LEU B 217 -23.23 -22.79 -105.97
C LEU B 217 -22.69 -21.63 -105.13
N HIS B 218 -23.60 -20.99 -104.40
CA HIS B 218 -23.26 -19.86 -103.54
C HIS B 218 -22.43 -20.27 -102.34
N HIS B 219 -21.42 -19.46 -102.03
CA HIS B 219 -20.54 -19.69 -100.90
C HIS B 219 -19.95 -21.10 -100.89
N LEU B 220 -19.46 -21.54 -102.05
CA LEU B 220 -18.85 -22.85 -102.17
C LEU B 220 -17.48 -22.75 -102.81
N GLN B 221 -16.45 -23.13 -102.08
CA GLN B 221 -15.07 -23.09 -102.57
C GLN B 221 -14.98 -23.66 -103.98
N PRO B 222 -14.22 -22.98 -104.87
CA PRO B 222 -14.06 -23.44 -106.25
C PRO B 222 -13.42 -24.82 -106.38
N PHE B 223 -12.81 -25.29 -105.28
CA PHE B 223 -12.16 -26.59 -105.27
C PHE B 223 -13.19 -27.67 -105.60
N THR B 224 -14.41 -27.47 -105.11
CA THR B 224 -15.50 -28.42 -105.35
C THR B 224 -16.60 -27.74 -106.17
N TRP B 225 -16.23 -26.64 -106.81
CA TRP B 225 -17.18 -25.88 -107.62
C TRP B 225 -17.12 -26.36 -109.07
N HIS B 226 -16.62 -27.57 -109.26
CA HIS B 226 -16.50 -28.16 -110.60
C HIS B 226 -16.94 -29.62 -110.58
N GLU B 227 -16.54 -30.34 -109.55
CA GLU B 227 -16.86 -31.75 -109.40
C GLU B 227 -18.35 -31.94 -109.06
N LYS B 228 -19.14 -30.91 -109.32
CA LYS B 228 -20.57 -30.95 -109.06
C LYS B 228 -21.35 -30.27 -110.17
N ILE B 229 -20.70 -29.33 -110.86
CA ILE B 229 -21.35 -28.62 -111.96
C ILE B 229 -20.64 -28.93 -113.27
N LYS B 230 -19.73 -29.88 -113.24
CA LYS B 230 -18.97 -30.28 -114.41
C LYS B 230 -19.87 -30.46 -115.63
N LYS B 231 -21.04 -31.08 -115.44
CA LYS B 231 -21.97 -31.30 -116.55
C LYS B 231 -22.32 -29.97 -117.22
N LYS B 232 -22.75 -29.02 -116.41
CA LYS B 232 -23.11 -27.69 -116.90
C LYS B 232 -24.16 -27.82 -118.00
N ASP B 233 -25.43 -27.78 -117.59
CA ASP B 233 -26.54 -27.89 -118.53
C ASP B 233 -26.42 -26.88 -119.67
N PRO B 234 -27.20 -27.08 -120.74
CA PRO B 234 -27.17 -26.17 -121.89
C PRO B 234 -27.53 -24.73 -121.54
N LYS B 235 -26.52 -23.87 -121.59
CA LYS B 235 -26.69 -22.45 -121.29
C LYS B 235 -27.17 -22.21 -119.85
N CYS B 236 -26.81 -23.12 -118.95
CA CYS B 236 -27.20 -23.02 -117.55
C CYS B 236 -26.54 -21.79 -116.92
N ILE B 237 -27.30 -21.08 -116.08
CA ILE B 237 -26.78 -19.89 -115.42
C ILE B 237 -27.11 -19.85 -113.93
N PHE B 238 -27.40 -21.03 -113.37
CA PHE B 238 -27.73 -21.13 -111.94
C PHE B 238 -27.72 -22.57 -111.45
N ALA B 239 -27.33 -22.76 -110.20
CA ALA B 239 -27.27 -24.09 -109.61
C ALA B 239 -26.99 -24.01 -108.11
N CYS B 240 -28.04 -23.95 -107.31
CA CYS B 240 -27.89 -23.88 -105.86
C CYS B 240 -28.05 -25.26 -105.24
N GLU B 241 -28.09 -25.30 -103.91
CA GLU B 241 -28.26 -26.55 -103.20
C GLU B 241 -29.54 -26.55 -102.39
N GLU B 242 -30.42 -27.49 -102.69
CA GLU B 242 -31.71 -27.62 -102.01
C GLU B 242 -31.51 -27.74 -100.50
N MET B 243 -32.59 -27.48 -99.76
CA MET B 243 -32.57 -27.56 -98.30
C MET B 243 -32.04 -28.91 -97.84
N SER B 244 -32.29 -29.94 -98.65
CA SER B 244 -31.83 -31.28 -98.33
C SER B 244 -30.43 -31.52 -98.87
N GLY B 245 -29.65 -30.45 -99.01
CA GLY B 245 -28.29 -30.57 -99.51
C GLY B 245 -28.22 -30.96 -100.98
N GLU B 246 -29.35 -31.32 -101.56
CA GLU B 246 -29.41 -31.72 -102.97
C GLU B 246 -28.89 -30.61 -103.87
N VAL B 247 -28.68 -30.95 -105.14
CA VAL B 247 -28.19 -29.98 -106.12
C VAL B 247 -29.18 -29.84 -107.27
N ARG B 248 -29.53 -28.61 -107.60
CA ARG B 248 -30.48 -28.34 -108.69
C ARG B 248 -29.88 -27.35 -109.70
N PHE B 249 -30.09 -27.65 -110.98
CA PHE B 249 -29.59 -26.81 -112.07
C PHE B 249 -30.75 -26.09 -112.76
N SER B 250 -30.43 -25.00 -113.46
CA SER B 250 -31.44 -24.23 -114.16
C SER B 250 -30.80 -23.18 -115.06
N SER B 251 -31.41 -22.97 -116.23
CA SER B 251 -30.91 -21.99 -117.19
C SER B 251 -31.75 -20.72 -117.13
N HIS B 252 -32.54 -20.60 -116.07
CA HIS B 252 -33.40 -19.43 -115.89
C HIS B 252 -32.77 -18.46 -114.90
N LEU B 253 -33.42 -17.32 -114.70
CA LEU B 253 -32.94 -16.31 -113.76
C LEU B 253 -33.76 -16.36 -112.46
N PRO B 254 -33.11 -16.75 -111.34
CA PRO B 254 -33.75 -16.86 -110.03
C PRO B 254 -34.57 -15.64 -109.60
N GLN B 255 -35.33 -15.81 -108.53
CA GLN B 255 -36.18 -14.75 -108.00
C GLN B 255 -35.92 -14.59 -106.51
N PRO B 256 -36.15 -13.38 -105.96
CA PRO B 256 -36.64 -12.19 -106.66
C PRO B 256 -35.50 -11.38 -107.28
N ASN B 257 -35.81 -10.68 -108.36
CA ASN B 257 -34.82 -9.86 -109.05
C ASN B 257 -35.27 -8.40 -109.05
N SER B 258 -34.74 -7.62 -109.98
CA SER B 258 -35.08 -6.20 -110.08
C SER B 258 -35.31 -5.80 -111.52
N LEU B 259 -35.12 -6.74 -112.43
CA LEU B 259 -35.31 -6.50 -113.87
C LEU B 259 -36.81 -6.53 -114.19
N CYS B 260 -37.22 -5.77 -115.21
CA CYS B 260 -38.64 -5.73 -115.59
C CYS B 260 -39.01 -7.03 -116.29
N SER B 261 -40.30 -7.21 -116.55
CA SER B 261 -40.79 -8.41 -117.20
C SER B 261 -40.39 -8.49 -118.67
N LEU B 262 -39.57 -7.54 -119.12
CA LEU B 262 -39.14 -7.52 -120.51
C LEU B 262 -37.65 -7.75 -120.65
N ILE B 263 -36.86 -7.10 -119.80
CA ILE B 263 -35.42 -7.22 -119.83
C ILE B 263 -34.97 -8.65 -119.45
N VAL B 264 -35.90 -9.42 -118.90
CA VAL B 264 -35.60 -10.79 -118.49
C VAL B 264 -35.27 -11.69 -119.69
N GLU B 265 -36.12 -11.63 -120.72
CA GLU B 265 -35.94 -12.45 -121.92
C GLU B 265 -34.52 -12.35 -122.49
N PRO B 266 -33.99 -11.13 -122.62
CA PRO B 266 -32.64 -10.98 -123.17
C PRO B 266 -31.53 -11.19 -122.14
N MET B 267 -31.78 -10.77 -120.91
CA MET B 267 -30.81 -10.90 -119.84
C MET B 267 -30.42 -12.36 -119.60
N GLU B 268 -31.43 -13.24 -119.57
CA GLU B 268 -31.18 -14.65 -119.37
C GLU B 268 -30.34 -15.22 -120.49
N ASN B 269 -30.75 -14.95 -121.72
CA ASN B 269 -30.04 -15.43 -122.92
C ASN B 269 -28.60 -14.90 -122.95
N TRP B 270 -28.44 -13.64 -122.56
CA TRP B 270 -27.12 -13.01 -122.53
C TRP B 270 -26.20 -13.79 -121.58
N LEU B 271 -26.66 -13.96 -120.34
CA LEU B 271 -25.91 -14.69 -119.31
C LEU B 271 -25.54 -16.10 -119.77
N GLN B 272 -26.40 -16.68 -120.61
CA GLN B 272 -26.17 -18.02 -121.14
C GLN B 272 -24.90 -18.13 -121.98
N LEU B 273 -24.71 -17.18 -122.90
CA LEU B 273 -23.52 -17.20 -123.74
C LEU B 273 -22.29 -16.73 -122.96
N MET B 274 -22.51 -16.06 -121.84
CA MET B 274 -21.42 -15.57 -121.01
C MET B 274 -21.07 -16.58 -119.93
N LEU B 275 -22.03 -17.40 -119.56
CA LEU B 275 -21.84 -18.41 -118.52
C LEU B 275 -21.76 -19.82 -119.09
N ASN B 276 -21.08 -19.96 -120.22
CA ASN B 276 -20.90 -21.26 -120.85
C ASN B 276 -19.54 -21.81 -120.47
N TRP B 277 -19.52 -23.07 -120.03
CA TRP B 277 -18.28 -23.70 -119.59
C TRP B 277 -17.23 -23.68 -120.71
N ASP B 278 -17.64 -24.14 -121.90
CA ASP B 278 -16.73 -24.16 -123.04
C ASP B 278 -16.30 -22.74 -123.37
N PRO B 279 -15.03 -22.42 -123.12
CA PRO B 279 -14.48 -21.08 -123.39
C PRO B 279 -14.62 -20.63 -124.84
N GLN B 280 -14.03 -21.39 -125.75
CA GLN B 280 -14.06 -21.09 -127.17
C GLN B 280 -15.47 -21.01 -127.76
N GLN B 281 -16.49 -21.37 -126.98
CA GLN B 281 -17.85 -21.35 -127.49
C GLN B 281 -18.69 -20.19 -126.94
N ARG B 282 -18.24 -19.56 -125.86
CA ARG B 282 -18.98 -18.44 -125.28
C ARG B 282 -19.31 -17.38 -126.33
N GLY B 283 -18.38 -17.18 -127.25
CA GLY B 283 -18.61 -16.19 -128.29
C GLY B 283 -18.82 -16.83 -129.66
N GLY B 284 -19.46 -18.00 -129.67
CA GLY B 284 -19.72 -18.70 -130.91
C GLY B 284 -20.31 -17.79 -131.98
N PRO B 285 -21.57 -17.38 -131.83
CA PRO B 285 -22.24 -16.51 -132.80
C PRO B 285 -21.50 -15.19 -133.02
N VAL B 286 -20.65 -15.14 -134.05
CA VAL B 286 -19.91 -13.92 -134.37
C VAL B 286 -20.50 -13.28 -135.63
N ASP B 287 -21.50 -12.43 -135.44
CA ASP B 287 -22.16 -11.75 -136.54
C ASP B 287 -21.16 -10.92 -137.35
N LEU B 288 -20.79 -11.43 -138.52
CA LEU B 288 -19.83 -10.76 -139.39
C LEU B 288 -20.29 -9.38 -139.82
N THR B 289 -21.59 -9.12 -139.72
CA THR B 289 -22.14 -7.82 -140.12
C THR B 289 -21.68 -6.70 -139.19
N LEU B 290 -20.91 -7.04 -138.17
CA LEU B 290 -20.41 -6.05 -137.22
C LEU B 290 -19.11 -6.49 -136.54
N LYS B 291 -18.65 -7.70 -136.87
CA LYS B 291 -17.42 -8.24 -136.31
C LYS B 291 -17.46 -8.27 -134.77
N GLN B 292 -18.64 -8.56 -134.22
CA GLN B 292 -18.82 -8.62 -132.78
C GLN B 292 -19.52 -9.91 -132.36
N PRO B 293 -19.06 -10.53 -131.26
CA PRO B 293 -19.67 -11.76 -130.77
C PRO B 293 -21.09 -11.53 -130.26
N ARG B 294 -21.91 -12.57 -130.30
CA ARG B 294 -23.30 -12.48 -129.84
C ARG B 294 -23.38 -12.00 -128.40
N CYS B 295 -22.24 -12.00 -127.72
CA CYS B 295 -22.18 -11.55 -126.33
C CYS B 295 -22.45 -10.06 -126.25
N PHE B 296 -21.73 -9.27 -127.04
CA PHE B 296 -21.90 -7.82 -127.04
C PHE B 296 -23.09 -7.41 -127.90
N VAL B 297 -23.55 -8.34 -128.73
CA VAL B 297 -24.70 -8.08 -129.59
C VAL B 297 -25.95 -7.87 -128.75
N LEU B 298 -26.30 -8.89 -127.95
CA LEU B 298 -27.48 -8.82 -127.10
C LEU B 298 -27.38 -7.66 -126.12
N MET B 299 -26.17 -7.42 -125.62
CA MET B 299 -25.93 -6.34 -124.68
C MET B 299 -26.39 -5.01 -125.28
N ASP B 300 -25.87 -4.69 -126.46
CA ASP B 300 -26.23 -3.46 -127.15
C ASP B 300 -27.71 -3.48 -127.54
N HIS B 301 -28.23 -4.69 -127.76
CA HIS B 301 -29.63 -4.86 -128.14
C HIS B 301 -30.53 -4.53 -126.96
N ILE B 302 -29.98 -4.68 -125.75
CA ILE B 302 -30.73 -4.41 -124.53
C ILE B 302 -30.63 -2.94 -124.14
N LEU B 303 -29.40 -2.50 -123.83
CA LEU B 303 -29.16 -1.11 -123.42
C LEU B 303 -29.84 -0.12 -124.36
N ASN B 304 -29.78 -0.41 -125.65
CA ASN B 304 -30.39 0.47 -126.65
C ASN B 304 -31.87 0.14 -126.83
N LEU B 305 -32.64 0.33 -125.76
CA LEU B 305 -34.07 0.07 -125.78
C LEU B 305 -34.83 1.16 -125.03
N LYS B 306 -36.15 1.13 -125.14
CA LYS B 306 -36.99 2.12 -124.46
C LYS B 306 -37.58 1.51 -123.20
N ILE B 307 -38.53 0.59 -123.39
CA ILE B 307 -39.19 -0.08 -122.27
C ILE B 307 -39.69 0.94 -121.24
N VAL B 308 -40.87 1.50 -121.48
CA VAL B 308 -41.44 2.48 -120.58
C VAL B 308 -42.31 1.82 -119.52
N HIS B 309 -41.91 1.94 -118.27
CA HIS B 309 -42.66 1.35 -117.16
C HIS B 309 -43.92 2.17 -116.91
N ILE B 310 -45.05 1.48 -116.76
CA ILE B 310 -46.33 2.14 -116.52
C ILE B 310 -47.00 1.61 -115.27
N LEU B 311 -47.24 2.50 -114.32
CA LEU B 311 -47.88 2.14 -113.07
C LEU B 311 -49.38 2.42 -113.13
N ASN B 312 -50.19 1.36 -113.01
CA ASN B 312 -51.64 1.50 -113.06
C ASN B 312 -52.18 1.90 -111.68
N MET B 313 -52.61 3.14 -111.55
CA MET B 313 -53.14 3.64 -110.27
C MET B 313 -54.56 3.15 -110.04
N THR B 314 -54.87 1.95 -110.53
CA THR B 314 -56.20 1.38 -110.37
C THR B 314 -56.08 -0.08 -109.95
N SER B 315 -54.88 -0.63 -110.10
CA SER B 315 -54.61 -2.03 -109.74
C SER B 315 -53.19 -2.22 -109.22
N ALA B 316 -52.52 -1.12 -108.95
CA ALA B 316 -51.15 -1.15 -108.44
C ALA B 316 -50.23 -1.99 -109.31
N LYS B 317 -50.62 -2.17 -110.57
CA LYS B 317 -49.82 -2.94 -111.51
C LYS B 317 -48.75 -2.09 -112.19
N ILE B 318 -47.66 -2.73 -112.60
CA ILE B 318 -46.58 -2.01 -113.27
C ILE B 318 -46.27 -2.68 -114.60
N ILE B 319 -47.14 -2.45 -115.59
CA ILE B 319 -46.95 -3.03 -116.90
C ILE B 319 -45.92 -2.24 -117.71
N SER B 320 -44.98 -2.94 -118.34
CA SER B 320 -43.94 -2.30 -119.14
C SER B 320 -44.22 -2.48 -120.64
N PHE B 321 -43.80 -1.50 -121.43
CA PHE B 321 -44.01 -1.55 -122.87
C PHE B 321 -42.75 -1.13 -123.61
N LEU B 322 -42.14 -2.08 -124.30
CA LEU B 322 -40.93 -1.81 -125.05
C LEU B 322 -41.32 -1.12 -126.36
N LEU B 323 -41.45 0.21 -126.29
CA LEU B 323 -41.85 1.00 -127.44
C LEU B 323 -40.75 1.18 -128.48
N PRO B 324 -41.08 1.08 -129.77
CA PRO B 324 -40.12 1.24 -130.86
C PRO B 324 -39.88 2.71 -131.19
N PRO B 325 -38.78 3.02 -131.89
CA PRO B 325 -38.45 4.40 -132.25
C PRO B 325 -39.32 4.96 -133.38
N ASP B 326 -40.60 4.60 -133.37
CA ASP B 326 -41.51 5.07 -134.39
C ASP B 326 -42.95 5.18 -133.88
N GLU B 327 -43.37 4.17 -133.13
CA GLU B 327 -44.72 4.12 -132.58
C GLU B 327 -45.12 5.41 -131.90
N SER B 328 -46.42 5.72 -131.92
CA SER B 328 -46.94 6.93 -131.30
C SER B 328 -47.69 6.57 -130.03
N LEU B 329 -47.98 7.56 -129.20
CA LEU B 329 -48.69 7.33 -127.96
C LEU B 329 -50.09 6.80 -128.25
N HIS B 330 -50.69 7.31 -129.34
CA HIS B 330 -52.02 6.89 -129.73
C HIS B 330 -51.97 5.45 -130.21
N SER B 331 -50.77 5.00 -130.56
CA SER B 331 -50.56 3.63 -131.01
C SER B 331 -50.26 2.75 -129.80
N LEU B 332 -49.82 3.39 -128.72
CA LEU B 332 -49.49 2.69 -127.49
C LEU B 332 -50.71 2.58 -126.58
N GLN B 333 -51.47 3.67 -126.49
CA GLN B 333 -52.66 3.68 -125.64
C GLN B 333 -53.51 2.45 -125.90
N SER B 334 -53.54 2.02 -127.16
CA SER B 334 -54.32 0.86 -127.54
C SER B 334 -53.70 -0.40 -126.92
N ARG B 335 -52.37 -0.46 -126.95
CA ARG B 335 -51.67 -1.60 -126.39
C ARG B 335 -52.00 -1.75 -124.90
N ILE B 336 -52.01 -0.63 -124.20
CA ILE B 336 -52.30 -0.61 -122.77
C ILE B 336 -53.69 -1.17 -122.51
N GLU B 337 -54.64 -0.79 -123.36
CA GLU B 337 -56.03 -1.24 -123.22
C GLU B 337 -56.13 -2.76 -123.25
N ARG B 338 -55.15 -3.42 -123.84
CA ARG B 338 -55.15 -4.87 -123.92
C ARG B 338 -54.70 -5.53 -122.62
N GLU B 339 -54.05 -4.77 -121.75
CA GLU B 339 -53.58 -5.29 -120.48
C GLU B 339 -54.13 -4.50 -119.30
N THR B 340 -55.18 -3.72 -119.54
CA THR B 340 -55.79 -2.91 -118.49
C THR B 340 -57.31 -2.96 -118.58
N GLY B 341 -57.83 -2.85 -119.80
CA GLY B 341 -59.27 -2.88 -119.98
C GLY B 341 -59.86 -1.48 -119.98
N ILE B 342 -58.99 -0.48 -119.88
CA ILE B 342 -59.42 0.91 -119.87
C ILE B 342 -59.60 1.42 -121.30
N ASN B 343 -60.75 2.06 -121.57
CA ASN B 343 -61.03 2.59 -122.89
C ASN B 343 -59.88 3.45 -123.40
N THR B 344 -59.52 3.26 -124.66
CA THR B 344 -58.43 4.00 -125.27
C THR B 344 -58.64 5.51 -125.13
N GLY B 345 -59.90 5.90 -124.99
CA GLY B 345 -60.22 7.31 -124.84
C GLY B 345 -60.21 7.76 -123.40
N SER B 346 -60.33 6.81 -122.48
CA SER B 346 -60.34 7.10 -121.06
C SER B 346 -59.00 6.78 -120.40
N GLN B 347 -57.95 6.76 -121.21
CA GLN B 347 -56.61 6.47 -120.71
C GLN B 347 -55.80 7.74 -120.50
N GLU B 348 -55.94 8.32 -119.32
CA GLU B 348 -55.21 9.54 -118.99
C GLU B 348 -53.99 9.20 -118.16
N LEU B 349 -52.84 9.08 -118.82
CA LEU B 349 -51.60 8.76 -118.13
C LEU B 349 -50.85 10.00 -117.69
N LEU B 350 -50.59 10.10 -116.38
CA LEU B 350 -49.88 11.24 -115.82
C LEU B 350 -48.46 10.83 -115.42
N SER B 351 -47.49 11.72 -115.66
CA SER B 351 -46.10 11.45 -115.32
C SER B 351 -45.80 12.01 -113.93
N GLU B 352 -44.57 11.79 -113.48
CA GLU B 352 -44.16 12.27 -112.16
C GLU B 352 -44.38 13.77 -112.03
N THR B 353 -44.17 14.49 -113.14
CA THR B 353 -44.34 15.93 -113.17
C THR B 353 -45.81 16.32 -112.96
N GLY B 354 -46.67 15.32 -112.88
CA GLY B 354 -48.09 15.56 -112.69
C GLY B 354 -48.79 15.92 -113.99
N ILE B 355 -48.01 16.30 -114.99
CA ILE B 355 -48.55 16.67 -116.30
C ILE B 355 -49.36 15.52 -116.88
N SER B 356 -50.39 15.86 -117.66
CA SER B 356 -51.24 14.85 -118.29
C SER B 356 -50.46 14.09 -119.35
N LEU B 357 -51.17 13.49 -120.30
CA LEU B 357 -50.53 12.75 -121.37
C LEU B 357 -49.87 13.75 -122.33
N ASP B 358 -49.86 13.44 -123.62
CA ASP B 358 -49.27 14.33 -124.60
C ASP B 358 -49.54 13.86 -126.03
N PRO B 359 -50.78 14.03 -126.51
CA PRO B 359 -51.22 13.63 -127.85
C PRO B 359 -50.40 14.23 -128.99
N ARG B 360 -50.09 15.52 -128.87
CA ARG B 360 -49.31 16.21 -129.89
C ARG B 360 -47.87 15.74 -129.97
N LYS B 361 -47.61 14.52 -129.51
CA LYS B 361 -46.28 13.95 -129.54
C LYS B 361 -46.33 12.43 -129.44
N PRO B 362 -45.62 11.72 -130.33
CA PRO B 362 -45.60 10.26 -130.33
C PRO B 362 -45.05 9.67 -129.02
N ALA B 363 -44.91 8.34 -128.98
CA ALA B 363 -44.40 7.64 -127.81
C ALA B 363 -42.95 8.02 -127.54
N SER B 364 -42.41 8.93 -128.34
CA SER B 364 -41.03 9.38 -128.18
C SER B 364 -40.94 10.46 -127.12
N GLN B 365 -41.67 10.27 -126.03
CA GLN B 365 -41.68 11.22 -124.93
C GLN B 365 -41.53 10.52 -123.59
N CYS B 366 -41.02 9.30 -123.62
CA CYS B 366 -40.84 8.52 -122.40
C CYS B 366 -39.40 8.01 -122.28
N VAL B 367 -38.60 8.29 -123.30
CA VAL B 367 -37.21 7.86 -123.32
C VAL B 367 -36.30 8.96 -122.76
N LEU B 368 -35.35 8.56 -121.93
CA LEU B 368 -34.42 9.50 -121.33
C LEU B 368 -32.98 9.13 -121.67
N ASP B 369 -32.49 9.65 -122.80
CA ASP B 369 -31.13 9.37 -123.24
C ASP B 369 -30.17 10.48 -122.83
N GLY B 370 -30.50 11.18 -121.76
CA GLY B 370 -29.65 12.25 -121.27
C GLY B 370 -28.58 11.72 -120.34
N VAL B 371 -29.01 10.91 -119.38
CA VAL B 371 -28.10 10.30 -118.41
C VAL B 371 -28.29 8.79 -118.43
N ARG B 372 -29.50 8.35 -118.14
CA ARG B 372 -29.82 6.92 -118.13
C ARG B 372 -31.32 6.74 -117.94
N GLY B 373 -31.98 6.16 -118.94
CA GLY B 373 -33.41 5.94 -118.85
C GLY B 373 -33.77 4.48 -118.61
N CYS B 374 -34.20 4.18 -117.40
CA CYS B 374 -34.59 2.82 -117.03
C CYS B 374 -35.02 2.78 -115.56
N ASP B 375 -36.28 2.41 -115.33
CA ASP B 375 -36.83 2.32 -113.99
C ASP B 375 -36.66 3.67 -113.29
N SER B 376 -37.28 4.70 -113.83
CA SER B 376 -37.19 6.04 -113.25
C SER B 376 -38.40 6.90 -113.61
N TYR B 377 -38.49 7.32 -114.87
CA TYR B 377 -39.59 8.16 -115.33
C TYR B 377 -40.86 7.32 -115.52
N MET B 378 -41.13 6.46 -114.55
CA MET B 378 -42.30 5.59 -114.61
C MET B 378 -43.59 6.40 -114.56
N VAL B 379 -44.38 6.32 -115.62
CA VAL B 379 -45.64 7.04 -115.71
C VAL B 379 -46.73 6.34 -114.90
N TYR B 380 -47.77 7.08 -114.56
CA TYR B 380 -48.88 6.57 -113.76
C TYR B 380 -50.19 6.62 -114.54
N LEU B 381 -50.72 5.46 -114.88
CA LEU B 381 -51.97 5.37 -115.62
C LEU B 381 -53.20 5.63 -114.75
N PHE B 382 -54.02 6.58 -115.18
CA PHE B 382 -55.22 6.94 -114.45
C PHE B 382 -56.46 6.73 -115.33
N ASP B 383 -57.50 6.13 -114.73
CA ASP B 383 -58.74 5.87 -115.43
C ASP B 383 -59.69 7.05 -115.29
N LYS B 384 -60.36 7.40 -116.37
CA LYS B 384 -61.29 8.51 -116.37
C LYS B 384 -62.68 8.11 -115.88
N SER B 385 -63.17 6.96 -116.36
CA SER B 385 -64.49 6.47 -115.98
C SER B 385 -64.58 6.24 -114.48
N LYS B 386 -63.69 5.40 -113.96
CA LYS B 386 -63.68 5.09 -112.53
C LYS B 386 -63.47 6.33 -111.69
N THR B 387 -64.53 6.77 -111.02
CA THR B 387 -64.46 7.95 -110.16
C THR B 387 -63.62 7.62 -108.92
N VAL B 388 -63.73 6.37 -108.47
CA VAL B 388 -62.98 5.91 -107.30
C VAL B 388 -62.47 4.49 -107.55
N TYR B 389 -61.16 4.32 -107.50
CA TYR B 389 -60.55 3.01 -107.72
C TYR B 389 -60.82 2.08 -106.56
N GLU B 390 -61.71 1.11 -106.76
CA GLU B 390 -62.05 0.14 -105.73
C GLU B 390 -60.79 -0.35 -105.03
N GLY B 391 -59.77 -0.64 -105.82
CA GLY B 391 -58.52 -1.13 -105.27
C GLY B 391 -58.25 -2.59 -105.59
N PRO B 392 -58.44 -3.02 -106.84
CA PRO B 392 -58.20 -4.43 -107.21
C PRO B 392 -56.73 -4.82 -107.05
N PHE B 393 -55.93 -3.89 -106.52
CA PHE B 393 -54.51 -4.11 -106.31
C PHE B 393 -54.23 -5.39 -105.54
N ALA B 394 -52.99 -5.84 -105.58
CA ALA B 394 -52.58 -7.06 -104.89
C ALA B 394 -51.09 -7.02 -104.56
N SER B 395 -50.76 -7.45 -103.34
CA SER B 395 -49.38 -7.48 -102.88
C SER B 395 -48.64 -8.68 -103.48
N ARG B 396 -47.42 -8.92 -103.04
CA ARG B 396 -46.63 -10.05 -103.53
C ARG B 396 -46.45 -11.08 -102.44
N SER B 397 -46.34 -12.34 -102.82
CA SER B 397 -46.17 -13.44 -101.87
C SER B 397 -44.74 -13.53 -101.36
N LEU B 398 -44.58 -14.20 -100.22
CA LEU B 398 -43.26 -14.38 -99.62
C LEU B 398 -42.66 -15.71 -100.06
N SER B 399 -43.41 -16.46 -100.85
CA SER B 399 -42.97 -17.76 -101.34
C SER B 399 -42.76 -18.75 -100.20
N ASP B 400 -42.66 -20.02 -100.53
CA ASP B 400 -42.45 -21.07 -99.54
C ASP B 400 -41.14 -20.89 -98.79
N CYS B 401 -40.26 -20.06 -99.36
CA CYS B 401 -38.96 -19.78 -98.76
C CYS B 401 -39.08 -18.98 -97.46
N VAL B 402 -39.99 -18.02 -97.45
CA VAL B 402 -40.20 -17.17 -96.29
C VAL B 402 -41.41 -17.63 -95.46
N ASN B 403 -42.25 -18.47 -96.05
CA ASN B 403 -43.43 -18.97 -95.35
C ASN B 403 -43.06 -19.68 -94.04
N TYR B 404 -41.93 -20.39 -94.03
CA TYR B 404 -41.47 -21.10 -92.84
C TYR B 404 -41.23 -20.11 -91.71
N ILE B 405 -40.66 -18.96 -92.07
CA ILE B 405 -40.34 -17.91 -91.10
C ILE B 405 -41.61 -17.31 -90.46
N VAL B 406 -42.70 -17.30 -91.23
CA VAL B 406 -43.96 -16.75 -90.76
C VAL B 406 -44.90 -17.80 -90.18
N GLN B 407 -44.99 -18.95 -90.84
CA GLN B 407 -45.87 -20.02 -90.40
C GLN B 407 -45.30 -20.76 -89.19
N ASP B 408 -44.04 -21.17 -89.28
CA ASP B 408 -43.37 -21.90 -88.20
C ASP B 408 -42.89 -20.93 -87.11
N SER B 409 -42.69 -19.67 -87.50
CA SER B 409 -42.23 -18.63 -86.57
C SER B 409 -40.91 -19.03 -85.92
N LYS B 410 -41.01 -19.69 -84.76
CA LYS B 410 -39.83 -20.14 -84.04
C LYS B 410 -39.32 -21.48 -84.57
N ILE B 411 -38.37 -21.43 -85.48
CA ILE B 411 -37.80 -22.64 -86.06
C ILE B 411 -36.29 -22.52 -86.15
N GLN B 412 -35.59 -23.61 -85.87
CA GLN B 412 -34.13 -23.64 -85.95
C GLN B 412 -33.66 -24.14 -87.31
N LEU B 413 -33.48 -23.21 -88.25
CA LEU B 413 -33.06 -23.55 -89.60
C LEU B 413 -31.59 -23.19 -89.83
N PRO B 414 -30.86 -24.02 -90.57
CA PRO B 414 -29.43 -23.78 -90.86
C PRO B 414 -29.20 -22.42 -91.49
N ILE B 415 -28.22 -21.69 -90.96
CA ILE B 415 -27.89 -20.36 -91.48
C ILE B 415 -27.58 -20.40 -92.96
N ILE B 416 -27.04 -21.53 -93.43
CA ILE B 416 -26.70 -21.70 -94.84
C ILE B 416 -27.94 -21.46 -95.69
N GLN B 417 -29.11 -21.60 -95.07
CA GLN B 417 -30.38 -21.38 -95.74
C GLN B 417 -30.99 -20.06 -95.28
N LEU B 418 -30.67 -19.68 -94.04
CA LEU B 418 -31.18 -18.44 -93.46
C LEU B 418 -30.67 -17.23 -94.24
N ARG B 419 -29.45 -17.32 -94.75
CA ARG B 419 -28.85 -16.24 -95.51
C ARG B 419 -29.68 -15.89 -96.74
N LYS B 420 -30.68 -16.73 -97.03
CA LYS B 420 -31.57 -16.50 -98.17
C LYS B 420 -32.99 -16.20 -97.71
N VAL B 421 -33.57 -17.08 -96.89
CA VAL B 421 -34.93 -16.88 -96.39
C VAL B 421 -35.05 -15.54 -95.66
N TRP B 422 -33.95 -15.13 -95.01
CA TRP B 422 -33.92 -13.86 -94.30
C TRP B 422 -33.71 -12.75 -95.31
N ALA B 423 -32.79 -12.96 -96.25
CA ALA B 423 -32.49 -11.98 -97.29
C ALA B 423 -33.76 -11.60 -98.05
N GLU B 424 -34.45 -12.60 -98.59
CA GLU B 424 -35.70 -12.38 -99.33
C GLU B 424 -36.74 -11.72 -98.43
N ALA B 425 -36.76 -12.11 -97.16
CA ALA B 425 -37.70 -11.55 -96.19
C ALA B 425 -37.45 -10.06 -96.06
N VAL B 426 -36.17 -9.70 -95.96
CA VAL B 426 -35.79 -8.30 -95.84
C VAL B 426 -36.16 -7.54 -97.12
N HIS B 427 -35.96 -8.18 -98.26
CA HIS B 427 -36.26 -7.57 -99.55
C HIS B 427 -37.76 -7.36 -99.66
N TYR B 428 -38.53 -8.29 -99.10
CA TYR B 428 -39.98 -8.19 -99.13
C TYR B 428 -40.41 -7.02 -98.24
N VAL B 429 -39.80 -6.92 -97.06
CA VAL B 429 -40.09 -5.85 -96.12
C VAL B 429 -39.90 -4.50 -96.79
N SER B 430 -38.68 -4.24 -97.24
CA SER B 430 -38.36 -2.98 -97.92
C SER B 430 -39.17 -2.87 -99.20
N GLY B 431 -39.55 -4.02 -99.74
CA GLY B 431 -40.33 -4.06 -100.96
C GLY B 431 -41.64 -3.30 -100.79
N LEU B 432 -42.43 -3.70 -99.79
CA LEU B 432 -43.71 -3.05 -99.53
C LEU B 432 -43.50 -1.56 -99.32
N LYS B 433 -42.42 -1.20 -98.62
CA LYS B 433 -42.09 0.19 -98.35
C LYS B 433 -41.85 0.95 -99.64
N GLU B 434 -40.82 0.55 -100.38
CA GLU B 434 -40.50 1.20 -101.64
C GLU B 434 -41.69 1.14 -102.60
N ASP B 435 -42.51 0.12 -102.46
CA ASP B 435 -43.69 -0.06 -103.31
C ASP B 435 -44.74 0.99 -102.93
N TYR B 436 -44.77 1.36 -101.66
CA TYR B 436 -45.72 2.35 -101.16
C TYR B 436 -45.38 3.72 -101.74
N SER B 437 -44.09 4.01 -101.86
CA SER B 437 -43.64 5.28 -102.41
C SER B 437 -44.17 5.48 -103.83
N ARG B 438 -44.12 4.42 -104.62
CA ARG B 438 -44.59 4.47 -105.99
C ARG B 438 -46.05 4.87 -106.01
N LEU B 439 -46.83 4.22 -105.15
CA LEU B 439 -48.26 4.50 -105.06
C LEU B 439 -48.49 5.92 -104.57
N PHE B 440 -47.73 6.33 -103.56
CA PHE B 440 -47.84 7.67 -103.01
C PHE B 440 -47.62 8.74 -104.08
N GLN B 441 -46.58 8.55 -104.88
CA GLN B 441 -46.27 9.50 -105.95
C GLN B 441 -47.45 9.67 -106.89
N GLY B 442 -48.22 8.61 -107.08
CA GLY B 442 -49.38 8.67 -107.94
C GLY B 442 -50.33 9.74 -107.45
N GLN B 443 -50.54 9.78 -106.13
CA GLN B 443 -51.42 10.76 -105.50
C GLN B 443 -50.83 12.16 -105.69
N ARG B 444 -49.51 12.25 -105.53
CA ARG B 444 -48.82 13.52 -105.69
C ARG B 444 -48.99 14.03 -107.12
N ALA B 445 -48.88 13.13 -108.09
CA ALA B 445 -49.04 13.50 -109.49
C ALA B 445 -50.48 13.89 -109.77
N ALA B 446 -51.41 13.10 -109.26
CA ALA B 446 -52.83 13.37 -109.44
C ALA B 446 -53.19 14.70 -108.78
N MET B 447 -52.51 15.02 -107.68
CA MET B 447 -52.74 16.26 -106.95
C MET B 447 -52.41 17.43 -107.87
N LEU B 448 -51.28 17.34 -108.55
CA LEU B 448 -50.85 18.39 -109.47
C LEU B 448 -51.87 18.60 -110.56
N SER B 449 -52.43 17.50 -111.06
CA SER B 449 -53.43 17.57 -112.12
C SER B 449 -54.65 18.34 -111.62
N LEU B 450 -55.05 18.06 -110.39
CA LEU B 450 -56.20 18.73 -109.79
C LEU B 450 -55.87 20.20 -109.54
N LEU B 451 -54.66 20.45 -109.08
CA LEU B 451 -54.21 21.81 -108.81
C LEU B 451 -54.17 22.63 -110.10
N ARG B 452 -53.85 21.95 -111.20
CA ARG B 452 -53.78 22.61 -112.50
C ARG B 452 -55.18 22.87 -113.05
N TYR B 453 -56.07 21.89 -112.87
CA TYR B 453 -57.44 22.04 -113.34
C TYR B 453 -58.12 23.19 -112.60
N ASN B 454 -57.85 23.30 -111.29
CA ASN B 454 -58.43 24.36 -110.48
C ASN B 454 -58.01 25.71 -111.02
N ALA B 455 -56.72 25.84 -111.35
CA ALA B 455 -56.19 27.08 -111.89
C ALA B 455 -56.82 27.37 -113.25
N ASN B 456 -56.88 26.34 -114.09
CA ASN B 456 -57.47 26.48 -115.42
C ASN B 456 -58.93 26.94 -115.33
N LEU B 457 -59.67 26.35 -114.39
CA LEU B 457 -61.08 26.69 -114.20
C LEU B 457 -61.22 28.13 -113.71
N THR B 458 -60.41 28.48 -112.72
CA THR B 458 -60.45 29.81 -112.15
C THR B 458 -60.00 30.88 -113.14
N LYS B 459 -59.02 30.56 -113.97
CA LYS B 459 -58.52 31.51 -114.96
C LYS B 459 -59.65 32.05 -115.83
N MET B 460 -60.66 31.21 -116.07
CA MET B 460 -61.80 31.62 -116.87
C MET B 460 -62.79 32.40 -116.02
N LYS B 461 -62.78 32.15 -114.72
CA LYS B 461 -63.66 32.85 -113.80
C LYS B 461 -63.32 34.35 -113.80
N ASN B 462 -62.02 34.64 -113.72
CA ASN B 462 -61.53 36.01 -113.71
C ASN B 462 -61.90 36.72 -115.01
N THR B 463 -61.99 35.94 -116.09
CA THR B 463 -62.34 36.48 -117.40
C THR B 463 -63.85 36.43 -117.61
N LEU B 464 -64.51 35.58 -116.83
CA LEU B 464 -65.96 35.42 -116.93
C LEU B 464 -66.63 36.62 -116.27
N ILE B 465 -66.21 36.93 -115.05
CA ILE B 465 -66.76 38.07 -114.31
C ILE B 465 -66.33 39.35 -115.02
N SER B 466 -65.14 39.31 -115.63
CA SER B 466 -64.60 40.46 -116.35
C SER B 466 -65.39 40.69 -117.62
N ALA B 467 -65.82 39.59 -118.24
CA ALA B 467 -66.62 39.66 -119.46
C ALA B 467 -68.02 40.16 -119.15
N SER B 468 -68.54 39.78 -117.98
CA SER B 468 -69.87 40.20 -117.56
C SER B 468 -69.87 41.69 -117.22
N GLN B 469 -68.78 42.15 -116.61
CA GLN B 469 -68.65 43.56 -116.24
C GLN B 469 -68.83 44.45 -117.48
N GLN B 470 -68.53 43.88 -118.64
CA GLN B 470 -68.68 44.61 -119.89
C GLN B 470 -70.16 44.66 -120.23
N LEU B 471 -70.85 43.55 -120.00
CA LEU B 471 -72.28 43.45 -120.28
C LEU B 471 -73.05 44.47 -119.45
N LYS B 472 -72.85 44.43 -118.13
CA LYS B 472 -73.52 45.35 -117.23
C LYS B 472 -73.15 46.80 -117.57
N ALA B 473 -71.89 47.01 -117.97
CA ALA B 473 -71.40 48.34 -118.33
C ALA B 473 -72.08 48.86 -119.60
N LYS B 474 -72.36 47.93 -120.52
CA LYS B 474 -73.02 48.28 -121.76
C LYS B 474 -74.53 48.44 -121.57
N LEU B 475 -75.12 47.60 -120.71
CA LEU B 475 -76.55 47.67 -120.42
C LEU B 475 -76.90 49.06 -119.90
N GLU B 476 -76.03 49.59 -119.05
CA GLU B 476 -76.23 50.91 -118.48
C GLU B 476 -76.09 51.98 -119.56
N PHE B 477 -75.09 51.82 -120.42
CA PHE B 477 -74.84 52.77 -121.49
C PHE B 477 -75.82 52.50 -122.63
N PHE B 478 -76.82 51.66 -122.34
CA PHE B 478 -77.85 51.32 -123.31
C PHE B 478 -79.22 51.71 -122.76
N HIS B 479 -79.43 51.47 -121.47
CA HIS B 479 -80.69 51.80 -120.82
C HIS B 479 -80.90 53.31 -120.73
N LYS B 480 -79.80 54.06 -120.76
CA LYS B 480 -79.87 55.51 -120.68
C LYS B 480 -79.77 56.10 -122.08
N SER B 481 -79.75 55.23 -123.07
CA SER B 481 -79.68 55.64 -124.47
C SER B 481 -80.95 55.23 -125.22
N ILE B 482 -81.58 54.16 -124.77
CA ILE B 482 -82.80 53.66 -125.39
C ILE B 482 -84.00 54.50 -124.99
N GLN B 483 -84.07 54.85 -123.71
CA GLN B 483 -85.17 55.66 -123.20
C GLN B 483 -84.86 57.15 -123.40
N LEU B 484 -83.59 57.43 -123.69
CA LEU B 484 -83.13 58.80 -123.93
C LEU B 484 -83.81 59.34 -125.18
N ASP B 485 -84.24 58.43 -126.04
CA ASP B 485 -84.91 58.80 -127.28
C ASP B 485 -86.42 58.91 -127.06
N LEU B 486 -86.93 58.14 -126.09
CA LEU B 486 -88.35 58.15 -125.78
C LEU B 486 -88.82 59.50 -125.27
N GLU B 487 -87.99 60.14 -124.44
CA GLU B 487 -88.32 61.44 -123.90
C GLU B 487 -88.24 62.53 -124.97
N ARG B 488 -87.26 62.40 -125.87
CA ARG B 488 -87.06 63.36 -126.95
C ARG B 488 -88.10 63.14 -128.04
N TYR B 489 -88.81 62.02 -127.95
CA TYR B 489 -89.85 61.67 -128.93
C TYR B 489 -91.24 62.11 -128.46
N SER B 490 -91.57 61.78 -127.22
CA SER B 490 -92.86 62.13 -126.65
C SER B 490 -93.14 63.62 -126.68
N GLU B 491 -92.08 64.43 -126.76
CA GLU B 491 -92.24 65.88 -126.80
C GLU B 491 -92.25 66.43 -128.21
N GLN B 492 -92.40 65.55 -129.19
CA GLN B 492 -92.42 65.97 -130.59
C GLN B 492 -93.33 65.10 -131.46
N MET B 493 -94.27 64.40 -130.81
CA MET B 493 -95.18 63.52 -131.55
C MET B 493 -96.20 64.33 -132.35
N THR B 494 -96.02 65.64 -132.39
CA THR B 494 -96.91 66.53 -133.13
C THR B 494 -96.15 67.72 -133.70
N TYR B 495 -94.88 67.86 -133.31
CA TYR B 495 -94.04 68.95 -133.79
C TYR B 495 -93.01 68.44 -134.80
N GLY B 496 -92.24 67.43 -134.39
CA GLY B 496 -91.23 66.87 -135.25
C GLY B 496 -91.75 65.69 -136.07
N ILE B 497 -91.35 64.49 -135.69
CA ILE B 497 -91.78 63.27 -136.38
C ILE B 497 -92.87 62.56 -135.60
N SER B 498 -93.80 61.94 -136.33
CA SER B 498 -94.90 61.21 -135.70
C SER B 498 -95.16 59.89 -136.44
N SER B 499 -94.36 58.88 -136.11
CA SER B 499 -94.50 57.56 -136.72
C SER B 499 -95.34 56.63 -135.86
N GLU B 500 -95.33 55.34 -136.19
CA GLU B 500 -96.10 54.36 -135.43
C GLU B 500 -95.53 52.96 -135.63
N LYS B 501 -94.83 52.75 -136.75
CA LYS B 501 -94.24 51.45 -137.03
C LYS B 501 -93.05 51.17 -136.11
N MET B 502 -92.33 52.22 -135.73
CA MET B 502 -91.18 52.07 -134.85
C MET B 502 -91.58 52.28 -133.39
N LEU B 503 -92.87 52.51 -133.17
CA LEU B 503 -93.39 52.71 -131.82
C LEU B 503 -93.14 51.43 -131.01
N LYS B 504 -93.19 50.30 -131.68
CA LYS B 504 -92.97 49.01 -131.02
C LYS B 504 -91.57 48.50 -131.33
N ALA B 505 -91.05 48.85 -132.50
CA ALA B 505 -89.72 48.42 -132.92
C ALA B 505 -88.68 48.80 -131.87
N TRP B 506 -88.76 50.03 -131.36
CA TRP B 506 -87.84 50.52 -130.35
C TRP B 506 -88.21 50.00 -128.97
N LYS B 507 -89.51 49.92 -128.71
CA LYS B 507 -90.01 49.46 -127.42
C LYS B 507 -89.53 48.05 -127.06
N GLU B 508 -89.09 47.31 -128.07
CA GLU B 508 -88.59 45.95 -127.86
C GLU B 508 -87.16 45.91 -127.32
N MET B 509 -86.29 46.74 -127.90
CA MET B 509 -84.89 46.81 -127.48
C MET B 509 -84.76 46.96 -125.97
N GLU B 510 -85.58 47.82 -125.40
CA GLU B 510 -85.56 48.08 -123.96
C GLU B 510 -85.86 46.81 -123.16
N GLU B 511 -86.86 46.05 -123.59
CA GLU B 511 -87.26 44.82 -122.91
C GLU B 511 -86.26 43.68 -123.15
N LYS B 512 -85.51 43.78 -124.24
CA LYS B 512 -84.52 42.76 -124.58
C LYS B 512 -83.36 42.75 -123.59
N ALA B 513 -82.83 43.93 -123.27
CA ALA B 513 -81.71 44.04 -122.33
C ALA B 513 -82.13 43.61 -120.94
N ILE B 514 -83.44 43.64 -120.68
CA ILE B 514 -83.97 43.26 -119.38
C ILE B 514 -83.79 41.77 -119.14
N HIS B 515 -84.36 40.95 -120.01
CA HIS B 515 -84.27 39.51 -119.88
C HIS B 515 -82.81 39.05 -119.87
N TYR B 516 -81.92 39.92 -120.29
CA TYR B 516 -80.49 39.62 -120.32
C TYR B 516 -79.92 39.57 -118.90
N ALA B 517 -78.84 40.32 -118.68
CA ALA B 517 -78.18 40.38 -117.39
C ALA B 517 -77.68 39.01 -116.93
N GLU B 518 -76.42 38.72 -117.23
CA GLU B 518 -75.80 37.46 -116.84
C GLU B 518 -74.65 37.71 -115.88
N VAL B 519 -74.42 38.98 -115.55
CA VAL B 519 -73.35 39.37 -114.63
C VAL B 519 -73.62 38.81 -113.24
N GLY B 520 -74.90 38.73 -112.88
CA GLY B 520 -75.27 38.21 -111.57
C GLY B 520 -75.50 36.71 -111.60
N VAL B 521 -75.84 36.18 -112.78
CA VAL B 521 -76.08 34.76 -112.95
C VAL B 521 -74.80 33.98 -112.64
N ILE B 522 -73.68 34.71 -112.57
CA ILE B 522 -72.39 34.10 -112.28
C ILE B 522 -72.38 33.59 -110.85
N GLY B 523 -73.39 33.98 -110.07
CA GLY B 523 -73.49 33.54 -108.69
C GLY B 523 -73.43 32.04 -108.54
N TYR B 524 -74.21 31.32 -109.34
CA TYR B 524 -74.24 29.86 -109.29
C TYR B 524 -72.85 29.32 -109.58
N LEU B 525 -71.97 30.18 -110.10
CA LEU B 525 -70.61 29.78 -110.45
C LEU B 525 -69.58 30.31 -109.46
N GLU B 526 -69.56 31.63 -109.27
CA GLU B 526 -68.61 32.27 -108.36
C GLU B 526 -68.51 31.56 -107.02
N ASP B 527 -69.60 31.56 -106.27
CA ASP B 527 -69.62 30.93 -104.95
C ASP B 527 -69.56 29.40 -105.02
N GLN B 528 -69.48 28.87 -106.24
CA GLN B 528 -69.41 27.42 -106.41
C GLN B 528 -68.01 26.99 -106.86
N ILE B 529 -67.33 27.87 -107.60
CA ILE B 529 -65.98 27.58 -108.08
C ILE B 529 -65.00 27.82 -106.93
N MET B 530 -65.37 28.73 -106.04
CA MET B 530 -64.55 29.05 -104.88
C MET B 530 -64.77 28.03 -103.78
N SER B 531 -66.01 27.53 -103.67
CA SER B 531 -66.34 26.53 -102.67
C SER B 531 -65.55 25.27 -102.99
N LEU B 532 -65.16 25.15 -104.26
CA LEU B 532 -64.38 24.01 -104.72
C LEU B 532 -62.90 24.39 -104.71
N HIS B 533 -62.62 25.62 -105.13
CA HIS B 533 -61.25 26.12 -105.15
C HIS B 533 -60.60 25.99 -103.77
N ALA B 534 -61.22 26.60 -102.77
CA ALA B 534 -60.71 26.53 -101.41
C ALA B 534 -60.73 25.09 -100.91
N GLU B 535 -61.74 24.34 -101.33
CA GLU B 535 -61.89 22.95 -100.94
C GLU B 535 -60.66 22.15 -101.34
N ILE B 536 -60.21 22.35 -102.57
CA ILE B 536 -59.04 21.64 -103.10
C ILE B 536 -57.80 21.98 -102.27
N MET B 537 -57.56 23.27 -102.04
CA MET B 537 -56.42 23.68 -101.26
C MET B 537 -56.60 23.30 -99.80
N GLU B 538 -57.86 23.05 -99.42
CA GLU B 538 -58.18 22.64 -98.06
C GLU B 538 -57.81 21.18 -97.92
N LEU B 539 -57.91 20.44 -99.02
CA LEU B 539 -57.55 19.04 -99.03
C LEU B 539 -56.11 18.93 -99.53
N GLN B 540 -55.45 20.07 -99.63
CA GLN B 540 -54.07 20.14 -100.07
C GLN B 540 -53.15 20.12 -98.86
N LYS B 541 -53.72 20.41 -97.69
CA LYS B 541 -52.96 20.43 -96.45
C LYS B 541 -53.19 19.17 -95.64
N SER B 542 -54.32 18.51 -95.87
CA SER B 542 -54.68 17.28 -95.18
C SER B 542 -53.56 16.24 -95.31
N PRO B 543 -53.64 15.15 -94.52
CA PRO B 543 -52.62 14.10 -94.57
C PRO B 543 -52.63 13.29 -95.87
N TYR B 544 -51.61 13.46 -96.69
CA TYR B 544 -51.51 12.75 -97.95
C TYR B 544 -51.61 11.24 -97.73
N GLY B 545 -50.48 10.63 -97.39
CA GLY B 545 -50.44 9.20 -97.16
C GLY B 545 -49.06 8.76 -96.73
N ARG B 546 -48.03 9.34 -97.38
CA ARG B 546 -46.65 9.03 -97.06
C ARG B 546 -46.33 9.55 -95.66
N ARG B 547 -47.27 10.30 -95.10
CA ARG B 547 -47.16 10.88 -93.76
C ARG B 547 -46.80 9.76 -92.78
N GLN B 548 -47.35 8.58 -93.02
CA GLN B 548 -47.10 7.42 -92.19
C GLN B 548 -46.13 6.46 -92.87
N GLY B 549 -45.70 6.83 -94.07
CA GLY B 549 -44.75 5.99 -94.81
C GLY B 549 -43.45 5.85 -94.05
N ASP B 550 -43.11 6.88 -93.29
CA ASP B 550 -41.88 6.88 -92.50
C ASP B 550 -41.96 5.78 -91.43
N LEU B 551 -43.13 5.65 -90.82
CA LEU B 551 -43.36 4.65 -89.78
C LEU B 551 -43.01 3.27 -90.33
N MET B 552 -43.26 3.08 -91.62
CA MET B 552 -42.97 1.83 -92.29
C MET B 552 -41.49 1.73 -92.58
N GLU B 553 -40.89 2.85 -92.97
CA GLU B 553 -39.46 2.89 -93.28
C GLU B 553 -38.67 2.46 -92.04
N SER B 554 -39.27 2.67 -90.88
CA SER B 554 -38.65 2.30 -89.61
C SER B 554 -38.56 0.77 -89.54
N LEU B 555 -39.65 0.12 -89.98
CA LEU B 555 -39.71 -1.34 -89.99
C LEU B 555 -38.61 -1.87 -90.90
N GLU B 556 -38.36 -1.14 -91.98
CA GLU B 556 -37.34 -1.52 -92.96
C GLU B 556 -35.99 -1.62 -92.26
N GLN B 557 -35.60 -0.55 -91.58
CA GLN B 557 -34.32 -0.51 -90.87
C GLN B 557 -34.22 -1.67 -89.90
N ARG B 558 -35.36 -2.07 -89.32
CA ARG B 558 -35.39 -3.18 -88.38
C ARG B 558 -34.89 -4.46 -89.03
N ALA B 559 -35.56 -4.86 -90.11
CA ALA B 559 -35.22 -6.06 -90.83
C ALA B 559 -33.74 -6.04 -91.22
N ILE B 560 -33.27 -4.89 -91.69
CA ILE B 560 -31.87 -4.72 -92.08
C ILE B 560 -30.94 -5.08 -90.93
N ASP B 561 -31.30 -4.63 -89.73
CA ASP B 561 -30.51 -4.90 -88.54
C ASP B 561 -30.43 -6.40 -88.26
N LEU B 562 -31.52 -7.11 -88.53
CA LEU B 562 -31.55 -8.54 -88.32
C LEU B 562 -30.66 -9.28 -89.33
N TYR B 563 -30.79 -8.92 -90.60
CA TYR B 563 -29.98 -9.55 -91.65
C TYR B 563 -28.51 -9.19 -91.41
N LYS B 564 -28.30 -8.05 -90.75
CA LYS B 564 -26.96 -7.56 -90.42
C LYS B 564 -26.37 -8.43 -89.31
N GLN B 565 -27.20 -8.76 -88.33
CA GLN B 565 -26.75 -9.60 -87.22
C GLN B 565 -26.84 -11.07 -87.61
N LEU B 566 -26.96 -11.33 -88.91
CA LEU B 566 -27.04 -12.69 -89.43
C LEU B 566 -25.71 -13.10 -90.05
N LYS B 567 -24.95 -12.11 -90.50
CA LYS B 567 -23.65 -12.36 -91.12
C LYS B 567 -22.52 -11.87 -90.23
N HIS B 568 -22.66 -10.65 -89.72
CA HIS B 568 -21.64 -10.06 -88.86
C HIS B 568 -21.64 -10.64 -87.45
N ARG B 569 -22.63 -11.47 -87.15
CA ARG B 569 -22.72 -12.09 -85.83
C ARG B 569 -21.54 -13.04 -85.65
N PRO B 570 -21.13 -13.29 -84.39
CA PRO B 570 -20.01 -14.18 -84.06
C PRO B 570 -20.06 -15.53 -84.78
N SER B 571 -19.65 -15.54 -86.04
CA SER B 571 -19.62 -16.76 -86.85
C SER B 571 -21.01 -17.40 -87.00
N ASP B 572 -21.09 -18.37 -87.91
CA ASP B 572 -22.35 -19.07 -88.16
C ASP B 572 -22.11 -20.51 -88.61
N HIS B 573 -22.51 -20.82 -89.84
CA HIS B 573 -22.36 -22.16 -90.40
C HIS B 573 -23.19 -23.21 -89.65
N SER B 574 -23.85 -22.79 -88.58
CA SER B 574 -24.67 -23.70 -87.80
C SER B 574 -25.74 -22.93 -87.03
N TYR B 575 -25.70 -21.60 -87.13
CA TYR B 575 -26.66 -20.74 -86.45
C TYR B 575 -28.09 -21.19 -86.76
N SER B 576 -28.83 -21.56 -85.72
CA SER B 576 -30.20 -22.01 -85.89
C SER B 576 -31.20 -21.14 -85.14
N ASP B 577 -31.96 -20.36 -85.89
CA ASP B 577 -32.96 -19.48 -85.30
C ASP B 577 -33.69 -18.72 -86.41
N SER B 578 -34.90 -18.22 -86.12
CA SER B 578 -35.67 -17.49 -87.12
C SER B 578 -36.90 -16.81 -86.55
N THR B 579 -37.25 -17.15 -85.31
CA THR B 579 -38.42 -16.58 -84.65
C THR B 579 -38.40 -15.04 -84.56
N GLU B 580 -37.20 -14.48 -84.39
CA GLU B 580 -37.05 -13.03 -84.28
C GLU B 580 -37.53 -12.29 -85.53
N MET B 581 -37.11 -12.77 -86.69
CA MET B 581 -37.49 -12.15 -87.96
C MET B 581 -39.00 -11.99 -88.06
N VAL B 582 -39.75 -12.97 -87.53
CA VAL B 582 -41.21 -12.93 -87.54
C VAL B 582 -41.73 -11.56 -87.13
N LYS B 583 -41.02 -10.96 -86.17
CA LYS B 583 -41.35 -9.65 -85.65
C LYS B 583 -41.54 -8.64 -86.79
N ILE B 584 -40.42 -8.17 -87.34
CA ILE B 584 -40.43 -7.21 -88.43
C ILE B 584 -41.38 -7.60 -89.54
N ILE B 585 -41.44 -8.91 -89.86
CA ILE B 585 -42.30 -9.42 -90.91
C ILE B 585 -43.77 -9.06 -90.73
N VAL B 586 -44.35 -9.53 -89.62
CA VAL B 586 -45.76 -9.26 -89.33
C VAL B 586 -46.12 -7.78 -89.28
N HIS B 587 -45.30 -7.00 -88.58
CA HIS B 587 -45.54 -5.56 -88.43
C HIS B 587 -45.64 -4.83 -89.76
N THR B 588 -44.69 -5.08 -90.65
CA THR B 588 -44.68 -4.43 -91.96
C THR B 588 -45.95 -4.72 -92.75
N VAL B 589 -46.46 -5.94 -92.62
CA VAL B 589 -47.67 -6.34 -93.31
C VAL B 589 -48.85 -5.49 -92.85
N GLN B 590 -49.04 -5.45 -91.53
CA GLN B 590 -50.13 -4.67 -90.93
C GLN B 590 -50.06 -3.20 -91.34
N SER B 591 -48.89 -2.60 -91.17
CA SER B 591 -48.68 -1.21 -91.53
C SER B 591 -48.95 -0.96 -93.01
N GLN B 592 -48.54 -1.90 -93.85
CA GLN B 592 -48.74 -1.81 -95.30
C GLN B 592 -50.21 -1.62 -95.64
N ASP B 593 -51.01 -2.67 -95.48
CA ASP B 593 -52.43 -2.63 -95.77
C ASP B 593 -53.21 -1.49 -95.11
N ARG B 594 -52.68 -0.97 -94.00
CA ARG B 594 -53.36 0.12 -93.30
C ARG B 594 -53.27 1.42 -94.10
N VAL B 595 -52.05 1.90 -94.29
CA VAL B 595 -51.82 3.14 -95.03
C VAL B 595 -52.04 2.95 -96.53
N LEU B 596 -52.01 1.70 -96.96
CA LEU B 596 -52.21 1.39 -98.38
C LEU B 596 -53.59 1.86 -98.82
N LYS B 597 -54.64 1.18 -98.35
CA LYS B 597 -56.00 1.55 -98.71
C LYS B 597 -56.33 2.94 -98.16
N GLU B 598 -55.55 3.37 -97.18
CA GLU B 598 -55.74 4.69 -96.58
C GLU B 598 -55.33 5.75 -97.60
N LEU B 599 -54.25 5.48 -98.33
CA LEU B 599 -53.75 6.40 -99.34
C LEU B 599 -54.80 6.59 -100.44
N PHE B 600 -55.41 5.48 -100.85
CA PHE B 600 -56.44 5.52 -101.87
C PHE B 600 -57.61 6.37 -101.41
N GLY B 601 -57.87 6.34 -100.10
CA GLY B 601 -58.97 7.12 -99.55
C GLY B 601 -58.73 8.60 -99.76
N HIS B 602 -57.57 9.07 -99.31
CA HIS B 602 -57.21 10.48 -99.45
C HIS B 602 -57.00 10.83 -100.92
N LEU B 603 -57.10 9.83 -101.79
CA LEU B 603 -56.96 10.01 -103.22
C LEU B 603 -58.33 10.12 -103.89
N SER B 604 -59.28 9.36 -103.36
CA SER B 604 -60.65 9.36 -103.88
C SER B 604 -61.20 10.79 -103.96
N LYS B 605 -60.86 11.59 -102.96
CA LYS B 605 -61.31 12.98 -102.89
C LYS B 605 -60.61 13.80 -103.98
N LEU B 606 -59.30 13.62 -104.08
CA LEU B 606 -58.50 14.34 -105.05
C LEU B 606 -58.94 14.00 -106.47
N LEU B 607 -59.08 12.70 -106.72
CA LEU B 607 -59.50 12.22 -108.03
C LEU B 607 -60.93 12.65 -108.33
N GLY B 608 -61.73 12.82 -107.28
CA GLY B 608 -63.11 13.23 -107.45
C GLY B 608 -63.28 14.70 -107.80
N CYS B 609 -62.42 15.54 -107.24
CA CYS B 609 -62.49 16.98 -107.49
C CYS B 609 -62.18 17.33 -108.94
N LYS B 610 -61.40 16.51 -109.61
CA LYS B 610 -61.06 16.74 -111.00
C LYS B 610 -62.31 16.75 -111.88
N GLN B 611 -63.09 15.67 -111.82
CA GLN B 611 -64.32 15.58 -112.60
C GLN B 611 -65.27 16.71 -112.25
N LYS B 612 -65.18 17.21 -111.02
CA LYS B 612 -66.02 18.31 -110.56
C LYS B 612 -65.60 19.59 -111.26
N ILE B 613 -64.30 19.72 -111.53
CA ILE B 613 -63.76 20.88 -112.21
C ILE B 613 -64.05 20.77 -113.71
N ILE B 614 -63.88 19.55 -114.23
CA ILE B 614 -64.11 19.29 -115.64
C ILE B 614 -65.60 19.33 -115.95
N ASP B 615 -66.42 19.18 -114.92
CA ASP B 615 -67.88 19.20 -115.08
C ASP B 615 -68.37 20.65 -115.13
N LEU B 616 -67.63 21.54 -114.50
CA LEU B 616 -67.97 22.96 -114.47
C LEU B 616 -67.25 23.66 -115.61
N LEU B 617 -66.26 22.97 -116.17
CA LEU B 617 -65.46 23.52 -117.28
C LEU B 617 -66.37 23.95 -118.44
N PRO B 618 -67.31 23.08 -118.86
CA PRO B 618 -68.21 23.41 -119.97
C PRO B 618 -69.17 24.53 -119.61
N LYS B 619 -69.55 24.60 -118.34
CA LYS B 619 -70.48 25.62 -117.86
C LYS B 619 -69.84 27.00 -118.01
N VAL B 620 -68.51 27.04 -118.10
CA VAL B 620 -67.78 28.29 -118.25
C VAL B 620 -68.02 28.83 -119.65
N GLU B 621 -67.83 27.98 -120.66
CA GLU B 621 -68.05 28.39 -122.04
C GLU B 621 -69.49 28.90 -122.21
N VAL B 622 -70.42 28.29 -121.45
CA VAL B 622 -71.84 28.67 -121.48
C VAL B 622 -71.97 30.14 -121.08
N ALA B 623 -71.35 30.49 -119.96
CA ALA B 623 -71.40 31.85 -119.47
C ALA B 623 -70.77 32.80 -120.48
N LEU B 624 -69.58 32.44 -120.96
CA LEU B 624 -68.87 33.25 -121.95
C LEU B 624 -69.73 33.50 -123.17
N SER B 625 -70.21 32.43 -123.78
CA SER B 625 -71.05 32.52 -124.96
C SER B 625 -72.29 33.37 -124.72
N ASN B 626 -72.94 33.16 -123.57
CA ASN B 626 -74.15 33.90 -123.24
C ASN B 626 -73.86 35.38 -123.01
N ILE B 627 -72.79 35.66 -122.27
CA ILE B 627 -72.40 37.04 -121.99
C ILE B 627 -71.94 37.73 -123.26
N LYS B 628 -71.22 37.00 -124.11
CA LYS B 628 -70.72 37.54 -125.37
C LYS B 628 -71.84 37.65 -126.38
N GLU B 629 -72.90 36.87 -126.17
CA GLU B 629 -74.06 36.89 -127.06
C GLU B 629 -74.72 38.26 -126.98
N ALA B 630 -75.02 38.69 -125.75
CA ALA B 630 -75.64 39.99 -125.54
C ALA B 630 -74.61 41.08 -125.80
N ASP B 631 -73.35 40.79 -125.47
CA ASP B 631 -72.26 41.73 -125.68
C ASP B 631 -72.17 42.12 -127.15
N ASN B 632 -72.61 41.22 -128.02
CA ASN B 632 -72.58 41.45 -129.45
C ASN B 632 -73.89 42.05 -129.93
N THR B 633 -75.00 41.50 -129.45
CA THR B 633 -76.32 42.00 -129.85
C THR B 633 -76.48 43.47 -129.47
N VAL B 634 -76.41 43.74 -128.18
CA VAL B 634 -76.55 45.11 -127.70
C VAL B 634 -75.55 46.03 -128.39
N MET B 635 -74.39 45.48 -128.75
CA MET B 635 -73.35 46.26 -129.42
C MET B 635 -73.86 46.80 -130.75
N PHE B 636 -74.33 45.90 -131.61
CA PHE B 636 -74.85 46.30 -132.92
C PHE B 636 -76.25 46.91 -132.82
N MET B 637 -76.77 47.00 -131.61
CA MET B 637 -78.08 47.60 -131.38
C MET B 637 -77.94 49.11 -131.47
N GLN B 638 -76.70 49.57 -131.57
CA GLN B 638 -76.38 50.99 -131.67
C GLN B 638 -76.96 51.58 -132.96
N GLY B 639 -77.04 50.75 -133.99
CA GLY B 639 -77.59 51.19 -135.25
C GLY B 639 -79.10 51.35 -135.19
N LYS B 640 -79.76 50.42 -134.50
CA LYS B 640 -81.20 50.44 -134.38
C LYS B 640 -81.61 51.55 -133.40
N ARG B 641 -80.61 52.21 -132.83
CA ARG B 641 -80.86 53.28 -131.88
C ARG B 641 -80.30 54.61 -132.38
N GLN B 642 -79.39 54.53 -133.36
CA GLN B 642 -78.79 55.72 -133.95
C GLN B 642 -79.11 55.80 -135.44
N LYS B 643 -78.66 54.80 -136.18
CA LYS B 643 -78.88 54.75 -137.61
C LYS B 643 -80.37 54.88 -137.96
N GLU B 644 -81.24 54.45 -137.05
CA GLU B 644 -82.68 54.53 -137.29
C GLU B 644 -83.18 55.97 -137.17
N ILE B 645 -82.29 56.86 -136.75
CA ILE B 645 -82.64 58.27 -136.62
C ILE B 645 -82.32 59.00 -137.92
N TRP B 646 -81.23 58.59 -138.56
CA TRP B 646 -80.80 59.18 -139.81
C TRP B 646 -81.71 58.72 -140.95
N HIS B 647 -82.15 57.47 -140.86
CA HIS B 647 -83.03 56.89 -141.87
C HIS B 647 -84.38 57.60 -141.75
N LEU B 648 -84.69 58.04 -140.53
CA LEU B 648 -85.93 58.74 -140.24
C LEU B 648 -85.57 60.21 -139.99
N LEU B 649 -84.83 60.79 -140.94
CA LEU B 649 -84.39 62.18 -140.84
C LEU B 649 -84.75 63.00 -142.07
N LYS B 650 -84.65 62.37 -143.24
CA LYS B 650 -84.96 63.05 -144.50
C LYS B 650 -86.47 63.14 -144.76
N ILE B 651 -87.28 62.97 -143.73
CA ILE B 651 -88.73 63.04 -143.86
C ILE B 651 -89.17 64.38 -144.42
N ALA B 652 -88.38 65.42 -144.11
CA ALA B 652 -88.69 66.77 -144.58
C ALA B 652 -87.46 67.41 -145.24
N CYS B 653 -86.39 66.64 -145.37
CA CYS B 653 -85.17 67.12 -145.99
C CYS B 653 -85.32 67.16 -147.51
N THR B 654 -86.55 66.99 -147.97
CA THR B 654 -86.84 67.01 -149.40
C THR B 654 -88.19 67.70 -149.69
N GLN B 655 -88.61 68.58 -148.79
CA GLN B 655 -89.86 69.31 -148.97
C GLN B 655 -89.62 70.63 -149.69
N ASP C 1 -4.51 4.00 -28.12
CA ASP C 1 -3.43 2.97 -27.97
C ASP C 1 -2.50 3.30 -26.81
N PRO C 2 -2.54 2.50 -25.74
CA PRO C 2 -1.69 2.72 -24.57
C PRO C 2 -0.22 2.42 -24.86
N GLU C 3 0.34 1.43 -24.16
CA GLU C 3 1.73 1.03 -24.35
C GLU C 3 1.88 -0.47 -24.15
N PHE C 4 2.17 -0.88 -22.91
CA PHE C 4 2.35 -2.29 -22.59
C PHE C 4 3.41 -2.93 -23.48
N GLY C 5 4.61 -2.34 -23.45
CA GLY C 5 5.70 -2.87 -24.26
C GLY C 5 6.31 -4.11 -23.65
N ALA C 6 5.47 -4.98 -23.09
CA ALA C 6 5.93 -6.20 -22.48
C ALA C 6 5.33 -7.42 -23.18
N GLY C 7 6.05 -7.97 -24.15
CA GLY C 7 5.57 -9.12 -24.89
C GLY C 7 4.18 -8.90 -25.44
N GLY C 8 3.34 -9.92 -25.29
CA GLY C 8 1.98 -9.81 -25.78
C GLY C 8 1.00 -10.78 -25.13
N PRO C 9 1.03 -10.93 -23.79
CA PRO C 9 0.10 -11.85 -23.11
C PRO C 9 -1.35 -11.55 -23.51
N TRP C 10 -1.91 -10.50 -22.93
CA TRP C 10 -3.28 -10.08 -23.24
C TRP C 10 -3.28 -9.34 -24.58
N GLU C 11 -4.37 -8.63 -24.87
CA GLU C 11 -4.49 -7.88 -26.12
C GLU C 11 -5.82 -7.14 -26.16
N MET C 12 -5.78 -5.84 -26.35
CA MET C 12 -6.99 -5.03 -26.39
C MET C 12 -7.69 -5.06 -27.74
N ARG C 13 -9.01 -5.12 -27.72
CA ARG C 13 -9.82 -5.16 -28.93
C ARG C 13 -10.15 -3.74 -29.36
N GLU C 14 -11.12 -3.14 -28.68
CA GLU C 14 -11.55 -1.79 -28.98
C GLU C 14 -11.56 -0.94 -27.71
N ARG C 15 -11.53 0.37 -27.88
CA ARG C 15 -11.56 1.28 -26.73
C ARG C 15 -12.99 1.40 -26.20
N LEU C 16 -13.23 2.39 -25.35
CA LEU C 16 -14.55 2.62 -24.79
C LEU C 16 -15.01 4.06 -24.96
N GLY C 17 -16.12 4.41 -24.31
CA GLY C 17 -16.65 5.76 -24.41
C GLY C 17 -15.85 6.81 -23.68
N THR C 18 -16.53 7.60 -22.84
CA THR C 18 -15.90 8.67 -22.07
C THR C 18 -14.77 8.17 -21.18
N GLY C 19 -14.14 9.09 -20.47
CA GLY C 19 -13.06 8.73 -19.57
C GLY C 19 -11.89 9.71 -19.67
N GLY C 20 -11.40 9.90 -20.88
CA GLY C 20 -10.28 10.80 -21.11
C GLY C 20 -9.36 10.34 -22.22
N PHE C 21 -8.21 11.00 -22.33
CA PHE C 21 -7.23 10.65 -23.35
C PHE C 21 -6.92 9.16 -23.32
N GLY C 22 -7.46 8.44 -24.29
CA GLY C 22 -7.24 7.00 -24.35
C GLY C 22 -7.63 6.32 -23.06
N ASN C 23 -8.91 6.41 -22.71
CA ASN C 23 -9.43 5.81 -21.49
C ASN C 23 -9.40 4.29 -21.53
N VAL C 24 -10.38 3.67 -20.88
CA VAL C 24 -10.47 2.21 -20.82
C VAL C 24 -10.49 1.58 -22.21
N CYS C 25 -9.99 0.35 -22.30
CA CYS C 25 -9.95 -0.40 -23.55
C CYS C 25 -10.34 -1.86 -23.31
N LEU C 26 -11.09 -2.43 -24.24
CA LEU C 26 -11.53 -3.81 -24.13
C LEU C 26 -10.32 -4.73 -24.19
N TYR C 27 -9.83 -5.14 -23.02
CA TYR C 27 -8.67 -6.02 -22.95
C TYR C 27 -9.04 -7.50 -22.87
N GLN C 28 -8.79 -8.22 -23.95
CA GLN C 28 -9.07 -9.65 -24.02
C GLN C 28 -7.77 -10.43 -24.01
N HIS C 29 -7.80 -11.63 -23.47
CA HIS C 29 -6.59 -12.45 -23.41
C HIS C 29 -6.59 -13.47 -24.55
N ARG C 30 -5.69 -13.27 -25.52
CA ARG C 30 -5.57 -14.16 -26.67
C ARG C 30 -5.44 -15.62 -26.22
N GLU C 31 -4.80 -15.82 -25.08
CA GLU C 31 -4.58 -17.15 -24.54
C GLU C 31 -5.79 -17.64 -23.74
N LEU C 32 -6.09 -16.96 -22.64
CA LEU C 32 -7.23 -17.32 -21.80
C LEU C 32 -8.56 -16.90 -22.42
N ASP C 33 -9.57 -16.70 -21.57
CA ASP C 33 -10.89 -16.30 -22.02
C ASP C 33 -11.37 -15.01 -21.35
N LEU C 34 -10.54 -14.46 -20.46
CA LEU C 34 -10.89 -13.23 -19.77
C LEU C 34 -10.80 -12.02 -20.68
N LYS C 35 -11.83 -11.18 -20.65
CA LYS C 35 -11.87 -10.00 -21.49
C LYS C 35 -12.11 -8.74 -20.66
N ILE C 36 -11.73 -8.78 -19.39
CA ILE C 36 -11.90 -7.63 -18.51
C ILE C 36 -11.15 -6.42 -19.05
N ALA C 37 -11.84 -5.27 -19.07
CA ALA C 37 -11.26 -4.04 -19.58
C ALA C 37 -10.59 -3.25 -18.46
N ILE C 38 -9.51 -2.56 -18.81
CA ILE C 38 -8.76 -1.74 -17.86
C ILE C 38 -8.61 -0.32 -18.41
N LYS C 39 -8.60 0.67 -17.52
CA LYS C 39 -8.46 2.05 -17.93
C LYS C 39 -7.01 2.45 -18.14
N SER C 40 -6.75 3.19 -19.21
CA SER C 40 -5.40 3.64 -19.51
C SER C 40 -5.26 5.11 -19.13
N CYS C 41 -4.14 5.43 -18.48
CA CYS C 41 -3.87 6.80 -18.05
C CYS C 41 -3.62 7.74 -19.22
N ARG C 42 -4.03 8.99 -19.08
CA ARG C 42 -3.83 9.96 -20.15
C ARG C 42 -2.33 10.20 -20.32
N LEU C 43 -1.99 11.33 -20.92
CA LEU C 43 -0.59 11.69 -21.13
C LEU C 43 0.10 11.95 -19.79
N GLU C 44 0.83 13.07 -19.70
CA GLU C 44 1.52 13.40 -18.46
C GLU C 44 0.59 14.08 -17.45
N LEU C 45 -0.13 13.26 -16.69
CA LEU C 45 -1.05 13.78 -15.70
C LEU C 45 -0.32 14.70 -14.74
N SER C 46 -0.92 15.86 -14.47
CA SER C 46 -0.31 16.82 -13.56
C SER C 46 -0.03 16.20 -12.21
N THR C 47 0.99 16.72 -11.51
CA THR C 47 1.38 16.22 -10.20
C THR C 47 0.19 16.25 -9.25
N LYS C 48 -0.57 17.34 -9.30
CA LYS C 48 -1.74 17.50 -8.45
C LYS C 48 -2.87 16.57 -8.88
N ASN C 49 -2.93 16.29 -10.18
CA ASN C 49 -3.96 15.42 -10.73
C ASN C 49 -3.62 13.95 -10.45
N ARG C 50 -2.35 13.69 -10.15
CA ARG C 50 -1.90 12.34 -9.87
C ARG C 50 -2.67 11.71 -8.71
N GLU C 51 -2.99 12.52 -7.71
CA GLU C 51 -3.71 12.04 -6.54
C GLU C 51 -5.17 11.75 -6.87
N ARG C 52 -5.65 12.36 -7.95
CA ARG C 52 -7.02 12.16 -8.37
C ARG C 52 -7.22 10.77 -8.94
N TRP C 53 -6.26 10.32 -9.76
CA TRP C 53 -6.32 9.01 -10.38
C TRP C 53 -6.19 7.90 -9.35
N CYS C 54 -5.19 8.02 -8.48
CA CYS C 54 -4.97 7.03 -7.44
C CYS C 54 -6.17 7.02 -6.51
N HIS C 55 -6.97 8.08 -6.56
CA HIS C 55 -8.15 8.21 -5.72
C HIS C 55 -9.30 7.38 -6.27
N GLU C 56 -9.51 7.47 -7.57
CA GLU C 56 -10.59 6.74 -8.21
C GLU C 56 -10.46 5.24 -7.95
N ILE C 57 -9.29 4.70 -8.24
CA ILE C 57 -9.05 3.27 -8.05
C ILE C 57 -9.31 2.88 -6.59
N GLN C 58 -9.08 3.84 -5.70
CA GLN C 58 -9.27 3.60 -4.28
C GLN C 58 -10.73 3.29 -3.98
N ILE C 59 -11.59 4.29 -4.17
CA ILE C 59 -13.01 4.13 -3.92
C ILE C 59 -13.65 3.11 -4.84
N MET C 60 -13.05 2.91 -6.01
CA MET C 60 -13.58 1.95 -6.96
C MET C 60 -13.53 0.52 -6.42
N LYS C 61 -12.44 0.21 -5.72
CA LYS C 61 -12.28 -1.12 -5.15
C LYS C 61 -13.19 -1.27 -3.93
N LYS C 62 -13.72 -0.15 -3.45
CA LYS C 62 -14.62 -0.14 -2.31
C LYS C 62 -16.01 -0.59 -2.75
N LEU C 63 -16.31 -0.38 -4.02
CA LEU C 63 -17.60 -0.74 -4.59
C LEU C 63 -17.63 -2.19 -5.05
N ASN C 64 -18.65 -2.92 -4.61
CA ASN C 64 -18.82 -4.33 -4.99
C ASN C 64 -20.30 -4.69 -5.17
N HIS C 65 -21.06 -3.76 -5.72
CA HIS C 65 -22.48 -3.96 -5.96
C HIS C 65 -22.70 -4.56 -7.35
N ALA C 66 -23.84 -5.22 -7.54
CA ALA C 66 -24.16 -5.84 -8.82
C ALA C 66 -24.53 -4.82 -9.88
N ASN C 67 -25.16 -3.72 -9.46
CA ASN C 67 -25.57 -2.69 -10.39
C ASN C 67 -24.53 -1.58 -10.50
N VAL C 68 -23.28 -1.99 -10.75
CA VAL C 68 -22.18 -1.05 -10.89
C VAL C 68 -20.93 -1.82 -11.30
N VAL C 69 -19.95 -1.11 -11.86
CA VAL C 69 -18.70 -1.74 -12.29
C VAL C 69 -17.86 -2.11 -11.07
N LYS C 70 -17.16 -3.23 -11.16
CA LYS C 70 -16.31 -3.70 -10.08
C LYS C 70 -14.84 -3.64 -10.48
N ALA C 71 -14.07 -2.86 -9.73
CA ALA C 71 -12.64 -2.71 -10.00
C ALA C 71 -11.92 -4.05 -9.82
N CYS C 72 -11.47 -4.64 -10.92
CA CYS C 72 -10.77 -5.91 -10.88
C CYS C 72 -9.28 -5.67 -10.63
N ASP C 73 -8.55 -6.74 -10.37
CA ASP C 73 -7.11 -6.64 -10.12
C ASP C 73 -6.34 -6.57 -11.43
N VAL C 74 -5.34 -5.70 -11.47
CA VAL C 74 -4.52 -5.54 -12.67
C VAL C 74 -3.87 -6.87 -13.01
N PRO C 75 -3.98 -7.28 -14.29
CA PRO C 75 -3.40 -8.56 -14.76
C PRO C 75 -1.89 -8.67 -14.63
N GLU C 76 -1.31 -9.52 -15.46
CA GLU C 76 0.13 -9.78 -15.48
C GLU C 76 0.97 -8.52 -15.35
N GLU C 77 1.00 -7.72 -16.41
CA GLU C 77 1.77 -6.49 -16.42
C GLU C 77 1.00 -5.32 -15.82
N LEU C 78 1.71 -4.50 -15.03
CA LEU C 78 1.11 -3.35 -14.37
C LEU C 78 1.67 -2.04 -14.90
N ASN C 79 2.93 -1.76 -14.55
CA ASN C 79 3.60 -0.53 -14.98
C ASN C 79 2.82 0.69 -14.54
N ILE C 80 2.75 1.68 -15.43
CA ILE C 80 2.03 2.93 -15.15
C ILE C 80 1.58 3.59 -16.44
N LEU C 81 1.81 2.91 -17.56
CA LEU C 81 1.44 3.43 -18.86
C LEU C 81 1.96 4.85 -19.01
N ILE C 82 1.30 5.66 -19.85
CA ILE C 82 1.74 7.03 -20.05
C ILE C 82 1.73 7.79 -18.73
N HIS C 83 2.91 8.26 -18.33
CA HIS C 83 3.10 9.01 -17.08
C HIS C 83 2.95 8.11 -15.85
N ASP C 84 3.52 8.56 -14.73
CA ASP C 84 3.48 7.81 -13.48
C ASP C 84 2.09 7.71 -12.88
N VAL C 85 1.37 6.64 -13.24
CA VAL C 85 0.02 6.40 -12.72
C VAL C 85 -0.42 4.96 -12.98
N PRO C 86 -0.95 4.29 -11.95
CA PRO C 86 -1.40 2.90 -12.03
C PRO C 86 -2.57 2.72 -13.01
N LEU C 87 -3.20 1.54 -12.98
CA LEU C 87 -4.31 1.26 -13.88
C LEU C 87 -5.62 1.01 -13.13
N LEU C 88 -6.68 0.79 -13.89
CA LEU C 88 -7.98 0.53 -13.30
C LEU C 88 -8.69 -0.61 -14.02
N ALA C 89 -8.53 -1.83 -13.49
CA ALA C 89 -9.16 -3.01 -14.08
C ALA C 89 -10.61 -3.09 -13.62
N MET C 90 -11.47 -3.63 -14.47
CA MET C 90 -12.90 -3.74 -14.15
C MET C 90 -13.64 -4.68 -15.08
N GLU C 91 -14.78 -5.18 -14.61
CA GLU C 91 -15.60 -6.11 -15.39
C GLU C 91 -16.06 -5.49 -16.69
N TYR C 92 -16.12 -6.31 -17.74
CA TYR C 92 -16.55 -5.84 -19.05
C TYR C 92 -17.96 -6.31 -19.37
N CYS C 93 -18.68 -5.51 -20.13
CA CYS C 93 -20.05 -5.84 -20.53
C CYS C 93 -20.27 -5.54 -22.01
N SER C 94 -20.55 -6.59 -22.78
CA SER C 94 -20.76 -6.44 -24.21
C SER C 94 -22.16 -5.91 -24.52
N GLY C 95 -22.99 -5.79 -23.49
CA GLY C 95 -24.34 -5.31 -23.67
C GLY C 95 -24.39 -3.87 -24.13
N GLY C 96 -23.22 -3.27 -24.31
CA GLY C 96 -23.15 -1.88 -24.75
C GLY C 96 -23.75 -0.93 -23.73
N ASP C 97 -23.61 0.36 -23.99
CA ASP C 97 -24.15 1.39 -23.10
C ASP C 97 -25.67 1.46 -23.18
N LEU C 98 -26.26 2.34 -22.40
CA LEU C 98 -27.71 2.50 -22.39
C LEU C 98 -28.17 3.24 -23.62
N ARG C 99 -27.32 4.15 -24.11
CA ARG C 99 -27.64 4.94 -25.29
C ARG C 99 -27.97 4.04 -26.48
N LYS C 100 -27.45 2.82 -26.45
CA LYS C 100 -27.71 1.86 -27.51
C LYS C 100 -29.19 1.50 -27.51
N LEU C 101 -29.66 0.98 -26.38
CA LEU C 101 -31.06 0.58 -26.22
C LEU C 101 -31.99 1.76 -26.45
N LEU C 102 -31.51 2.96 -26.14
CA LEU C 102 -32.31 4.15 -26.31
C LEU C 102 -32.45 4.55 -27.79
N ASN C 103 -31.36 4.44 -28.54
CA ASN C 103 -31.38 4.80 -29.95
C ASN C 103 -32.06 3.76 -30.83
N LYS C 104 -32.34 2.59 -30.25
CA LYS C 104 -32.99 1.52 -31.00
C LYS C 104 -34.32 2.00 -31.57
N PRO C 105 -34.49 1.91 -32.88
CA PRO C 105 -35.72 2.33 -33.55
C PRO C 105 -36.94 1.67 -32.94
N GLU C 106 -36.80 0.40 -32.55
CA GLU C 106 -37.91 -0.34 -31.94
C GLU C 106 -38.41 0.38 -30.69
N ASN C 107 -37.50 1.07 -30.03
CA ASN C 107 -37.83 1.81 -28.82
C ASN C 107 -37.61 3.29 -29.08
N CYS C 108 -38.01 3.74 -30.27
CA CYS C 108 -37.83 5.14 -30.63
C CYS C 108 -38.89 6.02 -29.99
N CYS C 109 -39.95 5.39 -29.49
CA CYS C 109 -41.03 6.13 -28.83
C CYS C 109 -41.10 5.82 -27.35
N GLY C 110 -40.14 5.05 -26.87
CA GLY C 110 -40.10 4.71 -25.47
C GLY C 110 -39.90 3.23 -25.24
N LEU C 111 -38.90 2.89 -24.44
CA LEU C 111 -38.60 1.49 -24.13
C LEU C 111 -39.83 0.79 -23.59
N LYS C 112 -39.89 -0.52 -23.75
CA LYS C 112 -41.04 -1.29 -23.30
C LYS C 112 -41.06 -1.37 -21.78
N GLU C 113 -42.26 -1.49 -21.23
CA GLU C 113 -42.47 -1.55 -19.78
C GLU C 113 -41.47 -2.43 -19.06
N SER C 114 -41.16 -3.59 -19.65
CA SER C 114 -40.20 -4.52 -19.06
C SER C 114 -38.85 -3.85 -18.81
N GLN C 115 -38.23 -3.38 -19.90
CA GLN C 115 -36.94 -2.73 -19.82
C GLN C 115 -36.98 -1.51 -18.89
N ILE C 116 -38.05 -0.74 -18.98
CA ILE C 116 -38.22 0.46 -18.16
C ILE C 116 -38.02 0.16 -16.68
N LEU C 117 -38.97 -0.56 -16.09
CA LEU C 117 -38.91 -0.92 -14.68
C LEU C 117 -37.63 -1.70 -14.37
N SER C 118 -37.14 -2.46 -15.34
CA SER C 118 -35.93 -3.24 -15.17
C SER C 118 -34.72 -2.33 -14.98
N LEU C 119 -34.90 -1.04 -15.23
CA LEU C 119 -33.82 -0.07 -15.09
C LEU C 119 -33.89 0.59 -13.72
N LEU C 120 -35.11 0.72 -13.20
CA LEU C 120 -35.32 1.31 -11.89
C LEU C 120 -34.80 0.37 -10.80
N SER C 121 -35.20 -0.89 -10.89
CA SER C 121 -34.79 -1.90 -9.93
C SER C 121 -33.28 -2.12 -9.99
N ASP C 122 -32.68 -1.71 -11.10
CA ASP C 122 -31.25 -1.85 -11.27
C ASP C 122 -30.51 -0.58 -10.89
N ILE C 123 -30.60 0.45 -11.73
CA ILE C 123 -29.93 1.71 -11.46
C ILE C 123 -30.38 2.31 -10.14
N GLY C 124 -31.64 2.10 -9.80
CA GLY C 124 -32.16 2.62 -8.55
C GLY C 124 -31.48 1.99 -7.35
N SER C 125 -31.07 0.74 -7.49
CA SER C 125 -30.41 0.03 -6.40
C SER C 125 -28.94 0.42 -6.33
N GLY C 126 -28.30 0.47 -7.50
CA GLY C 126 -26.90 0.83 -7.56
C GLY C 126 -26.67 2.28 -7.14
N ILE C 127 -27.53 3.16 -7.60
CA ILE C 127 -27.43 4.58 -7.28
C ILE C 127 -27.58 4.77 -5.78
N ARG C 128 -28.32 3.86 -5.16
CA ARG C 128 -28.56 3.91 -3.73
C ARG C 128 -27.31 3.40 -3.01
N TYR C 129 -26.73 2.34 -3.54
CA TYR C 129 -25.54 1.73 -2.95
C TYR C 129 -24.43 2.75 -2.82
N LEU C 130 -24.19 3.48 -3.90
CA LEU C 130 -23.15 4.50 -3.91
C LEU C 130 -23.39 5.51 -2.79
N HIS C 131 -24.66 5.75 -2.49
CA HIS C 131 -25.02 6.69 -1.43
C HIS C 131 -24.79 6.08 -0.05
N GLU C 132 -24.57 4.77 -0.02
CA GLU C 132 -24.34 4.07 1.24
C GLU C 132 -22.85 3.97 1.51
N ASN C 133 -22.07 4.72 0.73
CA ASN C 133 -20.61 4.75 0.88
C ASN C 133 -20.13 6.18 0.74
N LYS C 134 -21.05 7.12 0.93
CA LYS C 134 -20.75 8.55 0.81
C LYS C 134 -20.17 8.89 -0.55
N ILE C 135 -20.42 8.03 -1.52
CA ILE C 135 -19.94 8.23 -2.89
C ILE C 135 -21.10 8.75 -3.74
N ILE C 136 -20.98 9.98 -4.21
CA ILE C 136 -22.01 10.58 -5.03
C ILE C 136 -21.56 10.81 -6.47
N HIS C 137 -22.25 10.16 -7.40
CA HIS C 137 -21.94 10.27 -8.82
C HIS C 137 -23.01 11.13 -9.49
N ARG C 138 -22.69 12.40 -9.68
CA ARG C 138 -23.65 13.33 -10.30
C ARG C 138 -23.70 13.23 -11.82
N ASP C 139 -22.57 12.88 -12.43
CA ASP C 139 -22.50 12.77 -13.87
C ASP C 139 -23.18 11.49 -14.34
N LEU C 140 -24.30 11.14 -13.72
CA LEU C 140 -25.06 9.95 -14.08
C LEU C 140 -25.80 10.12 -15.38
N LYS C 141 -25.06 10.13 -16.49
CA LYS C 141 -25.65 10.29 -17.81
C LYS C 141 -25.79 8.94 -18.50
N PRO C 142 -26.81 8.79 -19.36
CA PRO C 142 -27.07 7.56 -20.09
C PRO C 142 -25.83 6.89 -20.67
N GLU C 143 -24.91 7.68 -21.20
CA GLU C 143 -23.68 7.13 -21.78
C GLU C 143 -22.72 6.61 -20.73
N ASN C 144 -23.25 6.38 -19.53
CA ASN C 144 -22.45 5.86 -18.42
C ASN C 144 -23.15 4.69 -17.74
N ILE C 145 -24.10 4.07 -18.44
CA ILE C 145 -24.82 2.94 -17.90
C ILE C 145 -24.68 1.74 -18.82
N VAL C 146 -23.68 0.90 -18.56
CA VAL C 146 -23.43 -0.27 -19.37
C VAL C 146 -24.47 -1.36 -19.13
N LEU C 147 -24.62 -2.24 -20.11
CA LEU C 147 -25.56 -3.35 -20.02
C LEU C 147 -24.84 -4.69 -20.19
N GLN C 148 -25.42 -5.74 -19.62
CA GLN C 148 -24.84 -7.08 -19.71
C GLN C 148 -25.93 -8.14 -19.68
N ASP C 149 -25.71 -9.22 -20.44
CA ASP C 149 -26.67 -10.32 -20.50
C ASP C 149 -26.32 -11.37 -19.45
N VAL C 150 -26.26 -10.94 -18.20
CA VAL C 150 -25.94 -11.84 -17.10
C VAL C 150 -26.98 -12.95 -17.00
N GLY C 151 -26.67 -14.09 -17.60
CA GLY C 151 -27.59 -15.22 -17.55
C GLY C 151 -28.57 -15.19 -18.72
N GLY C 152 -29.58 -14.33 -18.61
CA GLY C 152 -30.57 -14.23 -19.67
C GLY C 152 -31.20 -12.86 -19.77
N LYS C 153 -31.39 -12.21 -18.62
CA LYS C 153 -31.99 -10.88 -18.59
C LYS C 153 -30.92 -9.80 -18.66
N ILE C 154 -31.33 -8.61 -19.09
CA ILE C 154 -30.42 -7.49 -19.20
C ILE C 154 -30.15 -6.88 -17.83
N ILE C 155 -28.88 -6.70 -17.51
CA ILE C 155 -28.48 -6.13 -16.23
C ILE C 155 -27.81 -4.78 -16.40
N HIS C 156 -28.50 -3.73 -15.94
CA HIS C 156 -27.98 -2.37 -16.03
C HIS C 156 -26.97 -2.14 -14.91
N LYS C 157 -25.89 -1.44 -15.24
CA LYS C 157 -24.85 -1.16 -14.26
C LYS C 157 -24.24 0.22 -14.46
N ILE C 158 -24.10 0.97 -13.37
CA ILE C 158 -23.51 2.30 -13.41
C ILE C 158 -22.01 2.09 -13.64
N ILE C 159 -21.32 3.10 -14.18
CA ILE C 159 -19.89 2.97 -14.44
C ILE C 159 -19.17 4.30 -14.54
N ASP C 160 -17.85 4.27 -14.33
CA ASP C 160 -17.02 5.46 -14.38
C ASP C 160 -17.38 6.46 -13.30
N LEU C 161 -16.43 6.71 -12.39
CA LEU C 161 -16.66 7.64 -11.31
C LEU C 161 -15.57 8.68 -11.26
N GLY C 162 -14.78 8.74 -12.32
CA GLY C 162 -13.69 9.71 -12.37
C GLY C 162 -14.16 11.14 -12.33
N TYR C 163 -15.47 11.34 -12.40
CA TYR C 163 -16.05 12.67 -12.36
C TYR C 163 -16.74 12.92 -11.04
N ALA C 164 -17.54 11.95 -10.61
CA ALA C 164 -18.30 12.03 -9.36
C ALA C 164 -17.53 12.70 -8.24
N LYS C 165 -18.25 13.41 -7.38
CA LYS C 165 -17.65 14.10 -6.25
C LYS C 165 -17.59 13.17 -5.06
N ASP C 166 -16.96 13.61 -3.99
CA ASP C 166 -16.84 12.78 -2.79
C ASP C 166 -16.54 13.64 -1.57
N VAL C 167 -17.04 13.21 -0.41
CA VAL C 167 -16.84 13.94 0.84
C VAL C 167 -15.92 13.20 1.83
N ASP C 168 -15.24 12.17 1.35
CA ASP C 168 -14.33 11.41 2.21
C ASP C 168 -12.98 11.18 1.53
N GLN C 169 -11.92 11.23 2.31
CA GLN C 169 -10.57 11.02 1.80
C GLN C 169 -10.24 11.97 0.66
N GLY C 170 -10.66 11.61 -0.55
CA GLY C 170 -10.40 12.44 -1.72
C GLY C 170 -11.55 13.40 -1.98
N GLU C 171 -11.26 14.69 -1.99
CA GLU C 171 -12.27 15.72 -2.21
C GLU C 171 -12.48 16.00 -3.69
N LEU C 172 -13.33 15.19 -4.32
CA LEU C 172 -13.64 15.32 -5.74
C LEU C 172 -12.47 15.02 -6.66
N CYS C 173 -12.71 15.15 -7.97
CA CYS C 173 -11.69 14.88 -8.97
C CYS C 173 -11.75 15.97 -10.04
N THR C 174 -12.44 15.67 -11.14
CA THR C 174 -12.58 16.63 -12.25
C THR C 174 -13.90 17.37 -12.13
N GLU C 175 -13.84 18.71 -12.21
CA GLU C 175 -15.03 19.54 -12.11
C GLU C 175 -15.94 19.35 -13.31
N PHE C 176 -15.89 20.30 -14.24
CA PHE C 176 -16.72 20.23 -15.43
C PHE C 176 -16.50 18.93 -16.20
N VAL C 177 -17.51 18.56 -16.99
CA VAL C 177 -17.47 17.35 -17.80
C VAL C 177 -17.47 17.71 -19.30
N GLY C 178 -18.29 17.02 -20.08
CA GLY C 178 -18.36 17.31 -21.50
C GLY C 178 -19.71 16.89 -22.07
N THR C 179 -20.25 17.70 -22.97
CA THR C 179 -21.53 17.42 -23.60
C THR C 179 -22.59 17.12 -22.55
N LEU C 180 -22.76 18.08 -21.64
CA LEU C 180 -23.72 17.92 -20.56
C LEU C 180 -25.13 18.14 -21.07
N GLN C 181 -26.09 17.62 -20.31
CA GLN C 181 -27.51 17.74 -20.63
C GLN C 181 -28.31 17.01 -19.54
N TYR C 182 -27.69 16.00 -18.95
CA TYR C 182 -28.32 15.20 -17.91
C TYR C 182 -27.58 15.37 -16.58
N LEU C 183 -27.98 16.37 -15.83
CA LEU C 183 -27.36 16.68 -14.54
C LEU C 183 -28.16 17.77 -13.84
N ALA C 184 -28.28 17.65 -12.51
CA ALA C 184 -29.01 18.64 -11.71
C ALA C 184 -28.45 20.04 -11.93
N PRO C 185 -29.31 21.06 -11.83
CA PRO C 185 -28.91 22.46 -12.02
C PRO C 185 -28.00 22.98 -10.92
N GLU C 186 -27.47 22.08 -10.11
CA GLU C 186 -26.60 22.48 -9.01
C GLU C 186 -25.23 22.87 -9.51
N LEU C 187 -24.56 21.96 -10.20
CA LEU C 187 -23.23 22.23 -10.71
C LEU C 187 -23.20 23.33 -11.77
N PHE C 188 -24.36 23.85 -12.13
CA PHE C 188 -24.44 24.89 -13.13
C PHE C 188 -24.17 26.27 -12.53
N GLU C 189 -24.07 26.30 -11.20
CA GLU C 189 -23.82 27.55 -10.50
C GLU C 189 -22.54 27.43 -9.64
N ASN C 190 -21.98 26.23 -9.60
CA ASN C 190 -20.78 25.97 -8.82
C ASN C 190 -20.99 26.32 -7.35
N LYS C 191 -22.25 26.52 -6.97
CA LYS C 191 -22.61 26.86 -5.61
C LYS C 191 -22.68 25.60 -4.76
N PRO C 192 -22.79 25.74 -3.44
CA PRO C 192 -22.87 24.59 -2.53
C PRO C 192 -23.91 23.57 -2.98
N TYR C 193 -23.43 22.47 -3.55
CA TYR C 193 -24.29 21.40 -4.05
C TYR C 193 -24.76 20.52 -2.91
N THR C 194 -25.51 19.46 -3.25
CA THR C 194 -26.03 18.53 -2.25
C THR C 194 -25.81 17.10 -2.69
N ALA C 195 -26.47 16.16 -2.00
CA ALA C 195 -26.34 14.75 -2.33
C ALA C 195 -27.50 14.29 -3.20
N THR C 196 -28.48 15.16 -3.40
CA THR C 196 -29.65 14.86 -4.21
C THR C 196 -29.37 15.06 -5.70
N VAL C 197 -28.21 15.62 -6.00
CA VAL C 197 -27.81 15.89 -7.37
C VAL C 197 -27.95 14.63 -8.22
N ASP C 198 -27.79 13.47 -7.60
CA ASP C 198 -27.88 12.19 -8.32
C ASP C 198 -29.33 11.86 -8.66
N TYR C 199 -30.24 12.19 -7.75
CA TYR C 199 -31.66 11.91 -7.96
C TYR C 199 -32.15 12.50 -9.26
N TRP C 200 -31.65 13.68 -9.62
CA TRP C 200 -32.07 14.33 -10.84
C TRP C 200 -31.59 13.57 -12.06
N SER C 201 -30.32 13.22 -12.08
CA SER C 201 -29.73 12.49 -13.20
C SER C 201 -30.51 11.20 -13.45
N PHE C 202 -30.82 10.48 -12.38
CA PHE C 202 -31.54 9.23 -12.49
C PHE C 202 -32.97 9.46 -12.97
N GLY C 203 -33.62 10.47 -12.40
CA GLY C 203 -34.98 10.78 -12.80
C GLY C 203 -35.12 11.13 -14.26
N THR C 204 -34.29 12.06 -14.71
CA THR C 204 -34.32 12.50 -16.10
C THR C 204 -34.27 11.32 -17.06
N MET C 205 -33.37 10.37 -16.79
CA MET C 205 -33.22 9.20 -17.65
C MET C 205 -34.48 8.33 -17.61
N VAL C 206 -34.99 8.09 -16.41
CA VAL C 206 -36.19 7.27 -16.25
C VAL C 206 -37.30 7.81 -17.15
N PHE C 207 -37.42 9.13 -17.20
CA PHE C 207 -38.44 9.77 -18.02
C PHE C 207 -38.21 9.44 -19.47
N GLU C 208 -36.99 9.68 -19.93
CA GLU C 208 -36.61 9.41 -21.32
C GLU C 208 -36.80 7.94 -21.69
N CYS C 209 -36.65 7.05 -20.71
CA CYS C 209 -36.81 5.62 -20.96
C CYS C 209 -38.29 5.26 -21.10
N ILE C 210 -39.14 6.29 -21.18
CA ILE C 210 -40.56 6.08 -21.32
C ILE C 210 -41.08 6.93 -22.48
N ALA C 211 -40.50 8.11 -22.65
CA ALA C 211 -40.91 9.04 -23.70
C ALA C 211 -40.00 8.93 -24.90
N GLY C 212 -38.70 8.87 -24.63
CA GLY C 212 -37.73 8.75 -25.69
C GLY C 212 -36.92 10.02 -25.89
N TYR C 213 -37.12 10.98 -24.99
CA TYR C 213 -36.40 12.24 -25.06
C TYR C 213 -36.29 12.92 -23.69
N ARG C 214 -35.54 14.02 -23.65
CA ARG C 214 -35.34 14.80 -22.43
C ARG C 214 -36.63 15.02 -21.64
N PRO C 215 -36.51 15.18 -20.32
CA PRO C 215 -37.66 15.41 -19.44
C PRO C 215 -38.23 16.81 -19.61
N PHE C 216 -37.57 17.62 -20.42
CA PHE C 216 -38.03 18.99 -20.66
C PHE C 216 -37.88 19.33 -22.13
N LEU C 217 -36.84 20.10 -22.45
CA LEU C 217 -36.59 20.48 -23.84
C LEU C 217 -35.54 19.58 -24.50
N HIS C 218 -35.93 18.95 -25.59
CA HIS C 218 -35.04 18.06 -26.32
C HIS C 218 -34.16 18.85 -27.28
N HIS C 219 -32.88 18.48 -27.31
CA HIS C 219 -31.90 19.12 -28.19
C HIS C 219 -31.57 20.53 -27.73
N LEU C 220 -32.52 21.19 -27.08
CA LEU C 220 -32.31 22.54 -26.60
C LEU C 220 -31.14 22.59 -25.61
N GLN C 221 -29.98 23.01 -26.11
CA GLN C 221 -28.78 23.12 -25.30
C GLN C 221 -29.08 23.66 -23.90
N PRO C 222 -28.49 23.06 -22.87
CA PRO C 222 -28.68 23.46 -21.47
C PRO C 222 -28.37 24.93 -21.18
N PHE C 223 -27.63 25.58 -22.07
CA PHE C 223 -27.28 26.98 -21.88
C PHE C 223 -28.54 27.84 -21.77
N THR C 224 -29.51 27.59 -22.66
CA THR C 224 -30.76 28.33 -22.66
C THR C 224 -31.89 27.43 -22.18
N TRP C 225 -31.55 26.17 -21.96
CA TRP C 225 -32.52 25.16 -21.52
C TRP C 225 -33.03 25.43 -20.11
N HIS C 226 -32.17 26.00 -19.27
CA HIS C 226 -32.54 26.29 -17.90
C HIS C 226 -33.45 27.52 -17.79
N GLU C 227 -33.02 28.63 -18.36
CA GLU C 227 -33.78 29.87 -18.31
C GLU C 227 -35.20 29.65 -18.83
N LYS C 228 -35.42 28.48 -19.43
CA LYS C 228 -36.72 28.12 -19.98
C LYS C 228 -37.51 27.25 -19.01
N ILE C 229 -36.80 26.49 -18.20
CA ILE C 229 -37.45 25.60 -17.24
C ILE C 229 -37.16 25.98 -15.80
N LYS C 230 -36.55 27.14 -15.62
CA LYS C 230 -36.21 27.62 -14.28
C LYS C 230 -37.46 27.68 -13.41
N LYS C 231 -38.56 28.10 -14.02
CA LYS C 231 -39.85 28.21 -13.32
C LYS C 231 -40.41 26.83 -13.00
N LYS C 232 -40.55 26.01 -14.04
CA LYS C 232 -41.09 24.66 -13.91
C LYS C 232 -42.21 24.55 -12.88
N ASP C 233 -43.43 24.42 -13.37
CA ASP C 233 -44.60 24.29 -12.51
C ASP C 233 -44.36 23.35 -11.32
N PRO C 234 -45.21 23.43 -10.30
CA PRO C 234 -45.07 22.57 -9.12
C PRO C 234 -45.00 21.08 -9.45
N LYS C 235 -43.79 20.54 -9.42
CA LYS C 235 -43.55 19.13 -9.72
C LYS C 235 -43.76 18.80 -11.20
N CYS C 236 -43.20 19.63 -12.06
CA CYS C 236 -43.30 19.46 -13.51
C CYS C 236 -42.28 18.43 -13.99
N ILE C 237 -42.67 17.60 -14.95
CA ILE C 237 -41.78 16.58 -15.47
C ILE C 237 -41.77 16.53 -17.00
N PHE C 238 -42.19 17.63 -17.63
CA PHE C 238 -42.23 17.69 -19.09
C PHE C 238 -42.43 19.12 -19.59
N ALA C 239 -41.82 19.42 -20.73
CA ALA C 239 -41.92 20.75 -21.32
C ALA C 239 -41.30 20.78 -22.71
N CYS C 240 -42.13 20.54 -23.71
CA CYS C 240 -41.65 20.55 -25.09
C CYS C 240 -41.97 21.88 -25.75
N GLU C 241 -41.74 21.96 -27.05
CA GLU C 241 -42.01 23.17 -27.81
C GLU C 241 -43.08 22.93 -28.88
N GLU C 242 -44.18 23.67 -28.78
CA GLU C 242 -45.28 23.53 -29.72
C GLU C 242 -44.81 23.74 -31.15
N MET C 243 -45.62 23.29 -32.11
CA MET C 243 -45.30 23.41 -33.52
C MET C 243 -44.98 24.86 -33.85
N SER C 244 -45.61 25.77 -33.14
CA SER C 244 -45.40 27.19 -33.37
C SER C 244 -44.24 27.70 -32.55
N GLY C 245 -43.30 26.81 -32.24
CA GLY C 245 -42.13 27.20 -31.47
C GLY C 245 -42.45 27.56 -30.03
N GLU C 246 -43.73 27.66 -29.70
CA GLU C 246 -44.15 27.99 -28.35
C GLU C 246 -43.62 26.99 -27.33
N VAL C 247 -43.77 27.32 -26.05
CA VAL C 247 -43.30 26.44 -24.99
C VAL C 247 -44.45 26.06 -24.06
N ARG C 248 -44.60 24.77 -23.80
CA ARG C 248 -45.67 24.27 -22.93
C ARG C 248 -45.12 23.40 -21.80
N PHE C 249 -45.65 23.61 -20.61
CA PHE C 249 -45.21 22.86 -19.43
C PHE C 249 -46.30 21.89 -18.98
N SER C 250 -45.91 20.86 -18.23
CA SER C 250 -46.86 19.87 -17.74
C SER C 250 -46.23 18.96 -16.71
N SER C 251 -47.01 18.58 -15.71
CA SER C 251 -46.54 17.70 -14.66
C SER C 251 -47.05 16.29 -14.89
N HIS C 252 -47.56 16.04 -16.09
CA HIS C 252 -48.10 14.72 -16.42
C HIS C 252 -47.08 13.93 -17.24
N LEU C 253 -47.42 12.68 -17.56
CA LEU C 253 -46.52 11.83 -18.35
C LEU C 253 -47.04 11.74 -19.78
N PRO C 254 -46.28 12.29 -20.74
CA PRO C 254 -46.63 12.30 -22.17
C PRO C 254 -47.07 10.96 -22.74
N GLN C 255 -47.62 11.01 -23.96
CA GLN C 255 -48.09 9.81 -24.65
C GLN C 255 -47.50 9.76 -26.06
N PRO C 256 -47.36 8.56 -26.64
CA PRO C 256 -47.72 7.28 -26.02
C PRO C 256 -46.59 6.70 -25.16
N ASN C 257 -46.96 5.90 -24.16
CA ASN C 257 -45.98 5.28 -23.27
C ASN C 257 -46.09 3.77 -23.36
N SER C 258 -45.63 3.09 -22.31
CA SER C 258 -45.68 1.63 -22.29
C SER C 258 -46.12 1.14 -20.91
N LEU C 259 -46.33 2.07 -19.99
CA LEU C 259 -46.75 1.74 -18.65
C LEU C 259 -48.25 1.45 -18.64
N CYS C 260 -48.70 0.58 -17.73
CA CYS C 260 -50.11 0.24 -17.65
C CYS C 260 -50.90 1.41 -17.07
N SER C 261 -52.22 1.30 -17.08
CA SER C 261 -53.08 2.36 -16.56
C SER C 261 -53.02 2.47 -15.05
N LEU C 262 -52.14 1.71 -14.43
CA LEU C 262 -52.01 1.72 -12.99
C LEU C 262 -50.66 2.25 -12.53
N ILE C 263 -49.60 1.80 -13.19
CA ILE C 263 -48.25 2.23 -12.85
C ILE C 263 -48.05 3.72 -13.14
N VAL C 264 -48.99 4.31 -13.88
CA VAL C 264 -48.91 5.72 -14.21
C VAL C 264 -49.05 6.63 -13.00
N GLU C 265 -50.06 6.37 -12.18
CA GLU C 265 -50.32 7.17 -10.99
C GLU C 265 -49.07 7.35 -10.12
N PRO C 266 -48.32 6.27 -9.86
CA PRO C 266 -47.12 6.38 -9.04
C PRO C 266 -45.90 6.86 -9.81
N MET C 267 -45.77 6.42 -11.06
CA MET C 267 -44.64 6.79 -11.90
C MET C 267 -44.53 8.30 -12.05
N GLU C 268 -45.67 8.95 -12.31
CA GLU C 268 -45.69 10.40 -12.47
C GLU C 268 -45.23 11.09 -11.19
N ASN C 269 -45.85 10.70 -10.07
CA ASN C 269 -45.52 11.29 -8.79
C ASN C 269 -44.05 11.08 -8.46
N TRP C 270 -43.54 9.91 -8.78
CA TRP C 270 -42.14 9.58 -8.51
C TRP C 270 -41.23 10.56 -9.26
N LEU C 271 -41.45 10.66 -10.55
CA LEU C 271 -40.66 11.55 -11.40
C LEU C 271 -40.72 12.96 -10.87
N GLN C 272 -41.84 13.31 -10.25
CA GLN C 272 -42.02 14.65 -9.73
C GLN C 272 -41.00 14.99 -8.65
N LEU C 273 -40.80 14.09 -7.71
CA LEU C 273 -39.84 14.32 -6.63
C LEU C 273 -38.41 14.17 -7.11
N MET C 274 -38.26 13.50 -8.25
CA MET C 274 -36.94 13.28 -8.79
C MET C 274 -36.57 14.42 -9.73
N LEU C 275 -37.58 15.18 -10.15
CA LEU C 275 -37.37 16.31 -11.05
C LEU C 275 -37.85 17.63 -10.43
N ASN C 276 -37.19 18.06 -9.36
CA ASN C 276 -37.54 19.29 -8.69
C ASN C 276 -36.37 20.26 -8.79
N TRP C 277 -36.62 21.43 -9.37
CA TRP C 277 -35.59 22.42 -9.56
C TRP C 277 -34.72 22.57 -8.30
N ASP C 278 -35.37 22.79 -7.17
CA ASP C 278 -34.65 22.94 -5.90
C ASP C 278 -34.02 21.61 -5.54
N PRO C 279 -32.70 21.60 -5.30
CA PRO C 279 -31.98 20.38 -4.93
C PRO C 279 -32.41 19.78 -3.59
N GLN C 280 -32.35 20.59 -2.53
CA GLN C 280 -32.74 20.13 -1.20
C GLN C 280 -34.15 19.57 -1.15
N GLN C 281 -35.08 20.23 -1.83
CA GLN C 281 -36.47 19.78 -1.86
C GLN C 281 -36.64 18.67 -2.89
N ARG C 282 -36.09 17.50 -2.58
CA ARG C 282 -36.17 16.36 -3.49
C ARG C 282 -37.14 15.31 -2.95
N GLY C 283 -36.61 14.27 -2.33
CA GLY C 283 -37.47 13.23 -1.79
C GLY C 283 -38.32 13.71 -0.65
N GLY C 284 -38.11 14.97 -0.26
CA GLY C 284 -38.88 15.53 0.84
C GLY C 284 -38.64 14.79 2.13
N PRO C 285 -39.39 15.11 3.20
CA PRO C 285 -39.26 14.45 4.50
C PRO C 285 -39.32 12.92 4.39
N VAL C 286 -38.25 12.26 4.81
CA VAL C 286 -38.19 10.81 4.76
C VAL C 286 -39.25 10.17 5.66
N ASP C 287 -39.45 8.87 5.50
CA ASP C 287 -40.42 8.13 6.29
C ASP C 287 -39.92 7.96 7.72
N LEU C 288 -40.84 7.66 8.64
CA LEU C 288 -40.48 7.48 10.04
C LEU C 288 -40.07 6.03 10.31
N THR C 289 -40.57 5.11 9.49
CA THR C 289 -40.25 3.70 9.65
C THR C 289 -38.91 3.35 9.00
N LEU C 290 -38.95 3.04 7.71
CA LEU C 290 -37.75 2.69 6.98
C LEU C 290 -36.77 3.87 6.89
N LYS C 291 -37.23 5.04 7.28
CA LYS C 291 -36.39 6.24 7.25
C LYS C 291 -35.64 6.38 5.93
N GLN C 292 -36.37 6.31 4.83
CA GLN C 292 -35.77 6.44 3.51
C GLN C 292 -36.51 7.57 2.76
N PRO C 293 -35.80 8.28 1.87
CA PRO C 293 -36.44 9.37 1.13
C PRO C 293 -37.62 8.87 0.28
N ARG C 294 -38.65 9.70 0.16
CA ARG C 294 -39.83 9.35 -0.61
C ARG C 294 -39.47 8.89 -2.01
N CYS C 295 -38.22 9.12 -2.41
CA CYS C 295 -37.75 8.72 -3.73
C CYS C 295 -37.69 7.20 -3.85
N PHE C 296 -37.04 6.56 -2.90
CA PHE C 296 -36.92 5.11 -2.90
C PHE C 296 -38.17 4.46 -2.34
N VAL C 297 -38.98 5.26 -1.66
CA VAL C 297 -40.23 4.76 -1.07
C VAL C 297 -41.19 4.34 -2.18
N LEU C 298 -41.54 5.27 -3.06
CA LEU C 298 -42.46 4.98 -4.15
C LEU C 298 -41.90 3.89 -5.05
N MET C 299 -40.59 3.91 -5.24
CA MET C 299 -39.93 2.93 -6.08
C MET C 299 -40.25 1.52 -5.58
N ASP C 300 -39.96 1.28 -4.30
CA ASP C 300 -40.23 -0.01 -3.70
C ASP C 300 -41.73 -0.28 -3.65
N HIS C 301 -42.51 0.78 -3.58
CA HIS C 301 -43.97 0.67 -3.53
C HIS C 301 -44.49 0.20 -4.89
N ILE C 302 -43.72 0.48 -5.93
CA ILE C 302 -44.08 0.09 -7.29
C ILE C 302 -43.60 -1.31 -7.61
N LEU C 303 -42.28 -1.50 -7.62
CA LEU C 303 -41.68 -2.80 -7.93
C LEU C 303 -42.35 -3.93 -7.15
N ASN C 304 -42.66 -3.67 -5.88
CA ASN C 304 -43.30 -4.67 -5.03
C ASN C 304 -44.82 -4.65 -5.20
N LEU C 305 -45.27 -4.96 -6.41
CA LEU C 305 -46.70 -4.99 -6.72
C LEU C 305 -47.02 -6.18 -7.60
N LYS C 306 -48.32 -6.43 -7.81
CA LYS C 306 -48.75 -7.54 -8.64
C LYS C 306 -49.15 -7.03 -10.02
N ILE C 307 -50.28 -6.33 -10.07
CA ILE C 307 -50.78 -5.79 -11.32
C ILE C 307 -50.82 -6.85 -12.41
N VAL C 308 -51.89 -7.63 -12.43
CA VAL C 308 -52.03 -8.69 -13.42
C VAL C 308 -52.75 -8.19 -14.67
N HIS C 309 -52.05 -8.22 -15.80
CA HIS C 309 -52.62 -7.77 -17.06
C HIS C 309 -53.61 -8.80 -17.57
N ILE C 310 -54.78 -8.34 -17.99
CA ILE C 310 -55.80 -9.25 -18.50
C ILE C 310 -56.26 -8.84 -19.89
N LEU C 311 -56.11 -9.74 -20.85
CA LEU C 311 -56.51 -9.46 -22.23
C LEU C 311 -57.89 -10.04 -22.51
N ASN C 312 -58.83 -9.17 -22.85
CA ASN C 312 -60.19 -9.59 -23.14
C ASN C 312 -60.31 -10.05 -24.59
N MET C 313 -60.44 -11.35 -24.79
CA MET C 313 -60.56 -11.91 -26.12
C MET C 313 -61.96 -11.71 -26.69
N THR C 314 -62.60 -10.60 -26.32
CA THR C 314 -63.94 -10.30 -26.78
C THR C 314 -64.02 -8.83 -27.20
N SER C 315 -63.01 -8.07 -26.80
CA SER C 315 -62.95 -6.65 -27.12
C SER C 315 -61.52 -6.16 -27.29
N ALA C 316 -60.58 -7.11 -27.38
CA ALA C 316 -59.18 -6.80 -27.57
C ALA C 316 -58.67 -5.80 -26.52
N LYS C 317 -59.36 -5.72 -25.40
CA LYS C 317 -58.98 -4.83 -24.32
C LYS C 317 -57.95 -5.47 -23.41
N ILE C 318 -57.14 -4.64 -22.76
CA ILE C 318 -56.11 -5.13 -21.84
C ILE C 318 -56.26 -4.46 -20.48
N ILE C 319 -57.26 -4.87 -19.72
CA ILE C 319 -57.50 -4.29 -18.40
C ILE C 319 -56.56 -4.89 -17.37
N SER C 320 -55.95 -4.03 -16.55
CA SER C 320 -55.02 -4.48 -15.53
C SER C 320 -55.66 -4.40 -14.15
N PHE C 321 -55.24 -5.29 -13.26
CA PHE C 321 -55.78 -5.32 -11.92
C PHE C 321 -54.67 -5.48 -10.88
N LEU C 322 -54.44 -4.45 -10.09
CA LEU C 322 -53.40 -4.49 -9.06
C LEU C 322 -53.95 -5.26 -7.88
N LEU C 323 -53.81 -6.58 -7.94
CA LEU C 323 -54.30 -7.46 -6.89
C LEU C 323 -53.45 -7.45 -5.62
N PRO C 324 -54.10 -7.45 -4.43
CA PRO C 324 -53.40 -7.44 -3.14
C PRO C 324 -52.95 -8.84 -2.75
N PRO C 325 -52.01 -8.94 -1.81
CA PRO C 325 -51.49 -10.24 -1.35
C PRO C 325 -52.47 -10.99 -0.44
N ASP C 326 -53.76 -10.89 -0.74
CA ASP C 326 -54.77 -11.56 0.06
C ASP C 326 -56.00 -11.93 -0.76
N GLU C 327 -56.44 -10.99 -1.61
CA GLU C 327 -57.62 -11.21 -2.46
C GLU C 327 -57.57 -12.55 -3.20
N SER C 328 -58.75 -13.11 -3.46
CA SER C 328 -58.87 -14.38 -4.15
C SER C 328 -59.37 -14.15 -5.58
N LEU C 329 -59.25 -15.17 -6.42
CA LEU C 329 -59.69 -15.04 -7.81
C LEU C 329 -61.19 -14.81 -7.85
N HIS C 330 -61.89 -15.44 -6.92
CA HIS C 330 -63.34 -15.30 -6.85
C HIS C 330 -63.69 -13.88 -6.42
N SER C 331 -62.72 -13.22 -5.81
CA SER C 331 -62.90 -11.84 -5.35
C SER C 331 -62.50 -10.90 -6.48
N LEU C 332 -61.71 -11.42 -7.42
CA LEU C 332 -61.25 -10.64 -8.57
C LEU C 332 -62.21 -10.76 -9.74
N GLN C 333 -62.72 -11.96 -9.98
CA GLN C 333 -63.65 -12.19 -11.07
C GLN C 333 -64.76 -11.15 -11.05
N SER C 334 -65.17 -10.77 -9.85
CA SER C 334 -66.23 -9.78 -9.69
C SER C 334 -65.74 -8.42 -10.18
N ARG C 335 -64.50 -8.10 -9.85
CA ARG C 335 -63.92 -6.83 -10.26
C ARG C 335 -63.93 -6.73 -11.77
N ILE C 336 -63.55 -7.82 -12.43
CA ILE C 336 -63.50 -7.87 -13.88
C ILE C 336 -64.87 -7.58 -14.47
N GLU C 337 -65.88 -8.16 -13.85
CA GLU C 337 -67.25 -7.99 -14.32
C GLU C 337 -67.66 -6.51 -14.37
N ARG C 338 -67.00 -5.69 -13.58
CA ARG C 338 -67.30 -4.27 -13.54
C ARG C 338 -66.71 -3.50 -14.72
N GLU C 339 -65.74 -4.11 -15.39
CA GLU C 339 -65.10 -3.47 -16.53
C GLU C 339 -65.20 -4.33 -17.78
N THR C 340 -66.09 -5.31 -17.76
CA THR C 340 -66.27 -6.20 -18.89
C THR C 340 -67.76 -6.45 -19.16
N GLY C 341 -68.51 -6.70 -18.10
CA GLY C 341 -69.93 -6.95 -18.24
C GLY C 341 -70.22 -8.43 -18.34
N ILE C 342 -69.17 -9.24 -18.22
CA ILE C 342 -69.30 -10.69 -18.31
C ILE C 342 -69.71 -11.25 -16.95
N ASN C 343 -70.72 -12.11 -16.95
CA ASN C 343 -71.20 -12.71 -15.70
C ASN C 343 -70.05 -13.34 -14.93
N THR C 344 -70.03 -13.10 -13.63
CA THR C 344 -68.99 -13.63 -12.76
C THR C 344 -68.86 -15.15 -12.91
N GLY C 345 -69.95 -15.78 -13.33
CA GLY C 345 -69.95 -17.22 -13.50
C GLY C 345 -69.52 -17.62 -14.89
N SER C 346 -69.61 -16.69 -15.83
CA SER C 346 -69.24 -16.95 -17.21
C SER C 346 -67.88 -16.36 -17.54
N GLN C 347 -67.07 -16.15 -16.51
CA GLN C 347 -65.73 -15.59 -16.69
C GLN C 347 -64.66 -16.67 -16.67
N GLU C 348 -64.40 -17.25 -17.84
CA GLU C 348 -63.39 -18.29 -17.97
C GLU C 348 -62.09 -17.70 -18.51
N LEU C 349 -61.18 -17.36 -17.60
CA LEU C 349 -59.90 -16.79 -18.01
C LEU C 349 -58.84 -17.87 -18.24
N LEU C 350 -58.27 -17.88 -19.44
CA LEU C 350 -57.24 -18.85 -19.79
C LEU C 350 -55.88 -18.17 -19.88
N SER C 351 -54.85 -18.86 -19.39
CA SER C 351 -53.51 -18.31 -19.41
C SER C 351 -52.78 -18.76 -20.67
N GLU C 352 -51.54 -18.30 -20.84
CA GLU C 352 -50.75 -18.66 -22.01
C GLU C 352 -50.63 -20.18 -22.15
N THR C 353 -50.55 -20.85 -21.01
CA THR C 353 -50.42 -22.30 -20.98
C THR C 353 -51.70 -22.96 -21.50
N GLY C 354 -52.70 -22.14 -21.79
CA GLY C 354 -53.96 -22.66 -22.30
C GLY C 354 -54.86 -23.16 -21.19
N ILE C 355 -54.28 -23.41 -20.01
CA ILE C 355 -55.03 -23.91 -18.88
C ILE C 355 -56.15 -22.95 -18.53
N SER C 356 -57.24 -23.50 -18.00
CA SER C 356 -58.41 -22.70 -17.62
C SER C 356 -58.05 -21.83 -16.42
N LEU C 357 -59.06 -21.41 -15.67
CA LEU C 357 -58.86 -20.58 -14.49
C LEU C 357 -58.26 -21.44 -13.39
N ASP C 358 -58.62 -21.16 -12.14
CA ASP C 358 -58.09 -21.94 -11.02
C ASP C 358 -58.75 -21.54 -9.70
N PRO C 359 -60.02 -21.93 -9.51
CA PRO C 359 -60.77 -21.62 -8.29
C PRO C 359 -60.04 -22.01 -7.00
N ARG C 360 -59.09 -22.94 -7.12
CA ARG C 360 -58.33 -23.40 -5.97
C ARG C 360 -57.51 -22.27 -5.36
N LYS C 361 -56.38 -21.97 -5.99
CA LYS C 361 -55.49 -20.92 -5.50
C LYS C 361 -56.18 -19.56 -5.50
N PRO C 362 -55.70 -18.62 -4.67
CA PRO C 362 -56.30 -17.28 -4.57
C PRO C 362 -56.05 -16.45 -5.82
N ALA C 363 -55.66 -15.20 -5.63
CA ALA C 363 -55.38 -14.30 -6.75
C ALA C 363 -53.89 -14.13 -6.98
N SER C 364 -53.11 -14.99 -6.34
CA SER C 364 -51.66 -14.94 -6.48
C SER C 364 -51.16 -16.02 -7.42
N GLN C 365 -51.82 -16.17 -8.57
CA GLN C 365 -51.43 -17.17 -9.55
C GLN C 365 -50.99 -16.51 -10.86
N CYS C 366 -50.41 -15.32 -10.75
CA CYS C 366 -49.93 -14.60 -11.93
C CYS C 366 -48.64 -13.84 -11.66
N VAL C 367 -48.02 -14.14 -10.52
CA VAL C 367 -46.77 -13.49 -10.14
C VAL C 367 -45.59 -14.17 -10.83
N LEU C 368 -45.01 -13.49 -11.81
CA LEU C 368 -43.89 -14.03 -12.55
C LEU C 368 -42.57 -13.55 -11.97
N ASP C 369 -41.62 -14.47 -11.84
CA ASP C 369 -40.30 -14.15 -11.29
C ASP C 369 -39.20 -14.96 -11.98
N GLY C 370 -39.33 -15.15 -13.29
CA GLY C 370 -38.35 -15.91 -14.03
C GLY C 370 -37.72 -15.10 -15.15
N VAL C 371 -38.55 -14.47 -15.97
CA VAL C 371 -38.08 -13.67 -17.09
C VAL C 371 -37.92 -12.20 -16.66
N ARG C 372 -38.83 -11.73 -15.81
CA ARG C 372 -38.79 -10.36 -15.32
C ARG C 372 -39.88 -10.13 -14.27
N GLY C 373 -41.13 -10.20 -14.69
CA GLY C 373 -42.23 -10.02 -13.76
C GLY C 373 -43.09 -8.81 -14.08
N CYS C 374 -43.16 -8.46 -15.35
CA CYS C 374 -43.96 -7.31 -15.79
C CYS C 374 -44.23 -7.35 -17.29
N ASP C 375 -45.49 -7.16 -17.66
CA ASP C 375 -45.91 -7.17 -19.06
C ASP C 375 -45.46 -8.46 -19.76
N SER C 376 -45.82 -9.60 -19.18
CA SER C 376 -45.46 -10.89 -19.74
C SER C 376 -46.54 -11.95 -19.49
N TYR C 377 -46.77 -12.25 -18.22
CA TYR C 377 -47.78 -13.25 -17.85
C TYR C 377 -49.16 -12.62 -17.86
N MET C 378 -49.65 -12.32 -19.06
CA MET C 378 -50.97 -11.72 -19.23
C MET C 378 -52.01 -12.78 -19.54
N VAL C 379 -53.07 -12.80 -18.74
CA VAL C 379 -54.15 -13.77 -18.91
C VAL C 379 -55.12 -13.34 -20.00
N TYR C 380 -55.77 -14.31 -20.62
CA TYR C 380 -56.73 -14.03 -21.68
C TYR C 380 -58.15 -14.36 -21.21
N LEU C 381 -58.97 -13.32 -21.02
CA LEU C 381 -60.35 -13.50 -20.58
C LEU C 381 -61.25 -13.98 -21.71
N PHE C 382 -61.95 -15.09 -21.47
CA PHE C 382 -62.86 -15.66 -22.45
C PHE C 382 -64.28 -15.71 -21.91
N ASP C 383 -65.25 -15.32 -22.74
CA ASP C 383 -66.65 -15.33 -22.35
C ASP C 383 -67.29 -16.67 -22.67
N LYS C 384 -68.12 -17.16 -21.77
CA LYS C 384 -68.79 -18.43 -21.96
C LYS C 384 -70.08 -18.29 -22.75
N SER C 385 -70.88 -17.28 -22.42
CA SER C 385 -72.15 -17.05 -23.11
C SER C 385 -71.94 -16.81 -24.61
N LYS C 386 -71.13 -15.80 -24.93
CA LYS C 386 -70.85 -15.46 -26.32
C LYS C 386 -70.21 -16.63 -27.06
N THR C 387 -70.98 -17.25 -27.96
CA THR C 387 -70.49 -18.36 -28.75
C THR C 387 -69.49 -17.86 -29.79
N VAL C 388 -69.79 -16.70 -30.37
CA VAL C 388 -68.95 -16.10 -31.38
C VAL C 388 -68.66 -14.64 -31.02
N TYR C 389 -67.48 -14.15 -31.38
CA TYR C 389 -67.10 -12.77 -31.07
C TYR C 389 -67.20 -11.87 -32.30
N GLU C 390 -68.09 -10.89 -32.23
CA GLU C 390 -68.30 -9.94 -33.32
C GLU C 390 -67.16 -8.94 -33.40
N GLY C 391 -67.46 -7.67 -33.12
CA GLY C 391 -66.44 -6.65 -33.17
C GLY C 391 -66.46 -5.63 -32.04
N PRO C 392 -66.71 -6.06 -30.79
CA PRO C 392 -66.75 -5.12 -29.67
C PRO C 392 -65.37 -4.49 -29.44
N PHE C 393 -64.35 -5.09 -30.03
CA PHE C 393 -62.97 -4.63 -29.90
C PHE C 393 -62.73 -3.27 -30.54
N ALA C 394 -61.71 -2.57 -30.08
CA ALA C 394 -61.35 -1.26 -30.61
C ALA C 394 -59.84 -1.12 -30.63
N SER C 395 -59.35 -0.04 -31.24
CA SER C 395 -57.91 0.18 -31.33
C SER C 395 -57.55 1.61 -30.89
N ARG C 396 -56.28 1.97 -31.10
CA ARG C 396 -55.76 3.28 -30.74
C ARG C 396 -55.69 4.21 -31.95
N SER C 397 -55.86 5.50 -31.70
CA SER C 397 -55.82 6.48 -32.78
C SER C 397 -54.38 6.89 -33.04
N LEU C 398 -54.18 7.67 -34.09
CA LEU C 398 -52.84 8.14 -34.44
C LEU C 398 -52.61 9.55 -33.92
N SER C 399 -53.63 10.11 -33.28
CA SER C 399 -53.56 11.46 -32.74
C SER C 399 -53.35 12.49 -33.84
N ASP C 400 -53.58 13.76 -33.50
CA ASP C 400 -53.43 14.85 -34.46
C ASP C 400 -51.99 14.95 -34.95
N CYS C 401 -51.09 14.30 -34.23
CA CYS C 401 -49.68 14.32 -34.59
C CYS C 401 -49.40 13.55 -35.86
N VAL C 402 -50.08 12.41 -36.03
CA VAL C 402 -49.89 11.58 -37.21
C VAL C 402 -50.98 11.81 -38.24
N ASN C 403 -52.06 12.45 -37.82
CA ASN C 403 -53.17 12.73 -38.73
C ASN C 403 -52.72 13.52 -39.95
N TYR C 404 -51.81 14.45 -39.75
CA TYR C 404 -51.32 15.25 -40.85
C TYR C 404 -50.69 14.35 -41.91
N ILE C 405 -49.95 13.34 -41.45
CA ILE C 405 -49.26 12.42 -42.34
C ILE C 405 -50.24 11.61 -43.17
N VAL C 406 -51.41 11.36 -42.61
CA VAL C 406 -52.41 10.57 -43.31
C VAL C 406 -53.44 11.42 -44.06
N GLN C 407 -53.87 12.51 -43.44
CA GLN C 407 -54.86 13.38 -44.05
C GLN C 407 -54.26 14.25 -45.14
N ASP C 408 -53.15 14.91 -44.82
CA ASP C 408 -52.48 15.78 -45.78
C ASP C 408 -51.63 14.97 -46.74
N SER C 409 -51.25 13.78 -46.31
CA SER C 409 -50.43 12.88 -47.13
C SER C 409 -49.13 13.55 -47.56
N LYS C 410 -49.15 14.21 -48.70
CA LYS C 410 -47.98 14.90 -49.21
C LYS C 410 -47.86 16.30 -48.62
N ILE C 411 -47.08 16.42 -47.55
CA ILE C 411 -46.89 17.71 -46.90
C ILE C 411 -45.42 17.90 -46.53
N GLN C 412 -44.93 19.13 -46.68
CA GLN C 412 -43.55 19.44 -46.35
C GLN C 412 -43.45 20.00 -44.93
N LEU C 413 -43.26 19.10 -43.97
CA LEU C 413 -43.15 19.48 -42.57
C LEU C 413 -41.71 19.41 -42.08
N PRO C 414 -41.31 20.36 -41.22
CA PRO C 414 -39.94 20.40 -40.68
C PRO C 414 -39.54 19.09 -40.00
N ILE C 415 -38.35 18.61 -40.34
CA ILE C 415 -37.84 17.36 -39.77
C ILE C 415 -37.81 17.42 -38.25
N ILE C 416 -37.61 18.62 -37.72
CA ILE C 416 -37.57 18.81 -36.27
C ILE C 416 -38.86 18.30 -35.65
N GLN C 417 -39.90 18.20 -36.47
CA GLN C 417 -41.21 17.72 -36.03
C GLN C 417 -41.43 16.33 -36.58
N LEU C 418 -40.84 16.06 -37.73
CA LEU C 418 -40.97 14.75 -38.37
C LEU C 418 -40.38 13.66 -37.51
N ARG C 419 -39.30 13.99 -36.79
CA ARG C 419 -38.63 13.04 -35.94
C ARG C 419 -39.58 12.49 -34.88
N LYS C 420 -40.77 13.09 -34.78
CA LYS C 420 -41.77 12.65 -33.82
C LYS C 420 -43.00 12.07 -34.51
N VAL C 421 -43.58 12.84 -35.41
CA VAL C 421 -44.75 12.37 -36.13
C VAL C 421 -44.44 11.06 -36.83
N TRP C 422 -43.21 10.90 -37.28
CA TRP C 422 -42.80 9.68 -37.96
C TRP C 422 -42.54 8.62 -36.94
N ALA C 423 -41.88 9.00 -35.85
CA ALA C 423 -41.57 8.06 -34.79
C ALA C 423 -42.85 7.42 -34.28
N GLU C 424 -43.81 8.25 -33.88
CA GLU C 424 -45.08 7.75 -33.37
C GLU C 424 -45.79 6.91 -34.41
N ALA C 425 -45.65 7.32 -35.67
CA ALA C 425 -46.27 6.60 -36.77
C ALA C 425 -45.70 5.19 -36.84
N VAL C 426 -44.38 5.09 -36.73
CA VAL C 426 -43.72 3.80 -36.78
C VAL C 426 -44.14 2.96 -35.59
N HIS C 427 -44.29 3.60 -34.43
CA HIS C 427 -44.69 2.90 -33.22
C HIS C 427 -46.10 2.38 -33.37
N TYR C 428 -46.93 3.15 -34.06
CA TYR C 428 -48.32 2.74 -34.28
C TYR C 428 -48.34 1.53 -35.22
N VAL C 429 -47.50 1.60 -36.26
CA VAL C 429 -47.41 0.53 -37.23
C VAL C 429 -47.06 -0.77 -36.53
N SER C 430 -45.91 -0.78 -35.88
CA SER C 430 -45.47 -1.96 -35.15
C SER C 430 -46.47 -2.26 -34.04
N GLY C 431 -47.17 -1.23 -33.59
CA GLY C 431 -48.13 -1.40 -32.52
C GLY C 431 -49.20 -2.40 -32.90
N LEU C 432 -49.86 -2.15 -34.03
CA LEU C 432 -50.91 -3.03 -34.51
C LEU C 432 -50.37 -4.45 -34.64
N LYS C 433 -49.15 -4.55 -35.17
CA LYS C 433 -48.50 -5.85 -35.36
C LYS C 433 -48.36 -6.58 -34.03
N GLU C 434 -47.56 -6.00 -33.12
CA GLU C 434 -47.34 -6.60 -31.81
C GLU C 434 -48.66 -6.81 -31.08
N ASP C 435 -49.64 -5.96 -31.40
CA ASP C 435 -50.95 -6.06 -30.77
C ASP C 435 -51.68 -7.27 -31.32
N TYR C 436 -51.38 -7.63 -32.57
CA TYR C 436 -52.01 -8.78 -33.21
C TYR C 436 -51.51 -10.06 -32.57
N SER C 437 -50.23 -10.09 -32.22
CA SER C 437 -49.63 -11.25 -31.60
C SER C 437 -50.35 -11.60 -30.31
N ARG C 438 -50.66 -10.57 -29.51
CA ARG C 438 -51.36 -10.77 -28.24
C ARG C 438 -52.69 -11.45 -28.48
N LEU C 439 -53.43 -10.95 -29.47
CA LEU C 439 -54.73 -11.51 -29.81
C LEU C 439 -54.57 -12.94 -30.31
N PHE C 440 -53.57 -13.15 -31.17
CA PHE C 440 -53.31 -14.48 -31.73
C PHE C 440 -53.07 -15.51 -30.62
N GLN C 441 -52.24 -15.13 -29.65
CA GLN C 441 -51.93 -16.01 -28.54
C GLN C 441 -53.20 -16.45 -27.82
N GLY C 442 -54.20 -15.57 -27.80
CA GLY C 442 -55.46 -15.90 -27.15
C GLY C 442 -56.07 -17.13 -27.79
N GLN C 443 -56.01 -17.18 -29.12
CA GLN C 443 -56.55 -18.30 -29.87
C GLN C 443 -55.73 -19.54 -29.56
N ARG C 444 -54.43 -19.38 -29.51
CA ARG C 444 -53.52 -20.47 -29.22
C ARG C 444 -53.84 -21.05 -27.85
N ALA C 445 -54.08 -20.17 -26.88
CA ALA C 445 -54.41 -20.59 -25.52
C ALA C 445 -55.76 -21.28 -25.50
N ALA C 446 -56.74 -20.68 -26.18
CA ALA C 446 -58.07 -21.24 -26.25
C ALA C 446 -58.02 -22.59 -26.95
N MET C 447 -57.10 -22.73 -27.90
CA MET C 447 -56.94 -23.97 -28.64
C MET C 447 -56.56 -25.09 -27.67
N LEU C 448 -55.60 -24.79 -26.81
CA LEU C 448 -55.12 -25.76 -25.83
C LEU C 448 -56.26 -26.20 -24.92
N SER C 449 -57.12 -25.25 -24.54
CA SER C 449 -58.26 -25.55 -23.67
C SER C 449 -59.19 -26.54 -24.37
N LEU C 450 -59.40 -26.32 -25.66
CA LEU C 450 -60.26 -27.20 -26.45
C LEU C 450 -59.60 -28.56 -26.62
N LEU C 451 -58.30 -28.55 -26.85
CA LEU C 451 -57.53 -29.78 -27.02
C LEU C 451 -57.55 -30.60 -25.74
N ARG C 452 -57.58 -29.90 -24.61
CA ARG C 452 -57.60 -30.57 -23.31
C ARG C 452 -59.00 -31.12 -23.03
N TYR C 453 -60.04 -30.35 -23.36
CA TYR C 453 -61.42 -30.78 -23.16
C TYR C 453 -61.70 -32.02 -23.99
N ASN C 454 -61.19 -32.03 -25.21
CA ASN C 454 -61.38 -33.17 -26.11
C ASN C 454 -60.78 -34.43 -25.48
N ALA C 455 -59.57 -34.30 -24.93
CA ALA C 455 -58.90 -35.42 -24.29
C ALA C 455 -59.69 -35.88 -23.07
N ASN C 456 -60.11 -34.91 -22.26
CA ASN C 456 -60.88 -35.19 -21.06
C ASN C 456 -62.17 -35.93 -21.40
N LEU C 457 -62.84 -35.47 -22.46
CA LEU C 457 -64.09 -36.09 -22.88
C LEU C 457 -63.84 -37.51 -23.38
N THR C 458 -62.81 -37.67 -24.21
CA THR C 458 -62.47 -38.97 -24.77
C THR C 458 -61.99 -39.96 -23.71
N LYS C 459 -61.26 -39.47 -22.71
CA LYS C 459 -60.75 -40.33 -21.65
C LYS C 459 -61.89 -41.10 -20.99
N MET C 460 -63.08 -40.51 -20.95
CA MET C 460 -64.23 -41.15 -20.35
C MET C 460 -64.88 -42.10 -21.35
N LYS C 461 -64.69 -41.82 -22.64
CA LYS C 461 -65.22 -42.66 -23.68
C LYS C 461 -64.58 -44.04 -23.60
N ASN C 462 -63.27 -44.06 -23.46
CA ASN C 462 -62.51 -45.30 -23.37
C ASN C 462 -62.96 -46.09 -22.15
N THR C 463 -63.38 -45.38 -21.11
CA THR C 463 -63.84 -46.02 -19.88
C THR C 463 -65.35 -46.28 -19.94
N LEU C 464 -66.03 -45.57 -20.84
CA LEU C 464 -67.47 -45.71 -21.01
C LEU C 464 -67.74 -47.01 -21.75
N ILE C 465 -67.06 -47.19 -22.88
CA ILE C 465 -67.22 -48.39 -23.68
C ILE C 465 -66.66 -49.58 -22.90
N SER C 466 -65.64 -49.31 -22.09
CA SER C 466 -65.01 -50.35 -21.28
C SER C 466 -65.97 -50.76 -20.16
N ALA C 467 -66.72 -49.80 -19.64
CA ALA C 467 -67.68 -50.06 -18.58
C ALA C 467 -68.87 -50.82 -19.12
N SER C 468 -69.24 -50.53 -20.37
CA SER C 468 -70.35 -51.20 -21.01
C SER C 468 -69.99 -52.65 -21.34
N GLN C 469 -68.74 -52.87 -21.75
CA GLN C 469 -68.26 -54.21 -22.07
C GLN C 469 -68.47 -55.15 -20.90
N GLN C 470 -68.51 -54.57 -19.70
CA GLN C 470 -68.72 -55.34 -18.47
C GLN C 470 -70.20 -55.71 -18.40
N LEU C 471 -71.06 -54.76 -18.76
CA LEU C 471 -72.49 -54.96 -18.74
C LEU C 471 -72.88 -56.10 -19.69
N LYS C 472 -72.45 -55.99 -20.94
CA LYS C 472 -72.75 -57.00 -21.94
C LYS C 472 -72.16 -58.34 -21.54
N ALA C 473 -70.98 -58.30 -20.92
CA ALA C 473 -70.31 -59.51 -20.47
C ALA C 473 -71.07 -60.18 -19.34
N LYS C 474 -71.69 -59.36 -18.50
CA LYS C 474 -72.47 -59.86 -17.38
C LYS C 474 -73.85 -60.33 -17.83
N LEU C 475 -74.43 -59.61 -18.78
CA LEU C 475 -75.74 -59.96 -19.29
C LEU C 475 -75.70 -61.38 -19.87
N GLU C 476 -74.60 -61.69 -20.55
CA GLU C 476 -74.42 -63.01 -21.15
C GLU C 476 -74.26 -64.06 -20.05
N PHE C 477 -73.50 -63.71 -19.02
CA PHE C 477 -73.26 -64.63 -17.92
C PHE C 477 -74.46 -64.61 -16.98
N PHE C 478 -75.54 -63.98 -17.45
CA PHE C 478 -76.77 -63.87 -16.68
C PHE C 478 -77.91 -64.52 -17.45
N HIS C 479 -77.92 -64.30 -18.76
CA HIS C 479 -78.95 -64.87 -19.61
C HIS C 479 -78.82 -66.38 -19.74
N LYS C 480 -77.62 -66.89 -19.50
CA LYS C 480 -77.37 -68.32 -19.58
C LYS C 480 -77.41 -68.92 -18.18
N SER C 481 -77.75 -68.09 -17.21
CA SER C 481 -77.83 -68.51 -15.82
C SER C 481 -79.27 -68.39 -15.32
N ILE C 482 -80.02 -67.46 -15.88
CA ILE C 482 -81.40 -67.24 -15.48
C ILE C 482 -82.31 -68.32 -16.09
N GLN C 483 -82.09 -68.63 -17.36
CA GLN C 483 -82.88 -69.64 -18.05
C GLN C 483 -82.30 -71.02 -17.77
N LEU C 484 -81.07 -71.04 -17.26
CA LEU C 484 -80.41 -72.30 -16.94
C LEU C 484 -81.17 -73.00 -15.82
N ASP C 485 -81.92 -72.22 -15.07
CA ASP C 485 -82.71 -72.75 -13.96
C ASP C 485 -84.09 -73.17 -14.45
N LEU C 486 -84.58 -72.48 -15.48
CA LEU C 486 -85.89 -72.78 -16.05
C LEU C 486 -85.96 -74.20 -16.61
N GLU C 487 -84.90 -74.62 -17.27
CA GLU C 487 -84.84 -75.95 -17.86
C GLU C 487 -84.73 -77.02 -16.78
N ARG C 488 -83.98 -76.71 -15.73
CA ARG C 488 -83.79 -77.65 -14.63
C ARG C 488 -85.02 -77.66 -13.75
N TYR C 489 -85.93 -76.73 -13.98
CA TYR C 489 -87.15 -76.62 -13.20
C TYR C 489 -88.32 -77.32 -13.89
N SER C 490 -88.48 -77.03 -15.17
CA SER C 490 -89.57 -77.62 -15.95
C SER C 490 -89.53 -79.14 -15.96
N GLU C 491 -88.36 -79.72 -15.69
CA GLU C 491 -88.22 -81.17 -15.67
C GLU C 491 -88.37 -81.75 -14.27
N GLN C 492 -88.86 -80.94 -13.34
CA GLN C 492 -89.04 -81.40 -11.97
C GLN C 492 -90.24 -80.75 -11.29
N MET C 493 -91.17 -80.23 -12.09
CA MET C 493 -92.35 -79.60 -11.54
C MET C 493 -93.30 -80.61 -10.88
N THR C 494 -92.79 -81.82 -10.67
CA THR C 494 -93.58 -82.87 -10.03
C THR C 494 -92.67 -83.83 -9.25
N TYR C 495 -91.40 -83.87 -9.63
CA TYR C 495 -90.42 -84.75 -8.98
C TYR C 495 -89.74 -84.06 -7.81
N GLY C 496 -88.69 -83.31 -8.10
CA GLY C 496 -87.96 -82.61 -7.06
C GLY C 496 -88.80 -81.59 -6.33
N ILE C 497 -88.69 -80.33 -6.73
CA ILE C 497 -89.45 -79.26 -6.11
C ILE C 497 -90.24 -78.48 -7.15
N SER C 498 -91.38 -77.93 -6.72
CA SER C 498 -92.24 -77.15 -7.61
C SER C 498 -93.18 -76.26 -6.79
N SER C 499 -93.14 -74.97 -7.06
CA SER C 499 -93.99 -74.01 -6.36
C SER C 499 -94.87 -73.24 -7.34
N GLU C 500 -95.02 -71.94 -7.11
CA GLU C 500 -95.84 -71.10 -7.98
C GLU C 500 -95.61 -69.62 -7.71
N LYS C 501 -95.19 -69.30 -6.49
CA LYS C 501 -94.94 -67.90 -6.13
C LYS C 501 -93.70 -67.36 -6.82
N MET C 502 -92.72 -68.23 -7.05
CA MET C 502 -91.48 -67.83 -7.71
C MET C 502 -91.56 -68.08 -9.21
N LEU C 503 -92.71 -68.58 -9.66
CA LEU C 503 -92.91 -68.84 -11.08
C LEU C 503 -92.80 -67.54 -11.86
N LYS C 504 -93.21 -66.44 -11.23
CA LYS C 504 -93.15 -65.13 -11.86
C LYS C 504 -91.97 -64.34 -11.32
N ALA C 505 -91.61 -64.61 -10.07
CA ALA C 505 -90.49 -63.92 -9.43
C ALA C 505 -89.23 -64.04 -10.27
N TRP C 506 -88.96 -65.25 -10.75
CA TRP C 506 -87.78 -65.51 -11.57
C TRP C 506 -87.99 -65.05 -13.01
N LYS C 507 -89.22 -65.24 -13.50
CA LYS C 507 -89.56 -64.87 -14.86
C LYS C 507 -89.33 -63.39 -15.14
N GLU C 508 -89.23 -62.59 -14.08
CA GLU C 508 -89.01 -61.16 -14.24
C GLU C 508 -87.56 -60.82 -14.50
N MET C 509 -86.65 -61.46 -13.77
CA MET C 509 -85.22 -61.22 -13.93
C MET C 509 -84.78 -61.30 -15.38
N GLU C 510 -85.29 -62.31 -16.08
CA GLU C 510 -84.96 -62.52 -17.48
C GLU C 510 -85.36 -61.33 -18.35
N GLU C 511 -86.56 -60.82 -18.11
CA GLU C 511 -87.08 -59.68 -18.88
C GLU C 511 -86.39 -58.37 -18.49
N LYS C 512 -85.85 -58.33 -17.28
CA LYS C 512 -85.17 -57.14 -16.79
C LYS C 512 -83.89 -56.86 -17.55
N ALA C 513 -83.07 -57.89 -17.75
CA ALA C 513 -81.81 -57.74 -18.47
C ALA C 513 -82.05 -57.38 -19.92
N ILE C 514 -83.25 -57.68 -20.41
CA ILE C 514 -83.62 -57.39 -21.79
C ILE C 514 -83.71 -55.89 -22.03
N HIS C 515 -84.59 -55.23 -21.29
CA HIS C 515 -84.78 -53.80 -21.42
C HIS C 515 -83.47 -53.02 -21.18
N TYR C 516 -82.50 -53.71 -20.60
CA TYR C 516 -81.19 -53.12 -20.32
C TYR C 516 -80.40 -52.93 -21.61
N ALA C 517 -79.17 -53.42 -21.61
CA ALA C 517 -78.30 -53.32 -22.77
C ALA C 517 -78.04 -51.87 -23.16
N GLU C 518 -76.93 -51.33 -22.64
CA GLU C 518 -76.54 -49.96 -22.95
C GLU C 518 -75.19 -49.94 -23.68
N VAL C 519 -74.66 -51.12 -23.93
CA VAL C 519 -73.38 -51.26 -24.62
C VAL C 519 -73.50 -50.74 -26.05
N GLY C 520 -74.68 -50.92 -26.64
CA GLY C 520 -74.92 -50.48 -28.00
C GLY C 520 -75.45 -49.06 -28.04
N VAL C 521 -76.09 -48.64 -26.95
CA VAL C 521 -76.66 -47.29 -26.85
C VAL C 521 -75.54 -46.26 -26.94
N ILE C 522 -74.30 -46.74 -26.80
CA ILE C 522 -73.13 -45.88 -26.87
C ILE C 522 -72.95 -45.35 -28.29
N GLY C 523 -73.71 -45.91 -29.22
CA GLY C 523 -73.65 -45.49 -30.61
C GLY C 523 -73.87 -43.99 -30.77
N TYR C 524 -74.92 -43.48 -30.13
CA TYR C 524 -75.25 -42.06 -30.21
C TYR C 524 -74.07 -41.24 -29.68
N LEU C 525 -73.16 -41.91 -29.00
CA LEU C 525 -72.00 -41.24 -28.42
C LEU C 525 -70.71 -41.53 -29.20
N GLU C 526 -70.38 -42.81 -29.35
CA GLU C 526 -69.17 -43.21 -30.06
C GLU C 526 -68.98 -42.47 -31.37
N ASP C 527 -69.89 -42.68 -32.31
CA ASP C 527 -69.81 -42.05 -33.62
C ASP C 527 -70.08 -40.54 -33.57
N GLN C 528 -70.33 -40.01 -32.37
CA GLN C 528 -70.60 -38.59 -32.21
C GLN C 528 -69.43 -37.89 -31.54
N ILE C 529 -68.73 -38.62 -30.68
CA ILE C 529 -67.58 -38.07 -29.97
C ILE C 529 -66.39 -38.09 -30.92
N MET C 530 -66.40 -39.03 -31.86
CA MET C 530 -65.32 -39.15 -32.82
C MET C 530 -65.55 -38.17 -33.95
N SER C 531 -66.81 -37.95 -34.30
CA SER C 531 -67.16 -37.02 -35.36
C SER C 531 -66.71 -35.62 -34.93
N LEU C 532 -66.60 -35.44 -33.61
CA LEU C 532 -66.18 -34.17 -33.04
C LEU C 532 -64.69 -34.23 -32.77
N HIS C 533 -64.23 -35.39 -32.31
CA HIS C 533 -62.81 -35.59 -32.01
C HIS C 533 -61.98 -35.30 -33.25
N ALA C 534 -62.26 -36.00 -34.34
CA ALA C 534 -61.54 -35.81 -35.58
C ALA C 534 -61.77 -34.40 -36.11
N GLU C 535 -62.97 -33.88 -35.88
CA GLU C 535 -63.33 -32.54 -36.32
C GLU C 535 -62.40 -31.51 -35.73
N ILE C 536 -62.16 -31.63 -34.42
CA ILE C 536 -61.27 -30.71 -33.72
C ILE C 536 -59.86 -30.76 -34.30
N MET C 537 -59.33 -31.96 -34.47
CA MET C 537 -57.98 -32.12 -35.02
C MET C 537 -57.98 -31.75 -36.50
N GLU C 538 -59.16 -31.76 -37.11
CA GLU C 538 -59.32 -31.40 -38.51
C GLU C 538 -59.28 -29.88 -38.61
N LEU C 539 -59.82 -29.21 -37.60
CA LEU C 539 -59.83 -27.76 -37.56
C LEU C 539 -58.43 -27.26 -37.25
N GLN C 540 -57.59 -28.16 -36.72
CA GLN C 540 -56.21 -27.83 -36.38
C GLN C 540 -55.44 -27.63 -37.67
N LYS C 541 -55.99 -28.17 -38.75
CA LYS C 541 -55.38 -28.06 -40.06
C LYS C 541 -55.47 -26.63 -40.59
N SER C 542 -56.67 -26.06 -40.49
CA SER C 542 -56.91 -24.69 -40.94
C SER C 542 -55.85 -23.72 -40.43
N PRO C 543 -55.70 -22.56 -41.10
CA PRO C 543 -54.72 -21.54 -40.70
C PRO C 543 -55.16 -20.77 -39.46
N TYR C 544 -54.30 -20.76 -38.44
CA TYR C 544 -54.60 -20.05 -37.20
C TYR C 544 -54.91 -18.57 -37.46
N GLY C 545 -53.87 -17.74 -37.40
CA GLY C 545 -54.05 -16.32 -37.62
C GLY C 545 -52.71 -15.65 -37.87
N ARG C 546 -51.69 -16.11 -37.14
CA ARG C 546 -50.35 -15.56 -37.28
C ARG C 546 -49.79 -16.00 -38.62
N ARG C 547 -50.55 -16.81 -39.34
CA ARG C 547 -50.11 -17.31 -40.64
C ARG C 547 -49.81 -16.11 -41.55
N GLN C 548 -50.64 -15.09 -41.44
CA GLN C 548 -50.48 -13.87 -42.22
C GLN C 548 -49.90 -12.75 -41.37
N GLY C 549 -49.65 -13.05 -40.10
CA GLY C 549 -49.08 -12.06 -39.20
C GLY C 549 -47.71 -11.61 -39.69
N ASP C 550 -47.01 -12.53 -40.35
CA ASP C 550 -45.68 -12.23 -40.87
C ASP C 550 -45.76 -11.16 -41.95
N LEU C 551 -46.78 -11.27 -42.80
CA LEU C 551 -47.00 -10.30 -43.87
C LEU C 551 -47.07 -8.90 -43.28
N MET C 552 -47.61 -8.81 -42.07
CA MET C 552 -47.75 -7.54 -41.39
C MET C 552 -46.41 -7.12 -40.80
N GLU C 553 -45.68 -8.11 -40.28
CA GLU C 553 -44.38 -7.84 -39.69
C GLU C 553 -43.46 -7.24 -40.75
N SER C 554 -43.75 -7.54 -42.01
CA SER C 554 -42.97 -7.01 -43.11
C SER C 554 -43.20 -5.51 -43.19
N LEU C 555 -44.45 -5.12 -42.99
CA LEU C 555 -44.83 -3.71 -43.03
C LEU C 555 -44.10 -2.96 -41.91
N GLU C 556 -43.91 -3.65 -40.78
CA GLU C 556 -43.22 -3.08 -39.64
C GLU C 556 -41.81 -2.67 -40.06
N GLN C 557 -41.07 -3.62 -40.61
CA GLN C 557 -39.70 -3.37 -41.04
C GLN C 557 -39.65 -2.19 -41.99
N ARG C 558 -40.70 -2.04 -42.79
CA ARG C 558 -40.76 -0.94 -43.74
C ARG C 558 -40.71 0.40 -43.02
N ALA C 559 -41.65 0.61 -42.10
CA ALA C 559 -41.73 1.85 -41.35
C ALA C 559 -40.40 2.14 -40.68
N ILE C 560 -39.80 1.10 -40.11
CA ILE C 560 -38.51 1.22 -39.44
C ILE C 560 -37.47 1.82 -40.38
N ASP C 561 -37.45 1.32 -41.61
CA ASP C 561 -36.52 1.78 -42.62
C ASP C 561 -36.72 3.27 -42.90
N LEU C 562 -37.96 3.72 -42.85
CA LEU C 562 -38.24 5.14 -43.10
C LEU C 562 -37.76 6.01 -41.95
N TYR C 563 -38.05 5.59 -40.72
CA TYR C 563 -37.63 6.35 -39.55
C TYR C 563 -36.11 6.32 -39.48
N LYS C 564 -35.53 5.28 -40.06
CA LYS C 564 -34.09 5.10 -40.08
C LYS C 564 -33.48 6.10 -41.07
N GLN C 565 -34.14 6.28 -42.20
CA GLN C 565 -33.66 7.21 -43.23
C GLN C 565 -34.13 8.62 -42.88
N LEU C 566 -34.56 8.79 -41.64
CA LEU C 566 -35.04 10.09 -41.18
C LEU C 566 -33.98 10.76 -40.31
N LYS C 567 -33.15 9.94 -39.69
CA LYS C 567 -32.09 10.44 -38.82
C LYS C 567 -30.72 10.25 -39.45
N HIS C 568 -30.48 9.04 -39.96
CA HIS C 568 -29.21 8.70 -40.58
C HIS C 568 -29.05 9.32 -41.96
N ARG C 569 -30.11 9.93 -42.47
CA ARG C 569 -30.05 10.55 -43.79
C ARG C 569 -29.10 11.74 -43.75
N PRO C 570 -28.53 12.11 -44.90
CA PRO C 570 -27.59 13.23 -45.02
C PRO C 570 -28.11 14.55 -44.44
N SER C 571 -27.78 14.79 -43.18
CA SER C 571 -28.18 16.02 -42.49
C SER C 571 -29.69 16.16 -42.31
N ASP C 572 -30.08 17.04 -41.39
CA ASP C 572 -31.49 17.31 -41.11
C ASP C 572 -31.71 18.73 -40.58
N HIS C 573 -32.60 18.86 -39.60
CA HIS C 573 -32.93 20.16 -39.01
C HIS C 573 -33.50 21.14 -40.03
N SER C 574 -33.85 20.63 -41.21
CA SER C 574 -34.40 21.49 -42.27
C SER C 574 -35.21 20.66 -43.27
N TYR C 575 -35.00 19.36 -43.25
CA TYR C 575 -35.69 18.45 -44.16
C TYR C 575 -37.20 18.73 -44.19
N SER C 576 -37.84 18.38 -45.31
CA SER C 576 -39.26 18.60 -45.47
C SER C 576 -39.88 17.55 -46.39
N ASP C 577 -40.66 16.64 -45.82
CA ASP C 577 -41.32 15.59 -46.57
C ASP C 577 -42.08 14.66 -45.63
N SER C 578 -43.05 13.93 -46.15
CA SER C 578 -43.84 13.01 -45.31
C SER C 578 -44.75 12.10 -46.12
N THR C 579 -44.90 12.39 -47.41
CA THR C 579 -45.76 11.60 -48.28
C THR C 579 -45.39 10.12 -48.33
N GLU C 580 -44.10 9.83 -48.24
CA GLU C 580 -43.63 8.45 -48.29
C GLU C 580 -44.19 7.60 -47.15
N MET C 581 -44.14 8.12 -45.93
CA MET C 581 -44.63 7.39 -44.78
C MET C 581 -46.05 6.90 -44.99
N VAL C 582 -46.85 7.71 -45.67
CA VAL C 582 -48.23 7.38 -45.93
C VAL C 582 -48.33 5.94 -46.41
N LYS C 583 -47.35 5.54 -47.19
CA LYS C 583 -47.29 4.19 -47.75
C LYS C 583 -47.50 3.15 -46.65
N ILE C 584 -46.45 2.92 -45.88
CA ILE C 584 -46.47 1.94 -44.80
C ILE C 584 -47.69 2.10 -43.92
N ILE C 585 -48.08 3.34 -43.66
CA ILE C 585 -49.23 3.63 -42.81
C ILE C 585 -50.52 2.96 -43.29
N VAL C 586 -50.96 3.33 -44.49
CA VAL C 586 -52.18 2.80 -45.04
C VAL C 586 -52.19 1.28 -45.14
N HIS C 587 -51.10 0.70 -45.64
CA HIS C 587 -50.99 -0.75 -45.82
C HIS C 587 -51.20 -1.52 -44.53
N THR C 588 -50.53 -1.09 -43.46
CA THR C 588 -50.65 -1.76 -42.17
C THR C 588 -52.08 -1.78 -41.68
N VAL C 589 -52.80 -0.69 -41.93
CA VAL C 589 -54.19 -0.58 -41.51
C VAL C 589 -55.03 -1.66 -42.19
N GLN C 590 -54.95 -1.72 -43.52
CA GLN C 590 -55.70 -2.69 -44.31
C GLN C 590 -55.40 -4.12 -43.85
N SER C 591 -54.13 -4.45 -43.77
CA SER C 591 -53.71 -5.78 -43.35
C SER C 591 -54.23 -6.12 -41.96
N GLN C 592 -54.19 -5.13 -41.09
CA GLN C 592 -54.65 -5.32 -39.72
C GLN C 592 -56.08 -5.82 -39.68
N ASP C 593 -57.02 -4.96 -40.02
CA ASP C 593 -58.45 -5.29 -40.01
C ASP C 593 -58.80 -6.55 -40.80
N ARG C 594 -57.96 -6.92 -41.76
CA ARG C 594 -58.22 -8.10 -42.56
C ARG C 594 -58.02 -9.37 -41.74
N VAL C 595 -56.79 -9.58 -41.29
CA VAL C 595 -56.47 -10.77 -40.51
C VAL C 595 -57.03 -10.67 -39.10
N LEU C 596 -57.37 -9.46 -38.69
CA LEU C 596 -57.92 -9.24 -37.36
C LEU C 596 -59.22 -10.01 -37.19
N LYS C 597 -60.28 -9.54 -37.86
CA LYS C 597 -61.57 -10.21 -37.80
C LYS C 597 -61.47 -11.62 -38.37
N GLU C 598 -60.43 -11.85 -39.16
CA GLU C 598 -60.21 -13.16 -39.75
C GLU C 598 -59.79 -14.14 -38.66
N LEU C 599 -58.98 -13.67 -37.73
CA LEU C 599 -58.51 -14.48 -36.62
C LEU C 599 -59.70 -14.91 -35.77
N PHE C 600 -60.60 -13.98 -35.50
CA PHE C 600 -61.79 -14.26 -34.71
C PHE C 600 -62.65 -15.33 -35.40
N GLY C 601 -62.62 -15.33 -36.73
CA GLY C 601 -63.40 -16.31 -37.46
C GLY C 601 -62.89 -17.71 -37.19
N HIS C 602 -61.59 -17.91 -37.38
CA HIS C 602 -60.97 -19.21 -37.15
C HIS C 602 -61.02 -19.56 -35.67
N LEU C 603 -61.49 -18.62 -34.87
CA LEU C 603 -61.61 -18.82 -33.43
C LEU C 603 -63.02 -19.22 -33.06
N SER C 604 -63.99 -18.67 -33.80
CA SER C 604 -65.41 -18.97 -33.56
C SER C 604 -65.63 -20.47 -33.58
N LYS C 605 -64.94 -21.16 -34.47
CA LYS C 605 -65.06 -22.61 -34.60
C LYS C 605 -64.44 -23.29 -33.37
N LEU C 606 -63.24 -22.84 -33.01
CA LEU C 606 -62.52 -23.39 -31.87
C LEU C 606 -63.31 -23.19 -30.60
N LEU C 607 -63.78 -21.96 -30.40
CA LEU C 607 -64.56 -21.62 -29.20
C LEU C 607 -65.89 -22.35 -29.20
N GLY C 608 -66.40 -22.67 -30.39
CA GLY C 608 -67.67 -23.37 -30.49
C GLY C 608 -67.59 -24.84 -30.16
N CYS C 609 -66.48 -25.47 -30.52
CA CYS C 609 -66.29 -26.89 -30.26
C CYS C 609 -66.23 -27.20 -28.77
N LYS C 610 -65.78 -26.24 -27.97
CA LYS C 610 -65.69 -26.44 -26.53
C LYS C 610 -67.07 -26.74 -25.93
N GLN C 611 -68.02 -25.86 -26.18
CA GLN C 611 -69.38 -26.05 -25.67
C GLN C 611 -69.97 -27.35 -26.17
N LYS C 612 -69.52 -27.77 -27.35
CA LYS C 612 -70.00 -29.02 -27.94
C LYS C 612 -69.46 -30.20 -27.14
N ILE C 613 -68.26 -30.06 -26.62
CA ILE C 613 -67.63 -31.11 -25.82
C ILE C 613 -68.23 -31.08 -24.43
N ILE C 614 -68.42 -29.88 -23.90
CA ILE C 614 -69.00 -29.70 -22.57
C ILE C 614 -70.48 -30.08 -22.58
N ASP C 615 -71.08 -30.06 -23.77
CA ASP C 615 -72.49 -30.40 -23.91
C ASP C 615 -72.67 -31.91 -23.91
N LEU C 616 -71.64 -32.62 -24.39
CA LEU C 616 -71.66 -34.07 -24.45
C LEU C 616 -71.05 -34.65 -23.16
N LEU C 617 -70.36 -33.79 -22.42
CA LEU C 617 -69.73 -34.17 -21.17
C LEU C 617 -70.73 -34.81 -20.21
N PRO C 618 -71.89 -34.16 -20.01
CA PRO C 618 -72.92 -34.71 -19.09
C PRO C 618 -73.53 -36.00 -19.63
N LYS C 619 -73.61 -36.11 -20.95
CA LYS C 619 -74.17 -37.30 -21.58
C LYS C 619 -73.30 -38.53 -21.28
N VAL C 620 -72.04 -38.27 -20.92
CA VAL C 620 -71.11 -39.35 -20.60
C VAL C 620 -71.51 -39.97 -19.26
N GLU C 621 -71.72 -39.13 -18.26
CA GLU C 621 -72.12 -39.60 -16.94
C GLU C 621 -73.42 -40.40 -17.05
N VAL C 622 -74.32 -39.96 -17.93
CA VAL C 622 -75.60 -40.62 -18.14
C VAL C 622 -75.37 -42.08 -18.51
N ALA C 623 -74.50 -42.29 -19.49
CA ALA C 623 -74.17 -43.63 -19.95
C ALA C 623 -73.54 -44.43 -18.81
N LEU C 624 -72.54 -43.83 -18.16
CA LEU C 624 -71.88 -44.49 -17.04
C LEU C 624 -72.87 -44.91 -15.97
N SER C 625 -73.66 -43.95 -15.50
CA SER C 625 -74.66 -44.22 -14.47
C SER C 625 -75.65 -45.31 -14.88
N ASN C 626 -76.11 -45.23 -16.12
CA ASN C 626 -77.07 -46.21 -16.63
C ASN C 626 -76.44 -47.60 -16.77
N ILE C 627 -75.23 -47.65 -17.29
CA ILE C 627 -74.53 -48.92 -17.47
C ILE C 627 -74.15 -49.51 -16.10
N LYS C 628 -73.77 -48.64 -15.17
CA LYS C 628 -73.39 -49.07 -13.83
C LYS C 628 -74.63 -49.41 -13.01
N GLU C 629 -75.77 -48.86 -13.42
CA GLU C 629 -77.04 -49.11 -12.74
C GLU C 629 -77.37 -50.59 -12.89
N ALA C 630 -77.36 -51.07 -14.12
CA ALA C 630 -77.65 -52.46 -14.41
C ALA C 630 -76.48 -53.32 -13.93
N ASP C 631 -75.28 -52.78 -14.06
CA ASP C 631 -74.07 -53.48 -13.64
C ASP C 631 -74.17 -53.84 -12.17
N ASN C 632 -74.92 -53.05 -11.42
CA ASN C 632 -75.09 -53.27 -9.99
C ASN C 632 -76.32 -54.14 -9.72
N THR C 633 -77.42 -53.82 -10.39
CA THR C 633 -78.65 -54.58 -10.20
C THR C 633 -78.44 -56.05 -10.54
N VAL C 634 -78.10 -56.31 -11.79
CA VAL C 634 -77.86 -57.68 -12.26
C VAL C 634 -76.83 -58.37 -11.36
N MET C 635 -75.88 -57.59 -10.85
CA MET C 635 -74.86 -58.14 -9.98
C MET C 635 -75.47 -58.78 -8.74
N PHE C 636 -76.26 -57.99 -8.01
CA PHE C 636 -76.91 -58.49 -6.80
C PHE C 636 -78.11 -59.37 -7.10
N MET C 637 -78.38 -59.57 -8.38
CA MET C 637 -79.48 -60.43 -8.81
C MET C 637 -79.05 -61.89 -8.64
N GLN C 638 -77.78 -62.07 -8.32
CA GLN C 638 -77.21 -63.40 -8.12
C GLN C 638 -77.87 -64.09 -6.94
N GLY C 639 -78.31 -63.29 -5.96
CA GLY C 639 -78.96 -63.86 -4.79
C GLY C 639 -80.37 -64.30 -5.11
N LYS C 640 -81.07 -63.53 -5.92
CA LYS C 640 -82.43 -63.85 -6.28
C LYS C 640 -82.43 -65.01 -7.26
N ARG C 641 -81.23 -65.45 -7.65
CA ARG C 641 -81.09 -66.55 -8.58
C ARG C 641 -80.37 -67.74 -7.95
N GLN C 642 -79.68 -67.48 -6.84
CA GLN C 642 -78.97 -68.53 -6.11
C GLN C 642 -79.52 -68.68 -4.71
N LYS C 643 -79.41 -67.60 -3.94
CA LYS C 643 -79.89 -67.59 -2.56
C LYS C 643 -81.35 -68.02 -2.47
N GLU C 644 -82.13 -67.78 -3.52
CA GLU C 644 -83.53 -68.17 -3.53
C GLU C 644 -83.70 -69.68 -3.68
N ILE C 645 -82.59 -70.36 -3.90
CA ILE C 645 -82.61 -71.82 -4.05
C ILE C 645 -82.38 -72.46 -2.70
N TRP C 646 -81.53 -71.84 -1.89
CA TRP C 646 -81.21 -72.34 -0.56
C TRP C 646 -82.38 -72.07 0.39
N HIS C 647 -83.05 -70.94 0.17
CA HIS C 647 -84.18 -70.56 1.00
C HIS C 647 -85.32 -71.53 0.68
N LEU C 648 -85.31 -72.02 -0.56
CA LEU C 648 -86.31 -72.97 -1.02
C LEU C 648 -85.63 -74.33 -1.15
N LEU C 649 -84.96 -74.73 -0.08
CA LEU C 649 -84.23 -76.00 -0.06
C LEU C 649 -84.64 -76.87 1.13
N LYS C 650 -84.88 -76.25 2.27
CA LYS C 650 -85.26 -76.98 3.48
C LYS C 650 -86.73 -77.38 3.50
N ILE C 651 -87.36 -77.38 2.33
CA ILE C 651 -88.77 -77.75 2.21
C ILE C 651 -89.00 -79.16 2.74
N ALA C 652 -88.00 -80.01 2.61
CA ALA C 652 -88.10 -81.39 3.06
C ALA C 652 -86.91 -81.76 3.93
N CYS C 653 -86.06 -80.79 4.22
CA CYS C 653 -84.88 -81.01 5.05
C CYS C 653 -85.28 -81.08 6.52
N THR C 654 -86.59 -81.17 6.77
CA THR C 654 -87.12 -81.25 8.11
C THR C 654 -88.32 -82.20 8.20
N GLN C 655 -88.38 -83.15 7.28
CA GLN C 655 -89.48 -84.12 7.26
C GLN C 655 -89.11 -85.37 8.06
N ASP D 1 -52.03 -12.16 -92.90
CA ASP D 1 -51.50 -12.48 -94.25
C ASP D 1 -52.46 -13.34 -95.09
N PRO D 2 -53.12 -14.34 -94.45
CA PRO D 2 -54.04 -15.16 -95.25
C PRO D 2 -55.19 -14.31 -95.77
N GLU D 3 -55.81 -14.72 -96.87
CA GLU D 3 -56.91 -13.96 -97.44
C GLU D 3 -58.16 -14.04 -96.55
N PHE D 4 -59.30 -14.38 -97.14
CA PHE D 4 -60.55 -14.48 -96.40
C PHE D 4 -61.02 -13.08 -95.99
N GLY D 5 -60.26 -12.45 -95.09
CA GLY D 5 -60.60 -11.12 -94.63
C GLY D 5 -61.00 -11.06 -93.17
N ALA D 6 -62.19 -10.54 -92.90
CA ALA D 6 -62.69 -10.43 -91.54
C ALA D 6 -64.17 -10.82 -91.47
N GLY D 7 -64.43 -12.12 -91.45
CA GLY D 7 -65.80 -12.61 -91.37
C GLY D 7 -66.52 -12.09 -90.14
N GLY D 8 -65.85 -12.19 -89.00
CA GLY D 8 -66.45 -11.74 -87.75
C GLY D 8 -66.60 -12.85 -86.72
N PRO D 9 -67.48 -13.82 -86.97
CA PRO D 9 -67.72 -14.94 -86.05
C PRO D 9 -66.45 -15.56 -85.48
N TRP D 10 -65.76 -16.38 -86.29
CA TRP D 10 -64.55 -17.04 -85.81
C TRP D 10 -63.37 -16.07 -85.75
N GLU D 11 -62.17 -16.61 -85.59
CA GLU D 11 -60.95 -15.80 -85.52
C GLU D 11 -59.74 -16.69 -85.33
N MET D 12 -58.78 -16.56 -86.24
CA MET D 12 -57.56 -17.38 -86.16
C MET D 12 -56.53 -16.82 -85.18
N ARG D 13 -55.89 -17.73 -84.45
CA ARG D 13 -54.87 -17.36 -83.47
C ARG D 13 -53.50 -17.32 -84.14
N GLU D 14 -52.94 -18.51 -84.37
CA GLU D 14 -51.64 -18.63 -85.00
C GLU D 14 -51.70 -19.62 -86.16
N ARG D 15 -50.74 -19.53 -87.07
CA ARG D 15 -50.68 -20.43 -88.20
C ARG D 15 -50.10 -21.77 -87.76
N LEU D 16 -49.73 -22.61 -88.72
CA LEU D 16 -49.16 -23.92 -88.43
C LEU D 16 -47.85 -24.16 -89.16
N GLY D 17 -47.37 -25.39 -89.12
CA GLY D 17 -46.12 -25.74 -89.77
C GLY D 17 -46.18 -25.79 -91.29
N THR D 18 -45.72 -26.91 -91.86
CA THR D 18 -45.71 -27.09 -93.31
C THR D 18 -47.11 -27.00 -93.92
N GLY D 19 -47.17 -27.14 -95.25
CA GLY D 19 -48.44 -27.07 -95.95
C GLY D 19 -48.33 -26.26 -97.23
N GLY D 20 -47.85 -25.03 -97.11
CA GLY D 20 -47.70 -24.17 -98.27
C GLY D 20 -47.94 -22.70 -97.93
N PHE D 21 -48.04 -21.88 -98.97
CA PHE D 21 -48.27 -20.44 -98.79
C PHE D 21 -49.46 -20.20 -97.88
N GLY D 22 -49.19 -19.82 -96.64
CA GLY D 22 -50.26 -19.56 -95.69
C GLY D 22 -51.16 -20.76 -95.55
N ASN D 23 -50.60 -21.87 -95.10
CA ASN D 23 -51.37 -23.10 -94.91
C ASN D 23 -52.41 -22.99 -93.78
N VAL D 24 -52.65 -24.10 -93.10
CA VAL D 24 -53.63 -24.15 -92.01
C VAL D 24 -53.34 -23.11 -90.93
N CYS D 25 -54.40 -22.64 -90.27
CA CYS D 25 -54.29 -21.66 -89.20
C CYS D 25 -55.19 -22.04 -88.04
N LEU D 26 -54.71 -21.82 -86.82
CA LEU D 26 -55.48 -22.15 -85.63
C LEU D 26 -56.72 -21.26 -85.57
N TYR D 27 -57.85 -21.77 -86.04
CA TYR D 27 -59.10 -21.02 -86.04
C TYR D 27 -59.95 -21.27 -84.80
N GLN D 28 -60.02 -20.27 -83.93
CA GLN D 28 -60.81 -20.35 -82.70
C GLN D 28 -62.03 -19.46 -82.83
N HIS D 29 -63.13 -19.83 -82.18
CA HIS D 29 -64.35 -19.04 -82.24
C HIS D 29 -64.46 -18.15 -81.01
N ARG D 30 -64.31 -16.84 -81.20
CA ARG D 30 -64.39 -15.87 -80.12
C ARG D 30 -65.68 -16.04 -79.32
N GLU D 31 -66.74 -16.46 -80.01
CA GLU D 31 -68.05 -16.68 -79.39
C GLU D 31 -68.14 -18.05 -78.73
N LEU D 32 -68.08 -19.10 -79.55
CA LEU D 32 -68.16 -20.47 -79.05
C LEU D 32 -66.86 -20.91 -78.40
N ASP D 33 -66.62 -22.22 -78.38
CA ASP D 33 -65.42 -22.78 -77.77
C ASP D 33 -64.64 -23.67 -78.74
N LEU D 34 -65.14 -23.78 -79.97
CA LEU D 34 -64.48 -24.59 -80.99
C LEU D 34 -63.23 -23.90 -81.52
N LYS D 35 -62.14 -24.65 -81.60
CA LYS D 35 -60.86 -24.09 -82.08
C LYS D 35 -60.30 -24.92 -83.23
N ILE D 36 -61.18 -25.61 -83.94
CA ILE D 36 -60.76 -26.43 -85.08
C ILE D 36 -60.05 -25.58 -86.12
N ALA D 37 -58.89 -26.05 -86.58
CA ALA D 37 -58.10 -25.34 -87.58
C ALA D 37 -58.48 -25.75 -88.99
N ILE D 38 -58.38 -24.81 -89.91
CA ILE D 38 -58.71 -25.06 -91.32
C ILE D 38 -57.54 -24.60 -92.19
N LYS D 39 -57.33 -25.29 -93.30
CA LYS D 39 -56.24 -24.94 -94.21
C LYS D 39 -56.64 -23.84 -95.18
N SER D 40 -55.73 -22.90 -95.39
CA SER D 40 -55.97 -21.80 -96.31
C SER D 40 -55.24 -22.05 -97.62
N CYS D 41 -55.93 -21.81 -98.73
CA CYS D 41 -55.37 -22.02 -100.05
C CYS D 41 -54.27 -21.00 -100.36
N ARG D 42 -53.26 -21.44 -101.12
CA ARG D 42 -52.17 -20.55 -101.48
C ARG D 42 -52.70 -19.43 -102.37
N LEU D 43 -51.81 -18.79 -103.12
CA LEU D 43 -52.20 -17.71 -104.02
C LEU D 43 -53.07 -18.26 -105.16
N GLU D 44 -52.73 -17.89 -106.39
CA GLU D 44 -53.49 -18.37 -107.55
C GLU D 44 -53.05 -19.77 -107.97
N LEU D 45 -53.61 -20.79 -107.32
CA LEU D 45 -53.28 -22.17 -107.64
C LEU D 45 -53.52 -22.43 -109.13
N SER D 46 -52.56 -23.06 -109.78
CA SER D 46 -52.67 -23.37 -111.20
C SER D 46 -53.95 -24.16 -111.49
N THR D 47 -54.47 -24.02 -112.70
CA THR D 47 -55.68 -24.73 -113.11
C THR D 47 -55.52 -26.24 -112.92
N LYS D 48 -54.35 -26.75 -113.28
CA LYS D 48 -54.05 -28.17 -113.16
C LYS D 48 -53.86 -28.56 -111.68
N ASN D 49 -53.37 -27.63 -110.88
CA ASN D 49 -53.16 -27.85 -109.46
C ASN D 49 -54.47 -27.77 -108.68
N ARG D 50 -55.47 -27.14 -109.29
CA ARG D 50 -56.78 -26.99 -108.67
C ARG D 50 -57.39 -28.34 -108.32
N GLU D 51 -57.20 -29.33 -109.17
CA GLU D 51 -57.74 -30.67 -108.95
C GLU D 51 -56.99 -31.40 -107.81
N ARG D 52 -55.78 -30.94 -107.53
CA ARG D 52 -54.95 -31.53 -106.48
C ARG D 52 -55.50 -31.18 -105.11
N TRP D 53 -55.91 -29.91 -104.95
CA TRP D 53 -56.46 -29.43 -103.69
C TRP D 53 -57.81 -30.07 -103.40
N CYS D 54 -58.70 -30.06 -104.38
CA CYS D 54 -60.02 -30.65 -104.24
C CYS D 54 -59.88 -32.14 -104.00
N HIS D 55 -58.71 -32.67 -104.34
CA HIS D 55 -58.42 -34.10 -104.18
C HIS D 55 -58.10 -34.42 -102.72
N GLU D 56 -57.26 -33.59 -102.11
CA GLU D 56 -56.86 -33.80 -100.72
C GLU D 56 -58.07 -33.84 -99.81
N ILE D 57 -58.92 -32.82 -99.90
CA ILE D 57 -60.13 -32.74 -99.07
C ILE D 57 -61.01 -33.97 -99.29
N GLN D 58 -60.94 -34.53 -100.50
CA GLN D 58 -61.72 -35.72 -100.84
C GLN D 58 -61.31 -36.90 -99.99
N ILE D 59 -60.08 -37.37 -100.17
CA ILE D 59 -59.56 -38.51 -99.41
C ILE D 59 -59.44 -38.20 -97.92
N MET D 60 -59.30 -36.93 -97.56
CA MET D 60 -59.19 -36.52 -96.16
C MET D 60 -60.47 -36.83 -95.39
N LYS D 61 -61.62 -36.63 -96.05
CA LYS D 61 -62.90 -36.89 -95.42
C LYS D 61 -63.14 -38.40 -95.35
N LYS D 62 -62.34 -39.15 -96.10
CA LYS D 62 -62.44 -40.61 -96.12
C LYS D 62 -61.78 -41.19 -94.87
N LEU D 63 -60.83 -40.45 -94.31
CA LEU D 63 -60.11 -40.87 -93.11
C LEU D 63 -60.88 -40.47 -91.85
N ASN D 64 -61.17 -41.43 -90.98
CA ASN D 64 -61.88 -41.15 -89.73
C ASN D 64 -61.36 -42.01 -88.57
N HIS D 65 -60.03 -42.07 -88.46
CA HIS D 65 -59.39 -42.83 -87.40
C HIS D 65 -58.93 -41.86 -86.32
N ALA D 66 -59.43 -42.05 -85.11
CA ALA D 66 -59.09 -41.19 -83.98
C ALA D 66 -57.60 -41.19 -83.65
N ASN D 67 -56.80 -41.88 -84.46
CA ASN D 67 -55.37 -41.95 -84.22
C ASN D 67 -54.61 -41.12 -85.24
N VAL D 68 -55.33 -40.58 -86.21
CA VAL D 68 -54.73 -39.74 -87.25
C VAL D 68 -55.51 -38.43 -87.36
N VAL D 69 -55.11 -37.59 -88.30
CA VAL D 69 -55.79 -36.31 -88.51
C VAL D 69 -57.15 -36.52 -89.15
N LYS D 70 -58.19 -36.07 -88.45
CA LYS D 70 -59.56 -36.21 -88.95
C LYS D 70 -59.92 -35.08 -89.92
N ALA D 71 -61.08 -35.22 -90.55
CA ALA D 71 -61.56 -34.22 -91.50
C ALA D 71 -62.81 -33.55 -90.94
N CYS D 72 -62.61 -32.52 -90.14
CA CYS D 72 -63.73 -31.81 -89.53
C CYS D 72 -64.50 -31.06 -90.61
N ASP D 73 -65.64 -30.48 -90.23
CA ASP D 73 -66.47 -29.75 -91.18
C ASP D 73 -66.25 -28.25 -91.14
N VAL D 74 -66.02 -27.67 -92.31
CA VAL D 74 -65.82 -26.23 -92.42
C VAL D 74 -67.07 -25.52 -91.93
N PRO D 75 -66.91 -24.57 -90.99
CA PRO D 75 -68.06 -23.83 -90.43
C PRO D 75 -68.87 -23.13 -91.53
N GLU D 76 -69.91 -22.40 -91.11
CA GLU D 76 -70.75 -21.69 -92.04
C GLU D 76 -69.91 -20.65 -92.78
N GLU D 77 -68.78 -20.30 -92.18
CA GLU D 77 -67.87 -19.31 -92.75
C GLU D 77 -66.95 -19.91 -93.80
N LEU D 78 -67.52 -20.46 -94.87
CA LEU D 78 -66.71 -21.06 -95.93
C LEU D 78 -65.98 -19.93 -96.67
N ASN D 79 -66.38 -18.69 -96.37
CA ASN D 79 -65.79 -17.51 -96.99
C ASN D 79 -65.88 -17.46 -98.51
N ILE D 80 -65.07 -16.61 -99.11
CA ILE D 80 -65.04 -16.44 -100.56
C ILE D 80 -64.15 -17.48 -101.25
N LEU D 81 -63.47 -18.30 -100.44
CA LEU D 81 -62.58 -19.33 -100.95
C LEU D 81 -61.48 -18.76 -101.83
N ILE D 82 -60.28 -18.64 -101.26
CA ILE D 82 -59.14 -18.11 -101.99
C ILE D 82 -59.03 -18.77 -103.36
N HIS D 83 -58.58 -18.00 -104.35
CA HIS D 83 -58.42 -18.51 -105.71
C HIS D 83 -59.74 -19.02 -106.28
N ASP D 84 -60.08 -20.26 -105.92
CA ASP D 84 -61.31 -20.88 -106.40
C ASP D 84 -61.53 -22.20 -105.70
N VAL D 85 -60.45 -22.74 -105.11
CA VAL D 85 -60.51 -24.01 -104.40
C VAL D 85 -61.08 -23.83 -103.00
N PRO D 86 -61.75 -24.87 -102.48
CA PRO D 86 -62.37 -24.88 -101.15
C PRO D 86 -61.36 -24.90 -100.00
N LEU D 87 -61.87 -25.12 -98.79
CA LEU D 87 -61.02 -25.17 -97.61
C LEU D 87 -60.89 -26.60 -97.05
N LEU D 88 -60.10 -26.73 -95.99
CA LEU D 88 -59.89 -28.03 -95.36
C LEU D 88 -59.94 -27.91 -93.83
N ALA D 89 -61.11 -28.16 -93.25
CA ALA D 89 -61.29 -28.08 -91.81
C ALA D 89 -60.81 -29.38 -91.20
N MET D 90 -60.30 -29.31 -89.97
CA MET D 90 -59.80 -30.49 -89.29
C MET D 90 -59.57 -30.26 -87.79
N GLU D 91 -59.54 -31.35 -87.03
CA GLU D 91 -59.35 -31.29 -85.58
C GLU D 91 -58.01 -30.64 -85.22
N TYR D 92 -58.02 -29.86 -84.14
CA TYR D 92 -56.81 -29.19 -83.69
C TYR D 92 -56.23 -29.87 -82.46
N CYS D 93 -54.90 -29.81 -82.33
CA CYS D 93 -54.21 -30.42 -81.21
C CYS D 93 -53.14 -29.47 -80.67
N SER D 94 -53.33 -29.04 -79.42
CA SER D 94 -52.38 -28.13 -78.78
C SER D 94 -51.14 -28.85 -78.29
N GLY D 95 -51.15 -30.18 -78.39
CA GLY D 95 -50.01 -30.96 -77.94
C GLY D 95 -48.76 -30.71 -78.77
N GLY D 96 -48.88 -29.82 -79.75
CA GLY D 96 -47.75 -29.51 -80.61
C GLY D 96 -47.30 -30.70 -81.44
N ASP D 97 -46.36 -30.46 -82.34
CA ASP D 97 -45.84 -31.53 -83.19
C ASP D 97 -44.95 -32.48 -82.39
N LEU D 98 -44.43 -33.50 -83.08
CA LEU D 98 -43.56 -34.48 -82.45
C LEU D 98 -42.17 -33.89 -82.20
N ARG D 99 -41.74 -33.01 -83.10
CA ARG D 99 -40.44 -32.36 -82.99
C ARG D 99 -40.27 -31.67 -81.64
N LYS D 100 -41.41 -31.29 -81.05
CA LYS D 100 -41.39 -30.64 -79.75
C LYS D 100 -40.86 -31.60 -78.70
N LEU D 101 -41.54 -32.74 -78.54
CA LEU D 101 -41.16 -33.76 -77.58
C LEU D 101 -39.74 -34.27 -77.85
N LEU D 102 -39.33 -34.23 -79.11
CA LEU D 102 -38.00 -34.67 -79.51
C LEU D 102 -36.91 -33.69 -79.09
N ASN D 103 -37.19 -32.40 -79.27
CA ASN D 103 -36.23 -31.37 -78.91
C ASN D 103 -36.14 -31.13 -77.40
N LYS D 104 -37.07 -31.70 -76.65
CA LYS D 104 -37.08 -31.54 -75.19
C LYS D 104 -35.76 -32.03 -74.59
N PRO D 105 -35.06 -31.15 -73.88
CA PRO D 105 -33.78 -31.49 -73.24
C PRO D 105 -33.89 -32.74 -72.37
N GLU D 106 -35.02 -32.89 -71.70
CA GLU D 106 -35.27 -34.04 -70.84
C GLU D 106 -35.16 -35.33 -71.63
N ASN D 107 -35.49 -35.26 -72.93
CA ASN D 107 -35.43 -36.40 -73.83
C ASN D 107 -34.29 -36.22 -74.84
N CYS D 108 -33.28 -35.47 -74.43
CA CYS D 108 -32.13 -35.19 -75.28
C CYS D 108 -31.40 -36.48 -75.65
N CYS D 109 -31.69 -37.56 -74.93
CA CYS D 109 -31.04 -38.84 -75.21
C CYS D 109 -32.04 -39.99 -75.25
N GLY D 110 -33.20 -39.75 -75.83
CA GLY D 110 -34.21 -40.78 -75.94
C GLY D 110 -35.42 -40.56 -75.04
N LEU D 111 -36.60 -40.58 -75.65
CA LEU D 111 -37.83 -40.37 -74.91
C LEU D 111 -37.99 -41.52 -73.91
N LYS D 112 -38.82 -41.31 -72.90
CA LYS D 112 -39.08 -42.34 -71.89
C LYS D 112 -39.79 -43.54 -72.53
N GLU D 113 -39.49 -44.74 -72.02
CA GLU D 113 -40.10 -45.97 -72.53
C GLU D 113 -41.60 -45.79 -72.76
N SER D 114 -42.26 -45.10 -71.82
CA SER D 114 -43.70 -44.87 -71.92
C SER D 114 -44.06 -44.19 -73.24
N GLN D 115 -43.52 -43.00 -73.44
CA GLN D 115 -43.78 -42.23 -74.65
C GLN D 115 -43.38 -42.99 -75.91
N ILE D 116 -42.25 -43.68 -75.85
CA ILE D 116 -41.74 -44.45 -76.97
C ILE D 116 -42.80 -45.42 -77.51
N LEU D 117 -43.11 -46.45 -76.73
CA LEU D 117 -44.10 -47.45 -77.11
C LEU D 117 -45.46 -46.81 -77.38
N SER D 118 -45.74 -45.71 -76.67
CA SER D 118 -47.00 -45.00 -76.83
C SER D 118 -47.09 -44.38 -78.22
N LEU D 119 -45.97 -44.37 -78.95
CA LEU D 119 -45.92 -43.82 -80.30
C LEU D 119 -46.12 -44.93 -81.34
N LEU D 120 -45.66 -46.13 -81.01
CA LEU D 120 -45.82 -47.28 -81.89
C LEU D 120 -47.27 -47.70 -81.96
N SER D 121 -47.90 -47.85 -80.79
CA SER D 121 -49.30 -48.24 -80.71
C SER D 121 -50.20 -47.18 -81.34
N ASP D 122 -49.66 -45.97 -81.47
CA ASP D 122 -50.41 -44.86 -82.07
C ASP D 122 -50.11 -44.71 -83.56
N ILE D 123 -48.93 -44.20 -83.87
CA ILE D 123 -48.53 -44.01 -85.27
C ILE D 123 -48.55 -45.33 -86.03
N GLY D 124 -48.21 -46.42 -85.35
CA GLY D 124 -48.22 -47.73 -85.98
C GLY D 124 -49.61 -48.17 -86.41
N SER D 125 -50.62 -47.73 -85.68
CA SER D 125 -52.01 -48.06 -86.00
C SER D 125 -52.54 -47.15 -87.10
N GLY D 126 -52.25 -45.86 -86.97
CA GLY D 126 -52.68 -44.89 -87.97
C GLY D 126 -52.02 -45.09 -89.31
N ILE D 127 -50.71 -45.37 -89.29
CA ILE D 127 -49.95 -45.60 -90.51
C ILE D 127 -50.50 -46.85 -91.23
N ARG D 128 -51.05 -47.78 -90.44
CA ARG D 128 -51.62 -49.01 -90.97
C ARG D 128 -52.98 -48.71 -91.59
N TYR D 129 -53.76 -47.88 -90.89
CA TYR D 129 -55.09 -47.50 -91.35
C TYR D 129 -55.02 -46.89 -92.74
N LEU D 130 -54.09 -45.96 -92.94
CA LEU D 130 -53.91 -45.31 -94.22
C LEU D 130 -53.64 -46.34 -95.31
N HIS D 131 -52.98 -47.43 -94.92
CA HIS D 131 -52.68 -48.50 -95.86
C HIS D 131 -53.91 -49.36 -96.14
N GLU D 132 -54.94 -49.17 -95.33
CA GLU D 132 -56.18 -49.91 -95.50
C GLU D 132 -57.16 -49.13 -96.37
N ASN D 133 -56.67 -48.06 -96.99
CA ASN D 133 -57.48 -47.20 -97.86
C ASN D 133 -56.66 -46.84 -99.10
N LYS D 134 -55.63 -47.63 -99.36
CA LYS D 134 -54.74 -47.42 -100.49
C LYS D 134 -54.11 -46.03 -100.46
N ILE D 135 -54.09 -45.43 -99.28
CA ILE D 135 -53.52 -44.11 -99.08
C ILE D 135 -52.13 -44.27 -98.46
N ILE D 136 -51.10 -43.90 -99.21
CA ILE D 136 -49.72 -44.01 -98.73
C ILE D 136 -49.07 -42.64 -98.51
N HIS D 137 -48.72 -42.36 -97.27
CA HIS D 137 -48.07 -41.11 -96.90
C HIS D 137 -46.58 -41.36 -96.65
N ARG D 138 -45.77 -41.07 -97.65
CA ARG D 138 -44.33 -41.29 -97.54
C ARG D 138 -43.60 -40.18 -96.78
N ASP D 139 -44.12 -38.96 -96.87
CA ASP D 139 -43.52 -37.82 -96.19
C ASP D 139 -43.82 -37.86 -94.70
N LEU D 140 -43.79 -39.06 -94.12
CA LEU D 140 -44.04 -39.24 -92.69
C LEU D 140 -42.86 -38.76 -91.85
N LYS D 141 -42.68 -37.45 -91.78
CA LYS D 141 -41.60 -36.86 -91.01
C LYS D 141 -42.12 -36.37 -89.66
N PRO D 142 -41.27 -36.40 -88.63
CA PRO D 142 -41.62 -35.96 -87.26
C PRO D 142 -42.45 -34.67 -87.20
N GLU D 143 -42.11 -33.69 -88.03
CA GLU D 143 -42.83 -32.42 -88.06
C GLU D 143 -44.21 -32.55 -88.66
N ASN D 144 -44.70 -33.79 -88.74
CA ASN D 144 -46.02 -34.07 -89.28
C ASN D 144 -46.81 -34.98 -88.36
N ILE D 145 -46.40 -35.06 -87.09
CA ILE D 145 -47.08 -35.89 -86.10
C ILE D 145 -47.52 -35.04 -84.91
N VAL D 146 -48.75 -34.54 -84.97
CA VAL D 146 -49.29 -33.71 -83.91
C VAL D 146 -49.63 -34.53 -82.67
N LEU D 147 -49.68 -33.86 -81.52
CA LEU D 147 -49.99 -34.50 -80.26
C LEU D 147 -51.20 -33.84 -79.61
N GLN D 148 -51.90 -34.59 -78.78
CA GLN D 148 -53.08 -34.07 -78.10
C GLN D 148 -53.28 -34.76 -76.76
N ASP D 149 -53.76 -34.00 -75.77
CA ASP D 149 -53.99 -34.54 -74.44
C ASP D 149 -55.43 -35.05 -74.32
N VAL D 150 -55.80 -35.97 -75.22
CA VAL D 150 -57.14 -36.54 -75.22
C VAL D 150 -57.42 -37.25 -73.90
N GLY D 151 -58.07 -36.54 -72.99
CA GLY D 151 -58.38 -37.12 -71.70
C GLY D 151 -57.28 -36.92 -70.68
N GLY D 152 -56.22 -37.71 -70.79
CA GLY D 152 -55.11 -37.58 -69.86
C GLY D 152 -53.78 -37.98 -70.46
N LYS D 153 -53.80 -38.99 -71.33
CA LYS D 153 -52.59 -39.47 -71.98
C LYS D 153 -52.35 -38.78 -73.30
N ILE D 154 -51.10 -38.77 -73.76
CA ILE D 154 -50.73 -38.15 -75.02
C ILE D 154 -51.14 -39.03 -76.20
N ILE D 155 -51.85 -38.43 -77.15
CA ILE D 155 -52.31 -39.15 -78.33
C ILE D 155 -51.63 -38.64 -79.60
N HIS D 156 -50.77 -39.47 -80.18
CA HIS D 156 -50.05 -39.13 -81.40
C HIS D 156 -50.98 -39.30 -82.60
N LYS D 157 -50.90 -38.37 -83.54
CA LYS D 157 -51.73 -38.43 -84.73
C LYS D 157 -51.00 -37.94 -85.97
N ILE D 158 -51.09 -38.71 -87.05
CA ILE D 158 -50.46 -38.34 -88.31
C ILE D 158 -51.26 -37.16 -88.87
N ILE D 159 -50.65 -36.36 -89.73
CA ILE D 159 -51.36 -35.21 -90.30
C ILE D 159 -50.76 -34.72 -91.60
N ASP D 160 -51.57 -34.01 -92.38
CA ASP D 160 -51.15 -33.46 -93.67
C ASP D 160 -50.82 -34.56 -94.67
N LEU D 161 -51.59 -34.63 -95.75
CA LEU D 161 -51.38 -35.64 -96.78
C LEU D 161 -51.25 -34.98 -98.15
N GLY D 162 -51.06 -33.66 -98.16
CA GLY D 162 -50.93 -32.93 -99.41
C GLY D 162 -49.74 -33.36 -100.26
N TYR D 163 -48.94 -34.27 -99.75
CA TYR D 163 -47.80 -34.76 -100.50
C TYR D 163 -47.83 -36.29 -100.55
N ALA D 164 -48.71 -36.86 -99.74
CA ALA D 164 -48.87 -38.30 -99.67
C ALA D 164 -49.52 -38.82 -100.93
N LYS D 165 -48.74 -39.49 -101.77
CA LYS D 165 -49.24 -40.06 -103.00
C LYS D 165 -50.18 -41.21 -102.64
N ASP D 166 -50.87 -41.79 -103.62
CA ASP D 166 -51.78 -42.89 -103.33
C ASP D 166 -52.19 -43.66 -104.58
N VAL D 167 -53.30 -44.40 -104.48
CA VAL D 167 -53.78 -45.19 -105.60
C VAL D 167 -55.07 -44.61 -106.18
N ASP D 168 -55.75 -43.78 -105.40
CA ASP D 168 -56.99 -43.15 -105.86
C ASP D 168 -56.69 -42.23 -107.03
N GLN D 169 -57.74 -41.60 -107.56
CA GLN D 169 -57.57 -40.69 -108.69
C GLN D 169 -56.66 -39.53 -108.28
N GLY D 170 -55.47 -39.49 -108.87
CA GLY D 170 -54.54 -38.44 -108.55
C GLY D 170 -53.27 -38.97 -107.88
N GLU D 171 -52.83 -40.14 -108.32
CA GLU D 171 -51.63 -40.77 -107.78
C GLU D 171 -50.44 -39.83 -107.90
N LEU D 172 -49.57 -39.84 -106.89
CA LEU D 172 -48.38 -39.00 -106.87
C LEU D 172 -48.76 -37.51 -106.80
N CYS D 173 -47.97 -36.75 -106.06
CA CYS D 173 -48.20 -35.32 -105.91
C CYS D 173 -46.96 -34.53 -106.30
N THR D 174 -45.86 -34.80 -105.60
CA THR D 174 -44.59 -34.13 -105.87
C THR D 174 -43.47 -35.01 -105.32
N GLU D 175 -42.81 -35.74 -106.21
CA GLU D 175 -41.74 -36.65 -105.81
C GLU D 175 -40.79 -36.01 -104.80
N PHE D 176 -40.47 -34.74 -105.01
CA PHE D 176 -39.59 -34.01 -104.11
C PHE D 176 -40.38 -32.98 -103.29
N VAL D 177 -40.03 -32.87 -102.01
CA VAL D 177 -40.71 -31.94 -101.12
C VAL D 177 -39.74 -30.85 -100.64
N GLY D 178 -39.03 -31.13 -99.55
CA GLY D 178 -38.07 -30.18 -99.02
C GLY D 178 -37.52 -30.62 -97.68
N THR D 179 -36.29 -30.22 -97.39
CA THR D 179 -35.63 -30.57 -96.12
C THR D 179 -35.86 -32.06 -95.83
N LEU D 180 -35.17 -32.91 -96.59
CA LEU D 180 -35.32 -34.34 -96.44
C LEU D 180 -34.38 -34.90 -95.40
N GLN D 181 -34.86 -35.89 -94.67
CA GLN D 181 -34.09 -36.57 -93.63
C GLN D 181 -34.86 -37.76 -93.09
N TYR D 182 -36.15 -37.81 -93.39
CA TYR D 182 -37.01 -38.89 -92.93
C TYR D 182 -37.86 -39.42 -94.06
N LEU D 183 -37.25 -40.17 -94.96
CA LEU D 183 -37.95 -40.75 -96.09
C LEU D 183 -37.15 -41.86 -96.76
N ALA D 184 -37.84 -42.92 -97.18
CA ALA D 184 -37.19 -44.05 -97.84
C ALA D 184 -36.39 -43.57 -99.05
N PRO D 185 -35.27 -44.26 -99.37
CA PRO D 185 -34.42 -43.91 -100.51
C PRO D 185 -35.07 -44.16 -101.87
N GLU D 186 -36.39 -44.39 -101.86
CA GLU D 186 -37.13 -44.64 -103.10
C GLU D 186 -37.31 -43.37 -103.92
N LEU D 187 -37.95 -42.37 -103.32
CA LEU D 187 -38.19 -41.11 -104.00
C LEU D 187 -36.92 -40.33 -104.34
N PHE D 188 -35.77 -40.87 -103.93
CA PHE D 188 -34.49 -40.22 -104.21
C PHE D 188 -33.98 -40.57 -105.60
N GLU D 189 -34.67 -41.49 -106.26
CA GLU D 189 -34.30 -41.92 -107.61
C GLU D 189 -35.46 -41.70 -108.57
N ASN D 190 -36.61 -41.31 -108.03
CA ASN D 190 -37.81 -41.08 -108.82
C ASN D 190 -38.20 -42.34 -109.61
N LYS D 191 -37.59 -43.46 -109.24
CA LYS D 191 -37.86 -44.74 -109.88
C LYS D 191 -39.12 -45.36 -109.30
N PRO D 192 -39.64 -46.43 -109.93
CA PRO D 192 -40.85 -47.10 -109.45
C PRO D 192 -40.79 -47.39 -107.95
N TYR D 193 -41.50 -46.59 -107.17
CA TYR D 193 -41.55 -46.75 -105.72
C TYR D 193 -42.51 -47.88 -105.33
N THR D 194 -42.68 -48.06 -104.01
CA THR D 194 -43.55 -49.11 -103.50
C THR D 194 -44.45 -48.56 -102.39
N ALA D 195 -45.10 -49.46 -101.66
CA ALA D 195 -45.97 -49.08 -100.56
C ALA D 195 -45.26 -49.17 -99.21
N THR D 196 -44.04 -49.73 -99.24
CA THR D 196 -43.24 -49.89 -98.03
C THR D 196 -42.48 -48.60 -97.69
N VAL D 197 -42.54 -47.62 -98.60
CA VAL D 197 -41.87 -46.34 -98.40
C VAL D 197 -42.24 -45.71 -97.05
N ASP D 198 -43.44 -46.02 -96.56
CA ASP D 198 -43.93 -45.50 -95.29
C ASP D 198 -43.25 -46.19 -94.12
N TYR D 199 -43.01 -47.50 -94.25
CA TYR D 199 -42.35 -48.28 -93.20
C TYR D 199 -41.02 -47.68 -92.78
N TRP D 200 -40.30 -47.12 -93.75
CA TRP D 200 -39.00 -46.50 -93.49
C TRP D 200 -39.15 -45.24 -92.65
N SER D 201 -40.04 -44.34 -93.10
CA SER D 201 -40.30 -43.09 -92.39
C SER D 201 -40.67 -43.36 -90.93
N PHE D 202 -41.54 -44.33 -90.71
CA PHE D 202 -41.98 -44.70 -89.37
C PHE D 202 -40.84 -45.32 -88.55
N GLY D 203 -40.09 -46.22 -89.16
CA GLY D 203 -38.98 -46.86 -88.48
C GLY D 203 -37.92 -45.87 -88.02
N THR D 204 -37.48 -45.01 -88.93
CA THR D 204 -36.47 -44.01 -88.64
C THR D 204 -36.81 -43.18 -87.39
N MET D 205 -38.06 -42.73 -87.31
CA MET D 205 -38.53 -41.94 -86.18
C MET D 205 -38.51 -42.76 -84.90
N VAL D 206 -39.01 -43.99 -84.98
CA VAL D 206 -39.04 -44.87 -83.81
C VAL D 206 -37.64 -45.00 -83.21
N PHE D 207 -36.64 -45.08 -84.07
CA PHE D 207 -35.25 -45.18 -83.63
C PHE D 207 -34.86 -43.91 -82.89
N GLU D 208 -35.10 -42.76 -83.51
CA GLU D 208 -34.79 -41.46 -82.92
C GLU D 208 -35.51 -41.23 -81.60
N CYS D 209 -36.71 -41.81 -81.45
CA CYS D 209 -37.49 -41.68 -80.22
C CYS D 209 -36.90 -42.55 -79.11
N ILE D 210 -35.71 -43.08 -79.35
CA ILE D 210 -35.03 -43.94 -78.38
C ILE D 210 -33.59 -43.48 -78.21
N ALA D 211 -32.99 -43.04 -79.30
CA ALA D 211 -31.61 -42.55 -79.29
C ALA D 211 -31.57 -41.03 -79.18
N GLY D 212 -32.42 -40.37 -79.96
CA GLY D 212 -32.47 -38.91 -79.94
C GLY D 212 -31.92 -38.29 -81.21
N TYR D 213 -31.61 -39.13 -82.19
CA TYR D 213 -31.06 -38.66 -83.46
C TYR D 213 -31.36 -39.63 -84.61
N ARG D 214 -31.07 -39.19 -85.82
CA ARG D 214 -31.31 -40.01 -87.00
C ARG D 214 -30.91 -41.48 -86.84
N PRO D 215 -31.55 -42.37 -87.62
CA PRO D 215 -31.29 -43.81 -87.58
C PRO D 215 -29.94 -44.18 -88.20
N PHE D 216 -29.33 -43.21 -88.87
CA PHE D 216 -28.03 -43.41 -89.53
C PHE D 216 -27.10 -42.28 -89.14
N LEU D 217 -27.02 -41.25 -89.98
CA LEU D 217 -26.17 -40.10 -89.71
C LEU D 217 -26.96 -38.96 -89.06
N HIS D 218 -26.75 -38.79 -87.77
CA HIS D 218 -27.43 -37.76 -87.00
C HIS D 218 -27.17 -36.37 -87.56
N HIS D 219 -28.23 -35.73 -88.06
CA HIS D 219 -28.14 -34.40 -88.62
C HIS D 219 -27.04 -34.26 -89.67
N LEU D 220 -27.17 -35.02 -90.75
CA LEU D 220 -26.21 -34.96 -91.85
C LEU D 220 -26.92 -34.79 -93.18
N GLN D 221 -26.38 -33.93 -94.04
CA GLN D 221 -26.97 -33.67 -95.35
C GLN D 221 -27.31 -34.98 -96.07
N PRO D 222 -28.61 -35.17 -96.38
CA PRO D 222 -29.06 -36.39 -97.07
C PRO D 222 -28.42 -36.56 -98.44
N PHE D 223 -27.92 -35.46 -99.00
CA PHE D 223 -27.28 -35.49 -100.30
C PHE D 223 -26.11 -36.47 -100.26
N THR D 224 -25.06 -36.12 -99.51
CA THR D 224 -23.89 -36.97 -99.38
C THR D 224 -24.11 -37.94 -98.23
N TRP D 225 -25.38 -38.32 -98.04
CA TRP D 225 -25.76 -39.24 -96.98
C TRP D 225 -26.11 -40.62 -97.53
N HIS D 226 -26.95 -40.66 -98.56
CA HIS D 226 -27.35 -41.92 -99.18
C HIS D 226 -26.27 -42.41 -100.17
N GLU D 227 -25.04 -41.95 -99.96
CA GLU D 227 -23.92 -42.33 -100.80
C GLU D 227 -22.98 -43.23 -100.00
N LYS D 228 -22.52 -42.70 -98.86
CA LYS D 228 -21.61 -43.44 -97.98
C LYS D 228 -22.36 -44.54 -97.24
N ILE D 229 -23.68 -44.43 -97.16
CA ILE D 229 -24.48 -45.42 -96.47
C ILE D 229 -25.32 -46.24 -97.44
N LYS D 230 -25.14 -46.01 -98.73
CA LYS D 230 -25.90 -46.72 -99.74
C LYS D 230 -25.77 -48.23 -99.56
N LYS D 231 -24.61 -48.67 -99.06
CA LYS D 231 -24.37 -50.08 -98.84
C LYS D 231 -25.15 -50.59 -97.63
N LYS D 232 -24.79 -50.10 -96.44
CA LYS D 232 -25.47 -50.49 -95.21
C LYS D 232 -25.29 -51.97 -94.91
N ASP D 233 -24.94 -52.29 -93.67
CA ASP D 233 -24.75 -53.68 -93.27
C ASP D 233 -26.11 -54.39 -93.21
N PRO D 234 -26.11 -55.71 -93.05
CA PRO D 234 -27.36 -56.47 -93.00
C PRO D 234 -28.24 -56.10 -91.81
N LYS D 235 -29.40 -55.52 -92.10
CA LYS D 235 -30.35 -55.11 -91.08
C LYS D 235 -29.77 -54.03 -90.16
N CYS D 236 -28.90 -53.20 -90.73
CA CYS D 236 -28.28 -52.11 -89.98
C CYS D 236 -29.31 -51.04 -89.62
N ILE D 237 -29.21 -50.51 -88.40
CA ILE D 237 -30.13 -49.47 -87.95
C ILE D 237 -29.42 -48.30 -87.28
N PHE D 238 -28.13 -48.14 -87.57
CA PHE D 238 -27.35 -47.04 -87.00
C PHE D 238 -26.00 -46.86 -87.71
N ALA D 239 -25.54 -45.62 -87.80
CA ALA D 239 -24.28 -45.33 -88.47
C ALA D 239 -23.90 -43.88 -88.26
N CYS D 240 -23.15 -43.61 -87.19
CA CYS D 240 -22.73 -42.25 -86.90
C CYS D 240 -21.30 -42.03 -87.40
N GLU D 241 -20.74 -40.87 -87.06
CA GLU D 241 -19.37 -40.51 -87.45
C GLU D 241 -18.48 -40.35 -86.23
N GLU D 242 -17.43 -41.18 -86.18
CA GLU D 242 -16.48 -41.15 -85.08
C GLU D 242 -15.90 -39.76 -84.90
N MET D 243 -15.32 -39.52 -83.73
CA MET D 243 -14.71 -38.24 -83.41
C MET D 243 -13.70 -37.84 -84.49
N SER D 244 -13.07 -38.85 -85.08
CA SER D 244 -12.08 -38.63 -86.14
C SER D 244 -12.75 -38.54 -87.51
N GLY D 245 -14.02 -38.14 -87.52
CA GLY D 245 -14.74 -38.02 -88.78
C GLY D 245 -15.02 -39.35 -89.44
N GLU D 246 -14.44 -40.42 -88.91
CA GLU D 246 -14.64 -41.76 -89.48
C GLU D 246 -16.11 -42.13 -89.47
N VAL D 247 -16.43 -43.23 -90.15
CA VAL D 247 -17.80 -43.71 -90.22
C VAL D 247 -17.91 -45.13 -89.67
N ARG D 248 -18.87 -45.35 -88.78
CA ARG D 248 -19.08 -46.66 -88.18
C ARG D 248 -20.52 -47.13 -88.33
N PHE D 249 -20.69 -48.40 -88.68
CA PHE D 249 -22.00 -48.98 -88.88
C PHE D 249 -22.32 -49.96 -87.75
N SER D 250 -23.61 -50.24 -87.55
CA SER D 250 -24.05 -51.16 -86.51
C SER D 250 -25.52 -51.50 -86.64
N SER D 251 -25.87 -52.75 -86.35
CA SER D 251 -27.24 -53.20 -86.42
C SER D 251 -27.85 -53.27 -85.03
N HIS D 252 -27.17 -52.65 -84.06
CA HIS D 252 -27.63 -52.64 -82.68
C HIS D 252 -28.32 -51.32 -82.36
N LEU D 253 -28.85 -51.22 -81.15
CA LEU D 253 -29.52 -50.00 -80.71
C LEU D 253 -28.60 -49.21 -79.77
N PRO D 254 -28.16 -48.02 -80.19
CA PRO D 254 -27.27 -47.16 -79.42
C PRO D 254 -27.71 -46.91 -77.96
N GLN D 255 -26.80 -46.33 -77.19
CA GLN D 255 -27.04 -46.03 -75.78
C GLN D 255 -26.70 -44.56 -75.50
N PRO D 256 -27.34 -43.96 -74.49
CA PRO D 256 -28.34 -44.58 -73.61
C PRO D 256 -29.75 -44.50 -74.19
N ASN D 257 -30.60 -45.45 -73.82
CA ASN D 257 -31.97 -45.48 -74.31
C ASN D 257 -32.93 -45.40 -73.13
N SER D 258 -34.16 -45.86 -73.33
CA SER D 258 -35.16 -45.84 -72.27
C SER D 258 -35.94 -47.14 -72.23
N LEU D 259 -35.63 -48.04 -73.16
CA LEU D 259 -36.31 -49.34 -73.22
C LEU D 259 -35.72 -50.27 -72.18
N CYS D 260 -36.53 -51.19 -71.67
CA CYS D 260 -36.07 -52.12 -70.66
C CYS D 260 -35.12 -53.14 -71.31
N SER D 261 -34.49 -53.97 -70.47
CA SER D 261 -33.55 -54.98 -70.95
C SER D 261 -34.24 -56.14 -71.69
N LEU D 262 -35.54 -56.01 -71.91
CA LEU D 262 -36.31 -57.04 -72.59
C LEU D 262 -36.87 -56.56 -73.93
N ILE D 263 -37.42 -55.35 -73.93
CA ILE D 263 -37.99 -54.77 -75.14
C ILE D 263 -36.92 -54.50 -76.20
N VAL D 264 -35.66 -54.56 -75.79
CA VAL D 264 -34.54 -54.33 -76.69
C VAL D 264 -34.43 -55.40 -77.76
N GLU D 265 -34.49 -56.66 -77.33
CA GLU D 265 -34.39 -57.79 -78.26
C GLU D 265 -35.35 -57.68 -79.45
N PRO D 266 -36.63 -57.35 -79.21
CA PRO D 266 -37.60 -57.22 -80.30
C PRO D 266 -37.53 -55.87 -81.03
N MET D 267 -37.27 -54.81 -80.26
CA MET D 267 -37.18 -53.47 -80.83
C MET D 267 -36.10 -53.38 -81.90
N GLU D 268 -34.92 -53.92 -81.62
CA GLU D 268 -33.82 -53.90 -82.57
C GLU D 268 -34.21 -54.64 -83.84
N ASN D 269 -34.71 -55.86 -83.69
CA ASN D 269 -35.10 -56.68 -84.82
C ASN D 269 -36.19 -55.99 -85.64
N TRP D 270 -37.12 -55.34 -84.95
CA TRP D 270 -38.22 -54.65 -85.61
C TRP D 270 -37.66 -53.56 -86.51
N LEU D 271 -36.83 -52.69 -85.94
CA LEU D 271 -36.21 -51.59 -86.66
C LEU D 271 -35.44 -52.11 -87.87
N GLN D 272 -34.90 -53.32 -87.75
CA GLN D 272 -34.13 -53.93 -88.83
C GLN D 272 -34.96 -54.14 -90.10
N LEU D 273 -36.17 -54.69 -89.96
CA LEU D 273 -37.03 -54.92 -91.11
C LEU D 273 -37.67 -53.62 -91.60
N MET D 274 -37.67 -52.61 -90.74
CA MET D 274 -38.24 -51.32 -91.09
C MET D 274 -37.18 -50.40 -91.67
N LEU D 275 -35.92 -50.66 -91.29
CA LEU D 275 -34.79 -49.86 -91.74
C LEU D 275 -33.79 -50.72 -92.51
N ASN D 276 -34.07 -50.92 -93.79
CA ASN D 276 -33.18 -51.71 -94.63
C ASN D 276 -32.71 -50.83 -95.79
N TRP D 277 -33.37 -50.97 -96.94
CA TRP D 277 -33.01 -50.17 -98.11
C TRP D 277 -33.81 -50.60 -99.34
N ASP D 278 -34.10 -51.90 -99.43
CA ASP D 278 -34.85 -52.43 -100.56
C ASP D 278 -36.35 -52.21 -100.31
N PRO D 279 -37.08 -51.75 -101.32
CA PRO D 279 -38.52 -51.50 -101.23
C PRO D 279 -39.36 -52.76 -101.01
N GLN D 280 -38.71 -53.92 -101.11
CA GLN D 280 -39.41 -55.19 -100.93
C GLN D 280 -38.94 -55.92 -99.68
N GLN D 281 -37.66 -55.76 -99.35
CA GLN D 281 -37.08 -56.39 -98.18
C GLN D 281 -37.41 -55.63 -96.90
N ARG D 282 -38.33 -54.68 -96.99
CA ARG D 282 -38.73 -53.88 -95.85
C ARG D 282 -39.87 -54.57 -95.11
N GLY D 283 -39.69 -55.85 -94.82
CA GLY D 283 -40.71 -56.62 -94.12
C GLY D 283 -41.48 -57.50 -95.09
N GLY D 284 -40.77 -58.14 -96.01
CA GLY D 284 -41.39 -59.01 -96.99
C GLY D 284 -42.27 -60.09 -96.37
N PRO D 285 -41.78 -60.80 -95.35
CA PRO D 285 -42.55 -61.87 -94.69
C PRO D 285 -43.94 -61.42 -94.24
N VAL D 286 -44.92 -61.59 -95.12
CA VAL D 286 -46.30 -61.22 -94.81
C VAL D 286 -47.09 -62.45 -94.39
N ASP D 287 -47.03 -62.79 -93.11
CA ASP D 287 -47.73 -63.95 -92.57
C ASP D 287 -49.22 -63.84 -92.86
N LEU D 288 -49.71 -64.72 -93.73
CA LEU D 288 -51.13 -64.73 -94.11
C LEU D 288 -52.06 -65.03 -92.95
N THR D 289 -51.50 -65.53 -91.85
CA THR D 289 -52.31 -65.85 -90.68
C THR D 289 -53.16 -64.64 -90.27
N LEU D 290 -52.65 -63.45 -90.53
CA LEU D 290 -53.36 -62.22 -90.23
C LEU D 290 -53.25 -61.18 -91.34
N LYS D 291 -52.77 -61.61 -92.50
CA LYS D 291 -52.62 -60.70 -93.64
C LYS D 291 -51.78 -59.49 -93.28
N GLN D 292 -50.76 -59.71 -92.44
CA GLN D 292 -49.89 -58.62 -92.01
C GLN D 292 -48.42 -58.97 -92.16
N PRO D 293 -47.60 -58.01 -92.61
CA PRO D 293 -46.16 -58.20 -92.80
C PRO D 293 -45.45 -58.30 -91.45
N ARG D 294 -44.25 -58.88 -91.46
CA ARG D 294 -43.49 -59.06 -90.23
C ARG D 294 -43.25 -57.73 -89.51
N CYS D 295 -43.49 -56.63 -90.21
CA CYS D 295 -43.30 -55.30 -89.64
C CYS D 295 -44.34 -55.04 -88.56
N PHE D 296 -45.61 -55.25 -88.89
CA PHE D 296 -46.70 -55.04 -87.94
C PHE D 296 -46.85 -56.23 -87.00
N VAL D 297 -46.24 -57.36 -87.38
CA VAL D 297 -46.30 -58.57 -86.57
C VAL D 297 -45.55 -58.37 -85.26
N LEU D 298 -44.27 -58.03 -85.36
CA LEU D 298 -43.45 -57.79 -84.17
C LEU D 298 -44.03 -56.65 -83.34
N MET D 299 -44.55 -55.62 -84.01
CA MET D 299 -45.12 -54.47 -83.34
C MET D 299 -46.22 -54.93 -82.39
N ASP D 300 -47.19 -55.67 -82.91
CA ASP D 300 -48.29 -56.18 -82.11
C ASP D 300 -47.79 -57.19 -81.09
N HIS D 301 -46.69 -57.87 -81.42
CA HIS D 301 -46.09 -58.85 -80.53
C HIS D 301 -45.46 -58.15 -79.32
N ILE D 302 -45.08 -56.88 -79.51
CA ILE D 302 -44.47 -56.09 -78.46
C ILE D 302 -45.54 -55.40 -77.60
N LEU D 303 -46.30 -54.50 -78.22
CA LEU D 303 -47.35 -53.76 -77.53
C LEU D 303 -48.23 -54.67 -76.68
N ASN D 304 -48.56 -55.84 -77.22
CA ASN D 304 -49.39 -56.80 -76.51
C ASN D 304 -48.56 -57.68 -75.59
N LEU D 305 -47.92 -57.06 -74.60
CA LEU D 305 -47.09 -57.79 -73.64
C LEU D 305 -47.31 -57.24 -72.23
N LYS D 306 -46.75 -57.91 -71.24
CA LYS D 306 -46.89 -57.49 -69.86
C LYS D 306 -45.62 -56.77 -69.40
N ILE D 307 -44.55 -57.54 -69.23
CA ILE D 307 -43.26 -57.00 -68.81
C ILE D 307 -43.43 -56.11 -67.57
N VAL D 308 -43.46 -56.74 -66.40
CA VAL D 308 -43.62 -56.02 -65.15
C VAL D 308 -42.27 -55.62 -64.56
N HIS D 309 -42.03 -54.32 -64.48
CA HIS D 309 -40.79 -53.81 -63.94
C HIS D 309 -40.77 -54.00 -62.42
N ILE D 310 -39.66 -54.51 -61.89
CA ILE D 310 -39.53 -54.73 -60.46
C ILE D 310 -38.29 -54.03 -59.90
N LEU D 311 -38.50 -53.13 -58.94
CA LEU D 311 -37.40 -52.40 -58.34
C LEU D 311 -37.00 -53.05 -57.02
N ASN D 312 -35.75 -53.52 -56.96
CA ASN D 312 -35.24 -54.18 -55.76
C ASN D 312 -34.75 -53.13 -54.77
N MET D 313 -35.50 -52.96 -53.68
CA MET D 313 -35.15 -51.99 -52.64
C MET D 313 -34.03 -52.52 -51.74
N THR D 314 -33.15 -53.32 -52.32
CA THR D 314 -32.03 -53.90 -51.57
C THR D 314 -30.75 -53.78 -52.38
N SER D 315 -30.90 -53.48 -53.68
CA SER D 315 -29.76 -53.35 -54.58
C SER D 315 -30.03 -52.30 -55.65
N ALA D 316 -31.09 -51.53 -55.48
CA ALA D 316 -31.47 -50.48 -56.43
C ALA D 316 -31.56 -51.00 -57.85
N LYS D 317 -31.76 -52.31 -57.99
CA LYS D 317 -31.87 -52.93 -59.30
C LYS D 317 -33.30 -52.87 -59.81
N ILE D 318 -33.45 -52.87 -61.14
CA ILE D 318 -34.77 -52.82 -61.76
C ILE D 318 -34.93 -53.99 -62.73
N ILE D 319 -35.12 -55.19 -62.19
CA ILE D 319 -35.28 -56.38 -63.02
C ILE D 319 -36.70 -56.46 -63.57
N SER D 320 -36.81 -56.73 -64.88
CA SER D 320 -38.12 -56.83 -65.54
C SER D 320 -38.45 -58.29 -65.82
N PHE D 321 -39.75 -58.60 -65.80
CA PHE D 321 -40.22 -59.96 -66.04
C PHE D 321 -41.41 -59.97 -66.99
N LEU D 322 -41.20 -60.49 -68.19
CA LEU D 322 -42.27 -60.56 -69.18
C LEU D 322 -43.18 -61.74 -68.82
N LEU D 323 -44.14 -61.48 -67.94
CA LEU D 323 -45.07 -62.50 -67.49
C LEU D 323 -46.12 -62.86 -68.53
N PRO D 324 -46.43 -64.16 -68.66
CA PRO D 324 -47.42 -64.66 -69.62
C PRO D 324 -48.83 -64.53 -69.05
N PRO D 325 -49.87 -64.58 -69.92
CA PRO D 325 -51.26 -64.48 -69.48
C PRO D 325 -51.79 -65.73 -68.79
N ASP D 326 -50.93 -66.37 -67.99
CA ASP D 326 -51.33 -67.58 -67.28
C ASP D 326 -50.56 -67.74 -65.97
N GLU D 327 -49.26 -67.48 -66.02
CA GLU D 327 -48.40 -67.62 -64.85
C GLU D 327 -48.99 -66.92 -63.62
N SER D 328 -48.67 -67.46 -62.44
CA SER D 328 -49.15 -66.91 -61.18
C SER D 328 -48.01 -66.19 -60.46
N LEU D 329 -48.33 -65.39 -59.45
CA LEU D 329 -47.30 -64.67 -58.72
C LEU D 329 -46.40 -65.66 -57.99
N HIS D 330 -46.98 -66.77 -57.53
CA HIS D 330 -46.22 -67.80 -56.83
C HIS D 330 -45.27 -68.48 -57.81
N SER D 331 -45.59 -68.36 -59.09
CA SER D 331 -44.78 -68.94 -60.16
C SER D 331 -43.72 -67.92 -60.57
N LEU D 332 -43.99 -66.65 -60.26
CA LEU D 332 -43.07 -65.57 -60.59
C LEU D 332 -42.08 -65.34 -59.46
N GLN D 333 -42.56 -65.40 -58.21
CA GLN D 333 -41.70 -65.19 -57.05
C GLN D 333 -40.45 -66.03 -57.15
N SER D 334 -40.60 -67.23 -57.71
CA SER D 334 -39.48 -68.15 -57.88
C SER D 334 -38.50 -67.59 -58.91
N ARG D 335 -39.04 -67.03 -59.99
CA ARG D 335 -38.22 -66.45 -61.05
C ARG D 335 -37.35 -65.34 -60.48
N ILE D 336 -37.96 -64.50 -59.65
CA ILE D 336 -37.26 -63.38 -59.02
C ILE D 336 -36.09 -63.89 -58.19
N GLU D 337 -36.32 -64.97 -57.45
CA GLU D 337 -35.30 -65.56 -56.59
C GLU D 337 -34.04 -65.93 -57.38
N ARG D 338 -34.20 -66.14 -58.69
CA ARG D 338 -33.07 -66.51 -59.53
C ARG D 338 -32.21 -65.31 -59.91
N GLU D 339 -32.76 -64.11 -59.75
CA GLU D 339 -32.02 -62.89 -60.08
C GLU D 339 -31.92 -61.95 -58.89
N THR D 340 -32.18 -62.47 -57.69
CA THR D 340 -32.12 -61.67 -56.48
C THR D 340 -31.44 -62.43 -55.35
N GLY D 341 -31.81 -63.70 -55.20
CA GLY D 341 -31.22 -64.52 -54.15
C GLY D 341 -32.09 -64.49 -52.89
N ILE D 342 -33.22 -63.82 -52.97
CA ILE D 342 -34.14 -63.71 -51.84
C ILE D 342 -35.04 -64.94 -51.80
N ASN D 343 -35.16 -65.54 -50.62
CA ASN D 343 -36.00 -66.72 -50.44
C ASN D 343 -37.39 -66.47 -50.99
N THR D 344 -37.92 -67.45 -51.72
CA THR D 344 -39.26 -67.33 -52.31
C THR D 344 -40.31 -67.02 -51.25
N GLY D 345 -40.01 -67.37 -50.00
CA GLY D 345 -40.93 -67.11 -48.91
C GLY D 345 -40.69 -65.75 -48.26
N SER D 346 -39.51 -65.20 -48.47
CA SER D 346 -39.15 -63.90 -47.91
C SER D 346 -39.21 -62.80 -48.97
N GLN D 347 -39.98 -63.04 -50.02
CA GLN D 347 -40.14 -62.07 -51.11
C GLN D 347 -41.43 -61.27 -50.96
N GLU D 348 -41.36 -60.18 -50.21
CA GLU D 348 -42.51 -59.32 -49.99
C GLU D 348 -42.43 -58.11 -50.92
N LEU D 349 -43.10 -58.20 -52.06
CA LEU D 349 -43.12 -57.11 -53.03
C LEU D 349 -44.27 -56.13 -52.79
N LEU D 350 -43.93 -54.86 -52.58
CA LEU D 350 -44.93 -53.83 -52.33
C LEU D 350 -45.07 -52.93 -53.56
N SER D 351 -46.30 -52.54 -53.87
CA SER D 351 -46.56 -51.68 -55.01
C SER D 351 -46.56 -50.22 -54.57
N GLU D 352 -46.75 -49.31 -55.52
CA GLU D 352 -46.78 -47.89 -55.22
C GLU D 352 -47.83 -47.58 -54.17
N THR D 353 -48.94 -48.30 -54.23
CA THR D 353 -50.04 -48.11 -53.28
C THR D 353 -49.61 -48.51 -51.86
N GLY D 354 -48.39 -49.03 -51.75
CA GLY D 354 -47.88 -49.45 -50.45
C GLY D 354 -48.39 -50.81 -50.05
N ILE D 355 -49.45 -51.27 -50.70
CA ILE D 355 -50.03 -52.57 -50.42
C ILE D 355 -49.00 -53.67 -50.58
N SER D 356 -49.13 -54.73 -49.80
CA SER D 356 -48.21 -55.86 -49.87
C SER D 356 -48.39 -56.60 -51.19
N LEU D 357 -47.99 -57.86 -51.22
CA LEU D 357 -48.12 -58.67 -52.43
C LEU D 357 -49.60 -59.02 -52.63
N ASP D 358 -49.88 -60.20 -53.17
CA ASP D 358 -51.27 -60.62 -53.39
C ASP D 358 -51.30 -62.07 -53.85
N PRO D 359 -50.91 -63.00 -52.95
CA PRO D 359 -50.87 -64.45 -53.17
C PRO D 359 -52.13 -65.06 -53.78
N ARG D 360 -53.27 -64.41 -53.61
CA ARG D 360 -54.52 -64.93 -54.16
C ARG D 360 -54.58 -64.81 -55.67
N LYS D 361 -54.89 -63.61 -56.16
CA LYS D 361 -54.97 -63.37 -57.61
C LYS D 361 -53.69 -63.81 -58.32
N PRO D 362 -53.77 -64.02 -59.64
CA PRO D 362 -52.60 -64.44 -60.43
C PRO D 362 -51.57 -63.32 -60.55
N ALA D 363 -50.55 -63.56 -61.37
CA ALA D 363 -49.50 -62.57 -61.57
C ALA D 363 -49.98 -61.47 -62.52
N SER D 364 -51.27 -61.52 -62.87
CA SER D 364 -51.87 -60.53 -63.75
C SER D 364 -52.59 -59.45 -62.95
N GLN D 365 -51.83 -58.71 -62.16
CA GLN D 365 -52.37 -57.64 -61.32
C GLN D 365 -51.32 -56.56 -61.11
N CYS D 366 -50.24 -56.64 -61.88
CA CYS D 366 -49.15 -55.69 -61.78
C CYS D 366 -49.31 -54.55 -62.77
N VAL D 367 -48.82 -54.76 -63.99
CA VAL D 367 -48.90 -53.76 -65.05
C VAL D 367 -50.28 -53.68 -65.69
N LEU D 368 -51.04 -52.65 -65.32
CA LEU D 368 -52.37 -52.45 -65.87
C LEU D 368 -52.28 -52.19 -67.37
N ASP D 369 -53.22 -52.75 -68.13
CA ASP D 369 -53.21 -52.58 -69.58
C ASP D 369 -54.56 -52.06 -70.06
N GLY D 370 -54.88 -50.84 -69.68
CA GLY D 370 -56.13 -50.23 -70.08
C GLY D 370 -55.93 -48.82 -70.60
N VAL D 371 -54.89 -48.17 -70.10
CA VAL D 371 -54.56 -46.80 -70.51
C VAL D 371 -53.10 -46.74 -70.97
N ARG D 372 -52.20 -47.19 -70.10
CA ARG D 372 -50.77 -47.20 -70.42
C ARG D 372 -49.99 -47.95 -69.35
N GLY D 373 -49.54 -49.14 -69.69
CA GLY D 373 -48.77 -49.94 -68.75
C GLY D 373 -47.33 -50.13 -69.19
N CYS D 374 -46.54 -49.07 -69.08
CA CYS D 374 -45.13 -49.08 -69.47
C CYS D 374 -44.29 -48.24 -68.52
N ASP D 375 -43.47 -48.89 -67.71
CA ASP D 375 -42.60 -48.20 -66.76
C ASP D 375 -43.44 -47.43 -65.75
N SER D 376 -44.66 -47.91 -65.52
CA SER D 376 -45.58 -47.27 -64.59
C SER D 376 -45.69 -48.07 -63.29
N TYR D 377 -46.68 -48.97 -63.24
CA TYR D 377 -46.91 -49.80 -62.06
C TYR D 377 -45.70 -50.68 -61.79
N MET D 378 -44.66 -50.09 -61.21
CA MET D 378 -43.45 -50.82 -60.88
C MET D 378 -43.52 -51.29 -59.43
N VAL D 379 -43.42 -52.60 -59.22
CA VAL D 379 -43.46 -53.16 -57.87
C VAL D 379 -42.08 -53.14 -57.23
N TYR D 380 -42.04 -52.66 -55.98
CA TYR D 380 -40.80 -52.55 -55.21
C TYR D 380 -40.58 -53.80 -54.37
N LEU D 381 -39.56 -54.58 -54.72
CA LEU D 381 -39.25 -55.81 -54.00
C LEU D 381 -38.57 -55.53 -52.66
N PHE D 382 -39.13 -56.08 -51.59
CA PHE D 382 -38.58 -55.91 -50.26
C PHE D 382 -38.21 -57.25 -49.64
N ASP D 383 -37.04 -57.31 -49.02
CA ASP D 383 -36.58 -58.53 -48.38
C ASP D 383 -37.05 -58.59 -46.94
N LYS D 384 -37.45 -59.78 -46.50
CA LYS D 384 -37.94 -59.96 -45.14
C LYS D 384 -36.80 -60.25 -44.17
N SER D 385 -35.87 -61.11 -44.57
CA SER D 385 -34.75 -61.47 -43.71
C SER D 385 -33.89 -60.25 -43.37
N LYS D 386 -33.41 -59.56 -44.40
CA LYS D 386 -32.57 -58.37 -44.20
C LYS D 386 -33.31 -57.28 -43.43
N THR D 387 -32.92 -57.07 -42.18
CA THR D 387 -33.54 -56.05 -41.34
C THR D 387 -33.12 -54.66 -41.84
N VAL D 388 -31.88 -54.57 -42.33
CA VAL D 388 -31.32 -53.34 -42.87
C VAL D 388 -30.44 -53.68 -44.06
N TYR D 389 -30.63 -52.96 -45.17
CA TYR D 389 -29.85 -53.21 -46.38
C TYR D 389 -28.54 -52.45 -46.38
N GLU D 390 -27.46 -53.14 -46.72
CA GLU D 390 -26.13 -52.54 -46.77
C GLU D 390 -25.96 -51.73 -48.04
N GLY D 391 -25.10 -52.21 -48.94
CA GLY D 391 -24.87 -51.51 -50.19
C GLY D 391 -24.68 -52.43 -51.39
N PRO D 392 -25.49 -53.49 -51.51
CA PRO D 392 -25.36 -54.41 -52.65
C PRO D 392 -25.67 -53.69 -53.96
N PHE D 393 -26.24 -52.48 -53.84
CA PHE D 393 -26.59 -51.68 -54.99
C PHE D 393 -25.38 -51.08 -55.71
N ALA D 394 -25.62 -50.55 -56.91
CA ALA D 394 -24.58 -49.94 -57.72
C ALA D 394 -25.22 -49.06 -58.78
N SER D 395 -24.63 -47.89 -59.02
CA SER D 395 -25.15 -46.96 -60.01
C SER D 395 -24.45 -47.12 -61.35
N ARG D 396 -24.99 -46.46 -62.38
CA ARG D 396 -24.43 -46.51 -63.73
C ARG D 396 -23.23 -45.58 -63.89
N SER D 397 -22.51 -45.71 -65.00
CA SER D 397 -21.34 -44.89 -65.25
C SER D 397 -21.65 -43.77 -66.23
N LEU D 398 -20.60 -43.21 -66.84
CA LEU D 398 -20.76 -42.12 -67.81
C LEU D 398 -20.16 -42.47 -69.16
N SER D 399 -19.57 -43.66 -69.24
CA SER D 399 -18.95 -44.15 -70.48
C SER D 399 -17.76 -43.27 -70.87
N ASP D 400 -16.93 -43.78 -71.78
CA ASP D 400 -15.76 -43.05 -72.25
C ASP D 400 -16.15 -41.74 -72.93
N CYS D 401 -17.42 -41.63 -73.30
CA CYS D 401 -17.93 -40.43 -73.97
C CYS D 401 -17.94 -39.21 -73.03
N VAL D 402 -18.34 -39.43 -71.78
CA VAL D 402 -18.42 -38.36 -70.79
C VAL D 402 -17.19 -38.33 -69.88
N ASN D 403 -16.40 -39.41 -69.90
CA ASN D 403 -15.19 -39.49 -69.09
C ASN D 403 -14.21 -38.36 -69.40
N TYR D 404 -14.14 -37.96 -70.67
CA TYR D 404 -13.27 -36.86 -71.07
C TYR D 404 -13.67 -35.57 -70.36
N ILE D 405 -14.97 -35.36 -70.24
CA ILE D 405 -15.52 -34.17 -69.59
C ILE D 405 -15.18 -34.11 -68.11
N VAL D 406 -15.06 -35.28 -67.49
CA VAL D 406 -14.75 -35.36 -66.06
C VAL D 406 -13.26 -35.55 -65.78
N GLN D 407 -12.59 -36.40 -66.57
CA GLN D 407 -11.17 -36.67 -66.37
C GLN D 407 -10.31 -35.52 -66.88
N ASP D 408 -10.56 -35.09 -68.11
CA ASP D 408 -9.81 -34.00 -68.71
C ASP D 408 -10.31 -32.64 -68.20
N SER D 409 -11.56 -32.61 -67.76
CA SER D 409 -12.17 -31.39 -67.24
C SER D 409 -12.14 -30.27 -68.28
N LYS D 410 -11.09 -29.47 -68.25
CA LYS D 410 -10.93 -28.37 -69.20
C LYS D 410 -10.30 -28.86 -70.50
N ILE D 411 -11.15 -29.17 -71.48
CA ILE D 411 -10.68 -29.64 -72.77
C ILE D 411 -11.46 -28.98 -73.90
N GLN D 412 -10.76 -28.64 -74.98
CA GLN D 412 -11.39 -27.99 -76.12
C GLN D 412 -11.78 -29.04 -77.17
N LEU D 413 -13.00 -29.56 -77.04
CA LEU D 413 -13.50 -30.57 -77.96
C LEU D 413 -14.52 -29.99 -78.94
N PRO D 414 -14.50 -30.44 -80.20
CA PRO D 414 -15.42 -29.96 -81.24
C PRO D 414 -16.88 -30.10 -80.82
N ILE D 415 -17.65 -29.03 -81.01
CA ILE D 415 -19.06 -29.01 -80.65
C ILE D 415 -19.82 -30.15 -81.35
N ILE D 416 -19.35 -30.52 -82.54
CA ILE D 416 -19.97 -31.60 -83.30
C ILE D 416 -20.00 -32.88 -82.47
N GLN D 417 -19.13 -32.93 -81.46
CA GLN D 417 -19.05 -34.08 -80.56
C GLN D 417 -19.64 -33.70 -79.20
N LEU D 418 -19.54 -32.42 -78.85
CA LEU D 418 -20.06 -31.91 -77.59
C LEU D 418 -21.57 -32.08 -77.51
N ARG D 419 -22.22 -31.95 -78.66
CA ARG D 419 -23.68 -32.07 -78.72
C ARG D 419 -24.13 -33.45 -78.25
N LYS D 420 -23.17 -34.34 -78.03
CA LYS D 420 -23.45 -35.69 -77.56
C LYS D 420 -22.88 -35.93 -76.17
N VAL D 421 -21.59 -35.69 -75.99
CA VAL D 421 -20.95 -35.89 -74.69
C VAL D 421 -21.66 -35.04 -73.64
N TRP D 422 -22.16 -33.89 -74.04
CA TRP D 422 -22.88 -33.00 -73.14
C TRP D 422 -24.29 -33.53 -72.94
N ALA D 423 -24.92 -33.93 -74.04
CA ALA D 423 -26.27 -34.46 -74.01
C ALA D 423 -26.37 -35.64 -73.04
N GLU D 424 -25.50 -36.64 -73.25
CA GLU D 424 -25.46 -37.82 -72.39
C GLU D 424 -25.15 -37.42 -70.95
N ALA D 425 -24.29 -36.42 -70.79
CA ALA D 425 -23.90 -35.94 -69.47
C ALA D 425 -25.14 -35.40 -68.77
N VAL D 426 -25.94 -34.62 -69.51
CA VAL D 426 -27.17 -34.04 -68.96
C VAL D 426 -28.17 -35.14 -68.62
N HIS D 427 -28.23 -36.15 -69.48
CA HIS D 427 -29.14 -37.27 -69.25
C HIS D 427 -28.71 -38.04 -68.01
N TYR D 428 -27.40 -38.14 -67.79
CA TYR D 428 -26.88 -38.84 -66.62
C TYR D 428 -27.22 -38.05 -65.36
N VAL D 429 -27.06 -36.73 -65.44
CA VAL D 429 -27.36 -35.85 -64.33
C VAL D 429 -28.81 -36.05 -63.91
N SER D 430 -29.74 -35.78 -64.83
CA SER D 430 -31.17 -35.93 -64.56
C SER D 430 -31.46 -37.39 -64.24
N GLY D 431 -30.62 -38.28 -64.77
CA GLY D 431 -30.79 -39.70 -64.52
C GLY D 431 -30.76 -40.02 -63.05
N LEU D 432 -29.67 -39.65 -62.40
CA LEU D 432 -29.53 -39.90 -60.97
C LEU D 432 -30.72 -39.32 -60.22
N LYS D 433 -31.14 -38.13 -60.64
CA LYS D 433 -32.27 -37.45 -60.00
C LYS D 433 -33.53 -38.28 -60.13
N GLU D 434 -33.97 -38.50 -61.36
CA GLU D 434 -35.18 -39.28 -61.60
C GLU D 434 -35.04 -40.68 -61.00
N ASP D 435 -33.81 -41.16 -60.91
CA ASP D 435 -33.53 -42.48 -60.36
C ASP D 435 -33.74 -42.47 -58.85
N TYR D 436 -33.48 -41.31 -58.25
CA TYR D 436 -33.65 -41.14 -56.81
C TYR D 436 -35.14 -41.19 -56.44
N SER D 437 -35.97 -40.61 -57.31
CA SER D 437 -37.41 -40.58 -57.10
C SER D 437 -37.95 -42.00 -56.99
N ARG D 438 -37.49 -42.87 -57.86
CA ARG D 438 -37.91 -44.27 -57.87
C ARG D 438 -37.61 -44.90 -56.51
N LEU D 439 -36.39 -44.68 -56.03
CA LEU D 439 -35.95 -45.23 -54.74
C LEU D 439 -36.77 -44.63 -53.61
N PHE D 440 -36.97 -43.31 -53.66
CA PHE D 440 -37.75 -42.62 -52.64
C PHE D 440 -39.15 -43.22 -52.52
N GLN D 441 -39.80 -43.43 -53.66
CA GLN D 441 -41.15 -43.99 -53.68
C GLN D 441 -41.19 -45.33 -52.94
N GLY D 442 -40.08 -46.07 -53.01
CA GLY D 442 -40.01 -47.36 -52.33
C GLY D 442 -40.24 -47.18 -50.84
N GLN D 443 -39.62 -46.14 -50.29
CA GLN D 443 -39.76 -45.84 -48.87
C GLN D 443 -41.20 -45.44 -48.58
N ARG D 444 -41.76 -44.63 -49.47
CA ARG D 444 -43.13 -44.16 -49.33
C ARG D 444 -44.09 -45.35 -49.31
N ALA D 445 -43.85 -46.32 -50.21
CA ALA D 445 -44.67 -47.52 -50.29
C ALA D 445 -44.49 -48.36 -49.04
N ALA D 446 -43.23 -48.53 -48.63
CA ALA D 446 -42.91 -49.31 -47.44
C ALA D 446 -43.53 -48.65 -46.22
N MET D 447 -43.59 -47.33 -46.25
CA MET D 447 -44.17 -46.55 -45.16
C MET D 447 -45.64 -46.93 -44.99
N LEU D 448 -46.36 -46.98 -46.10
CA LEU D 448 -47.78 -47.34 -46.10
C LEU D 448 -47.97 -48.73 -45.51
N SER D 449 -47.08 -49.65 -45.87
CA SER D 449 -47.16 -51.02 -45.36
C SER D 449 -47.04 -51.03 -43.85
N LEU D 450 -46.11 -50.22 -43.34
CA LEU D 450 -45.90 -50.12 -41.89
C LEU D 450 -47.09 -49.44 -41.24
N LEU D 451 -47.62 -48.41 -41.88
CA LEU D 451 -48.77 -47.68 -41.37
C LEU D 451 -50.00 -48.59 -41.32
N ARG D 452 -50.08 -49.52 -42.27
CA ARG D 452 -51.20 -50.45 -42.32
C ARG D 452 -51.04 -51.54 -41.26
N TYR D 453 -49.80 -52.02 -41.08
CA TYR D 453 -49.53 -53.06 -40.08
C TYR D 453 -49.83 -52.52 -38.69
N ASN D 454 -49.47 -51.27 -38.46
CA ASN D 454 -49.71 -50.62 -37.18
C ASN D 454 -51.20 -50.60 -36.89
N ALA D 455 -51.99 -50.23 -37.89
CA ALA D 455 -53.44 -50.17 -37.75
C ALA D 455 -53.99 -51.56 -37.49
N ASN D 456 -53.51 -52.52 -38.27
CA ASN D 456 -53.94 -53.91 -38.14
C ASN D 456 -53.64 -54.43 -36.73
N LEU D 457 -52.45 -54.13 -36.23
CA LEU D 457 -52.02 -54.56 -34.90
C LEU D 457 -52.89 -53.91 -33.83
N THR D 458 -53.10 -52.61 -33.96
CA THR D 458 -53.90 -51.85 -33.00
C THR D 458 -55.37 -52.26 -33.01
N LYS D 459 -55.91 -52.57 -34.20
CA LYS D 459 -57.30 -52.98 -34.31
C LYS D 459 -57.62 -54.15 -33.40
N MET D 460 -56.63 -55.01 -33.17
CA MET D 460 -56.80 -56.17 -32.30
C MET D 460 -56.64 -55.76 -30.83
N LYS D 461 -55.88 -54.68 -30.62
CA LYS D 461 -55.66 -54.19 -29.28
C LYS D 461 -56.99 -53.72 -28.68
N ASN D 462 -57.74 -52.96 -29.49
CA ASN D 462 -59.03 -52.44 -29.07
C ASN D 462 -59.99 -53.57 -28.78
N THR D 463 -59.81 -54.68 -29.47
CA THR D 463 -60.65 -55.85 -29.27
C THR D 463 -60.04 -56.77 -28.20
N LEU D 464 -58.76 -56.60 -27.95
CA LEU D 464 -58.05 -57.40 -26.95
C LEU D 464 -58.43 -56.93 -25.56
N ILE D 465 -58.33 -55.62 -25.34
CA ILE D 465 -58.69 -55.03 -24.06
C ILE D 465 -60.20 -55.16 -23.87
N SER D 466 -60.93 -55.10 -24.97
CA SER D 466 -62.39 -55.23 -24.93
C SER D 466 -62.78 -56.65 -24.55
N ALA D 467 -61.99 -57.61 -25.04
CA ALA D 467 -62.25 -59.01 -24.76
C ALA D 467 -61.91 -59.32 -23.30
N SER D 468 -60.89 -58.65 -22.79
CA SER D 468 -60.46 -58.86 -21.41
C SER D 468 -61.50 -58.26 -20.47
N GLN D 469 -62.06 -57.11 -20.86
CA GLN D 469 -63.06 -56.45 -20.04
C GLN D 469 -64.22 -57.40 -19.75
N GLN D 470 -64.40 -58.36 -20.65
CA GLN D 470 -65.46 -59.35 -20.48
C GLN D 470 -65.02 -60.33 -19.41
N LEU D 471 -63.75 -60.71 -19.45
CA LEU D 471 -63.18 -61.64 -18.49
C LEU D 471 -63.31 -61.10 -17.07
N LYS D 472 -62.80 -59.89 -16.86
CA LYS D 472 -62.85 -59.25 -15.56
C LYS D 472 -64.29 -59.05 -15.11
N ALA D 473 -65.17 -58.76 -16.07
CA ALA D 473 -66.58 -58.54 -15.77
C ALA D 473 -67.24 -59.85 -15.34
N LYS D 474 -66.78 -60.95 -15.93
CA LYS D 474 -67.32 -62.27 -15.60
C LYS D 474 -66.73 -62.79 -14.29
N LEU D 475 -65.44 -62.51 -14.08
CA LEU D 475 -64.77 -62.95 -12.86
C LEU D 475 -65.49 -62.38 -11.65
N GLU D 476 -65.92 -61.13 -11.76
CA GLU D 476 -66.63 -60.45 -10.69
C GLU D 476 -68.00 -61.09 -10.48
N PHE D 477 -68.68 -61.38 -11.58
CA PHE D 477 -70.00 -61.97 -11.54
C PHE D 477 -69.86 -63.47 -11.27
N PHE D 478 -68.65 -63.88 -10.90
CA PHE D 478 -68.35 -65.28 -10.59
C PHE D 478 -67.84 -65.39 -9.17
N HIS D 479 -67.01 -64.43 -8.77
CA HIS D 479 -66.45 -64.42 -7.43
C HIS D 479 -67.51 -64.13 -6.39
N LYS D 480 -68.59 -63.47 -6.81
CA LYS D 480 -69.68 -63.14 -5.91
C LYS D 480 -70.79 -64.17 -6.05
N SER D 481 -70.53 -65.18 -6.85
CA SER D 481 -71.50 -66.25 -7.07
C SER D 481 -70.97 -67.57 -6.55
N ILE D 482 -69.65 -67.71 -6.55
CA ILE D 482 -69.00 -68.93 -6.08
C ILE D 482 -68.99 -68.99 -4.56
N GLN D 483 -68.68 -67.87 -3.93
CA GLN D 483 -68.64 -67.80 -2.49
C GLN D 483 -70.04 -67.51 -1.95
N LEU D 484 -70.93 -67.09 -2.84
CA LEU D 484 -72.30 -66.78 -2.46
C LEU D 484 -72.98 -68.07 -2.00
N ASP D 485 -72.45 -69.20 -2.44
CA ASP D 485 -72.99 -70.50 -2.08
C ASP D 485 -72.34 -71.00 -0.79
N LEU D 486 -71.09 -70.60 -0.57
CA LEU D 486 -70.36 -71.00 0.62
C LEU D 486 -71.02 -70.52 1.90
N GLU D 487 -71.52 -69.28 1.87
CA GLU D 487 -72.18 -68.70 3.03
C GLU D 487 -73.54 -69.34 3.28
N ARG D 488 -74.23 -69.66 2.20
CA ARG D 488 -75.55 -70.30 2.29
C ARG D 488 -75.41 -71.77 2.63
N TYR D 489 -74.18 -72.27 2.56
CA TYR D 489 -73.88 -73.66 2.86
C TYR D 489 -73.44 -73.85 4.31
N SER D 490 -72.49 -73.02 4.74
CA SER D 490 -71.96 -73.08 6.10
C SER D 490 -73.05 -72.93 7.17
N GLU D 491 -74.17 -72.33 6.80
CA GLU D 491 -75.28 -72.13 7.74
C GLU D 491 -76.33 -73.24 7.64
N GLN D 492 -75.98 -74.32 6.96
CA GLN D 492 -76.91 -75.44 6.82
C GLN D 492 -76.21 -76.78 6.75
N MET D 493 -74.98 -76.85 7.27
CA MET D 493 -74.21 -78.10 7.26
C MET D 493 -74.75 -79.09 8.28
N THR D 494 -75.82 -78.72 8.98
CA THR D 494 -76.41 -79.59 9.99
C THR D 494 -77.93 -79.41 10.09
N TYR D 495 -78.51 -78.70 9.13
CA TYR D 495 -79.95 -78.46 9.11
C TYR D 495 -80.53 -78.98 7.81
N GLY D 496 -79.94 -78.59 6.70
CA GLY D 496 -80.40 -79.04 5.40
C GLY D 496 -79.65 -80.28 4.94
N ILE D 497 -78.58 -80.06 4.18
CA ILE D 497 -77.76 -81.16 3.67
C ILE D 497 -76.29 -80.77 3.68
N SER D 498 -75.47 -81.63 4.27
CA SER D 498 -74.03 -81.40 4.36
C SER D 498 -73.22 -82.36 3.50
N SER D 499 -73.00 -81.98 2.24
CA SER D 499 -72.22 -82.80 1.32
C SER D 499 -70.74 -82.60 1.62
N GLU D 500 -69.95 -83.67 1.48
CA GLU D 500 -68.52 -83.58 1.76
C GLU D 500 -67.71 -83.77 0.49
N LYS D 501 -68.28 -84.46 -0.49
CA LYS D 501 -67.59 -84.70 -1.76
C LYS D 501 -67.46 -83.41 -2.58
N MET D 502 -68.47 -82.54 -2.46
CA MET D 502 -68.45 -81.27 -3.18
C MET D 502 -67.84 -80.16 -2.35
N LEU D 503 -67.42 -80.51 -1.14
CA LEU D 503 -66.80 -79.54 -0.23
C LEU D 503 -65.54 -78.99 -0.86
N LYS D 504 -64.87 -79.82 -1.66
CA LYS D 504 -63.65 -79.43 -2.35
C LYS D 504 -63.93 -79.15 -3.82
N ALA D 505 -64.91 -79.85 -4.38
CA ALA D 505 -65.28 -79.68 -5.78
C ALA D 505 -65.58 -78.21 -6.08
N TRP D 506 -66.34 -77.57 -5.21
CA TRP D 506 -66.70 -76.17 -5.39
C TRP D 506 -65.56 -75.25 -4.98
N LYS D 507 -64.84 -75.63 -3.91
CA LYS D 507 -63.73 -74.84 -3.40
C LYS D 507 -62.64 -74.60 -4.44
N GLU D 508 -62.64 -75.42 -5.49
CA GLU D 508 -61.64 -75.30 -6.55
C GLU D 508 -62.00 -74.20 -7.54
N MET D 509 -63.26 -74.13 -7.93
CA MET D 509 -63.70 -73.12 -8.88
C MET D 509 -63.26 -71.72 -8.47
N GLU D 510 -63.39 -71.41 -7.17
CA GLU D 510 -63.02 -70.11 -6.64
C GLU D 510 -61.53 -69.82 -6.87
N GLU D 511 -60.69 -70.81 -6.62
CA GLU D 511 -59.24 -70.66 -6.78
C GLU D 511 -58.83 -70.64 -8.24
N LYS D 512 -59.67 -71.20 -9.11
CA LYS D 512 -59.39 -71.26 -10.53
C LYS D 512 -59.44 -69.87 -11.17
N ALA D 513 -60.48 -69.11 -10.85
CA ALA D 513 -60.65 -67.76 -11.40
C ALA D 513 -59.54 -66.83 -10.90
N ILE D 514 -58.93 -67.20 -9.78
CA ILE D 514 -57.87 -66.41 -9.19
C ILE D 514 -56.63 -66.41 -10.08
N HIS D 515 -56.09 -67.61 -10.33
CA HIS D 515 -54.90 -67.75 -11.15
C HIS D 515 -55.12 -67.16 -12.54
N TYR D 516 -56.38 -66.93 -12.89
CA TYR D 516 -56.71 -66.37 -14.19
C TYR D 516 -56.33 -64.90 -14.25
N ALA D 517 -57.30 -64.06 -14.64
CA ALA D 517 -57.08 -62.62 -14.74
C ALA D 517 -55.98 -62.28 -15.74
N GLU D 518 -56.39 -62.01 -16.98
CA GLU D 518 -55.45 -61.64 -18.04
C GLU D 518 -55.73 -60.22 -18.53
N VAL D 519 -56.72 -59.58 -17.92
CA VAL D 519 -57.10 -58.23 -18.29
C VAL D 519 -55.96 -57.26 -17.97
N GLY D 520 -55.22 -57.56 -16.91
CA GLY D 520 -54.11 -56.70 -16.52
C GLY D 520 -52.81 -57.14 -17.17
N VAL D 521 -52.73 -58.41 -17.54
CA VAL D 521 -51.54 -58.97 -18.16
C VAL D 521 -51.31 -58.28 -19.51
N ILE D 522 -52.32 -57.55 -19.97
CA ILE D 522 -52.25 -56.83 -21.24
C ILE D 522 -51.24 -55.69 -21.11
N GLY D 523 -50.82 -55.41 -19.87
CA GLY D 523 -49.87 -54.35 -19.64
C GLY D 523 -48.61 -54.50 -20.47
N TYR D 524 -48.04 -55.70 -20.47
CA TYR D 524 -46.82 -55.97 -21.23
C TYR D 524 -47.06 -55.69 -22.71
N LEU D 525 -48.34 -55.56 -23.08
CA LEU D 525 -48.71 -55.32 -24.46
C LEU D 525 -49.17 -53.87 -24.71
N GLU D 526 -50.17 -53.43 -23.94
CA GLU D 526 -50.70 -52.08 -24.08
C GLU D 526 -49.62 -51.01 -24.17
N ASP D 527 -48.86 -50.87 -23.09
CA ASP D 527 -47.79 -49.87 -23.04
C ASP D 527 -46.60 -50.22 -23.93
N GLN D 528 -46.70 -51.34 -24.65
CA GLN D 528 -45.62 -51.76 -25.53
C GLN D 528 -46.04 -51.60 -26.99
N ILE D 529 -47.33 -51.74 -27.26
CA ILE D 529 -47.84 -51.59 -28.61
C ILE D 529 -47.98 -50.11 -28.92
N MET D 530 -48.19 -49.31 -27.87
CA MET D 530 -48.33 -47.87 -28.01
C MET D 530 -46.93 -47.24 -28.09
N SER D 531 -45.99 -47.80 -27.34
CA SER D 531 -44.62 -47.30 -27.35
C SER D 531 -44.06 -47.47 -28.75
N LEU D 532 -44.63 -48.41 -29.49
CA LEU D 532 -44.22 -48.69 -30.85
C LEU D 532 -45.12 -47.92 -31.81
N HIS D 533 -46.41 -47.89 -31.48
CA HIS D 533 -47.40 -47.18 -32.29
C HIS D 533 -46.99 -45.73 -32.48
N ALA D 534 -46.82 -45.03 -31.37
CA ALA D 534 -46.42 -43.63 -31.42
C ALA D 534 -45.03 -43.50 -32.02
N GLU D 535 -44.18 -44.50 -31.78
CA GLU D 535 -42.82 -44.51 -32.30
C GLU D 535 -42.84 -44.47 -33.83
N ILE D 536 -43.69 -45.29 -34.43
CA ILE D 536 -43.82 -45.34 -35.89
C ILE D 536 -44.26 -43.98 -36.45
N MET D 537 -45.31 -43.41 -35.85
CA MET D 537 -45.80 -42.11 -36.31
C MET D 537 -44.80 -41.01 -35.95
N GLU D 538 -43.93 -41.31 -34.99
CA GLU D 538 -42.90 -40.37 -34.56
C GLU D 538 -41.79 -40.40 -35.60
N LEU D 539 -41.60 -41.57 -36.22
CA LEU D 539 -40.58 -41.76 -37.25
C LEU D 539 -41.13 -41.14 -38.54
N GLN D 540 -42.37 -40.67 -38.46
CA GLN D 540 -43.02 -40.05 -39.60
C GLN D 540 -42.65 -38.57 -39.61
N LYS D 541 -41.73 -38.20 -38.72
CA LYS D 541 -41.25 -36.83 -38.61
C LYS D 541 -39.91 -36.69 -39.33
N SER D 542 -38.98 -37.59 -39.02
CA SER D 542 -37.66 -37.58 -39.65
C SER D 542 -37.78 -37.39 -41.16
N PRO D 543 -36.74 -36.81 -41.78
CA PRO D 543 -36.73 -36.57 -43.22
C PRO D 543 -36.77 -37.85 -44.05
N TYR D 544 -37.86 -38.04 -44.79
CA TYR D 544 -38.03 -39.23 -45.63
C TYR D 544 -36.81 -39.45 -46.52
N GLY D 545 -36.50 -38.47 -47.35
CA GLY D 545 -35.35 -38.57 -48.25
C GLY D 545 -35.48 -37.57 -49.38
N ARG D 546 -36.67 -37.51 -49.99
CA ARG D 546 -36.93 -36.59 -51.08
C ARG D 546 -36.87 -35.17 -50.54
N ARG D 547 -36.68 -35.06 -49.23
CA ARG D 547 -36.59 -33.76 -48.58
C ARG D 547 -35.44 -32.98 -49.21
N GLN D 548 -34.37 -33.70 -49.53
CA GLN D 548 -33.19 -33.10 -50.15
C GLN D 548 -33.12 -33.43 -51.64
N GLY D 549 -34.12 -34.18 -52.10
CA GLY D 549 -34.17 -34.55 -53.51
C GLY D 549 -34.30 -33.32 -54.38
N ASP D 550 -34.95 -32.30 -53.85
CA ASP D 550 -35.14 -31.05 -54.58
C ASP D 550 -33.79 -30.39 -54.83
N LEU D 551 -32.93 -30.43 -53.83
CA LEU D 551 -31.58 -29.85 -53.93
C LEU D 551 -30.86 -30.45 -55.14
N MET D 552 -31.15 -31.72 -55.42
CA MET D 552 -30.54 -32.42 -56.53
C MET D 552 -31.22 -31.99 -57.83
N GLU D 553 -32.54 -31.82 -57.77
CA GLU D 553 -33.32 -31.40 -58.92
C GLU D 553 -32.82 -30.06 -59.43
N SER D 554 -32.22 -29.30 -58.52
CA SER D 554 -31.67 -27.99 -58.86
C SER D 554 -30.45 -28.20 -59.75
N LEU D 555 -29.66 -29.22 -59.42
CA LEU D 555 -28.47 -29.56 -60.19
C LEU D 555 -28.89 -29.95 -61.61
N GLU D 556 -30.05 -30.61 -61.70
CA GLU D 556 -30.60 -31.04 -62.98
C GLU D 556 -30.80 -29.83 -63.90
N GLN D 557 -31.56 -28.85 -63.40
CA GLN D 557 -31.84 -27.64 -64.16
C GLN D 557 -30.54 -26.99 -64.62
N ARG D 558 -29.50 -27.09 -63.80
CA ARG D 558 -28.20 -26.54 -64.14
C ARG D 558 -27.65 -27.14 -65.44
N ALA D 559 -27.51 -28.47 -65.44
CA ALA D 559 -27.00 -29.17 -66.62
C ALA D 559 -27.80 -28.81 -67.85
N ILE D 560 -29.12 -28.75 -67.68
CA ILE D 560 -30.03 -28.41 -68.77
C ILE D 560 -29.65 -27.06 -69.38
N ASP D 561 -29.38 -26.09 -68.51
CA ASP D 561 -28.99 -24.76 -68.94
C ASP D 561 -27.71 -24.80 -69.78
N LEU D 562 -26.79 -25.70 -69.42
CA LEU D 562 -25.53 -25.82 -70.16
C LEU D 562 -25.76 -26.41 -71.53
N TYR D 563 -26.53 -27.49 -71.59
CA TYR D 563 -26.83 -28.14 -72.86
C TYR D 563 -27.64 -27.17 -73.73
N LYS D 564 -28.36 -26.27 -73.06
CA LYS D 564 -29.19 -25.28 -73.73
C LYS D 564 -28.29 -24.23 -74.37
N GLN D 565 -27.25 -23.82 -73.64
CA GLN D 565 -26.30 -22.83 -74.13
C GLN D 565 -25.25 -23.51 -75.01
N LEU D 566 -25.56 -24.74 -75.44
CA LEU D 566 -24.65 -25.50 -76.29
C LEU D 566 -25.16 -25.50 -77.72
N LYS D 567 -26.48 -25.33 -77.88
CA LYS D 567 -27.09 -25.31 -79.19
C LYS D 567 -27.60 -23.92 -79.54
N HIS D 568 -28.30 -23.30 -78.60
CA HIS D 568 -28.84 -21.97 -78.81
C HIS D 568 -27.78 -20.88 -78.75
N ARG D 569 -26.56 -21.26 -78.36
CA ARG D 569 -25.47 -20.28 -78.30
C ARG D 569 -25.14 -19.76 -79.68
N PRO D 570 -24.56 -18.55 -79.78
CA PRO D 570 -24.18 -17.94 -81.05
C PRO D 570 -23.40 -18.87 -81.99
N SER D 571 -24.13 -19.66 -82.77
CA SER D 571 -23.53 -20.58 -83.73
C SER D 571 -22.58 -21.58 -83.08
N ASP D 572 -22.05 -22.50 -83.88
CA ASP D 572 -21.13 -23.52 -83.40
C ASP D 572 -20.14 -23.94 -84.47
N HIS D 573 -19.85 -25.24 -84.54
CA HIS D 573 -18.91 -25.78 -85.52
C HIS D 573 -17.51 -25.24 -85.31
N SER D 574 -17.15 -24.99 -84.05
CA SER D 574 -15.84 -24.47 -83.70
C SER D 574 -15.71 -24.32 -82.18
N TYR D 575 -16.79 -23.86 -81.55
CA TYR D 575 -16.80 -23.66 -80.10
C TYR D 575 -16.26 -24.88 -79.37
N SER D 576 -15.03 -24.75 -78.87
CA SER D 576 -14.38 -25.84 -78.15
C SER D 576 -14.28 -25.50 -76.67
N ASP D 577 -14.93 -26.30 -75.84
CA ASP D 577 -14.93 -26.08 -74.40
C ASP D 577 -15.69 -27.21 -73.72
N SER D 578 -15.44 -27.43 -72.43
CA SER D 578 -16.12 -28.49 -71.69
C SER D 578 -15.88 -28.42 -70.18
N THR D 579 -14.94 -27.59 -69.76
CA THR D 579 -14.62 -27.45 -68.35
C THR D 579 -15.82 -27.04 -67.48
N GLU D 580 -16.71 -26.24 -68.03
CA GLU D 580 -17.89 -25.77 -67.29
C GLU D 580 -18.81 -26.91 -66.85
N MET D 581 -19.08 -27.82 -67.77
CA MET D 581 -19.94 -28.97 -67.48
C MET D 581 -19.47 -29.73 -66.24
N VAL D 582 -18.14 -29.81 -66.08
CA VAL D 582 -17.54 -30.52 -64.94
C VAL D 582 -18.24 -30.11 -63.65
N LYS D 583 -18.61 -28.83 -63.59
CA LYS D 583 -19.30 -28.27 -62.44
C LYS D 583 -20.50 -29.13 -62.04
N ILE D 584 -21.59 -28.99 -62.80
CA ILE D 584 -22.82 -29.75 -62.55
C ILE D 584 -22.56 -31.24 -62.35
N ILE D 585 -21.63 -31.78 -63.13
CA ILE D 585 -21.28 -33.20 -63.06
C ILE D 585 -20.86 -33.64 -61.66
N VAL D 586 -19.77 -33.07 -61.16
CA VAL D 586 -19.25 -33.42 -59.84
C VAL D 586 -20.25 -33.23 -58.70
N HIS D 587 -20.94 -32.09 -58.71
CA HIS D 587 -21.92 -31.78 -57.67
C HIS D 587 -23.02 -32.82 -57.54
N THR D 588 -23.62 -33.20 -58.67
CA THR D 588 -24.70 -34.18 -58.68
C THR D 588 -24.25 -35.51 -58.08
N VAL D 589 -23.00 -35.89 -58.34
CA VAL D 589 -22.44 -37.14 -57.83
C VAL D 589 -22.42 -37.10 -56.31
N GLN D 590 -21.82 -36.05 -55.75
CA GLN D 590 -21.71 -35.87 -54.30
C GLN D 590 -23.09 -35.90 -53.64
N SER D 591 -24.00 -35.08 -54.16
CA SER D 591 -25.36 -35.01 -53.64
C SER D 591 -26.05 -36.37 -53.70
N GLN D 592 -25.83 -37.09 -54.79
CA GLN D 592 -26.43 -38.41 -54.98
C GLN D 592 -26.10 -39.36 -53.83
N ASP D 593 -24.84 -39.79 -53.76
CA ASP D 593 -24.38 -40.71 -52.73
C ASP D 593 -24.67 -40.27 -51.30
N ARG D 594 -24.84 -38.96 -51.11
CA ARG D 594 -25.13 -38.45 -49.76
C ARG D 594 -26.55 -38.82 -49.32
N VAL D 595 -27.54 -38.33 -50.04
CA VAL D 595 -28.94 -38.61 -49.73
C VAL D 595 -29.32 -40.04 -50.08
N LEU D 596 -28.51 -40.66 -50.94
CA LEU D 596 -28.76 -42.02 -51.37
C LEU D 596 -28.73 -42.95 -50.15
N LYS D 597 -27.54 -43.18 -49.61
CA LYS D 597 -27.41 -44.04 -48.44
C LYS D 597 -28.15 -43.44 -47.24
N GLU D 598 -28.42 -42.14 -47.32
CA GLU D 598 -29.14 -41.44 -46.26
C GLU D 598 -30.59 -41.90 -46.26
N LEU D 599 -31.15 -42.08 -47.45
CA LEU D 599 -32.53 -42.54 -47.60
C LEU D 599 -32.67 -43.93 -46.98
N PHE D 600 -31.70 -44.81 -47.25
CA PHE D 600 -31.72 -46.17 -46.72
C PHE D 600 -31.68 -46.15 -45.20
N GLY D 601 -31.01 -45.15 -44.65
CA GLY D 601 -30.92 -45.02 -43.21
C GLY D 601 -32.29 -44.78 -42.60
N HIS D 602 -32.99 -43.76 -43.11
CA HIS D 602 -34.32 -43.42 -42.64
C HIS D 602 -35.32 -44.53 -42.99
N LEU D 603 -34.84 -45.52 -43.74
CA LEU D 603 -35.65 -46.65 -44.16
C LEU D 603 -35.42 -47.83 -43.22
N SER D 604 -34.17 -47.98 -42.76
CA SER D 604 -33.81 -49.06 -41.85
C SER D 604 -34.74 -49.09 -40.65
N LYS D 605 -35.10 -47.90 -40.16
CA LYS D 605 -35.99 -47.77 -39.01
C LYS D 605 -37.40 -48.21 -39.39
N LEU D 606 -37.87 -47.73 -40.53
CA LEU D 606 -39.20 -48.05 -41.03
C LEU D 606 -39.33 -49.55 -41.29
N LEU D 607 -38.34 -50.10 -41.98
CA LEU D 607 -38.32 -51.53 -42.30
C LEU D 607 -38.18 -52.37 -41.03
N GLY D 608 -37.53 -51.81 -40.02
CA GLY D 608 -37.33 -52.51 -38.77
C GLY D 608 -38.57 -52.58 -37.90
N CYS D 609 -39.39 -51.52 -37.92
CA CYS D 609 -40.61 -51.47 -37.12
C CYS D 609 -41.64 -52.52 -37.56
N LYS D 610 -41.60 -52.89 -38.84
CA LYS D 610 -42.53 -53.90 -39.37
C LYS D 610 -42.36 -55.23 -38.64
N GLN D 611 -41.13 -55.75 -38.63
CA GLN D 611 -40.85 -57.01 -37.95
C GLN D 611 -41.21 -56.92 -36.48
N LYS D 612 -41.12 -55.72 -35.92
CA LYS D 612 -41.44 -55.49 -34.52
C LYS D 612 -42.95 -55.63 -34.30
N ILE D 613 -43.73 -55.24 -35.32
CA ILE D 613 -45.18 -55.34 -35.27
C ILE D 613 -45.60 -56.78 -35.52
N ILE D 614 -44.93 -57.41 -36.49
CA ILE D 614 -45.20 -58.79 -36.87
C ILE D 614 -44.71 -59.74 -35.77
N ASP D 615 -43.80 -59.25 -34.93
CA ASP D 615 -43.26 -60.07 -33.85
C ASP D 615 -44.22 -60.05 -32.65
N LEU D 616 -44.99 -58.96 -32.54
CA LEU D 616 -45.96 -58.81 -31.46
C LEU D 616 -47.32 -59.31 -31.95
N LEU D 617 -47.44 -59.47 -33.27
CA LEU D 617 -48.68 -59.95 -33.87
C LEU D 617 -49.12 -61.28 -33.26
N PRO D 618 -48.20 -62.27 -33.16
CA PRO D 618 -48.55 -63.57 -32.57
C PRO D 618 -48.86 -63.49 -31.09
N LYS D 619 -48.21 -62.55 -30.40
CA LYS D 619 -48.44 -62.37 -28.97
C LYS D 619 -49.87 -61.91 -28.73
N VAL D 620 -50.51 -61.36 -29.76
CA VAL D 620 -51.89 -60.90 -29.66
C VAL D 620 -52.82 -62.11 -29.56
N GLU D 621 -52.65 -63.06 -30.48
CA GLU D 621 -53.47 -64.26 -30.48
C GLU D 621 -53.33 -64.95 -29.14
N VAL D 622 -52.17 -64.76 -28.53
CA VAL D 622 -51.91 -65.36 -27.22
C VAL D 622 -52.86 -64.77 -26.19
N ALA D 623 -52.93 -63.45 -26.15
CA ALA D 623 -53.81 -62.77 -25.21
C ALA D 623 -55.26 -63.14 -25.47
N LEU D 624 -55.68 -63.04 -26.73
CA LEU D 624 -57.05 -63.37 -27.10
C LEU D 624 -57.41 -64.78 -26.67
N SER D 625 -56.60 -65.75 -27.09
CA SER D 625 -56.83 -67.15 -26.74
C SER D 625 -56.89 -67.38 -25.23
N ASN D 626 -55.96 -66.75 -24.51
CA ASN D 626 -55.91 -66.90 -23.06
C ASN D 626 -57.11 -66.25 -22.39
N ILE D 627 -57.49 -65.06 -22.84
CA ILE D 627 -58.62 -64.35 -22.27
C ILE D 627 -59.92 -65.07 -22.63
N LYS D 628 -59.98 -65.60 -23.85
CA LYS D 628 -61.16 -66.32 -24.30
C LYS D 628 -61.21 -67.71 -23.67
N GLU D 629 -60.06 -68.19 -23.24
CA GLU D 629 -59.97 -69.51 -22.61
C GLU D 629 -60.76 -69.48 -21.32
N ALA D 630 -60.45 -68.49 -20.47
CA ALA D 630 -61.14 -68.33 -19.20
C ALA D 630 -62.56 -67.85 -19.46
N ASP D 631 -62.71 -67.02 -20.49
CA ASP D 631 -64.00 -66.48 -20.87
C ASP D 631 -64.98 -67.61 -21.16
N ASN D 632 -64.44 -68.74 -21.58
CA ASN D 632 -65.25 -69.91 -21.92
C ASN D 632 -65.40 -70.83 -20.71
N THR D 633 -64.29 -71.06 -20.02
CA THR D 633 -64.30 -71.93 -18.84
C THR D 633 -65.26 -71.40 -17.79
N VAL D 634 -64.97 -70.20 -17.29
CA VAL D 634 -65.80 -69.57 -16.27
C VAL D 634 -67.25 -69.50 -16.74
N MET D 635 -67.44 -69.35 -18.04
CA MET D 635 -68.79 -69.28 -18.61
C MET D 635 -69.58 -70.55 -18.32
N PHE D 636 -69.02 -71.70 -18.71
CA PHE D 636 -69.68 -72.98 -18.48
C PHE D 636 -69.55 -73.44 -17.02
N MET D 637 -68.89 -72.63 -16.21
CA MET D 637 -68.73 -72.96 -14.79
C MET D 637 -70.03 -72.65 -14.09
N GLN D 638 -70.96 -72.05 -14.83
CA GLN D 638 -72.28 -71.69 -14.30
C GLN D 638 -73.04 -72.94 -13.91
N GLY D 639 -72.77 -74.03 -14.62
CA GLY D 639 -73.44 -75.30 -14.33
C GLY D 639 -72.91 -75.93 -13.07
N LYS D 640 -71.60 -75.85 -12.87
CA LYS D 640 -70.97 -76.43 -11.70
C LYS D 640 -71.27 -75.57 -10.48
N ARG D 641 -71.98 -74.47 -10.70
CA ARG D 641 -72.33 -73.56 -9.62
C ARG D 641 -73.85 -73.45 -9.46
N GLN D 642 -74.59 -73.87 -10.49
CA GLN D 642 -76.05 -73.85 -10.46
C GLN D 642 -76.60 -75.25 -10.63
N LYS D 643 -76.30 -75.86 -11.76
CA LYS D 643 -76.77 -77.22 -12.04
C LYS D 643 -76.41 -78.20 -10.93
N GLU D 644 -75.31 -77.93 -10.23
CA GLU D 644 -74.88 -78.81 -9.14
C GLU D 644 -75.78 -78.66 -7.92
N ILE D 645 -76.69 -77.70 -7.97
CA ILE D 645 -77.61 -77.46 -6.87
C ILE D 645 -78.88 -78.26 -7.11
N TRP D 646 -79.27 -78.37 -8.37
CA TRP D 646 -80.47 -79.11 -8.74
C TRP D 646 -80.20 -80.60 -8.64
N HIS D 647 -78.97 -81.00 -8.97
CA HIS D 647 -78.57 -82.40 -8.93
C HIS D 647 -78.53 -82.79 -7.46
N LEU D 648 -78.23 -81.81 -6.61
CA LEU D 648 -78.16 -82.03 -5.17
C LEU D 648 -79.38 -81.35 -4.56
N LEU D 649 -80.56 -81.68 -5.08
CA LEU D 649 -81.81 -81.11 -4.62
C LEU D 649 -82.84 -82.17 -4.24
N LYS D 650 -82.89 -83.25 -5.02
CA LYS D 650 -83.84 -84.33 -4.77
C LYS D 650 -83.40 -85.26 -3.64
N ILE D 651 -82.48 -84.79 -2.80
CA ILE D 651 -81.99 -85.59 -1.69
C ILE D 651 -83.12 -86.00 -0.77
N ALA D 652 -84.14 -85.16 -0.69
CA ALA D 652 -85.29 -85.43 0.17
C ALA D 652 -86.59 -85.28 -0.62
N CYS D 653 -86.47 -85.04 -1.92
CA CYS D 653 -87.64 -84.87 -2.78
C CYS D 653 -88.25 -86.24 -3.09
N THR D 654 -87.79 -87.25 -2.37
CA THR D 654 -88.29 -88.61 -2.56
C THR D 654 -88.42 -89.36 -1.24
N GLN D 655 -88.56 -88.62 -0.15
CA GLN D 655 -88.70 -89.22 1.18
C GLN D 655 -90.17 -89.46 1.52
N ASP E 1 -22.07 43.42 -70.73
CA ASP E 1 -22.81 44.33 -69.84
C ASP E 1 -22.15 45.71 -69.75
N PRO E 2 -20.83 45.75 -69.53
CA PRO E 2 -20.11 47.03 -69.43
C PRO E 2 -19.92 47.73 -70.77
N GLU E 3 -20.73 47.37 -71.75
CA GLU E 3 -20.67 47.97 -73.09
C GLU E 3 -19.30 47.76 -73.75
N PHE E 4 -18.69 48.86 -74.20
CA PHE E 4 -17.38 48.81 -74.85
C PHE E 4 -17.36 47.89 -76.05
N GLY E 5 -18.39 48.00 -76.89
CA GLY E 5 -18.45 47.17 -78.08
C GLY E 5 -17.71 47.79 -79.25
N ALA E 6 -16.89 48.79 -78.96
CA ALA E 6 -16.11 49.48 -79.98
C ALA E 6 -15.08 48.55 -80.61
N GLY E 7 -15.49 47.81 -81.64
CA GLY E 7 -14.59 46.89 -82.30
C GLY E 7 -14.26 45.70 -81.42
N GLY E 8 -13.29 45.89 -80.53
CA GLY E 8 -12.89 44.82 -79.63
C GLY E 8 -11.45 44.89 -79.18
N PRO E 9 -10.96 46.06 -78.74
CA PRO E 9 -9.57 46.18 -78.29
C PRO E 9 -9.30 45.18 -77.16
N TRP E 10 -9.63 45.58 -75.94
CA TRP E 10 -9.44 44.73 -74.78
C TRP E 10 -10.56 43.68 -74.75
N GLU E 11 -10.74 43.04 -73.59
CA GLU E 11 -11.77 42.03 -73.44
C GLU E 11 -11.75 41.48 -72.02
N MET E 12 -12.89 41.54 -71.34
CA MET E 12 -12.97 41.05 -69.97
C MET E 12 -13.18 39.54 -69.87
N ARG E 13 -12.51 38.92 -68.91
CA ARG E 13 -12.59 37.50 -68.69
C ARG E 13 -13.72 37.20 -67.73
N GLU E 14 -13.46 37.43 -66.45
CA GLU E 14 -14.45 37.19 -65.40
C GLU E 14 -14.60 38.42 -64.51
N ARG E 15 -15.72 38.49 -63.80
CA ARG E 15 -15.97 39.61 -62.90
C ARG E 15 -15.19 39.40 -61.61
N LEU E 16 -15.52 40.19 -60.59
CA LEU E 16 -14.85 40.07 -59.30
C LEU E 16 -15.86 39.94 -58.15
N GLY E 17 -15.36 40.04 -56.92
CA GLY E 17 -16.20 39.91 -55.75
C GLY E 17 -17.11 41.10 -55.49
N THR E 18 -17.08 41.62 -54.27
CA THR E 18 -17.90 42.75 -53.88
C THR E 18 -17.67 43.99 -54.74
N GLY E 19 -18.40 45.06 -54.45
CA GLY E 19 -18.26 46.29 -55.20
C GLY E 19 -19.60 46.91 -55.51
N GLY E 20 -20.48 46.13 -56.14
CA GLY E 20 -21.80 46.63 -56.50
C GLY E 20 -22.31 46.03 -57.80
N PHE E 21 -23.40 46.59 -58.32
CA PHE E 21 -24.00 46.12 -59.56
C PHE E 21 -22.95 46.05 -60.67
N GLY E 22 -22.51 44.84 -60.99
CA GLY E 22 -21.52 44.66 -62.03
C GLY E 22 -20.27 45.48 -61.75
N ASN E 23 -19.61 45.19 -60.63
CA ASN E 23 -18.41 45.89 -60.24
C ASN E 23 -17.23 45.62 -61.17
N VAL E 24 -16.02 45.60 -60.62
CA VAL E 24 -14.81 45.38 -61.39
C VAL E 24 -14.85 44.06 -62.16
N CYS E 25 -14.15 44.02 -63.29
CA CYS E 25 -14.10 42.83 -64.12
C CYS E 25 -12.68 42.64 -64.62
N LEU E 26 -12.26 41.38 -64.70
CA LEU E 26 -10.92 41.04 -65.16
C LEU E 26 -10.77 41.42 -66.62
N TYR E 27 -10.20 42.59 -66.88
CA TYR E 27 -10.02 43.06 -68.25
C TYR E 27 -8.65 42.72 -68.82
N GLN E 28 -8.63 41.78 -69.77
CA GLN E 28 -7.40 41.36 -70.43
C GLN E 28 -7.40 41.87 -71.87
N HIS E 29 -6.20 42.12 -72.40
CA HIS E 29 -6.10 42.61 -73.76
C HIS E 29 -5.75 41.47 -74.70
N ARG E 30 -6.72 41.10 -75.53
CA ARG E 30 -6.53 40.01 -76.50
C ARG E 30 -5.26 40.23 -77.33
N GLU E 31 -4.93 41.49 -77.58
CA GLU E 31 -3.76 41.85 -78.37
C GLU E 31 -2.51 41.87 -77.51
N LEU E 32 -2.46 42.80 -76.56
CA LEU E 32 -1.31 42.92 -75.68
C LEU E 32 -1.28 41.83 -74.62
N ASP E 33 -0.62 42.11 -73.50
CA ASP E 33 -0.50 41.14 -72.42
C ASP E 33 -1.02 41.70 -71.10
N LEU E 34 -1.49 42.95 -71.12
CA LEU E 34 -2.01 43.59 -69.92
C LEU E 34 -3.38 43.03 -69.54
N LYS E 35 -3.55 42.70 -68.26
CA LYS E 35 -4.81 42.15 -67.77
C LYS E 35 -5.36 42.95 -66.60
N ILE E 36 -4.99 44.23 -66.53
CA ILE E 36 -5.46 45.10 -65.46
C ILE E 36 -6.98 45.18 -65.46
N ALA E 37 -7.57 45.02 -64.28
CA ALA E 37 -9.02 45.08 -64.15
C ALA E 37 -9.50 46.49 -63.84
N ILE E 38 -10.69 46.81 -64.33
CA ILE E 38 -11.29 48.12 -64.12
C ILE E 38 -12.71 47.94 -63.56
N LYS E 39 -13.13 48.88 -62.71
CA LYS E 39 -14.46 48.81 -62.12
C LYS E 39 -15.53 49.39 -63.03
N SER E 40 -16.66 48.72 -63.09
CA SER E 40 -17.77 49.18 -63.92
C SER E 40 -18.85 49.82 -63.05
N CYS E 41 -19.35 50.96 -63.49
CA CYS E 41 -20.36 51.68 -62.74
C CYS E 41 -21.68 50.95 -62.74
N ARG E 42 -22.43 51.08 -61.65
CA ARG E 42 -23.73 50.42 -61.55
C ARG E 42 -24.69 51.01 -62.57
N LEU E 43 -25.98 50.83 -62.34
CA LEU E 43 -26.99 51.38 -63.25
C LEU E 43 -26.97 52.90 -63.21
N GLU E 44 -28.14 53.51 -63.06
CA GLU E 44 -28.24 54.96 -63.00
C GLU E 44 -27.93 55.50 -61.61
N LEU E 45 -26.64 55.67 -61.33
CA LEU E 45 -26.23 56.19 -60.03
C LEU E 45 -26.91 57.52 -59.74
N SER E 46 -27.43 57.66 -58.53
CA SER E 46 -28.11 58.89 -58.13
C SER E 46 -27.20 60.10 -58.31
N THR E 47 -27.81 61.25 -58.55
CA THR E 47 -27.06 62.49 -58.75
C THR E 47 -26.15 62.75 -57.54
N LYS E 48 -26.67 62.51 -56.35
CA LYS E 48 -25.91 62.72 -55.11
C LYS E 48 -24.83 61.65 -54.96
N ASN E 49 -25.11 60.45 -55.47
CA ASN E 49 -24.16 59.35 -55.38
C ASN E 49 -23.05 59.52 -56.41
N ARG E 50 -23.31 60.33 -57.43
CA ARG E 50 -22.35 60.56 -58.49
C ARG E 50 -21.02 61.10 -57.95
N GLU E 51 -21.11 61.95 -56.93
CA GLU E 51 -19.92 62.55 -56.32
C GLU E 51 -19.16 61.52 -55.50
N ARG E 52 -19.84 60.44 -55.11
CA ARG E 52 -19.23 59.38 -54.32
C ARG E 52 -18.28 58.57 -55.18
N TRP E 53 -18.69 58.27 -56.40
CA TRP E 53 -17.87 57.48 -57.31
C TRP E 53 -16.64 58.26 -57.75
N CYS E 54 -16.85 59.50 -58.18
CA CYS E 54 -15.75 60.34 -58.62
C CYS E 54 -14.80 60.58 -57.44
N HIS E 55 -15.30 60.34 -56.24
CA HIS E 55 -14.52 60.52 -55.03
C HIS E 55 -13.55 59.37 -54.82
N GLU E 56 -14.05 58.15 -55.00
CA GLU E 56 -13.24 56.95 -54.82
C GLU E 56 -12.00 56.99 -55.72
N ILE E 57 -12.24 57.21 -57.01
CA ILE E 57 -11.15 57.27 -57.97
C ILE E 57 -10.14 58.33 -57.58
N GLN E 58 -10.63 59.39 -56.93
CA GLN E 58 -9.78 60.48 -56.50
C GLN E 58 -8.74 59.98 -55.50
N ILE E 59 -9.21 59.57 -54.32
CA ILE E 59 -8.32 59.07 -53.28
C ILE E 59 -7.59 57.80 -53.68
N MET E 60 -8.18 57.05 -54.60
CA MET E 60 -7.56 55.81 -55.05
C MET E 60 -6.25 56.09 -55.78
N LYS E 61 -6.22 57.16 -56.55
CA LYS E 61 -5.02 57.51 -57.29
C LYS E 61 -3.97 58.09 -56.32
N LYS E 62 -4.42 58.45 -55.13
CA LYS E 62 -3.54 59.01 -54.11
C LYS E 62 -2.72 57.89 -53.47
N LEU E 63 -3.28 56.69 -53.49
CA LEU E 63 -2.63 55.52 -52.91
C LEU E 63 -1.65 54.93 -53.91
N ASN E 64 -0.38 54.89 -53.54
CA ASN E 64 0.65 54.35 -54.41
C ASN E 64 1.50 53.31 -53.69
N HIS E 65 0.99 52.80 -52.57
CA HIS E 65 1.70 51.81 -51.78
C HIS E 65 1.70 50.47 -52.51
N ALA E 66 2.56 49.56 -52.07
CA ALA E 66 2.67 48.24 -52.69
C ALA E 66 1.75 47.23 -52.02
N ASN E 67 1.58 47.35 -50.70
CA ASN E 67 0.72 46.43 -49.97
C ASN E 67 -0.75 46.81 -50.03
N VAL E 68 -1.19 47.29 -51.20
CA VAL E 68 -2.57 47.68 -51.39
C VAL E 68 -2.82 47.88 -52.88
N VAL E 69 -4.09 47.90 -53.27
CA VAL E 69 -4.45 48.09 -54.67
C VAL E 69 -3.85 49.39 -55.21
N LYS E 70 -3.30 49.31 -56.42
CA LYS E 70 -2.69 50.47 -57.05
C LYS E 70 -3.52 50.91 -58.25
N ALA E 71 -4.27 52.00 -58.08
CA ALA E 71 -5.12 52.53 -59.12
C ALA E 71 -4.32 52.76 -60.42
N CYS E 72 -4.57 51.92 -61.41
CA CYS E 72 -3.90 52.03 -62.69
C CYS E 72 -4.49 53.19 -63.50
N ASP E 73 -4.05 53.34 -64.74
CA ASP E 73 -4.55 54.41 -65.60
C ASP E 73 -5.61 53.89 -66.56
N VAL E 74 -6.80 54.48 -66.50
CA VAL E 74 -7.90 54.07 -67.37
C VAL E 74 -7.51 54.27 -68.84
N PRO E 75 -7.45 53.17 -69.62
CA PRO E 75 -7.09 53.19 -71.04
C PRO E 75 -8.06 53.99 -71.92
N GLU E 76 -7.76 54.04 -73.22
CA GLU E 76 -8.58 54.77 -74.18
C GLU E 76 -10.06 54.49 -73.99
N GLU E 77 -10.38 53.30 -73.46
CA GLU E 77 -11.77 52.91 -73.21
C GLU E 77 -12.30 53.56 -71.95
N LEU E 78 -12.30 54.89 -71.91
CA LEU E 78 -12.80 55.61 -70.74
C LEU E 78 -14.33 55.66 -70.75
N ASN E 79 -14.87 56.44 -71.68
CA ASN E 79 -16.32 56.59 -71.81
C ASN E 79 -16.89 57.02 -70.47
N ILE E 80 -18.04 56.47 -70.10
CA ILE E 80 -18.68 56.80 -68.84
C ILE E 80 -19.51 55.61 -68.34
N LEU E 81 -19.46 54.51 -69.10
CA LEU E 81 -20.19 53.31 -68.74
C LEU E 81 -21.66 53.64 -68.46
N ILE E 82 -22.30 52.82 -67.63
CA ILE E 82 -23.70 53.04 -67.28
C ILE E 82 -23.85 54.30 -66.44
N HIS E 83 -24.51 55.30 -67.00
CA HIS E 83 -24.73 56.58 -66.33
C HIS E 83 -23.45 57.39 -66.23
N ASP E 84 -23.48 58.59 -66.82
CA ASP E 84 -22.34 59.50 -66.84
C ASP E 84 -21.46 59.42 -65.60
N VAL E 85 -20.52 58.47 -65.60
CA VAL E 85 -19.60 58.28 -64.49
C VAL E 85 -18.30 57.62 -64.99
N PRO E 86 -17.14 58.10 -64.51
CA PRO E 86 -15.85 57.55 -64.92
C PRO E 86 -15.61 56.12 -64.43
N LEU E 87 -14.49 55.53 -64.85
CA LEU E 87 -14.12 54.17 -64.46
C LEU E 87 -13.01 54.16 -63.42
N LEU E 88 -12.64 52.95 -62.98
CA LEU E 88 -11.59 52.79 -61.98
C LEU E 88 -10.65 51.64 -62.35
N ALA E 89 -9.56 51.98 -63.03
CA ALA E 89 -8.58 50.97 -63.44
C ALA E 89 -7.67 50.66 -62.26
N MET E 90 -7.18 49.42 -62.19
CA MET E 90 -6.30 49.02 -61.09
C MET E 90 -5.58 47.71 -61.36
N GLU E 91 -4.47 47.49 -60.67
CA GLU E 91 -3.68 46.29 -60.84
C GLU E 91 -4.50 45.04 -60.53
N TYR E 92 -4.25 43.97 -61.29
CA TYR E 92 -4.94 42.71 -61.08
C TYR E 92 -4.04 41.69 -60.41
N CYS E 93 -4.65 40.80 -59.62
CA CYS E 93 -3.91 39.76 -58.92
C CYS E 93 -4.64 38.43 -59.03
N SER E 94 -4.00 37.46 -59.67
CA SER E 94 -4.59 36.14 -59.84
C SER E 94 -4.48 35.29 -58.58
N GLY E 95 -3.78 35.81 -57.58
CA GLY E 95 -3.61 35.08 -56.33
C GLY E 95 -4.91 34.89 -55.57
N GLY E 96 -6.00 35.39 -56.14
CA GLY E 96 -7.29 35.27 -55.50
C GLY E 96 -7.35 36.01 -54.19
N ASP E 97 -8.56 36.06 -53.61
CA ASP E 97 -8.75 36.75 -52.35
C ASP E 97 -8.15 35.96 -51.20
N LEU E 98 -8.25 36.50 -49.99
CA LEU E 98 -7.71 35.86 -48.80
C LEU E 98 -8.58 34.68 -48.39
N ARG E 99 -9.88 34.81 -48.64
CA ARG E 99 -10.83 33.76 -48.29
C ARG E 99 -10.44 32.44 -48.93
N LYS E 100 -9.71 32.53 -50.04
CA LYS E 100 -9.26 31.33 -50.73
C LYS E 100 -8.30 30.56 -49.82
N LEU E 101 -7.21 31.21 -49.45
CA LEU E 101 -6.19 30.61 -48.60
C LEU E 101 -6.78 30.16 -47.28
N LEU E 102 -7.82 30.85 -46.85
CA LEU E 102 -8.46 30.52 -45.59
C LEU E 102 -9.30 29.26 -45.69
N ASN E 103 -10.02 29.12 -46.80
CA ASN E 103 -10.87 27.96 -47.00
C ASN E 103 -10.09 26.71 -47.37
N LYS E 104 -8.81 26.88 -47.68
CA LYS E 104 -7.97 25.75 -48.04
C LYS E 104 -7.96 24.70 -46.93
N PRO E 105 -8.36 23.46 -47.26
CA PRO E 105 -8.38 22.36 -46.29
C PRO E 105 -7.05 22.20 -45.57
N GLU E 106 -5.95 22.40 -46.30
CA GLU E 106 -4.60 22.27 -45.74
C GLU E 106 -4.42 23.24 -44.56
N ASN E 107 -5.09 24.38 -44.66
CA ASN E 107 -5.01 25.39 -43.61
C ASN E 107 -6.32 25.39 -42.83
N CYS E 108 -6.95 24.22 -42.77
CA CYS E 108 -8.22 24.03 -42.08
C CYS E 108 -8.16 24.60 -40.67
N CYS E 109 -6.99 24.52 -40.04
CA CYS E 109 -6.82 25.03 -38.68
C CYS E 109 -5.61 25.95 -38.56
N GLY E 110 -5.81 27.22 -38.92
CA GLY E 110 -4.74 28.20 -38.83
C GLY E 110 -3.67 28.00 -39.90
N LEU E 111 -3.41 29.04 -40.66
CA LEU E 111 -2.40 28.99 -41.72
C LEU E 111 -1.03 28.71 -41.10
N LYS E 112 -0.04 28.44 -41.95
CA LYS E 112 1.31 28.16 -41.49
C LYS E 112 1.98 29.44 -41.00
N GLU E 113 2.87 29.32 -40.04
CA GLU E 113 3.56 30.47 -39.47
C GLU E 113 4.08 31.43 -40.52
N SER E 114 4.62 30.89 -41.60
CA SER E 114 5.15 31.72 -42.68
C SER E 114 4.08 32.67 -43.22
N GLN E 115 3.00 32.11 -43.73
CA GLN E 115 1.91 32.89 -44.29
C GLN E 115 1.34 33.88 -43.26
N ILE E 116 1.21 33.40 -42.03
CA ILE E 116 0.66 34.21 -40.95
C ILE E 116 1.39 35.54 -40.83
N LEU E 117 2.63 35.47 -40.36
CA LEU E 117 3.43 36.68 -40.20
C LEU E 117 3.55 37.43 -41.51
N SER E 118 3.53 36.69 -42.62
CA SER E 118 3.67 37.31 -43.94
C SER E 118 2.46 38.18 -44.24
N LEU E 119 1.43 38.08 -43.40
CA LEU E 119 0.22 38.87 -43.59
C LEU E 119 0.28 40.13 -42.73
N LEU E 120 0.95 40.03 -41.59
CA LEU E 120 1.09 41.16 -40.69
C LEU E 120 2.02 42.19 -41.32
N SER E 121 3.17 41.74 -41.79
CA SER E 121 4.16 42.62 -42.40
C SER E 121 3.59 43.25 -43.66
N ASP E 122 2.55 42.63 -44.20
CA ASP E 122 1.92 43.14 -45.41
C ASP E 122 0.72 44.02 -45.07
N ILE E 123 -0.37 43.41 -44.64
CA ILE E 123 -1.59 44.14 -44.32
C ILE E 123 -1.32 45.17 -43.25
N GLY E 124 -0.43 44.82 -42.34
CA GLY E 124 -0.10 45.74 -41.27
C GLY E 124 0.54 47.01 -41.78
N SER E 125 1.29 46.89 -42.86
CA SER E 125 1.97 48.04 -43.45
C SER E 125 1.00 48.86 -44.28
N GLY E 126 0.20 48.16 -45.08
CA GLY E 126 -0.76 48.83 -45.92
C GLY E 126 -1.84 49.51 -45.11
N ILE E 127 -2.31 48.84 -44.07
CA ILE E 127 -3.35 49.38 -43.23
C ILE E 127 -2.83 50.64 -42.55
N ARG E 128 -1.51 50.69 -42.35
CA ARG E 128 -0.88 51.83 -41.72
C ARG E 128 -0.77 52.96 -42.72
N TYR E 129 -0.41 52.62 -43.95
CA TYR E 129 -0.26 53.60 -45.01
C TYR E 129 -1.54 54.40 -45.19
N LEU E 130 -2.66 53.70 -45.26
CA LEU E 130 -3.95 54.34 -45.44
C LEU E 130 -4.21 55.35 -44.33
N HIS E 131 -3.68 55.05 -43.14
CA HIS E 131 -3.83 55.92 -41.99
C HIS E 131 -2.91 57.13 -42.11
N GLU E 132 -1.97 57.06 -43.03
CA GLU E 132 -1.02 58.15 -43.25
C GLU E 132 -1.55 59.09 -44.32
N ASN E 133 -2.81 58.91 -44.70
CA ASN E 133 -3.45 59.73 -45.72
C ASN E 133 -4.87 60.05 -45.27
N LYS E 134 -5.10 59.93 -43.97
CA LYS E 134 -6.40 60.20 -43.39
C LYS E 134 -7.49 59.34 -44.03
N ILE E 135 -7.07 58.24 -44.64
CA ILE E 135 -8.00 57.31 -45.29
C ILE E 135 -8.20 56.11 -44.38
N ILE E 136 -9.42 55.95 -43.87
CA ILE E 136 -9.74 54.84 -42.98
C ILE E 136 -10.70 53.82 -43.60
N HIS E 137 -10.23 52.60 -43.78
CA HIS E 137 -11.04 51.54 -44.37
C HIS E 137 -11.48 50.58 -43.28
N ARG E 138 -12.70 50.77 -42.81
CA ARG E 138 -13.22 49.93 -41.74
C ARG E 138 -13.72 48.58 -42.24
N ASP E 139 -14.21 48.53 -43.46
CA ASP E 139 -14.73 47.29 -44.02
C ASP E 139 -13.59 46.35 -44.42
N LEU E 140 -12.55 46.32 -43.60
CA LEU E 140 -11.40 45.46 -43.86
C LEU E 140 -11.72 44.00 -43.59
N LYS E 141 -12.50 43.40 -44.47
CA LYS E 141 -12.87 42.00 -44.33
C LYS E 141 -12.02 41.12 -45.24
N PRO E 142 -11.77 39.87 -44.83
CA PRO E 142 -10.97 38.91 -45.59
C PRO E 142 -11.24 38.90 -47.08
N GLU E 143 -12.52 39.00 -47.47
CA GLU E 143 -12.89 39.00 -48.88
C GLU E 143 -12.51 40.30 -49.59
N ASN E 144 -11.60 41.04 -48.98
CA ASN E 144 -11.13 42.30 -49.54
C ASN E 144 -9.60 42.38 -49.51
N ILE E 145 -8.95 41.24 -49.38
CA ILE E 145 -7.49 41.18 -49.35
C ILE E 145 -6.98 40.26 -50.46
N VAL E 146 -6.69 40.84 -51.62
CA VAL E 146 -6.21 40.07 -52.75
C VAL E 146 -4.76 39.62 -52.55
N LEU E 147 -4.38 38.57 -53.27
CA LEU E 147 -3.04 38.03 -53.20
C LEU E 147 -2.38 38.02 -54.57
N GLN E 148 -1.06 38.08 -54.59
CA GLN E 148 -0.31 38.07 -55.85
C GLN E 148 1.06 37.42 -55.67
N ASP E 149 1.51 36.71 -56.69
CA ASP E 149 2.79 36.02 -56.66
C ASP E 149 3.88 36.94 -57.22
N VAL E 150 4.00 38.11 -56.62
CA VAL E 150 4.99 39.08 -57.06
C VAL E 150 6.40 38.50 -56.92
N GLY E 151 6.92 37.95 -58.01
CA GLY E 151 8.25 37.37 -57.98
C GLY E 151 8.23 35.91 -57.58
N GLY E 152 8.08 35.66 -56.30
CA GLY E 152 8.05 34.28 -55.83
C GLY E 152 7.23 34.12 -54.58
N LYS E 153 7.25 35.11 -53.71
CA LYS E 153 6.50 35.06 -52.46
C LYS E 153 5.11 35.68 -52.62
N ILE E 154 4.19 35.29 -51.74
CA ILE E 154 2.83 35.81 -51.78
C ILE E 154 2.78 37.21 -51.21
N ILE E 155 2.17 38.13 -51.96
CA ILE E 155 2.06 39.51 -51.51
C ILE E 155 0.60 39.88 -51.25
N HIS E 156 0.29 40.11 -49.99
CA HIS E 156 -1.07 40.47 -49.61
C HIS E 156 -1.31 41.96 -49.89
N LYS E 157 -2.49 42.30 -50.38
CA LYS E 157 -2.81 43.68 -50.68
C LYS E 157 -4.27 44.02 -50.37
N ILE E 158 -4.49 45.15 -49.70
CA ILE E 158 -5.84 45.58 -49.36
C ILE E 158 -6.47 46.06 -50.66
N ILE E 159 -7.79 46.09 -50.72
CA ILE E 159 -8.45 46.52 -51.95
C ILE E 159 -9.87 47.00 -51.72
N ASP E 160 -10.39 47.79 -52.66
CA ASP E 160 -11.75 48.32 -52.59
C ASP E 160 -11.93 49.25 -51.39
N LEU E 161 -12.23 50.51 -51.67
CA LEU E 161 -12.42 51.49 -50.61
C LEU E 161 -13.74 52.21 -50.80
N GLY E 162 -14.58 51.68 -51.68
CA GLY E 162 -15.87 52.30 -51.94
C GLY E 162 -16.76 52.33 -50.72
N TYR E 163 -16.31 51.67 -49.65
CA TYR E 163 -17.06 51.61 -48.41
C TYR E 163 -16.33 52.30 -47.27
N ALA E 164 -15.01 52.47 -47.42
CA ALA E 164 -14.20 53.08 -46.39
C ALA E 164 -14.70 54.47 -46.01
N LYS E 165 -13.99 55.11 -45.08
CA LYS E 165 -14.33 56.44 -44.61
C LYS E 165 -13.10 57.36 -44.69
N ASP E 166 -13.31 58.67 -44.59
CA ASP E 166 -12.22 59.64 -44.65
C ASP E 166 -12.70 60.97 -44.07
N VAL E 167 -11.82 61.95 -43.99
CA VAL E 167 -12.18 63.26 -43.44
C VAL E 167 -12.09 64.36 -44.47
N ASP E 168 -11.44 64.08 -45.59
CA ASP E 168 -11.30 65.06 -46.66
C ASP E 168 -12.67 65.33 -47.31
N GLN E 169 -12.73 65.18 -48.63
CA GLN E 169 -13.98 65.40 -49.35
C GLN E 169 -14.87 64.16 -49.29
N GLY E 170 -16.18 64.38 -49.22
CA GLY E 170 -17.12 63.27 -49.17
C GLY E 170 -16.76 62.20 -48.15
N GLU E 171 -16.74 62.57 -46.87
CA GLU E 171 -16.42 61.62 -45.81
C GLU E 171 -17.46 60.50 -45.78
N LEU E 172 -16.99 59.29 -45.50
CA LEU E 172 -17.85 58.11 -45.43
C LEU E 172 -18.48 57.78 -46.79
N CYS E 173 -19.18 56.66 -46.84
CA CYS E 173 -19.87 56.21 -48.05
C CYS E 173 -21.20 55.58 -47.68
N THR E 174 -21.14 54.52 -46.88
CA THR E 174 -22.34 53.81 -46.44
C THR E 174 -22.03 52.96 -45.20
N GLU E 175 -22.60 53.33 -44.06
CA GLU E 175 -22.38 52.60 -42.83
C GLU E 175 -22.54 51.10 -43.03
N PHE E 176 -23.78 50.63 -42.96
CA PHE E 176 -24.09 49.21 -43.13
C PHE E 176 -23.55 48.68 -44.45
N VAL E 177 -22.80 47.58 -44.37
CA VAL E 177 -22.21 46.96 -45.55
C VAL E 177 -23.04 45.74 -45.95
N GLY E 178 -22.38 44.64 -46.31
CA GLY E 178 -23.08 43.44 -46.70
C GLY E 178 -22.45 42.20 -46.10
N THR E 179 -23.27 41.34 -45.50
CA THR E 179 -22.80 40.10 -44.87
C THR E 179 -21.70 40.42 -43.86
N LEU E 180 -22.09 41.13 -42.80
CA LEU E 180 -21.15 41.53 -41.76
C LEU E 180 -20.65 40.32 -41.00
N GLN E 181 -19.48 40.47 -40.39
CA GLN E 181 -18.85 39.42 -39.60
C GLN E 181 -17.48 39.86 -39.08
N TYR E 182 -16.90 40.84 -39.78
CA TYR E 182 -15.59 41.37 -39.41
C TYR E 182 -15.57 42.89 -39.49
N LEU E 183 -15.81 43.52 -38.35
CA LEU E 183 -15.82 44.98 -38.24
C LEU E 183 -16.03 45.38 -36.79
N ALA E 184 -15.36 46.45 -36.38
CA ALA E 184 -15.46 46.94 -35.00
C ALA E 184 -16.91 47.23 -34.66
N PRO E 185 -17.28 47.07 -33.38
CA PRO E 185 -18.64 47.31 -32.92
C PRO E 185 -19.03 48.78 -32.93
N GLU E 186 -18.24 49.61 -33.61
CA GLU E 186 -18.55 51.03 -33.69
C GLU E 186 -19.71 51.32 -34.64
N LEU E 187 -19.58 50.89 -35.88
CA LEU E 187 -20.62 51.13 -36.88
C LEU E 187 -21.93 50.39 -36.58
N PHE E 188 -21.93 49.60 -35.51
CA PHE E 188 -23.11 48.86 -35.14
C PHE E 188 -24.07 49.72 -34.33
N GLU E 189 -23.63 50.93 -33.99
CA GLU E 189 -24.45 51.84 -33.21
C GLU E 189 -24.61 53.16 -33.96
N ASN E 190 -23.91 53.28 -35.08
CA ASN E 190 -23.97 54.49 -35.90
C ASN E 190 -23.56 55.71 -35.08
N LYS E 191 -22.99 55.47 -33.91
CA LYS E 191 -22.54 56.54 -33.03
C LYS E 191 -21.16 57.04 -33.46
N PRO E 192 -20.69 58.17 -32.90
CA PRO E 192 -19.39 58.73 -33.25
C PRO E 192 -18.27 57.70 -33.22
N TYR E 193 -17.86 57.26 -34.41
CA TYR E 193 -16.80 56.25 -34.55
C TYR E 193 -15.43 56.88 -34.39
N THR E 194 -14.39 56.07 -34.58
CA THR E 194 -13.03 56.54 -34.44
C THR E 194 -12.18 56.04 -35.58
N ALA E 195 -10.86 56.17 -35.44
CA ALA E 195 -9.93 55.74 -36.47
C ALA E 195 -9.37 54.36 -36.14
N THR E 196 -9.68 53.87 -34.95
CA THR E 196 -9.19 52.57 -34.52
C THR E 196 -10.06 51.47 -35.06
N VAL E 197 -11.18 51.84 -35.66
CA VAL E 197 -12.12 50.88 -36.23
C VAL E 197 -11.40 49.88 -37.14
N ASP E 198 -10.32 50.31 -37.77
CA ASP E 198 -9.57 49.44 -38.67
C ASP E 198 -8.76 48.41 -37.89
N TYR E 199 -8.22 48.82 -36.74
CA TYR E 199 -7.42 47.93 -35.91
C TYR E 199 -8.16 46.64 -35.58
N TRP E 200 -9.47 46.75 -35.37
CA TRP E 200 -10.28 45.58 -35.05
C TRP E 200 -10.38 44.63 -36.24
N SER E 201 -10.73 45.17 -37.39
CA SER E 201 -10.86 44.36 -38.58
C SER E 201 -9.58 43.59 -38.84
N PHE E 202 -8.45 44.26 -38.71
CA PHE E 202 -7.17 43.63 -38.96
C PHE E 202 -6.88 42.57 -37.91
N GLY E 203 -7.15 42.91 -36.66
CA GLY E 203 -6.88 41.98 -35.59
C GLY E 203 -7.68 40.69 -35.72
N THR E 204 -8.98 40.84 -35.93
CA THR E 204 -9.85 39.69 -36.04
C THR E 204 -9.32 38.71 -37.07
N MET E 205 -8.87 39.21 -38.21
CA MET E 205 -8.37 38.35 -39.27
C MET E 205 -7.10 37.66 -38.86
N VAL E 206 -6.20 38.42 -38.25
CA VAL E 206 -4.94 37.86 -37.82
C VAL E 206 -5.19 36.65 -36.94
N PHE E 207 -6.20 36.76 -36.09
CA PHE E 207 -6.54 35.66 -35.20
C PHE E 207 -6.96 34.45 -36.02
N GLU E 208 -7.91 34.68 -36.92
CA GLU E 208 -8.42 33.60 -37.77
C GLU E 208 -7.31 32.97 -38.60
N CYS E 209 -6.31 33.75 -38.96
CA CYS E 209 -5.21 33.24 -39.75
C CYS E 209 -4.29 32.36 -38.91
N ILE E 210 -4.74 32.04 -37.71
CA ILE E 210 -3.95 31.21 -36.81
C ILE E 210 -4.84 30.09 -36.27
N ALA E 211 -6.11 30.41 -36.05
CA ALA E 211 -7.05 29.43 -35.50
C ALA E 211 -7.87 28.82 -36.61
N GLY E 212 -8.33 29.66 -37.52
CA GLY E 212 -9.12 29.18 -38.64
C GLY E 212 -10.57 29.60 -38.55
N TYR E 213 -10.87 30.42 -37.55
CA TYR E 213 -12.24 30.91 -37.34
C TYR E 213 -12.29 32.23 -36.60
N ARG E 214 -13.49 32.77 -36.44
CA ARG E 214 -13.70 34.04 -35.75
C ARG E 214 -13.06 34.02 -34.37
N PRO E 215 -12.79 35.22 -33.81
CA PRO E 215 -12.19 35.36 -32.48
C PRO E 215 -13.22 35.20 -31.36
N PHE E 216 -14.49 35.08 -31.75
CA PHE E 216 -15.58 34.92 -30.79
C PHE E 216 -16.53 33.82 -31.22
N LEU E 217 -17.84 34.08 -31.09
CA LEU E 217 -18.84 33.09 -31.48
C LEU E 217 -18.66 32.69 -32.95
N HIS E 218 -17.86 31.65 -33.17
CA HIS E 218 -17.56 31.14 -34.50
C HIS E 218 -18.79 30.95 -35.40
N HIS E 219 -18.88 31.81 -36.40
CA HIS E 219 -19.97 31.78 -37.37
C HIS E 219 -21.34 32.00 -36.73
N LEU E 220 -21.46 33.09 -35.97
CA LEU E 220 -22.72 33.45 -35.33
C LEU E 220 -23.08 34.89 -35.66
N GLN E 221 -24.15 35.04 -36.43
CA GLN E 221 -24.64 36.37 -36.86
C GLN E 221 -24.27 37.44 -35.84
N PRO E 222 -23.69 38.56 -36.31
CA PRO E 222 -23.28 39.67 -35.44
C PRO E 222 -24.39 40.25 -34.57
N PHE E 223 -25.65 40.06 -34.98
CA PHE E 223 -26.76 40.56 -34.19
C PHE E 223 -26.65 40.04 -32.76
N THR E 224 -26.07 38.85 -32.61
CA THR E 224 -25.89 38.22 -31.31
C THR E 224 -24.40 37.95 -31.04
N TRP E 225 -23.56 38.35 -31.98
CA TRP E 225 -22.13 38.15 -31.84
C TRP E 225 -21.59 39.19 -30.85
N HIS E 226 -22.45 40.13 -30.46
CA HIS E 226 -22.07 41.18 -29.52
C HIS E 226 -22.91 41.05 -28.26
N GLU E 227 -24.21 40.82 -28.44
CA GLU E 227 -25.13 40.67 -27.32
C GLU E 227 -24.57 39.69 -26.29
N LYS E 228 -23.89 38.65 -26.77
CA LYS E 228 -23.32 37.62 -25.90
C LYS E 228 -22.02 38.10 -25.29
N ILE E 229 -21.06 38.45 -26.14
CA ILE E 229 -19.76 38.92 -25.70
C ILE E 229 -19.71 40.43 -25.55
N LYS E 230 -20.83 41.04 -25.16
CA LYS E 230 -20.85 42.49 -25.02
C LYS E 230 -19.87 42.93 -23.92
N LYS E 231 -19.81 42.17 -22.83
CA LYS E 231 -18.92 42.47 -21.72
C LYS E 231 -17.49 42.41 -22.22
N LYS E 232 -17.28 41.56 -23.22
CA LYS E 232 -15.97 41.36 -23.83
C LYS E 232 -14.87 41.50 -22.79
N ASP E 233 -14.58 40.41 -22.09
CA ASP E 233 -13.54 40.41 -21.07
C ASP E 233 -12.33 41.25 -21.48
N PRO E 234 -11.69 41.91 -20.50
CA PRO E 234 -10.53 42.75 -20.77
C PRO E 234 -9.37 41.94 -21.36
N LYS E 235 -8.85 42.41 -22.50
CA LYS E 235 -7.75 41.72 -23.18
C LYS E 235 -8.16 40.36 -23.73
N CYS E 236 -9.46 40.11 -23.83
CA CYS E 236 -9.93 38.82 -24.34
C CYS E 236 -9.83 38.74 -25.85
N ILE E 237 -9.41 37.58 -26.36
CA ILE E 237 -9.27 37.40 -27.80
C ILE E 237 -9.87 36.09 -28.28
N PHE E 238 -10.77 35.54 -27.49
CA PHE E 238 -11.42 34.27 -27.85
C PHE E 238 -12.62 33.98 -26.98
N ALA E 239 -13.62 33.34 -27.56
CA ALA E 239 -14.83 33.00 -26.84
C ALA E 239 -15.74 32.10 -27.67
N CYS E 240 -15.57 30.80 -27.52
CA CYS E 240 -16.39 29.84 -28.26
C CYS E 240 -17.53 29.34 -27.39
N GLU E 241 -18.25 28.34 -27.91
CA GLU E 241 -19.37 27.75 -27.18
C GLU E 241 -19.11 26.28 -26.88
N GLU E 242 -19.11 25.94 -25.60
CA GLU E 242 -18.86 24.57 -25.15
C GLU E 242 -19.84 23.60 -25.79
N MET E 243 -19.49 22.32 -25.75
CA MET E 243 -20.34 21.28 -26.34
C MET E 243 -21.75 21.37 -25.78
N SER E 244 -21.86 21.83 -24.53
CA SER E 244 -23.14 21.95 -23.88
C SER E 244 -23.76 23.31 -24.16
N GLY E 245 -23.39 23.89 -25.30
CA GLY E 245 -23.93 25.18 -25.68
C GLY E 245 -23.46 26.32 -24.81
N GLU E 246 -22.76 26.00 -23.72
CA GLU E 246 -22.25 27.01 -22.81
C GLU E 246 -21.31 27.98 -23.52
N VAL E 247 -20.96 29.07 -22.83
CA VAL E 247 -20.07 30.07 -23.39
C VAL E 247 -18.83 30.24 -22.51
N ARG E 248 -17.65 30.19 -23.13
CA ARG E 248 -16.38 30.33 -22.40
C ARG E 248 -15.52 31.44 -23.00
N PHE E 249 -14.92 32.24 -22.13
CA PHE E 249 -14.06 33.34 -22.56
C PHE E 249 -12.61 33.03 -22.24
N SER E 250 -11.70 33.70 -22.94
CA SER E 250 -10.27 33.51 -22.71
C SER E 250 -9.44 34.56 -23.44
N SER E 251 -8.35 34.98 -22.81
CA SER E 251 -7.48 35.98 -23.40
C SER E 251 -6.22 35.32 -23.97
N HIS E 252 -6.28 34.00 -24.09
CA HIS E 252 -5.15 33.23 -24.62
C HIS E 252 -5.38 32.89 -26.09
N LEU E 253 -4.39 32.25 -26.71
CA LEU E 253 -4.49 31.86 -28.12
C LEU E 253 -4.79 30.36 -28.23
N PRO E 254 -5.98 29.99 -28.74
CA PRO E 254 -6.41 28.60 -28.91
C PRO E 254 -5.41 27.69 -29.58
N GLN E 255 -5.70 26.39 -29.53
CA GLN E 255 -4.83 25.38 -30.13
C GLN E 255 -5.67 24.45 -30.99
N PRO E 256 -5.05 23.82 -32.01
CA PRO E 256 -3.63 23.96 -32.35
C PRO E 256 -3.38 25.16 -33.26
N ASN E 257 -2.17 25.71 -33.19
CA ASN E 257 -1.80 26.86 -34.02
C ASN E 257 -0.61 26.49 -34.92
N SER E 258 0.13 27.51 -35.37
CA SER E 258 1.28 27.28 -36.23
C SER E 258 2.45 28.16 -35.81
N LEU E 259 2.22 29.00 -34.81
CA LEU E 259 3.25 29.89 -34.30
C LEU E 259 4.20 29.12 -33.39
N CYS E 260 5.46 29.53 -33.33
CA CYS E 260 6.44 28.86 -32.51
C CYS E 260 6.16 29.17 -31.04
N SER E 261 6.88 28.50 -30.14
CA SER E 261 6.71 28.70 -28.71
C SER E 261 7.23 30.05 -28.22
N LEU E 262 7.64 30.90 -29.16
CA LEU E 262 8.16 32.20 -28.80
C LEU E 262 7.28 33.33 -29.32
N ILE E 263 6.84 33.21 -30.57
CA ILE E 263 6.00 34.24 -31.18
C ILE E 263 4.66 34.33 -30.48
N VAL E 264 4.35 33.33 -29.66
CA VAL E 264 3.07 33.30 -28.95
C VAL E 264 2.93 34.42 -27.93
N GLU E 265 3.98 34.59 -27.13
CA GLU E 265 3.98 35.61 -26.10
C GLU E 265 3.59 37.00 -26.64
N PRO E 266 4.18 37.41 -27.78
CA PRO E 266 3.86 38.71 -28.34
C PRO E 266 2.58 38.73 -29.15
N MET E 267 2.34 37.65 -29.87
CA MET E 267 1.15 37.55 -30.71
C MET E 267 -0.12 37.71 -29.89
N GLU E 268 -0.18 37.03 -28.75
CA GLU E 268 -1.36 37.10 -27.89
C GLU E 268 -1.58 38.53 -27.41
N ASN E 269 -0.52 39.13 -26.89
CA ASN E 269 -0.59 40.49 -26.37
C ASN E 269 -1.01 41.45 -27.48
N TRP E 270 -0.48 41.22 -28.68
CA TRP E 270 -0.79 42.08 -29.81
C TRP E 270 -2.28 42.05 -30.08
N LEU E 271 -2.81 40.85 -30.25
CA LEU E 271 -4.22 40.66 -30.53
C LEU E 271 -5.07 41.31 -29.45
N GLN E 272 -4.53 41.36 -28.24
CA GLN E 272 -5.26 41.94 -27.12
C GLN E 272 -5.57 43.42 -27.33
N LEU E 273 -4.57 44.19 -27.74
CA LEU E 273 -4.78 45.60 -27.97
C LEU E 273 -5.54 45.84 -29.26
N MET E 274 -5.58 44.84 -30.11
CA MET E 274 -6.29 44.97 -31.38
C MET E 274 -7.73 44.51 -31.23
N LEU E 275 -8.00 43.71 -30.21
CA LEU E 275 -9.35 43.20 -29.97
C LEU E 275 -9.95 43.74 -28.68
N ASN E 276 -9.82 45.05 -28.48
CA ASN E 276 -10.35 45.69 -27.28
C ASN E 276 -11.61 46.46 -27.66
N TRP E 277 -12.74 46.07 -27.09
CA TRP E 277 -14.03 46.71 -27.38
C TRP E 277 -13.92 48.23 -27.37
N ASP E 278 -13.32 48.78 -26.32
CA ASP E 278 -13.19 50.23 -26.20
C ASP E 278 -12.34 50.75 -27.36
N PRO E 279 -12.94 51.56 -28.25
CA PRO E 279 -12.25 52.14 -29.41
C PRO E 279 -11.17 53.15 -29.04
N GLN E 280 -11.30 53.73 -27.85
CA GLN E 280 -10.35 54.73 -27.38
C GLN E 280 -9.16 54.06 -26.69
N GLN E 281 -9.35 52.84 -26.23
CA GLN E 281 -8.30 52.10 -25.54
C GLN E 281 -7.67 51.02 -26.41
N ARG E 282 -8.21 50.83 -27.62
CA ARG E 282 -7.68 49.83 -28.54
C ARG E 282 -6.27 50.23 -29.00
N GLY E 283 -5.26 49.72 -28.32
CA GLY E 283 -3.89 50.05 -28.67
C GLY E 283 -3.66 51.54 -28.57
N GLY E 284 -4.45 52.20 -27.74
CA GLY E 284 -4.33 53.64 -27.55
C GLY E 284 -2.94 54.12 -27.17
N PRO E 285 -2.23 53.40 -26.29
CA PRO E 285 -0.88 53.80 -25.87
C PRO E 285 0.06 54.09 -27.04
N VAL E 286 0.00 55.31 -27.56
CA VAL E 286 0.85 55.71 -28.67
C VAL E 286 2.15 56.32 -28.16
N ASP E 287 3.20 55.50 -28.14
CA ASP E 287 4.51 55.94 -27.67
C ASP E 287 5.06 57.03 -28.58
N LEU E 288 4.88 58.29 -28.16
CA LEU E 288 5.36 59.43 -28.94
C LEU E 288 6.87 59.37 -29.17
N THR E 289 7.54 58.51 -28.41
CA THR E 289 8.99 58.36 -28.54
C THR E 289 9.27 57.64 -29.86
N LEU E 290 8.21 57.22 -30.53
CA LEU E 290 8.32 56.51 -31.80
C LEU E 290 7.21 56.97 -32.75
N LYS E 291 6.33 57.83 -32.25
CA LYS E 291 5.22 58.37 -33.03
C LYS E 291 4.40 57.26 -33.68
N GLN E 292 4.10 56.24 -32.89
CA GLN E 292 3.30 55.10 -33.35
C GLN E 292 2.59 54.44 -32.19
N PRO E 293 1.37 53.94 -32.42
CA PRO E 293 0.60 53.27 -31.37
C PRO E 293 1.19 51.91 -31.02
N ARG E 294 0.94 51.45 -29.79
CA ARG E 294 1.47 50.18 -29.33
C ARG E 294 1.06 49.06 -30.27
N CYS E 295 0.09 49.33 -31.13
CA CYS E 295 -0.39 48.33 -32.08
C CYS E 295 0.68 48.00 -33.11
N PHE E 296 1.24 49.03 -33.73
CA PHE E 296 2.27 48.84 -34.73
C PHE E 296 3.63 48.64 -34.06
N VAL E 297 3.72 48.98 -32.79
CA VAL E 297 4.96 48.82 -32.05
C VAL E 297 5.31 47.35 -31.92
N LEU E 298 4.39 46.59 -31.33
CA LEU E 298 4.62 45.16 -31.13
C LEU E 298 4.81 44.46 -32.47
N MET E 299 4.05 44.89 -33.46
CA MET E 299 4.12 44.30 -34.78
C MET E 299 5.57 44.35 -35.27
N ASP E 300 6.13 45.55 -35.28
CA ASP E 300 7.49 45.74 -35.74
C ASP E 300 8.46 45.04 -34.81
N HIS E 301 8.07 44.92 -33.55
CA HIS E 301 8.90 44.26 -32.56
C HIS E 301 8.96 42.77 -32.85
N ILE E 302 7.92 42.27 -33.52
CA ILE E 302 7.84 40.85 -33.85
C ILE E 302 8.54 40.56 -35.17
N LEU E 303 8.02 41.13 -36.25
CA LEU E 303 8.58 40.93 -37.57
C LEU E 303 10.10 41.10 -37.58
N ASN E 304 10.57 42.10 -36.85
CA ASN E 304 12.01 42.37 -36.79
C ASN E 304 12.68 41.52 -35.73
N LEU E 305 12.63 40.21 -35.91
CA LEU E 305 13.25 39.27 -34.97
C LEU E 305 13.96 38.15 -35.72
N LYS E 306 14.70 37.34 -34.99
CA LYS E 306 15.43 36.22 -35.59
C LYS E 306 14.66 34.92 -35.34
N ILE E 307 14.68 34.45 -34.10
CA ILE E 307 13.97 33.23 -33.74
C ILE E 307 14.36 32.09 -34.67
N VAL E 308 15.48 31.45 -34.40
CA VAL E 308 15.94 30.34 -35.22
C VAL E 308 15.41 29.02 -34.71
N HIS E 309 14.60 28.36 -35.54
CA HIS E 309 14.02 27.07 -35.18
C HIS E 309 15.10 25.98 -35.25
N ILE E 310 15.16 25.15 -34.21
CA ILE E 310 16.15 24.07 -34.17
C ILE E 310 15.48 22.72 -33.95
N LEU E 311 15.69 21.81 -34.89
CA LEU E 311 15.11 20.47 -34.81
C LEU E 311 16.13 19.49 -34.23
N ASN E 312 15.80 18.90 -33.09
CA ASN E 312 16.67 17.94 -32.43
C ASN E 312 16.47 16.55 -33.02
N MET E 313 17.44 16.09 -33.81
CA MET E 313 17.37 14.78 -34.44
C MET E 313 17.68 13.66 -33.44
N THR E 314 17.31 13.88 -32.18
CA THR E 314 17.56 12.89 -31.14
C THR E 314 16.33 12.75 -30.27
N SER E 315 15.41 13.70 -30.41
CA SER E 315 14.17 13.69 -29.65
C SER E 315 13.01 14.28 -30.45
N ALA E 316 13.23 14.49 -31.74
CA ALA E 316 12.20 15.04 -32.62
C ALA E 316 11.63 16.34 -32.10
N LYS E 317 12.39 17.02 -31.23
CA LYS E 317 11.96 18.29 -30.66
C LYS E 317 12.31 19.45 -31.57
N ILE E 318 11.54 20.53 -31.46
CA ILE E 318 11.79 21.71 -32.28
C ILE E 318 11.91 22.94 -31.37
N ILE E 319 13.05 23.07 -30.70
CA ILE E 319 13.28 24.20 -29.81
C ILE E 319 13.69 25.44 -30.59
N SER E 320 13.06 26.57 -30.28
CA SER E 320 13.37 27.82 -30.96
C SER E 320 14.20 28.72 -30.07
N PHE E 321 15.04 29.54 -30.69
CA PHE E 321 15.89 30.47 -29.96
C PHE E 321 15.89 31.85 -30.59
N LEU E 322 15.32 32.82 -29.89
CA LEU E 322 15.27 34.20 -30.39
C LEU E 322 16.62 34.85 -30.15
N LEU E 323 17.52 34.64 -31.10
CA LEU E 323 18.88 35.18 -31.01
C LEU E 323 18.95 36.67 -31.28
N PRO E 324 19.76 37.38 -30.50
CA PRO E 324 19.93 38.83 -30.65
C PRO E 324 20.95 39.15 -31.75
N PRO E 325 20.95 40.40 -32.25
CA PRO E 325 21.87 40.81 -33.31
C PRO E 325 23.31 41.02 -32.82
N ASP E 326 23.75 40.17 -31.90
CA ASP E 326 25.10 40.28 -31.36
C ASP E 326 25.64 38.93 -30.92
N GLU E 327 24.81 38.15 -30.26
CA GLU E 327 25.20 36.83 -29.76
C GLU E 327 25.89 35.99 -30.83
N SER E 328 26.79 35.12 -30.39
CA SER E 328 27.53 34.25 -31.30
C SER E 328 27.01 32.82 -31.17
N LEU E 329 27.37 31.96 -32.12
CA LEU E 329 26.92 30.59 -32.09
C LEU E 329 27.48 29.89 -30.86
N HIS E 330 28.71 30.26 -30.49
CA HIS E 330 29.35 29.66 -29.32
C HIS E 330 28.62 30.11 -28.06
N SER E 331 27.88 31.20 -28.18
CA SER E 331 27.13 31.75 -27.07
C SER E 331 25.74 31.12 -27.07
N LEU E 332 25.35 30.59 -28.22
CA LEU E 332 24.06 29.94 -28.39
C LEU E 332 24.14 28.45 -28.08
N GLN E 333 25.20 27.80 -28.54
CA GLN E 333 25.39 26.38 -28.29
C GLN E 333 25.17 26.05 -26.83
N SER E 334 25.58 26.98 -25.96
CA SER E 334 25.43 26.80 -24.53
C SER E 334 23.94 26.82 -24.16
N ARG E 335 23.21 27.74 -24.77
CA ARG E 335 21.77 27.88 -24.51
C ARG E 335 21.07 26.57 -24.84
N ILE E 336 21.44 26.00 -25.98
CA ILE E 336 20.86 24.75 -26.44
C ILE E 336 21.07 23.64 -25.41
N GLU E 337 22.29 23.60 -24.88
CA GLU E 337 22.66 22.58 -23.89
C GLU E 337 21.72 22.59 -22.69
N ARG E 338 21.08 23.74 -22.44
CA ARG E 338 20.17 23.87 -21.32
C ARG E 338 18.80 23.25 -21.59
N GLU E 339 18.50 23.01 -22.87
CA GLU E 339 17.22 22.43 -23.23
C GLU E 339 17.41 21.15 -24.04
N THR E 340 18.61 20.58 -23.98
CA THR E 340 18.89 19.35 -24.72
C THR E 340 19.72 18.39 -23.88
N GLY E 341 20.72 18.93 -23.19
CA GLY E 341 21.55 18.10 -22.35
C GLY E 341 22.78 17.62 -23.10
N ILE E 342 22.93 18.08 -24.34
CA ILE E 342 24.07 17.71 -25.18
C ILE E 342 25.27 18.62 -24.86
N ASN E 343 26.43 18.00 -24.66
CA ASN E 343 27.65 18.76 -24.35
C ASN E 343 27.86 19.87 -25.37
N THR E 344 28.23 21.05 -24.87
CA THR E 344 28.47 22.19 -25.74
C THR E 344 29.49 21.86 -26.81
N GLY E 345 30.34 20.88 -26.54
CA GLY E 345 31.35 20.49 -27.50
C GLY E 345 30.88 19.41 -28.44
N SER E 346 29.82 18.70 -28.04
CA SER E 346 29.27 17.63 -28.85
C SER E 346 27.99 18.07 -29.56
N GLN E 347 27.85 19.38 -29.75
CA GLN E 347 26.67 19.94 -30.42
C GLN E 347 26.97 20.28 -31.89
N GLU E 348 26.80 19.29 -32.76
CA GLU E 348 27.03 19.47 -34.18
C GLU E 348 25.71 19.71 -34.90
N LEU E 349 25.38 20.98 -35.11
CA LEU E 349 24.13 21.32 -35.78
C LEU E 349 24.33 21.44 -37.28
N LEU E 350 23.55 20.66 -38.03
CA LEU E 350 23.63 20.67 -39.49
C LEU E 350 22.39 21.35 -40.08
N SER E 351 22.59 22.13 -41.14
CA SER E 351 21.50 22.83 -41.81
C SER E 351 20.97 22.00 -42.95
N GLU E 352 19.92 22.50 -43.60
CA GLU E 352 19.31 21.79 -44.71
C GLU E 352 20.36 21.49 -45.78
N THR E 353 21.31 22.41 -45.96
CA THR E 353 22.35 22.23 -46.95
C THR E 353 23.27 21.07 -46.57
N GLY E 354 23.02 20.49 -45.40
CA GLY E 354 23.84 19.37 -44.96
C GLY E 354 25.13 19.83 -44.34
N ILE E 355 25.52 21.08 -44.60
CA ILE E 355 26.75 21.64 -44.06
C ILE E 355 26.74 21.58 -42.53
N SER E 356 27.92 21.43 -41.93
CA SER E 356 28.04 21.36 -40.48
C SER E 356 27.71 22.72 -39.86
N LEU E 357 28.19 22.96 -38.65
CA LEU E 357 27.94 24.22 -37.97
C LEU E 357 28.76 25.31 -38.66
N ASP E 358 29.24 26.29 -37.89
CA ASP E 358 30.04 27.37 -38.45
C ASP E 358 30.61 28.27 -37.35
N PRO E 359 31.60 27.76 -36.60
CA PRO E 359 32.24 28.51 -35.51
C PRO E 359 32.64 29.93 -35.91
N ARG E 360 32.95 30.12 -37.18
CA ARG E 360 33.35 31.44 -37.69
C ARG E 360 32.23 32.45 -37.47
N LYS E 361 31.29 32.46 -38.41
CA LYS E 361 30.15 33.37 -38.34
C LYS E 361 29.32 33.08 -37.10
N PRO E 362 28.93 34.12 -36.34
CA PRO E 362 28.13 33.94 -35.13
C PRO E 362 26.72 33.43 -35.45
N ALA E 363 25.80 33.66 -34.53
CA ALA E 363 24.42 33.22 -34.70
C ALA E 363 23.81 33.78 -35.98
N SER E 364 24.47 34.77 -36.57
CA SER E 364 24.00 35.40 -37.79
C SER E 364 24.35 34.57 -39.01
N GLN E 365 24.08 33.26 -38.93
CA GLN E 365 24.37 32.35 -40.03
C GLN E 365 23.06 31.79 -40.59
N CYS E 366 21.95 32.08 -39.91
CA CYS E 366 20.63 31.60 -40.32
C CYS E 366 19.73 32.78 -40.63
N VAL E 367 20.34 33.87 -41.09
CA VAL E 367 19.59 35.09 -41.41
C VAL E 367 19.10 35.13 -42.85
N LEU E 368 17.82 35.45 -43.02
CA LEU E 368 17.21 35.55 -44.35
C LEU E 368 16.41 36.84 -44.47
N ASP E 369 17.01 37.84 -45.11
CA ASP E 369 16.35 39.14 -45.30
C ASP E 369 15.88 39.31 -46.74
N GLY E 370 15.88 38.21 -47.49
CA GLY E 370 15.45 38.25 -48.88
C GLY E 370 13.95 38.08 -49.06
N VAL E 371 13.53 36.88 -49.45
CA VAL E 371 12.12 36.59 -49.66
C VAL E 371 11.35 36.62 -48.35
N ARG E 372 11.58 35.64 -47.50
CA ARG E 372 10.90 35.55 -46.20
C ARG E 372 11.49 34.40 -45.37
N GLY E 373 12.55 34.70 -44.63
CA GLY E 373 13.19 33.68 -43.81
C GLY E 373 12.45 33.40 -42.53
N CYS E 374 11.78 32.25 -42.47
CA CYS E 374 11.01 31.85 -41.30
C CYS E 374 10.45 30.44 -41.47
N ASP E 375 10.98 29.50 -40.68
CA ASP E 375 10.55 28.12 -40.72
C ASP E 375 10.79 27.51 -42.10
N SER E 376 11.92 27.86 -42.71
CA SER E 376 12.28 27.35 -44.03
C SER E 376 13.77 26.99 -44.08
N TYR E 377 14.49 27.36 -43.04
CA TYR E 377 15.92 27.08 -42.97
C TYR E 377 16.27 26.58 -41.56
N MET E 378 15.32 25.92 -40.91
CA MET E 378 15.54 25.40 -39.57
C MET E 378 16.75 24.50 -39.53
N VAL E 379 17.50 24.57 -38.44
CA VAL E 379 18.70 23.76 -38.28
C VAL E 379 18.41 22.46 -37.57
N TYR E 380 19.11 21.39 -37.96
CA TYR E 380 18.93 20.08 -37.36
C TYR E 380 20.09 19.77 -36.40
N LEU E 381 19.80 19.73 -35.10
CA LEU E 381 20.80 19.45 -34.09
C LEU E 381 21.15 17.96 -34.03
N PHE E 382 22.44 17.66 -34.15
CA PHE E 382 22.91 16.28 -34.10
C PHE E 382 23.88 16.09 -32.95
N ASP E 383 23.72 14.98 -32.22
CA ASP E 383 24.58 14.67 -31.09
C ASP E 383 25.79 13.86 -31.55
N LYS E 384 26.96 14.17 -31.01
CA LYS E 384 28.19 13.48 -31.38
C LYS E 384 28.40 12.21 -30.57
N SER E 385 28.16 12.30 -29.27
CA SER E 385 28.33 11.15 -28.38
C SER E 385 27.42 10.00 -28.78
N LYS E 386 26.12 10.26 -28.83
CA LYS E 386 25.15 9.24 -29.20
C LYS E 386 25.40 8.69 -30.60
N THR E 387 25.88 7.45 -30.68
CA THR E 387 26.17 6.81 -31.95
C THR E 387 24.87 6.43 -32.64
N VAL E 388 23.93 5.91 -31.86
CA VAL E 388 22.63 5.50 -32.39
C VAL E 388 21.54 6.11 -31.54
N TYR E 389 20.57 6.76 -32.19
CA TYR E 389 19.48 7.40 -31.47
C TYR E 389 18.35 6.42 -31.15
N GLU E 390 18.20 6.13 -29.87
CA GLU E 390 17.16 5.22 -29.38
C GLU E 390 15.77 5.70 -29.82
N GLY E 391 15.26 6.72 -29.15
CA GLY E 391 13.95 7.25 -29.50
C GLY E 391 13.26 8.06 -28.40
N PRO E 392 13.97 8.98 -27.73
CA PRO E 392 13.33 9.78 -26.67
C PRO E 392 12.28 10.72 -27.26
N PHE E 393 12.08 10.63 -28.57
CA PHE E 393 11.11 11.46 -29.28
C PHE E 393 9.68 11.26 -28.77
N ALA E 394 8.75 12.06 -29.31
CA ALA E 394 7.35 11.97 -28.92
C ALA E 394 6.52 12.85 -29.85
N SER E 395 5.34 12.37 -30.24
CA SER E 395 4.46 13.11 -31.11
C SER E 395 3.48 13.95 -30.31
N ARG E 396 2.44 14.44 -30.98
CA ARG E 396 1.42 15.28 -30.35
C ARG E 396 0.15 14.49 -30.04
N SER E 397 -0.60 14.98 -29.05
CA SER E 397 -1.83 14.33 -28.66
C SER E 397 -2.97 14.85 -29.51
N LEU E 398 -4.12 14.19 -29.43
CA LEU E 398 -5.28 14.62 -30.22
C LEU E 398 -6.26 15.43 -29.38
N SER E 399 -5.94 15.57 -28.09
CA SER E 399 -6.77 16.32 -27.16
C SER E 399 -8.14 15.66 -27.00
N ASP E 400 -8.85 16.07 -25.95
CA ASP E 400 -10.18 15.53 -25.68
C ASP E 400 -11.14 15.82 -26.82
N CYS E 401 -10.78 16.78 -27.67
CA CYS E 401 -11.62 17.16 -28.80
C CYS E 401 -11.69 16.06 -29.84
N VAL E 402 -10.57 15.39 -30.08
CA VAL E 402 -10.51 14.31 -31.06
C VAL E 402 -10.60 12.94 -30.42
N ASN E 403 -10.40 12.89 -29.10
CA ASN E 403 -10.48 11.62 -28.40
C ASN E 403 -11.82 10.95 -28.60
N TYR E 404 -12.90 11.72 -28.64
CA TYR E 404 -14.23 11.17 -28.82
C TYR E 404 -14.30 10.40 -30.14
N ILE E 405 -13.67 10.97 -31.17
CA ILE E 405 -13.65 10.38 -32.51
C ILE E 405 -12.92 9.03 -32.52
N VAL E 406 -11.93 8.90 -31.66
CA VAL E 406 -11.14 7.67 -31.60
C VAL E 406 -11.65 6.69 -30.55
N GLN E 407 -12.01 7.21 -29.38
CA GLN E 407 -12.48 6.37 -28.29
C GLN E 407 -13.91 5.88 -28.54
N ASP E 408 -14.80 6.81 -28.85
CA ASP E 408 -16.20 6.47 -29.08
C ASP E 408 -16.38 5.91 -30.49
N SER E 409 -15.46 6.25 -31.38
CA SER E 409 -15.51 5.79 -32.75
C SER E 409 -16.82 6.19 -33.42
N LYS E 410 -17.81 5.31 -33.34
CA LYS E 410 -19.11 5.58 -33.92
C LYS E 410 -19.99 6.39 -32.98
N ILE E 411 -20.00 7.70 -33.17
CA ILE E 411 -20.80 8.58 -32.34
C ILE E 411 -21.48 9.65 -33.19
N GLN E 412 -22.72 9.97 -32.84
CA GLN E 412 -23.48 10.97 -33.58
C GLN E 412 -23.34 12.34 -32.91
N LEU E 413 -22.33 13.09 -33.33
CA LEU E 413 -22.07 14.41 -32.76
C LEU E 413 -22.50 15.51 -33.73
N PRO E 414 -23.05 16.62 -33.20
CA PRO E 414 -23.50 17.75 -34.01
C PRO E 414 -22.39 18.29 -34.91
N ILE E 415 -22.71 18.50 -36.18
CA ILE E 415 -21.75 19.01 -37.15
C ILE E 415 -21.15 20.33 -36.70
N ILE E 416 -21.95 21.10 -35.95
CA ILE E 416 -21.50 22.40 -35.46
C ILE E 416 -20.22 22.21 -34.64
N GLN E 417 -20.02 20.99 -34.17
CA GLN E 417 -18.84 20.64 -33.37
C GLN E 417 -17.88 19.81 -34.23
N LEU E 418 -18.44 19.06 -35.16
CA LEU E 418 -17.65 18.21 -36.04
C LEU E 418 -16.71 19.05 -36.89
N ARG E 419 -17.16 20.24 -37.27
CA ARG E 419 -16.38 21.14 -38.10
C ARG E 419 -15.07 21.48 -37.43
N LYS E 420 -14.93 21.10 -36.18
CA LYS E 420 -13.72 21.34 -35.43
C LYS E 420 -12.99 20.05 -35.08
N VAL E 421 -13.70 19.12 -34.45
CA VAL E 421 -13.09 17.85 -34.06
C VAL E 421 -12.52 17.16 -35.29
N TRP E 422 -13.19 17.35 -36.42
CA TRP E 422 -12.73 16.75 -37.66
C TRP E 422 -11.56 17.56 -38.21
N ALA E 423 -11.72 18.88 -38.17
CA ALA E 423 -10.68 19.79 -38.65
C ALA E 423 -9.36 19.49 -37.96
N GLU E 424 -9.38 19.51 -36.63
CA GLU E 424 -8.18 19.23 -35.84
C GLU E 424 -7.66 17.84 -36.15
N ALA E 425 -8.57 16.90 -36.36
CA ALA E 425 -8.20 15.52 -36.66
C ALA E 425 -7.41 15.49 -37.94
N VAL E 426 -7.90 16.24 -38.94
CA VAL E 426 -7.24 16.30 -40.24
C VAL E 426 -5.87 16.96 -40.09
N HIS E 427 -5.80 18.00 -39.27
CA HIS E 427 -4.55 18.72 -39.06
C HIS E 427 -3.55 17.79 -38.38
N TYR E 428 -4.04 16.92 -37.50
CA TYR E 428 -3.17 15.98 -36.80
C TYR E 428 -2.64 14.96 -37.79
N VAL E 429 -3.53 14.48 -38.65
CA VAL E 429 -3.17 13.50 -39.65
C VAL E 429 -2.03 14.06 -40.48
N SER E 430 -2.29 15.17 -41.18
CA SER E 430 -1.29 15.80 -42.01
C SER E 430 -0.10 16.20 -41.15
N GLY E 431 -0.38 16.44 -39.87
CA GLY E 431 0.67 16.84 -38.94
C GLY E 431 1.78 15.82 -38.88
N LEU E 432 1.42 14.59 -38.56
CA LEU E 432 2.39 13.51 -38.48
C LEU E 432 3.15 13.40 -39.79
N LYS E 433 2.45 13.55 -40.90
CA LYS E 433 3.05 13.47 -42.23
C LYS E 433 4.11 14.55 -42.40
N GLU E 434 3.68 15.80 -42.37
CA GLU E 434 4.61 16.92 -42.52
C GLU E 434 5.71 16.86 -41.46
N ASP E 435 5.39 16.27 -40.31
CA ASP E 435 6.35 16.16 -39.22
C ASP E 435 7.40 15.12 -39.60
N TYR E 436 7.00 14.13 -40.38
CA TYR E 436 7.91 13.07 -40.80
C TYR E 436 8.94 13.63 -41.77
N SER E 437 8.49 14.54 -42.62
CA SER E 437 9.38 15.16 -43.61
C SER E 437 10.55 15.85 -42.91
N ARG E 438 10.23 16.55 -41.84
CA ARG E 438 11.24 17.27 -41.08
C ARG E 438 12.30 16.29 -40.59
N LEU E 439 11.84 15.17 -40.03
CA LEU E 439 12.74 14.16 -39.51
C LEU E 439 13.55 13.56 -40.64
N PHE E 440 12.87 13.28 -41.75
CA PHE E 440 13.54 12.70 -42.91
C PHE E 440 14.68 13.57 -43.38
N GLN E 441 14.42 14.87 -43.48
CA GLN E 441 15.43 15.81 -43.93
C GLN E 441 16.68 15.72 -43.07
N GLY E 442 16.47 15.42 -41.80
CA GLY E 442 17.59 15.30 -40.89
C GLY E 442 18.56 14.22 -41.38
N GLN E 443 18.00 13.11 -41.83
CA GLN E 443 18.79 12.00 -42.33
C GLN E 443 19.51 12.44 -43.60
N ARG E 444 18.80 13.18 -44.43
CA ARG E 444 19.34 13.66 -45.69
C ARG E 444 20.53 14.58 -45.41
N ALA E 445 20.37 15.45 -44.42
CA ALA E 445 21.43 16.38 -44.06
C ALA E 445 22.61 15.62 -43.48
N ALA E 446 22.31 14.67 -42.60
CA ALA E 446 23.34 13.85 -41.97
C ALA E 446 24.05 13.05 -43.03
N MET E 447 23.31 12.66 -44.07
CA MET E 447 23.88 11.88 -45.16
C MET E 447 24.97 12.69 -45.84
N LEU E 448 24.67 13.96 -46.10
CA LEU E 448 25.61 14.86 -46.75
C LEU E 448 26.89 15.00 -45.93
N SER E 449 26.73 15.08 -44.62
CA SER E 449 27.86 15.21 -43.72
C SER E 449 28.77 13.99 -43.85
N LEU E 450 28.15 12.82 -43.92
CA LEU E 450 28.89 11.56 -44.05
C LEU E 450 29.55 11.50 -45.42
N LEU E 451 28.83 11.93 -46.44
CA LEU E 451 29.34 11.93 -47.80
C LEU E 451 30.53 12.87 -47.91
N ARG E 452 30.49 13.95 -47.14
CA ARG E 452 31.57 14.91 -47.16
C ARG E 452 32.77 14.40 -46.39
N TYR E 453 32.51 13.74 -45.26
CA TYR E 453 33.59 13.18 -44.44
C TYR E 453 34.33 12.11 -45.25
N ASN E 454 33.57 11.30 -45.99
CA ASN E 454 34.15 10.24 -46.79
C ASN E 454 35.11 10.84 -47.81
N ALA E 455 34.67 11.92 -48.45
CA ALA E 455 35.49 12.59 -49.44
C ALA E 455 36.74 13.17 -48.78
N ASN E 456 36.54 13.84 -47.65
CA ASN E 456 37.65 14.44 -46.93
C ASN E 456 38.68 13.39 -46.53
N LEU E 457 38.20 12.24 -46.06
CA LEU E 457 39.07 11.15 -45.64
C LEU E 457 39.84 10.59 -46.84
N THR E 458 39.11 10.36 -47.93
CA THR E 458 39.71 9.82 -49.13
C THR E 458 40.71 10.78 -49.77
N LYS E 459 40.42 12.07 -49.71
CA LYS E 459 41.30 13.07 -50.30
C LYS E 459 42.71 12.93 -49.76
N MET E 460 42.82 12.52 -48.51
CA MET E 460 44.12 12.36 -47.89
C MET E 460 44.72 11.02 -48.30
N LYS E 461 43.87 10.07 -48.64
CA LYS E 461 44.32 8.75 -49.05
C LYS E 461 45.11 8.88 -50.33
N ASN E 462 44.56 9.64 -51.27
CA ASN E 462 45.21 9.85 -52.56
C ASN E 462 46.55 10.53 -52.36
N THR E 463 46.65 11.34 -51.30
CA THR E 463 47.89 12.06 -51.00
C THR E 463 48.76 11.24 -50.06
N LEU E 464 48.15 10.26 -49.40
CA LEU E 464 48.88 9.41 -48.48
C LEU E 464 49.69 8.39 -49.28
N ILE E 465 49.02 7.74 -50.23
CA ILE E 465 49.68 6.75 -51.08
C ILE E 465 50.68 7.47 -52.00
N SER E 466 50.33 8.70 -52.36
CA SER E 466 51.19 9.51 -53.21
C SER E 466 52.43 9.93 -52.45
N ALA E 467 52.26 10.18 -51.15
CA ALA E 467 53.37 10.59 -50.30
C ALA E 467 54.29 9.40 -50.06
N SER E 468 53.70 8.21 -49.97
CA SER E 468 54.47 6.99 -49.74
C SER E 468 55.27 6.64 -50.99
N GLN E 469 54.67 6.86 -52.14
CA GLN E 469 55.34 6.56 -53.41
C GLN E 469 56.67 7.30 -53.47
N GLN E 470 56.75 8.42 -52.75
CA GLN E 470 57.96 9.22 -52.71
C GLN E 470 58.98 8.50 -51.84
N LEU E 471 58.49 7.95 -50.73
CA LEU E 471 59.34 7.23 -49.80
C LEU E 471 59.99 6.04 -50.49
N LYS E 472 59.17 5.19 -51.10
CA LYS E 472 59.66 4.00 -51.77
C LYS E 472 60.59 4.40 -52.92
N ALA E 473 60.27 5.51 -53.58
CA ALA E 473 61.08 6.00 -54.68
C ALA E 473 62.44 6.48 -54.19
N LYS E 474 62.46 7.04 -52.99
CA LYS E 474 63.70 7.54 -52.41
C LYS E 474 64.52 6.40 -51.81
N LEU E 475 63.83 5.43 -51.21
CA LEU E 475 64.50 4.27 -50.62
C LEU E 475 65.31 3.54 -51.68
N GLU E 476 64.75 3.44 -52.88
CA GLU E 476 65.43 2.79 -53.99
C GLU E 476 66.63 3.61 -54.43
N PHE E 477 66.45 4.93 -54.49
CA PHE E 477 67.51 5.85 -54.89
C PHE E 477 68.46 6.07 -53.72
N PHE E 478 68.29 5.26 -52.69
CA PHE E 478 69.12 5.33 -51.50
C PHE E 478 69.82 3.99 -51.28
N HIS E 479 69.10 2.90 -51.52
CA HIS E 479 69.65 1.56 -51.34
C HIS E 479 70.70 1.25 -52.40
N LYS E 480 70.63 1.94 -53.52
CA LYS E 480 71.59 1.75 -54.61
C LYS E 480 72.66 2.82 -54.53
N SER E 481 72.59 3.64 -53.49
CA SER E 481 73.55 4.71 -53.30
C SER E 481 74.35 4.47 -52.03
N ILE E 482 73.75 3.79 -51.07
CA ILE E 482 74.41 3.48 -49.81
C ILE E 482 75.40 2.34 -49.97
N GLN E 483 74.99 1.31 -50.69
CA GLN E 483 75.85 0.15 -50.93
C GLN E 483 76.75 0.42 -52.12
N LEU E 484 76.41 1.45 -52.89
CA LEU E 484 77.21 1.82 -54.05
C LEU E 484 78.59 2.28 -53.59
N ASP E 485 78.66 2.70 -52.33
CA ASP E 485 79.92 3.18 -51.76
C ASP E 485 80.68 2.02 -51.15
N LEU E 486 79.95 1.02 -50.67
CA LEU E 486 80.54 -0.16 -50.06
C LEU E 486 81.43 -0.93 -51.03
N GLU E 487 80.97 -1.05 -52.27
CA GLU E 487 81.72 -1.78 -53.28
C GLU E 487 82.96 -0.99 -53.71
N ARG E 488 82.82 0.33 -53.77
CA ARG E 488 83.91 1.20 -54.17
C ARG E 488 84.89 1.36 -53.02
N TYR E 489 84.49 0.89 -51.84
CA TYR E 489 85.33 0.98 -50.65
C TYR E 489 86.12 -0.31 -50.41
N SER E 490 85.43 -1.44 -50.49
CA SER E 490 86.05 -2.74 -50.28
C SER E 490 87.21 -2.99 -51.24
N GLU E 491 87.21 -2.30 -52.37
CA GLU E 491 88.27 -2.48 -53.36
C GLU E 491 89.40 -1.45 -53.19
N GLN E 492 89.40 -0.75 -52.06
CA GLN E 492 90.43 0.25 -51.82
C GLN E 492 90.79 0.37 -50.34
N MET E 493 90.50 -0.69 -49.57
CA MET E 493 90.79 -0.68 -48.14
C MET E 493 92.29 -0.83 -47.88
N THR E 494 93.07 -0.94 -48.96
CA THR E 494 94.51 -1.08 -48.85
C THR E 494 95.26 -0.28 -49.92
N TYR E 495 94.86 -0.45 -51.17
CA TYR E 495 95.49 0.27 -52.28
C TYR E 495 95.03 1.71 -52.38
N GLY E 496 94.52 2.24 -51.27
CA GLY E 496 94.05 3.61 -51.25
C GLY E 496 93.59 4.07 -49.88
N ILE E 497 92.42 4.70 -49.84
CA ILE E 497 91.85 5.20 -48.59
C ILE E 497 91.02 4.15 -47.87
N SER E 498 91.22 4.03 -46.57
CA SER E 498 90.50 3.08 -45.76
C SER E 498 90.38 3.58 -44.32
N SER E 499 89.34 3.15 -43.62
CA SER E 499 89.12 3.56 -42.24
C SER E 499 88.47 2.45 -41.43
N GLU E 500 87.81 2.81 -40.33
CA GLU E 500 87.17 1.82 -39.48
C GLU E 500 86.04 2.46 -38.67
N LYS E 501 86.14 3.76 -38.43
CA LYS E 501 85.12 4.46 -37.66
C LYS E 501 83.81 4.58 -38.44
N MET E 502 83.93 4.70 -39.76
CA MET E 502 82.75 4.82 -40.61
C MET E 502 82.31 3.45 -41.12
N LEU E 503 83.03 2.41 -40.71
CA LEU E 503 82.71 1.05 -41.12
C LEU E 503 81.31 0.69 -40.63
N LYS E 504 80.95 1.26 -39.49
CA LYS E 504 79.64 1.02 -38.89
C LYS E 504 78.71 2.21 -39.13
N ALA E 505 79.30 3.40 -39.20
CA ALA E 505 78.53 4.62 -39.42
C ALA E 505 77.67 4.50 -40.67
N TRP E 506 78.25 3.98 -41.75
CA TRP E 506 77.54 3.81 -43.01
C TRP E 506 76.65 2.57 -42.98
N LYS E 507 77.15 1.51 -42.34
CA LYS E 507 76.41 0.25 -42.25
C LYS E 507 75.04 0.42 -41.60
N GLU E 508 74.86 1.52 -40.87
CA GLU E 508 73.60 1.77 -40.19
C GLU E 508 72.53 2.34 -41.14
N MET E 509 72.94 3.28 -41.98
CA MET E 509 72.02 3.88 -42.93
C MET E 509 71.23 2.84 -43.71
N GLU E 510 71.93 1.80 -44.15
CA GLU E 510 71.32 0.73 -44.92
C GLU E 510 70.21 0.02 -44.15
N GLU E 511 70.48 -0.25 -42.87
CA GLU E 511 69.51 -0.93 -42.01
C GLU E 511 68.37 -0.01 -41.60
N LYS E 512 68.61 1.29 -41.64
CA LYS E 512 67.60 2.28 -41.27
C LYS E 512 66.45 2.31 -42.26
N ALA E 513 66.77 2.33 -43.54
CA ALA E 513 65.75 2.36 -44.60
C ALA E 513 64.94 1.07 -44.61
N ILE E 514 65.51 0.01 -44.06
CA ILE E 514 64.84 -1.28 -44.00
C ILE E 514 63.64 -1.24 -43.09
N HIS E 515 63.87 -0.90 -41.82
CA HIS E 515 62.80 -0.82 -40.83
C HIS E 515 61.72 0.16 -41.27
N TYR E 516 62.05 1.01 -42.23
CA TYR E 516 61.11 2.00 -42.75
C TYR E 516 60.02 1.33 -43.58
N ALA E 517 59.83 1.83 -44.80
CA ALA E 517 58.82 1.29 -45.69
C ALA E 517 57.41 1.38 -45.12
N GLU E 518 56.71 2.46 -45.45
CA GLU E 518 55.35 2.66 -45.00
C GLU E 518 54.39 2.69 -46.18
N VAL E 519 54.94 2.51 -47.37
CA VAL E 519 54.13 2.51 -48.60
C VAL E 519 53.16 1.33 -48.59
N GLY E 520 53.59 0.23 -47.99
CA GLY E 520 52.75 -0.96 -47.93
C GLY E 520 51.90 -0.97 -46.68
N VAL E 521 52.37 -0.27 -45.65
CA VAL E 521 51.64 -0.21 -44.39
C VAL E 521 50.28 0.47 -44.60
N ILE E 522 50.13 1.10 -45.77
CA ILE E 522 48.89 1.79 -46.12
C ILE E 522 47.78 0.76 -46.31
N GLY E 523 48.15 -0.50 -46.37
CA GLY E 523 47.18 -1.56 -46.54
C GLY E 523 46.08 -1.52 -45.51
N TYR E 524 46.46 -1.39 -44.25
CA TYR E 524 45.49 -1.34 -43.15
C TYR E 524 44.54 -0.17 -43.37
N LEU E 525 44.92 0.73 -44.27
CA LEU E 525 44.13 1.91 -44.55
C LEU E 525 43.41 1.83 -45.89
N GLU E 526 44.17 1.61 -46.95
CA GLU E 526 43.60 1.52 -48.29
C GLU E 526 42.35 0.64 -48.35
N ASP E 527 42.52 -0.65 -48.08
CA ASP E 527 41.42 -1.59 -48.12
C ASP E 527 40.43 -1.39 -46.98
N GLN E 528 40.67 -0.39 -46.14
CA GLN E 528 39.77 -0.11 -45.03
C GLN E 528 39.00 1.18 -45.26
N ILE E 529 39.61 2.12 -46.00
CA ILE E 529 38.96 3.38 -46.31
C ILE E 529 38.00 3.16 -47.46
N MET E 530 38.30 2.17 -48.30
CA MET E 530 37.47 1.83 -49.45
C MET E 530 36.31 0.96 -48.98
N SER E 531 36.59 0.09 -48.02
CA SER E 531 35.56 -0.81 -47.48
C SER E 531 34.48 0.05 -46.84
N LEU E 532 34.87 1.26 -46.44
CA LEU E 532 33.96 2.21 -45.82
C LEU E 532 33.42 3.15 -46.88
N HIS E 533 34.30 3.54 -47.80
CA HIS E 533 33.93 4.45 -48.88
C HIS E 533 32.76 3.86 -49.67
N ALA E 534 32.95 2.65 -50.20
CA ALA E 534 31.92 1.99 -50.97
C ALA E 534 30.71 1.70 -50.07
N GLU E 535 30.99 1.41 -48.81
CA GLU E 535 29.94 1.12 -47.85
C GLU E 535 28.96 2.30 -47.75
N ILE E 536 29.52 3.50 -47.63
CA ILE E 536 28.72 4.71 -47.52
C ILE E 536 27.84 4.89 -48.75
N MET E 537 28.44 4.77 -49.92
CA MET E 537 27.69 4.92 -51.16
C MET E 537 26.75 3.74 -51.36
N GLU E 538 27.05 2.65 -50.65
CA GLU E 538 26.23 1.45 -50.72
C GLU E 538 24.99 1.69 -49.86
N LEU E 539 25.18 2.45 -48.79
CA LEU E 539 24.08 2.76 -47.89
C LEU E 539 23.03 3.58 -48.62
N GLN E 540 23.42 4.22 -49.71
CA GLN E 540 22.49 5.03 -50.50
C GLN E 540 21.44 4.15 -51.18
N LYS E 541 21.76 2.86 -51.32
CA LYS E 541 20.82 1.93 -51.95
C LYS E 541 19.65 1.65 -51.02
N SER E 542 19.96 1.33 -49.76
CA SER E 542 18.94 1.03 -48.78
C SER E 542 17.94 2.19 -48.73
N PRO E 543 16.69 1.91 -48.34
CA PRO E 543 15.66 2.95 -48.28
C PRO E 543 15.97 4.02 -47.23
N TYR E 544 15.93 5.29 -47.64
CA TYR E 544 16.21 6.40 -46.74
C TYR E 544 15.16 6.48 -45.64
N GLY E 545 13.95 6.86 -46.03
CA GLY E 545 12.85 6.99 -45.09
C GLY E 545 11.60 7.52 -45.76
N ARG E 546 11.79 8.53 -46.62
CA ARG E 546 10.71 9.14 -47.34
C ARG E 546 10.21 8.16 -48.39
N ARG E 547 10.91 7.02 -48.50
CA ARG E 547 10.54 6.02 -49.48
C ARG E 547 9.10 5.59 -49.23
N GLN E 548 8.74 5.48 -47.95
CA GLN E 548 7.39 5.09 -47.56
C GLN E 548 6.61 6.30 -47.07
N GLY E 549 7.26 7.46 -47.09
CA GLY E 549 6.59 8.68 -46.66
C GLY E 549 5.40 8.98 -47.55
N ASP E 550 5.49 8.59 -48.82
CA ASP E 550 4.42 8.81 -49.77
C ASP E 550 3.18 8.04 -49.34
N LEU E 551 3.40 6.80 -48.88
CA LEU E 551 2.31 5.94 -48.44
C LEU E 551 1.50 6.66 -47.37
N MET E 552 2.19 7.48 -46.58
CA MET E 552 1.55 8.22 -45.52
C MET E 552 0.83 9.44 -46.10
N GLU E 553 1.46 10.06 -47.09
CA GLU E 553 0.88 11.23 -47.73
C GLU E 553 -0.47 10.85 -48.34
N SER E 554 -0.62 9.56 -48.65
CA SER E 554 -1.86 9.07 -49.23
C SER E 554 -2.93 9.18 -48.17
N LEU E 555 -2.56 8.82 -46.95
CA LEU E 555 -3.48 8.86 -45.82
C LEU E 555 -3.95 10.30 -45.61
N GLU E 556 -3.04 11.23 -45.85
CA GLU E 556 -3.33 12.65 -45.71
C GLU E 556 -4.49 13.04 -46.62
N GLN E 557 -4.34 12.72 -47.91
CA GLN E 557 -5.36 13.04 -48.89
C GLN E 557 -6.71 12.46 -48.48
N ARG E 558 -6.66 11.30 -47.83
CA ARG E 558 -7.87 10.63 -47.36
C ARG E 558 -8.63 11.52 -46.39
N ALA E 559 -7.97 11.90 -45.31
CA ALA E 559 -8.58 12.75 -44.30
C ALA E 559 -9.15 14.01 -44.93
N ILE E 560 -8.40 14.61 -45.85
CA ILE E 560 -8.82 15.82 -46.53
C ILE E 560 -10.17 15.59 -47.21
N ASP E 561 -10.29 14.45 -47.87
CA ASP E 561 -11.52 14.10 -48.55
C ASP E 561 -12.70 14.03 -47.58
N LEU E 562 -12.45 13.57 -46.36
CA LEU E 562 -13.51 13.47 -45.37
C LEU E 562 -13.94 14.84 -44.89
N TYR E 563 -12.97 15.69 -44.57
CA TYR E 563 -13.26 17.03 -44.11
C TYR E 563 -13.94 17.79 -45.24
N LYS E 564 -13.64 17.37 -46.46
CA LYS E 564 -14.19 18.00 -47.64
C LYS E 564 -15.67 17.62 -47.75
N GLN E 565 -15.97 16.36 -47.46
CA GLN E 565 -17.34 15.87 -47.53
C GLN E 565 -18.06 16.19 -46.24
N LEU E 566 -17.48 17.10 -45.47
CA LEU E 566 -18.08 17.49 -44.21
C LEU E 566 -18.72 18.86 -44.34
N LYS E 567 -18.23 19.65 -45.30
CA LYS E 567 -18.76 20.98 -45.54
C LYS E 567 -19.52 21.05 -46.86
N HIS E 568 -18.91 20.50 -47.91
CA HIS E 568 -19.50 20.51 -49.23
C HIS E 568 -20.63 19.50 -49.37
N ARG E 569 -20.82 18.66 -48.35
CA ARG E 569 -21.87 17.66 -48.38
C ARG E 569 -23.23 18.34 -48.37
N PRO E 570 -24.26 17.67 -48.94
CA PRO E 570 -25.63 18.18 -49.01
C PRO E 570 -26.15 18.77 -47.70
N SER E 571 -25.85 20.04 -47.47
CA SER E 571 -26.27 20.75 -46.26
C SER E 571 -25.75 20.06 -45.00
N ASP E 572 -25.90 20.74 -43.87
CA ASP E 572 -25.47 20.21 -42.59
C ASP E 572 -26.35 20.72 -41.44
N HIS E 573 -25.71 21.17 -40.37
CA HIS E 573 -26.44 21.67 -39.20
C HIS E 573 -27.32 20.59 -38.59
N SER E 574 -26.86 19.35 -38.67
CA SER E 574 -27.60 18.21 -38.11
C SER E 574 -26.86 16.89 -38.34
N TYR E 575 -26.20 16.78 -39.50
CA TYR E 575 -25.45 15.58 -39.85
C TYR E 575 -24.66 15.04 -38.67
N SER E 576 -25.11 13.91 -38.13
CA SER E 576 -24.45 13.29 -37.00
C SER E 576 -23.72 12.02 -37.43
N ASP E 577 -22.40 12.03 -37.32
CA ASP E 577 -21.58 10.88 -37.70
C ASP E 577 -20.10 11.18 -37.43
N SER E 578 -19.29 10.14 -37.29
CA SER E 578 -17.87 10.33 -37.04
C SER E 578 -17.06 9.05 -37.13
N THR E 579 -17.75 7.91 -37.20
CA THR E 579 -17.09 6.61 -37.28
C THR E 579 -16.14 6.49 -38.48
N GLU E 580 -16.50 7.11 -39.59
CA GLU E 580 -15.67 7.04 -40.79
C GLU E 580 -14.27 7.62 -40.59
N MET E 581 -14.20 8.78 -39.96
CA MET E 581 -12.92 9.44 -39.72
C MET E 581 -11.95 8.49 -39.01
N VAL E 582 -12.48 7.67 -38.11
CA VAL E 582 -11.66 6.72 -37.36
C VAL E 582 -10.70 5.99 -38.29
N LYS E 583 -11.19 5.70 -39.48
CA LYS E 583 -10.41 5.01 -40.51
C LYS E 583 -9.05 5.67 -40.68
N ILE E 584 -9.05 6.80 -41.38
CA ILE E 584 -7.82 7.56 -41.65
C ILE E 584 -6.99 7.78 -40.39
N ILE E 585 -7.66 8.06 -39.29
CA ILE E 585 -6.99 8.30 -38.03
C ILE E 585 -6.06 7.16 -37.62
N VAL E 586 -6.64 5.99 -37.41
CA VAL E 586 -5.87 4.82 -36.98
C VAL E 586 -4.74 4.46 -37.92
N HIS E 587 -5.01 4.45 -39.23
CA HIS E 587 -4.02 4.09 -40.22
C HIS E 587 -2.78 4.97 -40.17
N THR E 588 -2.98 6.28 -40.12
CA THR E 588 -1.87 7.22 -40.09
C THR E 588 -0.96 6.97 -38.89
N VAL E 589 -1.56 6.61 -37.76
CA VAL E 589 -0.81 6.34 -36.55
C VAL E 589 0.15 5.16 -36.75
N GLN E 590 -0.42 4.05 -37.21
CA GLN E 590 0.37 2.85 -37.46
C GLN E 590 1.51 3.13 -38.42
N SER E 591 1.19 3.74 -39.56
CA SER E 591 2.19 4.05 -40.57
C SER E 591 3.28 4.94 -39.99
N GLN E 592 2.87 5.89 -39.17
CA GLN E 592 3.80 6.83 -38.54
C GLN E 592 4.89 6.10 -37.79
N ASP E 593 4.52 5.51 -36.66
CA ASP E 593 5.46 4.80 -35.80
C ASP E 593 6.27 3.74 -36.52
N ARG E 594 5.75 3.23 -37.65
CA ARG E 594 6.47 2.21 -38.39
C ARG E 594 7.69 2.78 -39.09
N VAL E 595 7.46 3.71 -40.00
CA VAL E 595 8.56 4.32 -40.74
C VAL E 595 9.35 5.30 -39.87
N LEU E 596 8.74 5.72 -38.77
CA LEU E 596 9.38 6.65 -37.85
C LEU E 596 10.67 6.05 -37.30
N LYS E 597 10.53 5.06 -36.42
CA LYS E 597 11.70 4.40 -35.84
C LYS E 597 12.49 3.69 -36.93
N GLU E 598 11.85 3.46 -38.07
CA GLU E 598 12.51 2.81 -39.20
C GLU E 598 13.52 3.77 -39.81
N LEU E 599 13.14 5.05 -39.86
CA LEU E 599 14.03 6.08 -40.39
C LEU E 599 15.29 6.18 -39.53
N PHE E 600 15.10 6.14 -38.21
CA PHE E 600 16.22 6.22 -37.28
C PHE E 600 17.16 5.04 -37.48
N GLY E 601 16.60 3.91 -37.86
CA GLY E 601 17.42 2.73 -38.10
C GLY E 601 18.38 2.95 -39.26
N HIS E 602 17.84 3.36 -40.40
CA HIS E 602 18.65 3.62 -41.58
C HIS E 602 19.55 4.82 -41.35
N LEU E 603 19.38 5.46 -40.19
CA LEU E 603 20.19 6.62 -39.84
C LEU E 603 21.33 6.20 -38.93
N SER E 604 21.06 5.22 -38.08
CA SER E 604 22.05 4.70 -37.14
C SER E 604 23.33 4.31 -37.88
N LYS E 605 23.16 3.74 -39.07
CA LYS E 605 24.29 3.32 -39.89
C LYS E 605 25.03 4.54 -40.43
N LEU E 606 24.27 5.50 -40.94
CA LEU E 606 24.83 6.72 -41.50
C LEU E 606 25.58 7.50 -40.42
N LEU E 607 24.92 7.69 -39.28
CA LEU E 607 25.52 8.40 -38.17
C LEU E 607 26.74 7.66 -37.62
N GLY E 608 26.73 6.34 -37.77
CA GLY E 608 27.82 5.53 -37.27
C GLY E 608 29.06 5.59 -38.13
N CYS E 609 28.87 5.69 -39.45
CA CYS E 609 29.99 5.75 -40.37
C CYS E 609 30.84 7.01 -40.20
N LYS E 610 30.21 8.08 -39.74
CA LYS E 610 30.92 9.33 -39.53
C LYS E 610 32.05 9.14 -38.53
N GLN E 611 31.73 8.64 -37.33
CA GLN E 611 32.73 8.41 -36.29
C GLN E 611 33.81 7.47 -36.79
N LYS E 612 33.43 6.58 -37.70
CA LYS E 612 34.37 5.62 -38.27
C LYS E 612 35.37 6.35 -39.16
N ILE E 613 34.89 7.40 -39.82
CA ILE E 613 35.74 8.20 -40.69
C ILE E 613 36.60 9.12 -39.85
N ILE E 614 35.99 9.70 -38.82
CA ILE E 614 36.67 10.61 -37.92
C ILE E 614 37.65 9.85 -37.05
N ASP E 615 37.45 8.54 -36.93
CA ASP E 615 38.32 7.69 -36.12
C ASP E 615 39.57 7.33 -36.91
N LEU E 616 39.43 7.29 -38.24
CA LEU E 616 40.54 6.97 -39.12
C LEU E 616 41.22 8.26 -39.56
N LEU E 617 40.54 9.37 -39.34
CA LEU E 617 41.07 10.69 -39.71
C LEU E 617 42.44 10.93 -39.07
N PRO E 618 42.58 10.69 -37.76
CA PRO E 618 43.86 10.90 -37.09
C PRO E 618 44.93 9.92 -37.56
N LYS E 619 44.52 8.71 -37.93
CA LYS E 619 45.44 7.69 -38.41
C LYS E 619 46.10 8.14 -39.71
N VAL E 620 45.46 9.07 -40.40
CA VAL E 620 45.97 9.59 -41.64
C VAL E 620 47.19 10.45 -41.36
N GLU E 621 47.06 11.37 -40.40
CA GLU E 621 48.18 12.26 -40.03
C GLU E 621 49.37 11.42 -39.58
N VAL E 622 49.11 10.31 -38.88
CA VAL E 622 50.14 9.39 -38.40
C VAL E 622 50.96 8.92 -39.58
N ALA E 623 50.27 8.50 -40.64
CA ALA E 623 50.93 8.01 -41.85
C ALA E 623 51.78 9.11 -42.46
N LEU E 624 51.20 10.29 -42.62
CA LEU E 624 51.91 11.44 -43.18
C LEU E 624 53.18 11.72 -42.41
N SER E 625 53.04 11.92 -41.10
CA SER E 625 54.18 12.22 -40.25
C SER E 625 55.26 11.13 -40.34
N ASN E 626 54.82 9.87 -40.31
CA ASN E 626 55.76 8.76 -40.38
C ASN E 626 56.45 8.68 -41.74
N ILE E 627 55.69 8.86 -42.80
CA ILE E 627 56.25 8.80 -44.15
C ILE E 627 57.16 10.00 -44.39
N LYS E 628 56.77 11.15 -43.84
CA LYS E 628 57.55 12.37 -44.00
C LYS E 628 58.76 12.34 -43.08
N GLU E 629 58.68 11.54 -42.03
CA GLU E 629 59.77 11.41 -41.08
C GLU E 629 60.97 10.81 -41.80
N ALA E 630 60.73 9.68 -42.47
CA ALA E 630 61.79 9.00 -43.20
C ALA E 630 62.13 9.82 -44.44
N ASP E 631 61.11 10.44 -45.02
CA ASP E 631 61.28 11.26 -46.20
C ASP E 631 62.29 12.37 -45.94
N ASN E 632 62.40 12.76 -44.67
CA ASN E 632 63.31 13.82 -44.27
C ASN E 632 64.65 13.24 -43.83
N THR E 633 64.60 12.18 -43.04
CA THR E 633 65.82 11.54 -42.56
C THR E 633 66.68 11.06 -43.73
N VAL E 634 66.13 10.14 -44.51
CA VAL E 634 66.83 9.60 -45.67
C VAL E 634 67.31 10.72 -46.58
N MET E 635 66.53 11.80 -46.63
CA MET E 635 66.87 12.94 -47.48
C MET E 635 68.23 13.52 -47.07
N PHE E 636 68.34 13.89 -45.78
CA PHE E 636 69.59 14.46 -45.26
C PHE E 636 70.66 13.40 -45.03
N MET E 637 70.33 12.16 -45.34
CA MET E 637 71.28 11.07 -45.19
C MET E 637 72.25 11.12 -46.37
N GLN E 638 71.96 12.01 -47.31
CA GLN E 638 72.80 12.19 -48.50
C GLN E 638 74.18 12.69 -48.09
N GLY E 639 74.24 13.45 -47.01
CA GLY E 639 75.50 13.98 -46.53
C GLY E 639 76.34 12.90 -45.88
N LYS E 640 75.70 12.02 -45.14
CA LYS E 640 76.39 10.93 -44.45
C LYS E 640 76.80 9.87 -45.48
N ARG E 641 76.41 10.08 -46.72
CA ARG E 641 76.73 9.14 -47.80
C ARG E 641 77.59 9.80 -48.87
N GLN E 642 77.61 11.13 -48.89
CA GLN E 642 78.42 11.88 -49.85
C GLN E 642 79.44 12.74 -49.12
N LYS E 643 78.95 13.66 -48.29
CA LYS E 643 79.80 14.56 -47.52
C LYS E 643 80.85 13.81 -46.71
N GLU E 644 80.52 12.58 -46.31
CA GLU E 644 81.46 11.77 -45.53
C GLU E 644 82.60 11.25 -46.40
N ILE E 645 82.50 11.47 -47.70
CA ILE E 645 83.54 11.03 -48.64
C ILE E 645 84.56 12.14 -48.82
N TRP E 646 84.07 13.38 -48.80
CA TRP E 646 84.92 14.55 -48.96
C TRP E 646 85.69 14.81 -47.66
N HIS E 647 85.05 14.52 -46.53
CA HIS E 647 85.67 14.71 -45.23
C HIS E 647 86.77 13.66 -45.11
N LEU E 648 86.56 12.52 -45.78
CA LEU E 648 87.51 11.42 -45.79
C LEU E 648 88.16 11.39 -47.18
N LEU E 649 88.69 12.54 -47.60
CA LEU E 649 89.33 12.65 -48.90
C LEU E 649 90.73 13.25 -48.80
N LYS E 650 90.89 14.22 -47.91
CA LYS E 650 92.19 14.88 -47.73
C LYS E 650 93.17 14.05 -46.92
N ILE E 651 92.90 12.76 -46.81
CA ILE E 651 93.77 11.86 -46.04
C ILE E 651 95.20 11.88 -46.59
N ALA E 652 95.31 12.11 -47.89
CA ALA E 652 96.61 12.14 -48.55
C ALA E 652 96.76 13.41 -49.38
N CYS E 653 95.76 14.28 -49.32
CA CYS E 653 95.79 15.54 -50.06
C CYS E 653 96.73 16.54 -49.38
N THR E 654 97.50 16.05 -48.42
CA THR E 654 98.44 16.89 -47.69
C THR E 654 99.74 16.15 -47.39
N GLN E 655 100.05 15.14 -48.19
CA GLN E 655 101.28 14.37 -48.02
C GLN E 655 102.42 14.96 -48.83
N ASP F 1 -16.63 -38.91 -59.23
CA ASP F 1 -15.33 -39.44 -58.73
C ASP F 1 -14.82 -40.57 -59.61
N PRO F 2 -13.53 -40.53 -59.97
CA PRO F 2 -12.87 -41.53 -60.82
C PRO F 2 -12.41 -42.77 -60.06
N GLU F 3 -13.36 -43.55 -59.56
CA GLU F 3 -13.03 -44.76 -58.82
C GLU F 3 -12.12 -44.44 -57.65
N PHE F 4 -11.55 -45.47 -57.03
CA PHE F 4 -10.65 -45.29 -55.90
C PHE F 4 -11.35 -44.54 -54.76
N GLY F 5 -11.88 -45.28 -53.79
CA GLY F 5 -12.55 -44.66 -52.67
C GLY F 5 -12.40 -45.45 -51.38
N ALA F 6 -11.19 -45.52 -50.87
CA ALA F 6 -10.91 -46.24 -49.62
C ALA F 6 -9.49 -45.97 -49.15
N GLY F 7 -9.37 -45.38 -47.97
CA GLY F 7 -8.06 -45.07 -47.43
C GLY F 7 -8.09 -43.90 -46.45
N GLY F 8 -7.44 -42.81 -46.82
CA GLY F 8 -7.41 -41.64 -45.97
C GLY F 8 -6.11 -40.86 -46.06
N PRO F 9 -4.96 -41.51 -45.86
CA PRO F 9 -3.64 -40.86 -45.93
C PRO F 9 -3.45 -39.92 -47.13
N TRP F 10 -3.33 -40.49 -48.33
CA TRP F 10 -3.13 -39.66 -49.53
C TRP F 10 -4.42 -38.93 -49.88
N GLU F 11 -4.48 -38.36 -51.09
CA GLU F 11 -5.65 -37.63 -51.54
C GLU F 11 -5.41 -37.10 -52.95
N MET F 12 -6.31 -37.45 -53.87
CA MET F 12 -6.18 -37.01 -55.25
C MET F 12 -6.70 -35.59 -55.47
N ARG F 13 -5.98 -34.84 -56.29
CA ARG F 13 -6.34 -33.46 -56.61
C ARG F 13 -7.27 -33.45 -57.84
N GLU F 14 -6.67 -33.62 -59.01
CA GLU F 14 -7.41 -33.63 -60.26
C GLU F 14 -7.04 -34.86 -61.08
N ARG F 15 -7.90 -35.22 -62.02
CA ARG F 15 -7.66 -36.37 -62.88
C ARG F 15 -6.68 -35.98 -63.99
N LEU F 16 -6.56 -36.82 -65.00
CA LEU F 16 -5.66 -36.56 -66.11
C LEU F 16 -6.36 -36.69 -67.46
N GLY F 17 -5.57 -36.66 -68.53
CA GLY F 17 -6.12 -36.76 -69.88
C GLY F 17 -6.64 -38.14 -70.26
N THR F 18 -6.18 -38.64 -71.40
CA THR F 18 -6.60 -39.95 -71.90
C THR F 18 -6.28 -41.07 -70.93
N GLY F 19 -6.66 -42.29 -71.30
CA GLY F 19 -6.41 -43.44 -70.46
C GLY F 19 -7.60 -44.37 -70.41
N GLY F 20 -8.76 -43.83 -70.05
CA GLY F 20 -9.97 -44.63 -69.98
C GLY F 20 -10.90 -44.18 -68.88
N PHE F 21 -11.93 -44.98 -68.60
CA PHE F 21 -12.89 -44.67 -67.55
C PHE F 21 -12.18 -44.34 -66.24
N GLY F 22 -12.14 -43.06 -65.90
CA GLY F 22 -11.48 -42.64 -64.68
C GLY F 22 -10.06 -43.13 -64.62
N ASN F 23 -9.25 -42.69 -65.58
CA ASN F 23 -7.85 -43.08 -65.64
C ASN F 23 -7.03 -42.52 -64.47
N VAL F 24 -5.76 -42.22 -64.73
CA VAL F 24 -4.86 -41.69 -63.72
C VAL F 24 -5.41 -40.43 -63.06
N CYS F 25 -5.02 -40.22 -61.80
CA CYS F 25 -5.44 -39.05 -61.04
C CYS F 25 -4.26 -38.49 -60.24
N LEU F 26 -4.16 -37.17 -60.17
CA LEU F 26 -3.09 -36.51 -59.44
C LEU F 26 -3.21 -36.83 -57.95
N TYR F 27 -2.48 -37.84 -57.50
CA TYR F 27 -2.52 -38.25 -56.10
C TYR F 27 -1.45 -37.58 -55.26
N GLN F 28 -1.87 -36.65 -54.40
CA GLN F 28 -0.96 -35.93 -53.51
C GLN F 28 -1.18 -36.41 -52.07
N HIS F 29 -0.13 -36.36 -51.27
CA HIS F 29 -0.23 -36.80 -49.88
C HIS F 29 -0.40 -35.61 -48.95
N ARG F 30 -1.60 -35.48 -48.39
CA ARG F 30 -1.91 -34.38 -47.48
C ARG F 30 -0.87 -34.27 -46.37
N GLU F 31 -0.33 -35.41 -45.98
CA GLU F 31 0.67 -35.47 -44.92
C GLU F 31 2.08 -35.19 -45.45
N LEU F 32 2.56 -36.07 -46.32
CA LEU F 32 3.90 -35.92 -46.91
C LEU F 32 3.91 -34.85 -48.00
N ASP F 33 4.86 -34.97 -48.91
CA ASP F 33 5.00 -34.01 -50.01
C ASP F 33 4.96 -34.70 -51.38
N LEU F 34 4.81 -36.02 -51.38
CA LEU F 34 4.76 -36.78 -52.62
C LEU F 34 3.43 -36.57 -53.33
N LYS F 35 3.50 -36.30 -54.63
CA LYS F 35 2.30 -36.08 -55.44
C LYS F 35 2.26 -37.01 -56.65
N ILE F 36 2.92 -38.15 -56.56
CA ILE F 36 2.94 -39.11 -57.65
C ILE F 36 1.53 -39.56 -57.99
N ALA F 37 1.21 -39.54 -59.28
CA ALA F 37 -0.12 -39.94 -59.75
C ALA F 37 -0.17 -41.44 -60.06
N ILE F 38 -1.33 -42.05 -59.82
CA ILE F 38 -1.53 -43.47 -60.08
C ILE F 38 -2.77 -43.65 -60.95
N LYS F 39 -2.75 -44.67 -61.82
CA LYS F 39 -3.87 -44.94 -62.71
C LYS F 39 -4.95 -45.76 -62.03
N SER F 40 -6.20 -45.37 -62.26
CA SER F 40 -7.34 -46.07 -61.69
C SER F 40 -7.99 -46.96 -62.76
N CYS F 41 -8.30 -48.19 -62.37
CA CYS F 41 -8.90 -49.16 -63.27
C CYS F 41 -10.34 -48.76 -63.64
N ARG F 42 -10.74 -49.07 -64.86
CA ARG F 42 -12.09 -48.74 -65.30
C ARG F 42 -13.10 -49.56 -64.48
N LEU F 43 -14.30 -49.71 -65.00
CA LEU F 43 -15.35 -50.47 -64.33
C LEU F 43 -14.96 -51.95 -64.27
N GLU F 44 -15.89 -52.83 -64.65
CA GLU F 44 -15.62 -54.28 -64.63
C GLU F 44 -14.86 -54.72 -65.88
N LEU F 45 -13.54 -54.58 -65.86
CA LEU F 45 -12.70 -54.98 -66.99
C LEU F 45 -12.97 -56.44 -67.34
N SER F 46 -13.15 -56.71 -68.62
CA SER F 46 -13.41 -58.06 -69.09
C SER F 46 -12.31 -59.02 -68.63
N THR F 47 -12.66 -60.28 -68.46
CA THR F 47 -11.70 -61.30 -68.03
C THR F 47 -10.50 -61.33 -68.97
N LYS F 48 -10.76 -61.24 -70.26
CA LYS F 48 -9.70 -61.26 -71.27
C LYS F 48 -8.90 -59.95 -71.25
N ASN F 49 -9.56 -58.86 -70.89
CA ASN F 49 -8.92 -57.55 -70.82
C ASN F 49 -8.09 -57.43 -69.54
N ARG F 50 -8.37 -58.29 -68.58
CA ARG F 50 -7.65 -58.28 -67.30
C ARG F 50 -6.15 -58.48 -67.49
N GLU F 51 -5.79 -59.34 -68.45
CA GLU F 51 -4.39 -59.62 -68.72
C GLU F 51 -3.71 -58.44 -69.42
N ARG F 52 -4.52 -57.58 -70.02
CA ARG F 52 -4.00 -56.39 -70.73
C ARG F 52 -3.49 -55.36 -69.73
N TRP F 53 -4.25 -55.16 -68.65
CA TRP F 53 -3.90 -54.20 -67.62
C TRP F 53 -2.65 -54.64 -66.85
N CYS F 54 -2.66 -55.91 -66.41
CA CYS F 54 -1.53 -56.46 -65.68
C CYS F 54 -0.30 -56.46 -66.58
N HIS F 55 -0.54 -56.34 -67.89
CA HIS F 55 0.54 -56.34 -68.88
C HIS F 55 1.22 -54.97 -68.94
N GLU F 56 0.42 -53.91 -68.95
CA GLU F 56 0.95 -52.56 -69.01
C GLU F 56 1.89 -52.28 -67.85
N ILE F 57 1.42 -52.54 -66.63
CA ILE F 57 2.23 -52.33 -65.43
C ILE F 57 3.52 -53.13 -65.52
N GLN F 58 3.47 -54.26 -66.21
CA GLN F 58 4.63 -55.13 -66.37
C GLN F 58 5.74 -54.41 -67.14
N ILE F 59 5.48 -54.13 -68.41
CA ILE F 59 6.44 -53.44 -69.26
C ILE F 59 6.73 -52.02 -68.79
N MET F 60 5.78 -51.42 -68.07
CA MET F 60 5.96 -50.06 -67.56
C MET F 60 7.10 -50.00 -66.54
N LYS F 61 7.19 -51.03 -65.70
CA LYS F 61 8.23 -51.07 -64.69
C LYS F 61 9.58 -51.38 -65.34
N LYS F 62 9.53 -51.85 -66.59
CA LYS F 62 10.73 -52.18 -67.35
C LYS F 62 11.39 -50.90 -67.85
N LEU F 63 10.57 -49.86 -68.03
CA LEU F 63 11.06 -48.58 -68.51
C LEU F 63 11.55 -47.66 -67.40
N ASN F 64 12.64 -46.95 -67.68
CA ASN F 64 13.23 -46.00 -66.73
C ASN F 64 14.53 -45.52 -67.35
N HIS F 65 14.55 -44.26 -67.80
CA HIS F 65 15.74 -43.69 -68.43
C HIS F 65 15.47 -42.24 -68.81
N ALA F 66 14.50 -41.62 -68.14
CA ALA F 66 14.13 -40.24 -68.44
C ALA F 66 13.50 -40.25 -69.83
N ASN F 67 13.01 -39.10 -70.27
CA ASN F 67 12.36 -38.99 -71.58
C ASN F 67 11.11 -39.86 -71.63
N VAL F 68 10.96 -40.74 -70.64
CA VAL F 68 9.80 -41.63 -70.55
C VAL F 68 9.46 -41.89 -69.09
N VAL F 69 8.28 -41.42 -68.67
CA VAL F 69 7.83 -41.59 -67.29
C VAL F 69 7.89 -43.06 -66.87
N LYS F 70 8.37 -43.30 -65.64
CA LYS F 70 8.47 -44.65 -65.11
C LYS F 70 7.11 -45.04 -64.54
N ALA F 71 7.05 -46.22 -63.92
CA ALA F 71 5.80 -46.70 -63.34
C ALA F 71 6.05 -47.83 -62.35
N CYS F 72 5.31 -47.81 -61.24
CA CYS F 72 5.43 -48.84 -60.22
C CYS F 72 4.65 -50.09 -60.63
N ASP F 73 4.87 -51.17 -59.89
CA ASP F 73 4.20 -52.43 -60.19
C ASP F 73 3.31 -52.87 -59.02
N VAL F 74 3.77 -52.61 -57.80
CA VAL F 74 3.03 -52.98 -56.61
C VAL F 74 2.06 -51.88 -56.17
N PRO F 75 0.75 -52.14 -56.28
CA PRO F 75 -0.28 -51.16 -55.90
C PRO F 75 -0.33 -50.95 -54.39
N GLU F 76 -0.03 -49.75 -53.93
CA GLU F 76 -0.06 -49.43 -52.50
C GLU F 76 -1.43 -49.65 -51.90
N GLU F 77 -2.44 -49.75 -52.75
CA GLU F 77 -3.82 -49.96 -52.31
C GLU F 77 -4.47 -51.06 -53.16
N LEU F 78 -5.25 -51.93 -52.53
CA LEU F 78 -5.91 -53.01 -53.25
C LEU F 78 -7.39 -53.13 -52.88
N ASN F 79 -7.69 -53.98 -51.91
CA ASN F 79 -9.07 -54.20 -51.48
C ASN F 79 -9.92 -54.65 -52.67
N ILE F 80 -11.22 -54.32 -52.62
CA ILE F 80 -12.13 -54.67 -53.70
C ILE F 80 -11.57 -54.04 -54.99
N LEU F 81 -10.89 -52.91 -54.82
CA LEU F 81 -10.27 -52.19 -55.92
C LEU F 81 -11.21 -52.12 -57.12
N ILE F 82 -10.93 -52.93 -58.13
CA ILE F 82 -11.74 -52.96 -59.33
C ILE F 82 -11.69 -54.36 -59.94
N HIS F 83 -12.74 -55.12 -59.72
CA HIS F 83 -12.83 -56.49 -60.25
C HIS F 83 -11.60 -57.28 -59.82
N ASP F 84 -10.55 -57.25 -60.63
CA ASP F 84 -9.33 -57.97 -60.31
C ASP F 84 -8.16 -57.42 -61.13
N VAL F 85 -7.79 -56.17 -60.87
CA VAL F 85 -6.69 -55.52 -61.57
C VAL F 85 -5.98 -54.52 -60.66
N PRO F 86 -4.64 -54.60 -60.60
CA PRO F 86 -3.82 -53.71 -59.77
C PRO F 86 -3.81 -52.26 -60.27
N LEU F 87 -2.97 -51.43 -59.67
CA LEU F 87 -2.84 -50.03 -60.05
C LEU F 87 -1.56 -49.74 -60.81
N LEU F 88 -1.39 -48.50 -61.21
CA LEU F 88 -0.20 -48.09 -61.95
C LEU F 88 0.32 -46.76 -61.44
N ALA F 89 1.28 -46.80 -60.50
CA ALA F 89 1.87 -45.59 -59.95
C ALA F 89 2.94 -45.07 -60.90
N MET F 90 3.13 -43.75 -60.93
CA MET F 90 4.12 -43.16 -61.81
C MET F 90 4.41 -41.70 -61.47
N GLU F 91 5.57 -41.22 -61.91
CA GLU F 91 5.99 -39.85 -61.65
C GLU F 91 5.00 -38.83 -62.23
N TYR F 92 4.79 -37.73 -61.50
CA TYR F 92 3.90 -36.68 -61.93
C TYR F 92 4.66 -35.47 -62.45
N CYS F 93 4.07 -34.78 -63.41
CA CYS F 93 4.69 -33.59 -63.99
C CYS F 93 3.66 -32.48 -64.13
N SER F 94 3.89 -31.37 -63.42
CA SER F 94 2.97 -30.24 -63.45
C SER F 94 3.18 -29.38 -64.71
N GLY F 95 4.20 -29.73 -65.49
CA GLY F 95 4.48 -28.98 -66.71
C GLY F 95 3.40 -29.13 -67.75
N GLY F 96 2.35 -29.88 -67.43
CA GLY F 96 1.25 -30.08 -68.34
C GLY F 96 1.67 -30.84 -69.59
N ASP F 97 0.69 -31.18 -70.43
CA ASP F 97 0.98 -31.90 -71.67
C ASP F 97 1.64 -30.98 -72.68
N LEU F 98 1.96 -31.54 -73.84
CA LEU F 98 2.60 -30.79 -74.91
C LEU F 98 1.60 -29.87 -75.59
N ARG F 99 0.34 -30.31 -75.65
CA ARG F 99 -0.72 -29.53 -76.27
C ARG F 99 -0.81 -28.15 -75.64
N LYS F 100 -0.37 -28.04 -74.39
CA LYS F 100 -0.39 -26.77 -73.69
C LYS F 100 0.55 -25.78 -74.38
N LEU F 101 1.82 -26.15 -74.45
CA LEU F 101 2.84 -25.33 -75.09
C LEU F 101 2.49 -25.04 -76.55
N LEU F 102 1.78 -25.97 -77.18
CA LEU F 102 1.40 -25.82 -78.57
C LEU F 102 0.28 -24.80 -78.75
N ASN F 103 -0.70 -24.82 -77.84
CA ASN F 103 -1.83 -23.90 -77.89
C ASN F 103 -1.47 -22.50 -77.43
N LYS F 104 -0.30 -22.35 -76.82
CA LYS F 104 0.14 -21.05 -76.36
C LYS F 104 0.17 -20.04 -77.49
N PRO F 105 -0.58 -18.93 -77.35
CA PRO F 105 -0.64 -17.88 -78.36
C PRO F 105 0.76 -17.39 -78.77
N GLU F 106 1.67 -17.33 -77.80
CA GLU F 106 3.03 -16.89 -78.05
C GLU F 106 3.68 -17.77 -79.12
N ASN F 107 3.19 -19.00 -79.27
CA ASN F 107 3.72 -19.92 -80.28
C ASN F 107 2.81 -19.99 -81.52
N CYS F 108 2.50 -18.83 -82.09
CA CYS F 108 1.66 -18.75 -83.27
C CYS F 108 2.24 -19.57 -84.40
N CYS F 109 3.28 -19.05 -85.04
CA CYS F 109 3.94 -19.75 -86.13
C CYS F 109 5.19 -20.45 -85.60
N GLY F 110 6.24 -19.68 -85.40
CA GLY F 110 7.46 -20.26 -84.87
C GLY F 110 7.20 -20.90 -83.53
N LEU F 111 8.15 -21.71 -83.06
CA LEU F 111 8.00 -22.38 -81.77
C LEU F 111 9.28 -22.31 -80.97
N LYS F 112 10.17 -21.38 -81.35
CA LYS F 112 11.45 -21.20 -80.68
C LYS F 112 12.37 -22.39 -80.87
N GLU F 113 13.41 -22.17 -81.66
CA GLU F 113 14.42 -23.16 -81.99
C GLU F 113 14.88 -23.98 -80.80
N SER F 114 15.04 -23.32 -79.65
CA SER F 114 15.47 -24.00 -78.44
C SER F 114 14.54 -25.15 -78.08
N GLN F 115 13.28 -24.83 -77.84
CA GLN F 115 12.27 -25.83 -77.49
C GLN F 115 12.16 -26.92 -78.56
N ILE F 116 12.21 -26.50 -79.83
CA ILE F 116 12.10 -27.42 -80.96
C ILE F 116 13.11 -28.56 -80.84
N LEU F 117 14.38 -28.23 -81.02
CA LEU F 117 15.45 -29.23 -80.94
C LEU F 117 15.45 -29.93 -79.59
N SER F 118 15.01 -29.22 -78.55
CA SER F 118 14.97 -29.76 -77.19
C SER F 118 13.94 -30.87 -77.10
N LEU F 119 13.12 -31.01 -78.14
CA LEU F 119 12.10 -32.04 -78.18
C LEU F 119 12.61 -33.26 -78.95
N LEU F 120 13.48 -33.02 -79.93
CA LEU F 120 14.06 -34.10 -80.72
C LEU F 120 15.02 -34.91 -79.86
N SER F 121 15.92 -34.20 -79.16
CA SER F 121 16.91 -34.84 -78.30
C SER F 121 16.23 -35.57 -77.14
N ASP F 122 14.98 -35.19 -76.87
CA ASP F 122 14.21 -35.80 -75.79
C ASP F 122 13.32 -36.94 -76.31
N ILE F 123 12.25 -36.58 -77.01
CA ILE F 123 11.32 -37.56 -77.56
C ILE F 123 12.04 -38.52 -78.51
N GLY F 124 13.02 -38.00 -79.24
CA GLY F 124 13.77 -38.84 -80.17
C GLY F 124 14.55 -39.93 -79.46
N SER F 125 15.00 -39.65 -78.24
CA SER F 125 15.77 -40.61 -77.44
C SER F 125 14.82 -41.61 -76.77
N GLY F 126 13.73 -41.09 -76.20
CA GLY F 126 12.75 -41.95 -75.55
C GLY F 126 12.04 -42.86 -76.54
N ILE F 127 11.68 -42.32 -77.69
CA ILE F 127 11.00 -43.09 -78.72
C ILE F 127 11.91 -44.21 -79.21
N ARG F 128 13.22 -43.97 -79.13
CA ARG F 128 14.21 -44.95 -79.54
C ARG F 128 14.33 -46.02 -78.48
N TYR F 129 14.34 -45.60 -77.22
CA TYR F 129 14.45 -46.51 -76.08
C TYR F 129 13.35 -47.57 -76.13
N LEU F 130 12.11 -47.12 -76.34
CA LEU F 130 10.97 -48.03 -76.41
C LEU F 130 11.20 -49.08 -77.49
N HIS F 131 11.90 -48.68 -78.55
CA HIS F 131 12.21 -49.58 -79.66
C HIS F 131 13.32 -50.56 -79.28
N GLU F 132 14.01 -50.28 -78.18
CA GLU F 132 15.09 -51.14 -77.70
C GLU F 132 14.56 -52.16 -76.70
N ASN F 133 13.23 -52.24 -76.61
CA ASN F 133 12.55 -53.18 -75.71
C ASN F 133 11.36 -53.81 -76.44
N LYS F 134 11.41 -53.75 -77.77
CA LYS F 134 10.35 -54.29 -78.61
C LYS F 134 8.99 -53.69 -78.27
N ILE F 135 9.03 -52.53 -77.63
CA ILE F 135 7.80 -51.81 -77.25
C ILE F 135 7.55 -50.68 -78.24
N ILE F 136 6.48 -50.80 -79.00
CA ILE F 136 6.14 -49.80 -80.01
C ILE F 136 4.86 -49.02 -79.65
N HIS F 137 5.03 -47.72 -79.44
CA HIS F 137 3.90 -46.85 -79.11
C HIS F 137 3.53 -46.02 -80.34
N ARG F 138 2.50 -46.47 -81.06
CA ARG F 138 2.04 -45.78 -82.26
C ARG F 138 1.17 -44.57 -81.98
N ASP F 139 0.42 -44.62 -80.88
CA ASP F 139 -0.46 -43.52 -80.50
C ASP F 139 0.34 -42.36 -79.92
N LEU F 140 1.51 -42.10 -80.50
CA LEU F 140 2.37 -41.01 -80.06
C LEU F 140 1.82 -39.65 -80.47
N LYS F 141 0.75 -39.23 -79.82
CA LYS F 141 0.12 -37.95 -80.11
C LYS F 141 0.54 -36.90 -79.08
N PRO F 142 0.63 -35.63 -79.50
CA PRO F 142 1.03 -34.51 -78.64
C PRO F 142 0.42 -34.55 -77.23
N GLU F 143 -0.85 -34.92 -77.13
CA GLU F 143 -1.53 -34.99 -75.83
C GLU F 143 -1.04 -36.16 -74.99
N ASN F 144 0.12 -36.70 -75.36
CA ASN F 144 0.71 -37.82 -74.64
C ASN F 144 2.18 -37.57 -74.33
N ILE F 145 2.58 -36.31 -74.37
CA ILE F 145 3.96 -35.92 -74.09
C ILE F 145 4.00 -34.91 -72.96
N VAL F 146 4.13 -35.40 -71.73
CA VAL F 146 4.20 -34.54 -70.55
C VAL F 146 5.53 -33.78 -70.48
N LEU F 147 5.51 -32.65 -69.76
CA LEU F 147 6.70 -31.83 -69.58
C LEU F 147 7.01 -31.66 -68.09
N GLN F 148 8.28 -31.43 -67.78
CA GLN F 148 8.71 -31.25 -66.40
C GLN F 148 9.91 -30.33 -66.32
N ASP F 149 9.95 -29.51 -65.26
CA ASP F 149 11.05 -28.58 -65.07
C ASP F 149 12.14 -29.23 -64.24
N VAL F 150 12.65 -30.36 -64.72
CA VAL F 150 13.71 -31.08 -64.02
C VAL F 150 14.97 -30.22 -63.89
N GLY F 151 15.10 -29.56 -62.74
CA GLY F 151 16.25 -28.71 -62.52
C GLY F 151 16.02 -27.28 -62.99
N GLY F 152 16.10 -27.07 -64.30
CA GLY F 152 15.90 -25.74 -64.85
C GLY F 152 15.35 -25.76 -66.26
N LYS F 153 15.76 -26.74 -67.04
CA LYS F 153 15.31 -26.87 -68.42
C LYS F 153 14.09 -27.77 -68.53
N ILE F 154 13.32 -27.60 -69.60
CA ILE F 154 12.12 -28.40 -69.83
C ILE F 154 12.50 -29.79 -70.33
N ILE F 155 11.94 -30.81 -69.67
CA ILE F 155 12.23 -32.20 -70.04
C ILE F 155 10.97 -32.88 -70.58
N HIS F 156 10.99 -33.18 -71.88
CA HIS F 156 9.88 -33.85 -72.53
C HIS F 156 9.92 -35.34 -72.23
N LYS F 157 8.75 -35.93 -71.99
CA LYS F 157 8.67 -37.35 -71.67
C LYS F 157 7.42 -38.00 -72.26
N ILE F 158 7.60 -39.14 -72.91
CA ILE F 158 6.49 -39.87 -73.49
C ILE F 158 5.70 -40.46 -72.32
N ILE F 159 4.43 -40.78 -72.54
CA ILE F 159 3.62 -41.33 -71.46
C ILE F 159 2.41 -42.10 -71.98
N ASP F 160 1.87 -42.96 -71.11
CA ASP F 160 0.71 -43.79 -71.44
C ASP F 160 1.00 -44.74 -72.60
N LEU F 161 0.95 -46.04 -72.31
CA LEU F 161 1.20 -47.06 -73.33
C LEU F 161 0.04 -48.06 -73.39
N GLY F 162 -1.08 -47.70 -72.75
CA GLY F 162 -2.25 -48.58 -72.74
C GLY F 162 -2.80 -48.84 -74.13
N TYR F 163 -2.20 -48.16 -75.11
CA TYR F 163 -2.60 -48.29 -76.52
C TYR F 163 -1.42 -48.80 -77.35
N ALA F 164 -0.22 -48.63 -76.83
CA ALA F 164 1.00 -49.06 -77.51
C ALA F 164 1.03 -50.56 -77.73
N LYS F 165 1.63 -50.97 -78.83
CA LYS F 165 1.75 -52.38 -79.19
C LYS F 165 3.01 -52.94 -78.53
N ASP F 166 3.12 -54.27 -78.47
CA ASP F 166 4.28 -54.91 -77.86
C ASP F 166 4.49 -56.30 -78.45
N VAL F 167 5.74 -56.78 -78.40
CA VAL F 167 6.08 -58.09 -78.93
C VAL F 167 6.24 -59.09 -77.80
N ASP F 168 6.10 -58.62 -76.57
CA ASP F 168 6.25 -59.46 -75.39
C ASP F 168 4.99 -60.30 -75.12
N GLN F 169 4.12 -59.81 -74.25
CA GLN F 169 2.91 -60.52 -73.90
C GLN F 169 1.69 -59.93 -74.61
N GLY F 170 1.52 -60.29 -75.88
CA GLY F 170 0.40 -59.79 -76.66
C GLY F 170 0.70 -58.50 -77.39
N GLU F 171 0.14 -58.36 -78.59
CA GLU F 171 0.34 -57.15 -79.40
C GLU F 171 -0.82 -56.18 -79.23
N LEU F 172 -0.49 -54.89 -79.14
CA LEU F 172 -1.50 -53.85 -78.99
C LEU F 172 -2.36 -54.05 -77.74
N CYS F 173 -3.47 -53.33 -77.68
CA CYS F 173 -4.40 -53.41 -76.56
C CYS F 173 -5.78 -52.93 -77.01
N THR F 174 -5.80 -52.05 -78.01
CA THR F 174 -7.05 -51.51 -78.54
C THR F 174 -6.81 -50.92 -79.93
N GLU F 175 -7.48 -51.48 -80.93
CA GLU F 175 -7.35 -51.02 -82.30
C GLU F 175 -7.29 -49.50 -82.41
N PHE F 176 -8.43 -48.85 -82.29
CA PHE F 176 -8.51 -47.40 -82.38
C PHE F 176 -8.46 -46.71 -81.02
N VAL F 177 -8.49 -45.38 -81.05
CA VAL F 177 -8.45 -44.56 -79.85
C VAL F 177 -9.51 -43.48 -79.93
N GLY F 178 -9.46 -42.68 -80.99
CA GLY F 178 -10.44 -41.63 -81.16
C GLY F 178 -9.85 -40.30 -81.60
N THR F 179 -10.39 -39.77 -82.69
CA THR F 179 -9.96 -38.48 -83.25
C THR F 179 -8.47 -38.41 -83.51
N LEU F 180 -7.81 -39.56 -83.55
CA LEU F 180 -6.37 -39.59 -83.78
C LEU F 180 -6.03 -38.73 -84.99
N GLN F 181 -5.03 -37.86 -84.84
CA GLN F 181 -4.63 -36.96 -85.93
C GLN F 181 -3.12 -37.04 -86.13
N TYR F 182 -2.46 -37.80 -85.26
CA TYR F 182 -1.01 -37.97 -85.32
C TYR F 182 -0.64 -39.44 -85.32
N LEU F 183 -0.99 -40.15 -86.39
CA LEU F 183 -0.69 -41.56 -86.47
C LEU F 183 -0.48 -42.01 -87.91
N ALA F 184 0.48 -42.92 -88.11
CA ALA F 184 0.78 -43.44 -89.44
C ALA F 184 -0.46 -44.04 -90.08
N PRO F 185 -0.56 -43.97 -91.41
CA PRO F 185 -1.71 -44.50 -92.16
C PRO F 185 -1.79 -46.03 -92.15
N GLU F 186 -1.01 -46.65 -91.26
CA GLU F 186 -1.00 -48.11 -91.16
C GLU F 186 -2.25 -48.64 -90.48
N LEU F 187 -2.48 -48.18 -89.25
CA LEU F 187 -3.65 -48.61 -88.49
C LEU F 187 -4.99 -48.19 -89.11
N PHE F 188 -4.93 -47.43 -90.19
CA PHE F 188 -6.13 -46.97 -90.87
C PHE F 188 -6.68 -48.02 -91.82
N GLU F 189 -5.93 -49.10 -91.99
CA GLU F 189 -6.33 -50.19 -92.86
C GLU F 189 -6.39 -51.51 -92.09
N ASN F 190 -5.94 -51.45 -90.84
CA ASN F 190 -5.92 -52.64 -89.98
C ASN F 190 -5.09 -53.76 -90.62
N LYS F 191 -4.33 -53.40 -91.65
CA LYS F 191 -3.48 -54.35 -92.36
C LYS F 191 -2.16 -54.54 -91.61
N PRO F 192 -1.36 -55.55 -92.00
CA PRO F 192 -0.08 -55.81 -91.34
C PRO F 192 0.78 -54.55 -91.19
N TYR F 193 0.81 -54.02 -89.97
CA TYR F 193 1.57 -52.81 -89.66
C TYR F 193 3.05 -53.12 -89.50
N THR F 194 3.82 -52.10 -89.14
CA THR F 194 5.25 -52.27 -88.95
C THR F 194 5.70 -51.59 -87.66
N ALA F 195 7.01 -51.43 -87.51
CA ALA F 195 7.59 -50.79 -86.32
C ALA F 195 7.91 -49.33 -86.61
N THR F 196 7.78 -48.92 -87.87
CA THR F 196 8.05 -47.55 -88.27
C THR F 196 6.85 -46.65 -87.99
N VAL F 197 5.74 -47.26 -87.60
CA VAL F 197 4.51 -46.52 -87.31
C VAL F 197 4.77 -45.38 -86.34
N ASP F 198 5.76 -45.56 -85.47
CA ASP F 198 6.12 -44.55 -84.49
C ASP F 198 6.84 -43.37 -85.13
N TYR F 199 7.69 -43.65 -86.11
CA TYR F 199 8.45 -42.61 -86.80
C TYR F 199 7.54 -41.53 -87.37
N TRP F 200 6.37 -41.92 -87.85
CA TRP F 200 5.42 -40.97 -88.40
C TRP F 200 4.86 -40.05 -87.32
N SER F 201 4.37 -40.65 -86.23
CA SER F 201 3.81 -39.88 -85.13
C SER F 201 4.81 -38.84 -84.64
N PHE F 202 6.05 -39.24 -84.48
CA PHE F 202 7.11 -38.34 -84.02
C PHE F 202 7.41 -37.26 -85.06
N GLY F 203 7.52 -37.65 -86.32
CA GLY F 203 7.80 -36.70 -87.39
C GLY F 203 6.75 -35.62 -87.51
N THR F 204 5.48 -36.04 -87.55
CA THR F 204 4.36 -35.11 -87.66
C THR F 204 4.40 -34.02 -86.59
N MET F 205 4.67 -34.42 -85.35
CA MET F 205 4.74 -33.46 -84.25
C MET F 205 5.92 -32.51 -84.42
N VAL F 206 7.08 -33.05 -84.78
CA VAL F 206 8.28 -32.24 -84.99
C VAL F 206 7.99 -31.12 -85.98
N PHE F 207 7.23 -31.44 -87.02
CA PHE F 207 6.84 -30.46 -88.03
C PHE F 207 5.99 -29.36 -87.38
N GLU F 208 4.94 -29.77 -86.69
CA GLU F 208 4.03 -28.83 -86.02
C GLU F 208 4.77 -27.96 -85.00
N CYS F 209 5.81 -28.49 -84.39
CA CYS F 209 6.58 -27.74 -83.40
C CYS F 209 7.47 -26.70 -84.08
N ILE F 210 7.25 -26.50 -85.37
CA ILE F 210 8.02 -25.53 -86.13
C ILE F 210 7.07 -24.64 -86.92
N ALA F 211 5.98 -25.23 -87.41
CA ALA F 211 4.99 -24.52 -88.19
C ALA F 211 3.83 -24.09 -87.31
N GLY F 212 3.37 -25.00 -86.46
CA GLY F 212 2.26 -24.69 -85.56
C GLY F 212 0.98 -25.41 -85.94
N TYR F 213 1.07 -26.29 -86.92
CA TYR F 213 -0.08 -27.06 -87.39
C TYR F 213 0.35 -28.39 -88.02
N ARG F 214 -0.65 -29.24 -88.28
CA ARG F 214 -0.40 -30.56 -88.87
C ARG F 214 0.62 -30.53 -90.00
N PRO F 215 1.25 -31.68 -90.28
CA PRO F 215 2.24 -31.82 -91.35
C PRO F 215 1.65 -31.70 -92.75
N PHE F 216 0.32 -31.72 -92.84
CA PHE F 216 -0.36 -31.62 -94.11
C PHE F 216 -1.55 -30.67 -94.00
N LEU F 217 -2.74 -31.13 -94.41
CA LEU F 217 -3.93 -30.30 -94.33
C LEU F 217 -4.39 -30.18 -92.89
N HIS F 218 -4.03 -29.06 -92.26
CA HIS F 218 -4.39 -28.79 -90.87
C HIS F 218 -5.90 -28.85 -90.64
N HIS F 219 -6.26 -29.15 -89.40
CA HIS F 219 -7.66 -29.25 -88.97
C HIS F 219 -8.59 -29.80 -90.05
N LEU F 220 -8.29 -31.02 -90.50
CA LEU F 220 -9.10 -31.69 -91.51
C LEU F 220 -9.27 -33.15 -91.11
N GLN F 221 -10.43 -33.48 -90.55
CA GLN F 221 -10.72 -34.85 -90.12
C GLN F 221 -9.98 -35.89 -90.97
N PRO F 222 -9.36 -36.87 -90.31
CA PRO F 222 -8.61 -37.94 -90.98
C PRO F 222 -9.47 -38.78 -91.91
N PHE F 223 -10.79 -38.69 -91.75
CA PHE F 223 -11.71 -39.44 -92.58
C PHE F 223 -11.44 -39.12 -94.05
N THR F 224 -11.23 -37.85 -94.34
CA THR F 224 -10.96 -37.41 -95.70
C THR F 224 -9.49 -37.03 -95.83
N TRP F 225 -8.81 -36.92 -94.69
CA TRP F 225 -7.40 -36.56 -94.65
C TRP F 225 -6.55 -37.76 -95.02
N HIS F 226 -7.05 -38.57 -95.94
CA HIS F 226 -6.34 -39.76 -96.39
C HIS F 226 -6.30 -39.84 -97.92
N GLU F 227 -7.44 -40.14 -98.53
CA GLU F 227 -7.51 -40.23 -99.98
C GLU F 227 -7.25 -38.88 -100.63
N LYS F 228 -7.27 -37.84 -99.81
CA LYS F 228 -7.03 -36.48 -100.28
C LYS F 228 -5.53 -36.19 -100.30
N ILE F 229 -4.81 -36.82 -99.38
CA ILE F 229 -3.37 -36.63 -99.28
C ILE F 229 -2.64 -37.95 -99.57
N LYS F 230 -3.40 -38.92 -100.05
CA LYS F 230 -2.87 -40.24 -100.36
C LYS F 230 -1.77 -40.17 -101.42
N LYS F 231 -1.88 -39.19 -102.31
CA LYS F 231 -0.91 -39.00 -103.38
C LYS F 231 0.49 -39.05 -102.80
N LYS F 232 0.65 -38.45 -101.62
CA LYS F 232 1.93 -38.43 -100.92
C LYS F 232 3.12 -38.25 -101.86
N ASP F 233 3.42 -37.01 -102.22
CA ASP F 233 4.54 -36.71 -103.10
C ASP F 233 5.87 -37.20 -102.51
N PRO F 234 6.93 -37.20 -103.32
CA PRO F 234 8.25 -37.65 -102.87
C PRO F 234 8.82 -36.88 -101.68
N LYS F 235 8.69 -37.46 -100.49
CA LYS F 235 9.19 -36.85 -99.27
C LYS F 235 8.50 -35.53 -98.93
N CYS F 236 7.20 -35.45 -99.22
CA CYS F 236 6.40 -34.27 -98.93
C CYS F 236 6.18 -34.13 -97.42
N ILE F 237 6.22 -32.91 -96.91
CA ILE F 237 6.03 -32.66 -95.49
C ILE F 237 5.07 -31.51 -95.21
N PHE F 238 4.25 -31.18 -96.20
CA PHE F 238 3.29 -30.09 -96.05
C PHE F 238 2.24 -30.09 -97.16
N ALA F 239 1.02 -29.68 -96.82
CA ALA F 239 -0.05 -29.64 -97.80
C ALA F 239 -1.28 -28.95 -97.21
N CYS F 240 -1.37 -27.65 -97.41
CA CYS F 240 -2.49 -26.88 -96.89
C CYS F 240 -3.53 -26.65 -98.00
N GLU F 241 -4.53 -25.83 -97.69
CA GLU F 241 -5.58 -25.51 -98.66
C GLU F 241 -5.59 -24.03 -98.99
N GLU F 242 -5.39 -23.73 -100.27
CA GLU F 242 -5.36 -22.35 -100.75
C GLU F 242 -6.63 -21.61 -100.36
N MET F 243 -6.58 -20.28 -100.40
CA MET F 243 -7.72 -19.44 -100.07
C MET F 243 -8.94 -19.85 -100.89
N SER F 244 -8.69 -20.35 -102.09
CA SER F 244 -9.75 -20.79 -102.98
C SER F 244 -10.12 -22.24 -102.73
N GLY F 245 -9.88 -22.70 -101.51
CA GLY F 245 -10.19 -24.08 -101.16
C GLY F 245 -9.31 -25.10 -101.85
N GLU F 246 -8.49 -24.64 -102.81
CA GLU F 246 -7.59 -25.53 -103.55
C GLU F 246 -6.64 -26.24 -102.62
N VAL F 247 -5.92 -27.23 -103.15
CA VAL F 247 -4.97 -28.00 -102.36
C VAL F 247 -3.58 -27.90 -102.97
N ARG F 248 -2.59 -27.59 -102.13
CA ARG F 248 -1.21 -27.47 -102.59
C ARG F 248 -0.28 -28.33 -101.76
N PHE F 249 0.64 -29.00 -102.44
CA PHE F 249 1.62 -29.87 -101.79
C PHE F 249 3.01 -29.26 -101.85
N SER F 250 3.88 -29.71 -100.95
CA SER F 250 5.25 -29.19 -100.89
C SER F 250 6.12 -30.02 -99.96
N SER F 251 7.38 -30.21 -100.34
CA SER F 251 8.31 -30.98 -99.53
C SER F 251 9.25 -30.03 -98.77
N HIS F 252 8.89 -28.76 -98.74
CA HIS F 252 9.69 -27.74 -98.05
C HIS F 252 9.10 -27.43 -96.68
N LEU F 253 9.78 -26.58 -95.93
CA LEU F 253 9.31 -26.20 -94.60
C LEU F 253 8.69 -24.80 -94.65
N PRO F 254 7.37 -24.71 -94.40
CA PRO F 254 6.62 -23.45 -94.41
C PRO F 254 7.25 -22.31 -93.61
N GLN F 255 6.72 -21.11 -93.81
CA GLN F 255 7.21 -19.92 -93.12
C GLN F 255 6.03 -19.18 -92.48
N PRO F 256 6.29 -18.43 -91.40
CA PRO F 256 7.61 -18.23 -90.78
C PRO F 256 7.91 -19.33 -89.76
N ASN F 257 9.20 -19.60 -89.55
CA ASN F 257 9.63 -20.62 -88.60
C ASN F 257 10.50 -19.98 -87.52
N SER F 258 11.32 -20.80 -86.87
CA SER F 258 12.20 -20.30 -85.82
C SER F 258 13.60 -20.90 -85.95
N LEU F 259 13.76 -21.79 -86.93
CA LEU F 259 15.04 -22.44 -87.18
C LEU F 259 15.96 -21.49 -87.93
N CYS F 260 17.27 -21.62 -87.71
CA CYS F 260 18.23 -20.76 -88.38
C CYS F 260 18.32 -21.16 -89.85
N SER F 261 19.04 -20.36 -90.63
CA SER F 261 19.21 -20.62 -92.05
C SER F 261 20.11 -21.82 -92.34
N LEU F 262 20.50 -22.54 -91.30
CA LEU F 262 21.36 -23.71 -91.44
C LEU F 262 20.66 -25.00 -91.03
N ILE F 263 19.95 -24.95 -89.91
CA ILE F 263 19.23 -26.12 -89.40
C ILE F 263 18.08 -26.51 -90.33
N VAL F 264 17.75 -25.63 -91.26
CA VAL F 264 16.67 -25.88 -92.22
C VAL F 264 17.00 -27.04 -93.17
N GLU F 265 18.20 -26.98 -93.75
CA GLU F 265 18.64 -28.00 -94.70
C GLU F 265 18.46 -29.43 -94.15
N PRO F 266 18.88 -29.69 -92.91
CA PRO F 266 18.73 -31.03 -92.33
C PRO F 266 17.34 -31.30 -91.78
N MET F 267 16.72 -30.28 -91.20
CA MET F 267 15.39 -30.42 -90.62
C MET F 267 14.37 -30.86 -91.64
N GLU F 268 14.41 -30.25 -92.82
CA GLU F 268 13.49 -30.60 -93.90
C GLU F 268 13.68 -32.05 -94.32
N ASN F 269 14.94 -32.42 -94.59
CA ASN F 269 15.26 -33.77 -95.01
C ASN F 269 14.86 -34.80 -93.95
N TRP F 270 15.08 -34.44 -92.68
CA TRP F 270 14.73 -35.31 -91.56
C TRP F 270 13.22 -35.61 -91.57
N LEU F 271 12.42 -34.54 -91.59
CA LEU F 271 10.96 -34.66 -91.62
C LEU F 271 10.49 -35.51 -92.81
N GLN F 272 11.25 -35.46 -93.90
CA GLN F 272 10.92 -36.21 -95.11
C GLN F 272 10.91 -37.72 -94.88
N LEU F 273 11.95 -38.24 -94.24
CA LEU F 273 12.03 -39.67 -93.94
C LEU F 273 11.08 -40.05 -92.81
N MET F 274 10.66 -39.07 -92.03
CA MET F 274 9.75 -39.32 -90.90
C MET F 274 8.30 -39.21 -91.37
N LEU F 275 8.13 -38.59 -92.52
CA LEU F 275 6.81 -38.42 -93.11
C LEU F 275 6.76 -39.10 -94.47
N ASN F 276 6.62 -40.42 -94.45
CA ASN F 276 6.53 -41.21 -95.68
C ASN F 276 5.36 -42.18 -95.56
N TRP F 277 4.35 -42.01 -96.41
CA TRP F 277 3.16 -42.85 -96.39
C TRP F 277 3.50 -44.33 -96.19
N ASP F 278 4.52 -44.80 -96.89
CA ASP F 278 4.94 -46.19 -96.79
C ASP F 278 5.62 -46.40 -95.43
N PRO F 279 5.25 -47.48 -94.71
CA PRO F 279 5.82 -47.81 -93.40
C PRO F 279 7.30 -48.20 -93.44
N GLN F 280 7.61 -49.31 -94.09
CA GLN F 280 8.97 -49.82 -94.18
C GLN F 280 9.90 -48.91 -95.00
N GLN F 281 9.43 -47.73 -95.37
CA GLN F 281 10.23 -46.81 -96.16
C GLN F 281 10.60 -45.54 -95.39
N ARG F 282 9.95 -45.32 -94.25
CA ARG F 282 10.24 -44.15 -93.43
C ARG F 282 11.64 -44.29 -92.84
N GLY F 283 12.64 -43.88 -93.61
CA GLY F 283 14.02 -44.00 -93.16
C GLY F 283 14.61 -45.31 -93.61
N GLY F 284 14.12 -45.80 -94.76
CA GLY F 284 14.59 -47.07 -95.30
C GLY F 284 16.11 -47.22 -95.25
N PRO F 285 16.86 -46.33 -95.93
CA PRO F 285 18.33 -46.40 -95.94
C PRO F 285 18.92 -46.48 -94.54
N VAL F 286 18.91 -47.68 -93.96
CA VAL F 286 19.46 -47.90 -92.63
C VAL F 286 20.98 -47.98 -92.68
N ASP F 287 21.64 -46.93 -92.18
CA ASP F 287 23.10 -46.89 -92.17
C ASP F 287 23.63 -48.04 -91.31
N LEU F 288 23.78 -49.21 -91.92
CA LEU F 288 24.25 -50.41 -91.23
C LEU F 288 25.65 -50.22 -90.65
N THR F 289 26.27 -49.08 -90.94
CA THR F 289 27.61 -48.80 -90.44
C THR F 289 27.59 -48.68 -88.91
N LEU F 290 26.53 -48.08 -88.39
CA LEU F 290 26.37 -47.91 -86.95
C LEU F 290 25.09 -48.58 -86.49
N LYS F 291 24.41 -49.24 -87.42
CA LYS F 291 23.16 -49.94 -87.14
C LYS F 291 22.09 -48.99 -86.60
N GLN F 292 21.76 -47.98 -87.39
CA GLN F 292 20.75 -46.98 -87.03
C GLN F 292 20.12 -46.41 -88.29
N PRO F 293 18.79 -46.30 -88.32
CA PRO F 293 18.08 -45.77 -89.49
C PRO F 293 18.43 -44.31 -89.76
N ARG F 294 18.34 -43.91 -91.03
CA ARG F 294 18.66 -42.55 -91.44
C ARG F 294 17.83 -41.53 -90.67
N CYS F 295 16.78 -42.00 -90.01
CA CYS F 295 15.90 -41.14 -89.23
C CYS F 295 16.63 -40.59 -88.01
N PHE F 296 17.25 -41.47 -87.24
CA PHE F 296 18.00 -41.07 -86.05
C PHE F 296 19.38 -40.57 -86.44
N VAL F 297 19.82 -40.88 -87.66
CA VAL F 297 21.14 -40.46 -88.14
C VAL F 297 21.19 -38.95 -88.28
N LEU F 298 20.29 -38.40 -89.08
CA LEU F 298 20.22 -36.95 -89.29
C LEU F 298 19.97 -36.23 -87.98
N MET F 299 19.12 -36.81 -87.13
CA MET F 299 18.79 -36.23 -85.84
C MET F 299 20.06 -35.97 -85.03
N ASP F 300 20.86 -37.02 -84.85
CA ASP F 300 22.11 -36.91 -84.12
C ASP F 300 23.09 -36.02 -84.86
N HIS F 301 22.96 -35.98 -86.19
CA HIS F 301 23.84 -35.16 -87.02
C HIS F 301 23.52 -33.68 -86.80
N ILE F 302 22.28 -33.41 -86.40
CA ILE F 302 21.83 -32.04 -86.15
C ILE F 302 22.15 -31.61 -84.72
N LEU F 303 21.53 -32.29 -83.75
CA LEU F 303 21.74 -31.97 -82.34
C LEU F 303 23.21 -31.81 -82.00
N ASN F 304 24.05 -32.68 -82.57
CA ASN F 304 25.48 -32.64 -82.33
C ASN F 304 26.18 -31.67 -83.28
N LEU F 305 25.82 -30.39 -83.17
CA LEU F 305 26.41 -29.34 -83.99
C LEU F 305 26.68 -28.10 -83.16
N LYS F 306 27.38 -27.13 -83.76
CA LYS F 306 27.70 -25.90 -83.08
C LYS F 306 26.75 -24.79 -83.54
N ILE F 307 26.92 -24.34 -84.77
CA ILE F 307 26.08 -23.29 -85.34
C ILE F 307 26.00 -22.09 -84.41
N VAL F 308 27.00 -21.23 -84.47
CA VAL F 308 27.04 -20.04 -83.63
C VAL F 308 26.36 -18.85 -84.29
N HIS F 309 25.28 -18.38 -83.68
CA HIS F 309 24.53 -17.25 -84.21
C HIS F 309 25.31 -15.96 -83.97
N ILE F 310 25.41 -15.14 -85.00
CA ILE F 310 26.14 -13.88 -84.90
C ILE F 310 25.26 -12.70 -85.31
N LEU F 311 25.07 -11.77 -84.39
CA LEU F 311 24.26 -10.58 -84.64
C LEU F 311 25.15 -9.40 -85.05
N ASN F 312 24.95 -8.91 -86.27
CA ASN F 312 25.73 -7.79 -86.76
C ASN F 312 25.13 -6.48 -86.29
N MET F 313 25.80 -5.82 -85.35
CA MET F 313 25.31 -4.56 -84.82
C MET F 313 25.59 -3.39 -85.77
N THR F 314 25.56 -3.68 -87.07
CA THR F 314 25.80 -2.66 -88.08
C THR F 314 24.77 -2.79 -89.20
N SER F 315 24.06 -3.90 -89.21
CA SER F 315 23.03 -4.18 -90.21
C SER F 315 21.88 -5.01 -89.65
N ALA F 316 21.85 -5.14 -88.32
CA ALA F 316 20.81 -5.91 -87.64
C ALA F 316 20.65 -7.31 -88.23
N LYS F 317 21.70 -7.81 -88.88
CA LYS F 317 21.69 -9.14 -89.47
C LYS F 317 22.08 -10.20 -88.46
N ILE F 318 21.59 -11.41 -88.66
CA ILE F 318 21.90 -12.52 -87.77
C ILE F 318 22.46 -13.69 -88.56
N ILE F 319 23.71 -13.56 -88.98
CA ILE F 319 24.37 -14.63 -89.75
C ILE F 319 24.84 -15.75 -88.84
N SER F 320 24.54 -16.99 -89.22
CA SER F 320 24.94 -18.15 -88.43
C SER F 320 26.11 -18.87 -89.09
N PHE F 321 26.97 -19.47 -88.27
CA PHE F 321 28.14 -20.19 -88.77
C PHE F 321 28.30 -21.54 -88.07
N LEU F 322 28.09 -22.62 -88.83
CA LEU F 322 28.22 -23.96 -88.30
C LEU F 322 29.71 -24.30 -88.22
N LEU F 323 30.33 -23.90 -87.11
CA LEU F 323 31.75 -24.12 -86.88
C LEU F 323 32.08 -25.58 -86.53
N PRO F 324 33.19 -26.11 -87.10
CA PRO F 324 33.62 -27.48 -86.85
C PRO F 324 34.42 -27.57 -85.55
N PRO F 325 34.56 -28.80 -85.00
CA PRO F 325 35.31 -29.00 -83.76
C PRO F 325 36.83 -28.90 -83.93
N ASP F 326 37.26 -27.96 -84.77
CA ASP F 326 38.69 -27.78 -85.02
C ASP F 326 39.03 -26.34 -85.40
N GLU F 327 38.20 -25.77 -86.26
CA GLU F 327 38.40 -24.40 -86.73
C GLU F 327 38.66 -23.43 -85.57
N SER F 328 39.43 -22.38 -85.85
CA SER F 328 39.75 -21.36 -84.86
C SER F 328 38.98 -20.08 -85.15
N LEU F 329 38.95 -19.16 -84.19
CA LEU F 329 38.23 -17.91 -84.38
C LEU F 329 38.88 -17.10 -85.48
N HIS F 330 40.21 -17.20 -85.58
CA HIS F 330 40.94 -16.49 -86.61
C HIS F 330 40.62 -17.08 -87.97
N SER F 331 40.12 -18.31 -87.95
CA SER F 331 39.74 -19.01 -89.17
C SER F 331 38.29 -18.70 -89.49
N LEU F 332 37.57 -18.26 -88.46
CA LEU F 332 36.16 -17.91 -88.61
C LEU F 332 35.99 -16.44 -88.96
N GLN F 333 36.79 -15.58 -88.33
CA GLN F 333 36.72 -14.14 -88.60
C GLN F 333 36.75 -13.87 -90.10
N SER F 334 37.52 -14.67 -90.82
CA SER F 334 37.64 -14.53 -92.26
C SER F 334 36.31 -14.88 -92.92
N ARG F 335 35.67 -15.95 -92.44
CA ARG F 335 34.39 -16.39 -92.97
C ARG F 335 33.36 -15.26 -92.86
N ILE F 336 33.34 -14.62 -91.70
CA ILE F 336 32.42 -13.53 -91.43
C ILE F 336 32.63 -12.40 -92.42
N GLU F 337 33.89 -12.09 -92.71
CA GLU F 337 34.24 -11.02 -93.65
C GLU F 337 33.61 -11.24 -95.02
N ARG F 338 33.29 -12.49 -95.34
CA ARG F 338 32.69 -12.82 -96.63
C ARG F 338 31.18 -12.52 -96.67
N GLU F 339 30.58 -12.36 -95.50
CA GLU F 339 29.15 -12.06 -95.43
C GLU F 339 28.89 -10.77 -94.65
N THR F 340 29.93 -9.95 -94.49
CA THR F 340 29.79 -8.69 -93.77
C THR F 340 30.55 -7.58 -94.47
N GLY F 341 31.78 -7.88 -94.91
CA GLY F 341 32.59 -6.89 -95.59
C GLY F 341 33.49 -6.16 -94.63
N ILE F 342 33.46 -6.58 -93.37
CA ILE F 342 34.28 -5.97 -92.32
C ILE F 342 35.67 -6.60 -92.34
N ASN F 343 36.70 -5.75 -92.33
CA ASN F 343 38.08 -6.22 -92.34
C ASN F 343 38.31 -7.25 -91.24
N THR F 344 39.01 -8.33 -91.59
CA THR F 344 39.29 -9.39 -90.64
C THR F 344 39.97 -8.85 -89.39
N GLY F 345 40.64 -7.72 -89.53
CA GLY F 345 41.33 -7.11 -88.40
C GLY F 345 40.44 -6.15 -87.64
N SER F 346 39.37 -5.70 -88.28
CA SER F 346 38.43 -4.78 -87.66
C SER F 346 37.16 -5.49 -87.21
N GLN F 347 37.25 -6.80 -87.00
CA GLN F 347 36.11 -7.59 -86.56
C GLN F 347 36.16 -7.85 -85.05
N GLU F 348 35.60 -6.92 -84.28
CA GLU F 348 35.56 -7.04 -82.83
C GLU F 348 34.20 -7.54 -82.38
N LEU F 349 34.09 -8.86 -82.19
CA LEU F 349 32.83 -9.46 -81.78
C LEU F 349 32.72 -9.52 -80.26
N LEU F 350 31.65 -8.94 -79.73
CA LEU F 350 31.42 -8.94 -78.29
C LEU F 350 30.26 -9.85 -77.94
N SER F 351 30.40 -10.58 -76.83
CA SER F 351 29.36 -11.50 -76.37
C SER F 351 28.43 -10.81 -75.41
N GLU F 352 27.40 -11.52 -74.96
CA GLU F 352 26.44 -10.96 -74.03
C GLU F 352 27.13 -10.44 -72.78
N THR F 353 28.18 -11.13 -72.37
CA THR F 353 28.94 -10.74 -71.19
C THR F 353 29.65 -9.41 -71.43
N GLY F 354 29.55 -8.90 -72.65
CA GLY F 354 30.19 -7.64 -72.97
C GLY F 354 31.66 -7.80 -73.30
N ILE F 355 32.22 -8.93 -72.90
CA ILE F 355 33.64 -9.22 -73.14
C ILE F 355 33.94 -9.15 -74.64
N SER F 356 35.16 -8.76 -74.98
CA SER F 356 35.57 -8.66 -76.38
C SER F 356 35.66 -10.05 -76.98
N LEU F 357 36.45 -10.19 -78.05
CA LEU F 357 36.62 -11.47 -78.70
C LEU F 357 37.48 -12.37 -77.82
N ASP F 358 38.31 -13.22 -78.42
CA ASP F 358 39.17 -14.11 -77.66
C ASP F 358 40.14 -14.86 -78.59
N PRO F 359 41.14 -14.16 -79.14
CA PRO F 359 42.14 -14.74 -80.04
C PRO F 359 42.76 -16.04 -79.53
N ARG F 360 42.74 -16.22 -78.20
CA ARG F 360 43.30 -17.40 -77.57
C ARG F 360 42.50 -18.65 -77.97
N LYS F 361 41.43 -18.91 -77.24
CA LYS F 361 40.56 -20.05 -77.49
C LYS F 361 40.16 -20.10 -78.96
N PRO F 362 39.92 -21.31 -79.49
CA PRO F 362 39.51 -21.48 -80.89
C PRO F 362 38.10 -20.97 -81.16
N ALA F 363 37.39 -21.64 -82.06
CA ALA F 363 36.03 -21.27 -82.41
C ALA F 363 35.03 -22.12 -81.65
N SER F 364 35.50 -22.79 -80.61
CA SER F 364 34.66 -23.63 -79.77
C SER F 364 34.36 -22.95 -78.44
N GLN F 365 34.53 -21.63 -78.40
CA GLN F 365 34.27 -20.86 -77.20
C GLN F 365 32.84 -20.34 -77.20
N CYS F 366 32.05 -20.84 -78.14
CA CYS F 366 30.65 -20.42 -78.28
C CYS F 366 29.68 -21.59 -78.14
N VAL F 367 30.22 -22.79 -77.95
CA VAL F 367 29.40 -23.99 -77.82
C VAL F 367 28.98 -24.24 -76.36
N LEU F 368 27.68 -24.34 -76.14
CA LEU F 368 27.15 -24.60 -74.80
C LEU F 368 26.79 -26.06 -74.64
N ASP F 369 27.14 -26.63 -73.48
CA ASP F 369 26.86 -28.02 -73.18
C ASP F 369 26.58 -28.22 -71.69
N GLY F 370 25.86 -27.27 -71.11
CA GLY F 370 25.54 -27.35 -69.70
C GLY F 370 24.04 -27.52 -69.47
N VAL F 371 23.25 -26.68 -70.14
CA VAL F 371 21.81 -26.73 -70.02
C VAL F 371 21.17 -27.01 -71.38
N ARG F 372 21.57 -26.23 -72.38
CA ARG F 372 21.05 -26.37 -73.74
C ARG F 372 21.72 -25.40 -74.71
N GLY F 373 22.53 -25.95 -75.61
CA GLY F 373 23.23 -25.12 -76.58
C GLY F 373 22.44 -24.92 -77.84
N CYS F 374 21.56 -23.91 -77.82
CA CYS F 374 20.72 -23.60 -78.98
C CYS F 374 20.04 -22.24 -78.83
N ASP F 375 20.53 -21.26 -79.60
CA ASP F 375 19.98 -19.91 -79.57
C ASP F 375 19.83 -19.39 -78.14
N SER F 376 20.94 -18.94 -77.57
CA SER F 376 20.95 -18.41 -76.21
C SER F 376 22.23 -17.63 -75.95
N TYR F 377 23.17 -17.71 -76.89
CA TYR F 377 24.44 -17.00 -76.77
C TYR F 377 24.78 -16.37 -78.12
N MET F 378 24.01 -15.35 -78.47
CA MET F 378 24.18 -14.64 -79.74
C MET F 378 25.33 -13.64 -79.67
N VAL F 379 26.41 -13.93 -80.37
CA VAL F 379 27.56 -13.04 -80.38
C VAL F 379 27.22 -11.80 -81.21
N TYR F 380 27.59 -10.62 -80.70
CA TYR F 380 27.29 -9.37 -81.39
C TYR F 380 28.52 -8.83 -82.08
N LEU F 381 28.49 -8.84 -83.41
CA LEU F 381 29.60 -8.35 -84.21
C LEU F 381 29.63 -6.83 -84.27
N PHE F 382 30.78 -6.26 -83.90
CA PHE F 382 30.98 -4.81 -83.91
C PHE F 382 32.11 -4.41 -84.83
N ASP F 383 31.87 -3.37 -85.62
CA ASP F 383 32.87 -2.86 -86.57
C ASP F 383 33.75 -1.81 -85.90
N LYS F 384 35.03 -1.87 -86.18
CA LYS F 384 35.98 -0.94 -85.60
C LYS F 384 36.09 0.35 -86.42
N SER F 385 36.16 0.21 -87.73
CA SER F 385 36.28 1.36 -88.61
C SER F 385 35.09 2.29 -88.46
N LYS F 386 33.90 1.75 -88.67
CA LYS F 386 32.67 2.55 -88.56
C LYS F 386 32.50 3.12 -87.16
N THR F 387 32.68 4.44 -87.05
CA THR F 387 32.54 5.13 -85.77
C THR F 387 31.06 5.21 -85.39
N VAL F 388 30.21 5.43 -86.39
CA VAL F 388 28.77 5.53 -86.18
C VAL F 388 28.04 4.90 -87.36
N TYR F 389 27.41 3.76 -87.11
CA TYR F 389 26.68 3.04 -88.14
C TYR F 389 25.45 3.82 -88.60
N GLU F 390 25.42 4.21 -89.87
CA GLU F 390 24.31 4.96 -90.42
C GLU F 390 23.01 4.17 -90.36
N GLY F 391 22.88 3.17 -91.24
CA GLY F 391 21.68 2.36 -91.25
C GLY F 391 21.54 1.43 -92.45
N PRO F 392 22.58 0.66 -92.77
CA PRO F 392 22.50 -0.26 -93.91
C PRO F 392 21.49 -1.38 -93.67
N PHE F 393 21.09 -1.55 -92.41
CA PHE F 393 20.14 -2.59 -92.01
C PHE F 393 18.76 -2.40 -92.61
N ALA F 394 17.85 -3.32 -92.28
CA ALA F 394 16.47 -3.27 -92.76
C ALA F 394 15.56 -3.90 -91.69
N SER F 395 14.68 -4.79 -92.12
CA SER F 395 13.77 -5.46 -91.19
C SER F 395 13.11 -6.67 -91.84
N ARG F 396 11.85 -6.92 -91.47
CA ARG F 396 11.10 -8.05 -92.01
C ARG F 396 9.91 -7.60 -92.84
N SER F 397 9.22 -8.57 -93.46
CA SER F 397 8.06 -8.28 -94.27
C SER F 397 6.89 -9.04 -93.65
N LEU F 398 5.67 -8.66 -94.01
CA LEU F 398 4.48 -9.32 -93.47
C LEU F 398 3.89 -10.31 -94.47
N SER F 399 4.49 -10.38 -95.64
CA SER F 399 4.05 -11.28 -96.70
C SER F 399 2.64 -10.91 -97.18
N ASP F 400 2.26 -11.45 -98.33
CA ASP F 400 0.95 -11.18 -98.91
C ASP F 400 -0.18 -11.65 -97.99
N CYS F 401 0.16 -12.51 -97.03
CA CYS F 401 -0.81 -13.04 -96.09
C CYS F 401 -1.33 -11.98 -95.12
N VAL F 402 -0.43 -11.12 -94.66
CA VAL F 402 -0.81 -10.06 -93.72
C VAL F 402 -1.02 -8.72 -94.44
N ASN F 403 -0.53 -8.62 -95.67
CA ASN F 403 -0.68 -7.39 -96.45
C ASN F 403 -2.14 -6.98 -96.59
N TYR F 404 -3.03 -7.96 -96.72
CA TYR F 404 -4.47 -7.68 -96.83
C TYR F 404 -4.97 -6.96 -95.59
N ILE F 405 -4.47 -7.39 -94.43
CA ILE F 405 -4.86 -6.81 -93.16
C ILE F 405 -4.42 -5.35 -93.03
N VAL F 406 -3.30 -5.01 -93.66
CA VAL F 406 -2.76 -3.66 -93.61
C VAL F 406 -3.19 -2.77 -94.79
N GLN F 407 -3.18 -3.35 -95.99
CA GLN F 407 -3.56 -2.62 -97.21
C GLN F 407 -5.08 -2.42 -97.30
N ASP F 408 -5.83 -3.50 -97.14
CA ASP F 408 -7.28 -3.45 -97.21
C ASP F 408 -7.87 -2.95 -95.90
N SER F 409 -7.11 -3.11 -94.82
CA SER F 409 -7.54 -2.66 -93.50
C SER F 409 -8.87 -3.31 -93.12
N LYS F 410 -9.97 -2.64 -93.44
CA LYS F 410 -11.30 -3.14 -93.13
C LYS F 410 -11.78 -4.11 -94.21
N ILE F 411 -11.58 -5.40 -93.97
CA ILE F 411 -12.00 -6.41 -94.92
C ILE F 411 -12.64 -7.60 -94.19
N GLN F 412 -13.68 -8.14 -94.78
CA GLN F 412 -14.38 -9.28 -94.19
C GLN F 412 -13.84 -10.58 -94.76
N LEU F 413 -12.82 -11.13 -94.11
CA LEU F 413 -12.20 -12.37 -94.56
C LEU F 413 -12.61 -13.54 -93.67
N PRO F 414 -12.82 -14.74 -94.26
CA PRO F 414 -13.20 -15.94 -93.52
C PRO F 414 -12.23 -16.26 -92.37
N ILE F 415 -12.78 -16.53 -91.19
CA ILE F 415 -11.97 -16.85 -90.01
C ILE F 415 -11.05 -18.03 -90.28
N ILE F 416 -11.50 -18.94 -91.14
CA ILE F 416 -10.71 -20.12 -91.49
C ILE F 416 -9.35 -19.68 -92.02
N GLN F 417 -9.28 -18.43 -92.49
CA GLN F 417 -8.04 -17.87 -93.02
C GLN F 417 -7.47 -16.87 -92.02
N LEU F 418 -8.36 -16.25 -91.25
CA LEU F 418 -7.95 -15.27 -90.26
C LEU F 418 -7.09 -15.92 -89.19
N ARG F 419 -7.39 -17.17 -88.88
CA ARG F 419 -6.65 -17.89 -87.85
C ARG F 419 -5.16 -17.97 -88.21
N LYS F 420 -4.82 -17.56 -89.44
CA LYS F 420 -3.44 -17.58 -89.91
C LYS F 420 -2.90 -16.17 -90.14
N VAL F 421 -3.62 -15.39 -90.96
CA VAL F 421 -3.20 -14.03 -91.25
C VAL F 421 -3.06 -13.24 -89.96
N TRP F 422 -3.90 -13.56 -88.97
CA TRP F 422 -3.87 -12.90 -87.66
C TRP F 422 -2.72 -13.48 -86.85
N ALA F 423 -2.60 -14.81 -86.87
CA ALA F 423 -1.54 -15.49 -86.16
C ALA F 423 -0.18 -14.94 -86.57
N GLU F 424 0.09 -14.95 -87.88
CA GLU F 424 1.36 -14.44 -88.40
C GLU F 424 1.54 -12.97 -88.05
N ALA F 425 0.43 -12.22 -88.09
CA ALA F 425 0.47 -10.79 -87.77
C ALA F 425 0.93 -10.62 -86.33
N VAL F 426 0.38 -11.43 -85.42
CA VAL F 426 0.73 -11.37 -84.01
C VAL F 426 2.19 -11.76 -83.82
N HIS F 427 2.65 -12.75 -84.57
CA HIS F 427 4.03 -13.21 -84.49
C HIS F 427 4.96 -12.12 -84.98
N TYR F 428 4.53 -11.37 -85.99
CA TYR F 428 5.32 -10.28 -86.54
C TYR F 428 5.42 -9.17 -85.49
N VAL F 429 4.29 -8.88 -84.87
CA VAL F 429 4.23 -7.85 -83.83
C VAL F 429 5.24 -8.16 -82.73
N SER F 430 5.07 -9.31 -82.09
CA SER F 430 5.97 -9.75 -81.03
C SER F 430 7.36 -9.93 -81.60
N GLY F 431 7.43 -10.21 -82.90
CA GLY F 431 8.70 -10.40 -83.57
C GLY F 431 9.58 -9.16 -83.43
N LEU F 432 9.07 -8.02 -83.88
CA LEU F 432 9.81 -6.76 -83.80
C LEU F 432 10.25 -6.51 -82.36
N LYS F 433 9.35 -6.79 -81.42
CA LYS F 433 9.62 -6.60 -79.99
C LYS F 433 10.80 -7.46 -79.54
N GLU F 434 10.65 -8.78 -79.61
CA GLU F 434 11.70 -9.70 -79.22
C GLU F 434 12.97 -9.43 -80.03
N ASP F 435 12.81 -8.90 -81.24
CA ASP F 435 13.94 -8.60 -82.11
C ASP F 435 14.67 -7.36 -81.58
N TYR F 436 13.93 -6.48 -80.93
CA TYR F 436 14.49 -5.26 -80.37
C TYR F 436 15.37 -5.62 -79.18
N SER F 437 14.94 -6.60 -78.39
CA SER F 437 15.69 -7.05 -77.22
C SER F 437 17.09 -7.51 -77.63
N ARG F 438 17.17 -8.25 -78.72
CA ARG F 438 18.44 -8.75 -79.22
C ARG F 438 19.38 -7.59 -79.52
N LEU F 439 18.85 -6.58 -80.21
CA LEU F 439 19.63 -5.40 -80.56
C LEU F 439 20.04 -4.64 -79.30
N PHE F 440 19.10 -4.49 -78.37
CA PHE F 440 19.36 -3.79 -77.12
C PHE F 440 20.52 -4.43 -76.37
N GLN F 441 20.50 -5.76 -76.27
CA GLN F 441 21.55 -6.50 -75.58
C GLN F 441 22.91 -6.18 -76.17
N GLY F 442 22.93 -5.90 -77.47
CA GLY F 442 24.19 -5.56 -78.13
C GLY F 442 24.80 -4.33 -77.49
N GLN F 443 23.96 -3.34 -77.23
CA GLN F 443 24.39 -2.10 -76.60
C GLN F 443 24.90 -2.39 -75.19
N ARG F 444 24.15 -3.26 -74.48
CA ARG F 444 24.49 -3.64 -73.12
C ARG F 444 25.87 -4.32 -73.09
N ALA F 445 26.10 -5.19 -74.05
CA ALA F 445 27.37 -5.89 -74.16
C ALA F 445 28.47 -4.90 -74.51
N ALA F 446 28.19 -4.02 -75.47
CA ALA F 446 29.16 -3.02 -75.90
C ALA F 446 29.48 -2.07 -74.74
N MET F 447 28.47 -1.85 -73.90
CA MET F 447 28.63 -0.99 -72.76
C MET F 447 29.67 -1.58 -71.82
N LEU F 448 29.56 -2.88 -71.56
CA LEU F 448 30.49 -3.59 -70.69
C LEU F 448 31.91 -3.48 -71.21
N SER F 449 32.06 -3.58 -72.53
CA SER F 449 33.37 -3.48 -73.16
C SER F 449 33.97 -2.12 -72.91
N LEU F 450 33.13 -1.09 -73.00
CA LEU F 450 33.58 0.28 -72.78
C LEU F 450 33.91 0.48 -71.31
N LEU F 451 33.07 -0.09 -70.44
CA LEU F 451 33.27 0.00 -69.00
C LEU F 451 34.57 -0.70 -68.59
N ARG F 452 34.90 -1.77 -69.30
CA ARG F 452 36.12 -2.51 -69.02
C ARG F 452 37.36 -1.76 -69.53
N TYR F 453 37.23 -1.15 -70.72
CA TYR F 453 38.33 -0.39 -71.31
C TYR F 453 38.66 0.81 -70.42
N ASN F 454 37.62 1.45 -69.90
CA ASN F 454 37.79 2.60 -69.03
C ASN F 454 38.60 2.19 -67.80
N ALA F 455 38.25 1.05 -67.21
CA ALA F 455 38.94 0.54 -66.04
C ALA F 455 40.38 0.22 -66.39
N ASN F 456 40.57 -0.48 -67.51
CA ASN F 456 41.90 -0.85 -67.97
C ASN F 456 42.77 0.38 -68.19
N LEU F 457 42.18 1.41 -68.79
CA LEU F 457 42.91 2.66 -69.05
C LEU F 457 43.28 3.36 -67.74
N THR F 458 42.31 3.45 -66.84
CA THR F 458 42.52 4.09 -65.55
C THR F 458 43.51 3.34 -64.67
N LYS F 459 43.49 2.01 -64.74
CA LYS F 459 44.39 1.19 -63.94
C LYS F 459 45.85 1.60 -64.17
N MET F 460 46.14 2.03 -65.39
CA MET F 460 47.49 2.45 -65.73
C MET F 460 47.73 3.89 -65.27
N LYS F 461 46.64 4.65 -65.14
CA LYS F 461 46.74 6.03 -64.69
C LYS F 461 47.26 6.06 -63.26
N ASN F 462 46.66 5.20 -62.42
CA ASN F 462 47.05 5.11 -61.02
C ASN F 462 48.50 4.70 -60.90
N THR F 463 48.98 3.92 -61.87
CA THR F 463 50.36 3.46 -61.88
C THR F 463 51.24 4.45 -62.63
N LEU F 464 50.62 5.29 -63.45
CA LEU F 464 51.34 6.28 -64.23
C LEU F 464 51.75 7.42 -63.32
N ILE F 465 50.79 7.93 -62.56
CA ILE F 465 51.06 9.03 -61.63
C ILE F 465 51.95 8.49 -60.51
N SER F 466 51.77 7.22 -60.18
CA SER F 466 52.55 6.59 -59.13
C SER F 466 53.99 6.41 -59.59
N ALA F 467 54.16 6.14 -60.88
CA ALA F 467 55.49 5.96 -61.45
C ALA F 467 56.19 7.31 -61.55
N SER F 468 55.42 8.36 -61.81
CA SER F 468 55.98 9.70 -61.92
C SER F 468 56.41 10.21 -60.55
N GLN F 469 55.62 9.88 -59.53
CA GLN F 469 55.93 10.29 -58.17
C GLN F 469 57.33 9.82 -57.79
N GLN F 470 57.77 8.73 -58.42
CA GLN F 470 59.10 8.19 -58.17
C GLN F 470 60.14 9.09 -58.83
N LEU F 471 59.81 9.55 -60.03
CA LEU F 471 60.68 10.43 -60.80
C LEU F 471 60.92 11.71 -60.04
N LYS F 472 59.84 12.39 -59.66
CA LYS F 472 59.94 13.65 -58.94
C LYS F 472 60.65 13.44 -57.61
N ALA F 473 60.43 12.28 -56.99
CA ALA F 473 61.05 11.96 -55.72
C ALA F 473 62.55 11.74 -55.89
N LYS F 474 62.94 11.19 -57.04
CA LYS F 474 64.35 10.95 -57.31
C LYS F 474 65.02 12.23 -57.76
N LEU F 475 64.32 13.04 -58.52
CA LEU F 475 64.86 14.30 -59.00
C LEU F 475 65.28 15.16 -57.82
N GLU F 476 64.46 15.15 -56.77
CA GLU F 476 64.74 15.94 -55.58
C GLU F 476 65.96 15.36 -54.86
N PHE F 477 66.01 14.03 -54.80
CA PHE F 477 67.11 13.35 -54.12
C PHE F 477 68.32 13.32 -55.06
N PHE F 478 68.23 14.08 -56.14
CA PHE F 478 69.31 14.16 -57.12
C PHE F 478 69.78 15.62 -57.23
N HIS F 479 68.82 16.54 -57.19
CA HIS F 479 69.13 17.96 -57.30
C HIS F 479 69.85 18.47 -56.06
N LYS F 480 69.67 17.76 -54.94
CA LYS F 480 70.31 18.15 -53.70
C LYS F 480 71.56 17.30 -53.50
N SER F 481 71.88 16.48 -54.49
CA SER F 481 73.04 15.62 -54.45
C SER F 481 74.05 16.02 -55.52
N ILE F 482 73.55 16.57 -56.62
CA ILE F 482 74.39 16.99 -57.73
C ILE F 482 75.10 18.30 -57.40
N GLN F 483 74.35 19.24 -56.81
CA GLN F 483 74.89 20.54 -56.45
C GLN F 483 75.56 20.46 -55.08
N LEU F 484 75.27 19.37 -54.36
CA LEU F 484 75.83 19.16 -53.04
C LEU F 484 77.35 18.97 -53.17
N ASP F 485 77.77 18.57 -54.36
CA ASP F 485 79.19 18.36 -54.64
C ASP F 485 79.83 19.65 -55.13
N LEU F 486 79.04 20.49 -55.79
CA LEU F 486 79.53 21.77 -56.32
C LEU F 486 80.01 22.69 -55.21
N GLU F 487 79.28 22.72 -54.09
CA GLU F 487 79.64 23.57 -52.96
C GLU F 487 80.87 23.03 -52.25
N ARG F 488 80.98 21.71 -52.18
CA ARG F 488 82.11 21.06 -51.52
C ARG F 488 83.33 21.10 -52.44
N TYR F 489 83.12 21.48 -53.68
CA TYR F 489 84.19 21.58 -54.67
C TYR F 489 84.76 22.99 -54.78
N SER F 490 83.86 23.97 -54.89
CA SER F 490 84.25 25.36 -55.01
C SER F 490 85.10 25.85 -53.84
N GLU F 491 84.99 25.16 -52.70
CA GLU F 491 85.76 25.53 -51.51
C GLU F 491 87.06 24.75 -51.40
N GLN F 492 87.45 24.05 -52.47
CA GLN F 492 88.68 23.27 -52.45
C GLN F 492 89.36 23.23 -53.82
N MET F 493 89.06 24.21 -54.67
CA MET F 493 89.65 24.27 -56.00
C MET F 493 91.12 24.73 -55.93
N THR F 494 91.60 24.98 -54.73
CA THR F 494 92.98 25.44 -54.54
C THR F 494 93.71 24.60 -53.48
N TYR F 495 92.99 24.23 -52.44
CA TYR F 495 93.56 23.44 -51.36
C TYR F 495 93.40 21.96 -51.66
N GLY F 496 92.18 21.46 -51.50
CA GLY F 496 91.91 20.06 -51.76
C GLY F 496 92.00 19.72 -53.24
N ILE F 497 91.64 18.50 -53.59
CA ILE F 497 91.67 18.05 -54.98
C ILE F 497 90.83 18.95 -55.87
N SER F 498 91.26 19.12 -57.11
CA SER F 498 90.54 19.97 -58.05
C SER F 498 90.88 19.61 -59.49
N SER F 499 89.85 19.40 -60.29
CA SER F 499 90.02 19.06 -61.70
C SER F 499 89.37 20.13 -62.57
N GLU F 500 89.32 19.88 -63.88
CA GLU F 500 88.71 20.82 -64.80
C GLU F 500 87.91 20.10 -65.88
N LYS F 501 88.28 18.85 -66.17
CA LYS F 501 87.57 18.05 -67.17
C LYS F 501 86.17 17.66 -66.71
N MET F 502 86.03 17.44 -65.40
CA MET F 502 84.73 17.07 -64.83
C MET F 502 83.97 18.31 -64.35
N LEU F 503 84.57 19.48 -64.54
CA LEU F 503 83.94 20.74 -64.13
C LEU F 503 82.63 20.92 -64.90
N LYS F 504 82.60 20.40 -66.13
CA LYS F 504 81.42 20.47 -66.99
C LYS F 504 80.70 19.13 -67.01
N ALA F 505 81.45 18.05 -66.88
CA ALA F 505 80.88 16.71 -66.89
C ALA F 505 79.76 16.57 -65.87
N TRP F 506 80.02 17.09 -64.66
CA TRP F 506 79.04 17.05 -63.58
C TRP F 506 77.99 18.13 -63.74
N LYS F 507 78.41 19.30 -64.18
CA LYS F 507 77.50 20.44 -64.37
C LYS F 507 76.35 20.12 -65.32
N GLU F 508 76.52 19.06 -66.12
CA GLU F 508 75.49 18.66 -67.07
C GLU F 508 74.37 17.86 -66.42
N MET F 509 74.75 16.92 -65.55
CA MET F 509 73.76 16.09 -64.86
C MET F 509 72.66 16.94 -64.22
N GLU F 510 73.05 18.04 -63.58
CA GLU F 510 72.12 18.92 -62.91
C GLU F 510 71.09 19.51 -63.86
N GLU F 511 71.57 19.94 -65.03
CA GLU F 511 70.69 20.53 -66.04
C GLU F 511 69.84 19.48 -66.74
N LYS F 512 70.29 18.22 -66.71
CA LYS F 512 69.57 17.14 -67.36
C LYS F 512 68.26 16.83 -66.65
N ALA F 513 68.31 16.75 -65.33
CA ALA F 513 67.12 16.46 -64.53
C ALA F 513 66.12 17.61 -64.63
N ILE F 514 66.60 18.79 -64.98
CA ILE F 514 65.75 19.96 -65.11
C ILE F 514 64.77 19.80 -66.28
N HIS F 515 65.32 19.61 -67.47
CA HIS F 515 64.51 19.45 -68.68
C HIS F 515 63.54 18.28 -68.55
N TYR F 516 63.81 17.41 -67.58
CA TYR F 516 62.97 16.25 -67.34
C TYR F 516 61.63 16.66 -66.73
N ALA F 517 61.27 16.04 -65.62
CA ALA F 517 60.02 16.34 -64.92
C ALA F 517 58.80 16.08 -65.80
N GLU F 518 58.24 14.87 -65.69
CA GLU F 518 57.07 14.48 -66.44
C GLU F 518 55.90 14.20 -65.49
N VAL F 519 56.15 14.37 -64.20
CA VAL F 519 55.13 14.13 -63.17
C VAL F 519 53.99 15.13 -63.33
N GLY F 520 54.33 16.35 -63.77
CA GLY F 520 53.34 17.38 -63.96
C GLY F 520 52.77 17.38 -65.37
N VAL F 521 53.55 16.85 -66.31
CA VAL F 521 53.12 16.78 -67.70
C VAL F 521 51.90 15.88 -67.81
N ILE F 522 51.62 15.14 -66.74
CA ILE F 522 50.48 14.23 -66.72
C ILE F 522 49.18 15.05 -66.72
N GLY F 523 49.32 16.35 -66.52
CA GLY F 523 48.17 17.23 -66.50
C GLY F 523 47.32 17.10 -67.75
N TYR F 524 47.96 17.14 -68.91
CA TYR F 524 47.25 17.03 -70.18
C TYR F 524 46.51 15.71 -70.23
N LEU F 525 46.85 14.80 -69.32
CA LEU F 525 46.23 13.48 -69.29
C LEU F 525 45.24 13.33 -68.14
N GLU F 526 45.71 13.59 -66.92
CA GLU F 526 44.87 13.47 -65.74
C GLU F 526 43.50 14.13 -65.90
N ASP F 527 43.50 15.46 -66.06
CA ASP F 527 42.26 16.20 -66.21
C ASP F 527 41.58 15.95 -67.54
N GLN F 528 42.16 15.07 -68.36
CA GLN F 528 41.58 14.74 -69.65
C GLN F 528 41.00 13.34 -69.66
N ILE F 529 41.61 12.46 -68.87
CA ILE F 529 41.14 11.09 -68.79
C ILE F 529 39.94 11.04 -67.86
N MET F 530 39.89 12.00 -66.92
CA MET F 530 38.80 12.09 -65.97
C MET F 530 37.62 12.82 -66.62
N SER F 531 37.94 13.79 -67.46
CA SER F 531 36.91 14.55 -68.15
C SER F 531 36.16 13.59 -69.07
N LEU F 532 36.83 12.51 -69.44
CA LEU F 532 36.24 11.48 -70.29
C LEU F 532 35.66 10.39 -69.41
N HIS F 533 36.38 10.05 -68.35
CA HIS F 533 35.96 9.01 -67.43
C HIS F 533 34.57 9.33 -66.88
N ALA F 534 34.44 10.49 -66.26
CA ALA F 534 33.16 10.92 -65.70
C ALA F 534 32.14 11.09 -66.82
N GLU F 535 32.60 11.52 -67.99
CA GLU F 535 31.74 11.73 -69.14
C GLU F 535 31.03 10.43 -69.52
N ILE F 536 31.81 9.34 -69.56
CA ILE F 536 31.25 8.03 -69.91
C ILE F 536 30.19 7.60 -68.92
N MET F 537 30.50 7.71 -67.62
CA MET F 537 29.55 7.34 -66.59
C MET F 537 28.40 8.34 -66.54
N GLU F 538 28.63 9.53 -67.10
CA GLU F 538 27.62 10.57 -67.15
C GLU F 538 26.66 10.22 -68.27
N LEU F 539 27.20 9.60 -69.31
CA LEU F 539 26.41 9.18 -70.46
C LEU F 539 25.87 7.79 -70.16
N GLN F 540 26.20 7.29 -68.97
CA GLN F 540 25.75 5.98 -68.54
C GLN F 540 24.42 6.08 -67.82
N LYS F 541 23.95 7.32 -67.63
CA LYS F 541 22.68 7.56 -66.95
C LYS F 541 21.56 7.85 -67.95
N SER F 542 21.92 8.44 -69.08
CA SER F 542 20.94 8.77 -70.12
C SER F 542 20.18 7.51 -70.54
N PRO F 543 19.04 7.67 -71.23
CA PRO F 543 18.24 6.54 -71.68
C PRO F 543 18.94 5.68 -72.73
N TYR F 544 19.17 4.41 -72.40
CA TYR F 544 19.83 3.49 -73.31
C TYR F 544 19.00 3.30 -74.57
N GLY F 545 17.89 2.58 -74.43
CA GLY F 545 17.00 2.34 -75.55
C GLY F 545 15.83 1.45 -75.18
N ARG F 546 16.11 0.41 -74.40
CA ARG F 546 15.07 -0.53 -73.97
C ARG F 546 14.13 0.20 -73.01
N ARG F 547 14.54 1.40 -72.61
CA ARG F 547 13.77 2.25 -71.71
C ARG F 547 12.35 2.36 -72.26
N GLN F 548 12.26 2.40 -73.60
CA GLN F 548 10.97 2.50 -74.27
C GLN F 548 10.58 1.16 -74.87
N GLY F 549 11.43 0.16 -74.67
CA GLY F 549 11.14 -1.17 -75.19
C GLY F 549 9.89 -1.74 -74.56
N ASP F 550 9.62 -1.33 -73.32
CA ASP F 550 8.44 -1.79 -72.60
C ASP F 550 7.18 -1.28 -73.29
N LEU F 551 7.22 -0.04 -73.75
CA LEU F 551 6.10 0.57 -74.44
C LEU F 551 5.71 -0.29 -75.64
N MET F 552 6.70 -0.93 -76.25
CA MET F 552 6.49 -1.80 -77.40
C MET F 552 5.94 -3.14 -76.93
N GLU F 553 6.45 -3.61 -75.80
CA GLU F 553 6.01 -4.88 -75.23
C GLU F 553 4.52 -4.81 -74.94
N SER F 554 4.03 -3.60 -74.71
CA SER F 554 2.62 -3.38 -74.44
C SER F 554 1.84 -3.70 -75.70
N LEU F 555 2.39 -3.28 -76.84
CA LEU F 555 1.76 -3.50 -78.13
C LEU F 555 1.65 -5.00 -78.37
N GLU F 556 2.67 -5.72 -77.90
CA GLU F 556 2.73 -7.17 -78.05
C GLU F 556 1.51 -7.79 -77.39
N GLN F 557 1.31 -7.47 -76.10
CA GLN F 557 0.18 -8.01 -75.35
C GLN F 557 -1.12 -7.70 -76.06
N ARG F 558 -1.19 -6.55 -76.73
CA ARG F 558 -2.39 -6.17 -77.46
C ARG F 558 -2.73 -7.19 -78.54
N ALA F 559 -1.78 -7.42 -79.45
CA ALA F 559 -1.97 -8.37 -80.53
C ALA F 559 -2.39 -9.73 -79.98
N ILE F 560 -1.73 -10.15 -78.91
CA ILE F 560 -2.04 -11.43 -78.26
C ILE F 560 -3.51 -11.51 -77.90
N ASP F 561 -4.03 -10.41 -77.34
CA ASP F 561 -5.42 -10.34 -76.92
C ASP F 561 -6.35 -10.51 -78.11
N LEU F 562 -5.95 -9.99 -79.26
CA LEU F 562 -6.76 -10.11 -80.47
C LEU F 562 -6.77 -11.55 -81.00
N TYR F 563 -5.59 -12.17 -81.07
CA TYR F 563 -5.50 -13.55 -81.53
C TYR F 563 -6.21 -14.45 -80.53
N LYS F 564 -6.29 -13.98 -79.28
CA LYS F 564 -6.94 -14.72 -78.21
C LYS F 564 -8.46 -14.67 -78.42
N GLN F 565 -8.95 -13.49 -78.80
CA GLN F 565 -10.38 -13.30 -79.05
C GLN F 565 -10.72 -13.76 -80.46
N LEU F 566 -9.82 -14.53 -81.07
CA LEU F 566 -10.02 -15.03 -82.42
C LEU F 566 -10.38 -16.51 -82.36
N LYS F 567 -9.95 -17.17 -81.29
CA LYS F 567 -10.23 -18.59 -81.13
C LYS F 567 -11.21 -18.82 -79.98
N HIS F 568 -10.97 -18.16 -78.86
CA HIS F 568 -11.83 -18.30 -77.69
C HIS F 568 -13.15 -17.55 -77.84
N ARG F 569 -13.27 -16.77 -78.90
CA ARG F 569 -14.51 -16.02 -79.13
C ARG F 569 -15.64 -17.00 -79.39
N PRO F 570 -16.89 -16.60 -79.04
CA PRO F 570 -18.08 -17.44 -79.23
C PRO F 570 -18.17 -18.12 -80.59
N SER F 571 -17.59 -19.32 -80.69
CA SER F 571 -17.61 -20.09 -81.92
C SER F 571 -16.92 -19.38 -83.08
N ASP F 572 -16.57 -20.16 -84.11
CA ASP F 572 -15.91 -19.62 -85.30
C ASP F 572 -16.27 -20.43 -86.54
N HIS F 573 -15.35 -20.48 -87.49
CA HIS F 573 -15.54 -21.22 -88.73
C HIS F 573 -16.63 -20.58 -89.60
N SER F 574 -16.73 -19.25 -89.56
CA SER F 574 -17.71 -18.52 -90.34
C SER F 574 -17.61 -17.02 -90.04
N TYR F 575 -16.67 -16.66 -89.17
CA TYR F 575 -16.46 -15.27 -88.77
C TYR F 575 -15.93 -14.46 -89.96
N SER F 576 -15.91 -13.15 -89.81
CA SER F 576 -15.42 -12.27 -90.87
C SER F 576 -15.11 -10.87 -90.36
N ASP F 577 -13.82 -10.56 -90.25
CA ASP F 577 -13.37 -9.26 -89.77
C ASP F 577 -11.84 -9.23 -89.70
N SER F 578 -11.25 -8.04 -89.72
CA SER F 578 -9.80 -7.93 -89.66
C SER F 578 -9.32 -6.50 -89.45
N THR F 579 -10.23 -5.55 -89.57
CA THR F 579 -9.89 -4.14 -89.41
C THR F 579 -9.26 -3.82 -88.05
N GLU F 580 -9.70 -4.51 -86.99
CA GLU F 580 -9.19 -4.28 -85.65
C GLU F 580 -7.67 -4.53 -85.52
N MET F 581 -7.23 -5.65 -86.08
CA MET F 581 -5.82 -6.02 -86.02
C MET F 581 -4.94 -4.89 -86.55
N VAL F 582 -5.43 -4.19 -87.57
CA VAL F 582 -4.69 -3.09 -88.18
C VAL F 582 -4.13 -2.17 -87.10
N LYS F 583 -4.91 -2.02 -86.03
CA LYS F 583 -4.54 -1.18 -84.90
C LYS F 583 -3.13 -1.54 -84.41
N ILE F 584 -3.05 -2.65 -83.68
CA ILE F 584 -1.78 -3.12 -83.12
C ILE F 584 -0.66 -3.15 -84.16
N ILE F 585 -1.00 -3.55 -85.38
CA ILE F 585 -0.05 -3.64 -86.48
C ILE F 585 0.69 -2.33 -86.74
N VAL F 586 -0.05 -1.30 -87.13
CA VAL F 586 0.52 0.01 -87.42
C VAL F 586 1.33 0.61 -86.27
N HIS F 587 0.78 0.55 -85.06
CA HIS F 587 1.44 1.10 -83.88
C HIS F 587 2.81 0.50 -83.63
N THR F 588 2.90 -0.83 -83.65
CA THR F 588 4.17 -1.51 -83.44
C THR F 588 5.24 -1.07 -84.44
N VAL F 589 4.83 -0.84 -85.68
CA VAL F 589 5.75 -0.41 -86.73
C VAL F 589 6.36 0.95 -86.38
N GLN F 590 5.50 1.92 -86.07
CA GLN F 590 5.93 3.28 -85.70
C GLN F 590 6.89 3.24 -84.52
N SER F 591 6.47 2.57 -83.45
CA SER F 591 7.28 2.46 -82.24
C SER F 591 8.63 1.82 -82.53
N GLN F 592 8.62 0.80 -83.39
CA GLN F 592 9.83 0.08 -83.76
C GLN F 592 10.89 1.04 -84.31
N ASP F 593 10.65 1.54 -85.52
CA ASP F 593 11.58 2.46 -86.18
C ASP F 593 11.98 3.67 -85.35
N ARG F 594 11.14 4.04 -84.39
CA ARG F 594 11.45 5.20 -83.55
C ARG F 594 12.60 4.89 -82.59
N VAL F 595 12.37 3.93 -81.70
CA VAL F 595 13.38 3.53 -80.72
C VAL F 595 14.52 2.76 -81.36
N LEU F 596 14.27 2.23 -82.56
CA LEU F 596 15.27 1.46 -83.29
C LEU F 596 16.49 2.34 -83.58
N LYS F 597 16.33 3.28 -84.50
CA LYS F 597 17.43 4.18 -84.84
C LYS F 597 17.82 5.03 -83.64
N GLU F 598 16.91 5.13 -82.68
CA GLU F 598 17.16 5.89 -81.46
C GLU F 598 18.20 5.16 -80.63
N LEU F 599 18.09 3.83 -80.60
CA LEU F 599 19.04 3.00 -79.86
C LEU F 599 20.44 3.17 -80.43
N PHE F 600 20.54 3.17 -81.76
CA PHE F 600 21.82 3.34 -82.43
C PHE F 600 22.44 4.68 -82.08
N GLY F 601 21.57 5.68 -81.87
CA GLY F 601 22.06 7.01 -81.51
C GLY F 601 22.78 6.98 -80.18
N HIS F 602 22.10 6.46 -79.16
CA HIS F 602 22.67 6.36 -77.81
C HIS F 602 23.84 5.38 -77.81
N LEU F 603 24.06 4.73 -78.95
CA LEU F 603 25.15 3.77 -79.08
C LEU F 603 26.35 4.45 -79.75
N SER F 604 26.06 5.36 -80.67
CA SER F 604 27.11 6.08 -81.39
C SER F 604 28.08 6.72 -80.42
N LYS F 605 27.55 7.23 -79.32
CA LYS F 605 28.35 7.88 -78.30
C LYS F 605 29.20 6.84 -77.57
N LEU F 606 28.56 5.74 -77.19
CA LEU F 606 29.23 4.65 -76.47
C LEU F 606 30.35 4.07 -77.33
N LEU F 607 30.01 3.76 -78.58
CA LEU F 607 30.97 3.19 -79.52
C LEU F 607 32.09 4.19 -79.84
N GLY F 608 31.76 5.48 -79.75
CA GLY F 608 32.76 6.51 -80.03
C GLY F 608 33.77 6.71 -78.92
N CYS F 609 33.32 6.57 -77.68
CA CYS F 609 34.21 6.75 -76.54
C CYS F 609 35.31 5.69 -76.49
N LYS F 610 35.04 4.51 -77.03
CA LYS F 610 36.02 3.43 -77.04
C LYS F 610 37.27 3.85 -77.80
N GLN F 611 37.10 4.29 -79.04
CA GLN F 611 38.24 4.73 -79.85
C GLN F 611 38.96 5.88 -79.17
N LYS F 612 38.22 6.67 -78.39
CA LYS F 612 38.80 7.80 -77.69
C LYS F 612 39.71 7.30 -76.57
N ILE F 613 39.34 6.17 -75.98
CA ILE F 613 40.13 5.55 -74.91
C ILE F 613 41.34 4.84 -75.53
N ILE F 614 41.09 4.15 -76.63
CA ILE F 614 42.13 3.41 -77.34
C ILE F 614 43.10 4.37 -78.02
N ASP F 615 42.64 5.60 -78.23
CA ASP F 615 43.48 6.62 -78.87
C ASP F 615 44.42 7.23 -77.85
N LEU F 616 43.99 7.23 -76.59
CA LEU F 616 44.80 7.79 -75.50
C LEU F 616 45.63 6.67 -74.88
N LEU F 617 45.26 5.43 -75.19
CA LEU F 617 45.95 4.26 -74.67
C LEU F 617 47.44 4.31 -74.98
N PRO F 618 47.80 4.60 -76.25
CA PRO F 618 49.22 4.68 -76.63
C PRO F 618 49.93 5.85 -75.99
N LYS F 619 49.19 6.94 -75.75
CA LYS F 619 49.76 8.12 -75.13
C LYS F 619 50.20 7.81 -73.70
N VAL F 620 49.64 6.75 -73.14
CA VAL F 620 49.98 6.34 -71.78
C VAL F 620 51.39 5.76 -71.77
N GLU F 621 51.65 4.82 -72.68
CA GLU F 621 52.97 4.21 -72.76
C GLU F 621 54.02 5.28 -72.99
N VAL F 622 53.63 6.32 -73.73
CA VAL F 622 54.57 7.40 -74.01
C VAL F 622 55.01 8.00 -72.68
N ALA F 623 54.04 8.33 -71.84
CA ALA F 623 54.33 8.92 -70.54
C ALA F 623 55.16 7.94 -69.71
N LEU F 624 54.70 6.70 -69.63
CA LEU F 624 55.39 5.67 -68.86
C LEU F 624 56.84 5.53 -69.30
N SER F 625 57.03 5.29 -70.60
CA SER F 625 58.37 5.13 -71.16
C SER F 625 59.25 6.35 -70.89
N ASN F 626 58.68 7.55 -71.07
CA ASN F 626 59.43 8.77 -70.83
C ASN F 626 59.78 8.98 -69.36
N ILE F 627 58.82 8.72 -68.49
CA ILE F 627 59.04 8.87 -67.06
C ILE F 627 60.00 7.80 -66.56
N LYS F 628 59.89 6.59 -67.11
CA LYS F 628 60.77 5.49 -66.73
C LYS F 628 62.15 5.65 -67.36
N GLU F 629 62.21 6.43 -68.44
CA GLU F 629 63.46 6.69 -69.14
C GLU F 629 64.39 7.47 -68.20
N ALA F 630 63.88 8.56 -67.66
CA ALA F 630 64.63 9.39 -66.72
C ALA F 630 64.78 8.65 -65.40
N ASP F 631 63.74 7.90 -65.05
CA ASP F 631 63.74 7.12 -63.81
C ASP F 631 64.91 6.14 -63.80
N ASN F 632 65.35 5.74 -64.98
CA ASN F 632 66.45 4.81 -65.12
C ASN F 632 67.77 5.54 -65.26
N THR F 633 67.78 6.58 -66.10
CA THR F 633 68.98 7.37 -66.32
C THR F 633 69.49 7.98 -65.01
N VAL F 634 68.66 8.85 -64.42
CA VAL F 634 69.01 9.50 -63.16
C VAL F 634 69.39 8.47 -62.11
N MET F 635 68.77 7.30 -62.18
CA MET F 635 69.06 6.21 -61.24
C MET F 635 70.53 5.81 -61.30
N PHE F 636 70.97 5.43 -62.50
CA PHE F 636 72.36 5.01 -62.69
C PHE F 636 73.32 6.19 -62.72
N MET F 637 72.77 7.40 -62.56
CA MET F 637 73.59 8.60 -62.55
C MET F 637 74.26 8.69 -61.19
N GLN F 638 73.87 7.79 -60.29
CA GLN F 638 74.44 7.75 -58.94
C GLN F 638 75.92 7.43 -59.00
N GLY F 639 76.32 6.66 -60.02
CA GLY F 639 77.72 6.29 -60.17
C GLY F 639 78.55 7.46 -60.66
N LYS F 640 77.99 8.24 -61.57
CA LYS F 640 78.68 9.40 -62.13
C LYS F 640 78.72 10.51 -61.09
N ARG F 641 78.07 10.29 -59.95
CA ARG F 641 78.03 11.29 -58.90
C ARG F 641 78.70 10.77 -57.62
N GLN F 642 78.87 9.46 -57.54
CA GLN F 642 79.52 8.82 -56.39
C GLN F 642 80.77 8.09 -56.83
N LYS F 643 80.60 7.10 -57.68
CA LYS F 643 81.72 6.30 -58.19
C LYS F 643 82.82 7.17 -58.79
N GLU F 644 82.44 8.33 -59.31
CA GLU F 644 83.43 9.25 -59.89
C GLU F 644 84.26 9.94 -58.82
N ILE F 645 83.89 9.71 -57.57
CA ILE F 645 84.63 10.31 -56.44
C ILE F 645 85.72 9.33 -55.99
N TRP F 646 85.41 8.04 -56.06
CA TRP F 646 86.34 7.00 -55.66
C TRP F 646 87.42 6.82 -56.72
N HIS F 647 87.02 7.00 -57.98
CA HIS F 647 87.94 6.87 -59.09
C HIS F 647 88.89 8.06 -59.02
N LEU F 648 88.40 9.16 -58.47
CA LEU F 648 89.19 10.38 -58.31
C LEU F 648 89.49 10.52 -56.82
N LEU F 649 90.03 9.47 -56.23
CA LEU F 649 90.36 9.45 -54.82
C LEU F 649 91.81 9.05 -54.56
N LYS F 650 92.30 8.09 -55.33
CA LYS F 650 93.67 7.60 -55.18
C LYS F 650 94.69 8.53 -55.81
N ILE F 651 94.31 9.78 -56.04
CA ILE F 651 95.21 10.77 -56.63
C ILE F 651 96.46 10.94 -55.77
N ALA F 652 96.29 10.77 -54.47
CA ALA F 652 97.40 10.91 -53.53
C ALA F 652 97.52 9.69 -52.62
N CYS F 653 96.68 8.69 -52.88
CA CYS F 653 96.70 7.47 -52.08
C CYS F 653 97.87 6.59 -52.48
N THR F 654 98.79 7.15 -53.27
CA THR F 654 99.96 6.43 -53.73
C THR F 654 101.20 7.33 -53.77
N GLN F 655 101.19 8.38 -52.96
CA GLN F 655 102.32 9.31 -52.89
C GLN F 655 103.30 8.89 -51.81
N ASP G 1 -12.17 7.62 86.42
CA ASP G 1 -12.93 6.39 86.05
C ASP G 1 -14.33 6.45 86.65
N PRO G 2 -15.31 6.95 85.88
CA PRO G 2 -16.70 7.08 86.31
C PRO G 2 -17.44 5.73 86.45
N GLU G 3 -16.75 4.64 86.11
CA GLU G 3 -17.31 3.30 86.21
C GLU G 3 -18.38 3.01 85.15
N PHE G 4 -19.03 4.06 84.66
CA PHE G 4 -20.06 3.91 83.64
C PHE G 4 -21.14 2.96 84.13
N GLY G 5 -22.21 3.52 84.68
CA GLY G 5 -23.30 2.71 85.18
C GLY G 5 -24.15 2.10 84.09
N ALA G 6 -23.50 1.68 83.00
CA ALA G 6 -24.20 1.08 81.87
C ALA G 6 -23.24 0.27 81.01
N GLY G 7 -23.77 -0.36 79.97
CA GLY G 7 -22.94 -1.17 79.09
C GLY G 7 -21.81 -0.37 78.48
N GLY G 8 -22.13 0.43 77.47
CA GLY G 8 -21.12 1.24 76.82
C GLY G 8 -21.66 2.31 75.89
N PRO G 9 -22.69 3.07 76.30
CA PRO G 9 -23.25 4.12 75.44
C PRO G 9 -22.14 5.08 75.00
N TRP G 10 -21.80 6.02 75.87
CA TRP G 10 -20.74 6.97 75.58
C TRP G 10 -19.38 6.31 75.82
N GLU G 11 -18.34 7.13 75.93
CA GLU G 11 -16.99 6.62 76.16
C GLU G 11 -16.00 7.78 76.25
N MET G 12 -15.27 7.86 77.36
CA MET G 12 -14.31 8.93 77.55
C MET G 12 -12.98 8.67 76.85
N ARG G 13 -12.41 9.73 76.27
CA ARG G 13 -11.14 9.63 75.57
C ARG G 13 -10.00 9.90 76.53
N GLU G 14 -9.79 11.17 76.86
CA GLU G 14 -8.73 11.58 77.78
C GLU G 14 -9.30 12.48 78.86
N ARG G 15 -8.57 12.61 79.97
CA ARG G 15 -8.99 13.46 81.07
C ARG G 15 -8.67 14.92 80.75
N LEU G 16 -8.75 15.77 81.76
CA LEU G 16 -8.46 17.19 81.57
C LEU G 16 -7.45 17.69 82.58
N GLY G 17 -7.28 19.01 82.63
CA GLY G 17 -6.34 19.60 83.56
C GLY G 17 -6.76 19.59 85.02
N THR G 18 -6.72 20.76 85.65
CA THR G 18 -7.09 20.91 87.06
C THR G 18 -8.53 20.47 87.34
N GLY G 19 -8.93 20.54 88.60
CA GLY G 19 -10.28 20.17 88.98
C GLY G 19 -10.29 19.36 90.26
N GLY G 20 -9.51 18.28 90.28
CA GLY G 20 -9.44 17.45 91.46
C GLY G 20 -9.24 15.98 91.12
N PHE G 21 -9.38 15.12 92.12
CA PHE G 21 -9.22 13.68 91.94
C PHE G 21 -10.08 13.19 90.78
N GLY G 22 -9.43 12.92 89.65
CA GLY G 22 -10.15 12.45 88.48
C GLY G 22 -11.27 13.40 88.09
N ASN G 23 -10.89 14.63 87.76
CA ASN G 23 -11.86 15.65 87.37
C ASN G 23 -12.54 15.33 86.03
N VAL G 24 -12.87 16.37 85.27
CA VAL G 24 -13.56 16.22 83.99
C VAL G 24 -12.79 15.33 83.04
N CYS G 25 -13.53 14.65 82.17
CA CYS G 25 -12.94 13.76 81.17
C CYS G 25 -13.61 13.96 79.82
N LEU G 26 -12.83 13.88 78.75
CA LEU G 26 -13.35 14.05 77.40
C LEU G 26 -14.29 12.91 77.06
N TYR G 27 -15.59 13.14 77.24
CA TYR G 27 -16.57 12.11 76.98
C TYR G 27 -17.15 12.20 75.58
N GLN G 28 -16.78 11.23 74.74
CA GLN G 28 -17.27 11.17 73.37
C GLN G 28 -18.24 10.00 73.23
N HIS G 29 -19.19 10.13 72.31
CA HIS G 29 -20.17 9.07 72.10
C HIS G 29 -19.80 8.22 70.90
N ARG G 30 -19.39 6.98 71.16
CA ARG G 30 -18.98 6.06 70.11
C ARG G 30 -20.05 5.96 69.03
N GLU G 31 -21.31 6.09 69.44
CA GLU G 31 -22.43 6.01 68.52
C GLU G 31 -22.69 7.35 67.83
N LEU G 32 -23.07 8.35 68.61
CA LEU G 32 -23.35 9.68 68.07
C LEU G 32 -22.07 10.43 67.74
N ASP G 33 -22.16 11.75 67.74
CA ASP G 33 -21.02 12.60 67.42
C ASP G 33 -20.72 13.60 68.54
N LEU G 34 -21.51 13.57 69.60
CA LEU G 34 -21.31 14.48 70.72
C LEU G 34 -20.10 14.08 71.54
N LYS G 35 -19.26 15.06 71.87
CA LYS G 35 -18.06 14.80 72.64
C LYS G 35 -17.99 15.69 73.88
N ILE G 36 -19.15 16.13 74.36
CA ILE G 36 -19.20 16.99 75.53
C ILE G 36 -18.57 16.31 76.74
N ALA G 37 -17.72 17.03 77.45
CA ALA G 37 -17.03 16.49 78.62
C ALA G 37 -17.81 16.76 79.89
N ILE G 38 -17.72 15.83 80.83
CA ILE G 38 -18.39 15.97 82.11
C ILE G 38 -17.40 15.77 83.24
N LYS G 39 -17.63 16.44 84.36
CA LYS G 39 -16.73 16.33 85.51
C LYS G 39 -17.08 15.15 86.39
N SER G 40 -16.04 14.43 86.83
CA SER G 40 -16.22 13.27 87.69
C SER G 40 -15.90 13.64 89.14
N CYS G 41 -16.76 13.20 90.05
CA CYS G 41 -16.58 13.49 91.47
C CYS G 41 -15.38 12.76 92.05
N ARG G 42 -14.72 13.38 93.01
CA ARG G 42 -13.55 12.76 93.64
C ARG G 42 -14.00 11.52 94.41
N LEU G 43 -13.18 11.09 95.34
CA LEU G 43 -13.51 9.93 96.15
C LEU G 43 -14.71 10.22 97.05
N GLU G 44 -14.61 9.91 98.33
CA GLU G 44 -15.70 10.15 99.26
C GLU G 44 -15.72 11.59 99.75
N LEU G 45 -16.34 12.46 98.97
CA LEU G 45 -16.42 13.87 99.34
C LEU G 45 -17.05 14.02 100.71
N SER G 46 -16.46 14.86 101.55
CA SER G 46 -16.97 15.08 102.89
C SER G 46 -18.42 15.55 102.85
N THR G 47 -19.16 15.25 103.90
CA THR G 47 -20.57 15.63 103.99
C THR G 47 -20.72 17.13 103.81
N LYS G 48 -19.82 17.89 104.42
CA LYS G 48 -19.86 19.34 104.32
C LYS G 48 -19.44 19.81 102.93
N ASN G 49 -18.55 19.03 102.31
CA ASN G 49 -18.07 19.39 100.98
C ASN G 49 -19.11 19.04 99.94
N ARG G 50 -20.03 18.17 100.31
CA ARG G 50 -21.08 17.74 99.39
C ARG G 50 -21.90 18.92 98.86
N GLU G 51 -22.14 19.90 99.72
CA GLU G 51 -22.92 21.06 99.33
C GLU G 51 -22.12 21.96 98.39
N ARG G 52 -20.81 21.80 98.42
CA ARG G 52 -19.95 22.60 97.58
C ARG G 52 -20.08 22.17 96.13
N TRP G 53 -20.13 20.86 95.90
CA TRP G 53 -20.22 20.33 94.56
C TRP G 53 -21.57 20.65 93.94
N CYS G 54 -22.62 20.38 94.70
CA CYS G 54 -23.96 20.65 94.21
C CYS G 54 -24.12 22.15 93.99
N HIS G 55 -23.22 22.91 94.58
CA HIS G 55 -23.27 24.36 94.45
C HIS G 55 -22.71 24.80 93.11
N GLU G 56 -21.58 24.22 92.74
CA GLU G 56 -20.93 24.56 91.48
C GLU G 56 -21.88 24.35 90.30
N ILE G 57 -22.45 23.16 90.22
CA ILE G 57 -23.37 22.85 89.14
C ILE G 57 -24.53 23.83 89.12
N GLN G 58 -24.88 24.35 90.29
CA GLN G 58 -25.97 25.29 90.40
C GLN G 58 -25.66 26.56 89.62
N ILE G 59 -24.66 27.29 90.08
CA ILE G 59 -24.27 28.54 89.43
C ILE G 59 -23.75 28.32 88.02
N MET G 60 -23.23 27.13 87.75
CA MET G 60 -22.70 26.83 86.43
C MET G 60 -23.80 26.86 85.40
N LYS G 61 -24.98 26.38 85.76
CA LYS G 61 -26.10 26.35 84.84
C LYS G 61 -26.65 27.75 84.68
N LYS G 62 -26.25 28.64 85.57
CA LYS G 62 -26.71 30.01 85.53
C LYS G 62 -25.94 30.77 84.45
N LEU G 63 -24.73 30.30 84.17
CA LEU G 63 -23.88 30.93 83.16
C LEU G 63 -24.26 30.42 81.78
N ASN G 64 -24.73 31.35 80.95
CA ASN G 64 -25.14 31.03 79.59
C ASN G 64 -24.39 31.89 78.58
N HIS G 65 -23.41 32.64 79.08
CA HIS G 65 -22.61 33.49 78.22
C HIS G 65 -21.77 32.61 77.29
N ALA G 66 -22.04 32.70 76.00
CA ALA G 66 -21.34 31.91 75.00
C ALA G 66 -19.83 32.19 74.99
N ASN G 67 -19.39 33.14 75.81
CA ASN G 67 -17.98 33.48 75.85
C ASN G 67 -17.35 33.06 77.18
N VAL G 68 -17.56 31.80 77.54
CA VAL G 68 -17.03 31.23 78.79
C VAL G 68 -17.44 29.77 78.83
N VAL G 69 -17.19 29.10 79.95
CA VAL G 69 -17.55 27.70 80.08
C VAL G 69 -19.06 27.52 80.24
N LYS G 70 -19.65 26.78 79.32
CA LYS G 70 -21.09 26.52 79.36
C LYS G 70 -21.35 25.07 79.73
N ALA G 71 -22.09 24.86 80.81
CA ALA G 71 -22.43 23.52 81.26
C ALA G 71 -23.59 22.94 80.43
N CYS G 72 -23.64 21.62 80.30
CA CYS G 72 -24.69 20.97 79.54
C CYS G 72 -25.50 20.02 80.42
N ASP G 73 -26.61 19.55 79.87
CA ASP G 73 -27.48 18.62 80.58
C ASP G 73 -26.85 17.23 80.60
N VAL G 74 -26.79 16.62 81.78
CA VAL G 74 -26.21 15.29 81.91
C VAL G 74 -26.97 14.30 81.03
N PRO G 75 -26.26 13.64 80.10
CA PRO G 75 -26.84 12.67 79.17
C PRO G 75 -27.45 11.42 79.81
N GLU G 76 -27.45 10.33 79.07
CA GLU G 76 -28.01 9.06 79.52
C GLU G 76 -27.45 8.61 80.86
N GLU G 77 -26.18 8.90 81.12
CA GLU G 77 -25.56 8.50 82.37
C GLU G 77 -25.57 9.61 83.42
N LEU G 78 -26.35 9.41 84.48
CA LEU G 78 -26.46 10.37 85.58
C LEU G 78 -25.82 9.79 86.82
N ASN G 79 -26.39 8.70 87.31
CA ASN G 79 -25.89 8.02 88.51
C ASN G 79 -25.54 9.08 89.55
N ILE G 80 -24.52 8.79 90.37
CA ILE G 80 -24.07 9.72 91.41
C ILE G 80 -22.55 9.65 91.52
N LEU G 81 -21.93 9.23 90.43
CA LEU G 81 -20.48 9.10 90.38
C LEU G 81 -19.97 8.30 91.57
N ILE G 82 -19.30 8.95 92.51
CA ILE G 82 -18.78 8.25 93.66
C ILE G 82 -19.69 8.39 94.87
N HIS G 83 -19.53 9.45 95.64
CA HIS G 83 -20.37 9.63 96.81
C HIS G 83 -21.72 10.15 96.36
N ASP G 84 -22.46 10.79 97.27
CA ASP G 84 -23.77 11.34 96.94
C ASP G 84 -23.60 12.63 96.15
N VAL G 85 -23.04 12.50 94.94
CA VAL G 85 -22.80 13.65 94.07
C VAL G 85 -23.16 13.39 92.61
N PRO G 86 -23.87 14.32 91.97
CA PRO G 86 -24.26 14.14 90.56
C PRO G 86 -23.04 14.33 89.68
N LEU G 87 -23.19 15.04 88.58
CA LEU G 87 -22.10 15.32 87.65
C LEU G 87 -22.17 16.73 87.11
N LEU G 88 -21.20 17.08 86.27
CA LEU G 88 -21.16 18.42 85.68
C LEU G 88 -20.81 18.34 84.20
N ALA G 89 -21.85 18.33 83.36
CA ALA G 89 -21.64 18.27 81.92
C ALA G 89 -21.35 19.67 81.40
N MET G 90 -20.56 19.75 80.33
CA MET G 90 -20.21 21.04 79.76
C MET G 90 -19.61 20.92 78.37
N GLU G 91 -19.66 22.00 77.61
CA GLU G 91 -19.13 22.03 76.25
C GLU G 91 -17.63 21.74 76.23
N TYR G 92 -17.20 21.02 75.19
CA TYR G 92 -15.79 20.67 75.05
C TYR G 92 -15.12 21.50 73.98
N CYS G 93 -13.83 21.76 74.15
CA CYS G 93 -13.06 22.54 73.19
C CYS G 93 -11.72 21.90 72.94
N SER G 94 -11.49 21.47 71.71
CA SER G 94 -10.24 20.83 71.34
C SER G 94 -9.11 21.84 71.14
N GLY G 95 -9.45 23.12 71.21
CA GLY G 95 -8.46 24.16 71.03
C GLY G 95 -7.42 24.19 72.14
N GLY G 96 -7.55 23.27 73.08
CA GLY G 96 -6.60 23.20 74.17
C GLY G 96 -6.65 24.43 75.05
N ASP G 97 -5.92 24.40 76.16
CA ASP G 97 -5.89 25.52 77.09
C ASP G 97 -5.07 26.67 76.51
N LEU G 98 -4.98 27.77 77.26
CA LEU G 98 -4.24 28.95 76.83
C LEU G 98 -2.75 28.72 76.93
N ARG G 99 -2.35 27.93 77.92
CA ARG G 99 -0.94 27.61 78.13
C ARG G 99 -0.32 27.02 76.87
N LYS G 100 -1.15 26.41 76.04
CA LYS G 100 -0.67 25.82 74.81
C LYS G 100 -0.14 26.93 73.90
N LEU G 101 -1.02 27.86 73.56
CA LEU G 101 -0.67 28.97 72.69
C LEU G 101 0.46 29.78 73.27
N LEU G 102 0.56 29.78 74.59
CA LEU G 102 1.62 30.53 75.27
C LEU G 102 2.96 29.84 75.14
N ASN G 103 2.97 28.52 75.26
CA ASN G 103 4.20 27.76 75.18
C ASN G 103 4.70 27.60 73.75
N LYS G 104 3.86 27.97 72.78
CA LYS G 104 4.24 27.85 71.38
C LYS G 104 5.51 28.66 71.08
N PRO G 105 6.55 27.98 70.57
CA PRO G 105 7.81 28.63 70.23
C PRO G 105 7.62 29.84 69.34
N GLU G 106 6.65 29.75 68.42
CA GLU G 106 6.37 30.84 67.50
C GLU G 106 5.99 32.09 68.27
N ASN G 107 5.38 31.87 69.44
CA ASN G 107 4.96 32.96 70.29
C ASN G 107 5.76 32.92 71.58
N CYS G 108 7.03 32.55 71.48
CA CYS G 108 7.89 32.45 72.65
C CYS G 108 8.27 33.82 73.18
N CYS G 109 8.04 34.86 72.38
CA CYS G 109 8.38 36.21 72.79
C CYS G 109 7.15 37.11 72.79
N GLY G 110 5.97 36.49 72.79
CA GLY G 110 4.73 37.25 72.79
C GLY G 110 3.87 36.96 71.58
N LEU G 111 2.61 36.58 71.83
CA LEU G 111 1.69 36.26 70.74
C LEU G 111 1.55 37.45 69.79
N LYS G 112 0.91 37.22 68.66
CA LYS G 112 0.71 38.29 67.67
C LYS G 112 -0.44 39.20 68.09
N GLU G 113 -0.30 40.47 67.75
CA GLU G 113 -1.29 41.48 68.09
C GLU G 113 -2.72 40.96 67.97
N SER G 114 -2.97 40.19 66.92
CA SER G 114 -4.30 39.65 66.68
C SER G 114 -4.78 38.84 67.88
N GLN G 115 -4.05 37.79 68.21
CA GLN G 115 -4.40 36.92 69.32
C GLN G 115 -4.49 37.70 70.62
N ILE G 116 -3.56 38.63 70.81
CA ILE G 116 -3.53 39.43 72.03
C ILE G 116 -4.88 40.11 72.30
N LEU G 117 -5.20 41.09 71.46
CA LEU G 117 -6.45 41.81 71.60
C LEU G 117 -7.64 40.87 71.55
N SER G 118 -7.50 39.78 70.81
CA SER G 118 -8.57 38.80 70.68
C SER G 118 -8.84 38.10 72.02
N LEU G 119 -7.95 38.32 72.97
CA LEU G 119 -8.10 37.71 74.28
C LEU G 119 -8.79 38.70 75.23
N LEU G 120 -8.55 39.98 75.01
CA LEU G 120 -9.14 41.01 75.83
C LEU G 120 -10.63 41.08 75.56
N SER G 121 -10.98 41.15 74.28
CA SER G 121 -12.38 41.24 73.88
C SER G 121 -13.12 39.98 74.28
N ASP G 122 -12.37 38.91 74.55
CA ASP G 122 -12.96 37.65 74.95
C ASP G 122 -12.99 37.51 76.46
N ILE G 123 -11.83 37.27 77.06
CA ILE G 123 -11.74 37.10 78.51
C ILE G 123 -12.25 38.33 79.24
N GLY G 124 -12.01 39.50 78.64
CA GLY G 124 -12.46 40.73 79.25
C GLY G 124 -13.97 40.80 79.35
N SER G 125 -14.67 40.19 78.39
CA SER G 125 -16.13 40.20 78.38
C SER G 125 -16.66 39.15 79.33
N GLY G 126 -16.06 37.96 79.29
CA GLY G 126 -16.50 36.90 80.15
C GLY G 126 -16.22 37.20 81.61
N ILE G 127 -15.04 37.75 81.87
CA ILE G 127 -14.66 38.08 83.23
C ILE G 127 -15.62 39.13 83.78
N ARG G 128 -16.18 39.93 82.88
CA ARG G 128 -17.11 40.97 83.26
C ARG G 128 -18.47 40.34 83.54
N TYR G 129 -18.86 39.40 82.70
CA TYR G 129 -20.14 38.72 82.85
C TYR G 129 -20.25 38.09 84.23
N LEU G 130 -19.22 37.37 84.64
CA LEU G 130 -19.21 36.72 85.93
C LEU G 130 -19.45 37.73 87.05
N HIS G 131 -18.97 38.95 86.82
CA HIS G 131 -19.15 40.02 87.80
C HIS G 131 -20.56 40.55 87.78
N GLU G 132 -21.32 40.18 86.75
CA GLU G 132 -22.70 40.63 86.61
C GLU G 132 -23.63 39.60 87.23
N ASN G 133 -23.05 38.65 87.95
CA ASN G 133 -23.82 37.60 88.61
C ASN G 133 -23.26 37.37 90.01
N LYS G 134 -22.53 38.37 90.50
CA LYS G 134 -21.90 38.30 91.81
C LYS G 134 -21.00 37.09 91.93
N ILE G 135 -20.57 36.57 90.79
CA ILE G 135 -19.67 35.43 90.76
C ILE G 135 -18.25 35.91 90.48
N ILE G 136 -17.36 35.73 91.45
CA ILE G 136 -15.98 36.16 91.31
C ILE G 136 -14.99 35.00 91.26
N HIS G 137 -14.30 34.89 90.14
CA HIS G 137 -13.33 33.82 89.95
C HIS G 137 -11.93 34.39 90.05
N ARG G 138 -11.32 34.24 91.22
CA ARG G 138 -9.99 34.78 91.43
C ARG G 138 -8.89 33.90 90.86
N ASP G 139 -9.12 32.59 90.84
CA ASP G 139 -8.12 31.66 90.34
C ASP G 139 -8.06 31.70 88.83
N LEU G 140 -8.18 32.91 88.28
CA LEU G 140 -8.13 33.08 86.83
C LEU G 140 -6.71 32.92 86.29
N LYS G 141 -6.23 31.68 86.27
CA LYS G 141 -4.90 31.40 85.77
C LYS G 141 -4.95 30.87 84.33
N PRO G 142 -3.92 31.13 83.54
CA PRO G 142 -3.83 30.70 82.14
C PRO G 142 -4.31 29.27 81.89
N GLU G 143 -3.95 28.35 82.78
CA GLU G 143 -4.33 26.96 82.64
C GLU G 143 -5.81 26.76 82.90
N ASN G 144 -6.57 27.85 82.84
CA ASN G 144 -8.02 27.78 83.06
C ASN G 144 -8.77 28.54 81.96
N ILE G 145 -8.10 28.77 80.84
CA ILE G 145 -8.71 29.46 79.73
C ILE G 145 -8.66 28.59 78.48
N VAL G 146 -9.73 27.84 78.24
CA VAL G 146 -9.80 26.96 77.08
C VAL G 146 -10.02 27.73 75.79
N LEU G 147 -9.63 27.12 74.68
CA LEU G 147 -9.79 27.73 73.36
C LEU G 147 -10.63 26.85 72.45
N GLN G 148 -11.29 27.46 71.47
CA GLN G 148 -12.12 26.72 70.54
C GLN G 148 -12.17 27.41 69.18
N ASP G 149 -12.23 26.61 68.11
CA ASP G 149 -12.26 27.15 66.76
C ASP G 149 -13.69 27.32 66.31
N VAL G 150 -14.45 28.10 67.08
CA VAL G 150 -15.85 28.35 66.76
C VAL G 150 -15.98 29.05 65.41
N GLY G 151 -16.22 28.27 64.37
CA GLY G 151 -16.36 28.83 63.05
C GLY G 151 -15.04 28.91 62.32
N GLY G 152 -14.24 29.91 62.68
CA GLY G 152 -12.95 30.07 62.02
C GLY G 152 -11.93 30.75 62.92
N LYS G 153 -12.38 31.68 63.76
CA LYS G 153 -11.49 32.38 64.67
C LYS G 153 -11.42 31.70 66.03
N ILE G 154 -10.33 31.95 66.75
CA ILE G 154 -10.14 31.36 68.07
C ILE G 154 -11.00 32.06 69.11
N ILE G 155 -11.75 31.28 69.88
CA ILE G 155 -12.62 31.83 70.91
C ILE G 155 -12.15 31.44 72.31
N HIS G 156 -11.69 32.41 73.06
CA HIS G 156 -11.19 32.17 74.41
C HIS G 156 -12.38 32.06 75.36
N LYS G 157 -12.30 31.13 76.31
CA LYS G 157 -13.38 30.95 77.27
C LYS G 157 -12.86 30.57 78.65
N ILE G 158 -13.39 31.24 79.67
CA ILE G 158 -12.99 30.97 81.04
C ILE G 158 -13.60 29.63 81.41
N ILE G 159 -13.03 28.94 82.40
CA ILE G 159 -13.57 27.65 82.78
C ILE G 159 -13.20 27.25 84.21
N ASP G 160 -13.97 26.33 84.78
CA ASP G 160 -13.75 25.83 86.14
C ASP G 160 -13.92 26.93 87.17
N LEU G 161 -14.91 26.76 88.04
CA LEU G 161 -15.17 27.75 89.07
C LEU G 161 -15.21 27.09 90.43
N GLY G 162 -14.74 25.85 90.49
CA GLY G 162 -14.73 25.11 91.75
C GLY G 162 -13.90 25.78 92.84
N TYR G 163 -13.25 26.90 92.51
CA TYR G 163 -12.43 27.61 93.48
C TYR G 163 -12.94 29.04 93.70
N ALA G 164 -13.58 29.61 92.69
CA ALA G 164 -14.09 30.97 92.76
C ALA G 164 -15.02 31.17 93.97
N LYS G 165 -15.20 32.43 94.34
CA LYS G 165 -16.07 32.78 95.46
C LYS G 165 -17.37 33.38 94.94
N ASP G 166 -18.38 33.43 95.79
CA ASP G 166 -19.67 33.99 95.41
C ASP G 166 -20.25 34.74 96.61
N VAL G 167 -21.56 35.03 96.56
CA VAL G 167 -22.22 35.75 97.65
C VAL G 167 -23.26 34.88 98.36
N ASP G 168 -24.00 34.10 97.57
CA ASP G 168 -25.04 33.24 98.12
C ASP G 168 -24.49 32.01 98.85
N GLN G 169 -25.35 31.01 99.01
CA GLN G 169 -24.99 29.77 99.71
C GLN G 169 -23.92 28.97 98.99
N GLY G 170 -22.90 28.56 99.75
CA GLY G 170 -21.82 27.78 99.18
C GLY G 170 -20.60 28.58 98.75
N GLU G 171 -20.66 29.89 98.95
CA GLU G 171 -19.57 30.78 98.58
C GLU G 171 -18.22 30.34 99.12
N LEU G 172 -17.16 30.72 98.42
CA LEU G 172 -15.79 30.39 98.79
C LEU G 172 -15.49 28.90 98.76
N CYS G 173 -14.20 28.56 98.79
CA CYS G 173 -13.74 27.17 98.78
C CYS G 173 -12.38 27.09 99.47
N THR G 174 -11.33 26.88 98.68
CA THR G 174 -9.98 26.78 99.21
C THR G 174 -9.06 27.69 98.39
N GLU G 175 -8.89 28.92 98.85
CA GLU G 175 -8.05 29.90 98.16
C GLU G 175 -6.78 29.28 97.57
N PHE G 176 -6.08 28.53 98.41
CA PHE G 176 -4.85 27.87 98.04
C PHE G 176 -5.08 26.73 97.04
N VAL G 177 -4.57 26.92 95.83
CA VAL G 177 -4.71 25.92 94.76
C VAL G 177 -3.38 25.17 94.55
N GLY G 178 -2.52 25.74 93.70
CA GLY G 178 -1.24 25.12 93.43
C GLY G 178 -0.36 25.98 92.55
N THR G 179 0.89 26.16 92.96
CA THR G 179 1.87 26.96 92.23
C THR G 179 1.23 28.24 91.73
N LEU G 180 1.01 29.17 92.64
CA LEU G 180 0.38 30.42 92.25
C LEU G 180 1.37 31.33 91.59
N GLN G 181 0.91 32.03 90.56
CA GLN G 181 1.76 32.95 89.82
C GLN G 181 0.85 33.99 89.20
N TYR G 182 -0.44 33.69 89.19
CA TYR G 182 -1.41 34.60 88.58
C TYR G 182 -2.63 34.82 89.45
N LEU G 183 -2.41 35.44 90.62
CA LEU G 183 -3.48 35.76 91.54
C LEU G 183 -3.12 36.99 92.37
N ALA G 184 -4.11 37.84 92.63
CA ALA G 184 -3.89 39.05 93.41
C ALA G 184 -3.33 38.71 94.78
N PRO G 185 -2.51 39.61 95.34
CA PRO G 185 -1.90 39.42 96.65
C PRO G 185 -2.89 39.46 97.80
N GLU G 186 -4.17 39.37 97.47
CA GLU G 186 -5.20 39.41 98.50
C GLU G 186 -5.26 38.10 99.26
N LEU G 187 -5.50 37.01 98.54
CA LEU G 187 -5.60 35.71 99.17
C LEU G 187 -4.31 35.23 99.81
N PHE G 188 -3.25 36.02 99.68
CA PHE G 188 -1.97 35.65 100.24
C PHE G 188 -1.90 36.03 101.71
N GLU G 189 -2.91 36.74 102.18
CA GLU G 189 -2.96 37.18 103.56
C GLU G 189 -4.23 36.67 104.23
N ASN G 190 -5.10 36.05 103.45
CA ASN G 190 -6.37 35.52 103.95
C ASN G 190 -7.19 36.63 104.61
N LYS G 191 -6.80 37.88 104.38
CA LYS G 191 -7.50 39.02 104.94
C LYS G 191 -8.70 39.38 104.06
N PRO G 192 -9.57 40.28 104.54
CA PRO G 192 -10.76 40.68 103.79
C PRO G 192 -10.44 41.06 102.35
N TYR G 193 -10.76 40.14 101.42
CA TYR G 193 -10.50 40.35 100.00
C TYR G 193 -11.54 41.25 99.38
N THR G 194 -11.45 41.45 98.07
CA THR G 194 -12.40 42.30 97.36
C THR G 194 -12.86 41.63 96.07
N ALA G 195 -13.50 42.41 95.21
CA ALA G 195 -14.00 41.88 93.95
C ALA G 195 -13.03 42.20 92.82
N THR G 196 -12.02 43.01 93.13
CA THR G 196 -11.04 43.39 92.13
C THR G 196 -9.96 42.32 91.97
N VAL G 197 -10.00 41.33 92.85
CA VAL G 197 -9.03 40.24 92.81
C VAL G 197 -8.92 39.63 91.42
N ASP G 198 -10.01 39.67 90.67
CA ASP G 198 -10.03 39.11 89.32
C ASP G 198 -9.27 39.99 88.36
N TYR G 199 -9.39 41.30 88.52
CA TYR G 199 -8.71 42.23 87.64
C TYR G 199 -7.21 41.96 87.56
N TRP G 200 -6.63 41.54 88.67
CA TRP G 200 -5.20 41.26 88.70
C TRP G 200 -4.87 40.04 87.86
N SER G 201 -5.62 38.96 88.09
CA SER G 201 -5.39 37.73 87.36
C SER G 201 -5.46 37.97 85.85
N PHE G 202 -6.45 38.74 85.43
CA PHE G 202 -6.63 39.03 84.02
C PHE G 202 -5.51 39.91 83.48
N GLY G 203 -5.16 40.91 84.27
CA GLY G 203 -4.11 41.81 83.87
C GLY G 203 -2.78 41.11 83.68
N THR G 204 -2.38 40.33 84.68
CA THR G 204 -1.12 39.62 84.62
C THR G 204 -0.99 38.79 83.36
N MET G 205 -2.06 38.10 82.98
CA MET G 205 -2.03 37.29 81.77
C MET G 205 -1.89 38.15 80.51
N VAL G 206 -2.66 39.23 80.46
CA VAL G 206 -2.63 40.12 79.31
C VAL G 206 -1.19 40.56 79.04
N PHE G 207 -0.47 40.83 80.11
CA PHE G 207 0.93 41.25 80.00
C PHE G 207 1.75 40.13 79.37
N GLU G 208 1.63 38.94 79.95
CA GLU G 208 2.37 37.79 79.46
C GLU G 208 2.04 37.48 78.02
N CYS G 209 0.81 37.79 77.61
CA CYS G 209 0.41 37.55 76.23
C CYS G 209 1.01 38.57 75.29
N ILE G 210 1.95 39.35 75.80
CA ILE G 210 2.60 40.35 74.99
C ILE G 210 4.11 40.21 75.17
N ALA G 211 4.53 39.85 76.37
CA ALA G 211 5.95 39.71 76.68
C ALA G 211 6.36 38.26 76.60
N GLY G 212 5.54 37.39 77.17
CA GLY G 212 5.86 35.98 77.15
C GLY G 212 6.23 35.44 78.51
N TYR G 213 6.11 36.28 79.52
CA TYR G 213 6.42 35.88 80.88
C TYR G 213 5.70 36.73 81.91
N ARG G 214 5.92 36.41 83.19
CA ARG G 214 5.27 37.13 84.31
C ARG G 214 5.41 38.64 84.19
N PRO G 215 4.53 39.38 84.86
CA PRO G 215 4.53 40.84 84.82
C PRO G 215 5.67 41.44 85.65
N PHE G 216 6.17 40.66 86.59
CA PHE G 216 7.26 41.12 87.45
C PHE G 216 8.46 40.19 87.38
N LEU G 217 8.65 39.37 88.41
CA LEU G 217 9.76 38.42 88.44
C LEU G 217 9.40 37.16 87.63
N HIS G 218 10.13 36.97 86.54
CA HIS G 218 9.90 35.84 85.65
C HIS G 218 10.44 34.54 86.22
N HIS G 219 9.58 33.52 86.18
CA HIS G 219 9.91 32.19 86.64
C HIS G 219 10.41 32.20 88.08
N LEU G 220 9.97 33.20 88.84
CA LEU G 220 10.33 33.30 90.25
C LEU G 220 9.20 32.91 91.19
N GLN G 221 9.56 32.33 92.34
CA GLN G 221 8.58 31.87 93.31
C GLN G 221 7.80 33.06 93.84
N PRO G 222 6.46 32.98 93.85
CA PRO G 222 5.65 34.10 94.36
C PRO G 222 5.96 34.47 95.82
N PHE G 223 6.61 33.54 96.54
CA PHE G 223 6.97 33.77 97.93
C PHE G 223 7.98 34.92 98.01
N THR G 224 8.94 34.94 97.08
CA THR G 224 9.95 35.99 97.03
C THR G 224 9.62 37.00 95.91
N TRP G 225 8.42 36.86 95.36
CA TRP G 225 7.95 37.72 94.30
C TRP G 225 7.42 39.01 94.90
N HIS G 226 6.35 38.92 95.71
CA HIS G 226 5.75 40.09 96.35
C HIS G 226 6.76 40.81 97.23
N GLU G 227 7.51 40.04 98.01
CA GLU G 227 8.53 40.57 98.92
C GLU G 227 9.50 41.55 98.25
N LYS G 228 9.76 41.35 96.96
CA LYS G 228 10.67 42.23 96.23
C LYS G 228 9.93 43.37 95.52
N ILE G 229 8.67 43.14 95.20
CA ILE G 229 7.85 44.18 94.56
C ILE G 229 6.87 44.83 95.55
N LYS G 230 7.01 44.49 96.82
CA LYS G 230 6.15 45.05 97.86
C LYS G 230 5.88 46.51 97.61
N LYS G 231 6.91 47.26 97.21
CA LYS G 231 6.77 48.68 96.93
C LYS G 231 5.95 48.84 95.64
N LYS G 232 6.33 48.08 94.62
CA LYS G 232 5.65 48.11 93.34
C LYS G 232 5.36 49.56 92.96
N ASP G 233 6.36 50.21 92.37
CA ASP G 233 6.21 51.60 91.96
C ASP G 233 4.81 51.86 91.42
N PRO G 234 4.27 53.06 91.69
CA PRO G 234 2.93 53.41 91.23
C PRO G 234 2.72 53.18 89.73
N LYS G 235 1.82 52.26 89.40
CA LYS G 235 1.51 51.93 88.01
C LYS G 235 2.59 51.07 87.34
N CYS G 236 3.39 50.36 88.13
CA CYS G 236 4.43 49.51 87.59
C CYS G 236 3.84 48.23 87.02
N ILE G 237 4.34 47.78 85.87
CA ILE G 237 3.84 46.58 85.24
C ILE G 237 4.95 45.66 84.76
N PHE G 238 6.15 45.82 85.34
CA PHE G 238 7.28 45.00 84.96
C PHE G 238 8.43 45.13 85.95
N ALA G 239 9.16 44.04 86.15
CA ALA G 239 10.28 44.03 87.09
C ALA G 239 11.06 42.73 86.99
N CYS G 240 12.08 42.73 86.14
CA CYS G 240 12.91 41.54 85.97
C CYS G 240 14.18 41.66 86.78
N GLU G 241 15.10 40.72 86.58
CA GLU G 241 16.36 40.71 87.29
C GLU G 241 17.53 40.84 86.32
N GLU G 242 18.31 41.91 86.49
CA GLU G 242 19.47 42.19 85.64
C GLU G 242 20.43 41.00 85.63
N MET G 243 21.30 40.98 84.62
CA MET G 243 22.28 39.92 84.47
C MET G 243 23.08 39.74 85.76
N SER G 244 23.27 40.84 86.47
CA SER G 244 24.02 40.81 87.72
C SER G 244 23.11 40.50 88.89
N GLY G 245 22.03 39.78 88.62
CA GLY G 245 21.11 39.42 89.67
C GLY G 245 20.34 40.60 90.25
N GLU G 246 20.72 41.81 89.87
CA GLU G 246 20.05 43.01 90.35
C GLU G 246 18.56 43.01 90.02
N VAL G 247 17.82 43.95 90.58
CA VAL G 247 16.39 44.07 90.33
C VAL G 247 16.03 45.43 89.77
N ARG G 248 15.29 45.45 88.67
CA ARG G 248 14.90 46.70 88.03
C ARG G 248 13.38 46.77 87.85
N PHE G 249 12.82 47.94 88.14
CA PHE G 249 11.38 48.16 88.01
C PHE G 249 11.08 49.09 86.83
N SER G 250 9.85 49.03 86.34
CA SER G 250 9.45 49.87 85.21
C SER G 250 7.94 49.80 84.99
N SER G 251 7.36 50.94 84.61
CA SER G 251 5.92 51.02 84.36
C SER G 251 5.66 51.00 82.86
N HIS G 252 6.67 50.63 82.09
CA HIS G 252 6.54 50.58 80.63
C HIS G 252 6.33 49.15 80.16
N LEU G 253 6.13 48.98 78.85
CA LEU G 253 5.91 47.65 78.29
C LEU G 253 7.18 47.18 77.59
N PRO G 254 7.81 46.12 78.12
CA PRO G 254 9.05 45.54 77.58
C PRO G 254 9.04 45.27 76.09
N GLN G 255 10.21 44.96 75.54
CA GLN G 255 10.37 44.68 74.12
C GLN G 255 11.13 43.38 73.94
N PRO G 256 10.93 42.69 72.81
CA PRO G 256 10.03 43.08 71.73
C PRO G 256 8.61 42.61 71.96
N ASN G 257 7.64 43.34 71.40
CA ASN G 257 6.22 42.99 71.54
C ASN G 257 5.61 42.72 70.17
N SER G 258 4.29 42.85 70.09
CA SER G 258 3.61 42.62 68.82
C SER G 258 2.54 43.69 68.59
N LEU G 259 2.41 44.58 69.56
CA LEU G 259 1.42 45.65 69.47
C LEU G 259 1.96 46.76 68.57
N CYS G 260 1.06 47.48 67.90
CA CYS G 260 1.48 48.56 67.01
C CYS G 260 1.95 49.75 67.84
N SER G 261 2.52 50.74 67.17
CA SER G 261 3.02 51.93 67.85
C SER G 261 1.90 52.82 68.38
N LEU G 262 0.65 52.35 68.30
CA LEU G 262 -0.47 53.13 68.77
C LEU G 262 -1.18 52.45 69.93
N ILE G 263 -1.35 51.14 69.83
CA ILE G 263 -2.02 50.39 70.87
C ILE G 263 -1.20 50.36 72.16
N VAL G 264 0.07 50.74 72.04
CA VAL G 264 0.96 50.76 73.19
C VAL G 264 0.54 51.76 74.26
N GLU G 265 0.25 52.98 73.82
CA GLU G 265 -0.15 54.04 74.73
C GLU G 265 -1.28 53.62 75.68
N PRO G 266 -2.33 53.00 75.14
CA PRO G 266 -3.44 52.57 76.00
C PRO G 266 -3.18 51.25 76.72
N MET G 267 -2.50 50.34 76.05
CA MET G 267 -2.22 49.03 76.63
C MET G 267 -1.44 49.16 77.92
N GLU G 268 -0.42 50.01 77.90
CA GLU G 268 0.40 50.21 79.08
C GLU G 268 -0.43 50.76 80.23
N ASN G 269 -1.19 51.81 79.94
CA ASN G 269 -2.01 52.45 80.95
C ASN G 269 -3.03 51.47 81.50
N TRP G 270 -3.57 50.64 80.61
CA TRP G 270 -4.56 49.65 81.02
C TRP G 270 -3.95 48.70 82.05
N LEU G 271 -2.82 48.11 81.69
CA LEU G 271 -2.13 47.16 82.55
C LEU G 271 -1.82 47.79 83.89
N GLN G 272 -1.62 49.10 83.88
CA GLN G 272 -1.29 49.81 85.10
C GLN G 272 -2.41 49.74 86.14
N LEU G 273 -3.64 49.98 85.71
CA LEU G 273 -4.76 49.92 86.64
C LEU G 273 -5.12 48.49 86.98
N MET G 274 -4.66 47.56 86.16
CA MET G 274 -4.95 46.16 86.38
C MET G 274 -3.87 45.51 87.23
N LEU G 275 -2.70 46.16 87.27
CA LEU G 275 -1.59 45.63 88.03
C LEU G 275 -1.14 46.61 89.09
N ASN G 276 -2.02 46.91 90.04
CA ASN G 276 -1.69 47.83 91.11
C ASN G 276 -1.55 47.05 92.39
N TRP G 277 -0.38 47.14 93.03
CA TRP G 277 -0.10 46.41 94.27
C TRP G 277 -1.24 46.49 95.30
N ASP G 278 -2.09 47.52 95.17
CA ASP G 278 -3.19 47.69 96.10
C ASP G 278 -4.47 47.17 95.47
N PRO G 279 -5.28 46.42 96.24
CA PRO G 279 -6.54 45.86 95.75
C PRO G 279 -7.60 46.93 95.48
N GLN G 280 -7.70 47.90 96.38
CA GLN G 280 -8.68 48.97 96.26
C GLN G 280 -8.34 49.93 95.11
N GLN G 281 -7.08 50.33 95.03
CA GLN G 281 -6.64 51.25 93.99
C GLN G 281 -6.67 50.70 92.57
N ARG G 282 -6.85 49.39 92.42
CA ARG G 282 -6.89 48.81 91.09
C ARG G 282 -8.16 49.23 90.35
N GLY G 283 -8.02 50.17 89.42
CA GLY G 283 -9.15 50.66 88.65
C GLY G 283 -10.05 51.56 89.47
N GLY G 284 -9.45 52.23 90.46
CA GLY G 284 -10.21 53.13 91.31
C GLY G 284 -11.25 53.93 90.55
N PRO G 285 -10.86 54.61 89.46
CA PRO G 285 -11.80 55.40 88.66
C PRO G 285 -13.03 54.60 88.25
N VAL G 286 -14.21 55.13 88.56
CA VAL G 286 -15.47 54.48 88.21
C VAL G 286 -16.43 55.47 87.56
N ASP G 287 -16.19 55.75 86.28
CA ASP G 287 -17.01 56.68 85.52
C ASP G 287 -18.48 56.24 85.57
N LEU G 288 -19.29 57.01 86.28
CA LEU G 288 -20.70 56.69 86.43
C LEU G 288 -21.46 56.71 85.10
N THR G 289 -20.87 57.36 84.09
CA THR G 289 -21.51 57.44 82.78
C THR G 289 -21.74 56.04 82.22
N LEU G 290 -20.89 55.10 82.63
CA LEU G 290 -20.99 53.72 82.19
C LEU G 290 -20.95 52.75 83.37
N LYS G 291 -20.73 53.30 84.56
CA LYS G 291 -20.67 52.52 85.79
C LYS G 291 -19.45 51.61 85.84
N GLN G 292 -18.92 51.26 84.67
CA GLN G 292 -17.75 50.39 84.60
C GLN G 292 -16.50 51.17 84.99
N PRO G 293 -15.61 50.53 85.76
CA PRO G 293 -14.37 51.19 86.19
C PRO G 293 -13.45 51.53 85.02
N ARG G 294 -12.51 52.43 85.25
CA ARG G 294 -11.58 52.84 84.20
C ARG G 294 -10.89 51.63 83.59
N CYS G 295 -11.01 50.49 84.26
CA CYS G 295 -10.39 49.25 83.76
C CYS G 295 -11.05 48.79 82.48
N PHE G 296 -12.37 48.70 82.51
CA PHE G 296 -13.11 48.27 81.34
C PHE G 296 -13.32 49.43 80.37
N VAL G 297 -13.11 50.64 80.85
CA VAL G 297 -13.28 51.82 80.01
C VAL G 297 -12.23 51.84 78.91
N LEU G 298 -10.96 51.80 79.29
CA LEU G 298 -9.87 51.80 78.33
C LEU G 298 -9.95 50.59 77.41
N MET G 299 -10.34 49.46 77.98
CA MET G 299 -10.44 48.23 77.22
C MET G 299 -11.36 48.47 76.03
N ASP G 300 -12.57 48.94 76.31
CA ASP G 300 -13.56 49.19 75.27
C ASP G 300 -13.08 50.31 74.37
N HIS G 301 -12.29 51.21 74.93
CA HIS G 301 -11.75 52.33 74.17
C HIS G 301 -10.74 51.83 73.17
N ILE G 302 -10.14 50.68 73.47
CA ILE G 302 -9.14 50.10 72.59
C ILE G 302 -9.78 49.21 71.54
N LEU G 303 -10.41 48.14 71.99
CA LEU G 303 -11.06 47.20 71.08
C LEU G 303 -11.91 47.91 70.03
N ASN G 304 -12.61 48.95 70.45
CA ASN G 304 -13.46 49.71 69.55
C ASN G 304 -12.68 50.80 68.83
N LEU G 305 -11.72 50.37 68.03
CA LEU G 305 -10.88 51.28 67.26
C LEU G 305 -10.64 50.74 65.87
N LYS G 306 -10.05 51.57 65.02
CA LYS G 306 -9.76 51.16 63.64
C LYS G 306 -8.30 50.78 63.50
N ILE G 307 -7.43 51.79 63.54
CA ILE G 307 -5.99 51.57 63.44
C ILE G 307 -5.66 50.72 62.22
N VAL G 308 -5.58 51.35 61.06
CA VAL G 308 -5.28 50.64 59.83
C VAL G 308 -3.78 50.60 59.58
N HIS G 309 -3.22 49.39 59.59
CA HIS G 309 -1.80 49.21 59.35
C HIS G 309 -1.48 49.43 57.87
N ILE G 310 -0.41 50.20 57.61
CA ILE G 310 -0.02 50.50 56.23
C ILE G 310 1.45 50.15 56.00
N LEU G 311 1.67 49.25 55.05
CA LEU G 311 3.01 48.80 54.70
C LEU G 311 3.55 49.58 53.49
N ASN G 312 4.63 50.33 53.71
CA ASN G 312 5.23 51.11 52.65
C ASN G 312 6.16 50.26 51.81
N MET G 313 5.74 49.94 50.59
CA MET G 313 6.55 49.12 49.71
C MET G 313 7.68 49.93 49.07
N THR G 314 8.20 50.89 49.81
CA THR G 314 9.29 51.72 49.32
C THR G 314 10.33 51.88 50.40
N SER G 315 9.96 51.52 51.63
CA SER G 315 10.86 51.62 52.77
C SER G 315 10.61 50.52 53.78
N ALA G 316 9.83 49.53 53.38
CA ALA G 316 9.52 48.40 54.25
C ALA G 316 8.99 48.84 55.61
N LYS G 317 8.46 50.06 55.66
CA LYS G 317 7.90 50.59 56.90
C LYS G 317 6.44 50.17 57.09
N ILE G 318 6.00 50.12 58.34
CA ILE G 318 4.62 49.73 58.64
C ILE G 318 3.98 50.80 59.51
N ILE G 319 3.63 51.92 58.90
CA ILE G 319 3.02 53.02 59.65
C ILE G 319 1.55 52.74 59.86
N SER G 320 1.07 52.94 61.10
CA SER G 320 -0.32 52.72 61.44
C SER G 320 -1.07 54.06 61.59
N PHE G 321 -2.36 54.05 61.28
CA PHE G 321 -3.18 55.26 61.38
C PHE G 321 -4.52 54.95 62.03
N LEU G 322 -4.73 55.48 63.23
CA LEU G 322 -5.97 55.26 63.95
C LEU G 322 -7.01 56.19 63.37
N LEU G 323 -7.68 55.74 62.31
CA LEU G 323 -8.69 56.54 61.64
C LEU G 323 -10.01 56.61 62.39
N PRO G 324 -10.64 57.78 62.42
CA PRO G 324 -11.91 58.01 63.11
C PRO G 324 -13.08 57.56 62.24
N PRO G 325 -14.26 57.36 62.84
CA PRO G 325 -15.45 56.94 62.11
C PRO G 325 -16.08 58.06 61.28
N ASP G 326 -15.26 58.90 60.68
CA ASP G 326 -15.75 60.00 59.87
C ASP G 326 -14.78 60.39 58.76
N GLU G 327 -13.49 60.45 59.10
CA GLU G 327 -12.45 60.81 58.16
C GLU G 327 -12.56 60.04 56.85
N SER G 328 -12.11 60.67 55.77
CA SER G 328 -12.15 60.06 54.44
C SER G 328 -10.74 59.67 54.02
N LEU G 329 -10.63 58.85 52.99
CA LEU G 329 -9.32 58.41 52.51
C LEU G 329 -8.54 59.61 52.00
N HIS G 330 -9.24 60.55 51.40
CA HIS G 330 -8.61 61.75 50.87
C HIS G 330 -8.11 62.60 52.03
N SER G 331 -8.67 62.35 53.20
CA SER G 331 -8.28 63.09 54.39
C SER G 331 -7.13 62.34 55.07
N LEU G 332 -7.01 61.06 54.73
CA LEU G 332 -5.95 60.21 55.28
C LEU G 332 -4.70 60.25 54.42
N GLN G 333 -4.88 60.21 53.11
CA GLN G 333 -3.76 60.25 52.19
C GLN G 333 -2.80 61.36 52.56
N SER G 334 -3.36 62.48 53.03
CA SER G 334 -2.56 63.62 53.41
C SER G 334 -1.74 63.27 54.64
N ARG G 335 -2.36 62.57 55.58
CA ARG G 335 -1.68 62.17 56.81
C ARG G 335 -0.47 61.32 56.47
N ILE G 336 -0.66 60.39 55.54
CA ILE G 336 0.40 59.49 55.12
C ILE G 336 1.59 60.28 54.57
N GLU G 337 1.28 61.30 53.79
CA GLU G 337 2.31 62.13 53.18
C GLU G 337 3.23 62.76 54.22
N ARG G 338 2.74 62.89 55.45
CA ARG G 338 3.51 63.49 56.52
C ARG G 338 4.52 62.52 57.12
N GLU G 339 4.33 61.23 56.86
CA GLU G 339 5.24 60.21 57.38
C GLU G 339 5.81 59.35 56.26
N THR G 340 5.71 59.84 55.04
CA THR G 340 6.23 59.11 53.88
C THR G 340 6.95 60.05 52.92
N GLY G 341 6.34 61.20 52.65
CA GLY G 341 6.93 62.16 51.75
C GLY G 341 6.43 61.97 50.34
N ILE G 342 5.49 61.05 50.17
CA ILE G 342 4.92 60.76 48.87
C ILE G 342 3.79 61.75 48.58
N ASN G 343 3.80 62.34 47.39
CA ASN G 343 2.76 63.30 47.00
C ASN G 343 1.38 62.71 47.22
N THR G 344 0.48 63.52 47.78
CA THR G 344 -0.87 63.08 48.05
C THR G 344 -1.53 62.55 46.79
N GLY G 345 -1.06 63.01 45.64
CA GLY G 345 -1.63 62.56 44.38
C GLY G 345 -0.94 61.32 43.85
N SER G 346 0.26 61.06 44.35
CA SER G 346 1.02 59.90 43.90
C SER G 346 0.98 58.79 44.94
N GLN G 347 -0.06 58.80 45.79
CA GLN G 347 -0.21 57.79 46.81
C GLN G 347 -1.20 56.72 46.39
N GLU G 348 -0.69 55.69 45.71
CA GLU G 348 -1.53 54.60 45.26
C GLU G 348 -1.39 53.40 46.21
N LEU G 349 -2.31 53.29 47.16
CA LEU G 349 -2.29 52.20 48.13
C LEU G 349 -3.09 51.00 47.65
N LEU G 350 -2.42 49.86 47.56
CA LEU G 350 -3.07 48.62 47.12
C LEU G 350 -3.26 47.68 48.29
N SER G 351 -4.40 46.99 48.32
CA SER G 351 -4.70 46.05 49.39
C SER G 351 -4.27 44.64 48.99
N GLU G 352 -4.44 43.69 49.91
CA GLU G 352 -4.06 42.31 49.64
C GLU G 352 -4.74 41.81 48.39
N THR G 353 -5.97 42.25 48.17
CA THR G 353 -6.74 41.83 47.00
C THR G 353 -6.11 42.36 45.72
N GLY G 354 -5.07 43.16 45.87
CA GLY G 354 -4.39 43.71 44.71
C GLY G 354 -5.10 44.94 44.17
N ILE G 355 -6.37 45.12 44.56
CA ILE G 355 -7.16 46.26 44.11
C ILE G 355 -6.48 47.57 44.49
N SER G 356 -6.69 48.59 43.67
CA SER G 356 -6.10 49.90 43.92
C SER G 356 -6.74 50.53 45.15
N LEU G 357 -6.68 51.85 45.24
CA LEU G 357 -7.25 52.57 46.37
C LEU G 357 -8.77 52.54 46.21
N ASP G 358 -9.43 53.62 46.64
CA ASP G 358 -10.89 53.69 46.53
C ASP G 358 -11.41 55.07 46.91
N PRO G 359 -11.19 56.07 46.05
CA PRO G 359 -11.62 57.46 46.26
C PRO G 359 -13.07 57.60 46.72
N ARG G 360 -13.94 56.75 46.20
CA ARG G 360 -15.35 56.79 46.56
C ARG G 360 -15.53 56.60 48.07
N LYS G 361 -15.34 55.36 48.53
CA LYS G 361 -15.47 55.05 49.95
C LYS G 361 -14.38 55.76 50.74
N PRO G 362 -14.72 56.29 51.93
CA PRO G 362 -13.76 56.99 52.77
C PRO G 362 -12.70 56.05 53.35
N ALA G 363 -12.37 56.24 54.62
CA ALA G 363 -11.37 55.41 55.28
C ALA G 363 -12.04 54.16 55.85
N SER G 364 -13.37 54.16 55.87
CA SER G 364 -14.12 53.03 56.39
C SER G 364 -13.85 51.76 55.60
N GLN G 365 -13.27 51.91 54.42
CA GLN G 365 -12.95 50.77 53.58
C GLN G 365 -11.61 50.15 53.98
N CYS G 366 -11.32 50.17 55.27
CA CYS G 366 -10.06 49.62 55.78
C CYS G 366 -10.27 48.78 57.04
N VAL G 367 -11.52 48.66 57.47
CA VAL G 367 -11.86 47.88 58.67
C VAL G 367 -12.23 46.45 58.29
N LEU G 368 -11.90 45.52 59.17
CA LEU G 368 -12.20 44.11 58.92
C LEU G 368 -12.89 43.50 60.15
N ASP G 369 -14.19 43.74 60.26
CA ASP G 369 -14.97 43.23 61.38
C ASP G 369 -15.58 41.87 61.08
N GLY G 370 -14.78 40.98 60.48
CA GLY G 370 -15.27 39.65 60.17
C GLY G 370 -14.85 38.64 61.21
N VAL G 371 -13.64 38.84 61.74
CA VAL G 371 -13.09 37.98 62.78
C VAL G 371 -12.18 38.78 63.71
N ARG G 372 -11.26 39.55 63.12
CA ARG G 372 -10.35 40.37 63.88
C ARG G 372 -9.58 41.32 62.96
N GLY G 373 -10.09 42.53 62.80
CA GLY G 373 -9.43 43.50 61.94
C GLY G 373 -8.22 44.11 62.61
N CYS G 374 -7.19 43.30 62.80
CA CYS G 374 -5.95 43.75 63.44
C CYS G 374 -4.78 42.91 62.98
N ASP G 375 -3.77 43.55 62.41
CA ASP G 375 -2.59 42.85 61.91
C ASP G 375 -2.94 41.85 60.82
N SER G 376 -4.22 41.82 60.44
CA SER G 376 -4.68 40.90 59.41
C SER G 376 -4.88 41.58 58.05
N TYR G 377 -5.67 42.64 58.02
CA TYR G 377 -5.95 43.36 56.78
C TYR G 377 -5.28 44.73 56.72
N MET G 378 -4.08 44.80 56.15
CA MET G 378 -3.37 46.07 56.03
C MET G 378 -3.23 46.43 54.55
N VAL G 379 -2.89 47.68 54.29
CA VAL G 379 -2.75 48.15 52.92
C VAL G 379 -1.30 48.43 52.58
N TYR G 380 -0.90 48.04 51.37
CA TYR G 380 0.47 48.26 50.90
C TYR G 380 0.57 49.55 50.09
N LEU G 381 1.29 50.54 50.63
CA LEU G 381 1.45 51.82 49.96
C LEU G 381 2.47 51.74 48.84
N PHE G 382 2.05 52.18 47.66
CA PHE G 382 2.92 52.18 46.49
C PHE G 382 3.09 53.59 45.95
N ASP G 383 4.32 53.94 45.61
CA ASP G 383 4.63 55.26 45.07
C ASP G 383 4.50 55.25 43.54
N LYS G 384 3.94 56.32 43.00
CA LYS G 384 3.74 56.44 41.56
C LYS G 384 4.97 57.01 40.86
N SER G 385 5.55 58.06 41.43
CA SER G 385 6.73 58.69 40.86
C SER G 385 7.91 57.71 40.75
N LYS G 386 8.29 57.13 41.89
CA LYS G 386 9.39 56.18 41.91
C LYS G 386 9.12 54.97 41.02
N THR G 387 9.83 54.91 39.91
CA THR G 387 9.68 53.80 38.96
C THR G 387 10.30 52.54 39.54
N VAL G 388 11.48 52.71 40.15
CA VAL G 388 12.21 51.62 40.77
C VAL G 388 12.72 52.06 42.12
N TYR G 389 12.15 51.50 43.18
CA TYR G 389 12.54 51.86 44.55
C TYR G 389 14.00 51.55 44.83
N GLU G 390 14.79 52.59 45.00
CA GLU G 390 16.21 52.44 45.28
C GLU G 390 16.43 51.54 46.49
N GLY G 391 16.57 52.15 47.66
CA GLY G 391 16.78 51.36 48.86
C GLY G 391 16.70 52.14 50.16
N PRO G 392 15.75 53.09 50.29
CA PRO G 392 15.65 53.86 51.53
C PRO G 392 15.17 52.96 52.67
N PHE G 393 14.77 51.74 52.33
CA PHE G 393 14.28 50.78 53.32
C PHE G 393 15.38 50.27 54.25
N ALA G 394 14.96 49.67 55.35
CA ALA G 394 15.89 49.14 56.35
C ALA G 394 15.20 48.05 57.17
N SER G 395 16.00 47.23 57.84
CA SER G 395 15.47 46.15 58.66
C SER G 395 15.48 46.56 60.13
N ARG G 396 15.66 45.58 61.02
CA ARG G 396 15.69 45.85 62.45
C ARG G 396 17.07 45.53 63.02
N SER G 397 17.12 45.30 64.32
CA SER G 397 18.38 44.97 65.00
C SER G 397 18.17 43.77 65.90
N LEU G 398 19.11 43.51 66.79
CA LEU G 398 18.99 42.39 67.70
C LEU G 398 19.18 42.84 69.14
N SER G 399 19.41 44.14 69.32
CA SER G 399 19.61 44.71 70.64
C SER G 399 20.84 44.12 71.32
N ASP G 400 21.30 44.79 72.38
CA ASP G 400 22.48 44.36 73.13
C ASP G 400 22.25 42.97 73.73
N CYS G 401 20.99 42.56 73.79
CA CYS G 401 20.65 41.27 74.37
C CYS G 401 21.12 40.13 73.49
N VAL G 402 21.00 40.30 72.18
CA VAL G 402 21.40 39.27 71.24
C VAL G 402 22.78 39.52 70.66
N ASN G 403 23.24 40.75 70.81
CA ASN G 403 24.55 41.10 70.29
C ASN G 403 25.65 40.20 70.84
N TYR G 404 25.52 39.82 72.10
CA TYR G 404 26.52 38.96 72.73
C TYR G 404 26.62 37.65 71.98
N ILE G 405 25.45 37.14 71.57
CA ILE G 405 25.38 35.88 70.87
C ILE G 405 26.07 35.94 69.53
N VAL G 406 26.05 37.12 68.92
CA VAL G 406 26.65 37.29 67.61
C VAL G 406 28.08 37.82 67.67
N GLN G 407 28.33 38.78 68.55
CA GLN G 407 29.65 39.36 68.67
C GLN G 407 30.61 38.43 69.38
N ASP G 408 30.19 37.92 70.53
CA ASP G 408 31.03 37.04 71.33
C ASP G 408 30.98 35.62 70.77
N SER G 409 29.91 35.32 70.05
CA SER G 409 29.73 33.99 69.45
C SER G 409 29.80 32.90 70.51
N LYS G 410 30.98 32.38 70.75
CA LYS G 410 31.16 31.32 71.74
C LYS G 410 31.34 31.90 73.14
N ILE G 411 30.25 31.97 73.88
CA ILE G 411 30.28 32.50 75.24
C ILE G 411 29.43 31.65 76.17
N GLN G 412 29.92 31.46 77.38
CA GLN G 412 29.19 30.65 78.37
C GLN G 412 28.34 31.56 79.25
N LEU G 413 27.10 31.78 78.83
CA LEU G 413 26.18 32.62 79.59
C LEU G 413 25.14 31.80 80.32
N PRO G 414 24.77 32.22 81.54
CA PRO G 414 23.77 31.51 82.35
C PRO G 414 22.45 31.31 81.60
N ILE G 415 21.93 30.09 81.65
CA ILE G 415 20.68 29.76 80.98
C ILE G 415 19.55 30.68 81.45
N ILE G 416 19.62 31.10 82.70
CA ILE G 416 18.60 31.99 83.27
C ILE G 416 18.48 33.24 82.40
N GLN G 417 19.51 33.52 81.62
CA GLN G 417 19.53 34.68 80.74
C GLN G 417 19.37 34.20 79.30
N LEU G 418 19.85 32.98 79.04
CA LEU G 418 19.76 32.41 77.70
C LEU G 418 18.32 32.23 77.27
N ARG G 419 17.47 31.91 78.23
CA ARG G 419 16.07 31.70 77.96
C ARG G 419 15.44 32.94 77.35
N LYS G 420 16.19 34.04 77.33
CA LYS G 420 15.70 35.29 76.76
C LYS G 420 16.49 35.68 75.52
N VAL G 421 17.81 35.76 75.66
CA VAL G 421 18.65 36.13 74.54
C VAL G 421 18.42 35.17 73.38
N TRP G 422 18.14 33.91 73.70
CA TRP G 422 17.90 32.92 72.66
C TRP G 422 16.50 33.13 72.13
N ALA G 423 15.56 33.35 73.04
CA ALA G 423 14.16 33.55 72.69
C ALA G 423 14.04 34.68 71.70
N GLU G 424 14.56 35.84 72.07
CA GLU G 424 14.49 37.01 71.22
C GLU G 424 15.19 36.71 69.90
N ALA G 425 16.27 35.95 69.98
CA ALA G 425 17.05 35.60 68.80
C ALA G 425 16.17 34.81 67.85
N VAL G 426 15.45 33.85 68.40
CA VAL G 426 14.57 33.03 67.59
C VAL G 426 13.47 33.89 66.99
N HIS G 427 12.97 34.84 67.77
CA HIS G 427 11.89 35.71 67.32
C HIS G 427 12.40 36.58 66.18
N TYR G 428 13.65 36.98 66.27
CA TYR G 428 14.25 37.80 65.23
C TYR G 428 14.38 36.98 63.95
N VAL G 429 14.81 35.74 64.12
CA VAL G 429 15.00 34.84 62.99
C VAL G 429 13.70 34.72 62.25
N SER G 430 12.68 34.22 62.94
CA SER G 430 11.37 34.06 62.32
C SER G 430 10.84 35.41 61.91
N GLY G 431 11.29 36.46 62.60
CA GLY G 431 10.85 37.79 62.28
C GLY G 431 11.14 38.15 60.84
N LEU G 432 12.40 38.05 60.46
CA LEU G 432 12.81 38.37 59.10
C LEU G 432 11.99 37.55 58.11
N LYS G 433 11.77 36.29 58.44
CA LYS G 433 11.01 35.37 57.59
C LYS G 433 9.59 35.90 57.39
N GLU G 434 8.84 35.96 58.48
CA GLU G 434 7.48 36.43 58.42
C GLU G 434 7.42 37.84 57.82
N ASP G 435 8.49 38.59 58.00
CA ASP G 435 8.56 39.94 57.48
C ASP G 435 8.72 39.90 55.98
N TYR G 436 9.37 38.85 55.50
CA TYR G 436 9.58 38.70 54.07
C TYR G 436 8.26 38.42 53.38
N SER G 437 7.42 37.64 54.03
CA SER G 437 6.13 37.28 53.48
C SER G 437 5.31 38.53 53.19
N ARG G 438 5.35 39.47 54.13
CA ARG G 438 4.61 40.71 53.99
C ARG G 438 5.07 41.45 52.73
N LEU G 439 6.37 41.53 52.55
CA LEU G 439 6.94 42.20 51.40
C LEU G 439 6.56 41.45 50.13
N PHE G 440 6.65 40.13 50.17
CA PHE G 440 6.32 39.29 49.02
C PHE G 440 4.89 39.55 48.55
N GLN G 441 3.96 39.58 49.51
CA GLN G 441 2.56 39.80 49.19
C GLN G 441 2.39 41.11 48.43
N GLY G 442 3.25 42.08 48.73
CA GLY G 442 3.15 43.36 48.04
C GLY G 442 3.31 43.15 46.55
N GLN G 443 4.27 42.32 46.19
CA GLN G 443 4.54 42.04 44.79
C GLN G 443 3.35 41.32 44.20
N ARG G 444 2.80 40.40 44.97
CA ARG G 444 1.66 39.62 44.52
C ARG G 444 0.49 40.56 44.25
N ALA G 445 0.30 41.53 45.13
CA ALA G 445 -0.78 42.49 44.98
C ALA G 445 -0.52 43.39 43.79
N ALA G 446 0.71 43.84 43.67
CA ALA G 446 1.09 44.71 42.56
C ALA G 446 0.94 43.94 41.26
N MET G 447 1.19 42.64 41.30
CA MET G 447 1.08 41.80 40.13
C MET G 447 -0.35 41.84 39.62
N LEU G 448 -1.30 41.70 40.54
CA LEU G 448 -2.73 41.71 40.21
C LEU G 448 -3.11 43.02 39.54
N SER G 449 -2.55 44.11 40.05
CA SER G 449 -2.83 45.43 39.51
C SER G 449 -2.37 45.49 38.05
N LEU G 450 -1.20 44.93 37.81
CA LEU G 450 -0.65 44.92 36.46
C LEU G 450 -1.46 44.01 35.57
N LEU G 451 -1.86 42.88 36.11
CA LEU G 451 -2.67 41.92 35.37
C LEU G 451 -4.01 42.52 35.01
N ARG G 452 -4.51 43.39 35.89
CA ARG G 452 -5.80 44.02 35.66
C ARG G 452 -5.65 45.14 34.62
N TYR G 453 -4.57 45.89 34.72
CA TYR G 453 -4.33 46.96 33.76
C TYR G 453 -4.17 46.40 32.36
N ASN G 454 -3.47 45.28 32.26
CA ASN G 454 -3.25 44.63 30.97
C ASN G 454 -4.59 44.27 30.35
N ALA G 455 -5.48 43.71 31.15
CA ALA G 455 -6.80 43.32 30.68
C ALA G 455 -7.57 44.56 30.26
N ASN G 456 -7.53 45.59 31.10
CA ASN G 456 -8.24 46.83 30.82
C ASN G 456 -7.76 47.45 29.51
N LEU G 457 -6.45 47.42 29.31
CA LEU G 457 -5.85 47.98 28.10
C LEU G 457 -6.26 47.18 26.87
N THR G 458 -6.18 45.86 26.99
CA THR G 458 -6.54 44.97 25.90
C THR G 458 -8.03 45.02 25.57
N LYS G 459 -8.87 45.17 26.58
CA LYS G 459 -10.31 45.23 26.36
C LYS G 459 -10.67 46.32 25.36
N MET G 460 -9.89 47.39 25.35
CA MET G 460 -10.12 48.50 24.42
C MET G 460 -9.54 48.16 23.06
N LYS G 461 -8.52 47.30 23.05
CA LYS G 461 -7.88 46.90 21.81
C LYS G 461 -8.89 46.15 20.95
N ASN G 462 -9.61 45.22 21.59
CA ASN G 462 -10.60 44.42 20.90
C ASN G 462 -11.71 45.32 20.34
N THR G 463 -11.96 46.43 21.03
CA THR G 463 -12.98 47.37 20.60
C THR G 463 -12.38 48.43 19.68
N LEU G 464 -11.07 48.57 19.73
CA LEU G 464 -10.36 49.54 18.89
C LEU G 464 -10.28 49.00 17.47
N ILE G 465 -9.84 47.76 17.33
CA ILE G 465 -9.73 47.13 16.02
C ILE G 465 -11.15 46.91 15.48
N SER G 466 -12.09 46.66 16.38
CA SER G 466 -13.48 46.44 16.00
C SER G 466 -14.10 47.74 15.51
N ALA G 467 -13.70 48.85 16.12
CA ALA G 467 -14.20 50.17 15.75
C ALA G 467 -13.60 50.58 14.40
N SER G 468 -12.36 50.18 14.16
CA SER G 468 -11.68 50.50 12.90
C SER G 468 -12.30 49.70 11.76
N GLN G 469 -12.66 48.45 12.04
CA GLN G 469 -13.28 47.59 11.04
C GLN G 469 -14.52 48.25 10.47
N GLN G 470 -15.14 49.11 11.27
CA GLN G 470 -16.32 49.83 10.83
C GLN G 470 -15.91 50.93 9.86
N LEU G 471 -14.79 51.58 10.18
CA LEU G 471 -14.23 52.65 9.35
C LEU G 471 -13.89 52.13 7.96
N LYS G 472 -13.08 51.07 7.92
CA LYS G 472 -12.67 50.47 6.65
C LYS G 472 -13.89 49.95 5.89
N ALA G 473 -14.88 49.44 6.63
CA ALA G 473 -16.11 48.91 6.03
C ALA G 473 -16.94 50.04 5.43
N LYS G 474 -16.91 51.21 6.06
CA LYS G 474 -17.65 52.36 5.56
C LYS G 474 -16.89 53.04 4.41
N LEU G 475 -15.56 53.08 4.51
CA LEU G 475 -14.74 53.69 3.46
C LEU G 475 -15.00 52.99 2.13
N GLU G 476 -15.13 51.67 2.18
CA GLU G 476 -15.41 50.88 0.99
C GLU G 476 -16.81 51.18 0.47
N PHE G 477 -17.77 51.29 1.38
CA PHE G 477 -19.16 51.56 1.02
C PHE G 477 -19.31 53.06 0.74
N PHE G 478 -18.18 53.75 0.65
CA PHE G 478 -18.15 55.17 0.38
C PHE G 478 -17.35 55.43 -0.91
N HIS G 479 -16.25 54.70 -1.07
CA HIS G 479 -15.40 54.85 -2.25
C HIS G 479 -16.09 54.34 -3.51
N LYS G 480 -17.06 53.44 -3.33
CA LYS G 480 -17.80 52.89 -4.45
C LYS G 480 -19.14 53.62 -4.60
N SER G 481 -19.32 54.65 -3.78
CA SER G 481 -20.53 55.46 -3.81
C SER G 481 -20.22 56.89 -4.23
N ILE G 482 -19.00 57.34 -3.94
CA ILE G 482 -18.56 58.69 -4.29
C ILE G 482 -18.22 58.78 -5.77
N GLN G 483 -17.51 57.77 -6.28
CA GLN G 483 -17.11 57.74 -7.67
C GLN G 483 -18.24 57.14 -8.51
N LEU G 484 -19.20 56.50 -7.84
CA LEU G 484 -20.35 55.90 -8.50
C LEU G 484 -21.19 56.99 -9.15
N ASP G 485 -21.05 58.21 -8.63
CA ASP G 485 -21.77 59.36 -9.15
C ASP G 485 -20.98 60.03 -10.27
N LEU G 486 -19.65 59.94 -10.18
CA LEU G 486 -18.77 60.54 -11.18
C LEU G 486 -18.97 59.94 -12.57
N GLU G 487 -19.17 58.62 -12.63
CA GLU G 487 -19.40 57.92 -13.89
C GLU G 487 -20.77 58.24 -14.45
N ARG G 488 -21.76 58.37 -13.57
CA ARG G 488 -23.13 58.68 -13.97
C ARG G 488 -23.27 60.15 -14.31
N TYR G 489 -22.23 60.92 -13.99
CA TYR G 489 -22.20 62.36 -14.26
C TYR G 489 -21.48 62.67 -15.57
N SER G 490 -20.30 62.09 -15.75
CA SER G 490 -19.50 62.31 -16.96
C SER G 490 -20.24 61.93 -18.24
N GLU G 491 -21.25 61.07 -18.12
CA GLU G 491 -22.03 60.65 -19.28
C GLU G 491 -23.30 61.47 -19.47
N GLN G 492 -23.40 62.60 -18.75
CA GLN G 492 -24.57 63.46 -18.86
C GLN G 492 -24.24 64.94 -18.69
N MET G 493 -22.97 65.30 -18.90
CA MET G 493 -22.53 66.68 -18.75
C MET G 493 -23.05 67.57 -19.88
N THR G 494 -23.91 67.01 -20.73
CA THR G 494 -24.48 67.76 -21.84
C THR G 494 -25.91 67.35 -22.15
N TYR G 495 -26.47 66.49 -21.30
CA TYR G 495 -27.84 66.01 -21.50
C TYR G 495 -28.65 66.17 -20.22
N GLY G 496 -28.28 65.43 -19.17
CA GLY G 496 -29.00 65.51 -17.92
C GLY G 496 -28.62 66.77 -17.17
N ILE G 497 -28.16 66.62 -15.94
CA ILE G 497 -27.76 67.76 -15.12
C ILE G 497 -26.25 67.82 -14.97
N SER G 498 -25.66 68.93 -15.41
CA SER G 498 -24.21 69.11 -15.34
C SER G 498 -23.83 70.39 -14.60
N SER G 499 -24.00 70.39 -13.28
CA SER G 499 -23.64 71.55 -12.48
C SER G 499 -22.13 71.74 -12.49
N GLU G 500 -21.65 72.84 -11.91
CA GLU G 500 -20.23 73.11 -11.88
C GLU G 500 -19.76 73.45 -10.46
N LYS G 501 -20.68 73.95 -9.64
CA LYS G 501 -20.34 74.31 -8.26
C LYS G 501 -20.10 73.08 -7.40
N MET G 502 -20.81 72.00 -7.70
CA MET G 502 -20.66 70.76 -6.96
C MET G 502 -19.63 69.84 -7.63
N LEU G 503 -19.05 70.30 -8.73
CA LEU G 503 -18.06 69.53 -9.47
C LEU G 503 -16.85 69.28 -8.56
N LYS G 504 -16.59 70.23 -7.67
CA LYS G 504 -15.48 70.11 -6.72
C LYS G 504 -16.00 69.74 -5.34
N ALA G 505 -17.22 70.17 -5.02
CA ALA G 505 -17.83 69.88 -3.74
C ALA G 505 -17.84 68.38 -3.46
N TRP G 506 -18.21 67.59 -4.46
CA TRP G 506 -18.25 66.15 -4.33
C TRP G 506 -16.86 65.53 -4.47
N LYS G 507 -16.06 66.10 -5.36
CA LYS G 507 -14.71 65.61 -5.61
C LYS G 507 -13.83 65.61 -4.35
N GLU G 508 -14.25 66.38 -3.35
CA GLU G 508 -13.50 66.47 -2.10
C GLU G 508 -13.79 65.28 -1.17
N MET G 509 -15.05 64.90 -1.05
CA MET G 509 -15.44 63.78 -0.20
C MET G 509 -14.60 62.54 -0.47
N GLU G 510 -14.38 62.25 -1.75
CA GLU G 510 -13.59 61.09 -2.17
C GLU G 510 -12.16 61.15 -1.63
N GLU G 511 -11.54 62.32 -1.72
CA GLU G 511 -10.17 62.51 -1.25
C GLU G 511 -10.09 62.55 0.28
N LYS G 512 -11.21 62.88 0.92
CA LYS G 512 -11.27 62.96 2.38
C LYS G 512 -11.12 61.58 3.03
N ALA G 513 -11.86 60.62 2.52
CA ALA G 513 -11.82 59.26 3.04
C ALA G 513 -10.44 58.62 2.81
N ILE G 514 -9.71 59.16 1.84
CA ILE G 514 -8.38 58.65 1.52
C ILE G 514 -7.39 58.93 2.64
N HIS G 515 -7.22 60.21 2.98
CA HIS G 515 -6.30 60.61 4.04
C HIS G 515 -6.66 59.95 5.36
N TYR G 516 -7.87 59.41 5.45
CA TYR G 516 -8.34 58.74 6.66
C TYR G 516 -7.64 57.40 6.83
N ALA G 517 -8.44 56.35 7.01
CA ALA G 517 -7.92 55.00 7.19
C ALA G 517 -7.01 54.90 8.41
N GLU G 518 -7.60 54.51 9.55
CA GLU G 518 -6.85 54.34 10.79
C GLU G 518 -6.89 52.89 11.24
N VAL G 519 -7.55 52.05 10.45
CA VAL G 519 -7.67 50.63 10.76
C VAL G 519 -6.29 49.97 10.74
N GLY G 520 -5.43 50.46 9.85
CA GLY G 520 -4.09 49.92 9.72
C GLY G 520 -3.10 50.63 10.62
N VAL G 521 -3.40 51.88 10.95
CA VAL G 521 -2.54 52.68 11.81
C VAL G 521 -2.45 52.02 13.19
N ILE G 522 -3.34 51.06 13.44
CA ILE G 522 -3.37 50.34 14.71
C ILE G 522 -2.12 49.47 14.84
N GLY G 523 -1.38 49.34 13.73
CA GLY G 523 -0.18 48.55 13.73
C GLY G 523 0.82 48.96 14.79
N TYR G 524 1.06 50.26 14.89
CA TYR G 524 1.99 50.79 15.88
C TYR G 524 1.51 50.42 17.28
N LEU G 525 0.26 49.99 17.37
CA LEU G 525 -0.34 49.63 18.65
C LEU G 525 -0.48 48.11 18.83
N GLU G 526 -1.16 47.47 17.88
CA GLU G 526 -1.38 46.03 17.94
C GLU G 526 -0.11 45.25 18.27
N ASP G 527 0.88 45.31 17.39
CA ASP G 527 2.13 44.60 17.59
C ASP G 527 2.99 45.20 18.72
N GLN G 528 2.48 46.24 19.37
CA GLN G 528 3.21 46.86 20.46
C GLN G 528 2.55 46.58 21.79
N ILE G 529 1.23 46.40 21.77
CA ILE G 529 0.48 46.09 22.99
C ILE G 529 0.65 44.61 23.30
N MET G 530 0.85 43.82 22.24
CA MET G 530 1.04 42.39 22.39
C MET G 530 2.48 42.10 22.78
N SER G 531 3.41 42.89 22.24
CA SER G 531 4.81 42.73 22.54
C SER G 531 5.02 42.99 24.03
N LEU G 532 4.09 43.74 24.61
CA LEU G 532 4.13 44.07 26.02
C LEU G 532 3.24 43.09 26.78
N HIS G 533 2.10 42.76 26.18
CA HIS G 533 1.16 41.83 26.78
C HIS G 533 1.86 40.51 27.09
N ALA G 534 2.42 39.90 26.06
CA ALA G 534 3.12 38.63 26.22
C ALA G 534 4.34 38.82 27.12
N GLU G 535 4.97 39.99 27.03
CA GLU G 535 6.14 40.31 27.84
C GLU G 535 5.81 40.22 29.32
N ILE G 536 4.67 40.79 29.71
CA ILE G 536 4.23 40.77 31.10
C ILE G 536 4.01 39.34 31.58
N MET G 537 3.28 38.55 30.80
CA MET G 537 3.03 37.17 31.17
C MET G 537 4.31 36.35 31.06
N GLU G 538 5.27 36.88 30.30
CA GLU G 538 6.55 36.21 30.13
C GLU G 538 7.39 36.47 31.38
N LEU G 539 7.21 37.66 31.96
CA LEU G 539 7.93 38.05 33.16
C LEU G 539 7.17 37.54 34.38
N GLN G 540 6.20 36.66 34.13
CA GLN G 540 5.38 36.09 35.20
C GLN G 540 5.97 34.75 35.62
N LYS G 541 6.60 34.07 34.68
CA LYS G 541 7.21 32.77 34.94
C LYS G 541 8.43 32.93 35.85
N SER G 542 9.11 34.06 35.70
CA SER G 542 10.30 34.37 36.47
C SER G 542 10.05 34.16 37.97
N PRO G 543 11.10 33.82 38.73
CA PRO G 543 10.96 33.59 40.18
C PRO G 543 10.54 34.84 40.93
N TYR G 544 9.29 34.88 41.35
CA TYR G 544 8.76 36.02 42.08
C TYR G 544 9.71 36.46 43.18
N GLY G 545 9.78 35.65 44.25
CA GLY G 545 10.66 35.95 45.36
C GLY G 545 10.54 34.90 46.45
N ARG G 546 9.30 34.57 46.79
CA ARG G 546 9.03 33.56 47.82
C ARG G 546 9.59 32.24 47.35
N ARG G 547 10.02 32.19 46.09
CA ARG G 547 10.58 30.97 45.53
C ARG G 547 11.69 30.48 46.44
N GLN G 548 12.45 31.42 46.98
CA GLN G 548 13.55 31.09 47.89
C GLN G 548 13.16 31.38 49.33
N GLY G 549 11.94 31.85 49.54
CA GLY G 549 11.47 32.15 50.87
C GLY G 549 11.44 30.90 51.73
N ASP G 550 11.20 29.77 51.07
CA ASP G 550 11.14 28.49 51.76
C ASP G 550 12.52 28.17 52.36
N LEU G 551 13.57 28.45 51.59
CA LEU G 551 14.93 28.20 52.03
C LEU G 551 15.16 28.91 53.35
N MET G 552 14.51 30.05 53.52
CA MET G 552 14.65 30.83 54.73
C MET G 552 13.80 30.22 55.83
N GLU G 553 12.61 29.74 55.46
CA GLU G 553 11.72 29.11 56.42
C GLU G 553 12.41 27.92 57.06
N SER G 554 13.37 27.35 56.34
CA SER G 554 14.12 26.21 56.83
C SER G 554 14.98 26.67 58.00
N LEU G 555 15.55 27.86 57.84
CA LEU G 555 16.40 28.43 58.88
C LEU G 555 15.57 28.65 60.13
N GLU G 556 14.30 29.01 59.92
CA GLU G 556 13.39 29.26 61.02
C GLU G 556 13.27 28.02 61.88
N GLN G 557 12.94 26.91 61.25
CA GLN G 557 12.78 25.64 61.95
C GLN G 557 14.05 25.31 62.73
N ARG G 558 15.20 25.70 62.17
CA ARG G 558 16.47 25.43 62.83
C ARG G 558 16.50 26.10 64.20
N ALA G 559 16.30 27.41 64.20
CA ALA G 559 16.32 28.17 65.44
C ALA G 559 15.35 27.58 66.46
N ILE G 560 14.18 27.22 65.98
CA ILE G 560 13.17 26.64 66.83
C ILE G 560 13.73 25.42 67.54
N ASP G 561 14.41 24.57 66.79
CA ASP G 561 15.00 23.35 67.33
C ASP G 561 15.99 23.66 68.45
N LEU G 562 16.71 24.76 68.31
CA LEU G 562 17.68 25.14 69.32
C LEU G 562 16.99 25.63 70.58
N TYR G 563 15.99 26.49 70.43
CA TYR G 563 15.26 27.00 71.57
C TYR G 563 14.53 25.84 72.24
N LYS G 564 14.25 24.81 71.44
CA LYS G 564 13.56 23.64 71.93
C LYS G 564 14.51 22.82 72.80
N GLN G 565 15.74 22.70 72.34
CA GLN G 565 16.75 21.95 73.07
C GLN G 565 17.34 22.82 74.16
N LEU G 566 16.65 23.91 74.47
CA LEU G 566 17.12 24.84 75.50
C LEU G 566 16.29 24.67 76.77
N LYS G 567 15.07 24.19 76.61
CA LYS G 567 14.18 23.98 77.73
C LYS G 567 13.96 22.50 77.98
N HIS G 568 13.69 21.75 76.90
CA HIS G 568 13.46 20.32 77.01
C HIS G 568 14.73 19.52 77.24
N ARG G 569 15.87 20.20 77.15
CA ARG G 569 17.15 19.52 77.35
C ARG G 569 17.24 19.04 78.80
N PRO G 570 18.00 17.95 79.04
CA PRO G 570 18.16 17.38 80.38
C PRO G 570 18.54 18.42 81.43
N SER G 571 17.53 18.98 82.09
CA SER G 571 17.74 19.99 83.13
C SER G 571 18.42 21.26 82.64
N ASP G 572 18.35 22.30 83.45
CA ASP G 572 18.98 23.59 83.14
C ASP G 572 19.41 24.31 84.40
N HIS G 573 19.19 25.63 84.44
CA HIS G 573 19.58 26.44 85.59
C HIS G 573 21.08 26.42 85.82
N SER G 574 21.84 26.15 84.77
CA SER G 574 23.29 26.09 84.85
C SER G 574 23.94 25.96 83.47
N TYR G 575 23.22 25.34 82.55
CA TYR G 575 23.73 25.14 81.20
C TYR G 575 24.31 26.43 80.65
N SER G 576 25.60 26.40 80.32
CA SER G 576 26.29 27.57 79.79
C SER G 576 26.78 27.31 78.36
N ASP G 577 26.20 28.01 77.40
CA ASP G 577 26.58 27.84 76.00
C ASP G 577 25.75 28.79 75.14
N SER G 578 26.25 29.08 73.93
CA SER G 578 25.51 29.97 73.03
C SER G 578 26.11 30.02 71.62
N THR G 579 27.30 29.46 71.47
CA THR G 579 27.97 29.45 70.18
C THR G 579 27.16 28.82 69.06
N GLU G 580 26.40 27.79 69.39
CA GLU G 580 25.59 27.10 68.40
C GLU G 580 24.56 28.00 67.71
N MET G 581 23.86 28.79 68.52
CA MET G 581 22.83 29.68 68.00
C MET G 581 23.39 30.57 66.90
N VAL G 582 24.65 30.98 67.06
CA VAL G 582 25.30 31.84 66.10
C VAL G 582 25.03 31.33 64.68
N LYS G 583 25.01 30.01 64.56
CA LYS G 583 24.80 29.34 63.29
C LYS G 583 23.56 29.91 62.60
N ILE G 584 22.40 29.49 63.08
CA ILE G 584 21.13 29.92 62.52
C ILE G 584 21.07 31.43 62.35
N ILE G 585 21.62 32.15 63.33
CA ILE G 585 21.60 33.60 63.29
C ILE G 585 22.22 34.19 62.02
N VAL G 586 23.50 33.92 61.83
CA VAL G 586 24.21 34.44 60.67
C VAL G 586 23.57 34.06 59.34
N HIS G 587 23.22 32.79 59.19
CA HIS G 587 22.64 32.30 57.95
C HIS G 587 21.38 33.05 57.54
N THR G 588 20.47 33.22 58.48
CA THR G 588 19.22 33.91 58.20
C THR G 588 19.48 35.31 57.69
N VAL G 589 20.49 35.97 58.25
CA VAL G 589 20.81 37.32 57.85
C VAL G 589 21.19 37.35 56.37
N GLN G 590 22.15 36.50 56.00
CA GLN G 590 22.64 36.43 54.64
C GLN G 590 21.50 36.14 53.68
N SER G 591 20.71 35.12 53.98
CA SER G 591 19.61 34.74 53.13
C SER G 591 18.62 35.89 52.98
N GLN G 592 18.38 36.60 54.08
CA GLN G 592 17.45 37.71 54.09
C GLN G 592 17.80 38.75 53.03
N ASP G 593 18.89 39.47 53.26
CA ASP G 593 19.34 40.51 52.35
C ASP G 593 19.50 40.05 50.90
N ARG G 594 19.71 38.76 50.70
CA ARG G 594 19.88 38.25 49.35
C ARG G 594 18.57 38.29 48.56
N VAL G 595 17.59 37.53 49.04
CA VAL G 595 16.30 37.48 48.37
C VAL G 595 15.52 38.76 48.58
N LEU G 596 15.91 39.53 49.60
CA LEU G 596 15.23 40.78 49.91
C LEU G 596 15.32 41.71 48.71
N LYS G 597 16.51 42.26 48.47
CA LYS G 597 16.70 43.17 47.36
C LYS G 597 16.43 42.44 46.05
N GLU G 598 16.48 41.12 46.08
CA GLU G 598 16.25 40.32 44.90
C GLU G 598 14.77 40.43 44.54
N LEU G 599 13.93 40.42 45.57
CA LEU G 599 12.50 40.52 45.35
C LEU G 599 12.17 41.85 44.68
N PHE G 600 12.80 42.91 45.17
CA PHE G 600 12.57 44.24 44.62
C PHE G 600 12.96 44.27 43.16
N GLY G 601 13.97 43.48 42.80
CA GLY G 601 14.42 43.45 41.42
C GLY G 601 13.33 42.91 40.52
N HIS G 602 12.82 41.74 40.86
CA HIS G 602 11.76 41.10 40.07
C HIS G 602 10.48 41.92 40.17
N LEU G 603 10.52 42.97 40.96
CA LEU G 603 9.37 43.84 41.14
C LEU G 603 9.52 45.07 40.26
N SER G 604 10.76 45.53 40.12
CA SER G 604 11.06 46.71 39.30
C SER G 604 10.47 46.55 37.91
N LYS G 605 10.53 45.32 37.39
CA LYS G 605 10.01 45.05 36.06
C LYS G 605 8.49 45.12 36.08
N LEU G 606 7.90 44.48 37.08
CA LEU G 606 6.45 44.46 37.22
C LEU G 606 5.91 45.87 37.40
N LEU G 607 6.53 46.63 38.30
CA LEU G 607 6.11 47.99 38.58
C LEU G 607 6.35 48.88 37.36
N GLY G 608 7.32 48.52 36.54
CA GLY G 608 7.65 49.30 35.37
C GLY G 608 6.66 49.11 34.23
N CYS G 609 6.16 47.89 34.08
CA CYS G 609 5.23 47.59 33.01
C CYS G 609 3.91 48.33 33.16
N LYS G 610 3.56 48.66 34.40
CA LYS G 610 2.31 49.38 34.66
C LYS G 610 2.31 50.73 33.95
N GLN G 611 3.34 51.54 34.22
CA GLN G 611 3.44 52.86 33.61
C GLN G 611 3.49 52.74 32.10
N LYS G 612 4.00 51.61 31.61
CA LYS G 612 4.08 51.37 30.19
C LYS G 612 2.69 51.16 29.63
N ILE G 613 1.82 50.55 30.43
CA ILE G 613 0.44 50.30 30.01
C ILE G 613 -0.36 51.58 30.12
N ILE G 614 -0.11 52.31 31.21
CA ILE G 614 -0.80 53.56 31.47
C ILE G 614 -0.32 54.64 30.50
N ASP G 615 0.86 54.42 29.92
CA ASP G 615 1.42 55.37 28.99
C ASP G 615 0.80 55.16 27.61
N LEU G 616 0.37 53.93 27.34
CA LEU G 616 -0.25 53.60 26.06
C LEU G 616 -1.76 53.74 26.18
N LEU G 617 -2.21 53.82 27.43
CA LEU G 617 -3.64 53.95 27.70
C LEU G 617 -4.23 55.15 26.96
N PRO G 618 -3.59 56.33 27.07
CA PRO G 618 -4.09 57.53 26.39
C PRO G 618 -4.01 57.43 24.88
N LYS G 619 -3.02 56.70 24.39
CA LYS G 619 -2.84 56.52 22.96
C LYS G 619 -4.02 55.75 22.38
N VAL G 620 -4.71 55.02 23.25
CA VAL G 620 -5.87 54.25 22.83
C VAL G 620 -7.02 55.19 22.47
N GLU G 621 -7.32 56.12 23.38
CA GLU G 621 -8.38 57.08 23.14
C GLU G 621 -8.10 57.81 21.83
N VAL G 622 -6.82 57.80 21.44
CA VAL G 622 -6.42 58.48 20.21
C VAL G 622 -6.94 57.74 19.00
N ALA G 623 -6.67 56.44 18.94
CA ALA G 623 -7.11 55.62 17.82
C ALA G 623 -8.63 55.63 17.74
N LEU G 624 -9.28 55.36 18.87
CA LEU G 624 -10.74 55.33 18.92
C LEU G 624 -11.33 56.64 18.41
N SER G 625 -10.89 57.75 19.00
CA SER G 625 -11.38 59.06 18.62
C SER G 625 -11.13 59.34 17.14
N ASN G 626 -9.95 59.02 16.65
CA ASN G 626 -9.60 59.24 15.25
C ASN G 626 -10.44 58.36 14.31
N ILE G 627 -10.59 57.10 14.67
CA ILE G 627 -11.36 56.16 13.85
C ILE G 627 -12.85 56.53 13.89
N LYS G 628 -13.31 56.96 15.05
CA LYS G 628 -14.71 57.35 15.23
C LYS G 628 -14.96 58.71 14.60
N GLU G 629 -13.89 59.49 14.44
CA GLU G 629 -13.98 60.82 13.85
C GLU G 629 -14.42 60.66 12.40
N ALA G 630 -13.70 59.83 11.66
CA ALA G 630 -14.02 59.58 10.25
C ALA G 630 -15.29 58.76 10.18
N ASP G 631 -15.47 57.87 11.15
CA ASP G 631 -16.65 57.02 11.21
C ASP G 631 -17.92 57.86 11.27
N ASN G 632 -17.78 59.06 11.81
CA ASN G 632 -18.92 59.98 11.94
C ASN G 632 -19.00 60.90 10.73
N THR G 633 -17.85 61.44 10.32
CA THR G 633 -17.81 62.34 9.17
C THR G 633 -18.35 61.65 7.92
N VAL G 634 -17.65 60.59 7.50
CA VAL G 634 -18.06 59.83 6.32
C VAL G 634 -19.51 59.39 6.43
N MET G 635 -19.96 59.13 7.66
CA MET G 635 -21.33 58.71 7.90
C MET G 635 -22.32 59.77 7.42
N PHE G 636 -22.16 60.98 7.93
CA PHE G 636 -23.05 62.07 7.55
C PHE G 636 -22.71 62.64 6.17
N MET G 637 -21.70 62.06 5.53
CA MET G 637 -21.31 62.49 4.19
C MET G 637 -22.31 61.92 3.20
N GLN G 638 -23.20 61.07 3.70
CA GLN G 638 -24.23 60.45 2.88
C GLN G 638 -25.18 61.50 2.32
N GLY G 639 -25.36 62.59 3.08
CA GLY G 639 -26.24 63.65 2.63
C GLY G 639 -25.60 64.48 1.53
N LYS G 640 -24.29 64.72 1.65
CA LYS G 640 -23.57 65.50 0.65
C LYS G 640 -23.37 64.66 -0.61
N ARG G 641 -23.80 63.41 -0.55
CA ARG G 641 -23.67 62.50 -1.68
C ARG G 641 -25.04 62.03 -2.19
N GLN G 642 -26.07 62.21 -1.37
CA GLN G 642 -27.44 61.84 -1.73
C GLN G 642 -28.35 63.06 -1.71
N LYS G 643 -28.47 63.67 -0.54
CA LYS G 643 -29.31 64.85 -0.38
C LYS G 643 -28.96 65.95 -1.37
N GLU G 644 -27.69 66.01 -1.80
CA GLU G 644 -27.26 67.01 -2.76
C GLU G 644 -27.78 66.73 -4.16
N ILE G 645 -28.41 65.56 -4.31
CA ILE G 645 -28.98 65.17 -5.60
C ILE G 645 -30.43 65.62 -5.67
N TRP G 646 -31.12 65.57 -4.53
CA TRP G 646 -32.52 65.98 -4.45
C TRP G 646 -32.62 67.50 -4.48
N HIS G 647 -31.61 68.15 -3.88
CA HIS G 647 -31.57 69.61 -3.84
C HIS G 647 -31.29 70.09 -5.26
N LEU G 648 -30.57 69.26 -6.03
CA LEU G 648 -30.24 69.56 -7.40
C LEU G 648 -31.08 68.65 -8.29
N LEU G 649 -32.39 68.65 -8.05
CA LEU G 649 -33.32 67.81 -8.80
C LEU G 649 -34.47 68.63 -9.40
N LYS G 650 -34.96 69.62 -8.65
CA LYS G 650 -36.06 70.46 -9.11
C LYS G 650 -35.61 71.53 -10.11
N ILE G 651 -34.44 71.34 -10.72
CA ILE G 651 -33.92 72.28 -11.68
C ILE G 651 -34.88 72.46 -12.85
N ALA G 652 -35.63 71.40 -13.16
CA ALA G 652 -36.59 71.44 -14.25
C ALA G 652 -37.96 70.93 -13.81
N CYS G 653 -38.08 70.66 -12.51
CA CYS G 653 -39.34 70.18 -11.95
C CYS G 653 -40.32 71.33 -11.79
N THR G 654 -39.98 72.47 -12.38
CA THR G 654 -40.83 73.66 -12.32
C THR G 654 -40.82 74.43 -13.63
N GLN G 655 -40.52 73.73 -14.73
CA GLN G 655 -40.50 74.36 -16.05
C GLN G 655 -41.85 74.25 -16.73
N ASP H 1 53.09 1.87 34.05
CA ASP H 1 53.99 3.05 33.88
C ASP H 1 55.10 2.77 32.86
N PRO H 2 54.78 2.92 31.56
CA PRO H 2 55.73 2.69 30.47
C PRO H 2 56.94 3.64 30.50
N GLU H 3 57.83 3.46 29.53
CA GLU H 3 59.04 4.26 29.43
C GLU H 3 58.70 5.74 29.20
N PHE H 4 59.03 6.23 28.00
CA PHE H 4 58.77 7.62 27.63
C PHE H 4 59.53 8.61 28.52
N GLY H 5 60.58 9.20 27.95
CA GLY H 5 61.37 10.17 28.70
C GLY H 5 60.59 11.43 28.93
N ALA H 6 60.96 12.50 28.22
CA ALA H 6 60.28 13.78 28.34
C ALA H 6 60.27 14.23 29.80
N GLY H 7 59.23 13.86 30.53
CA GLY H 7 59.12 14.22 31.93
C GLY H 7 58.44 15.56 32.14
N GLY H 8 57.53 15.91 31.24
CA GLY H 8 56.82 17.18 31.36
C GLY H 8 55.72 17.41 30.34
N PRO H 9 56.06 17.50 29.04
CA PRO H 9 55.09 17.72 27.96
C PRO H 9 53.74 17.02 28.14
N TRP H 10 53.58 15.84 27.53
CA TRP H 10 52.33 15.09 27.63
C TRP H 10 52.20 14.38 28.97
N GLU H 11 51.27 13.44 29.05
CA GLU H 11 51.05 12.68 30.28
C GLU H 11 49.93 11.68 30.08
N MET H 12 50.22 10.41 30.34
CA MET H 12 49.22 9.36 30.17
C MET H 12 48.26 9.24 31.34
N ARG H 13 47.00 8.99 31.04
CA ARG H 13 45.96 8.85 32.06
C ARG H 13 45.86 7.39 32.48
N GLU H 14 45.21 6.58 31.64
CA GLU H 14 45.04 5.16 31.91
C GLU H 14 45.48 4.35 30.71
N ARG H 15 45.77 3.07 30.94
CA ARG H 15 46.18 2.17 29.86
C ARG H 15 44.95 1.73 29.06
N LEU H 16 45.13 0.71 28.23
CA LEU H 16 44.04 0.19 27.42
C LEU H 16 43.89 -1.32 27.57
N GLY H 17 43.05 -1.91 26.71
CA GLY H 17 42.81 -3.34 26.76
C GLY H 17 43.96 -4.20 26.27
N THR H 18 43.67 -5.10 25.34
CA THR H 18 44.66 -6.01 24.78
C THR H 18 45.82 -5.26 24.10
N GLY H 19 46.77 -6.03 23.58
CA GLY H 19 47.91 -5.43 22.91
C GLY H 19 49.21 -6.12 23.30
N GLY H 20 49.47 -6.19 24.60
CA GLY H 20 50.68 -6.83 25.08
C GLY H 20 51.22 -6.18 26.33
N PHE H 21 52.44 -6.54 26.72
CA PHE H 21 53.09 -5.98 27.91
C PHE H 21 53.05 -4.46 27.87
N GLY H 22 52.17 -3.87 28.67
CA GLY H 22 52.07 -2.42 28.70
C GLY H 22 51.81 -1.84 27.32
N ASN H 23 50.70 -2.24 26.73
CA ASN H 23 50.34 -1.76 25.39
C ASN H 23 50.02 -0.26 25.37
N VAL H 24 49.08 0.13 24.51
CA VAL H 24 48.68 1.52 24.36
C VAL H 24 48.23 2.14 25.67
N CYS H 25 48.42 3.45 25.80
CA CYS H 25 48.02 4.17 27.00
C CYS H 25 47.38 5.49 26.61
N LEU H 26 46.35 5.89 27.34
CA LEU H 26 45.64 7.13 27.06
C LEU H 26 46.58 8.30 27.34
N TYR H 27 47.21 8.81 26.28
CA TYR H 27 48.14 9.93 26.40
C TYR H 27 47.49 11.29 26.17
N GLN H 28 47.33 12.05 27.25
CA GLN H 28 46.72 13.38 27.19
C GLN H 28 47.81 14.43 27.41
N HIS H 29 47.62 15.61 26.82
CA HIS H 29 48.60 16.68 26.97
C HIS H 29 48.14 17.66 28.03
N ARG H 30 48.82 17.67 29.17
CA ARG H 30 48.50 18.56 30.28
C ARG H 30 48.39 20.01 29.80
N GLU H 31 49.21 20.35 28.81
CA GLU H 31 49.24 21.70 28.25
C GLU H 31 48.15 21.90 27.21
N LEU H 32 48.26 21.16 26.10
CA LEU H 32 47.27 21.26 25.03
C LEU H 32 45.97 20.55 25.38
N ASP H 33 45.23 20.13 24.35
CA ASP H 33 43.96 19.44 24.53
C ASP H 33 43.93 18.09 23.83
N LEU H 34 45.04 17.74 23.18
CA LEU H 34 45.12 16.47 22.48
C LEU H 34 45.27 15.31 23.46
N LYS H 35 44.48 14.25 23.24
CA LYS H 35 44.51 13.08 24.11
C LYS H 35 44.74 11.79 23.32
N ILE H 36 45.37 11.93 22.15
CA ILE H 36 45.65 10.77 21.31
C ILE H 36 46.51 9.76 22.06
N ALA H 37 46.09 8.49 22.01
CA ALA H 37 46.82 7.43 22.68
C ALA H 37 47.86 6.80 21.76
N ILE H 38 48.98 6.37 22.37
CA ILE H 38 50.07 5.74 21.63
C ILE H 38 50.41 4.39 22.27
N LYS H 39 50.83 3.43 21.45
CA LYS H 39 51.17 2.11 21.95
C LYS H 39 52.61 2.05 22.47
N SER H 40 52.78 1.39 23.60
CA SER H 40 54.09 1.25 24.20
C SER H 40 54.63 -0.15 23.92
N CYS H 41 55.90 -0.21 23.53
CA CYS H 41 56.57 -1.48 23.21
C CYS H 41 56.76 -2.34 24.46
N ARG H 42 56.66 -3.65 24.30
CA ARG H 42 56.85 -4.57 25.42
C ARG H 42 58.30 -4.46 25.92
N LEU H 43 58.75 -5.47 26.64
CA LEU H 43 60.12 -5.50 27.16
C LEU H 43 61.12 -5.59 26.02
N GLU H 44 62.07 -6.52 26.12
CA GLU H 44 63.06 -6.70 25.07
C GLU H 44 62.53 -7.56 23.93
N LEU H 45 61.82 -6.94 23.00
CA LEU H 45 61.26 -7.65 21.85
C LEU H 45 62.38 -8.39 21.11
N SER H 46 62.13 -9.65 20.79
CA SER H 46 63.12 -10.46 20.09
C SER H 46 63.54 -9.79 18.78
N THR H 47 64.77 -10.06 18.35
CA THR H 47 65.31 -9.49 17.12
C THR H 47 64.38 -9.78 15.94
N LYS H 48 63.88 -11.01 15.88
CA LYS H 48 62.99 -11.44 14.81
C LYS H 48 61.61 -10.78 14.96
N ASN H 49 61.21 -10.52 16.20
CA ASN H 49 59.92 -9.90 16.48
C ASN H 49 59.97 -8.39 16.21
N ARG H 50 61.18 -7.86 16.17
CA ARG H 50 61.38 -6.43 15.93
C ARG H 50 60.76 -6.00 14.60
N GLU H 51 60.86 -6.86 13.60
CA GLU H 51 60.33 -6.55 12.28
C GLU H 51 58.80 -6.61 12.29
N ARG H 52 58.24 -7.30 13.28
CA ARG H 52 56.79 -7.43 13.40
C ARG H 52 56.17 -6.11 13.85
N TRP H 53 56.82 -5.45 14.82
CA TRP H 53 56.36 -4.18 15.35
C TRP H 53 56.46 -3.07 14.32
N CYS H 54 57.62 -2.96 13.69
CA CYS H 54 57.83 -1.95 12.65
C CYS H 54 56.89 -2.20 11.47
N HIS H 55 56.35 -3.42 11.41
CA HIS H 55 55.43 -3.82 10.36
C HIS H 55 54.03 -3.28 10.61
N GLU H 56 53.56 -3.42 11.86
CA GLU H 56 52.23 -2.94 12.23
C GLU H 56 52.07 -1.45 11.94
N ILE H 57 53.02 -0.65 12.44
CA ILE H 57 52.98 0.79 12.22
C ILE H 57 52.97 1.12 10.74
N GLN H 58 53.59 0.25 9.94
CA GLN H 58 53.67 0.43 8.50
C GLN H 58 52.28 0.39 7.88
N ILE H 59 51.63 -0.77 7.95
CA ILE H 59 50.29 -0.95 7.40
C ILE H 59 49.25 -0.09 8.13
N MET H 60 49.51 0.24 9.39
CA MET H 60 48.60 1.07 10.17
C MET H 60 48.46 2.46 9.58
N LYS H 61 49.57 3.01 9.10
CA LYS H 61 49.56 4.35 8.50
C LYS H 61 48.91 4.28 7.12
N LYS H 62 48.77 3.07 6.58
CA LYS H 62 48.15 2.86 5.27
C LYS H 62 46.63 2.98 5.40
N LEU H 63 46.12 2.69 6.59
CA LEU H 63 44.68 2.77 6.86
C LEU H 63 44.28 4.20 7.23
N ASN H 64 43.38 4.78 6.43
CA ASN H 64 42.91 6.14 6.68
C ASN H 64 41.39 6.17 6.76
N HIS H 65 40.78 4.99 6.81
CA HIS H 65 39.32 4.88 6.88
C HIS H 65 38.83 5.49 8.19
N ALA H 66 37.90 6.44 8.08
CA ALA H 66 37.34 7.11 9.25
C ALA H 66 36.45 6.20 10.08
N ASN H 67 36.10 5.03 9.54
CA ASN H 67 35.26 4.06 10.21
C ASN H 67 36.15 3.07 10.99
N VAL H 68 37.43 3.06 10.67
CA VAL H 68 38.40 2.17 11.33
C VAL H 68 39.44 3.02 12.06
N VAL H 69 40.04 2.46 13.11
CA VAL H 69 41.05 3.18 13.86
C VAL H 69 42.20 3.61 12.97
N LYS H 70 42.40 4.92 12.84
CA LYS H 70 43.48 5.44 12.00
C LYS H 70 44.77 5.48 12.80
N ALA H 71 45.90 5.24 12.12
CA ALA H 71 47.20 5.25 12.78
C ALA H 71 47.69 6.65 13.05
N CYS H 72 46.84 7.64 12.79
CA CYS H 72 47.19 9.04 13.02
C CYS H 72 48.57 9.32 12.41
N ASP H 73 49.60 9.29 13.25
CA ASP H 73 50.95 9.53 12.78
C ASP H 73 51.97 9.28 13.89
N VAL H 74 52.44 10.36 14.52
CA VAL H 74 53.42 10.26 15.59
C VAL H 74 53.20 11.37 16.60
N PRO H 75 53.56 11.13 17.86
CA PRO H 75 53.40 12.12 18.92
C PRO H 75 54.29 13.33 18.75
N GLU H 76 55.29 13.44 19.62
CA GLU H 76 56.22 14.57 19.59
C GLU H 76 57.62 14.14 20.00
N GLU H 77 57.71 13.12 20.85
CA GLU H 77 59.01 12.63 21.33
C GLU H 77 59.45 11.39 20.57
N LEU H 78 58.50 10.50 20.29
CA LEU H 78 58.78 9.27 19.57
C LEU H 78 59.61 8.33 20.45
N ASN H 79 60.90 8.23 20.16
CA ASN H 79 61.82 7.38 20.91
C ASN H 79 61.55 5.93 20.53
N ILE H 80 62.21 4.99 21.21
CA ILE H 80 62.04 3.57 20.93
C ILE H 80 61.64 2.76 22.17
N LEU H 81 61.36 3.47 23.26
CA LEU H 81 60.97 2.83 24.51
C LEU H 81 62.07 1.92 25.02
N ILE H 82 61.69 0.73 25.50
CA ILE H 82 62.65 -0.23 26.03
C ILE H 82 63.65 -0.61 24.94
N HIS H 83 63.40 -1.74 24.27
CA HIS H 83 64.28 -2.23 23.22
C HIS H 83 64.07 -1.40 21.96
N ASP H 84 64.84 -1.70 20.92
CA ASP H 84 64.76 -0.98 19.66
C ASP H 84 63.41 -1.18 18.98
N VAL H 85 62.43 -0.37 19.37
CA VAL H 85 61.08 -0.46 18.81
C VAL H 85 60.37 0.88 18.83
N PRO H 86 59.90 1.35 17.65
CA PRO H 86 59.20 2.64 17.51
C PRO H 86 57.83 2.62 18.19
N LEU H 87 57.13 3.75 18.16
CA LEU H 87 55.82 3.82 18.79
C LEU H 87 54.69 3.78 17.78
N LEU H 88 53.46 3.74 18.29
CA LEU H 88 52.28 3.69 17.44
C LEU H 88 51.20 4.67 17.94
N ALA H 89 51.19 5.88 17.40
CA ALA H 89 50.21 6.89 17.79
C ALA H 89 48.91 6.64 17.04
N MET H 90 47.79 6.98 17.66
CA MET H 90 46.49 6.76 17.04
C MET H 90 45.38 7.52 17.75
N GLU H 91 44.28 7.74 17.02
CA GLU H 91 43.13 8.45 17.56
C GLU H 91 42.54 7.75 18.79
N TYR H 92 42.09 8.53 19.76
CA TYR H 92 41.51 7.99 20.99
C TYR H 92 39.98 8.14 20.98
N CYS H 93 39.30 7.19 21.62
CA CYS H 93 37.84 7.19 21.69
C CYS H 93 37.38 6.87 23.11
N SER H 94 36.73 7.82 23.75
CA SER H 94 36.25 7.63 25.11
C SER H 94 34.97 6.82 25.15
N GLY H 95 34.43 6.51 23.98
CA GLY H 95 33.21 5.73 23.91
C GLY H 95 33.37 4.30 24.42
N GLY H 96 34.58 3.98 24.86
CA GLY H 96 34.86 2.65 25.35
C GLY H 96 34.72 1.58 24.29
N ASP H 97 35.08 0.35 24.64
CA ASP H 97 35.00 -0.76 23.70
C ASP H 97 33.55 -1.16 23.47
N LEU H 98 33.35 -2.16 22.62
CA LEU H 98 32.01 -2.65 22.32
C LEU H 98 31.47 -3.48 23.50
N ARG H 99 32.36 -4.18 24.18
CA ARG H 99 31.97 -5.02 25.31
C ARG H 99 31.21 -4.21 26.35
N LYS H 100 31.45 -2.90 26.37
CA LYS H 100 30.77 -2.03 27.31
C LYS H 100 29.28 -2.01 26.99
N LEU H 101 28.94 -1.61 25.76
CA LEU H 101 27.56 -1.54 25.31
C LEU H 101 26.87 -2.89 25.39
N LEU H 102 27.66 -3.95 25.25
CA LEU H 102 27.14 -5.30 25.29
C LEU H 102 26.79 -5.72 26.71
N ASN H 103 27.65 -5.36 27.67
CA ASN H 103 27.42 -5.71 29.06
C ASN H 103 26.35 -4.84 29.72
N LYS H 104 25.95 -3.76 29.06
CA LYS H 104 24.94 -2.87 29.60
C LYS H 104 23.65 -3.64 29.90
N PRO H 105 23.19 -3.59 31.16
CA PRO H 105 21.96 -4.28 31.58
C PRO H 105 20.76 -3.93 30.70
N GLU H 106 20.71 -2.67 30.27
CA GLU H 106 19.63 -2.19 29.40
C GLU H 106 19.58 -2.99 28.10
N ASN H 107 20.76 -3.41 27.64
CA ASN H 107 20.91 -4.20 26.42
C ASN H 107 21.36 -5.60 26.80
N CYS H 108 21.03 -6.00 28.03
CA CYS H 108 21.40 -7.30 28.55
C CYS H 108 21.01 -8.42 27.59
N CYS H 109 19.91 -8.22 26.87
CA CYS H 109 19.42 -9.22 25.93
C CYS H 109 19.06 -8.61 24.58
N GLY H 110 20.08 -8.41 23.75
CA GLY H 110 19.86 -7.85 22.43
C GLY H 110 19.73 -6.34 22.43
N LEU H 111 20.66 -5.67 21.73
CA LEU H 111 20.65 -4.22 21.64
C LEU H 111 19.45 -3.74 20.83
N LYS H 112 19.25 -2.43 20.79
CA LYS H 112 18.13 -1.84 20.06
C LYS H 112 18.40 -1.88 18.57
N GLU H 113 17.33 -2.05 17.79
CA GLU H 113 17.44 -2.12 16.33
C GLU H 113 18.37 -1.04 15.78
N SER H 114 18.27 0.17 16.33
CA SER H 114 19.11 1.28 15.89
C SER H 114 20.60 0.95 16.00
N GLN H 115 21.05 0.67 17.22
CA GLN H 115 22.44 0.32 17.47
C GLN H 115 22.88 -0.90 16.65
N ILE H 116 22.00 -1.89 16.56
CA ILE H 116 22.29 -3.11 15.80
C ILE H 116 22.76 -2.79 14.38
N LEU H 117 21.82 -2.34 13.55
CA LEU H 117 22.12 -2.00 12.17
C LEU H 117 23.24 -0.96 12.08
N SER H 118 23.32 -0.10 13.08
CA SER H 118 24.34 0.96 13.12
C SER H 118 25.73 0.34 13.27
N LEU H 119 25.77 -0.96 13.56
CA LEU H 119 27.04 -1.67 13.73
C LEU H 119 27.43 -2.36 12.43
N LEU H 120 26.43 -2.78 11.66
CA LEU H 120 26.66 -3.42 10.39
C LEU H 120 27.18 -2.41 9.37
N SER H 121 26.49 -1.27 9.27
CA SER H 121 26.89 -0.22 8.34
C SER H 121 28.27 0.33 8.71
N ASP H 122 28.67 0.11 9.96
CA ASP H 122 29.96 0.58 10.44
C ASP H 122 31.04 -0.49 10.30
N ILE H 123 30.99 -1.50 11.18
CA ILE H 123 31.96 -2.58 11.18
C ILE H 123 31.97 -3.28 9.82
N GLY H 124 30.80 -3.39 9.20
CA GLY H 124 30.69 -4.03 7.91
C GLY H 124 31.47 -3.30 6.83
N SER H 125 31.55 -1.98 6.96
CA SER H 125 32.26 -1.15 6.00
C SER H 125 33.76 -1.20 6.28
N GLY H 126 34.12 -1.08 7.56
CA GLY H 126 35.51 -1.12 7.96
C GLY H 126 36.14 -2.48 7.71
N ILE H 127 35.41 -3.53 8.05
CA ILE H 127 35.90 -4.89 7.85
C ILE H 127 36.13 -5.13 6.36
N ARG H 128 35.36 -4.44 5.53
CA ARG H 128 35.47 -4.56 4.08
C ARG H 128 36.70 -3.79 3.59
N TYR H 129 36.89 -2.60 4.16
CA TYR H 129 38.03 -1.76 3.80
C TYR H 129 39.35 -2.51 3.99
N LEU H 130 39.50 -3.15 5.15
CA LEU H 130 40.70 -3.91 5.46
C LEU H 130 40.96 -4.98 4.40
N HIS H 131 39.87 -5.51 3.84
CA HIS H 131 39.98 -6.53 2.80
C HIS H 131 40.37 -5.91 1.47
N GLU H 132 40.29 -4.59 1.38
CA GLU H 132 40.63 -3.87 0.16
C GLU H 132 42.09 -3.45 0.22
N ASN H 133 42.82 -3.97 1.20
CA ASN H 133 44.24 -3.67 1.37
C ASN H 133 44.99 -4.95 1.71
N LYS H 134 44.36 -6.09 1.40
CA LYS H 134 44.93 -7.40 1.67
C LYS H 134 45.24 -7.58 3.15
N ILE H 135 44.60 -6.77 3.98
CA ILE H 135 44.79 -6.83 5.42
C ILE H 135 43.60 -7.58 6.04
N ILE H 136 43.88 -8.74 6.62
CA ILE H 136 42.85 -9.56 7.23
C ILE H 136 42.99 -9.65 8.76
N HIS H 137 41.98 -9.14 9.46
CA HIS H 137 41.99 -9.15 10.92
C HIS H 137 41.02 -10.22 11.40
N ARG H 138 41.55 -11.39 11.73
CA ARG H 138 40.71 -12.49 12.19
C ARG H 138 40.30 -12.37 13.66
N ASP H 139 41.16 -11.75 14.47
CA ASP H 139 40.87 -11.58 15.90
C ASP H 139 39.84 -10.47 16.12
N LEU H 140 38.84 -10.42 15.25
CA LEU H 140 37.77 -9.42 15.35
C LEU H 140 36.80 -9.75 16.48
N LYS H 141 37.26 -9.56 17.71
CA LYS H 141 36.44 -9.83 18.89
C LYS H 141 35.87 -8.52 19.43
N PRO H 142 34.67 -8.60 20.03
CA PRO H 142 33.98 -7.44 20.60
C PRO H 142 34.89 -6.47 21.37
N GLU H 143 35.81 -7.03 22.17
CA GLU H 143 36.73 -6.21 22.95
C GLU H 143 37.76 -5.50 22.08
N ASN H 144 37.48 -5.42 20.78
CA ASN H 144 38.38 -4.77 19.83
C ASN H 144 37.63 -3.80 18.94
N ILE H 145 36.43 -3.41 19.37
CA ILE H 145 35.60 -2.47 18.62
C ILE H 145 35.27 -1.25 19.48
N VAL H 146 36.11 -0.22 19.37
CA VAL H 146 35.91 1.01 20.13
C VAL H 146 34.74 1.83 19.59
N LEU H 147 34.17 2.68 20.45
CA LEU H 147 33.05 3.53 20.07
C LEU H 147 33.40 5.00 20.29
N GLN H 148 32.75 5.88 19.54
CA GLN H 148 32.99 7.31 19.66
C GLN H 148 31.73 8.10 19.31
N ASP H 149 31.53 9.21 20.02
CA ASP H 149 30.37 10.06 19.79
C ASP H 149 30.71 11.14 18.77
N VAL H 150 31.13 10.71 17.59
CA VAL H 150 31.50 11.63 16.51
C VAL H 150 30.29 12.46 16.11
N GLY H 151 30.20 13.67 16.68
CA GLY H 151 29.09 14.55 16.36
C GLY H 151 27.90 14.34 17.28
N GLY H 152 27.15 13.26 17.02
CA GLY H 152 25.99 12.97 17.85
C GLY H 152 25.67 11.49 17.90
N LYS H 153 25.90 10.79 16.80
CA LYS H 153 25.63 9.36 16.74
C LYS H 153 26.86 8.55 17.11
N ILE H 154 26.63 7.31 17.54
CA ILE H 154 27.73 6.41 17.92
C ILE H 154 28.42 5.86 16.68
N ILE H 155 29.75 5.98 16.66
CA ILE H 155 30.53 5.49 15.54
C ILE H 155 31.42 4.32 15.94
N HIS H 156 31.09 3.13 15.43
CA HIS H 156 31.86 1.93 15.74
C HIS H 156 33.13 1.90 14.88
N LYS H 157 34.24 1.48 15.48
CA LYS H 157 35.51 1.43 14.77
C LYS H 157 36.36 0.23 15.19
N ILE H 158 36.88 -0.50 14.21
CA ILE H 158 37.73 -1.65 14.49
C ILE H 158 39.05 -1.10 15.02
N ILE H 159 39.80 -1.91 15.76
CA ILE H 159 41.06 -1.44 16.30
C ILE H 159 42.02 -2.58 16.64
N ASP H 160 43.29 -2.24 16.73
CA ASP H 160 44.34 -3.21 17.04
C ASP H 160 44.45 -4.29 15.98
N LEU H 161 45.61 -4.33 15.32
CA LEU H 161 45.87 -5.32 14.28
C LEU H 161 47.17 -6.08 14.55
N GLY H 162 47.69 -5.94 15.76
CA GLY H 162 48.92 -6.63 16.12
C GLY H 162 48.79 -8.14 16.14
N TYR H 163 47.56 -8.64 16.11
CA TYR H 163 47.34 -10.08 16.14
C TYR H 163 46.86 -10.60 14.79
N ALA H 164 46.17 -9.75 14.04
CA ALA H 164 45.64 -10.14 12.74
C ALA H 164 46.73 -10.56 11.76
N LYS H 165 46.29 -11.04 10.60
CA LYS H 165 47.19 -11.50 9.55
C LYS H 165 47.30 -10.41 8.50
N ASP H 166 48.33 -10.47 7.67
CA ASP H 166 48.53 -9.46 6.62
C ASP H 166 49.05 -10.09 5.33
N VAL H 167 50.02 -9.43 4.69
CA VAL H 167 50.58 -9.94 3.45
C VAL H 167 51.76 -9.09 2.97
N ASP H 168 51.90 -7.89 3.51
CA ASP H 168 52.98 -6.99 3.11
C ASP H 168 54.30 -7.49 3.67
N GLN H 169 54.92 -6.69 4.53
CA GLN H 169 56.19 -7.08 5.15
C GLN H 169 55.97 -8.29 6.07
N GLY H 170 56.04 -9.48 5.51
CA GLY H 170 55.85 -10.68 6.29
C GLY H 170 54.42 -11.22 6.26
N GLU H 171 53.95 -11.69 7.40
CA GLU H 171 52.61 -12.23 7.53
C GLU H 171 52.29 -12.63 8.97
N LEU H 172 51.09 -12.32 9.42
CA LEU H 172 50.66 -12.61 10.78
C LEU H 172 51.63 -12.05 11.80
N CYS H 173 51.43 -12.41 13.07
CA CYS H 173 52.29 -11.95 14.14
C CYS H 173 52.29 -12.97 15.27
N THR H 174 51.15 -13.59 15.51
CA THR H 174 51.00 -14.59 16.57
C THR H 174 49.68 -15.33 16.44
N GLU H 175 49.76 -16.65 16.37
CA GLU H 175 48.57 -17.49 16.24
C GLU H 175 47.61 -17.28 17.41
N PHE H 176 47.59 -18.26 18.32
CA PHE H 176 46.73 -18.20 19.49
C PHE H 176 46.88 -16.87 20.21
N VAL H 177 45.77 -16.39 20.80
CA VAL H 177 45.76 -15.12 21.52
C VAL H 177 45.35 -15.33 22.98
N GLY H 178 44.41 -14.51 23.45
CA GLY H 178 43.96 -14.62 24.82
C GLY H 178 42.45 -14.54 24.92
N THR H 179 41.89 -15.34 25.82
CA THR H 179 40.44 -15.37 26.03
C THR H 179 39.74 -15.59 24.69
N LEU H 180 40.29 -16.49 23.89
CA LEU H 180 39.74 -16.81 22.58
C LEU H 180 38.28 -17.25 22.68
N GLN H 181 37.53 -17.00 21.61
CA GLN H 181 36.12 -17.36 21.57
C GLN H 181 35.53 -16.96 20.21
N TYR H 182 35.47 -15.67 19.96
CA TYR H 182 34.92 -15.15 18.70
C TYR H 182 35.96 -15.19 17.60
N LEU H 183 36.01 -16.30 16.89
CA LEU H 183 36.94 -16.50 15.79
C LEU H 183 36.58 -17.75 15.01
N ALA H 184 36.74 -17.70 13.69
CA ALA H 184 36.45 -18.83 12.82
C ALA H 184 37.23 -20.05 13.26
N PRO H 185 36.66 -21.26 13.05
CA PRO H 185 37.31 -22.52 13.42
C PRO H 185 38.53 -22.86 12.57
N GLU H 186 39.04 -21.87 11.83
CA GLU H 186 40.20 -22.08 10.98
C GLU H 186 41.48 -22.14 11.79
N LEU H 187 41.76 -21.08 12.55
CA LEU H 187 42.96 -21.03 13.36
C LEU H 187 42.99 -22.06 14.48
N PHE H 188 41.92 -22.82 14.62
CA PHE H 188 41.84 -23.84 15.66
C PHE H 188 42.53 -25.13 15.22
N GLU H 189 42.94 -25.17 13.95
CA GLU H 189 43.61 -26.35 13.41
C GLU H 189 44.97 -25.97 12.84
N ASN H 190 45.26 -24.66 12.82
CA ASN H 190 46.52 -24.16 12.31
C ASN H 190 46.74 -24.58 10.86
N LYS H 191 45.67 -25.06 10.24
CA LYS H 191 45.71 -25.51 8.85
C LYS H 191 45.55 -24.32 7.92
N PRO H 192 45.79 -24.51 6.61
CA PRO H 192 45.67 -23.42 5.64
C PRO H 192 44.35 -22.66 5.77
N TYR H 193 44.44 -21.47 6.37
CA TYR H 193 43.27 -20.63 6.58
C TYR H 193 42.88 -19.89 5.30
N THR H 194 41.87 -19.03 5.39
CA THR H 194 41.41 -18.26 4.25
C THR H 194 41.20 -16.79 4.62
N ALA H 195 40.53 -16.05 3.75
CA ALA H 195 40.27 -14.64 3.98
C ALA H 195 38.87 -14.43 4.55
N THR H 196 38.08 -15.51 4.59
CA THR H 196 36.72 -15.46 5.10
C THR H 196 36.70 -15.56 6.62
N VAL H 197 37.86 -15.83 7.21
CA VAL H 197 37.99 -15.96 8.66
C VAL H 197 37.40 -14.75 9.39
N ASP H 198 37.43 -13.60 8.73
CA ASP H 198 36.89 -12.38 9.30
C ASP H 198 35.36 -12.37 9.30
N TYR H 199 34.77 -12.92 8.24
CA TYR H 199 33.32 -12.97 8.10
C TYR H 199 32.67 -13.63 9.31
N TRP H 200 33.33 -14.65 9.84
CA TRP H 200 32.81 -15.36 11.00
C TRP H 200 32.81 -14.48 12.25
N SER H 201 33.96 -13.86 12.52
CA SER H 201 34.10 -12.98 13.68
C SER H 201 33.03 -11.90 13.67
N PHE H 202 32.81 -11.30 12.50
CA PHE H 202 31.82 -10.25 12.35
C PHE H 202 30.39 -10.80 12.51
N GLY H 203 30.12 -11.94 11.89
CA GLY H 203 28.81 -12.54 11.99
C GLY H 203 28.42 -12.88 13.42
N THR H 204 29.30 -13.59 14.11
CA THR H 204 29.05 -13.97 15.49
C THR H 204 28.63 -12.79 16.37
N MET H 205 29.34 -11.68 16.23
CA MET H 205 29.04 -10.49 17.02
C MET H 205 27.69 -9.93 16.65
N VAL H 206 27.42 -9.85 15.35
CA VAL H 206 26.13 -9.33 14.87
C VAL H 206 24.98 -10.09 15.53
N PHE H 207 25.16 -11.40 15.67
CA PHE H 207 24.14 -12.23 16.28
C PHE H 207 23.95 -11.82 17.73
N GLU H 208 25.05 -11.76 18.46
CA GLU H 208 25.05 -11.39 19.87
C GLU H 208 24.45 -10.00 20.09
N CYS H 209 24.64 -9.12 19.12
CA CYS H 209 24.11 -7.76 19.23
C CYS H 209 22.60 -7.75 19.00
N ILE H 210 22.01 -8.94 18.97
CA ILE H 210 20.57 -9.08 18.77
C ILE H 210 19.99 -10.00 19.84
N ALA H 211 20.77 -11.01 20.21
CA ALA H 211 20.34 -11.97 21.22
C ALA H 211 20.91 -11.62 22.57
N GLY H 212 22.19 -11.27 22.59
CA GLY H 212 22.85 -10.91 23.83
C GLY H 212 23.86 -11.95 24.29
N TYR H 213 24.09 -12.96 23.45
CA TYR H 213 25.04 -14.02 23.76
C TYR H 213 25.59 -14.68 22.51
N ARG H 214 26.55 -15.59 22.72
CA ARG H 214 27.18 -16.32 21.63
C ARG H 214 26.20 -16.86 20.59
N PRO H 215 26.67 -17.03 19.35
CA PRO H 215 25.84 -17.55 18.25
C PRO H 215 25.58 -19.05 18.36
N PHE H 216 26.09 -19.65 19.42
CA PHE H 216 25.93 -21.09 19.64
C PHE H 216 25.84 -21.35 21.14
N LEU H 217 26.68 -22.25 21.64
CA LEU H 217 26.68 -22.58 23.06
C LEU H 217 27.22 -21.41 23.87
N HIS H 218 26.31 -20.66 24.49
CA HIS H 218 26.67 -19.50 25.30
C HIS H 218 27.49 -19.89 26.51
N HIS H 219 28.54 -19.11 26.77
CA HIS H 219 29.43 -19.35 27.90
C HIS H 219 30.02 -20.76 27.92
N LEU H 220 30.64 -21.15 26.82
CA LEU H 220 31.27 -22.47 26.72
C LEU H 220 32.64 -22.37 26.06
N GLN H 221 33.68 -22.77 26.81
CA GLN H 221 35.04 -22.74 26.31
C GLN H 221 35.12 -23.31 24.89
N PRO H 222 35.87 -22.65 24.00
CA PRO H 222 36.02 -23.10 22.61
C PRO H 222 36.63 -24.49 22.48
N PHE H 223 37.17 -25.00 23.59
CA PHE H 223 37.78 -26.32 23.60
C PHE H 223 36.71 -27.36 23.29
N THR H 224 35.53 -27.19 23.88
CA THR H 224 34.41 -28.09 23.68
C THR H 224 33.32 -27.41 22.87
N TRP H 225 33.52 -26.12 22.59
CA TRP H 225 32.56 -25.35 21.82
C TRP H 225 32.70 -25.71 20.34
N HIS H 226 33.37 -26.82 20.08
CA HIS H 226 33.59 -27.30 18.72
C HIS H 226 33.24 -28.79 18.60
N GLU H 227 33.80 -29.59 19.50
CA GLU H 227 33.55 -31.03 19.51
C GLU H 227 32.14 -31.32 19.99
N LYS H 228 31.17 -30.69 19.34
CA LYS H 228 29.76 -30.85 19.68
C LYS H 228 28.91 -30.11 18.66
N ILE H 229 29.50 -29.09 18.05
CA ILE H 229 28.81 -28.30 17.06
C ILE H 229 29.60 -28.28 15.75
N LYS H 230 30.69 -29.04 15.72
CA LYS H 230 31.53 -29.12 14.53
C LYS H 230 30.72 -29.39 13.27
N LYS H 231 29.67 -30.20 13.41
CA LYS H 231 28.81 -30.54 12.29
C LYS H 231 28.23 -29.28 11.67
N LYS H 232 27.90 -28.30 12.52
CA LYS H 232 27.36 -27.02 12.09
C LYS H 232 26.27 -27.25 11.03
N ASP H 233 25.06 -27.50 11.50
CA ASP H 233 23.92 -27.74 10.61
C ASP H 233 23.81 -26.72 9.47
N PRO H 234 22.96 -27.01 8.48
CA PRO H 234 22.76 -26.14 7.33
C PRO H 234 22.38 -24.70 7.70
N LYS H 235 23.35 -23.80 7.54
CA LYS H 235 23.16 -22.38 7.83
C LYS H 235 22.61 -22.15 9.24
N CYS H 236 23.14 -22.91 10.19
CA CYS H 236 22.74 -22.78 11.59
C CYS H 236 23.39 -21.55 12.21
N ILE H 237 22.63 -20.82 13.01
CA ILE H 237 23.14 -19.61 13.66
C ILE H 237 22.80 -19.56 15.15
N PHE H 238 22.51 -20.72 15.74
CA PHE H 238 22.18 -20.77 17.16
C PHE H 238 22.20 -22.21 17.67
N ALA H 239 22.60 -22.37 18.94
CA ALA H 239 22.67 -23.70 19.55
C ALA H 239 22.95 -23.59 21.06
N CYS H 240 21.89 -23.52 21.86
CA CYS H 240 22.05 -23.41 23.29
C CYS H 240 21.88 -24.77 23.94
N GLU H 241 21.86 -24.78 25.27
CA GLU H 241 21.69 -26.02 26.02
C GLU H 241 20.40 -26.00 26.82
N GLU H 242 19.52 -26.97 26.54
CA GLU H 242 18.25 -27.08 27.22
C GLU H 242 18.43 -27.16 28.73
N MET H 243 17.36 -26.90 29.48
CA MET H 243 17.38 -26.95 30.94
C MET H 243 17.92 -28.28 31.42
N SER H 244 17.68 -29.32 30.63
CA SER H 244 18.14 -30.67 30.97
C SER H 244 19.55 -30.91 30.43
N GLY H 245 20.32 -29.84 30.28
CA GLY H 245 21.69 -29.96 29.78
C GLY H 245 21.76 -30.39 28.34
N GLU H 246 20.63 -30.76 27.76
CA GLU H 246 20.58 -31.20 26.36
C GLU H 246 21.09 -30.10 25.42
N VAL H 247 21.29 -30.46 24.16
CA VAL H 247 21.78 -29.52 23.16
C VAL H 247 20.79 -29.40 22.00
N ARG H 248 20.42 -28.17 21.64
CA ARG H 248 19.49 -27.92 20.56
C ARG H 248 20.06 -26.97 19.54
N PHE H 249 19.86 -27.29 18.27
CA PHE H 249 20.36 -26.48 17.16
C PHE H 249 19.20 -25.78 16.45
N SER H 250 19.52 -24.69 15.74
CA SER H 250 18.51 -23.94 15.01
C SER H 250 19.14 -22.90 14.07
N SER H 251 18.53 -22.72 12.91
CA SER H 251 19.03 -21.77 11.93
C SER H 251 18.20 -20.50 11.97
N HIS H 252 17.39 -20.35 13.02
CA HIS H 252 16.53 -19.19 13.18
C HIS H 252 17.16 -18.19 14.16
N LEU H 253 16.49 -17.06 14.34
CA LEU H 253 16.98 -16.02 15.25
C LEU H 253 16.16 -16.06 16.53
N PRO H 254 16.80 -16.41 17.65
CA PRO H 254 16.17 -16.50 18.97
C PRO H 254 15.33 -15.28 19.36
N GLN H 255 14.56 -15.42 20.44
CA GLN H 255 13.71 -14.36 20.96
C GLN H 255 13.96 -14.16 22.46
N PRO H 256 13.72 -12.94 22.98
CA PRO H 256 13.23 -11.78 22.26
C PRO H 256 14.37 -10.98 21.61
N ASN H 257 14.07 -10.30 20.51
CA ASN H 257 15.06 -9.50 19.81
C ASN H 257 14.62 -8.03 19.79
N SER H 258 15.14 -7.27 18.83
CA SER H 258 14.79 -5.86 18.71
C SER H 258 14.56 -5.48 17.24
N LEU H 259 14.75 -6.44 16.35
CA LEU H 259 14.55 -6.22 14.93
C LEU H 259 13.05 -6.27 14.60
N CYS H 260 12.63 -5.53 13.57
CA CYS H 260 11.23 -5.50 13.19
C CYS H 260 10.86 -6.82 12.52
N SER H 261 9.56 -7.01 12.27
CA SER H 261 9.09 -8.23 11.64
C SER H 261 9.48 -8.34 10.17
N LEU H 262 10.30 -7.40 9.70
CA LEU H 262 10.73 -7.40 8.31
C LEU H 262 12.24 -7.62 8.18
N ILE H 263 13.01 -6.94 9.03
CA ILE H 263 14.47 -7.07 8.99
C ILE H 263 14.91 -8.48 9.39
N VAL H 264 13.98 -9.25 9.95
CA VAL H 264 14.28 -10.62 10.39
C VAL H 264 14.61 -11.54 9.21
N GLU H 265 13.76 -11.51 8.19
CA GLU H 265 13.95 -12.35 7.01
C GLU H 265 15.37 -12.27 6.44
N PRO H 266 15.90 -11.04 6.27
CA PRO H 266 17.26 -10.88 5.72
C PRO H 266 18.37 -11.08 6.75
N MET H 267 18.11 -10.62 7.97
CA MET H 267 19.09 -10.73 9.04
C MET H 267 19.48 -12.19 9.30
N GLU H 268 18.48 -13.07 9.35
CA GLU H 268 18.73 -14.49 9.59
C GLU H 268 19.58 -15.08 8.47
N ASN H 269 19.15 -14.83 7.24
CA ASN H 269 19.87 -15.33 6.08
C ASN H 269 21.29 -14.80 6.05
N TRP H 270 21.46 -13.53 6.41
CA TRP H 270 22.77 -12.89 6.42
C TRP H 270 23.70 -13.64 7.38
N LEU H 271 23.24 -13.78 8.62
CA LEU H 271 24.00 -14.48 9.65
C LEU H 271 24.36 -15.90 9.21
N GLN H 272 23.50 -16.50 8.39
CA GLN H 272 23.73 -17.85 7.90
C GLN H 272 25.00 -17.96 7.07
N LEU H 273 25.21 -17.04 6.13
CA LEU H 273 26.40 -17.07 5.29
C LEU H 273 27.64 -16.58 6.05
N MET H 274 27.41 -15.88 7.16
CA MET H 274 28.50 -15.38 7.98
C MET H 274 28.87 -16.36 9.07
N LEU H 275 27.94 -17.25 9.41
CA LEU H 275 28.16 -18.25 10.44
C LEU H 275 28.18 -19.66 9.88
N ASN H 276 29.13 -19.93 9.01
CA ASN H 276 29.27 -21.25 8.41
C ASN H 276 30.68 -21.77 8.69
N TRP H 277 30.77 -23.06 8.97
CA TRP H 277 32.06 -23.68 9.29
C TRP H 277 33.06 -23.56 8.14
N ASP H 278 32.70 -24.09 6.98
CA ASP H 278 33.57 -24.04 5.81
C ASP H 278 33.95 -22.59 5.50
N PRO H 279 35.25 -22.31 5.34
CA PRO H 279 35.74 -20.96 5.04
C PRO H 279 35.29 -20.40 3.69
N GLN H 280 35.50 -21.19 2.63
CA GLN H 280 35.13 -20.78 1.29
C GLN H 280 33.62 -20.69 1.10
N GLN H 281 32.87 -21.19 2.07
CA GLN H 281 31.41 -21.16 2.00
C GLN H 281 30.85 -19.84 2.52
N ARG H 282 31.54 -19.25 3.49
CA ARG H 282 31.11 -17.97 4.06
C ARG H 282 31.27 -16.83 3.08
N GLY H 283 30.32 -16.73 2.15
CA GLY H 283 30.35 -15.68 1.15
C GLY H 283 30.59 -16.22 -0.25
N GLY H 284 30.18 -17.47 -0.47
CA GLY H 284 30.36 -18.09 -1.77
C GLY H 284 29.81 -17.28 -2.93
N PRO H 285 28.48 -17.07 -3.00
CA PRO H 285 27.84 -16.31 -4.06
C PRO H 285 28.49 -14.94 -4.31
N VAL H 286 29.49 -14.90 -5.18
CA VAL H 286 30.19 -13.66 -5.51
C VAL H 286 29.64 -13.09 -6.81
N ASP H 287 28.55 -12.34 -6.71
CA ASP H 287 27.92 -11.74 -7.88
C ASP H 287 28.86 -10.70 -8.49
N LEU H 288 29.46 -11.06 -9.62
CA LEU H 288 30.40 -10.19 -10.32
C LEU H 288 29.80 -8.84 -10.67
N THR H 289 28.47 -8.77 -10.70
CA THR H 289 27.77 -7.53 -11.03
C THR H 289 28.19 -6.40 -10.09
N LEU H 290 28.71 -6.77 -8.93
CA LEU H 290 29.15 -5.80 -7.93
C LEU H 290 30.48 -6.23 -7.33
N LYS H 291 30.92 -7.43 -7.72
CA LYS H 291 32.18 -8.00 -7.25
C LYS H 291 32.23 -8.07 -5.72
N GLN H 292 31.11 -8.47 -5.13
CA GLN H 292 31.01 -8.60 -3.67
C GLN H 292 30.27 -9.89 -3.31
N PRO H 293 30.70 -10.56 -2.23
CA PRO H 293 30.06 -11.81 -1.79
C PRO H 293 28.63 -11.58 -1.28
N ARG H 294 27.84 -12.63 -1.26
CA ARG H 294 26.45 -12.56 -0.80
C ARG H 294 26.39 -12.03 0.63
N CYS H 295 27.54 -11.99 1.30
CA CYS H 295 27.61 -11.50 2.67
C CYS H 295 27.34 -10.00 2.72
N PHE H 296 28.05 -9.24 1.90
CA PHE H 296 27.86 -7.79 1.85
C PHE H 296 26.67 -7.41 0.99
N VAL H 297 26.19 -8.37 0.20
CA VAL H 297 25.04 -8.15 -0.67
C VAL H 297 23.78 -7.94 0.17
N LEU H 298 23.45 -8.91 1.01
CA LEU H 298 22.28 -8.83 1.87
C LEU H 298 22.38 -7.63 2.82
N MET H 299 23.60 -7.37 3.29
CA MET H 299 23.86 -6.26 4.21
C MET H 299 23.38 -4.95 3.57
N ASP H 300 23.89 -4.67 2.38
CA ASP H 300 23.51 -3.46 1.65
C ASP H 300 22.03 -3.51 1.27
N HIS H 301 21.51 -4.72 1.08
CA HIS H 301 20.10 -4.91 0.73
C HIS H 301 19.22 -4.55 1.92
N ILE H 302 19.76 -4.67 3.11
CA ILE H 302 19.04 -4.35 4.33
C ILE H 302 19.14 -2.86 4.67
N LEU H 303 20.37 -2.41 4.96
CA LEU H 303 20.61 -1.01 5.32
C LEU H 303 19.92 -0.05 4.35
N ASN H 304 19.95 -0.38 3.06
CA ASN H 304 19.33 0.47 2.06
C ASN H 304 17.86 0.13 1.90
N LEU H 305 17.10 0.34 2.97
CA LEU H 305 15.67 0.07 2.95
C LEU H 305 14.91 1.19 3.68
N LYS H 306 13.58 1.15 3.60
CA LYS H 306 12.74 2.15 4.24
C LYS H 306 12.17 1.58 5.52
N ILE H 307 11.22 0.66 5.38
CA ILE H 307 10.59 0.02 6.52
C ILE H 307 10.09 1.07 7.53
N VAL H 308 8.91 1.62 7.26
CA VAL H 308 8.33 2.63 8.14
C VAL H 308 7.47 1.99 9.24
N HIS H 309 7.89 2.15 10.48
CA HIS H 309 7.16 1.60 11.62
C HIS H 309 5.89 2.42 11.86
N ILE H 310 4.76 1.73 12.04
CA ILE H 310 3.49 2.40 12.27
C ILE H 310 2.83 1.92 13.55
N LEU H 311 2.58 2.84 14.47
CA LEU H 311 1.96 2.49 15.73
C LEU H 311 0.46 2.77 15.68
N ASN H 312 -0.34 1.72 15.84
CA ASN H 312 -1.79 1.85 15.81
C ASN H 312 -2.32 2.28 17.18
N MET H 313 -2.75 3.53 17.28
CA MET H 313 -3.27 4.05 18.53
C MET H 313 -4.69 3.57 18.79
N THR H 314 -4.99 2.36 18.34
CA THR H 314 -6.32 1.79 18.54
C THR H 314 -6.19 0.36 18.99
N SER H 315 -4.99 -0.20 18.85
CA SER H 315 -4.71 -1.57 19.25
C SER H 315 -3.27 -1.75 19.76
N ALA H 316 -2.60 -0.63 19.99
CA ALA H 316 -1.24 -0.64 20.49
C ALA H 316 -0.32 -1.52 19.64
N LYS H 317 -0.73 -1.74 18.39
CA LYS H 317 0.06 -2.55 17.48
C LYS H 317 1.12 -1.71 16.77
N ILE H 318 2.20 -2.35 16.36
CA ILE H 318 3.28 -1.66 15.67
C ILE H 318 3.59 -2.36 14.34
N ILE H 319 2.71 -2.18 13.36
CA ILE H 319 2.89 -2.81 12.06
C ILE H 319 3.91 -2.03 11.22
N SER H 320 4.85 -2.75 10.61
CA SER H 320 5.88 -2.14 9.77
C SER H 320 5.59 -2.35 8.29
N PHE H 321 5.99 -1.40 7.46
CA PHE H 321 5.77 -1.48 6.03
C PHE H 321 7.02 -1.09 5.26
N LEU H 322 7.63 -2.06 4.59
CA LEU H 322 8.84 -1.80 3.82
C LEU H 322 8.41 -1.16 2.50
N LEU H 323 8.29 0.16 2.52
CA LEU H 323 7.87 0.92 1.35
C LEU H 323 8.97 1.06 0.30
N PRO H 324 8.61 0.92 -0.99
CA PRO H 324 9.56 1.04 -2.09
C PRO H 324 9.80 2.51 -2.46
N PRO H 325 10.89 2.79 -3.18
CA PRO H 325 11.21 4.17 -3.59
C PRO H 325 10.33 4.69 -4.73
N ASP H 326 9.04 4.34 -4.70
CA ASP H 326 8.12 4.77 -5.73
C ASP H 326 6.69 4.88 -5.20
N GLU H 327 6.27 3.88 -4.43
CA GLU H 327 4.93 3.85 -3.86
C GLU H 327 4.54 5.17 -3.21
N SER H 328 3.24 5.47 -3.25
CA SER H 328 2.72 6.70 -2.66
C SER H 328 1.99 6.38 -1.37
N LEU H 329 1.70 7.40 -0.57
CA LEU H 329 0.99 7.19 0.69
C LEU H 329 -0.42 6.66 0.42
N HIS H 330 -1.02 7.12 -0.68
CA HIS H 330 -2.36 6.68 -1.04
C HIS H 330 -2.31 5.23 -1.46
N SER H 331 -1.12 4.77 -1.81
CA SER H 331 -0.90 3.39 -2.23
C SER H 331 -0.59 2.55 -0.99
N LEU H 332 -0.14 3.22 0.07
CA LEU H 332 0.21 2.57 1.32
C LEU H 332 -0.99 2.49 2.24
N GLN H 333 -1.77 3.57 2.29
CA GLN H 333 -2.96 3.62 3.15
C GLN H 333 -3.81 2.38 2.94
N SER H 334 -3.84 1.91 1.71
CA SER H 334 -4.60 0.73 1.38
C SER H 334 -3.97 -0.50 2.03
N ARG H 335 -2.65 -0.57 2.00
CA ARG H 335 -1.92 -1.69 2.60
C ARG H 335 -2.24 -1.79 4.09
N ILE H 336 -2.24 -0.64 4.76
CA ILE H 336 -2.53 -0.58 6.18
C ILE H 336 -3.91 -1.14 6.47
N GLU H 337 -4.87 -0.79 5.62
CA GLU H 337 -6.25 -1.24 5.78
C GLU H 337 -6.36 -2.76 5.81
N ARG H 338 -5.37 -3.44 5.23
CA ARG H 338 -5.37 -4.90 5.20
C ARG H 338 -4.90 -5.51 6.51
N GLU H 339 -4.25 -4.71 7.35
CA GLU H 339 -3.76 -5.20 8.63
C GLU H 339 -4.31 -4.37 9.79
N THR H 340 -5.36 -3.60 9.53
CA THR H 340 -5.98 -2.75 10.55
C THR H 340 -7.49 -2.81 10.49
N GLY H 341 -8.02 -2.73 9.28
CA GLY H 341 -9.47 -2.78 9.09
C GLY H 341 -10.06 -1.38 9.07
N ILE H 342 -9.20 -0.38 9.12
CA ILE H 342 -9.62 1.01 9.10
C ILE H 342 -9.83 1.46 7.65
N ASN H 343 -10.97 2.09 7.38
CA ASN H 343 -11.28 2.57 6.03
C ASN H 343 -10.14 3.42 5.49
N THR H 344 -9.78 3.19 4.23
CA THR H 344 -8.69 3.93 3.59
C THR H 344 -8.91 5.43 3.67
N GLY H 345 -10.18 5.82 3.82
CA GLY H 345 -10.51 7.23 3.91
C GLY H 345 -10.51 7.73 5.34
N SER H 346 -10.60 6.80 6.29
CA SER H 346 -10.61 7.14 7.70
C SER H 346 -9.24 6.85 8.35
N GLN H 347 -8.19 6.79 7.55
CA GLN H 347 -6.85 6.52 8.04
C GLN H 347 -6.04 7.81 8.20
N GLU H 348 -6.16 8.44 9.37
CA GLU H 348 -5.45 9.67 9.65
C GLU H 348 -4.22 9.36 10.48
N LEU H 349 -3.08 9.22 9.81
CA LEU H 349 -1.83 8.92 10.51
C LEU H 349 -1.09 10.19 10.90
N LEU H 350 -0.80 10.33 12.19
CA LEU H 350 -0.09 11.49 12.71
C LEU H 350 1.33 11.11 13.11
N SER H 351 2.27 12.00 12.83
CA SER H 351 3.68 11.75 13.18
C SER H 351 3.99 12.35 14.53
N GLU H 352 5.23 12.15 14.98
CA GLU H 352 5.65 12.67 16.28
C GLU H 352 5.42 14.18 16.36
N THR H 353 5.63 14.86 15.23
CA THR H 353 5.45 16.30 15.16
C THR H 353 3.99 16.69 15.38
N GLY H 354 3.12 15.68 15.49
CA GLY H 354 1.70 15.93 15.68
C GLY H 354 0.99 16.22 14.38
N ILE H 355 1.75 16.58 13.36
CA ILE H 355 1.20 16.90 12.04
C ILE H 355 0.39 15.73 11.50
N SER H 356 -0.64 16.05 10.72
CA SER H 356 -1.50 15.02 10.14
C SER H 356 -0.72 14.23 9.09
N LEU H 357 -1.44 13.59 8.17
CA LEU H 357 -0.81 12.82 7.12
C LEU H 357 -0.16 13.79 6.12
N ASP H 358 -0.17 13.43 4.84
CA ASP H 358 0.41 14.30 3.83
C ASP H 358 0.15 13.78 2.41
N PRO H 359 -1.11 13.91 1.93
CA PRO H 359 -1.50 13.46 0.60
C PRO H 359 -0.56 13.98 -0.49
N ARG H 360 0.10 15.10 -0.20
CA ARG H 360 1.04 15.71 -1.15
C ARG H 360 2.14 14.72 -1.53
N LYS H 361 3.26 14.80 -0.83
CA LYS H 361 4.40 13.92 -1.08
C LYS H 361 3.97 12.48 -0.90
N PRO H 362 4.51 11.56 -1.71
CA PRO H 362 4.16 10.15 -1.62
C PRO H 362 4.74 9.52 -0.34
N ALA H 363 5.06 8.24 -0.41
CA ALA H 363 5.62 7.54 0.74
C ALA H 363 7.11 7.86 0.89
N SER H 364 7.47 9.11 0.61
CA SER H 364 8.87 9.53 0.70
C SER H 364 9.06 10.51 1.86
N GLN H 365 7.95 10.98 2.42
CA GLN H 365 7.96 11.91 3.53
C GLN H 365 7.75 11.18 4.84
N CYS H 366 8.13 9.90 4.86
CA CYS H 366 7.96 9.08 6.06
C CYS H 366 9.24 8.35 6.48
N VAL H 367 10.21 8.31 5.58
CA VAL H 367 11.47 7.64 5.87
C VAL H 367 12.62 8.64 5.98
N LEU H 368 13.55 8.36 6.88
CA LEU H 368 14.70 9.24 7.09
C LEU H 368 15.99 8.56 6.68
N ASP H 369 16.29 8.58 5.39
CA ASP H 369 17.52 7.97 4.88
C ASP H 369 18.65 8.97 4.74
N GLY H 370 18.43 10.19 5.22
CA GLY H 370 19.46 11.21 5.16
C GLY H 370 20.66 10.82 6.00
N VAL H 371 20.38 10.18 7.13
CA VAL H 371 21.42 9.73 8.05
C VAL H 371 21.02 8.44 8.75
N ARG H 372 19.91 8.47 9.47
CA ARG H 372 19.42 7.29 10.17
C ARG H 372 17.90 7.31 10.33
N GLY H 373 17.24 6.27 9.84
CA GLY H 373 15.80 6.20 9.93
C GLY H 373 15.34 4.80 10.32
N CYS H 374 15.50 4.46 11.60
CA CYS H 374 15.09 3.15 12.10
C CYS H 374 14.47 3.27 13.49
N ASP H 375 13.17 3.01 13.58
CA ASP H 375 12.45 3.08 14.84
C ASP H 375 12.56 4.49 15.41
N SER H 376 12.61 5.48 14.52
CA SER H 376 12.73 6.87 14.93
C SER H 376 11.45 7.66 14.66
N TYR H 377 11.04 7.71 13.38
CA TYR H 377 9.85 8.44 13.01
C TYR H 377 8.62 7.54 12.97
N MET H 378 8.40 6.81 14.05
CA MET H 378 7.25 5.91 14.15
C MET H 378 5.92 6.66 14.05
N VAL H 379 5.27 6.56 12.90
CA VAL H 379 4.00 7.22 12.69
C VAL H 379 2.90 6.56 13.50
N TYR H 380 2.03 7.38 14.07
CA TYR H 380 0.94 6.89 14.89
C TYR H 380 -0.36 6.92 14.12
N LEU H 381 -0.90 5.74 13.83
CA LEU H 381 -2.15 5.63 13.10
C LEU H 381 -3.37 5.91 13.98
N PHE H 382 -4.20 6.85 13.52
CA PHE H 382 -5.41 7.22 14.26
C PHE H 382 -6.66 6.98 13.41
N ASP H 383 -7.68 6.41 14.03
CA ASP H 383 -8.93 6.10 13.35
C ASP H 383 -9.88 7.30 13.47
N LYS H 384 -10.58 7.60 12.38
CA LYS H 384 -11.52 8.72 12.37
C LYS H 384 -12.90 8.32 12.87
N SER H 385 -13.38 7.15 12.43
CA SER H 385 -14.69 6.66 12.83
C SER H 385 -14.77 6.48 14.35
N LYS H 386 -13.87 5.66 14.89
CA LYS H 386 -13.85 5.40 16.32
C LYS H 386 -13.64 6.68 17.13
N THR H 387 -14.68 7.13 17.79
CA THR H 387 -14.61 8.33 18.61
C THR H 387 -13.78 8.06 19.86
N VAL H 388 -13.88 6.85 20.39
CA VAL H 388 -13.12 6.47 21.59
C VAL H 388 -12.56 5.07 21.45
N TYR H 389 -11.36 4.86 21.97
CA TYR H 389 -10.71 3.55 21.90
C TYR H 389 -10.90 2.76 23.18
N GLU H 390 -11.73 1.73 23.12
CA GLU H 390 -12.00 0.88 24.27
C GLU H 390 -10.71 0.27 24.81
N GLY H 391 -9.69 0.22 23.95
CA GLY H 391 -8.41 -0.35 24.35
C GLY H 391 -8.16 -1.77 23.89
N PRO H 392 -8.43 -2.10 22.62
CA PRO H 392 -8.20 -3.46 22.11
C PRO H 392 -6.71 -3.82 22.08
N PHE H 393 -5.92 -3.04 22.80
CA PHE H 393 -4.47 -3.25 22.88
C PHE H 393 -4.10 -4.65 23.38
N ALA H 394 -2.82 -4.97 23.37
CA ALA H 394 -2.34 -6.27 23.82
C ALA H 394 -0.86 -6.21 24.19
N SER H 395 -0.53 -6.71 25.38
CA SER H 395 0.86 -6.73 25.84
C SER H 395 1.46 -8.11 25.63
N ARG H 396 2.76 -8.15 25.30
CA ARG H 396 3.44 -9.42 25.06
C ARG H 396 3.45 -10.34 26.27
N SER H 397 3.66 -11.63 26.03
CA SER H 397 3.70 -12.64 27.09
C SER H 397 5.10 -12.77 27.67
N LEU H 398 5.25 -13.63 28.68
CA LEU H 398 6.55 -13.84 29.31
C LEU H 398 7.15 -15.18 28.89
N SER H 399 6.38 -15.95 28.11
CA SER H 399 6.82 -17.25 27.64
C SER H 399 7.00 -18.22 28.80
N ASP H 400 7.09 -19.51 28.48
CA ASP H 400 7.29 -20.54 29.49
C ASP H 400 8.60 -20.35 30.25
N CYS H 401 9.50 -19.55 29.68
CA CYS H 401 10.79 -19.29 30.29
C CYS H 401 10.66 -18.46 31.56
N VAL H 402 9.76 -17.48 31.55
CA VAL H 402 9.57 -16.62 32.71
C VAL H 402 8.35 -17.05 33.53
N ASN H 403 7.49 -17.89 32.95
CA ASN H 403 6.31 -18.37 33.66
C ASN H 403 6.65 -19.06 34.98
N TYR H 404 7.77 -19.78 34.99
CA TYR H 404 8.20 -20.48 36.19
C TYR H 404 8.44 -19.46 37.31
N ILE H 405 9.04 -18.33 36.95
CA ILE H 405 9.35 -17.27 37.91
C ILE H 405 8.09 -16.65 38.52
N VAL H 406 7.00 -16.63 37.74
CA VAL H 406 5.75 -16.06 38.20
C VAL H 406 4.79 -17.10 38.77
N GLN H 407 4.71 -18.25 38.14
CA GLN H 407 3.82 -19.31 38.59
C GLN H 407 4.38 -20.04 39.81
N ASP H 408 5.63 -20.48 39.72
CA ASP H 408 6.27 -21.19 40.83
C ASP H 408 6.75 -20.20 41.90
N SER H 409 6.97 -18.95 41.50
CA SER H 409 7.42 -17.91 42.42
C SER H 409 8.74 -18.31 43.09
N LYS H 410 8.62 -18.95 44.25
CA LYS H 410 9.80 -19.39 44.99
C LYS H 410 10.30 -20.75 44.48
N ILE H 411 11.26 -20.72 43.59
CA ILE H 411 11.82 -21.95 43.04
C ILE H 411 13.34 -21.84 42.95
N GLN H 412 14.02 -22.94 43.24
CA GLN H 412 15.47 -22.98 43.20
C GLN H 412 15.95 -23.50 41.83
N LEU H 413 16.14 -22.60 40.88
CA LEU H 413 16.58 -22.96 39.54
C LEU H 413 18.04 -22.61 39.32
N PRO H 414 18.78 -23.47 38.60
CA PRO H 414 20.20 -23.25 38.32
C PRO H 414 20.45 -21.89 37.68
N ILE H 415 21.45 -21.17 38.19
CA ILE H 415 21.79 -19.85 37.67
C ILE H 415 22.12 -19.92 36.19
N ILE H 416 22.65 -21.06 35.74
CA ILE H 416 22.99 -21.25 34.34
C ILE H 416 21.76 -21.01 33.47
N GLN H 417 20.59 -21.13 34.09
CA GLN H 417 19.32 -20.92 33.39
C GLN H 417 18.73 -19.58 33.83
N LEU H 418 19.03 -19.18 35.07
CA LEU H 418 18.54 -17.93 35.62
C LEU H 418 19.07 -16.73 34.83
N ARG H 419 20.29 -16.84 34.33
CA ARG H 419 20.92 -15.78 33.56
C ARG H 419 20.10 -15.43 32.31
N LYS H 420 19.09 -16.26 32.03
CA LYS H 420 18.20 -16.05 30.88
C LYS H 420 16.78 -15.74 31.33
N VAL H 421 16.18 -16.60 32.15
CA VAL H 421 14.81 -16.38 32.63
C VAL H 421 14.71 -15.03 33.34
N TRP H 422 15.80 -14.62 33.99
CA TRP H 422 15.85 -13.33 34.68
C TRP H 422 16.08 -12.23 33.67
N ALA H 423 17.02 -12.47 32.74
CA ALA H 423 17.33 -11.51 31.69
C ALA H 423 16.07 -11.12 30.90
N GLU H 424 15.38 -12.13 30.37
CA GLU H 424 14.15 -11.91 29.63
C GLU H 424 13.10 -11.22 30.51
N ALA H 425 13.06 -11.60 31.78
CA ALA H 425 12.12 -11.02 32.74
C ALA H 425 12.39 -9.53 32.85
N VAL H 426 13.66 -9.18 32.95
CA VAL H 426 14.06 -7.77 33.05
C VAL H 426 13.71 -7.03 31.76
N HIS H 427 13.91 -7.69 30.63
CA HIS H 427 13.61 -7.10 29.33
C HIS H 427 12.11 -6.86 29.20
N TYR H 428 11.33 -7.78 29.76
CA TYR H 428 9.87 -7.66 29.73
C TYR H 428 9.45 -6.48 30.60
N VAL H 429 10.06 -6.37 31.78
CA VAL H 429 9.77 -5.28 32.71
C VAL H 429 9.98 -3.95 32.01
N SER H 430 11.21 -3.71 31.56
CA SER H 430 11.55 -2.46 30.88
C SER H 430 10.75 -2.37 29.59
N GLY H 431 10.37 -3.52 29.07
CA GLY H 431 9.59 -3.56 27.84
C GLY H 431 8.29 -2.79 27.98
N LEU H 432 7.50 -3.17 28.97
CA LEU H 432 6.23 -2.52 29.22
C LEU H 432 6.44 -1.02 29.40
N LYS H 433 7.51 -0.67 30.12
CA LYS H 433 7.85 0.72 30.38
C LYS H 433 8.11 1.46 29.07
N GLU H 434 9.15 1.05 28.34
CA GLU H 434 9.49 1.67 27.07
C GLU H 434 8.31 1.61 26.10
N ASP H 435 7.47 0.59 26.26
CA ASP H 435 6.30 0.43 25.40
C ASP H 435 5.25 1.48 25.75
N TYR H 436 5.22 1.89 27.02
CA TYR H 436 4.28 2.90 27.50
C TYR H 436 4.62 4.25 26.90
N SER H 437 5.91 4.52 26.79
CA SER H 437 6.39 5.78 26.22
C SER H 437 5.88 5.96 24.80
N ARG H 438 5.92 4.89 24.02
CA ARG H 438 5.46 4.93 22.64
C ARG H 438 4.00 5.35 22.62
N LEU H 439 3.20 4.72 23.47
CA LEU H 439 1.78 5.02 23.55
C LEU H 439 1.56 6.45 24.01
N PHE H 440 2.31 6.85 25.02
CA PHE H 440 2.20 8.20 25.55
C PHE H 440 2.44 9.24 24.46
N GLN H 441 3.48 9.03 23.68
CA GLN H 441 3.83 9.95 22.60
C GLN H 441 2.65 10.14 21.65
N GLY H 442 1.87 9.07 21.49
CA GLY H 442 0.72 9.15 20.62
C GLY H 442 -0.23 10.24 21.08
N GLN H 443 -0.44 10.30 22.39
CA GLN H 443 -1.32 11.29 22.99
C GLN H 443 -0.72 12.66 22.76
N ARG H 444 0.60 12.75 22.95
CA ARG H 444 1.31 14.01 22.77
C ARG H 444 1.15 14.51 21.34
N ALA H 445 1.27 13.60 20.39
CA ALA H 445 1.12 13.94 18.98
C ALA H 445 -0.31 14.35 18.68
N ALA H 446 -1.25 13.57 19.21
CA ALA H 446 -2.67 13.84 19.02
C ALA H 446 -3.02 15.19 19.64
N MET H 447 -2.33 15.51 20.74
CA MET H 447 -2.55 16.76 21.44
C MET H 447 -2.22 17.92 20.51
N LEU H 448 -1.07 17.81 19.83
CA LEU H 448 -0.63 18.85 18.90
C LEU H 448 -1.64 19.05 17.79
N SER H 449 -2.20 17.95 17.30
CA SER H 449 -3.20 18.02 16.24
C SER H 449 -4.41 18.81 16.72
N LEU H 450 -4.82 18.55 17.96
CA LEU H 450 -5.97 19.25 18.53
C LEU H 450 -5.63 20.70 18.76
N LEU H 451 -4.42 20.96 19.23
CA LEU H 451 -3.96 22.32 19.48
C LEU H 451 -3.90 23.10 18.17
N ARG H 452 -3.58 22.41 17.09
CA ARG H 452 -3.49 23.05 15.79
C ARG H 452 -4.89 23.31 15.24
N TYR H 453 -5.79 22.35 15.42
CA TYR H 453 -7.15 22.52 14.94
C TYR H 453 -7.83 23.68 15.64
N ASN H 454 -7.57 23.80 16.94
CA ASN H 454 -8.15 24.88 17.74
C ASN H 454 -7.71 26.22 17.17
N ALA H 455 -6.42 26.32 16.86
CA ALA H 455 -5.86 27.55 16.31
C ALA H 455 -6.48 27.83 14.95
N ASN H 456 -6.56 26.79 14.11
CA ASN H 456 -7.13 26.92 12.78
C ASN H 456 -8.57 27.39 12.86
N LEU H 457 -9.33 26.82 13.79
CA LEU H 457 -10.74 27.18 13.96
C LEU H 457 -10.86 28.62 14.42
N THR H 458 -10.06 28.98 15.42
CA THR H 458 -10.09 30.32 15.98
C THR H 458 -9.62 31.38 14.98
N LYS H 459 -8.63 31.03 14.14
CA LYS H 459 -8.12 31.97 13.16
C LYS H 459 -9.23 32.51 12.27
N MET H 460 -10.25 31.67 12.04
CA MET H 460 -11.39 32.07 11.22
C MET H 460 -12.38 32.89 12.04
N LYS H 461 -12.37 32.66 13.34
CA LYS H 461 -13.26 33.38 14.25
C LYS H 461 -12.89 34.87 14.22
N ASN H 462 -11.59 35.15 14.32
CA ASN H 462 -11.10 36.52 14.31
C ASN H 462 -11.45 37.20 13.00
N THR H 463 -11.53 36.41 11.94
CA THR H 463 -11.87 36.93 10.62
C THR H 463 -13.38 36.89 10.40
N LEU H 464 -14.05 36.06 11.19
CA LEU H 464 -15.50 35.92 11.08
C LEU H 464 -16.16 37.13 11.71
N ILE H 465 -15.75 37.46 12.93
CA ILE H 465 -16.29 38.62 13.63
C ILE H 465 -15.84 39.88 12.91
N SER H 466 -14.65 39.82 12.31
CA SER H 466 -14.09 40.95 11.58
C SER H 466 -14.88 41.17 10.30
N ALA H 467 -15.32 40.07 9.70
CA ALA H 467 -16.09 40.13 8.47
C ALA H 467 -17.50 40.65 8.77
N SER H 468 -18.02 40.29 9.94
CA SER H 468 -19.36 40.73 10.34
C SER H 468 -19.35 42.22 10.65
N GLN H 469 -18.26 42.68 11.27
CA GLN H 469 -18.13 44.10 11.62
C GLN H 469 -18.29 44.96 10.37
N GLN H 470 -17.98 44.39 9.22
CA GLN H 470 -18.10 45.08 7.95
C GLN H 470 -19.58 45.16 7.60
N LEU H 471 -20.29 44.05 7.83
CA LEU H 471 -21.72 43.97 7.55
C LEU H 471 -22.49 45.00 8.36
N LYS H 472 -22.28 44.99 9.67
CA LYS H 472 -22.96 45.93 10.55
C LYS H 472 -22.56 47.37 10.20
N ALA H 473 -21.31 47.56 9.80
CA ALA H 473 -20.80 48.88 9.44
C ALA H 473 -21.45 49.37 8.15
N LYS H 474 -21.75 48.44 7.25
CA LYS H 474 -22.39 48.78 5.99
C LYS H 474 -23.89 48.96 6.17
N LEU H 475 -24.51 48.14 7.03
CA LEU H 475 -25.94 48.23 7.30
C LEU H 475 -26.28 49.62 7.81
N GLU H 476 -25.40 50.16 8.66
CA GLU H 476 -25.60 51.49 9.21
C GLU H 476 -25.45 52.53 8.11
N PHE H 477 -24.44 52.35 7.26
CA PHE H 477 -24.17 53.29 6.17
C PHE H 477 -25.15 53.02 5.04
N PHE H 478 -26.15 52.19 5.32
CA PHE H 478 -27.18 51.84 4.35
C PHE H 478 -28.55 52.25 4.88
N HIS H 479 -28.77 52.04 6.18
CA HIS H 479 -30.04 52.40 6.81
C HIS H 479 -30.24 53.90 6.88
N LYS H 480 -29.13 54.63 6.85
CA LYS H 480 -29.17 56.09 6.90
C LYS H 480 -29.06 56.65 5.49
N SER H 481 -29.04 55.77 4.51
CA SER H 481 -28.94 56.15 3.10
C SER H 481 -30.21 55.75 2.36
N ILE H 482 -30.87 54.68 2.82
CA ILE H 482 -32.09 54.20 2.20
C ILE H 482 -33.27 55.06 2.58
N GLN H 483 -33.37 55.42 3.85
CA GLN H 483 -34.45 56.26 4.33
C GLN H 483 -34.11 57.73 4.11
N LEU H 484 -32.84 58.01 3.83
CA LEU H 484 -32.37 59.37 3.58
C LEU H 484 -33.03 59.90 2.31
N ASP H 485 -33.47 58.97 1.46
CA ASP H 485 -34.13 59.32 0.21
C ASP H 485 -35.64 59.46 0.42
N LEU H 486 -36.16 58.70 1.38
CA LEU H 486 -37.59 58.72 1.70
C LEU H 486 -38.04 60.11 2.18
N GLU H 487 -37.22 60.74 3.00
CA GLU H 487 -37.54 62.07 3.53
C GLU H 487 -37.42 63.14 2.44
N ARG H 488 -36.45 62.98 1.55
CA ARG H 488 -36.23 63.92 0.45
C ARG H 488 -37.25 63.69 -0.65
N TYR H 489 -37.99 62.59 -0.55
CA TYR H 489 -39.02 62.23 -1.52
C TYR H 489 -40.40 62.68 -1.08
N SER H 490 -40.76 62.38 0.17
CA SER H 490 -42.05 62.74 0.72
C SER H 490 -42.32 64.24 0.67
N GLU H 491 -41.26 65.04 0.59
CA GLU H 491 -41.40 66.50 0.52
C GLU H 491 -41.39 67.03 -0.90
N GLN H 492 -41.52 66.13 -1.87
CA GLN H 492 -41.53 66.53 -3.28
C GLN H 492 -42.45 65.66 -4.14
N MET H 493 -43.39 64.98 -3.50
CA MET H 493 -44.33 64.11 -4.22
C MET H 493 -45.34 64.91 -5.03
N THR H 494 -45.20 66.24 -4.97
CA THR H 494 -46.11 67.13 -5.68
C THR H 494 -45.35 68.35 -6.21
N TYR H 495 -44.27 68.72 -5.53
CA TYR H 495 -43.45 69.85 -5.94
C TYR H 495 -42.49 69.42 -7.04
N GLY H 496 -41.63 68.47 -6.71
CA GLY H 496 -40.67 67.97 -7.68
C GLY H 496 -41.33 66.95 -8.57
N ILE H 497 -40.72 65.78 -8.70
CA ILE H 497 -41.27 64.72 -9.54
C ILE H 497 -41.27 63.39 -8.79
N SER H 498 -42.46 62.91 -8.44
CA SER H 498 -42.60 61.65 -7.73
C SER H 498 -42.70 60.47 -8.67
N SER H 499 -42.84 59.27 -8.09
CA SER H 499 -42.95 58.04 -8.86
C SER H 499 -43.77 57.05 -8.05
N GLU H 500 -44.34 56.04 -8.72
CA GLU H 500 -45.13 55.05 -8.02
C GLU H 500 -44.56 53.64 -8.20
N LYS H 501 -43.84 53.43 -9.30
CA LYS H 501 -43.24 52.13 -9.57
C LYS H 501 -42.07 51.84 -8.62
N MET H 502 -41.35 52.88 -8.24
CA MET H 502 -40.22 52.74 -7.33
C MET H 502 -40.65 52.93 -5.88
N LEU H 503 -41.94 53.18 -5.68
CA LEU H 503 -42.48 53.38 -4.33
C LEU H 503 -42.27 52.12 -3.51
N LYS H 504 -42.30 50.98 -4.19
CA LYS H 504 -42.10 49.69 -3.53
C LYS H 504 -40.69 49.17 -3.80
N ALA H 505 -40.15 49.51 -4.97
CA ALA H 505 -38.81 49.08 -5.35
C ALA H 505 -37.79 49.45 -4.28
N TRP H 506 -37.87 50.68 -3.80
CA TRP H 506 -36.96 51.16 -2.77
C TRP H 506 -37.37 50.65 -1.39
N LYS H 507 -38.67 50.57 -1.15
CA LYS H 507 -39.21 50.13 0.13
C LYS H 507 -38.73 48.71 0.48
N GLU H 508 -38.26 47.98 -0.51
CA GLU H 508 -37.79 46.62 -0.28
C GLU H 508 -36.37 46.57 0.27
N MET H 509 -35.50 47.40 -0.29
CA MET H 509 -34.10 47.45 0.16
C MET H 509 -34.00 47.60 1.67
N GLU H 510 -34.82 48.47 2.23
CA GLU H 510 -34.82 48.72 3.67
C GLU H 510 -35.15 47.46 4.47
N GLU H 511 -36.15 46.71 4.02
CA GLU H 511 -36.56 45.48 4.70
C GLU H 511 -35.57 44.34 4.48
N LYS H 512 -34.79 44.44 3.41
CA LYS H 512 -33.80 43.42 3.08
C LYS H 512 -32.67 43.40 4.10
N ALA H 513 -32.13 44.57 4.41
CA ALA H 513 -31.04 44.68 5.36
C ALA H 513 -31.48 44.25 6.76
N ILE H 514 -32.79 44.29 6.99
CA ILE H 514 -33.36 43.92 8.29
C ILE H 514 -33.19 42.42 8.55
N HIS H 515 -33.75 41.61 7.65
CA HIS H 515 -33.66 40.16 7.79
C HIS H 515 -32.21 39.69 7.83
N TYR H 516 -31.30 40.56 7.43
CA TYR H 516 -29.88 40.25 7.44
C TYR H 516 -29.33 40.21 8.86
N ALA H 517 -28.25 40.95 9.09
CA ALA H 517 -27.63 41.00 10.41
C ALA H 517 -27.15 39.63 10.87
N GLU H 518 -25.89 39.34 10.59
CA GLU H 518 -25.26 38.08 11.00
C GLU H 518 -24.12 38.33 11.99
N VAL H 519 -23.90 39.60 12.32
CA VAL H 519 -22.85 39.98 13.25
C VAL H 519 -23.15 39.43 14.65
N GLY H 520 -24.43 39.36 14.98
CA GLY H 520 -24.84 38.84 16.27
C GLY H 520 -25.07 37.35 16.25
N VAL H 521 -25.38 36.82 15.07
CA VAL H 521 -25.64 35.39 14.90
C VAL H 521 -24.37 34.62 15.23
N ILE H 522 -23.25 35.34 15.32
CA ILE H 522 -21.96 34.72 15.65
C ILE H 522 -21.97 34.22 17.08
N GLY H 523 -23.01 34.61 17.82
CA GLY H 523 -23.11 34.18 19.20
C GLY H 523 -23.06 32.67 19.35
N TYR H 524 -23.84 31.97 18.55
CA TYR H 524 -23.88 30.51 18.60
C TYR H 524 -22.48 29.95 18.34
N LEU H 525 -21.59 30.81 17.85
CA LEU H 525 -20.24 30.40 17.52
C LEU H 525 -19.21 30.94 18.52
N GLU H 526 -19.20 32.25 18.70
CA GLU H 526 -18.26 32.88 19.62
C GLU H 526 -18.18 32.18 20.97
N ASP H 527 -19.29 32.18 21.71
CA ASP H 527 -19.33 31.56 23.02
C ASP H 527 -19.28 30.03 22.94
N GLN H 528 -19.18 29.49 21.74
CA GLN H 528 -19.11 28.04 21.57
C GLN H 528 -17.71 27.60 21.15
N ILE H 529 -17.01 28.48 20.43
CA ILE H 529 -15.66 28.18 19.98
C ILE H 529 -14.71 28.42 21.14
N MET H 530 -15.09 29.32 22.03
CA MET H 530 -14.29 29.66 23.19
C MET H 530 -14.53 28.62 24.28
N SER H 531 -15.76 28.14 24.38
CA SER H 531 -16.12 27.14 25.37
C SER H 531 -15.32 25.88 25.07
N LEU H 532 -14.92 25.75 23.81
CA LEU H 532 -14.14 24.60 23.36
C LEU H 532 -12.67 24.97 23.41
N HIS H 533 -12.36 26.20 23.00
CA HIS H 533 -11.00 26.70 23.00
C HIS H 533 -10.37 26.56 24.38
N ALA H 534 -11.01 27.18 25.37
CA ALA H 534 -10.53 27.11 26.73
C ALA H 534 -10.57 25.68 27.24
N GLU H 535 -11.56 24.93 26.79
CA GLU H 535 -11.72 23.54 27.19
C GLU H 535 -10.50 22.74 26.81
N ILE H 536 -10.02 22.93 25.59
CA ILE H 536 -8.85 22.23 25.10
C ILE H 536 -7.62 22.55 25.95
N MET H 537 -7.39 23.83 26.16
CA MET H 537 -6.25 24.25 26.97
C MET H 537 -6.47 23.86 28.42
N GLU H 538 -7.73 23.62 28.78
CA GLU H 538 -8.07 23.21 30.14
C GLU H 538 -7.74 21.74 30.27
N LEU H 539 -7.91 21.01 29.18
CA LEU H 539 -7.61 19.59 29.14
C LEU H 539 -6.13 19.44 28.85
N GLN H 540 -5.45 20.57 28.72
CA GLN H 540 -4.02 20.60 28.45
C GLN H 540 -3.24 20.73 29.75
N LYS H 541 -3.94 21.12 30.81
CA LYS H 541 -3.34 21.29 32.13
C LYS H 541 -3.40 20.00 32.94
N SER H 542 -4.49 19.24 32.73
CA SER H 542 -4.67 17.97 33.43
C SER H 542 -3.46 17.06 33.19
N PRO H 543 -3.35 15.96 33.96
CA PRO H 543 -2.23 15.03 33.80
C PRO H 543 -2.23 14.29 32.47
N TYR H 544 -1.24 14.60 31.63
CA TYR H 544 -1.12 13.97 30.32
C TYR H 544 -1.33 12.46 30.41
N GLY H 545 -0.30 11.76 30.85
CA GLY H 545 -0.38 10.31 30.97
C GLY H 545 0.89 9.71 31.53
N ARG H 546 2.03 10.08 30.97
CA ARG H 546 3.31 9.56 31.43
C ARG H 546 3.67 10.14 32.80
N ARG H 547 2.76 10.95 33.33
CA ARG H 547 2.91 11.57 34.64
C ARG H 547 3.26 10.49 35.64
N GLN H 548 2.68 9.30 35.43
CA GLN H 548 2.92 8.16 36.30
C GLN H 548 3.86 7.17 35.63
N GLY H 549 4.31 7.49 34.42
CA GLY H 549 5.23 6.62 33.71
C GLY H 549 6.53 6.48 34.47
N ASP H 550 6.90 7.52 35.20
CA ASP H 550 8.13 7.52 35.98
C ASP H 550 8.04 6.45 37.07
N LEU H 551 6.87 6.35 37.70
CA LEU H 551 6.63 5.38 38.75
C LEU H 551 6.94 3.99 38.24
N MET H 552 6.68 3.78 36.95
CA MET H 552 6.95 2.49 36.32
C MET H 552 8.43 2.36 36.03
N GLU H 553 9.05 3.45 35.61
CA GLU H 553 10.47 3.46 35.30
C GLU H 553 11.26 3.07 36.54
N SER H 554 10.67 3.32 37.70
CA SER H 554 11.30 2.96 38.95
C SER H 554 11.35 1.44 39.06
N LEU H 555 10.27 0.79 38.66
CA LEU H 555 10.16 -0.65 38.69
C LEU H 555 11.25 -1.25 37.79
N GLU H 556 11.52 -0.55 36.69
CA GLU H 556 12.53 -0.96 35.73
C GLU H 556 13.88 -1.07 36.42
N GLN H 557 14.30 0.02 37.05
CA GLN H 557 15.57 0.06 37.75
C GLN H 557 15.65 -1.09 38.75
N ARG H 558 14.51 -1.45 39.35
CA ARG H 558 14.47 -2.54 40.33
C ARG H 558 14.93 -3.84 39.70
N ALA H 559 14.24 -4.25 38.64
CA ALA H 559 14.58 -5.49 37.95
C ALA H 559 16.05 -5.50 37.56
N ILE H 560 16.54 -4.37 37.07
CA ILE H 560 17.93 -4.23 36.66
C ILE H 560 18.86 -4.59 37.82
N ASP H 561 18.53 -4.09 39.00
CA ASP H 561 19.32 -4.35 40.19
C ASP H 561 19.37 -5.83 40.52
N LEU H 562 18.26 -6.54 40.25
CA LEU H 562 18.21 -7.98 40.51
C LEU H 562 19.08 -8.74 39.51
N TYR H 563 18.95 -8.41 38.23
CA TYR H 563 19.75 -9.08 37.20
C TYR H 563 21.22 -8.74 37.43
N LYS H 564 21.46 -7.59 38.06
CA LYS H 564 22.81 -7.12 38.36
C LYS H 564 23.40 -7.96 39.49
N GLN H 565 22.57 -8.26 40.49
CA GLN H 565 22.99 -9.07 41.62
C GLN H 565 22.88 -10.55 41.26
N LEU H 566 22.75 -10.84 39.97
CA LEU H 566 22.64 -12.22 39.50
C LEU H 566 23.96 -12.66 38.87
N LYS H 567 24.73 -11.69 38.39
CA LYS H 567 26.03 -11.98 37.77
C LYS H 567 27.18 -11.49 38.65
N HIS H 568 27.05 -10.25 39.13
CA HIS H 568 28.08 -9.66 39.97
C HIS H 568 28.09 -10.21 41.39
N ARG H 569 27.08 -11.01 41.72
CA ARG H 569 26.99 -11.61 43.05
C ARG H 569 28.15 -12.57 43.26
N PRO H 570 28.55 -12.81 44.53
CA PRO H 570 29.66 -13.71 44.85
C PRO H 570 29.59 -15.02 44.07
N SER H 571 30.15 -15.00 42.86
CA SER H 571 30.19 -16.17 41.98
C SER H 571 28.80 -16.74 41.71
N ASP H 572 28.75 -17.71 40.79
CA ASP H 572 27.49 -18.36 40.43
C ASP H 572 27.71 -19.80 39.99
N HIS H 573 27.04 -20.19 38.91
CA HIS H 573 27.16 -21.55 38.38
C HIS H 573 26.76 -22.58 39.43
N SER H 574 25.81 -22.21 40.28
CA SER H 574 25.32 -23.10 41.34
C SER H 574 24.18 -22.45 42.11
N TYR H 575 24.13 -21.13 42.10
CA TYR H 575 23.09 -20.38 42.80
C TYR H 575 21.70 -20.92 42.48
N SER H 576 20.79 -20.82 43.44
CA SER H 576 19.43 -21.30 43.26
C SER H 576 18.44 -20.41 44.00
N ASP H 577 17.61 -19.69 43.25
CA ASP H 577 16.62 -18.80 43.83
C ASP H 577 15.90 -18.05 42.70
N SER H 578 14.72 -17.54 42.99
CA SER H 578 13.95 -16.80 41.97
C SER H 578 12.72 -16.09 42.53
N THR H 579 12.38 -16.39 43.77
CA THR H 579 11.23 -15.78 44.43
C THR H 579 11.28 -14.25 44.48
N GLU H 580 12.49 -13.70 44.62
CA GLU H 580 12.66 -12.25 44.69
C GLU H 580 12.20 -11.54 43.42
N MET H 581 12.59 -12.06 42.27
CA MET H 581 12.22 -11.47 40.99
C MET H 581 10.71 -11.28 40.90
N VAL H 582 9.95 -12.22 41.45
CA VAL H 582 8.48 -12.17 41.44
C VAL H 582 8.00 -10.77 41.83
N LYS H 583 8.72 -10.16 42.76
CA LYS H 583 8.40 -8.82 43.26
C LYS H 583 8.23 -7.85 42.09
N ILE H 584 9.35 -7.41 41.53
CA ILE H 584 9.36 -6.48 40.40
C ILE H 584 8.39 -6.89 39.29
N ILE H 585 8.31 -8.20 39.02
CA ILE H 585 7.43 -8.72 37.98
C ILE H 585 5.97 -8.33 38.19
N VAL H 586 5.39 -8.75 39.29
CA VAL H 586 3.98 -8.47 39.59
C VAL H 586 3.65 -6.98 39.60
N HIS H 587 4.49 -6.19 40.27
CA HIS H 587 4.27 -4.76 40.39
C HIS H 587 4.17 -4.06 39.03
N THR H 588 5.13 -4.35 38.15
CA THR H 588 5.14 -3.72 36.83
C THR H 588 3.86 -4.00 36.06
N VAL H 589 3.33 -5.21 36.22
CA VAL H 589 2.10 -5.60 35.54
C VAL H 589 0.95 -4.72 35.99
N GLN H 590 0.76 -4.64 37.30
CA GLN H 590 -0.30 -3.84 37.89
C GLN H 590 -0.21 -2.38 37.43
N SER H 591 0.97 -1.81 37.59
CA SER H 591 1.20 -0.42 37.19
C SER H 591 0.90 -0.21 35.71
N GLN H 592 1.30 -1.18 34.89
CA GLN H 592 1.09 -1.12 33.45
C GLN H 592 -0.38 -0.91 33.11
N ASP H 593 -1.18 -1.95 33.31
CA ASP H 593 -2.61 -1.90 33.01
C ASP H 593 -3.34 -0.72 33.65
N ARG H 594 -2.80 -0.18 34.74
CA ARG H 594 -3.46 0.94 35.40
C ARG H 594 -3.35 2.22 34.58
N VAL H 595 -2.13 2.67 34.37
CA VAL H 595 -1.88 3.89 33.60
C VAL H 595 -2.13 3.66 32.12
N LEU H 596 -2.12 2.40 31.70
CA LEU H 596 -2.33 2.06 30.30
C LEU H 596 -3.71 2.55 29.85
N LYS H 597 -4.76 1.88 30.33
CA LYS H 597 -6.12 2.27 29.97
C LYS H 597 -6.41 3.69 30.47
N GLU H 598 -5.62 4.13 31.45
CA GLU H 598 -5.78 5.46 32.01
C GLU H 598 -5.36 6.48 30.96
N LEU H 599 -4.29 6.17 30.25
CA LEU H 599 -3.77 7.06 29.21
C LEU H 599 -4.84 7.24 28.12
N PHE H 600 -5.46 6.14 27.74
CA PHE H 600 -6.50 6.16 26.70
C PHE H 600 -7.67 7.04 27.15
N GLY H 601 -7.91 7.07 28.45
CA GLY H 601 -9.00 7.87 28.99
C GLY H 601 -8.73 9.35 28.74
N HIS H 602 -7.56 9.80 29.18
CA HIS H 602 -7.17 11.20 29.00
C HIS H 602 -6.99 11.51 27.52
N LEU H 603 -7.10 10.49 26.69
CA LEU H 603 -6.97 10.63 25.25
C LEU H 603 -8.34 10.76 24.60
N SER H 604 -9.30 10.02 25.14
CA SER H 604 -10.65 10.03 24.63
C SER H 604 -11.17 11.45 24.51
N LYS H 605 -10.82 12.28 25.50
CA LYS H 605 -11.25 13.67 25.52
C LYS H 605 -10.54 14.45 24.42
N LEU H 606 -9.23 14.26 24.32
CA LEU H 606 -8.43 14.94 23.32
C LEU H 606 -8.89 14.56 21.91
N LEU H 607 -9.05 13.26 21.69
CA LEU H 607 -9.49 12.76 20.40
C LEU H 607 -10.91 13.20 20.08
N GLY H 608 -11.70 13.41 21.14
CA GLY H 608 -13.08 13.84 20.95
C GLY H 608 -13.22 15.30 20.58
N CYS H 609 -12.34 16.14 21.11
CA CYS H 609 -12.39 17.56 20.82
C CYS H 609 -12.09 17.88 19.36
N LYS H 610 -11.31 17.01 18.71
CA LYS H 610 -10.97 17.22 17.31
C LYS H 610 -12.23 17.22 16.43
N GLN H 611 -13.03 16.17 16.54
CA GLN H 611 -14.26 16.07 15.76
C GLN H 611 -15.19 17.24 16.09
N LYS H 612 -15.08 17.76 17.31
CA LYS H 612 -15.90 18.89 17.73
C LYS H 612 -15.46 20.15 17.00
N ILE H 613 -14.17 20.23 16.72
CA ILE H 613 -13.62 21.39 16.00
C ILE H 613 -13.91 21.23 14.50
N ILE H 614 -13.75 20.01 14.01
CA ILE H 614 -14.00 19.70 12.61
C ILE H 614 -15.50 19.76 12.31
N ASP H 615 -16.32 19.65 13.35
CA ASP H 615 -17.76 19.69 13.20
C ASP H 615 -18.23 21.14 13.11
N LEU H 616 -17.47 22.05 13.72
CA LEU H 616 -17.79 23.46 13.71
C LEU H 616 -17.06 24.12 12.54
N LEU H 617 -16.08 23.41 12.00
CA LEU H 617 -15.29 23.91 10.88
C LEU H 617 -16.19 24.33 9.71
N PRO H 618 -17.13 23.46 9.32
CA PRO H 618 -18.04 23.78 8.21
C PRO H 618 -18.99 24.92 8.54
N LYS H 619 -19.36 25.03 9.80
CA LYS H 619 -20.26 26.09 10.25
C LYS H 619 -19.61 27.45 10.06
N VAL H 620 -18.29 27.46 9.97
CA VAL H 620 -17.53 28.69 9.79
C VAL H 620 -17.76 29.21 8.37
N GLU H 621 -17.58 28.33 7.38
CA GLU H 621 -17.78 28.71 5.98
C GLU H 621 -19.19 29.24 5.82
N VAL H 622 -20.10 28.68 6.62
CA VAL H 622 -21.49 29.09 6.60
C VAL H 622 -21.57 30.57 6.97
N ALA H 623 -20.93 30.91 8.08
CA ALA H 623 -20.92 32.29 8.55
C ALA H 623 -20.28 33.20 7.51
N LEU H 624 -19.10 32.80 7.03
CA LEU H 624 -18.38 33.58 6.03
C LEU H 624 -19.24 33.83 4.80
N SER H 625 -19.77 32.75 4.22
CA SER H 625 -20.60 32.83 3.03
C SER H 625 -21.83 33.71 3.26
N ASN H 626 -22.47 33.55 4.41
CA ASN H 626 -23.66 34.34 4.75
C ASN H 626 -23.33 35.81 4.96
N ILE H 627 -22.24 36.08 5.68
CA ILE H 627 -21.83 37.46 5.93
C ILE H 627 -21.35 38.12 4.64
N LYS H 628 -20.66 37.34 3.80
CA LYS H 628 -20.15 37.86 2.53
C LYS H 628 -21.29 37.98 1.53
N GLU H 629 -22.36 37.22 1.75
CA GLU H 629 -23.52 37.24 0.87
C GLU H 629 -24.13 38.64 0.94
N ALA H 630 -24.42 39.09 2.16
CA ALA H 630 -25.01 40.41 2.35
C ALA H 630 -23.95 41.47 2.06
N ASP H 631 -22.71 41.16 2.38
CA ASP H 631 -21.59 42.07 2.16
C ASP H 631 -21.50 42.42 0.67
N ASN H 632 -21.98 41.51 -0.17
CA ASN H 632 -21.94 41.72 -1.60
C ASN H 632 -23.24 42.35 -2.09
N THR H 633 -24.36 41.84 -1.59
CA THR H 633 -25.67 42.36 -1.97
C THR H 633 -25.80 43.83 -1.63
N VAL H 634 -25.72 44.14 -0.34
CA VAL H 634 -25.81 45.51 0.12
C VAL H 634 -24.79 46.39 -0.60
N MET H 635 -23.64 45.82 -0.96
CA MET H 635 -22.59 46.54 -1.67
C MET H 635 -23.10 47.07 -3.01
N PHE H 636 -23.60 46.18 -3.84
CA PHE H 636 -24.13 46.57 -5.16
C PHE H 636 -25.51 47.22 -5.06
N MET H 637 -26.02 47.34 -3.84
CA MET H 637 -27.32 47.97 -3.61
C MET H 637 -27.13 49.48 -3.73
N GLN H 638 -25.88 49.90 -3.86
CA GLN H 638 -25.52 51.31 -3.99
C GLN H 638 -26.10 51.88 -5.28
N GLY H 639 -26.21 51.04 -6.29
CA GLY H 639 -26.77 51.47 -7.56
C GLY H 639 -28.27 51.66 -7.49
N LYS H 640 -28.95 50.75 -6.78
CA LYS H 640 -30.40 50.84 -6.64
C LYS H 640 -30.76 51.97 -5.68
N ARG H 641 -29.75 52.61 -5.13
CA ARG H 641 -29.96 53.71 -4.19
C ARG H 641 -29.37 55.01 -4.72
N GLN H 642 -28.47 54.90 -5.70
CA GLN H 642 -27.84 56.07 -6.33
C GLN H 642 -28.17 56.12 -7.81
N LYS H 643 -27.75 55.09 -8.54
CA LYS H 643 -28.00 55.01 -9.97
C LYS H 643 -29.49 55.17 -10.32
N GLU H 644 -30.37 54.78 -9.40
CA GLU H 644 -31.80 54.91 -9.63
C GLU H 644 -32.26 56.36 -9.53
N ILE H 645 -31.35 57.23 -9.14
CA ILE H 645 -31.66 58.65 -9.01
C ILE H 645 -31.32 59.35 -10.33
N TRP H 646 -30.25 58.89 -10.97
CA TRP H 646 -29.82 59.46 -12.24
C TRP H 646 -30.74 58.99 -13.36
N HIS H 647 -31.22 57.75 -13.24
CA HIS H 647 -32.12 57.18 -14.23
C HIS H 647 -33.44 57.93 -14.12
N LEU H 648 -33.74 58.39 -12.90
CA LEU H 648 -34.95 59.13 -12.62
C LEU H 648 -34.56 60.59 -12.41
N LEU H 649 -33.81 61.14 -13.37
CA LEU H 649 -33.34 62.52 -13.30
C LEU H 649 -33.69 63.32 -14.55
N LYS H 650 -33.61 62.69 -15.71
CA LYS H 650 -33.92 63.34 -16.99
C LYS H 650 -35.42 63.46 -17.24
N ILE H 651 -36.23 63.33 -16.19
CA ILE H 651 -37.68 63.43 -16.31
C ILE H 651 -38.08 64.78 -16.88
N ALA H 652 -37.28 65.81 -16.60
CA ALA H 652 -37.56 67.15 -17.08
C ALA H 652 -36.33 67.74 -17.77
N CYS H 653 -35.27 66.94 -17.90
CA CYS H 653 -34.04 67.39 -18.54
C CYS H 653 -34.20 67.40 -20.05
N THR H 654 -35.45 67.26 -20.50
CA THR H 654 -35.75 67.25 -21.92
C THR H 654 -37.07 67.97 -22.22
N GLN H 655 -37.47 68.87 -21.33
CA GLN H 655 -38.71 69.63 -21.51
C GLN H 655 -38.45 70.93 -22.26
N ASP I 1 46.37 4.31 101.56
CA ASP I 1 47.84 4.14 101.79
C ASP I 1 48.14 4.17 103.29
N PRO I 2 47.66 3.16 104.03
CA PRO I 2 47.87 3.05 105.47
C PRO I 2 49.29 2.66 105.86
N GLU I 3 50.25 2.97 104.98
CA GLU I 3 51.65 2.66 105.23
C GLU I 3 51.87 1.16 105.43
N PHE I 4 53.09 0.79 105.81
CA PHE I 4 53.46 -0.60 106.04
C PHE I 4 53.37 -1.38 104.74
N GLY I 5 54.27 -2.34 104.56
CA GLY I 5 54.26 -3.13 103.34
C GLY I 5 54.94 -4.49 103.47
N ALA I 6 55.90 -4.59 104.38
CA ALA I 6 56.62 -5.84 104.60
C ALA I 6 55.66 -7.02 104.71
N GLY I 7 55.46 -7.71 103.59
CA GLY I 7 54.57 -8.86 103.58
C GLY I 7 53.13 -8.44 103.75
N GLY I 8 52.82 -7.89 104.93
CA GLY I 8 51.47 -7.47 105.20
C GLY I 8 50.53 -8.65 105.33
N PRO I 9 50.51 -9.35 106.49
CA PRO I 9 49.64 -10.51 106.71
C PRO I 9 48.21 -10.24 106.24
N TRP I 10 47.63 -9.16 106.75
CA TRP I 10 46.27 -8.75 106.39
C TRP I 10 46.27 -8.04 105.03
N GLU I 11 45.20 -7.32 104.74
CA GLU I 11 45.09 -6.59 103.48
C GLU I 11 43.76 -5.87 103.42
N MET I 12 43.80 -4.56 103.21
CA MET I 12 42.57 -3.76 103.14
C MET I 12 41.89 -3.83 101.78
N ARG I 13 40.56 -3.89 101.78
CA ARG I 13 39.78 -3.95 100.56
C ARG I 13 39.43 -2.54 100.11
N GLU I 14 38.46 -1.93 100.78
CA GLU I 14 38.03 -0.57 100.45
C GLU I 14 37.99 0.28 101.71
N ARG I 15 38.02 1.60 101.54
CA ARG I 15 37.97 2.51 102.67
C ARG I 15 36.54 2.65 103.17
N LEU I 16 36.29 3.64 104.01
CA LEU I 16 34.95 3.87 104.54
C LEU I 16 34.49 5.31 104.34
N GLY I 17 33.38 5.66 104.98
CA GLY I 17 32.84 6.99 104.86
C GLY I 17 33.61 8.07 105.58
N THR I 18 32.92 8.85 106.41
CA THR I 18 33.52 9.95 107.16
C THR I 18 34.65 9.46 108.09
N GLY I 19 35.27 10.40 108.80
CA GLY I 19 36.35 10.06 109.71
C GLY I 19 37.50 11.04 109.61
N GLY I 20 38.02 11.21 108.40
CA GLY I 20 39.13 12.12 108.19
C GLY I 20 40.06 11.65 107.09
N PHE I 21 41.21 12.31 106.97
CA PHE I 21 42.21 11.96 105.97
C PHE I 21 42.52 10.47 106.02
N GLY I 22 42.00 9.72 105.06
CA GLY I 22 42.24 8.29 105.02
C GLY I 22 41.83 7.62 106.32
N ASN I 23 40.54 7.72 106.65
CA ASN I 23 40.01 7.12 107.87
C ASN I 23 40.05 5.59 107.84
N VAL I 24 39.06 4.98 108.49
CA VAL I 24 38.99 3.52 108.56
C VAL I 24 38.97 2.87 107.18
N CYS I 25 39.49 1.65 107.12
CA CYS I 25 39.54 0.89 105.87
C CYS I 25 39.16 -0.57 106.14
N LEU I 26 38.43 -1.16 105.20
CA LEU I 26 38.00 -2.54 105.33
C LEU I 26 39.22 -3.46 105.30
N TYR I 27 39.70 -3.85 106.47
CA TYR I 27 40.86 -4.73 106.57
C TYR I 27 40.49 -6.20 106.67
N GLN I 28 40.76 -6.93 105.60
CA GLN I 28 40.48 -8.36 105.55
C GLN I 28 41.80 -9.13 105.58
N HIS I 29 41.76 -10.34 106.13
CA HIS I 29 42.98 -11.14 106.22
C HIS I 29 43.00 -12.18 105.09
N ARG I 30 43.91 -11.99 104.13
CA ARG I 30 44.04 -12.89 103.00
C ARG I 30 44.18 -14.34 103.45
N GLU I 31 44.81 -14.53 104.61
CA GLU I 31 45.02 -15.85 105.18
C GLU I 31 43.79 -16.33 105.96
N LEU I 32 43.48 -15.64 107.05
CA LEU I 32 42.34 -15.99 107.88
C LEU I 32 41.01 -15.58 107.24
N ASP I 33 40.00 -15.38 108.07
CA ASP I 33 38.68 -14.99 107.60
C ASP I 33 38.19 -13.71 108.26
N LEU I 34 39.01 -13.14 109.14
CA LEU I 34 38.64 -11.91 109.83
C LEU I 34 38.74 -10.71 108.88
N LYS I 35 37.70 -9.87 108.91
CA LYS I 35 37.66 -8.69 108.04
C LYS I 35 37.41 -7.42 108.85
N ILE I 36 37.77 -7.44 110.13
CA ILE I 36 37.59 -6.28 111.00
C ILE I 36 38.34 -5.08 110.45
N ALA I 37 37.65 -3.94 110.40
CA ALA I 37 38.23 -2.72 109.90
C ALA I 37 38.89 -1.91 111.01
N ILE I 38 39.95 -1.21 110.67
CA ILE I 38 40.67 -0.38 111.62
C ILE I 38 40.83 1.03 111.05
N LYS I 39 40.81 2.03 111.92
CA LYS I 39 40.95 3.42 111.48
C LYS I 39 42.40 3.82 111.29
N SER I 40 42.68 4.55 110.22
CA SER I 40 44.03 5.00 109.93
C SER I 40 44.16 6.48 110.30
N CYS I 41 45.26 6.81 110.95
CA CYS I 41 45.52 8.18 111.38
C CYS I 41 45.79 9.10 110.19
N ARG I 42 45.37 10.36 110.31
CA ARG I 42 45.58 11.32 109.23
C ARG I 42 47.08 11.57 109.07
N LEU I 43 47.43 12.70 108.45
CA LEU I 43 48.82 13.05 108.26
C LEU I 43 49.49 13.34 109.61
N GLU I 44 50.21 14.45 109.69
CA GLU I 44 50.88 14.81 110.93
C GLU I 44 49.94 15.49 111.92
N LEU I 45 49.21 14.68 112.68
CA LEU I 45 48.27 15.21 113.67
C LEU I 45 49.00 16.14 114.62
N SER I 46 48.39 17.30 114.87
CA SER I 46 48.98 18.28 115.77
C SER I 46 49.26 17.67 117.14
N THR I 47 50.26 18.21 117.83
CA THR I 47 50.62 17.74 119.16
C THR I 47 49.43 17.77 120.09
N LYS I 48 48.66 18.86 120.03
CA LYS I 48 47.47 19.02 120.86
C LYS I 48 46.35 18.08 120.42
N ASN I 49 46.31 17.78 119.12
CA ASN I 49 45.30 16.89 118.58
C ASN I 49 45.64 15.43 118.88
N ARG I 50 46.90 15.18 119.18
CA ARG I 50 47.36 13.83 119.47
C ARG I 50 46.58 13.23 120.64
N GLU I 51 46.24 14.05 121.63
CA GLU I 51 45.51 13.57 122.81
C GLU I 51 44.06 13.28 122.46
N ARG I 52 43.60 13.86 121.37
CA ARG I 52 42.22 13.65 120.93
C ARG I 52 42.04 12.25 120.37
N TRP I 53 43.02 11.80 119.58
CA TRP I 53 42.97 10.48 118.96
C TRP I 53 43.09 9.37 120.02
N CYS I 54 44.08 9.51 120.88
CA CYS I 54 44.29 8.53 121.94
C CYS I 54 43.07 8.53 122.87
N HIS I 55 42.28 9.59 122.80
CA HIS I 55 41.10 9.72 123.63
C HIS I 55 39.96 8.89 123.08
N GLU I 56 39.77 8.96 121.77
CA GLU I 56 38.70 8.21 121.13
C GLU I 56 38.83 6.72 121.40
N ILE I 57 40.01 6.18 121.13
CA ILE I 57 40.25 4.76 121.35
C ILE I 57 39.98 4.38 122.80
N GLN I 58 40.19 5.35 123.69
CA GLN I 58 39.98 5.13 125.11
C GLN I 58 38.51 4.82 125.41
N ILE I 59 37.65 5.81 125.19
CA ILE I 59 36.23 5.65 125.44
C ILE I 59 35.60 4.61 124.51
N MET I 60 36.21 4.39 123.35
CA MET I 60 35.69 3.42 122.40
C MET I 60 35.75 2.01 122.96
N LYS I 61 36.83 1.71 123.68
CA LYS I 61 36.99 0.38 124.26
C LYS I 61 36.06 0.25 125.47
N LYS I 62 35.53 1.37 125.93
CA LYS I 62 34.62 1.39 127.07
C LYS I 62 33.24 0.93 126.60
N LEU I 63 32.95 1.13 125.33
CA LEU I 63 31.66 0.75 124.75
C LEU I 63 31.69 -0.72 124.33
N ASN I 64 30.76 -1.51 124.88
CA ASN I 64 30.69 -2.92 124.54
C ASN I 64 29.23 -3.36 124.43
N HIS I 65 28.37 -2.44 123.98
CA HIS I 65 26.95 -2.73 123.83
C HIS I 65 26.75 -3.57 122.57
N ALA I 66 25.61 -3.41 121.92
CA ALA I 66 25.31 -4.16 120.71
C ALA I 66 24.77 -3.23 119.64
N ASN I 67 24.10 -2.16 120.06
CA ASN I 67 23.53 -1.19 119.14
C ASN I 67 24.57 -0.15 118.72
N VAL I 68 25.79 -0.31 119.23
CA VAL I 68 26.86 0.62 118.90
C VAL I 68 28.09 -0.18 118.47
N VAL I 69 28.80 0.33 117.46
CA VAL I 69 30.00 -0.34 116.95
C VAL I 69 30.96 -0.68 118.08
N LYS I 70 31.49 -1.90 118.03
CA LYS I 70 32.42 -2.38 119.04
C LYS I 70 33.86 -2.06 118.63
N ALA I 71 34.71 -1.77 119.61
CA ALA I 71 36.10 -1.43 119.35
C ALA I 71 37.03 -2.61 119.60
N CYS I 72 37.37 -3.34 118.54
CA CYS I 72 38.26 -4.49 118.66
C CYS I 72 39.68 -3.96 118.84
N ASP I 73 40.62 -4.86 119.13
CA ASP I 73 42.00 -4.46 119.31
C ASP I 73 42.82 -4.68 118.05
N VAL I 74 43.88 -3.87 117.90
CA VAL I 74 44.74 -3.96 116.73
C VAL I 74 45.43 -5.32 116.69
N PRO I 75 45.29 -6.05 115.56
CA PRO I 75 45.90 -7.38 115.41
C PRO I 75 47.44 -7.33 115.32
N GLU I 76 48.00 -8.24 114.54
CA GLU I 76 49.45 -8.32 114.35
C GLU I 76 50.02 -6.96 114.00
N GLU I 77 49.26 -6.20 113.21
CA GLU I 77 49.68 -4.88 112.78
C GLU I 77 49.61 -3.91 113.96
N LEU I 78 50.27 -2.76 113.83
CA LEU I 78 50.27 -1.75 114.88
C LEU I 78 50.86 -0.44 114.36
N ASN I 79 52.12 -0.19 114.67
CA ASN I 79 52.81 1.02 114.25
C ASN I 79 52.04 2.26 114.69
N ILE I 80 52.19 3.34 113.93
CA ILE I 80 51.52 4.59 114.26
C ILE I 80 51.28 5.44 113.01
N LEU I 81 51.67 4.91 111.86
CA LEU I 81 51.51 5.60 110.58
C LEU I 81 51.99 7.04 110.66
N ILE I 82 51.41 7.90 109.84
CA ILE I 82 51.77 9.31 109.80
C ILE I 82 51.64 9.92 111.19
N HIS I 83 52.76 10.34 111.76
CA HIS I 83 52.79 10.93 113.10
C HIS I 83 52.60 9.86 114.17
N ASP I 84 52.91 10.20 115.42
CA ASP I 84 52.78 9.26 116.53
C ASP I 84 51.35 9.17 117.05
N VAL I 85 50.63 8.14 116.61
CA VAL I 85 49.25 7.91 117.03
C VAL I 85 48.84 6.45 116.80
N PRO I 86 48.17 5.84 117.79
CA PRO I 86 47.71 4.45 117.72
C PRO I 86 46.56 4.26 116.73
N LEU I 87 46.16 3.02 116.52
CA LEU I 87 45.07 2.71 115.61
C LEU I 87 43.75 2.45 116.34
N LEU I 88 42.70 2.21 115.57
CA LEU I 88 41.38 1.95 116.14
C LEU I 88 40.70 0.79 115.43
N ALA I 89 40.86 -0.41 115.96
CA ALA I 89 40.24 -1.60 115.37
C ALA I 89 38.79 -1.68 115.81
N MET I 90 37.93 -2.24 114.96
CA MET I 90 36.52 -2.35 115.29
C MET I 90 35.78 -3.31 114.36
N GLU I 91 34.64 -3.80 114.83
CA GLU I 91 33.82 -4.74 114.06
C GLU I 91 33.37 -4.14 112.73
N TYR I 92 33.34 -4.97 111.69
CA TYR I 92 32.92 -4.53 110.37
C TYR I 92 31.52 -5.01 110.04
N CYS I 93 30.80 -4.23 109.24
CA CYS I 93 29.44 -4.57 108.85
C CYS I 93 29.24 -4.30 107.36
N SER I 94 28.97 -5.36 106.61
CA SER I 94 28.77 -5.23 105.17
C SER I 94 27.38 -4.72 104.84
N GLY I 95 26.55 -4.59 105.87
CA GLY I 95 25.20 -4.11 105.65
C GLY I 95 25.14 -2.67 105.17
N GLY I 96 26.31 -2.07 105.00
CA GLY I 96 26.36 -0.69 104.54
C GLY I 96 25.74 0.28 105.54
N ASP I 97 25.88 1.56 105.26
CA ASP I 97 25.34 2.60 106.14
C ASP I 97 23.83 2.66 106.04
N LEU I 98 23.22 3.55 106.81
CA LEU I 98 21.78 3.71 106.79
C LEU I 98 21.32 4.43 105.54
N ARG I 99 22.17 5.34 105.05
CA ARG I 99 21.86 6.11 103.85
C ARG I 99 21.54 5.18 102.68
N LYS I 100 22.07 3.97 102.73
CA LYS I 100 21.82 3.00 101.68
C LYS I 100 20.34 2.63 101.66
N LEU I 101 19.86 2.12 102.79
CA LEU I 101 18.46 1.71 102.92
C LEU I 101 17.52 2.88 102.67
N LEU I 102 17.99 4.09 102.97
CA LEU I 102 17.19 5.29 102.79
C LEU I 102 17.08 5.67 101.31
N ASN I 103 18.17 5.54 100.57
CA ASN I 103 18.18 5.89 99.15
C ASN I 103 17.51 4.84 98.28
N LYS I 104 17.24 3.67 98.86
CA LYS I 104 16.60 2.59 98.13
C LYS I 104 15.27 3.05 97.53
N PRO I 105 15.12 2.94 96.21
CA PRO I 105 13.90 3.34 95.51
C PRO I 105 12.67 2.69 96.12
N GLU I 106 12.81 1.43 96.55
CA GLU I 106 11.70 0.70 97.14
C GLU I 106 11.16 1.45 98.36
N ASN I 107 12.00 2.31 98.92
CA ASN I 107 11.61 3.11 100.07
C ASN I 107 11.73 4.56 99.63
N CYS I 108 11.45 4.77 98.34
CA CYS I 108 11.53 6.10 97.72
C CYS I 108 10.91 7.20 98.57
N CYS I 109 9.86 6.85 99.30
CA CYS I 109 9.17 7.81 100.16
C CYS I 109 8.70 7.13 101.43
N GLY I 110 9.63 6.87 102.34
CA GLY I 110 9.28 6.22 103.59
C GLY I 110 9.62 4.75 103.55
N LEU I 111 10.16 4.24 104.65
CA LEU I 111 10.53 2.84 104.76
C LEU I 111 9.35 2.03 105.29
N LYS I 112 9.47 0.71 105.23
CA LYS I 112 8.42 -0.18 105.70
C LYS I 112 8.37 -0.16 107.23
N GLU I 113 7.16 -0.29 107.78
CA GLU I 113 6.94 -0.29 109.23
C GLU I 113 7.94 -1.16 109.99
N SER I 114 8.24 -2.32 109.44
CA SER I 114 9.18 -3.24 110.06
C SER I 114 10.53 -2.57 110.30
N GLN I 115 11.16 -2.14 109.21
CA GLN I 115 12.45 -1.48 109.29
C GLN I 115 12.40 -0.25 110.19
N ILE I 116 11.32 0.53 110.07
CA ILE I 116 11.16 1.74 110.86
C ILE I 116 11.35 1.46 112.35
N LEU I 117 10.39 0.76 112.93
CA LEU I 117 10.44 0.43 114.35
C LEU I 117 11.72 -0.32 114.71
N SER I 118 12.21 -1.11 113.75
CA SER I 118 13.41 -1.89 113.97
C SER I 118 14.62 -0.99 114.15
N LEU I 119 14.44 0.30 113.87
CA LEU I 119 15.52 1.28 114.00
C LEU I 119 15.42 1.96 115.36
N LEU I 120 14.21 2.10 115.87
CA LEU I 120 14.00 2.73 117.16
C LEU I 120 14.51 1.82 118.25
N SER I 121 14.09 0.56 118.19
CA SER I 121 14.50 -0.42 119.18
C SER I 121 16.00 -0.64 119.14
N ASP I 122 16.62 -0.26 118.03
CA ASP I 122 18.06 -0.41 117.87
C ASP I 122 18.80 0.87 118.24
N ILE I 123 18.71 1.88 117.37
CA ILE I 123 19.38 3.14 117.62
C ILE I 123 18.92 3.77 118.92
N GLY I 124 17.65 3.56 119.24
CA GLY I 124 17.12 4.12 120.47
C GLY I 124 17.79 3.52 121.70
N SER I 125 18.19 2.27 121.60
CA SER I 125 18.85 1.58 122.72
C SER I 125 20.31 1.97 122.78
N GLY I 126 20.97 1.99 121.63
CA GLY I 126 22.37 2.35 121.59
C GLY I 126 22.59 3.80 121.97
N ILE I 127 21.72 4.68 121.48
CA ILE I 127 21.84 6.10 121.77
C ILE I 127 21.66 6.32 123.27
N ARG I 128 20.92 5.44 123.89
CA ARG I 128 20.67 5.53 125.31
C ARG I 128 21.90 5.03 126.06
N TYR I 129 22.48 3.95 125.56
CA TYR I 129 23.66 3.36 126.17
C TYR I 129 24.78 4.38 126.30
N LEU I 130 25.03 5.08 125.20
CA LEU I 130 26.07 6.10 125.19
C LEU I 130 25.82 7.13 126.26
N HIS I 131 24.55 7.37 126.56
CA HIS I 131 24.17 8.34 127.58
C HIS I 131 24.39 7.76 128.98
N GLU I 132 24.60 6.45 129.04
CA GLU I 132 24.83 5.79 130.32
C GLU I 132 26.32 5.70 130.61
N ASN I 133 27.11 6.42 129.83
CA ASN I 133 28.56 6.45 129.99
C ASN I 133 29.04 7.89 129.82
N LYS I 134 28.13 8.84 129.99
CA LYS I 134 28.43 10.25 129.84
C LYS I 134 29.03 10.57 128.48
N ILE I 135 28.79 9.67 127.51
CA ILE I 135 29.28 9.85 126.15
C ILE I 135 28.13 10.35 125.29
N ILE I 136 28.26 11.57 124.78
CA ILE I 136 27.22 12.16 123.94
C ILE I 136 27.69 12.35 122.49
N HIS I 137 27.02 11.68 121.57
CA HIS I 137 27.35 11.76 120.15
C HIS I 137 26.29 12.60 119.45
N ARG I 138 26.60 13.88 119.23
CA ARG I 138 25.65 14.79 118.59
C ARG I 138 25.62 14.64 117.07
N ASP I 139 26.76 14.28 116.49
CA ASP I 139 26.84 14.13 115.03
C ASP I 139 26.16 12.85 114.58
N LEU I 140 25.04 12.52 115.21
CA LEU I 140 24.31 11.31 114.87
C LEU I 140 23.57 11.47 113.54
N LYS I 141 24.33 11.46 112.46
CA LYS I 141 23.73 11.59 111.13
C LYS I 141 23.61 10.21 110.47
N PRO I 142 22.59 10.05 109.60
CA PRO I 142 22.33 8.79 108.89
C PRO I 142 23.57 8.10 108.34
N GLU I 143 24.50 8.88 107.79
CA GLU I 143 25.74 8.32 107.24
C GLU I 143 26.68 7.82 108.32
N ASN I 144 26.14 7.63 109.53
CA ASN I 144 26.93 7.15 110.66
C ASN I 144 26.22 5.99 111.36
N ILE I 145 25.29 5.35 110.66
CA ILE I 145 24.55 4.23 111.20
C ILE I 145 24.71 3.00 110.30
N VAL I 146 25.71 2.18 110.61
CA VAL I 146 25.98 0.98 109.82
C VAL I 146 24.93 -0.10 110.07
N LEU I 147 24.79 -1.00 109.11
CA LEU I 147 23.84 -2.11 109.22
C LEU I 147 24.56 -3.46 109.08
N GLN I 148 23.97 -4.50 109.67
CA GLN I 148 24.55 -5.84 109.62
C GLN I 148 23.46 -6.91 109.67
N ASP I 149 23.69 -7.99 108.94
CA ASP I 149 22.74 -9.09 108.89
C ASP I 149 23.07 -10.11 109.97
N VAL I 150 23.11 -9.65 111.21
CA VAL I 150 23.42 -10.52 112.33
C VAL I 150 22.38 -11.63 112.44
N GLY I 151 22.70 -12.79 111.88
CA GLY I 151 21.77 -13.90 111.93
C GLY I 151 20.80 -13.92 110.76
N GLY I 152 19.79 -13.05 110.83
CA GLY I 152 18.82 -12.99 109.77
C GLY I 152 18.19 -11.62 109.64
N LYS I 153 17.99 -10.94 110.76
CA LYS I 153 17.39 -9.61 110.75
C LYS I 153 18.45 -8.52 110.67
N ILE I 154 18.06 -7.34 110.21
CA ILE I 154 18.97 -6.21 110.09
C ILE I 154 19.21 -5.59 111.44
N ILE I 155 20.49 -5.40 111.78
CA ILE I 155 20.86 -4.81 113.06
C ILE I 155 21.53 -3.45 112.87
N HIS I 156 20.85 -2.40 113.29
CA HIS I 156 21.37 -1.05 113.17
C HIS I 156 22.37 -0.78 114.29
N LYS I 157 23.46 -0.09 113.96
CA LYS I 157 24.49 0.21 114.94
C LYS I 157 25.11 1.58 114.72
N ILE I 158 25.22 2.36 115.80
CA ILE I 158 25.83 3.69 115.72
C ILE I 158 27.32 3.48 115.52
N ILE I 159 28.01 4.48 114.97
CA ILE I 159 29.44 4.33 114.73
C ILE I 159 30.16 5.67 114.61
N ASP I 160 31.47 5.64 114.82
CA ASP I 160 32.33 6.82 114.75
C ASP I 160 31.94 7.83 115.82
N LEU I 161 32.88 8.11 116.72
CA LEU I 161 32.64 9.07 117.79
C LEU I 161 33.75 10.11 117.83
N GLY I 162 34.55 10.16 116.77
CA GLY I 162 35.64 11.11 116.70
C GLY I 162 35.18 12.56 116.73
N TYR I 163 33.86 12.76 116.76
CA TYR I 163 33.29 14.10 116.80
C TYR I 163 32.39 14.29 118.02
N ALA I 164 31.90 13.19 118.57
CA ALA I 164 31.03 13.25 119.75
C ALA I 164 31.69 14.03 120.87
N LYS I 165 30.90 14.34 121.90
CA LYS I 165 31.40 15.09 123.05
C LYS I 165 31.42 14.20 124.30
N ASP I 166 31.94 14.72 125.40
CA ASP I 166 32.01 13.97 126.64
C ASP I 166 32.12 14.94 127.81
N VAL I 167 32.22 14.38 129.03
CA VAL I 167 32.33 15.20 130.23
C VAL I 167 33.25 14.55 131.26
N ASP I 168 34.48 14.26 130.85
CA ASP I 168 35.47 13.65 131.73
C ASP I 168 36.87 14.15 131.42
N GLN I 169 37.78 13.23 131.11
CA GLN I 169 39.16 13.59 130.79
C GLN I 169 39.36 13.67 129.28
N GLY I 170 38.89 14.77 128.69
CA GLY I 170 39.01 14.95 127.26
C GLY I 170 37.77 15.58 126.66
N GLU I 171 37.33 16.71 127.22
CA GLU I 171 36.15 17.41 126.75
C GLU I 171 36.17 17.60 125.23
N LEU I 172 35.25 16.95 124.55
CA LEU I 172 35.14 17.03 123.09
C LEU I 172 36.35 16.43 122.38
N CYS I 173 36.25 16.31 121.06
CA CYS I 173 37.33 15.76 120.24
C CYS I 173 37.72 16.76 119.16
N THR I 174 37.26 16.52 117.94
CA THR I 174 37.54 17.41 116.82
C THR I 174 36.47 18.50 116.80
N GLU I 175 36.03 18.89 115.60
CA GLU I 175 35.00 19.92 115.46
C GLU I 175 33.95 19.63 114.40
N PHE I 176 33.53 20.67 113.69
CA PHE I 176 32.53 20.54 112.64
C PHE I 176 32.78 19.38 111.70
N VAL I 177 31.72 18.98 110.99
CA VAL I 177 31.80 17.89 110.03
C VAL I 177 31.36 18.36 108.65
N GLY I 178 31.15 17.41 107.74
CA GLY I 178 30.72 17.77 106.41
C GLY I 178 29.34 18.39 106.39
N THR I 179 28.70 18.41 105.22
CA THR I 179 27.36 18.98 105.07
C THR I 179 26.44 18.49 106.17
N LEU I 180 26.39 19.24 107.27
CA LEU I 180 25.55 18.88 108.39
C LEU I 180 24.11 19.20 108.02
N GLN I 181 23.19 18.34 108.44
CA GLN I 181 21.78 18.52 108.15
C GLN I 181 20.97 17.81 109.22
N TYR I 182 21.65 16.99 110.02
CA TYR I 182 21.00 16.22 111.06
C TYR I 182 21.67 16.50 112.39
N LEU I 183 21.40 17.68 112.95
CA LEU I 183 21.98 18.04 114.23
C LEU I 183 21.18 19.15 114.90
N ALA I 184 21.05 19.07 116.22
CA ALA I 184 20.31 20.06 116.99
C ALA I 184 20.86 21.45 116.75
N PRO I 185 20.00 22.48 116.82
CA PRO I 185 20.42 23.87 116.59
C PRO I 185 21.30 24.42 117.70
N GLU I 186 21.82 23.52 118.55
CA GLU I 186 22.69 23.95 119.64
C GLU I 186 24.07 24.34 119.14
N LEU I 187 24.74 23.40 118.48
CA LEU I 187 26.08 23.66 117.98
C LEU I 187 26.13 24.73 116.89
N PHE I 188 24.96 25.25 116.50
CA PHE I 188 24.90 26.29 115.48
C PHE I 188 25.15 27.66 116.06
N GLU I 189 25.26 27.74 117.38
CA GLU I 189 25.49 29.00 118.07
C GLU I 189 26.75 28.90 118.94
N ASN I 190 27.31 27.70 119.02
CA ASN I 190 28.51 27.46 119.81
C ASN I 190 28.29 27.84 121.27
N LYS I 191 27.02 28.05 121.63
CA LYS I 191 26.64 28.42 122.98
C LYS I 191 26.56 27.17 123.86
N PRO I 192 26.44 27.35 125.18
CA PRO I 192 26.35 26.22 126.11
C PRO I 192 25.32 25.18 125.67
N TYR I 193 25.80 24.07 125.13
CA TYR I 193 24.94 23.00 124.65
C TYR I 193 24.46 22.13 125.80
N THR I 194 23.71 21.08 125.47
CA THR I 194 23.20 20.18 126.48
C THR I 194 23.42 18.72 126.08
N ALA I 195 22.75 17.81 126.77
CA ALA I 195 22.88 16.39 126.49
C ALA I 195 21.72 15.91 125.61
N THR I 196 20.75 16.78 125.40
CA THR I 196 19.59 16.44 124.58
C THR I 196 19.89 16.62 123.09
N VAL I 197 21.05 17.18 122.79
CA VAL I 197 21.47 17.40 121.41
C VAL I 197 21.34 16.12 120.59
N ASP I 198 21.50 14.97 121.24
CA ASP I 198 21.40 13.69 120.54
C ASP I 198 19.97 13.36 120.19
N TYR I 199 19.04 13.71 121.09
CA TYR I 199 17.62 13.42 120.87
C TYR I 199 17.12 13.99 119.55
N TRP I 200 17.65 15.14 119.17
CA TRP I 200 17.24 15.77 117.92
C TRP I 200 17.71 14.98 116.73
N SER I 201 19.00 14.64 116.73
CA SER I 201 19.58 13.88 115.64
C SER I 201 18.81 12.59 115.41
N PHE I 202 18.50 11.90 116.49
CA PHE I 202 17.78 10.64 116.41
C PHE I 202 16.37 10.87 115.90
N GLY I 203 15.71 11.89 116.45
CA GLY I 203 14.34 12.18 116.04
C GLY I 203 14.22 12.50 114.58
N THR I 204 15.07 13.40 114.11
CA THR I 204 15.05 13.81 112.70
C THR I 204 15.13 12.62 111.77
N MET I 205 16.01 11.67 112.07
CA MET I 205 16.15 10.49 111.24
C MET I 205 14.90 9.62 111.29
N VAL I 206 14.37 9.40 112.48
CA VAL I 206 13.17 8.59 112.63
C VAL I 206 12.07 9.10 111.72
N PHE I 207 11.96 10.42 111.64
CA PHE I 207 10.94 11.05 110.80
C PHE I 207 11.19 10.68 109.34
N GLU I 208 12.42 10.91 108.88
CA GLU I 208 12.80 10.62 107.52
C GLU I 208 12.62 9.14 107.18
N CYS I 209 12.76 8.28 108.18
CA CYS I 209 12.59 6.84 107.97
C CYS I 209 11.13 6.49 107.83
N ILE I 210 10.29 7.50 107.72
CA ILE I 210 8.86 7.31 107.57
C ILE I 210 8.34 8.11 106.38
N ALA I 211 8.92 9.31 106.20
CA ALA I 211 8.53 10.20 105.11
C ALA I 211 9.47 10.06 103.92
N GLY I 212 10.76 10.00 104.21
CA GLY I 212 11.73 9.86 103.14
C GLY I 212 12.54 11.12 102.94
N TYR I 213 12.33 12.11 103.81
CA TYR I 213 13.05 13.36 103.73
C TYR I 213 13.15 14.07 105.08
N ARG I 214 13.92 15.15 105.11
CA ARG I 214 14.12 15.93 106.33
C ARG I 214 12.80 16.27 107.03
N PRO I 215 12.86 16.49 108.35
CA PRO I 215 11.70 16.83 109.15
C PRO I 215 11.18 18.24 108.89
N PHE I 216 11.94 19.00 108.10
CA PHE I 216 11.56 20.37 107.80
C PHE I 216 11.84 20.67 106.34
N LEU I 217 12.49 21.81 106.07
CA LEU I 217 12.80 22.18 104.71
C LEU I 217 13.82 21.23 104.09
N HIS I 218 13.33 20.30 103.28
CA HIS I 218 14.16 19.33 102.62
C HIS I 218 15.04 19.98 101.55
N HIS I 219 16.21 19.41 101.32
CA HIS I 219 17.14 19.92 100.34
C HIS I 219 17.73 21.27 100.75
N LEU I 220 16.88 22.13 101.31
CA LEU I 220 17.33 23.43 101.75
C LEU I 220 18.49 23.31 102.73
N GLN I 221 19.65 23.80 102.32
CA GLN I 221 20.85 23.77 103.15
C GLN I 221 20.57 24.30 104.56
N PRO I 222 21.27 23.75 105.57
CA PRO I 222 21.09 24.16 106.97
C PRO I 222 21.26 25.65 107.24
N PHE I 223 22.23 26.29 106.58
CA PHE I 223 22.46 27.71 106.77
C PHE I 223 21.15 28.48 106.71
N THR I 224 20.40 28.28 105.63
CA THR I 224 19.13 28.95 105.44
C THR I 224 17.99 27.95 105.66
N TRP I 225 18.17 27.07 106.65
CA TRP I 225 17.18 26.07 106.97
C TRP I 225 16.48 26.41 108.29
N HIS I 226 17.26 26.90 109.24
CA HIS I 226 16.74 27.29 110.55
C HIS I 226 16.19 28.69 110.46
N GLU I 227 16.65 29.42 109.45
CA GLU I 227 16.23 30.80 109.23
C GLU I 227 14.71 30.90 109.07
N LYS I 228 14.08 29.78 108.77
CA LYS I 228 12.63 29.73 108.58
C LYS I 228 11.95 29.08 109.77
N ILE I 229 12.44 27.92 110.17
CA ILE I 229 11.88 27.17 111.29
C ILE I 229 12.45 27.62 112.62
N LYS I 230 13.11 28.78 112.61
CA LYS I 230 13.72 29.32 113.83
C LYS I 230 12.75 29.24 115.01
N LYS I 231 11.50 29.63 114.78
CA LYS I 231 10.51 29.59 115.85
C LYS I 231 10.06 28.16 116.07
N LYS I 232 9.83 27.45 114.96
CA LYS I 232 9.40 26.07 115.00
C LYS I 232 8.21 25.92 115.95
N ASP I 233 7.00 25.98 115.38
CA ASP I 233 5.77 25.85 116.15
C ASP I 233 5.84 24.78 117.24
N PRO I 234 4.97 24.90 118.25
CA PRO I 234 4.93 23.95 119.37
C PRO I 234 4.75 22.50 118.94
N LYS I 235 5.79 21.71 119.15
CA LYS I 235 5.79 20.29 118.81
C LYS I 235 5.62 20.02 117.32
N CYS I 236 6.17 20.91 116.50
CA CYS I 236 6.11 20.76 115.05
C CYS I 236 7.15 19.73 114.61
N ILE I 237 6.77 18.89 113.64
CA ILE I 237 7.69 17.87 113.16
C ILE I 237 7.72 17.82 111.63
N PHE I 238 7.30 18.89 110.98
CA PHE I 238 7.29 18.95 109.52
C PHE I 238 7.09 20.36 109.01
N ALA I 239 7.71 20.66 107.87
CA ALA I 239 7.61 21.98 107.27
C ALA I 239 8.25 22.02 105.88
N CYS I 240 7.44 21.76 104.86
CA CYS I 240 7.94 21.75 103.49
C CYS I 240 7.61 23.07 102.82
N GLU I 241 7.87 23.14 101.52
CA GLU I 241 7.60 24.34 100.75
C GLU I 241 6.55 24.08 99.66
N GLU I 242 5.44 24.81 99.73
CA GLU I 242 4.35 24.67 98.77
C GLU I 242 4.84 24.86 97.34
N MET I 243 4.05 24.39 96.39
CA MET I 243 4.39 24.50 94.98
C MET I 243 4.71 25.95 94.63
N SER I 244 4.06 26.87 95.33
CA SER I 244 4.26 28.29 95.09
C SER I 244 5.42 28.82 95.93
N GLY I 245 6.36 27.93 96.25
CA GLY I 245 7.50 28.34 97.04
C GLY I 245 7.15 28.72 98.47
N GLU I 246 5.86 28.79 98.77
CA GLU I 246 5.41 29.14 100.11
C GLU I 246 5.95 28.15 101.15
N VAL I 247 5.77 28.48 102.42
CA VAL I 247 6.23 27.63 103.52
C VAL I 247 5.06 27.25 104.43
N ARG I 248 4.93 25.96 104.71
CA ARG I 248 3.85 25.46 105.56
C ARG I 248 4.39 24.62 106.71
N PHE I 249 3.84 24.82 107.89
CA PHE I 249 4.26 24.10 109.08
C PHE I 249 3.18 23.12 109.52
N SER I 250 3.56 22.10 110.29
CA SER I 250 2.61 21.11 110.77
C SER I 250 3.23 20.20 111.82
N SER I 251 2.44 19.83 112.81
CA SER I 251 2.91 18.96 113.89
C SER I 251 2.41 17.55 113.66
N HIS I 252 1.91 17.27 112.46
CA HIS I 252 1.39 15.95 112.12
C HIS I 252 2.42 15.16 111.33
N LEU I 253 2.10 13.91 111.01
CA LEU I 253 3.00 13.06 110.25
C LEU I 253 2.52 12.96 108.81
N PRO I 254 3.29 13.51 107.85
CA PRO I 254 2.97 13.50 106.42
C PRO I 254 2.54 12.15 105.85
N GLN I 255 2.02 12.17 104.62
CA GLN I 255 1.56 10.96 103.93
C GLN I 255 2.18 10.90 102.54
N PRO I 256 2.34 9.69 101.98
CA PRO I 256 1.98 8.41 102.60
C PRO I 256 3.10 7.85 103.48
N ASN I 257 2.73 7.07 104.49
CA ASN I 257 3.70 6.47 105.40
C ASN I 257 3.61 4.95 105.33
N SER I 258 4.06 4.28 106.39
CA SER I 258 4.03 2.83 106.43
C SER I 258 3.56 2.34 107.79
N LEU I 259 3.33 3.28 108.70
CA LEU I 259 2.88 2.96 110.05
C LEU I 259 1.39 2.66 110.03
N CYS I 260 0.93 1.80 110.94
CA CYS I 260 -0.49 1.44 111.00
C CYS I 260 -1.29 2.61 111.57
N SER I 261 -2.60 2.49 111.53
CA SER I 261 -3.48 3.54 112.02
C SER I 261 -3.45 3.67 113.53
N LEU I 262 -2.57 2.92 114.17
CA LEU I 262 -2.46 2.95 115.63
C LEU I 262 -1.12 3.50 116.09
N ILE I 263 -0.05 3.05 115.45
CA ILE I 263 1.30 3.49 115.81
C ILE I 263 1.48 4.98 115.51
N VAL I 264 0.55 5.55 114.76
CA VAL I 264 0.63 6.96 114.40
C VAL I 264 0.47 7.88 115.61
N GLU I 265 -0.56 7.62 116.41
CA GLU I 265 -0.84 8.42 117.59
C GLU I 265 0.41 8.64 118.47
N PRO I 266 1.15 7.56 118.76
CA PRO I 266 2.35 7.69 119.60
C PRO I 266 3.57 8.18 118.85
N MET I 267 3.70 7.73 117.60
CA MET I 267 4.85 8.10 116.79
C MET I 267 4.95 9.61 116.62
N GLU I 268 3.81 10.25 116.34
CA GLU I 268 3.78 11.69 116.16
C GLU I 268 4.19 12.40 117.43
N ASN I 269 3.58 12.01 118.54
CA ASN I 269 3.88 12.62 119.82
C ASN I 269 5.35 12.42 120.18
N TRP I 270 5.87 11.23 119.87
CA TRP I 270 7.26 10.92 120.16
C TRP I 270 8.18 11.89 119.43
N LEU I 271 7.99 11.99 118.12
CA LEU I 271 8.79 12.87 117.29
C LEU I 271 8.71 14.31 117.80
N GLN I 272 7.58 14.65 118.40
CA GLN I 272 7.38 16.00 118.92
C GLN I 272 8.36 16.37 120.01
N LEU I 273 8.56 15.47 120.97
CA LEU I 273 9.50 15.73 122.05
C LEU I 273 10.95 15.57 121.58
N MET I 274 11.13 14.89 120.46
CA MET I 274 12.47 14.67 119.93
C MET I 274 12.84 15.79 118.97
N LEU I 275 11.84 16.53 118.50
CA LEU I 275 12.08 17.64 117.58
C LEU I 275 11.60 18.99 118.13
N ASN I 276 11.91 19.24 119.39
CA ASN I 276 11.53 20.50 120.03
C ASN I 276 12.76 21.38 119.97
N TRP I 277 12.61 22.60 119.47
CA TRP I 277 13.75 23.50 119.35
C TRP I 277 14.47 23.71 120.68
N ASP I 278 13.71 24.01 121.72
CA ASP I 278 14.28 24.23 123.04
C ASP I 278 15.15 23.02 123.43
N PRO I 279 16.47 23.24 123.59
CA PRO I 279 17.42 22.18 123.96
C PRO I 279 17.23 21.63 125.36
N GLN I 280 16.10 21.96 125.98
CA GLN I 280 15.80 21.50 127.32
C GLN I 280 14.45 20.79 127.36
N GLN I 281 13.57 21.15 126.44
CA GLN I 281 12.25 20.57 126.39
C GLN I 281 12.19 19.22 125.68
N ARG I 282 13.35 18.69 125.29
CA ARG I 282 13.39 17.40 124.61
C ARG I 282 13.06 16.29 125.59
N GLY I 283 11.77 16.12 125.89
CA GLY I 283 11.33 15.11 126.83
C GLY I 283 11.29 15.66 128.24
N GLY I 284 10.77 16.88 128.37
CA GLY I 284 10.67 17.52 129.67
C GLY I 284 10.24 16.59 130.78
N PRO I 285 8.96 16.17 130.79
CA PRO I 285 8.44 15.27 131.82
C PRO I 285 9.27 13.99 131.96
N VAL I 286 10.25 14.02 132.85
CA VAL I 286 11.11 12.86 133.08
C VAL I 286 10.65 12.09 134.31
N ASP I 287 9.60 11.30 134.14
CA ASP I 287 9.05 10.51 135.24
C ASP I 287 10.14 9.71 135.94
N LEU I 288 10.29 9.97 137.23
CA LEU I 288 11.31 9.30 138.04
C LEU I 288 11.03 7.81 138.25
N THR I 289 9.88 7.33 137.79
CA THR I 289 9.51 5.92 137.95
C THR I 289 10.56 5.01 137.30
N LEU I 290 10.85 5.28 136.03
CA LEU I 290 11.82 4.49 135.30
C LEU I 290 13.13 5.25 135.13
N LYS I 291 13.24 6.40 135.80
CA LYS I 291 14.44 7.21 135.73
C LYS I 291 14.81 7.51 134.27
N GLN I 292 13.83 7.92 133.49
CA GLN I 292 14.07 8.23 132.08
C GLN I 292 13.08 9.28 131.56
N PRO I 293 13.50 10.07 130.56
CA PRO I 293 12.67 11.12 129.95
C PRO I 293 11.51 10.56 129.12
N ARG I 294 10.48 11.38 128.94
CA ARG I 294 9.30 11.00 128.18
C ARG I 294 9.68 10.54 126.78
N CYS I 295 10.91 10.80 126.38
CA CYS I 295 11.39 10.40 125.06
C CYS I 295 11.49 8.89 124.95
N PHE I 296 12.16 8.26 125.91
CA PHE I 296 12.30 6.82 125.91
C PHE I 296 11.06 6.14 126.47
N VAL I 297 10.22 6.92 127.15
CA VAL I 297 9.00 6.40 127.74
C VAL I 297 8.03 5.96 126.65
N LEU I 298 7.67 6.88 125.77
CA LEU I 298 6.76 6.57 124.69
C LEU I 298 7.34 5.47 123.80
N MET I 299 8.66 5.52 123.60
CA MET I 299 9.33 4.54 122.75
C MET I 299 9.04 3.14 123.27
N ASP I 300 9.34 2.91 124.55
CA ASP I 300 9.10 1.61 125.16
C ASP I 300 7.61 1.31 125.20
N HIS I 301 6.80 2.36 125.26
CA HIS I 301 5.35 2.21 125.32
C HIS I 301 4.84 1.73 123.97
N ILE I 302 5.60 2.02 122.91
CA ILE I 302 5.23 1.61 121.56
C ILE I 302 5.74 0.21 121.26
N LEU I 303 7.07 0.06 121.24
CA LEU I 303 7.69 -1.24 120.95
C LEU I 303 7.06 -2.37 121.74
N ASN I 304 6.75 -2.11 123.00
CA ASN I 304 6.12 -3.11 123.85
C ASN I 304 4.60 -3.12 123.69
N LEU I 305 4.16 -3.44 122.47
CA LEU I 305 2.74 -3.51 122.17
C LEU I 305 2.43 -4.72 121.28
N LYS I 306 1.15 -5.00 121.09
CA LYS I 306 0.73 -6.13 120.27
C LYS I 306 0.32 -5.63 118.89
N ILE I 307 -0.83 -4.96 118.83
CA ILE I 307 -1.34 -4.42 117.57
C ILE I 307 -1.35 -5.50 116.49
N VAL I 308 -2.40 -6.30 116.48
CA VAL I 308 -2.53 -7.37 115.50
C VAL I 308 -3.26 -6.90 114.25
N HIS I 309 -2.56 -6.91 113.13
CA HIS I 309 -3.14 -6.47 111.86
C HIS I 309 -4.12 -7.54 111.35
N ILE I 310 -5.30 -7.10 110.93
CA ILE I 310 -6.30 -8.01 110.43
C ILE I 310 -6.77 -7.61 109.03
N LEU I 311 -6.59 -8.52 108.08
CA LEU I 311 -7.00 -8.28 106.70
C LEU I 311 -8.38 -8.89 106.42
N ASN I 312 -9.34 -8.04 106.08
CA ASN I 312 -10.69 -8.49 105.81
C ASN I 312 -10.80 -8.96 104.37
N MET I 313 -10.91 -10.26 104.17
CA MET I 313 -11.01 -10.83 102.84
C MET I 313 -12.42 -10.67 102.27
N THR I 314 -13.08 -9.58 102.63
CA THR I 314 -14.43 -9.30 102.16
C THR I 314 -14.55 -7.85 101.74
N SER I 315 -13.56 -7.06 102.13
CA SER I 315 -13.52 -5.64 101.81
C SER I 315 -12.08 -5.12 101.62
N ALA I 316 -11.14 -6.06 101.54
CA ALA I 316 -9.73 -5.71 101.36
C ALA I 316 -9.25 -4.71 102.39
N LYS I 317 -9.95 -4.64 103.52
CA LYS I 317 -9.58 -3.73 104.59
C LYS I 317 -8.54 -4.34 105.52
N ILE I 318 -7.74 -3.49 106.16
CA ILE I 318 -6.71 -3.96 107.07
C ILE I 318 -6.87 -3.27 108.42
N ILE I 319 -7.86 -3.71 109.19
CA ILE I 319 -8.11 -3.11 110.50
C ILE I 319 -7.15 -3.69 111.53
N SER I 320 -6.55 -2.81 112.33
CA SER I 320 -5.62 -3.23 113.36
C SER I 320 -6.26 -3.15 114.74
N PHE I 321 -5.83 -4.02 115.64
CA PHE I 321 -6.35 -4.07 117.00
C PHE I 321 -5.25 -4.21 118.03
N LEU I 322 -5.03 -3.15 118.81
CA LEU I 322 -3.99 -3.16 119.83
C LEU I 322 -4.52 -3.95 121.02
N LEU I 323 -4.34 -5.27 120.98
CA LEU I 323 -4.81 -6.16 122.03
C LEU I 323 -3.96 -6.11 123.29
N PRO I 324 -4.61 -6.11 124.47
CA PRO I 324 -3.90 -6.08 125.76
C PRO I 324 -3.43 -7.47 126.18
N PRO I 325 -2.47 -7.54 127.12
CA PRO I 325 -1.95 -8.82 127.59
C PRO I 325 -2.91 -9.59 128.50
N ASP I 326 -4.19 -9.52 128.20
CA ASP I 326 -5.21 -10.20 129.00
C ASP I 326 -6.42 -10.60 128.17
N GLU I 327 -6.88 -9.69 127.32
CA GLU I 327 -8.05 -9.93 126.48
C GLU I 327 -7.97 -11.27 125.76
N SER I 328 -9.14 -11.86 125.50
CA SER I 328 -9.23 -13.14 124.80
C SER I 328 -9.73 -12.92 123.39
N LEU I 329 -9.60 -13.94 122.55
CA LEU I 329 -10.05 -13.82 121.16
C LEU I 329 -11.55 -13.63 121.12
N HIS I 330 -12.25 -14.28 122.05
CA HIS I 330 -13.70 -14.17 122.12
C HIS I 330 -14.08 -12.76 122.54
N SER I 331 -13.11 -12.06 123.14
CA SER I 331 -13.32 -10.69 123.60
C SER I 331 -12.94 -9.75 122.46
N LEU I 332 -12.14 -10.26 121.53
CA LEU I 332 -11.71 -9.48 120.38
C LEU I 332 -12.66 -9.62 119.21
N GLN I 333 -13.14 -10.84 118.98
CA GLN I 333 -14.07 -11.10 117.89
C GLN I 333 -15.20 -10.08 117.91
N SER I 334 -15.62 -9.70 119.11
CA SER I 334 -16.70 -8.74 119.27
C SER I 334 -16.25 -7.38 118.77
N ARG I 335 -15.01 -7.01 119.09
CA ARG I 335 -14.44 -5.74 118.68
C ARG I 335 -14.47 -5.65 117.15
N ILE I 336 -14.06 -6.73 116.50
CA ILE I 336 -14.02 -6.79 115.06
C ILE I 336 -15.39 -6.54 114.46
N GLU I 337 -16.40 -7.12 115.09
CA GLU I 337 -17.77 -6.98 114.62
C GLU I 337 -18.21 -5.52 114.56
N ARG I 338 -17.56 -4.67 115.35
CA ARG I 338 -17.90 -3.26 115.38
C ARG I 338 -17.32 -2.49 114.21
N GLU I 339 -16.34 -3.09 113.52
CA GLU I 339 -15.72 -2.44 112.37
C GLU I 339 -15.80 -3.32 111.13
N THR I 340 -16.67 -4.31 111.16
CA THR I 340 -16.84 -5.21 110.03
C THR I 340 -18.31 -5.49 109.77
N GLY I 341 -19.05 -5.75 110.84
CA GLY I 341 -20.47 -6.04 110.70
C GLY I 341 -20.73 -7.53 110.60
N ILE I 342 -19.67 -8.31 110.73
CA ILE I 342 -19.77 -9.75 110.66
C ILE I 342 -20.16 -10.32 112.02
N ASN I 343 -21.16 -11.19 112.04
CA ASN I 343 -21.61 -11.80 113.28
C ASN I 343 -20.45 -12.39 114.06
N THR I 344 -20.44 -12.15 115.36
CA THR I 344 -19.37 -12.66 116.22
C THR I 344 -19.23 -14.17 116.08
N GLY I 345 -20.30 -14.83 115.68
CA GLY I 345 -20.27 -16.27 115.50
C GLY I 345 -19.84 -16.67 114.11
N SER I 346 -19.95 -15.75 113.16
CA SER I 346 -19.58 -16.02 111.79
C SER I 346 -18.23 -15.40 111.45
N GLN I 347 -17.42 -15.16 112.48
CA GLN I 347 -16.09 -14.58 112.28
C GLN I 347 -15.00 -15.64 112.32
N GLU I 348 -14.72 -16.21 111.16
CA GLU I 348 -13.70 -17.24 111.03
C GLU I 348 -12.42 -16.62 110.48
N LEU I 349 -11.50 -16.25 111.38
CA LEU I 349 -10.24 -15.65 110.97
C LEU I 349 -9.16 -16.71 110.75
N LEU I 350 -8.59 -16.72 109.55
CA LEU I 350 -7.54 -17.66 109.20
C LEU I 350 -6.18 -16.97 109.11
N SER I 351 -5.15 -17.62 109.59
CA SER I 351 -3.82 -17.05 109.56
C SER I 351 -3.09 -17.49 108.30
N GLU I 352 -1.86 -17.00 108.13
CA GLU I 352 -1.06 -17.35 106.96
C GLU I 352 -0.91 -18.87 106.84
N THR I 353 -0.81 -19.54 107.99
CA THR I 353 -0.65 -20.98 108.02
C THR I 353 -1.91 -21.67 107.50
N GLY I 354 -2.94 -20.88 107.22
CA GLY I 354 -4.19 -21.42 106.72
C GLY I 354 -5.07 -21.94 107.83
N ILE I 355 -4.48 -22.17 108.99
CA ILE I 355 -5.22 -22.69 110.14
C ILE I 355 -6.37 -21.74 110.48
N SER I 356 -7.44 -22.31 111.02
CA SER I 356 -8.61 -21.54 111.41
C SER I 356 -8.28 -20.64 112.60
N LEU I 357 -9.30 -20.24 113.34
CA LEU I 357 -9.11 -19.39 114.51
C LEU I 357 -8.49 -20.25 115.62
N ASP I 358 -8.84 -19.97 116.86
CA ASP I 358 -8.32 -20.72 118.00
C ASP I 358 -9.00 -20.30 119.30
N PRO I 359 -10.29 -20.65 119.46
CA PRO I 359 -11.10 -20.32 120.64
C PRO I 359 -10.42 -20.53 121.99
N ARG I 360 -9.47 -21.47 122.05
CA ARG I 360 -8.77 -21.74 123.29
C ARG I 360 -7.88 -20.57 123.72
N LYS I 361 -6.64 -20.55 123.25
CA LYS I 361 -5.69 -19.49 123.57
C LYS I 361 -6.32 -18.11 123.43
N PRO I 362 -5.91 -17.15 124.27
CA PRO I 362 -6.46 -15.79 124.22
C PRO I 362 -6.11 -15.09 122.91
N ALA I 363 -6.72 -13.93 122.68
CA ALA I 363 -6.49 -13.17 121.47
C ALA I 363 -5.00 -12.96 121.22
N SER I 364 -4.22 -12.97 122.29
CA SER I 364 -2.78 -12.77 122.21
C SER I 364 -2.08 -14.02 121.67
N GLN I 365 -1.77 -14.01 120.38
CA GLN I 365 -1.08 -15.13 119.74
C GLN I 365 -0.77 -14.80 118.29
N CYS I 366 -0.69 -13.51 117.98
CA CYS I 366 -0.40 -13.05 116.63
C CYS I 366 0.85 -12.19 116.56
N VAL I 367 1.61 -12.18 117.65
CA VAL I 367 2.84 -11.38 117.71
C VAL I 367 4.08 -12.26 117.91
N LEU I 368 4.61 -12.76 116.80
CA LEU I 368 5.80 -13.61 116.84
C LEU I 368 6.97 -12.86 117.46
N ASP I 369 7.68 -13.54 118.37
CA ASP I 369 8.83 -12.95 119.04
C ASP I 369 10.08 -13.78 118.78
N GLY I 370 10.42 -13.95 117.50
CA GLY I 370 11.60 -14.73 117.15
C GLY I 370 12.60 -13.95 116.32
N VAL I 371 12.10 -13.10 115.43
CA VAL I 371 12.96 -12.29 114.57
C VAL I 371 12.51 -10.83 114.57
N ARG I 372 11.21 -10.62 114.53
CA ARG I 372 10.64 -9.27 114.50
C ARG I 372 9.22 -9.23 115.09
N GLY I 373 8.22 -9.42 114.23
CA GLY I 373 6.85 -9.40 114.68
C GLY I 373 6.20 -8.06 114.40
N CYS I 374 6.49 -7.50 113.22
CA CYS I 374 5.94 -6.21 112.82
C CYS I 374 5.45 -6.21 111.37
N ASP I 375 4.14 -6.02 111.20
CA ASP I 375 3.52 -5.97 109.88
C ASP I 375 3.99 -7.09 108.96
N SER I 376 3.55 -8.31 109.24
CA SER I 376 3.91 -9.48 108.45
C SER I 376 3.01 -10.66 108.78
N TYR I 377 2.54 -10.70 110.03
CA TYR I 377 1.66 -11.78 110.47
C TYR I 377 0.25 -11.23 110.70
N MET I 378 -0.40 -10.85 109.60
CA MET I 378 -1.75 -10.31 109.65
C MET I 378 -2.79 -11.39 109.39
N VAL I 379 -3.71 -11.54 110.34
CA VAL I 379 -4.76 -12.54 110.23
C VAL I 379 -5.79 -12.14 109.19
N TYR I 380 -6.16 -13.10 108.34
CA TYR I 380 -7.14 -12.86 107.29
C TYR I 380 -8.56 -13.21 107.76
N LEU I 381 -9.39 -12.19 107.93
CA LEU I 381 -10.77 -12.40 108.38
C LEU I 381 -11.65 -12.90 107.26
N PHE I 382 -12.33 -14.02 107.52
CA PHE I 382 -13.23 -14.62 106.54
C PHE I 382 -14.66 -14.69 107.08
N ASP I 383 -15.63 -14.34 106.25
CA ASP I 383 -17.02 -14.35 106.64
C ASP I 383 -17.63 -15.71 106.33
N LYS I 384 -18.46 -16.21 107.24
CA LYS I 384 -19.10 -17.51 107.06
C LYS I 384 -20.40 -17.40 106.26
N SER I 385 -21.21 -16.40 106.58
CA SER I 385 -22.49 -16.20 105.89
C SER I 385 -22.29 -15.96 104.39
N LYS I 386 -21.50 -14.94 104.07
CA LYS I 386 -21.24 -14.61 102.67
C LYS I 386 -20.57 -15.76 101.93
N THR I 387 -21.33 -16.40 101.05
CA THR I 387 -20.81 -17.51 100.27
C THR I 387 -19.81 -16.99 99.23
N VAL I 388 -20.09 -15.81 98.71
CA VAL I 388 -19.23 -15.20 97.72
C VAL I 388 -19.06 -13.71 98.02
N TYR I 389 -17.88 -13.17 97.74
CA TYR I 389 -17.60 -11.76 98.00
C TYR I 389 -17.68 -10.91 96.74
N GLU I 390 -18.60 -9.97 96.72
CA GLU I 390 -18.79 -9.08 95.58
C GLU I 390 -17.66 -8.07 95.50
N GLY I 391 -17.97 -6.81 95.78
CA GLY I 391 -16.96 -5.76 95.73
C GLY I 391 -17.05 -4.76 96.86
N PRO I 392 -17.24 -5.21 98.11
CA PRO I 392 -17.34 -4.29 99.24
C PRO I 392 -16.02 -3.56 99.46
N PHE I 393 -14.95 -4.16 98.94
CA PHE I 393 -13.60 -3.61 99.06
C PHE I 393 -13.37 -2.31 98.30
N ALA I 394 -12.21 -1.70 98.53
CA ALA I 394 -11.85 -0.45 97.88
C ALA I 394 -10.33 -0.42 97.69
N SER I 395 -9.81 0.69 97.16
CA SER I 395 -8.38 0.82 96.93
C SER I 395 -7.84 2.11 97.56
N ARG I 396 -6.79 2.66 96.95
CA ARG I 396 -6.17 3.89 97.45
C ARG I 396 -6.27 5.00 96.41
N SER I 397 -6.05 6.23 96.87
CA SER I 397 -6.10 7.39 96.00
C SER I 397 -4.68 7.83 95.71
N LEU I 398 -4.49 8.62 94.67
CA LEU I 398 -3.15 9.10 94.33
C LEU I 398 -2.94 10.52 94.85
N SER I 399 -3.98 11.08 95.47
CA SER I 399 -3.90 12.42 96.00
C SER I 399 -3.68 13.45 94.89
N ASP I 400 -3.93 14.72 95.22
CA ASP I 400 -3.77 15.81 94.26
C ASP I 400 -2.34 15.91 93.77
N CYS I 401 -1.43 15.28 94.52
CA CYS I 401 -0.01 15.30 94.18
C CYS I 401 0.27 14.51 92.91
N VAL I 402 -0.40 13.37 92.76
CA VAL I 402 -0.19 12.53 91.58
C VAL I 402 -1.27 12.75 90.52
N ASN I 403 -2.35 13.38 90.92
CA ASN I 403 -3.44 13.65 90.00
C ASN I 403 -2.98 14.43 88.79
N TYR I 404 -2.08 15.36 89.00
CA TYR I 404 -1.58 16.16 87.89
C TYR I 404 -0.94 15.25 86.86
N ILE I 405 -0.21 14.25 87.34
CA ILE I 405 0.49 13.32 86.46
C ILE I 405 -0.48 12.50 85.63
N VAL I 406 -1.64 12.26 86.16
CA VAL I 406 -2.63 11.46 85.45
C VAL I 406 -3.63 12.30 84.68
N GLN I 407 -4.07 13.38 85.28
CA GLN I 407 -5.06 14.25 84.67
C GLN I 407 -4.45 15.11 83.57
N ASP I 408 -3.36 15.78 83.90
CA ASP I 408 -2.69 16.65 82.94
C ASP I 408 -1.83 15.83 82.00
N SER I 409 -1.45 14.64 82.44
CA SER I 409 -0.60 13.75 81.64
C SER I 409 0.70 14.42 81.23
N LYS I 410 0.69 15.08 80.07
CA LYS I 410 1.88 15.75 79.58
C LYS I 410 1.98 17.16 80.16
N ILE I 411 2.75 17.30 81.23
CA ILE I 411 2.93 18.59 81.88
C ILE I 411 4.38 18.78 82.27
N GLN I 412 4.87 20.01 82.11
CA GLN I 412 6.24 20.33 82.46
C GLN I 412 6.33 20.89 83.86
N LEU I 413 6.51 20.01 84.84
CA LEU I 413 6.60 20.41 86.23
C LEU I 413 8.04 20.35 86.73
N PRO I 414 8.43 21.30 87.60
CA PRO I 414 9.78 21.36 88.16
C PRO I 414 10.18 20.05 88.85
N ILE I 415 11.38 19.57 88.54
CA ILE I 415 11.88 18.34 89.13
C ILE I 415 11.88 18.40 90.64
N ILE I 416 12.08 19.61 91.17
CA ILE I 416 12.10 19.81 92.61
C ILE I 416 10.80 19.30 93.22
N GLN I 417 9.77 19.20 92.39
CA GLN I 417 8.47 18.72 92.83
C GLN I 417 8.25 17.31 92.28
N LEU I 418 8.86 17.03 91.13
CA LEU I 418 8.73 15.73 90.50
C LEU I 418 9.32 14.64 91.39
N ARG I 419 10.38 14.98 92.11
CA ARG I 419 11.05 14.03 92.99
C ARG I 419 10.09 13.49 94.04
N LYS I 420 8.90 14.08 94.11
CA LYS I 420 7.89 13.64 95.06
C LYS I 420 6.67 13.05 94.36
N VAL I 421 6.10 13.81 93.44
CA VAL I 421 4.93 13.34 92.70
C VAL I 421 5.25 12.03 92.02
N TRP I 422 6.49 11.88 91.58
CA TRP I 422 6.91 10.65 90.92
C TRP I 422 7.15 9.59 91.97
N ALA I 423 7.81 9.98 93.05
CA ALA I 423 8.11 9.06 94.13
C ALA I 423 6.84 8.42 94.63
N GLU I 424 5.87 9.25 95.00
CA GLU I 424 4.59 8.76 95.51
C GLU I 424 3.89 7.90 94.46
N ALA I 425 4.05 8.30 93.20
CA ALA I 425 3.45 7.57 92.10
C ALA I 425 4.02 6.16 92.05
N VAL I 426 5.34 6.06 92.18
CA VAL I 426 6.00 4.78 92.15
C VAL I 426 5.56 3.93 93.34
N HIS I 427 5.40 4.57 94.50
CA HIS I 427 4.99 3.88 95.71
C HIS I 427 3.57 3.37 95.54
N TYR I 428 2.75 4.13 94.83
CA TYR I 428 1.37 3.72 94.59
C TYR I 428 1.38 2.51 93.66
N VAL I 429 2.23 2.58 92.64
CA VAL I 429 2.35 1.49 91.68
C VAL I 429 2.68 0.21 92.40
N SER I 430 3.83 0.19 93.06
CA SER I 430 4.26 -0.98 93.81
C SER I 430 3.26 -1.27 94.91
N GLY I 431 2.56 -0.24 95.35
CA GLY I 431 1.56 -0.42 96.40
C GLY I 431 0.50 -1.42 96.02
N LEU I 432 -0.16 -1.17 94.88
CA LEU I 432 -1.20 -2.07 94.40
C LEU I 432 -0.65 -3.48 94.29
N LYS I 433 0.59 -3.58 93.79
CA LYS I 433 1.25 -4.87 93.61
C LYS I 433 1.38 -5.60 94.94
N GLU I 434 2.15 -5.00 95.85
CA GLU I 434 2.36 -5.60 97.16
C GLU I 434 1.03 -5.80 97.87
N ASP I 435 0.04 -4.97 97.53
CA ASP I 435 -1.27 -5.06 98.15
C ASP I 435 -1.99 -6.28 97.61
N TYR I 436 -1.68 -6.65 96.37
CA TYR I 436 -2.29 -7.80 95.73
C TYR I 436 -1.80 -9.08 96.39
N SER I 437 -0.52 -9.09 96.75
CA SER I 437 0.08 -10.25 97.38
C SER I 437 -0.67 -10.59 98.68
N ARG I 438 -0.99 -9.56 99.45
CA ARG I 438 -1.70 -9.75 100.71
C ARG I 438 -3.02 -10.43 100.46
N LEU I 439 -3.75 -9.94 99.47
CA LEU I 439 -5.04 -10.51 99.11
C LEU I 439 -4.87 -11.94 98.62
N PHE I 440 -3.86 -12.16 97.79
CA PHE I 440 -3.58 -13.49 97.25
C PHE I 440 -3.36 -14.50 98.36
N GLN I 441 -2.53 -14.12 99.34
CA GLN I 441 -2.25 -14.99 100.46
C GLN I 441 -3.52 -15.43 101.17
N GLY I 442 -4.52 -14.55 101.17
CA GLY I 442 -5.79 -14.88 101.80
C GLY I 442 -6.39 -16.12 101.15
N GLN I 443 -6.32 -16.18 99.83
CA GLN I 443 -6.85 -17.32 99.08
C GLN I 443 -6.03 -18.55 99.41
N ARG I 444 -4.72 -18.38 99.48
CA ARG I 444 -3.81 -19.47 99.80
C ARG I 444 -4.14 -20.04 101.16
N ALA I 445 -4.41 -19.15 102.13
CA ALA I 445 -4.74 -19.56 103.47
C ALA I 445 -6.11 -20.25 103.49
N ALA I 446 -7.06 -19.66 102.78
CA ALA I 446 -8.41 -20.22 102.71
C ALA I 446 -8.33 -21.58 102.02
N MET I 447 -7.40 -21.72 101.09
CA MET I 447 -7.23 -22.97 100.36
C MET I 447 -6.84 -24.08 101.33
N LEU I 448 -5.90 -23.77 102.22
CA LEU I 448 -5.44 -24.73 103.22
C LEU I 448 -6.58 -25.17 104.12
N SER I 449 -7.45 -24.22 104.49
CA SER I 449 -8.60 -24.52 105.34
C SER I 449 -9.52 -25.51 104.63
N LEU I 450 -9.72 -25.31 103.33
CA LEU I 450 -10.57 -26.19 102.54
C LEU I 450 -9.90 -27.56 102.38
N LEU I 451 -8.59 -27.55 102.17
CA LEU I 451 -7.82 -28.77 102.01
C LEU I 451 -7.85 -29.57 103.30
N ARG I 452 -7.89 -28.87 104.43
CA ARG I 452 -7.94 -29.53 105.74
C ARG I 452 -9.33 -30.08 106.01
N TYR I 453 -10.36 -29.32 105.64
CA TYR I 453 -11.74 -29.75 105.85
C TYR I 453 -12.01 -31.01 105.02
N ASN I 454 -11.48 -31.03 103.81
CA ASN I 454 -11.66 -32.17 102.92
C ASN I 454 -11.07 -33.42 103.55
N ALA I 455 -9.88 -33.29 104.11
CA ALA I 455 -9.21 -34.39 104.77
C ALA I 455 -10.01 -34.83 105.99
N ASN I 456 -10.44 -33.86 106.78
CA ASN I 456 -11.23 -34.15 107.99
C ASN I 456 -12.52 -34.89 107.64
N LEU I 457 -13.17 -34.45 106.57
CA LEU I 457 -14.41 -35.07 106.13
C LEU I 457 -14.16 -36.49 105.65
N THR I 458 -13.12 -36.66 104.83
CA THR I 458 -12.75 -37.95 104.28
C THR I 458 -12.29 -38.94 105.36
N LYS I 459 -11.59 -38.44 106.36
CA LYS I 459 -11.09 -39.29 107.44
C LYS I 459 -12.23 -40.06 108.10
N MET I 460 -13.41 -39.44 108.13
CA MET I 460 -14.57 -40.10 108.71
C MET I 460 -15.20 -41.06 107.70
N LYS I 461 -14.99 -40.78 106.42
CA LYS I 461 -15.51 -41.64 105.36
C LYS I 461 -14.87 -43.02 105.47
N ASN I 462 -13.55 -43.03 105.62
CA ASN I 462 -12.80 -44.27 105.74
C ASN I 462 -13.25 -45.06 106.96
N THR I 463 -13.70 -44.34 107.98
CA THR I 463 -14.17 -44.96 109.22
C THR I 463 -15.68 -45.23 109.14
N LEU I 464 -16.35 -44.53 108.23
CA LEU I 464 -17.79 -44.68 108.04
C LEU I 464 -18.05 -45.98 107.30
N ILE I 465 -17.35 -46.18 106.19
CA ILE I 465 -17.49 -47.39 105.40
C ILE I 465 -16.94 -48.57 106.18
N SER I 466 -15.93 -48.30 107.01
CA SER I 466 -15.31 -49.32 107.83
C SER I 466 -16.28 -49.74 108.95
N ALA I 467 -17.04 -48.77 109.45
CA ALA I 467 -18.01 -49.01 110.51
C ALA I 467 -19.20 -49.79 109.95
N SER I 468 -19.55 -49.51 108.71
CA SER I 468 -20.65 -50.19 108.05
C SER I 468 -20.27 -51.64 107.74
N GLN I 469 -19.02 -51.85 107.35
CA GLN I 469 -18.53 -53.19 107.03
C GLN I 469 -18.75 -54.12 108.22
N GLN I 470 -18.81 -53.53 109.42
CA GLN I 470 -19.03 -54.29 110.65
C GLN I 470 -20.51 -54.66 110.71
N LEU I 471 -21.36 -53.72 110.33
CA LEU I 471 -22.80 -53.93 110.31
C LEU I 471 -23.17 -55.07 109.38
N LYS I 472 -22.74 -54.97 108.12
CA LYS I 472 -23.01 -55.99 107.12
C LYS I 472 -22.42 -57.34 107.55
N ALA I 473 -21.25 -57.29 108.18
CA ALA I 473 -20.57 -58.50 108.65
C ALA I 473 -21.36 -59.15 109.79
N LYS I 474 -22.00 -58.33 110.61
CA LYS I 474 -22.79 -58.83 111.73
C LYS I 474 -24.16 -59.30 111.25
N LEU I 475 -24.73 -58.59 110.29
CA LEU I 475 -26.04 -58.95 109.75
C LEU I 475 -25.98 -60.37 109.20
N GLU I 476 -24.87 -60.69 108.53
CA GLU I 476 -24.67 -62.01 107.95
C GLU I 476 -24.53 -63.05 109.07
N PHE I 477 -23.78 -62.69 110.10
CA PHE I 477 -23.55 -63.59 111.22
C PHE I 477 -24.76 -63.56 112.14
N PHE I 478 -25.84 -62.95 111.66
CA PHE I 478 -27.08 -62.84 112.41
C PHE I 478 -28.20 -63.50 111.62
N HIS I 479 -28.20 -63.29 110.30
CA HIS I 479 -29.23 -63.87 109.44
C HIS I 479 -29.09 -65.39 109.33
N LYS I 480 -27.88 -65.89 109.58
CA LYS I 480 -27.63 -67.32 109.52
C LYS I 480 -27.68 -67.91 110.93
N SER I 481 -28.04 -67.06 111.89
CA SER I 481 -28.13 -67.46 113.29
C SER I 481 -29.58 -67.35 113.77
N ILE I 482 -30.33 -66.43 113.18
CA ILE I 482 -31.72 -66.21 113.55
C ILE I 482 -32.61 -67.29 112.95
N GLN I 483 -32.37 -67.62 111.68
CA GLN I 483 -33.15 -68.63 111.00
C GLN I 483 -32.57 -70.01 111.29
N LEU I 484 -31.35 -70.04 111.82
CA LEU I 484 -30.68 -71.29 112.15
C LEU I 484 -31.46 -71.98 113.27
N ASP I 485 -32.22 -71.19 114.01
CA ASP I 485 -33.02 -71.72 115.12
C ASP I 485 -34.40 -72.14 114.61
N LEU I 486 -34.88 -71.47 113.57
CA LEU I 486 -36.18 -71.77 112.98
C LEU I 486 -36.25 -73.19 112.43
N GLU I 487 -35.16 -73.62 111.79
CA GLU I 487 -35.11 -74.96 111.21
C GLU I 487 -35.00 -76.02 112.30
N ARG I 488 -34.26 -75.70 113.36
CA ARG I 488 -34.07 -76.62 114.47
C ARG I 488 -35.32 -76.64 115.35
N TYR I 489 -36.22 -75.70 115.10
CA TYR I 489 -37.46 -75.59 115.86
C TYR I 489 -38.61 -76.30 115.16
N SER I 490 -38.76 -76.03 113.86
CA SER I 490 -39.84 -76.62 113.06
C SER I 490 -39.80 -78.15 113.08
N GLU I 491 -38.64 -78.71 113.37
CA GLU I 491 -38.48 -80.17 113.40
C GLU I 491 -38.65 -80.74 114.81
N GLN I 492 -39.15 -79.92 115.73
CA GLN I 492 -39.36 -80.37 117.10
C GLN I 492 -40.57 -79.72 117.76
N MET I 493 -41.50 -79.22 116.94
CA MET I 493 -42.69 -78.58 117.47
C MET I 493 -43.65 -79.59 118.09
N THR I 494 -43.19 -80.84 118.20
CA THR I 494 -43.99 -81.91 118.76
C THR I 494 -43.11 -82.95 119.45
N TYR I 495 -41.91 -83.16 118.91
CA TYR I 495 -40.97 -84.12 119.47
C TYR I 495 -40.35 -83.60 120.76
N GLY I 496 -39.56 -82.53 120.64
CA GLY I 496 -38.91 -81.97 121.82
C GLY I 496 -39.80 -81.01 122.57
N ILE I 497 -39.45 -79.73 122.54
CA ILE I 497 -40.24 -78.71 123.24
C ILE I 497 -40.51 -77.52 122.34
N SER I 498 -41.65 -76.88 122.56
CA SER I 498 -42.04 -75.71 121.78
C SER I 498 -42.99 -74.83 122.60
N SER I 499 -43.50 -73.78 121.98
CA SER I 499 -44.42 -72.86 122.65
C SER I 499 -45.27 -72.11 121.63
N GLU I 500 -45.42 -70.81 121.81
CA GLU I 500 -46.22 -69.99 120.91
C GLU I 500 -45.99 -68.51 121.17
N LYS I 501 -45.59 -68.17 122.39
CA LYS I 501 -45.34 -66.77 122.74
C LYS I 501 -44.09 -66.23 122.05
N MET I 502 -43.11 -67.09 121.84
CA MET I 502 -41.87 -66.70 121.18
C MET I 502 -41.93 -66.97 119.68
N LEU I 503 -43.07 -67.46 119.22
CA LEU I 503 -43.27 -67.75 117.81
C LEU I 503 -43.15 -66.45 117.01
N LYS I 504 -43.57 -65.35 117.64
CA LYS I 504 -43.51 -64.04 117.00
C LYS I 504 -42.34 -63.24 117.55
N ALA I 505 -41.98 -63.49 118.80
CA ALA I 505 -40.87 -62.79 119.45
C ALA I 505 -39.60 -62.93 118.62
N TRP I 506 -39.32 -64.14 118.15
CA TRP I 506 -38.14 -64.40 117.35
C TRP I 506 -38.34 -63.96 115.91
N LYS I 507 -39.55 -64.16 115.40
CA LYS I 507 -39.89 -63.80 114.03
C LYS I 507 -39.65 -62.32 113.74
N GLU I 508 -39.58 -61.50 114.80
CA GLU I 508 -39.36 -60.07 114.63
C GLU I 508 -37.89 -59.73 114.37
N MET I 509 -37.00 -60.37 115.13
CA MET I 509 -35.57 -60.12 114.98
C MET I 509 -35.12 -60.21 113.52
N GLU I 510 -35.62 -61.23 112.83
CA GLU I 510 -35.27 -61.46 111.44
C GLU I 510 -35.67 -60.26 110.55
N GLU I 511 -36.87 -59.74 110.77
CA GLU I 511 -37.38 -58.62 110.00
C GLU I 511 -36.71 -57.31 110.38
N LYS I 512 -36.18 -57.26 111.60
CA LYS I 512 -35.50 -56.07 112.08
C LYS I 512 -34.21 -55.78 111.33
N ALA I 513 -33.40 -56.82 111.15
CA ALA I 513 -32.13 -56.68 110.45
C ALA I 513 -32.36 -56.33 108.98
N ILE I 514 -33.56 -56.63 108.49
CA ILE I 514 -33.91 -56.36 107.10
C ILE I 514 -34.00 -54.86 106.85
N HIS I 515 -34.89 -54.19 107.59
CA HIS I 515 -35.08 -52.75 107.43
C HIS I 515 -33.77 -51.99 107.68
N TYR I 516 -32.80 -52.66 108.28
CA TYR I 516 -31.50 -52.05 108.56
C TYR I 516 -30.70 -51.87 107.28
N ALA I 517 -29.47 -52.38 107.29
CA ALA I 517 -28.58 -52.28 106.14
C ALA I 517 -28.31 -50.84 105.73
N GLU I 518 -27.22 -50.28 106.26
CA GLU I 518 -26.82 -48.91 105.96
C GLU I 518 -25.47 -48.90 105.24
N VAL I 519 -24.93 -50.09 104.99
CA VAL I 519 -23.65 -50.23 104.31
C VAL I 519 -23.76 -49.72 102.88
N GLY I 520 -24.94 -49.91 102.28
CA GLY I 520 -25.16 -49.47 100.92
C GLY I 520 -25.70 -48.05 100.86
N VAL I 521 -26.35 -47.62 101.95
CA VAL I 521 -26.91 -46.28 102.03
C VAL I 521 -25.79 -45.25 101.94
N ILE I 522 -24.55 -45.70 102.09
CA ILE I 522 -23.39 -44.84 102.04
C ILE I 522 -23.21 -44.32 100.61
N GLY I 523 -23.95 -44.90 99.68
CA GLY I 523 -23.88 -44.49 98.29
C GLY I 523 -24.10 -43.00 98.12
N TYR I 524 -25.16 -42.48 98.74
CA TYR I 524 -25.49 -41.06 98.65
C TYR I 524 -24.32 -40.24 99.17
N LEU I 525 -23.40 -40.91 99.87
CA LEU I 525 -22.26 -40.23 100.46
C LEU I 525 -20.96 -40.52 99.69
N GLU I 526 -20.63 -41.80 99.55
CA GLU I 526 -19.42 -42.21 98.85
C GLU I 526 -19.21 -41.47 97.53
N ASP I 527 -20.12 -41.70 96.58
CA ASP I 527 -20.02 -41.06 95.28
C ASP I 527 -20.30 -39.56 95.32
N GLN I 528 -20.55 -39.02 96.51
CA GLN I 528 -20.83 -37.60 96.65
C GLN I 528 -19.67 -36.89 97.34
N ILE I 529 -18.98 -37.61 98.21
CA ILE I 529 -17.84 -37.05 98.91
C ILE I 529 -16.63 -37.07 97.98
N MET I 530 -16.63 -38.03 97.05
CA MET I 530 -15.54 -38.16 96.09
C MET I 530 -15.76 -37.18 94.95
N SER I 531 -17.02 -36.97 94.60
CA SER I 531 -17.37 -36.04 93.53
C SER I 531 -16.93 -34.64 93.95
N LEU I 532 -16.83 -34.45 95.26
CA LEU I 532 -16.41 -33.18 95.83
C LEU I 532 -14.91 -33.23 96.11
N HIS I 533 -14.46 -34.38 96.60
CA HIS I 533 -13.05 -34.58 96.90
C HIS I 533 -12.20 -34.30 95.67
N ALA I 534 -12.47 -35.01 94.59
CA ALA I 534 -11.74 -34.82 93.34
C ALA I 534 -11.98 -33.42 92.81
N GLU I 535 -13.18 -32.90 93.03
CA GLU I 535 -13.54 -31.57 92.57
C GLU I 535 -12.61 -30.53 93.17
N ILE I 536 -12.37 -30.64 94.47
CA ILE I 536 -11.50 -29.72 95.18
C ILE I 536 -10.08 -29.77 94.61
N MET I 537 -9.54 -30.97 94.46
CA MET I 537 -8.20 -31.14 93.91
C MET I 537 -8.19 -30.77 92.44
N GLU I 538 -9.37 -30.78 91.83
CA GLU I 538 -9.50 -30.43 90.42
C GLU I 538 -9.50 -28.92 90.29
N LEU I 539 -10.19 -28.26 91.23
CA LEU I 539 -10.27 -26.81 91.25
C LEU I 539 -8.96 -26.25 91.79
N GLN I 540 -8.07 -27.16 92.19
CA GLN I 540 -6.77 -26.79 92.71
C GLN I 540 -5.80 -26.70 91.54
N LYS I 541 -6.27 -27.08 90.35
CA LYS I 541 -5.46 -27.05 89.15
C LYS I 541 -5.58 -25.70 88.45
N SER I 542 -6.78 -25.12 88.49
CA SER I 542 -7.04 -23.83 87.87
C SER I 542 -6.05 -22.79 88.36
N PRO I 543 -5.92 -21.66 87.63
CA PRO I 543 -4.99 -20.59 88.01
C PRO I 543 -5.39 -19.89 89.32
N TYR I 544 -4.51 -19.98 90.32
CA TYR I 544 -4.77 -19.34 91.61
C TYR I 544 -5.12 -17.87 91.42
N GLY I 545 -4.09 -17.03 91.34
CA GLY I 545 -4.30 -15.60 91.17
C GLY I 545 -2.97 -14.87 90.99
N ARG I 546 -1.98 -15.25 91.78
CA ARG I 546 -0.66 -14.63 91.71
C ARG I 546 -0.01 -15.10 90.41
N ARG I 547 -0.73 -15.90 89.65
CA ARG I 547 -0.23 -16.42 88.39
C ARG I 547 0.07 -15.24 87.48
N GLN I 548 -0.77 -14.21 87.56
CA GLN I 548 -0.60 -13.01 86.75
C GLN I 548 -0.04 -11.87 87.60
N GLY I 549 0.19 -12.16 88.87
CA GLY I 549 0.74 -11.14 89.76
C GLY I 549 2.12 -10.70 89.28
N ASP I 550 2.84 -11.63 88.66
CA ASP I 550 4.18 -11.34 88.16
C ASP I 550 4.11 -10.28 87.06
N LEU I 551 3.11 -10.40 86.21
CA LEU I 551 2.90 -9.45 85.13
C LEU I 551 2.80 -8.05 85.68
N MET I 552 2.25 -7.94 86.89
CA MET I 552 2.09 -6.66 87.55
C MET I 552 3.42 -6.24 88.14
N GLU I 553 4.14 -7.20 88.70
CA GLU I 553 5.44 -6.92 89.30
C GLU I 553 6.37 -6.33 88.25
N SER I 554 6.09 -6.64 86.99
CA SER I 554 6.90 -6.13 85.90
C SER I 554 6.66 -4.62 85.79
N LEU I 555 5.40 -4.24 85.96
CA LEU I 555 5.02 -2.84 85.90
C LEU I 555 5.74 -2.08 87.00
N GLU I 556 5.90 -2.75 88.14
CA GLU I 556 6.58 -2.17 89.29
C GLU I 556 7.99 -1.75 88.89
N GLN I 557 8.74 -2.70 88.36
CA GLN I 557 10.12 -2.45 87.95
C GLN I 557 10.17 -1.28 86.98
N ARG I 558 9.13 -1.14 86.17
CA ARG I 558 9.07 -0.05 85.20
C ARG I 558 9.12 1.30 85.90
N ALA I 559 8.17 1.51 86.80
CA ALA I 559 8.08 2.76 87.55
C ALA I 559 9.40 3.07 88.23
N ILE I 560 10.00 2.03 88.82
CA ILE I 560 11.26 2.18 89.52
C ILE I 560 12.31 2.77 88.58
N ASP I 561 12.35 2.25 87.36
CA ASP I 561 13.30 2.70 86.37
C ASP I 561 13.11 4.18 86.06
N LEU I 562 11.87 4.64 86.09
CA LEU I 562 11.57 6.04 85.81
C LEU I 562 12.04 6.93 86.95
N TYR I 563 11.72 6.53 88.18
CA TYR I 563 12.12 7.31 89.34
C TYR I 563 13.63 7.28 89.43
N LYS I 564 14.22 6.23 88.86
CA LYS I 564 15.67 6.07 88.87
C LYS I 564 16.28 7.06 87.89
N GLN I 565 15.64 7.21 86.73
CA GLN I 565 16.12 8.13 85.72
C GLN I 565 15.65 9.54 86.03
N LEU I 566 15.20 9.73 87.27
CA LEU I 566 14.71 11.03 87.70
C LEU I 566 15.75 11.72 88.58
N LYS I 567 16.59 10.92 89.22
CA LYS I 567 17.62 11.44 90.10
C LYS I 567 19.01 11.23 89.49
N HIS I 568 19.25 10.02 88.99
CA HIS I 568 20.54 9.67 88.41
C HIS I 568 20.72 10.27 87.02
N ARG I 569 19.66 10.88 86.48
CA ARG I 569 19.74 11.48 85.16
C ARG I 569 20.70 12.66 85.21
N PRO I 570 21.35 12.97 84.07
CA PRO I 570 22.31 14.09 83.98
C PRO I 570 21.76 15.42 84.48
N SER I 571 22.05 15.73 85.74
CA SER I 571 21.64 16.98 86.38
C SER I 571 20.12 17.17 86.44
N ASP I 572 19.69 18.01 87.37
CA ASP I 572 18.26 18.30 87.55
C ASP I 572 18.02 19.71 88.11
N HIS I 573 17.10 19.81 89.07
CA HIS I 573 16.75 21.09 89.68
C HIS I 573 16.30 22.10 88.63
N SER I 574 15.66 21.60 87.58
CA SER I 574 15.17 22.46 86.50
C SER I 574 14.39 21.63 85.49
N TYR I 575 14.78 20.39 85.30
CA TYR I 575 14.13 19.49 84.35
C TYR I 575 12.62 19.57 84.46
N SER I 576 11.93 19.41 83.32
CA SER I 576 10.48 19.47 83.29
C SER I 576 9.89 18.43 82.33
N ASP I 577 9.14 17.49 82.90
CA ASP I 577 8.50 16.43 82.13
C ASP I 577 7.73 15.51 83.07
N SER I 578 6.76 14.77 82.55
CA SER I 578 5.98 13.87 83.38
C SER I 578 5.08 12.94 82.58
N THR I 579 4.95 13.22 81.29
CA THR I 579 4.11 12.40 80.42
C THR I 579 4.49 10.91 80.39
N GLU I 580 5.77 10.63 80.50
CA GLU I 580 6.25 9.25 80.48
C GLU I 580 5.68 8.40 81.62
N MET I 581 5.70 8.95 82.83
CA MET I 581 5.20 8.24 84.00
C MET I 581 3.77 7.74 83.78
N VAL I 582 2.98 8.54 83.07
CA VAL I 582 1.60 8.18 82.79
C VAL I 582 1.52 6.74 82.33
N LYS I 583 2.51 6.34 81.56
CA LYS I 583 2.59 4.98 81.03
C LYS I 583 2.38 3.95 82.12
N ILE I 584 3.41 3.74 82.93
CA ILE I 584 3.37 2.78 84.01
C ILE I 584 2.13 2.94 84.88
N ILE I 585 1.75 4.18 85.10
CA ILE I 585 0.58 4.48 85.93
C ILE I 585 -0.69 3.79 85.45
N VAL I 586 -1.11 4.14 84.25
CA VAL I 586 -2.32 3.60 83.67
C VAL I 586 -2.33 2.08 83.60
N HIS I 587 -1.23 1.51 83.12
CA HIS I 587 -1.12 0.06 82.97
C HIS I 587 -1.35 -0.69 84.27
N THR I 588 -0.69 -0.25 85.35
CA THR I 588 -0.82 -0.90 86.64
C THR I 588 -2.27 -0.91 87.11
N VAL I 589 -2.97 0.17 86.83
CA VAL I 589 -4.37 0.26 87.23
C VAL I 589 -5.20 -0.84 86.54
N GLN I 590 -5.09 -0.91 85.22
CA GLN I 590 -5.83 -1.88 84.43
C GLN I 590 -5.54 -3.30 84.92
N SER I 591 -4.25 -3.62 85.02
CA SER I 591 -3.84 -4.95 85.46
C SER I 591 -4.39 -5.26 86.85
N GLN I 592 -4.37 -4.27 87.71
CA GLN I 592 -4.85 -4.43 89.07
C GLN I 592 -6.28 -4.96 89.09
N ASP I 593 -7.22 -4.09 88.72
CA ASP I 593 -8.64 -4.44 88.71
C ASP I 593 -8.97 -5.71 87.95
N ARG I 594 -8.10 -6.09 87.02
CA ARG I 594 -8.37 -7.29 86.23
C ARG I 594 -8.17 -8.54 87.08
N VAL I 595 -6.94 -8.75 87.54
CA VAL I 595 -6.63 -9.91 88.33
C VAL I 595 -7.23 -9.80 89.72
N LEU I 596 -7.57 -8.57 90.11
CA LEU I 596 -8.13 -8.34 91.43
C LEU I 596 -9.44 -9.12 91.60
N LYS I 597 -10.48 -8.67 90.89
CA LYS I 597 -11.77 -9.34 90.96
C LYS I 597 -11.66 -10.76 90.41
N GLU I 598 -10.60 -11.00 89.63
CA GLU I 598 -10.36 -12.31 89.07
C GLU I 598 -9.97 -13.27 90.18
N LEU I 599 -9.16 -12.78 91.12
CA LEU I 599 -8.72 -13.58 92.24
C LEU I 599 -9.91 -14.01 93.08
N PHE I 600 -10.83 -13.07 93.32
CA PHE I 600 -12.02 -13.34 94.10
C PHE I 600 -12.86 -14.42 93.41
N GLY I 601 -12.81 -14.44 92.08
CA GLY I 601 -13.57 -15.44 91.35
C GLY I 601 -13.05 -16.84 91.65
N HIS I 602 -11.75 -17.03 91.48
CA HIS I 602 -11.13 -18.33 91.74
C HIS I 602 -11.20 -18.65 93.23
N LEU I 603 -11.70 -17.71 94.00
CA LEU I 603 -11.84 -17.88 95.45
C LEU I 603 -13.25 -18.29 95.80
N SER I 604 -14.22 -17.76 95.05
CA SER I 604 -15.62 -18.05 95.27
C SER I 604 -15.86 -19.56 95.27
N LYS I 605 -15.15 -20.27 94.39
CA LYS I 605 -15.26 -21.71 94.29
C LYS I 605 -14.65 -22.36 95.52
N LEU I 606 -13.46 -21.91 95.89
CA LEU I 606 -12.75 -22.45 97.05
C LEU I 606 -13.56 -22.23 98.32
N LEU I 607 -14.04 -20.99 98.50
CA LEU I 607 -14.84 -20.64 99.66
C LEU I 607 -16.18 -21.38 99.67
N GLY I 608 -16.66 -21.71 98.48
CA GLY I 608 -17.93 -22.42 98.37
C GLY I 608 -17.85 -23.89 98.72
N CYS I 609 -16.73 -24.52 98.38
CA CYS I 609 -16.53 -25.95 98.66
C CYS I 609 -16.50 -26.23 100.15
N LYS I 610 -16.06 -25.26 100.94
CA LYS I 610 -15.99 -25.43 102.39
C LYS I 610 -17.36 -25.73 102.97
N GLN I 611 -18.33 -24.85 102.69
CA GLN I 611 -19.68 -25.04 103.19
C GLN I 611 -20.26 -26.36 102.70
N LYS I 612 -19.80 -26.79 101.52
CA LYS I 612 -20.26 -28.05 100.94
C LYS I 612 -19.73 -29.22 101.76
N ILE I 613 -18.53 -29.06 102.31
CA ILE I 613 -17.92 -30.09 103.13
C ILE I 613 -18.55 -30.06 104.52
N ILE I 614 -18.77 -28.84 105.03
CA ILE I 614 -19.35 -28.66 106.34
C ILE I 614 -20.83 -29.02 106.32
N ASP I 615 -21.40 -29.05 105.13
CA ASP I 615 -22.81 -29.39 104.97
C ASP I 615 -22.98 -30.90 104.98
N LEU I 616 -21.94 -31.60 104.54
CA LEU I 616 -21.95 -33.06 104.49
C LEU I 616 -21.37 -33.61 105.79
N LEU I 617 -20.70 -32.73 106.53
CA LEU I 617 -20.07 -33.11 107.80
C LEU I 617 -21.10 -33.73 108.75
N PRO I 618 -22.27 -33.09 108.93
CA PRO I 618 -23.30 -33.63 109.83
C PRO I 618 -23.90 -34.93 109.30
N LYS I 619 -23.96 -35.07 107.98
CA LYS I 619 -24.50 -36.27 107.36
C LYS I 619 -23.63 -37.48 107.69
N VAL I 620 -22.38 -37.21 108.05
CA VAL I 620 -21.45 -38.27 108.41
C VAL I 620 -21.87 -38.89 109.75
N GLU I 621 -22.08 -38.03 110.75
CA GLU I 621 -22.50 -38.50 112.08
C GLU I 621 -23.79 -39.29 111.97
N VAL I 622 -24.68 -38.85 111.08
CA VAL I 622 -25.96 -39.53 110.87
C VAL I 622 -25.70 -40.98 110.50
N ALA I 623 -24.82 -41.19 109.53
CA ALA I 623 -24.47 -42.54 109.08
C ALA I 623 -23.87 -43.34 110.22
N LEU I 624 -22.87 -42.76 110.88
CA LEU I 624 -22.22 -43.42 112.00
C LEU I 624 -23.22 -43.83 113.06
N SER I 625 -24.02 -42.87 113.54
CA SER I 625 -25.02 -43.15 114.57
C SER I 625 -26.00 -44.23 114.14
N ASN I 626 -26.46 -44.15 112.89
CA ASN I 626 -27.41 -45.14 112.36
C ASN I 626 -26.77 -46.52 112.22
N ILE I 627 -25.55 -46.57 111.71
CA ILE I 627 -24.85 -47.84 111.54
C ILE I 627 -24.49 -48.43 112.89
N LYS I 628 -24.12 -47.57 113.83
CA LYS I 628 -23.76 -48.00 115.18
C LYS I 628 -25.00 -48.35 115.99
N GLU I 629 -26.13 -47.80 115.57
CA GLU I 629 -27.40 -48.05 116.25
C GLU I 629 -27.73 -49.53 116.08
N ALA I 630 -27.72 -50.00 114.84
CA ALA I 630 -28.01 -51.40 114.54
C ALA I 630 -26.85 -52.26 115.02
N ASP I 631 -25.64 -51.72 114.91
CA ASP I 631 -24.43 -52.42 115.34
C ASP I 631 -24.54 -52.78 116.81
N ASN I 632 -25.30 -51.99 117.56
CA ASN I 632 -25.49 -52.22 118.98
C ASN I 632 -26.71 -53.09 119.24
N THR I 633 -27.81 -52.77 118.57
CA THR I 633 -29.04 -53.53 118.73
C THR I 633 -28.83 -55.01 118.38
N VAL I 634 -28.47 -55.26 117.13
CA VAL I 634 -28.23 -56.62 116.66
C VAL I 634 -27.22 -57.33 117.57
N MET I 635 -26.28 -56.55 118.09
CA MET I 635 -25.25 -57.09 118.97
C MET I 635 -25.88 -57.74 120.20
N PHE I 636 -26.67 -56.95 120.93
CA PHE I 636 -27.33 -57.46 122.14
C PHE I 636 -28.53 -58.33 121.82
N MET I 637 -28.79 -58.54 120.53
CA MET I 637 -29.88 -59.39 120.09
C MET I 637 -29.45 -60.83 120.25
N GLN I 638 -28.18 -61.03 120.59
CA GLN I 638 -27.61 -62.36 120.78
C GLN I 638 -28.29 -63.06 121.96
N GLY I 639 -28.72 -62.27 122.94
CA GLY I 639 -29.38 -62.83 124.11
C GLY I 639 -30.79 -63.28 123.78
N LYS I 640 -31.49 -62.50 122.95
CA LYS I 640 -32.85 -62.83 122.57
C LYS I 640 -32.84 -63.99 121.58
N ARG I 641 -31.64 -64.43 121.20
CA ARG I 641 -31.49 -65.53 120.26
C ARG I 641 -30.76 -66.71 120.91
N GLN I 642 -30.09 -66.47 122.02
CA GLN I 642 -29.38 -67.52 122.74
C GLN I 642 -29.94 -67.66 124.15
N LYS I 643 -29.85 -66.59 124.93
CA LYS I 643 -30.34 -66.58 126.30
C LYS I 643 -31.81 -67.01 126.39
N GLU I 644 -32.57 -66.77 125.33
CA GLU I 644 -33.97 -67.16 125.31
C GLU I 644 -34.15 -68.67 125.14
N ILE I 645 -33.04 -69.36 124.91
CA ILE I 645 -33.05 -70.81 124.76
C ILE I 645 -32.83 -71.47 126.12
N TRP I 646 -31.98 -70.83 126.94
CA TRP I 646 -31.67 -71.34 128.27
C TRP I 646 -32.84 -71.08 129.21
N HIS I 647 -33.51 -69.95 128.99
CA HIS I 647 -34.66 -69.57 129.81
C HIS I 647 -35.79 -70.54 129.48
N LEU I 648 -35.78 -71.02 128.24
CA LEU I 648 -36.77 -71.96 127.75
C LEU I 648 -36.08 -73.33 127.62
N LEU I 649 -35.43 -73.75 128.70
CA LEU I 649 -34.70 -75.01 128.73
C LEU I 649 -35.12 -75.89 129.90
N LYS I 650 -35.35 -75.28 131.05
CA LYS I 650 -35.75 -76.01 132.25
C LYS I 650 -37.22 -76.41 132.25
N ILE I 651 -37.84 -76.40 131.08
CA ILE I 651 -39.25 -76.77 130.95
C ILE I 651 -39.49 -78.18 131.47
N ALA I 652 -38.48 -79.03 131.34
CA ALA I 652 -38.58 -80.41 131.79
C ALA I 652 -37.40 -80.79 132.67
N CYS I 653 -36.56 -79.81 132.96
CA CYS I 653 -35.39 -80.04 133.81
C CYS I 653 -35.81 -80.12 135.27
N THR I 654 -37.11 -80.21 135.50
CA THR I 654 -37.65 -80.30 136.85
C THR I 654 -38.85 -81.25 136.92
N GLN I 655 -38.91 -82.18 135.99
CA GLN I 655 -39.99 -83.16 135.96
C GLN I 655 -39.64 -84.41 136.76
N ASP J 1 -2.02 -13.13 32.31
CA ASP J 1 -3.01 -13.38 33.41
C ASP J 1 -4.11 -14.35 32.95
N PRO J 2 -4.85 -14.95 33.90
CA PRO J 2 -5.92 -15.89 33.55
C PRO J 2 -7.09 -15.28 32.79
N GLU J 3 -7.19 -13.95 32.78
CA GLU J 3 -8.27 -13.27 32.09
C GLU J 3 -9.59 -13.45 32.84
N PHE J 4 -9.75 -14.62 33.45
CA PHE J 4 -10.95 -14.96 34.20
C PHE J 4 -11.45 -13.79 35.04
N GLY J 5 -12.63 -13.28 34.70
CA GLY J 5 -13.20 -12.16 35.42
C GLY J 5 -14.54 -11.70 34.89
N ALA J 6 -15.51 -12.60 34.88
CA ALA J 6 -16.85 -12.28 34.39
C ALA J 6 -17.61 -11.49 35.44
N GLY J 7 -16.85 -10.83 36.32
CA GLY J 7 -17.45 -10.05 37.38
C GLY J 7 -16.56 -10.01 38.62
N GLY J 8 -16.91 -10.81 39.61
CA GLY J 8 -16.12 -10.86 40.83
C GLY J 8 -16.56 -11.91 41.85
N PRO J 9 -17.31 -12.95 41.46
CA PRO J 9 -17.73 -13.96 42.44
C PRO J 9 -16.54 -14.61 43.13
N TRP J 10 -15.78 -15.41 42.40
CA TRP J 10 -14.60 -16.08 42.94
C TRP J 10 -13.41 -15.13 42.98
N GLU J 11 -12.21 -15.68 43.16
CA GLU J 11 -11.00 -14.88 43.22
C GLU J 11 -9.79 -15.78 43.43
N MET J 12 -8.82 -15.68 42.52
CA MET J 12 -7.62 -16.50 42.62
C MET J 12 -6.58 -15.94 43.59
N ARG J 13 -5.95 -16.84 44.34
CA ARG J 13 -4.93 -16.46 45.31
C ARG J 13 -3.56 -16.46 44.64
N GLU J 14 -3.00 -17.65 44.44
CA GLU J 14 -1.70 -17.80 43.82
C GLU J 14 -1.78 -18.82 42.69
N ARG J 15 -0.82 -18.74 41.78
CA ARG J 15 -0.77 -19.67 40.66
C ARG J 15 -0.22 -21.01 41.12
N LEU J 16 0.15 -21.87 40.17
CA LEU J 16 0.71 -23.18 40.49
C LEU J 16 2.03 -23.45 39.77
N GLY J 17 2.49 -24.69 39.84
CA GLY J 17 3.75 -25.06 39.20
C GLY J 17 3.69 -25.13 37.68
N THR J 18 4.13 -26.27 37.13
CA THR J 18 4.14 -26.47 35.69
C THR J 18 2.75 -26.38 35.07
N GLY J 19 2.69 -26.55 33.75
CA GLY J 19 1.42 -26.47 33.05
C GLY J 19 1.54 -25.70 31.75
N GLY J 20 2.04 -24.47 31.84
CA GLY J 20 2.21 -23.63 30.67
C GLY J 20 1.99 -22.16 30.98
N PHE J 21 1.90 -21.35 29.92
CA PHE J 21 1.68 -19.92 30.07
C PHE J 21 0.48 -19.65 30.97
N GLY J 22 0.76 -19.24 32.21
CA GLY J 22 -0.31 -18.96 33.15
C GLY J 22 -1.24 -20.14 33.32
N ASN J 23 -0.70 -21.25 33.79
CA ASN J 23 -1.47 -22.46 34.00
C ASN J 23 -2.50 -22.32 35.11
N VAL J 24 -2.75 -23.42 35.83
CA VAL J 24 -3.73 -23.43 36.91
C VAL J 24 -3.44 -22.37 37.97
N CYS J 25 -4.49 -21.89 38.62
CA CYS J 25 -4.36 -20.88 39.67
C CYS J 25 -5.28 -21.24 40.84
N LEU J 26 -4.80 -21.00 42.06
CA LEU J 26 -5.58 -21.30 43.24
C LEU J 26 -6.82 -20.39 43.30
N TYR J 27 -7.96 -20.90 42.83
CA TYR J 27 -9.20 -20.13 42.81
C TYR J 27 -10.07 -20.34 44.05
N GLN J 28 -10.12 -19.32 44.89
CA GLN J 28 -10.91 -19.38 46.12
C GLN J 28 -12.11 -18.47 45.97
N HIS J 29 -13.22 -18.82 46.62
CA HIS J 29 -14.43 -18.02 46.55
C HIS J 29 -14.54 -17.10 47.78
N ARG J 30 -14.35 -15.81 47.55
CA ARG J 30 -14.44 -14.81 48.61
C ARG J 30 -15.74 -14.96 49.41
N GLU J 31 -16.79 -15.39 48.73
CA GLU J 31 -18.11 -15.57 49.35
C GLU J 31 -18.21 -16.93 50.03
N LEU J 32 -18.16 -17.99 49.23
CA LEU J 32 -18.24 -19.35 49.76
C LEU J 32 -16.95 -19.78 50.44
N ASP J 33 -16.74 -21.09 50.47
CA ASP J 33 -15.54 -21.66 51.09
C ASP J 33 -14.77 -22.56 50.14
N LEU J 34 -15.28 -22.71 48.90
CA LEU J 34 -14.62 -23.54 47.91
C LEU J 34 -13.37 -22.87 47.36
N LYS J 35 -12.28 -23.62 47.30
CA LYS J 35 -11.01 -23.11 46.82
C LYS J 35 -10.45 -23.95 45.68
N ILE J 36 -11.34 -24.65 44.97
CA ILE J 36 -10.91 -25.50 43.86
C ILE J 36 -10.19 -24.68 42.80
N ALA J 37 -9.04 -25.18 42.37
CA ALA J 37 -8.24 -24.50 41.35
C ALA J 37 -8.62 -24.94 39.95
N ILE J 38 -8.51 -24.01 39.00
CA ILE J 38 -8.84 -24.27 37.61
C ILE J 38 -7.66 -23.84 36.71
N LYS J 39 -7.45 -24.56 35.62
CA LYS J 39 -6.36 -24.24 34.71
C LYS J 39 -6.75 -23.15 33.73
N SER J 40 -5.82 -22.24 33.49
CA SER J 40 -6.05 -21.14 32.56
C SER J 40 -5.31 -21.43 31.24
N CYS J 41 -6.00 -21.21 30.13
CA CYS J 41 -5.44 -21.44 28.81
C CYS J 41 -4.33 -20.45 28.50
N ARG J 42 -3.33 -20.91 27.74
CA ARG J 42 -2.22 -20.04 27.37
C ARG J 42 -2.74 -18.92 26.46
N LEU J 43 -1.83 -18.30 25.71
CA LEU J 43 -2.20 -17.24 24.78
C LEU J 43 -3.08 -17.81 23.64
N GLU J 44 -2.74 -17.46 22.41
CA GLU J 44 -3.50 -17.95 21.26
C GLU J 44 -3.08 -19.36 20.87
N LEU J 45 -3.66 -20.36 21.53
CA LEU J 45 -3.33 -21.75 21.23
C LEU J 45 -3.58 -22.04 19.75
N SER J 46 -2.62 -22.70 19.12
CA SER J 46 -2.73 -23.03 17.71
C SER J 46 -4.02 -23.82 17.43
N THR J 47 -4.53 -23.69 16.22
CA THR J 47 -5.75 -24.39 15.82
C THR J 47 -5.61 -25.89 16.04
N LYS J 48 -4.44 -26.42 15.69
CA LYS J 48 -4.16 -27.84 15.85
C LYS J 48 -3.98 -28.21 17.32
N ASN J 49 -3.47 -27.26 18.11
CA ASN J 49 -3.26 -27.48 19.54
C ASN J 49 -4.58 -27.36 20.30
N ARG J 50 -5.57 -26.74 19.68
CA ARG J 50 -6.88 -26.56 20.29
C ARG J 50 -7.53 -27.89 20.68
N GLU J 51 -7.33 -28.91 19.84
CA GLU J 51 -7.88 -30.23 20.08
C GLU J 51 -7.15 -30.93 21.23
N ARG J 52 -5.93 -30.49 21.52
CA ARG J 52 -5.12 -31.07 22.58
C ARG J 52 -5.67 -30.68 23.95
N TRP J 53 -6.06 -29.42 24.08
CA TRP J 53 -6.60 -28.90 25.33
C TRP J 53 -7.97 -29.53 25.63
N CYS J 54 -8.85 -29.51 24.64
CA CYS J 54 -10.18 -30.08 24.79
C CYS J 54 -10.06 -31.58 25.05
N HIS J 55 -8.90 -32.13 24.73
CA HIS J 55 -8.61 -33.54 24.92
C HIS J 55 -8.30 -33.86 26.38
N GLU J 56 -7.44 -33.03 26.98
CA GLU J 56 -7.05 -33.20 28.38
C GLU J 56 -8.28 -33.21 29.29
N ILE J 57 -9.12 -32.19 29.17
CA ILE J 57 -10.33 -32.08 30.00
C ILE J 57 -11.23 -33.31 29.80
N GLN J 58 -11.16 -33.89 28.61
CA GLN J 58 -11.95 -35.08 28.27
C GLN J 58 -11.55 -36.25 29.17
N ILE J 59 -10.33 -36.74 29.00
CA ILE J 59 -9.81 -37.86 29.78
C ILE J 59 -9.69 -37.53 31.27
N MET J 60 -9.54 -36.25 31.59
CA MET J 60 -9.44 -35.81 32.98
C MET J 60 -10.72 -36.10 33.75
N LYS J 61 -11.86 -35.89 33.10
CA LYS J 61 -13.15 -36.13 33.72
C LYS J 61 -13.41 -37.63 33.82
N LYS J 62 -12.61 -38.41 33.08
CA LYS J 62 -12.72 -39.87 33.09
C LYS J 62 -12.07 -40.44 34.35
N LEU J 63 -11.11 -39.70 34.89
CA LEU J 63 -10.40 -40.12 36.08
C LEU J 63 -11.16 -39.72 37.34
N ASN J 64 -11.42 -40.71 38.19
CA ASN J 64 -12.14 -40.50 39.44
C ASN J 64 -11.54 -41.18 40.67
N HIS J 65 -10.34 -41.73 40.55
CA HIS J 65 -9.71 -42.40 41.68
C HIS J 65 -9.20 -41.39 42.70
N ALA J 66 -8.67 -41.90 43.82
CA ALA J 66 -8.17 -41.04 44.88
C ALA J 66 -6.71 -40.65 44.73
N ASN J 67 -5.85 -41.61 44.38
CA ASN J 67 -4.44 -41.34 44.22
C ASN J 67 -4.15 -40.57 42.95
N VAL J 68 -5.16 -39.91 42.41
CA VAL J 68 -5.02 -39.12 41.20
C VAL J 68 -5.79 -37.80 41.36
N VAL J 69 -5.52 -36.84 40.48
CA VAL J 69 -6.18 -35.55 40.54
C VAL J 69 -7.56 -35.59 39.92
N LYS J 70 -8.58 -35.45 40.75
CA LYS J 70 -9.97 -35.46 40.29
C LYS J 70 -10.27 -34.19 39.50
N ALA J 71 -10.94 -34.36 38.36
CA ALA J 71 -11.29 -33.23 37.50
C ALA J 71 -12.68 -32.69 37.84
N CYS J 72 -12.71 -31.72 38.75
CA CYS J 72 -13.96 -31.11 39.15
C CYS J 72 -14.66 -30.46 37.96
N ASP J 73 -15.92 -30.10 38.14
CA ASP J 73 -16.69 -29.46 37.07
C ASP J 73 -16.32 -27.99 36.96
N VAL J 74 -16.63 -27.40 35.82
CA VAL J 74 -16.33 -25.98 35.58
C VAL J 74 -17.01 -25.14 36.67
N PRO J 75 -16.43 -23.98 37.00
CA PRO J 75 -17.02 -23.11 38.02
C PRO J 75 -18.30 -22.44 37.57
N GLU J 76 -18.67 -21.35 38.24
CA GLU J 76 -19.86 -20.60 37.90
C GLU J 76 -19.78 -20.07 36.47
N GLU J 77 -18.67 -19.43 36.15
CA GLU J 77 -18.46 -18.87 34.82
C GLU J 77 -17.38 -19.62 34.04
N LEU J 78 -17.80 -20.26 32.96
CA LEU J 78 -16.88 -21.01 32.10
C LEU J 78 -16.58 -20.16 30.87
N ASN J 79 -15.65 -19.22 31.03
CA ASN J 79 -15.26 -18.33 29.93
C ASN J 79 -14.30 -19.03 28.97
N ILE J 80 -13.94 -18.34 27.89
CA ILE J 80 -13.04 -18.88 26.88
C ILE J 80 -11.57 -18.64 27.17
N LEU J 81 -11.28 -17.64 28.01
CA LEU J 81 -9.91 -17.28 28.35
C LEU J 81 -9.20 -16.70 27.12
N ILE J 82 -7.88 -16.58 27.21
CA ILE J 82 -7.11 -16.04 26.10
C ILE J 82 -7.11 -17.02 24.91
N HIS J 83 -8.31 -17.46 24.53
CA HIS J 83 -8.53 -18.37 23.42
C HIS J 83 -9.94 -18.94 23.43
N ASP J 84 -10.21 -19.92 22.57
CA ASP J 84 -11.52 -20.53 22.50
C ASP J 84 -11.61 -21.84 23.27
N VAL J 85 -10.49 -22.30 23.81
CA VAL J 85 -10.46 -23.53 24.59
C VAL J 85 -11.03 -23.35 25.99
N PRO J 86 -11.84 -24.33 26.44
CA PRO J 86 -12.48 -24.31 27.77
C PRO J 86 -11.48 -24.36 28.91
N LEU J 87 -11.99 -24.44 30.13
CA LEU J 87 -11.14 -24.48 31.32
C LEU J 87 -11.03 -25.89 31.90
N LEU J 88 -10.24 -26.03 32.97
CA LEU J 88 -10.03 -27.31 33.63
C LEU J 88 -10.08 -27.17 35.15
N ALA J 89 -11.26 -27.37 35.72
CA ALA J 89 -11.44 -27.28 37.16
C ALA J 89 -10.99 -28.58 37.81
N MET J 90 -10.48 -28.48 39.04
CA MET J 90 -9.98 -29.66 39.74
C MET J 90 -9.77 -29.40 41.23
N GLU J 91 -9.76 -30.46 42.01
CA GLU J 91 -9.57 -30.38 43.45
C GLU J 91 -8.22 -29.74 43.80
N TYR J 92 -8.22 -28.94 44.87
CA TYR J 92 -7.00 -28.27 45.31
C TYR J 92 -6.43 -28.94 46.56
N CYS J 93 -5.11 -28.91 46.68
CA CYS J 93 -4.41 -29.51 47.82
C CYS J 93 -3.34 -28.55 48.35
N SER J 94 -3.52 -28.09 49.59
CA SER J 94 -2.57 -27.17 50.22
C SER J 94 -1.33 -27.90 50.73
N GLY J 95 -1.36 -29.23 50.65
CA GLY J 95 -0.23 -30.01 51.11
C GLY J 95 1.01 -29.79 50.28
N GLY J 96 0.91 -28.92 49.28
CA GLY J 96 2.05 -28.64 48.42
C GLY J 96 2.48 -29.85 47.62
N ASP J 97 3.44 -29.64 46.71
CA ASP J 97 3.95 -30.73 45.88
C ASP J 97 4.83 -31.68 46.69
N LEU J 98 5.32 -32.71 46.03
CA LEU J 98 6.19 -33.69 46.69
C LEU J 98 7.58 -33.11 46.92
N ARG J 99 8.01 -32.24 46.01
CA ARG J 99 9.33 -31.62 46.12
C ARG J 99 9.49 -30.90 47.45
N LYS J 100 8.37 -30.49 48.04
CA LYS J 100 8.39 -29.82 49.33
C LYS J 100 8.92 -30.76 50.40
N LEU J 101 8.22 -31.89 50.58
CA LEU J 101 8.59 -32.90 51.55
C LEU J 101 10.00 -33.42 51.30
N LEU J 102 10.41 -33.42 50.03
CA LEU J 102 11.73 -33.89 49.64
C LEU J 102 12.84 -32.91 50.04
N ASN J 103 12.58 -31.62 49.86
CA ASN J 103 13.54 -30.59 50.20
C ASN J 103 13.63 -30.33 51.70
N LYS J 104 12.67 -30.87 52.46
CA LYS J 104 12.68 -30.68 53.90
C LYS J 104 13.98 -31.17 54.52
N PRO J 105 14.70 -30.29 55.22
CA PRO J 105 15.97 -30.63 55.87
C PRO J 105 15.85 -31.86 56.76
N GLU J 106 14.70 -31.98 57.42
CA GLU J 106 14.45 -33.12 58.31
C GLU J 106 14.52 -34.43 57.53
N ASN J 107 14.04 -34.40 56.29
CA ASN J 107 14.03 -35.57 55.41
C ASN J 107 15.09 -35.41 54.31
N CYS J 108 16.16 -34.69 54.64
CA CYS J 108 17.24 -34.45 53.68
C CYS J 108 18.01 -35.72 53.34
N CYS J 109 17.83 -36.76 54.15
CA CYS J 109 18.52 -38.04 53.91
C CYS J 109 17.56 -39.23 53.93
N GLY J 110 16.45 -39.10 53.23
CA GLY J 110 15.49 -40.19 53.15
C GLY J 110 14.31 -40.01 54.07
N LEU J 111 13.14 -39.80 53.49
CA LEU J 111 11.92 -39.62 54.28
C LEU J 111 11.72 -40.79 55.22
N LYS J 112 10.95 -40.58 56.28
CA LYS J 112 10.68 -41.62 57.27
C LYS J 112 9.97 -42.81 56.64
N GLU J 113 10.28 -44.01 57.12
CA GLU J 113 9.68 -45.24 56.62
C GLU J 113 8.17 -45.07 56.41
N SER J 114 7.52 -44.37 57.32
CA SER J 114 6.07 -44.13 57.24
C SER J 114 5.70 -43.46 55.91
N GLN J 115 6.25 -42.26 55.69
CA GLN J 115 6.00 -41.49 54.49
C GLN J 115 6.39 -42.26 53.22
N ILE J 116 7.52 -42.97 53.29
CA ILE J 116 8.02 -43.75 52.16
C ILE J 116 6.97 -44.72 51.63
N LEU J 117 6.67 -45.75 52.42
CA LEU J 117 5.68 -46.74 52.05
C LEU J 117 4.31 -46.09 51.78
N SER J 118 4.04 -44.99 52.49
CA SER J 118 2.77 -44.28 52.32
C SER J 118 2.68 -43.66 50.93
N LEU J 119 3.79 -43.66 50.20
CA LEU J 119 3.84 -43.11 48.85
C LEU J 119 3.63 -44.23 47.82
N LEU J 120 4.09 -45.43 48.16
CA LEU J 120 3.94 -46.59 47.27
C LEU J 120 2.48 -47.01 47.21
N SER J 121 1.86 -47.15 48.38
CA SER J 121 0.46 -47.54 48.46
C SER J 121 -0.44 -46.48 47.83
N ASP J 122 0.10 -45.26 47.69
CA ASP J 122 -0.66 -44.16 47.09
C ASP J 122 -0.35 -44.02 45.60
N ILE J 123 0.83 -43.52 45.28
CA ILE J 123 1.23 -43.33 43.87
C ILE J 123 1.20 -44.66 43.13
N GLY J 124 1.55 -45.74 43.82
CA GLY J 124 1.54 -47.06 43.19
C GLY J 124 0.15 -47.49 42.76
N SER J 125 -0.88 -47.05 43.50
CA SER J 125 -2.27 -47.38 43.18
C SER J 125 -2.80 -46.47 42.09
N GLY J 126 -2.50 -45.17 42.20
CA GLY J 126 -2.94 -44.21 41.20
C GLY J 126 -2.26 -44.44 39.87
N ILE J 127 -0.95 -44.72 39.89
CA ILE J 127 -0.19 -44.96 38.65
C ILE J 127 -0.74 -46.22 37.95
N ARG J 128 -1.30 -47.13 38.74
CA ARG J 128 -1.88 -48.37 38.23
C ARG J 128 -3.23 -48.07 37.62
N TYR J 129 -4.02 -47.23 38.30
CA TYR J 129 -5.35 -46.84 37.84
C TYR J 129 -5.29 -46.24 36.43
N LEU J 130 -4.35 -45.31 36.23
CA LEU J 130 -4.17 -44.66 34.93
C LEU J 130 -3.91 -45.70 33.86
N HIS J 131 -3.25 -46.79 34.24
CA HIS J 131 -2.94 -47.88 33.31
C HIS J 131 -4.17 -48.74 33.03
N GLU J 132 -5.21 -48.56 33.85
CA GLU J 132 -6.47 -49.29 33.69
C GLU J 132 -7.44 -48.50 32.84
N ASN J 133 -6.94 -47.43 32.20
CA ASN J 133 -7.75 -46.59 31.33
C ASN J 133 -6.93 -46.23 30.09
N LYS J 134 -5.90 -47.04 29.82
CA LYS J 134 -5.02 -46.83 28.69
C LYS J 134 -4.38 -45.44 28.71
N ILE J 135 -4.37 -44.83 29.90
CA ILE J 135 -3.77 -43.51 30.08
C ILE J 135 -2.39 -43.67 30.71
N ILE J 136 -1.36 -43.31 29.95
CA ILE J 136 0.01 -43.42 30.43
C ILE J 136 0.67 -42.05 30.64
N HIS J 137 1.02 -41.76 31.89
CA HIS J 137 1.67 -40.50 32.25
C HIS J 137 3.16 -40.75 32.50
N ARG J 138 3.98 -40.49 31.49
CA ARG J 138 5.42 -40.71 31.60
C ARG J 138 6.14 -39.59 32.35
N ASP J 139 5.62 -38.37 32.26
CA ASP J 139 6.22 -37.22 32.93
C ASP J 139 5.92 -37.24 34.42
N LEU J 140 5.96 -38.44 35.00
CA LEU J 140 5.70 -38.61 36.42
C LEU J 140 6.89 -38.13 37.26
N LYS J 141 7.07 -36.82 37.33
CA LYS J 141 8.15 -36.23 38.09
C LYS J 141 7.64 -35.73 39.45
N PRO J 142 8.49 -35.75 40.48
CA PRO J 142 8.15 -35.31 41.84
C PRO J 142 7.32 -34.01 41.91
N GLU J 143 7.67 -33.04 41.07
CA GLU J 143 6.96 -31.76 41.03
C GLU J 143 5.57 -31.91 40.43
N ASN J 144 5.07 -33.14 40.36
CA ASN J 144 3.75 -33.43 39.81
C ASN J 144 2.95 -34.33 40.74
N ILE J 145 3.37 -34.40 41.99
CA ILE J 145 2.69 -35.22 42.99
C ILE J 145 2.26 -34.35 44.18
N VAL J 146 1.02 -33.86 44.12
CA VAL J 146 0.48 -33.02 45.18
C VAL J 146 0.14 -33.82 46.43
N LEU J 147 0.11 -33.15 47.57
CA LEU J 147 -0.21 -33.79 48.84
C LEU J 147 -1.41 -33.12 49.49
N GLN J 148 -2.13 -33.87 50.32
CA GLN J 148 -3.31 -33.35 51.00
C GLN J 148 -3.50 -34.04 52.35
N ASP J 149 -3.96 -33.28 53.33
CA ASP J 149 -4.20 -33.80 54.67
C ASP J 149 -5.64 -34.31 54.79
N VAL J 150 -6.00 -35.23 53.90
CA VAL J 150 -7.34 -35.79 53.90
C VAL J 150 -7.63 -36.49 55.22
N GLY J 151 -8.28 -35.78 56.14
CA GLY J 151 -8.61 -36.37 57.43
C GLY J 151 -7.50 -36.15 58.45
N GLY J 152 -6.43 -36.94 58.34
CA GLY J 152 -5.32 -36.81 59.26
C GLY J 152 -3.99 -37.23 58.66
N LYS J 153 -4.03 -38.23 57.80
CA LYS J 153 -2.81 -38.73 57.16
C LYS J 153 -2.57 -38.03 55.81
N ILE J 154 -1.32 -38.03 55.36
CA ILE J 154 -0.96 -37.42 54.10
C ILE J 154 -1.37 -38.30 52.93
N ILE J 155 -2.08 -37.70 51.98
CA ILE J 155 -2.54 -38.43 50.80
C ILE J 155 -1.86 -37.93 49.54
N HIS J 156 -1.00 -38.77 48.96
CA HIS J 156 -0.28 -38.44 47.74
C HIS J 156 -1.22 -38.61 46.54
N LYS J 157 -1.14 -37.69 45.58
CA LYS J 157 -1.98 -37.74 44.39
C LYS J 157 -1.24 -37.25 43.14
N ILE J 158 -1.33 -38.03 42.07
CA ILE J 158 -0.69 -37.67 40.81
C ILE J 158 -1.50 -36.50 40.25
N ILE J 159 -0.89 -35.69 39.38
CA ILE J 159 -1.59 -34.56 38.82
C ILE J 159 -0.99 -34.09 37.50
N ASP J 160 -1.80 -33.36 36.72
CA ASP J 160 -1.39 -32.83 35.42
C ASP J 160 -1.05 -33.95 34.43
N LEU J 161 -1.82 -34.02 33.35
CA LEU J 161 -1.62 -35.03 32.32
C LEU J 161 -1.50 -34.39 30.94
N GLY J 162 -1.31 -33.08 30.93
CA GLY J 162 -1.19 -32.35 29.67
C GLY J 162 0.03 -32.77 28.87
N TYR J 163 0.87 -33.61 29.46
CA TYR J 163 2.06 -34.10 28.79
C TYR J 163 1.99 -35.61 28.59
N ALA J 164 1.18 -36.26 29.43
CA ALA J 164 1.02 -37.70 29.37
C ALA J 164 0.54 -38.17 27.99
N LYS J 165 1.11 -39.27 27.52
CA LYS J 165 0.72 -39.83 26.23
C LYS J 165 -0.63 -40.52 26.39
N ASP J 166 -1.09 -41.20 25.34
CA ASP J 166 -2.37 -41.89 25.39
C ASP J 166 -2.56 -42.72 24.13
N VAL J 167 -3.40 -43.75 24.21
CA VAL J 167 -3.64 -44.62 23.06
C VAL J 167 -5.00 -44.43 22.40
N ASP J 168 -5.99 -44.00 23.17
CA ASP J 168 -7.32 -43.77 22.62
C ASP J 168 -7.34 -42.44 21.86
N GLN J 169 -8.27 -41.56 22.21
CA GLN J 169 -8.36 -40.27 21.56
C GLN J 169 -7.09 -39.49 21.88
N GLY J 170 -6.63 -38.67 20.94
CA GLY J 170 -5.42 -37.89 21.15
C GLY J 170 -4.22 -38.69 21.62
N GLU J 171 -3.37 -39.07 20.68
CA GLU J 171 -2.17 -39.84 21.00
C GLU J 171 -0.97 -38.92 21.09
N LEU J 172 -0.26 -38.99 22.22
CA LEU J 172 0.91 -38.14 22.44
C LEU J 172 0.53 -36.66 22.43
N CYS J 173 0.19 -36.14 23.60
CA CYS J 173 -0.21 -34.74 23.73
C CYS J 173 0.97 -33.83 23.37
N THR J 174 2.15 -34.14 23.92
CA THR J 174 3.34 -33.35 23.65
C THR J 174 4.60 -34.18 23.90
N GLU J 175 5.65 -33.90 23.16
CA GLU J 175 6.91 -34.63 23.30
C GLU J 175 7.73 -34.13 24.49
N PHE J 176 8.87 -33.54 24.21
CA PHE J 176 9.75 -33.02 25.25
C PHE J 176 8.99 -32.08 26.19
N VAL J 177 9.59 -31.79 27.34
CA VAL J 177 8.99 -30.91 28.33
C VAL J 177 10.01 -29.91 28.87
N GLY J 178 10.88 -30.38 29.76
CA GLY J 178 11.88 -29.51 30.34
C GLY J 178 12.51 -30.10 31.60
N THR J 179 13.82 -29.95 31.71
CA THR J 179 14.56 -30.45 32.87
C THR J 179 14.25 -31.92 33.13
N LEU J 180 14.85 -32.79 32.33
CA LEU J 180 14.66 -34.23 32.47
C LEU J 180 15.53 -34.75 33.59
N GLN J 181 15.00 -35.69 34.37
CA GLN J 181 15.74 -36.28 35.47
C GLN J 181 14.92 -37.38 36.11
N TYR J 182 13.64 -37.45 35.73
CA TYR J 182 12.73 -38.44 36.27
C TYR J 182 11.84 -39.01 35.16
N LEU J 183 12.50 -39.56 34.14
CA LEU J 183 11.79 -40.15 33.01
C LEU J 183 12.59 -41.26 32.36
N ALA J 184 11.90 -42.32 31.94
CA ALA J 184 12.55 -43.45 31.29
C ALA J 184 13.35 -42.99 30.08
N PRO J 185 14.46 -43.69 29.76
CA PRO J 185 15.31 -43.34 28.62
C PRO J 185 14.66 -43.62 27.26
N GLU J 186 13.34 -43.83 27.28
CA GLU J 186 12.59 -44.09 26.06
C GLU J 186 12.41 -42.82 25.21
N LEU J 187 11.79 -41.81 25.81
CA LEU J 187 11.54 -40.55 25.12
C LEU J 187 12.82 -39.79 24.77
N PHE J 188 13.97 -40.33 25.19
CA PHE J 188 15.25 -39.68 24.90
C PHE J 188 15.75 -40.04 23.50
N GLU J 189 15.06 -40.96 22.86
CA GLU J 189 15.43 -41.40 21.51
C GLU J 189 14.27 -41.19 20.55
N ASN J 190 13.11 -40.78 21.09
CA ASN J 190 11.91 -40.55 20.29
C ASN J 190 11.53 -41.80 19.52
N LYS J 191 12.13 -42.92 19.90
CA LYS J 191 11.86 -44.22 19.26
C LYS J 191 10.60 -44.83 19.86
N PRO J 192 10.09 -45.91 19.22
CA PRO J 192 8.87 -46.58 19.72
C PRO J 192 8.93 -46.87 21.22
N TYR J 193 8.22 -46.06 21.99
CA TYR J 193 8.18 -46.20 23.44
C TYR J 193 7.22 -47.33 23.85
N THR J 194 7.06 -47.51 25.15
CA THR J 194 6.18 -48.55 25.68
C THR J 194 5.28 -48.00 26.79
N ALA J 195 4.64 -48.90 27.53
CA ALA J 195 3.75 -48.51 28.62
C ALA J 195 4.47 -48.60 29.96
N THR J 196 5.68 -49.14 29.93
CA THR J 196 6.49 -49.30 31.14
C THR J 196 7.24 -48.00 31.48
N VAL J 197 7.19 -47.03 30.56
CA VAL J 197 7.86 -45.75 30.75
C VAL J 197 7.50 -45.12 32.10
N ASP J 198 6.29 -45.41 32.58
CA ASP J 198 5.81 -44.89 33.87
C ASP J 198 6.49 -45.58 35.05
N TYR J 199 6.73 -46.89 34.92
CA TYR J 199 7.38 -47.66 35.97
C TYR J 199 8.72 -47.07 36.38
N TRP J 200 9.46 -46.52 35.42
CA TRP J 200 10.75 -45.90 35.68
C TRP J 200 10.59 -44.62 36.50
N SER J 201 9.71 -43.73 36.05
CA SER J 201 9.45 -42.47 36.75
C SER J 201 9.08 -42.73 38.22
N PHE J 202 8.21 -43.70 38.44
CA PHE J 202 7.77 -44.06 39.79
C PHE J 202 8.91 -44.67 40.60
N GLY J 203 9.66 -45.57 39.98
CA GLY J 203 10.77 -46.22 40.67
C GLY J 203 11.85 -45.24 41.12
N THR J 204 12.28 -44.38 40.21
CA THR J 204 13.29 -43.37 40.50
C THR J 204 12.95 -42.54 41.74
N MET J 205 11.70 -42.09 41.82
CA MET J 205 11.23 -41.29 42.94
C MET J 205 11.24 -42.09 44.23
N VAL J 206 10.74 -43.33 44.16
CA VAL J 206 10.71 -44.20 45.33
C VAL J 206 12.12 -44.33 45.93
N PHE J 207 13.12 -44.41 45.06
CA PHE J 207 14.51 -44.50 45.49
C PHE J 207 14.91 -43.23 46.25
N GLU J 208 14.66 -42.08 45.61
CA GLU J 208 14.98 -40.77 46.19
C GLU J 208 14.25 -40.54 47.53
N CYS J 209 13.06 -41.12 47.66
CA CYS J 209 12.28 -40.98 48.90
C CYS J 209 12.87 -41.85 50.02
N ILE J 210 14.06 -42.38 49.79
CA ILE J 210 14.73 -43.24 50.76
C ILE J 210 16.18 -42.79 50.94
N ALA J 211 16.78 -42.35 49.83
CA ALA J 211 18.16 -41.87 49.84
C ALA J 211 18.20 -40.35 49.93
N GLY J 212 17.35 -39.69 49.15
CA GLY J 212 17.30 -38.24 49.16
C GLY J 212 17.84 -37.62 47.89
N TYR J 213 18.18 -38.47 46.92
CA TYR J 213 18.71 -38.01 45.64
C TYR J 213 18.42 -39.01 44.52
N ARG J 214 18.76 -38.63 43.29
CA ARG J 214 18.53 -39.48 42.13
C ARG J 214 18.99 -40.92 42.28
N PRO J 215 18.29 -41.86 41.63
CA PRO J 215 18.60 -43.29 41.68
C PRO J 215 19.92 -43.60 40.97
N PHE J 216 20.60 -42.57 40.49
CA PHE J 216 21.86 -42.75 39.80
C PHE J 216 22.74 -41.55 40.09
N LEU J 217 22.93 -40.68 39.09
CA LEU J 217 23.75 -39.49 39.27
C LEU J 217 22.91 -38.27 39.64
N HIS J 218 23.11 -37.77 40.85
CA HIS J 218 22.39 -36.61 41.35
C HIS J 218 22.99 -35.32 40.79
N HIS J 219 22.19 -34.26 40.82
CA HIS J 219 22.61 -32.94 40.32
C HIS J 219 23.39 -33.02 39.02
N LEU J 220 23.18 -34.11 38.28
CA LEU J 220 23.86 -34.30 37.02
C LEU J 220 22.87 -34.27 35.86
N GLN J 221 23.00 -33.27 35.00
CA GLN J 221 22.12 -33.11 33.84
C GLN J 221 22.08 -34.42 33.06
N PRO J 222 20.91 -34.78 32.53
CA PRO J 222 20.76 -36.02 31.75
C PRO J 222 21.60 -36.00 30.47
N PHE J 223 22.25 -34.87 30.21
CA PHE J 223 23.09 -34.72 29.03
C PHE J 223 24.22 -35.76 29.08
N THR J 224 24.72 -36.02 30.29
CA THR J 224 25.80 -36.98 30.47
C THR J 224 25.35 -38.04 31.48
N TRP J 225 24.03 -38.23 31.57
CA TRP J 225 23.45 -39.21 32.49
C TRP J 225 23.39 -40.57 31.80
N HIS J 226 23.20 -40.55 30.48
CA HIS J 226 23.13 -41.77 29.70
C HIS J 226 24.40 -41.97 28.89
N GLU J 227 25.44 -41.20 29.21
CA GLU J 227 26.71 -41.30 28.51
C GLU J 227 27.63 -42.31 29.17
N LYS J 228 27.43 -42.54 30.46
CA LYS J 228 28.27 -43.48 31.20
C LYS J 228 27.42 -44.49 31.95
N ILE J 229 26.10 -44.30 31.89
CA ILE J 229 25.17 -45.19 32.56
C ILE J 229 24.27 -45.79 31.51
N LYS J 230 24.64 -45.59 30.24
CA LYS J 230 23.88 -46.11 29.12
C LYS J 230 23.66 -47.61 29.25
N LYS J 231 24.69 -48.31 29.71
CA LYS J 231 24.64 -49.76 29.89
C LYS J 231 23.84 -50.15 31.13
N LYS J 232 24.20 -49.58 32.28
CA LYS J 232 23.52 -49.85 33.54
C LYS J 232 23.60 -51.33 33.90
N ASP J 233 24.31 -51.63 34.98
CA ASP J 233 24.49 -53.00 35.45
C ASP J 233 23.16 -53.73 35.66
N PRO J 234 23.22 -55.05 35.88
CA PRO J 234 22.01 -55.84 36.11
C PRO J 234 21.19 -55.44 37.33
N LYS J 235 20.00 -54.91 37.08
CA LYS J 235 19.08 -54.48 38.14
C LYS J 235 19.68 -53.41 39.05
N CYS J 236 20.71 -52.74 38.55
CA CYS J 236 21.36 -51.66 39.30
C CYS J 236 20.36 -50.57 39.64
N ILE J 237 20.46 -50.02 40.85
CA ILE J 237 19.55 -48.97 41.29
C ILE J 237 20.29 -47.80 41.94
N PHE J 238 21.58 -47.67 41.66
CA PHE J 238 22.39 -46.60 42.23
C PHE J 238 23.74 -46.46 41.54
N ALA J 239 24.22 -45.23 41.45
CA ALA J 239 25.51 -44.97 40.80
C ALA J 239 25.92 -43.51 40.99
N CYS J 240 26.67 -43.26 42.06
CA CYS J 240 27.13 -41.90 42.36
C CYS J 240 28.56 -41.71 41.87
N GLU J 241 29.15 -40.57 42.22
CA GLU J 241 30.52 -40.27 41.82
C GLU J 241 31.40 -40.12 43.05
N GLU J 242 32.42 -40.97 43.13
CA GLU J 242 33.37 -40.95 44.24
C GLU J 242 33.99 -39.57 44.41
N MET J 243 34.56 -39.34 45.59
CA MET J 243 35.20 -38.06 45.90
C MET J 243 36.23 -37.71 44.83
N SER J 244 36.85 -38.73 44.25
CA SER J 244 37.86 -38.54 43.22
C SER J 244 37.20 -38.45 41.84
N GLY J 245 35.94 -38.02 41.81
CA GLY J 245 35.23 -37.89 40.54
C GLY J 245 34.92 -39.22 39.88
N GLU J 246 35.47 -40.30 40.41
CA GLU J 246 35.24 -41.64 39.86
C GLU J 246 33.76 -41.98 39.85
N VAL J 247 33.42 -43.08 39.19
CA VAL J 247 32.05 -43.53 39.10
C VAL J 247 31.90 -44.94 39.66
N ARG J 248 30.91 -45.13 40.53
CA ARG J 248 30.66 -46.44 41.14
C ARG J 248 29.21 -46.87 40.97
N PHE J 249 29.03 -48.13 40.64
CA PHE J 249 27.69 -48.68 40.44
C PHE J 249 27.34 -49.64 41.57
N SER J 250 26.05 -49.88 41.75
CA SER J 250 25.59 -50.79 42.80
C SER J 250 24.09 -51.09 42.66
N SER J 251 23.73 -52.32 42.96
CA SER J 251 22.33 -52.75 42.87
C SER J 251 21.70 -52.79 44.26
N HIS J 252 22.40 -52.20 45.23
CA HIS J 252 21.92 -52.17 46.61
C HIS J 252 21.27 -50.83 46.92
N LEU J 253 20.72 -50.71 48.13
CA LEU J 253 20.08 -49.46 48.56
C LEU J 253 21.01 -48.69 49.51
N PRO J 254 21.49 -47.51 49.07
CA PRO J 254 22.38 -46.65 49.84
C PRO J 254 21.94 -46.39 51.29
N GLN J 255 22.86 -45.83 52.06
CA GLN J 255 22.61 -45.50 53.47
C GLN J 255 22.97 -44.05 53.74
N PRO J 256 22.34 -43.43 54.74
CA PRO J 256 21.33 -44.02 55.61
C PRO J 256 19.92 -43.90 55.01
N ASN J 257 19.06 -44.83 55.38
CA ASN J 257 17.69 -44.83 54.88
C ASN J 257 16.71 -44.70 56.06
N SER J 258 15.48 -45.15 55.85
CA SER J 258 14.46 -45.09 56.89
C SER J 258 13.64 -46.39 56.95
N LEU J 259 13.93 -47.30 56.01
CA LEU J 259 13.24 -48.58 55.94
C LEU J 259 13.78 -49.51 57.01
N CYS J 260 12.94 -50.41 57.51
CA CYS J 260 13.38 -51.35 58.53
C CYS J 260 14.32 -52.40 57.91
N SER J 261 14.92 -53.23 58.75
CA SER J 261 15.83 -54.27 58.29
C SER J 261 15.12 -55.41 57.55
N LEU J 262 13.82 -55.26 57.33
CA LEU J 262 13.03 -56.28 56.65
C LEU J 262 12.49 -55.80 55.31
N ILE J 263 11.98 -54.56 55.28
CA ILE J 263 11.44 -53.98 54.06
C ILE J 263 12.52 -53.75 53.01
N VAL J 264 13.79 -53.84 53.44
CA VAL J 264 14.93 -53.62 52.54
C VAL J 264 15.03 -54.71 51.47
N GLU J 265 14.92 -55.97 51.90
CA GLU J 265 15.00 -57.11 51.00
C GLU J 265 14.07 -56.98 49.79
N PRO J 266 12.79 -56.62 50.02
CA PRO J 266 11.83 -56.47 48.91
C PRO J 266 11.93 -55.13 48.18
N MET J 267 12.21 -54.07 48.94
CA MET J 267 12.33 -52.74 48.37
C MET J 267 13.43 -52.67 47.31
N GLU J 268 14.59 -53.26 47.61
CA GLU J 268 15.71 -53.28 46.66
C GLU J 268 15.33 -54.01 45.39
N ASN J 269 14.79 -55.22 45.55
CA ASN J 269 14.37 -56.03 44.41
C ASN J 269 13.31 -55.32 43.58
N TRP J 270 12.38 -54.64 44.27
CA TRP J 270 11.31 -53.92 43.59
C TRP J 270 11.90 -52.85 42.68
N LEU J 271 12.75 -52.00 43.25
CA LEU J 271 13.41 -50.93 42.52
C LEU J 271 14.18 -51.47 41.34
N GLN J 272 14.68 -52.69 41.46
CA GLN J 272 15.45 -53.34 40.40
C GLN J 272 14.64 -53.54 39.12
N LEU J 273 13.42 -54.06 39.25
CA LEU J 273 12.56 -54.27 38.10
C LEU J 273 11.95 -52.96 37.59
N MET J 274 11.96 -51.94 38.44
CA MET J 274 11.42 -50.64 38.08
C MET J 274 12.52 -49.78 37.44
N LEU J 275 13.77 -50.21 37.60
CA LEU J 275 14.93 -49.51 37.06
C LEU J 275 15.84 -50.47 36.28
N ASN J 276 15.25 -51.20 35.33
CA ASN J 276 16.01 -52.16 34.54
C ASN J 276 16.40 -51.53 33.20
N TRP J 277 16.15 -50.23 33.07
CA TRP J 277 16.45 -49.48 31.86
C TRP J 277 15.60 -49.92 30.67
N ASP J 278 15.76 -51.17 30.23
CA ASP J 278 14.98 -51.68 29.11
C ASP J 278 13.49 -51.47 29.34
N PRO J 279 12.76 -51.09 28.28
CA PRO J 279 11.32 -50.85 28.37
C PRO J 279 10.50 -52.10 28.69
N GLN J 280 10.43 -53.01 27.73
CA GLN J 280 9.68 -54.25 27.89
C GLN J 280 10.20 -55.12 29.02
N GLN J 281 11.40 -54.84 29.51
CA GLN J 281 11.98 -55.63 30.59
C GLN J 281 11.71 -55.11 32.00
N ARG J 282 11.25 -53.87 32.11
CA ARG J 282 10.95 -53.31 33.43
C ARG J 282 9.63 -53.84 33.97
N GLY J 283 9.65 -55.09 34.43
CA GLY J 283 8.45 -55.71 34.96
C GLY J 283 7.92 -56.80 34.05
N GLY J 284 8.81 -57.37 33.26
CA GLY J 284 8.43 -58.44 32.34
C GLY J 284 7.61 -59.52 33.00
N PRO J 285 8.08 -60.05 34.15
CA PRO J 285 7.36 -61.11 34.87
C PRO J 285 5.90 -60.74 35.16
N VAL J 286 5.00 -61.19 34.29
CA VAL J 286 3.57 -60.90 34.46
C VAL J 286 2.89 -62.03 35.24
N ASP J 287 2.73 -61.82 36.54
CA ASP J 287 2.11 -62.81 37.40
C ASP J 287 0.72 -63.17 36.89
N LEU J 288 0.58 -64.41 36.39
CA LEU J 288 -0.68 -64.89 35.85
C LEU J 288 -1.75 -65.08 36.93
N THR J 289 -1.35 -64.91 38.20
CA THR J 289 -2.27 -65.07 39.32
C THR J 289 -3.19 -63.86 39.47
N LEU J 290 -2.72 -62.71 39.02
CA LEU J 290 -3.50 -61.47 39.12
C LEU J 290 -3.36 -60.62 37.86
N LYS J 291 -2.77 -61.19 36.81
CA LYS J 291 -2.59 -60.48 35.54
C LYS J 291 -1.76 -59.22 35.68
N GLN J 292 -1.09 -59.06 36.82
CA GLN J 292 -0.28 -57.87 37.05
C GLN J 292 1.23 -58.16 36.97
N PRO J 293 2.01 -57.16 36.55
CA PRO J 293 3.46 -57.28 36.43
C PRO J 293 4.15 -57.38 37.78
N ARG J 294 5.34 -58.00 37.80
CA ARG J 294 6.10 -58.19 39.03
C ARG J 294 6.33 -56.86 39.74
N CYS J 295 6.11 -55.77 39.04
CA CYS J 295 6.30 -54.43 39.61
C CYS J 295 5.28 -54.16 40.68
N PHE J 296 4.00 -54.36 40.36
CA PHE J 296 2.92 -54.14 41.32
C PHE J 296 2.76 -55.34 42.27
N VAL J 297 3.36 -56.47 41.89
CA VAL J 297 3.29 -57.68 42.70
C VAL J 297 4.05 -57.48 44.00
N LEU J 298 5.34 -57.14 43.90
CA LEU J 298 6.15 -56.90 45.08
C LEU J 298 5.60 -55.76 45.92
N MET J 299 5.09 -54.73 45.24
CA MET J 299 4.52 -53.56 45.92
C MET J 299 3.41 -54.00 46.88
N ASP J 300 2.43 -54.74 46.35
CA ASP J 300 1.33 -55.25 47.16
C ASP J 300 1.83 -56.26 48.18
N HIS J 301 2.93 -56.95 47.85
CA HIS J 301 3.52 -57.93 48.74
C HIS J 301 4.16 -57.24 49.95
N ILE J 302 4.55 -55.97 49.75
CA ILE J 302 5.18 -55.18 50.80
C ILE J 302 4.11 -54.48 51.66
N LEU J 303 3.36 -53.57 51.04
CA LEU J 303 2.32 -52.82 51.74
C LEU J 303 1.43 -53.73 52.59
N ASN J 304 1.09 -54.89 52.05
CA ASN J 304 0.26 -55.85 52.77
C ASN J 304 1.09 -56.74 53.69
N LEU J 305 1.73 -56.12 54.67
CA LEU J 305 2.55 -56.84 55.64
C LEU J 305 2.33 -56.28 57.03
N LYS J 306 2.89 -56.96 58.03
CA LYS J 306 2.77 -56.53 59.42
C LYS J 306 4.05 -55.83 59.86
N ILE J 307 5.12 -56.60 60.03
CA ILE J 307 6.42 -56.07 60.44
C ILE J 307 6.27 -55.18 61.68
N VAL J 308 6.22 -55.81 62.85
CA VAL J 308 6.07 -55.09 64.10
C VAL J 308 7.42 -54.70 64.68
N HIS J 309 7.67 -53.40 64.76
CA HIS J 309 8.94 -52.89 65.30
C HIS J 309 8.95 -53.07 66.82
N ILE J 310 10.06 -53.59 67.34
CA ILE J 310 10.20 -53.81 68.77
C ILE J 310 11.44 -53.12 69.32
N LEU J 311 11.24 -52.22 70.27
CA LEU J 311 12.35 -51.49 70.88
C LEU J 311 12.76 -52.15 72.18
N ASN J 312 14.00 -52.63 72.24
CA ASN J 312 14.52 -53.27 73.44
C ASN J 312 15.02 -52.23 74.44
N MET J 313 14.27 -52.06 75.53
CA MET J 313 14.64 -51.09 76.56
C MET J 313 15.74 -51.62 77.46
N THR J 314 16.63 -52.43 76.89
CA THR J 314 17.74 -53.00 77.64
C THR J 314 19.02 -52.90 76.82
N SER J 315 18.86 -52.60 75.53
CA SER J 315 19.99 -52.48 74.62
C SER J 315 19.73 -51.43 73.54
N ALA J 316 18.67 -50.65 73.72
CA ALA J 316 18.31 -49.62 72.78
C ALA J 316 18.20 -50.14 71.35
N LYS J 317 17.99 -51.45 71.21
CA LYS J 317 17.87 -52.07 69.90
C LYS J 317 16.44 -52.01 69.39
N ILE J 318 16.29 -52.01 68.07
CA ILE J 318 14.97 -51.95 67.45
C ILE J 318 14.80 -53.12 66.47
N ILE J 319 14.60 -54.31 67.02
CA ILE J 319 14.42 -55.50 66.20
C ILE J 319 12.99 -55.57 65.65
N SER J 320 12.88 -55.84 64.35
CA SER J 320 11.58 -55.93 63.69
C SER J 320 11.21 -57.40 63.42
N PHE J 321 9.92 -57.69 63.45
CA PHE J 321 9.45 -59.05 63.22
C PHE J 321 8.26 -59.05 62.27
N LEU J 322 8.46 -59.58 61.07
CA LEU J 322 7.39 -59.65 60.07
C LEU J 322 6.47 -60.82 60.44
N LEU J 323 5.50 -60.56 61.32
CA LEU J 323 4.57 -61.56 61.78
C LEU J 323 3.50 -61.91 60.75
N PRO J 324 3.19 -63.21 60.62
CA PRO J 324 2.19 -63.70 59.67
C PRO J 324 0.77 -63.55 60.25
N PRO J 325 -0.25 -63.61 59.38
CA PRO J 325 -1.64 -63.48 59.82
C PRO J 325 -2.18 -64.73 60.52
N ASP J 326 -1.34 -65.37 61.32
CA ASP J 326 -1.73 -66.58 62.03
C ASP J 326 -0.96 -66.75 63.34
N GLU J 327 0.34 -66.50 63.30
CA GLU J 327 1.21 -66.64 64.46
C GLU J 327 0.63 -65.94 65.69
N SER J 328 0.96 -66.48 66.86
CA SER J 328 0.48 -65.91 68.12
C SER J 328 1.64 -65.21 68.83
N LEU J 329 1.32 -64.41 69.85
CA LEU J 329 2.36 -63.69 70.58
C LEU J 329 3.25 -64.69 71.30
N HIS J 330 2.67 -65.78 71.77
CA HIS J 330 3.42 -66.82 72.47
C HIS J 330 4.35 -67.51 71.47
N SER J 331 4.03 -67.38 70.19
CA SER J 331 4.83 -67.98 69.12
C SER J 331 5.90 -66.97 68.70
N LEU J 332 5.65 -65.71 69.02
CA LEU J 332 6.57 -64.63 68.69
C LEU J 332 7.57 -64.40 69.81
N GLN J 333 7.09 -64.44 71.06
CA GLN J 333 7.96 -64.24 72.21
C GLN J 333 9.20 -65.09 72.11
N SER J 334 9.03 -66.30 71.56
CA SER J 334 10.15 -67.22 71.39
C SER J 334 11.13 -66.67 70.36
N ARG J 335 10.59 -66.12 69.28
CA ARG J 335 11.41 -65.55 68.20
C ARG J 335 12.30 -64.44 68.78
N ILE J 336 11.70 -63.59 69.60
CA ILE J 336 12.41 -62.48 70.22
C ILE J 336 13.58 -62.99 71.05
N GLU J 337 13.34 -64.07 71.80
CA GLU J 337 14.36 -64.66 72.64
C GLU J 337 15.61 -65.04 71.86
N ARG J 338 15.45 -65.26 70.55
CA ARG J 338 16.57 -65.64 69.71
C ARG J 338 17.44 -64.45 69.32
N GLU J 339 16.91 -63.24 69.49
CA GLU J 339 17.66 -62.04 69.15
C GLU J 339 17.76 -61.09 70.33
N THR J 340 17.50 -61.61 71.53
CA THR J 340 17.57 -60.81 72.74
C THR J 340 18.25 -61.57 73.87
N GLY J 341 17.87 -62.83 74.03
CA GLY J 341 18.45 -63.65 75.08
C GLY J 341 17.60 -63.62 76.33
N ILE J 342 16.46 -62.94 76.25
CA ILE J 342 15.55 -62.82 77.39
C ILE J 342 14.63 -64.03 77.45
N ASN J 343 14.53 -64.64 78.62
CA ASN J 343 13.67 -65.81 78.80
C ASN J 343 12.28 -65.56 78.25
N THR J 344 11.74 -66.53 77.54
CA THR J 344 10.41 -66.42 76.97
C THR J 344 9.37 -66.07 78.02
N GLY J 345 9.66 -66.43 79.27
CA GLY J 345 8.75 -66.16 80.36
C GLY J 345 8.99 -64.80 81.00
N SER J 346 10.18 -64.25 80.78
CA SER J 346 10.55 -62.95 81.34
C SER J 346 10.50 -61.86 80.28
N GLN J 347 9.71 -62.09 79.23
CA GLN J 347 9.57 -61.12 78.15
C GLN J 347 8.28 -60.31 78.29
N GLU J 348 8.36 -59.22 79.05
CA GLU J 348 7.22 -58.35 79.27
C GLU J 348 7.31 -57.14 78.34
N LEU J 349 6.64 -57.23 77.19
CA LEU J 349 6.63 -56.14 76.22
C LEU J 349 5.48 -55.16 76.47
N LEU J 350 5.84 -53.89 76.67
CA LEU J 350 4.85 -52.85 76.91
C LEU J 350 4.71 -51.94 75.69
N SER J 351 3.47 -51.55 75.39
CA SER J 351 3.22 -50.69 74.24
C SER J 351 3.22 -49.23 74.68
N GLU J 352 3.05 -48.33 73.73
CA GLU J 352 3.04 -46.91 74.02
C GLU J 352 1.99 -46.59 75.07
N THR J 353 0.86 -47.29 75.03
CA THR J 353 -0.22 -47.09 75.98
C THR J 353 0.21 -47.48 77.39
N GLY J 354 1.42 -48.02 77.50
CA GLY J 354 1.93 -48.44 78.79
C GLY J 354 1.42 -49.81 79.21
N ILE J 355 0.34 -50.25 78.56
CA ILE J 355 -0.26 -51.55 78.86
C ILE J 355 0.78 -52.66 78.69
N SER J 356 0.63 -53.72 79.48
CA SER J 356 1.54 -54.85 79.40
C SER J 356 1.36 -55.59 78.08
N LEU J 357 1.74 -56.86 78.05
CA LEU J 357 1.61 -57.66 76.84
C LEU J 357 0.13 -57.99 76.65
N ASP J 358 -0.17 -59.18 76.12
CA ASP J 358 -1.55 -59.60 75.90
C ASP J 358 -1.63 -61.06 75.44
N PRO J 359 -1.35 -62.01 76.34
CA PRO J 359 -1.38 -63.45 76.02
C PRO J 359 -2.63 -63.92 75.30
N ARG J 360 -3.70 -63.12 75.36
CA ARG J 360 -4.96 -63.47 74.71
C ARG J 360 -4.86 -63.49 73.19
N LYS J 361 -4.82 -62.31 72.58
CA LYS J 361 -4.72 -62.20 71.12
C LYS J 361 -3.37 -62.67 70.60
N PRO J 362 -3.33 -63.19 69.36
CA PRO J 362 -2.09 -63.69 68.73
C PRO J 362 -1.07 -62.58 68.50
N ALA J 363 -0.02 -62.92 67.74
CA ALA J 363 1.02 -61.96 67.42
C ALA J 363 0.47 -60.79 66.60
N SER J 364 -0.70 -60.99 66.02
CA SER J 364 -1.34 -59.95 65.21
C SER J 364 -2.14 -58.99 66.09
N GLN J 365 -1.42 -58.13 66.82
CA GLN J 365 -2.04 -57.14 67.68
C GLN J 365 -1.13 -55.94 67.86
N CYS J 366 -0.59 -55.44 66.76
CA CYS J 366 0.31 -54.30 66.78
C CYS J 366 0.01 -53.35 65.63
N VAL J 367 0.88 -53.35 64.63
CA VAL J 367 0.71 -52.51 63.45
C VAL J 367 -0.69 -52.67 62.86
N LEU J 368 -1.39 -51.55 62.73
CA LEU J 368 -2.74 -51.56 62.17
C LEU J 368 -2.75 -51.29 60.68
N ASP J 369 -3.51 -52.10 59.94
CA ASP J 369 -3.62 -51.95 58.50
C ASP J 369 -4.98 -51.37 58.13
N GLY J 370 -5.16 -50.07 58.42
CA GLY J 370 -6.40 -49.40 58.13
C GLY J 370 -6.18 -47.92 57.90
N VAL J 371 -4.99 -47.45 58.25
CA VAL J 371 -4.64 -46.04 58.08
C VAL J 371 -3.19 -45.90 57.63
N ARG J 372 -2.26 -46.06 58.56
CA ARG J 372 -0.84 -45.96 58.26
C ARG J 372 -0.03 -46.72 59.32
N GLY J 373 -0.08 -48.04 59.26
CA GLY J 373 0.64 -48.85 60.23
C GLY J 373 2.06 -49.21 59.81
N CYS J 374 3.03 -48.51 60.38
CA CYS J 374 4.44 -48.74 60.07
C CYS J 374 5.36 -47.76 60.82
N ASP J 375 6.33 -48.32 61.53
CA ASP J 375 7.28 -47.52 62.29
C ASP J 375 6.59 -46.67 63.36
N SER J 376 5.31 -46.94 63.58
CA SER J 376 4.55 -46.20 64.57
C SER J 376 4.35 -47.00 65.85
N TYR J 377 3.45 -47.98 65.80
CA TYR J 377 3.15 -48.81 66.96
C TYR J 377 4.41 -49.54 67.41
N MET J 378 5.05 -49.00 68.43
CA MET J 378 6.28 -49.58 68.97
C MET J 378 6.01 -50.34 70.27
N VAL J 379 6.43 -51.60 70.30
CA VAL J 379 6.25 -52.44 71.48
C VAL J 379 7.59 -52.50 72.20
N TYR J 380 7.73 -51.67 73.23
CA TYR J 380 8.96 -51.60 74.02
C TYR J 380 9.16 -52.86 74.87
N LEU J 381 10.17 -53.65 74.51
CA LEU J 381 10.48 -54.88 75.24
C LEU J 381 11.19 -54.60 76.57
N PHE J 382 10.62 -55.15 77.64
CA PHE J 382 11.17 -54.97 78.98
C PHE J 382 11.54 -56.32 79.60
N ASP J 383 12.72 -56.38 80.21
CA ASP J 383 13.19 -57.61 80.83
C ASP J 383 12.72 -57.66 82.29
N LYS J 384 12.29 -58.84 82.74
CA LYS J 384 11.82 -59.01 84.11
C LYS J 384 12.95 -59.31 85.08
N SER J 385 13.87 -60.18 84.67
CA SER J 385 15.01 -60.54 85.52
C SER J 385 15.86 -59.32 85.86
N LYS J 386 16.35 -58.65 84.82
CA LYS J 386 17.19 -57.46 85.01
C LYS J 386 16.46 -56.36 85.78
N THR J 387 16.86 -56.15 87.03
CA THR J 387 16.25 -55.13 87.87
C THR J 387 16.68 -53.75 87.39
N VAL J 388 17.94 -53.65 86.97
CA VAL J 388 18.50 -52.40 86.48
C VAL J 388 19.37 -52.67 85.26
N TYR J 389 19.00 -52.08 84.12
CA TYR J 389 19.73 -52.27 82.88
C TYR J 389 21.08 -51.55 82.90
N GLU J 390 22.15 -52.34 82.77
CA GLU J 390 23.50 -51.79 82.77
C GLU J 390 23.77 -50.99 81.51
N GLY J 391 24.70 -51.47 80.69
CA GLY J 391 25.03 -50.76 79.46
C GLY J 391 25.12 -51.65 78.22
N PRO J 392 24.19 -52.61 78.05
CA PRO J 392 24.23 -53.48 76.87
C PRO J 392 23.97 -52.68 75.60
N PHE J 393 23.22 -51.60 75.74
CA PHE J 393 22.85 -50.73 74.62
C PHE J 393 24.06 -50.13 73.90
N ALA J 394 23.81 -49.53 72.75
CA ALA J 394 24.87 -48.91 71.95
C ALA J 394 24.30 -47.69 71.23
N SER J 395 24.67 -47.53 69.97
CA SER J 395 24.19 -46.40 69.18
C SER J 395 24.39 -46.62 67.68
N ARG J 396 25.37 -45.96 67.10
CA ARG J 396 25.66 -46.08 65.67
C ARG J 396 27.02 -45.46 65.33
N SER J 397 27.15 -44.92 64.12
CA SER J 397 28.40 -44.30 63.70
C SER J 397 28.15 -43.18 62.70
N LEU J 398 29.18 -42.40 62.40
CA LEU J 398 29.05 -41.30 61.45
C LEU J 398 29.67 -41.66 60.10
N SER J 399 30.26 -42.86 60.02
CA SER J 399 30.88 -43.33 58.79
C SER J 399 32.08 -42.47 58.40
N ASP J 400 32.89 -42.97 57.49
CA ASP J 400 34.06 -42.24 57.02
C ASP J 400 33.68 -40.93 56.34
N CYS J 401 32.41 -40.81 55.96
CA CYS J 401 31.91 -39.61 55.30
C CYS J 401 31.89 -38.41 56.23
N VAL J 402 31.50 -38.63 57.49
CA VAL J 402 31.42 -37.55 58.48
C VAL J 402 32.65 -37.53 59.39
N ASN J 403 33.43 -38.61 59.37
CA ASN J 403 34.65 -38.69 60.18
C ASN J 403 35.63 -37.55 59.88
N TYR J 404 35.70 -37.16 58.60
CA TYR J 404 36.58 -36.07 58.21
C TYR J 404 36.19 -34.77 58.92
N ILE J 405 34.89 -34.56 59.03
CA ILE J 405 34.34 -33.37 59.68
C ILE J 405 34.68 -33.31 61.17
N VAL J 406 34.79 -34.48 61.79
CA VAL J 406 35.10 -34.57 63.21
C VAL J 406 36.59 -34.76 63.50
N GLN J 407 37.25 -35.60 62.70
CA GLN J 407 38.68 -35.88 62.89
C GLN J 407 39.54 -34.73 62.40
N ASP J 408 39.28 -34.31 61.16
CA ASP J 408 40.04 -33.21 60.57
C ASP J 408 39.55 -31.86 61.07
N SER J 409 38.29 -31.82 61.53
CA SER J 409 37.69 -30.60 62.04
C SER J 409 37.73 -29.49 60.99
N LYS J 410 38.78 -28.69 61.03
CA LYS J 410 38.95 -27.59 60.09
C LYS J 410 39.57 -28.08 58.78
N ILE J 411 38.72 -28.38 57.81
CA ILE J 411 39.19 -28.85 56.51
C ILE J 411 38.40 -28.19 55.39
N GLN J 412 39.10 -27.84 54.30
CA GLN J 412 38.47 -27.19 53.16
C GLN J 412 38.08 -28.24 52.12
N LEU J 413 36.86 -28.75 52.25
CA LEU J 413 36.36 -29.77 51.33
C LEU J 413 35.34 -29.18 50.35
N PRO J 414 35.37 -29.63 49.08
CA PRO J 414 34.46 -29.15 48.05
C PRO J 414 32.99 -29.28 48.46
N ILE J 415 32.22 -28.21 48.28
CA ILE J 415 30.80 -28.20 48.63
C ILE J 415 30.05 -29.32 47.93
N ILE J 416 30.52 -29.70 46.74
CA ILE J 416 29.89 -30.77 45.98
C ILE J 416 29.85 -32.05 46.81
N GLN J 417 30.73 -32.11 47.80
CA GLN J 417 30.81 -33.26 48.71
C GLN J 417 30.21 -32.87 50.07
N LEU J 418 30.32 -31.60 50.42
CA LEU J 418 29.80 -31.09 51.68
C LEU J 418 28.29 -31.25 51.75
N ARG J 419 27.63 -31.13 50.60
CA ARG J 419 26.19 -31.24 50.54
C ARG J 419 25.74 -32.61 51.02
N LYS J 420 26.70 -33.51 51.22
CA LYS J 420 26.41 -34.85 51.70
C LYS J 420 26.97 -35.10 53.10
N VAL J 421 28.27 -34.87 53.28
CA VAL J 421 28.90 -35.06 54.58
C VAL J 421 28.20 -34.22 55.64
N TRP J 422 27.70 -33.07 55.22
CA TRP J 422 26.98 -32.18 56.14
C TRP J 422 25.57 -32.71 56.33
N ALA J 423 24.94 -33.11 55.23
CA ALA J 423 23.58 -33.64 55.26
C ALA J 423 23.49 -34.81 56.22
N GLU J 424 24.35 -35.80 56.02
CA GLU J 424 24.38 -36.99 56.88
C GLU J 424 24.69 -36.60 58.31
N ALA J 425 25.56 -35.61 58.48
CA ALA J 425 25.95 -35.12 59.79
C ALA J 425 24.71 -34.58 60.50
N VAL J 426 23.92 -33.80 59.76
CA VAL J 426 22.69 -33.22 60.31
C VAL J 426 21.68 -34.31 60.65
N HIS J 427 21.62 -35.32 59.80
CA HIS J 427 20.71 -36.44 60.01
C HIS J 427 21.13 -37.21 61.26
N TYR J 428 22.44 -37.31 61.48
CA TYR J 428 22.96 -38.01 62.64
C TYR J 428 22.60 -37.22 63.90
N VAL J 429 22.78 -35.91 63.82
CA VAL J 429 22.48 -35.02 64.94
C VAL J 429 21.03 -35.23 65.36
N SER J 430 20.11 -34.96 64.44
CA SER J 430 18.68 -35.10 64.71
C SER J 430 18.39 -36.56 65.03
N GLY J 431 19.22 -37.44 64.51
CA GLY J 431 19.05 -38.86 64.73
C GLY J 431 19.08 -39.19 66.20
N LEU J 432 20.16 -38.81 66.86
CA LEU J 432 20.31 -39.07 68.30
C LEU J 432 19.12 -38.49 69.05
N LYS J 433 18.69 -37.30 68.63
CA LYS J 433 17.58 -36.61 69.26
C LYS J 433 16.31 -37.44 69.14
N GLU J 434 15.87 -37.65 67.91
CA GLU J 434 14.66 -38.43 67.66
C GLU J 434 14.80 -39.83 68.24
N ASP J 435 16.03 -40.33 68.33
CA ASP J 435 16.30 -41.65 68.89
C ASP J 435 16.10 -41.62 70.41
N TYR J 436 16.35 -40.47 71.02
CA TYR J 436 16.19 -40.29 72.46
C TYR J 436 14.70 -40.34 72.82
N SER J 437 13.87 -39.75 71.97
CA SER J 437 12.43 -39.72 72.17
C SER J 437 11.87 -41.15 72.29
N ARG J 438 12.34 -42.03 71.40
CA ARG J 438 11.91 -43.43 71.40
C ARG J 438 12.22 -44.06 72.75
N LEU J 439 13.43 -43.85 73.23
CA LEU J 439 13.87 -44.40 74.51
C LEU J 439 13.05 -43.80 75.65
N PHE J 440 12.85 -42.48 75.59
CA PHE J 440 12.07 -41.78 76.61
C PHE J 440 10.67 -42.38 76.74
N GLN J 441 10.01 -42.59 75.60
CA GLN J 441 8.67 -43.15 75.57
C GLN J 441 8.62 -44.49 76.30
N GLY J 442 9.73 -45.23 76.24
CA GLY J 442 9.79 -46.52 76.91
C GLY J 442 9.57 -46.33 78.40
N GLN J 443 10.19 -45.29 78.95
CA GLN J 443 10.05 -45.00 80.38
C GLN J 443 8.61 -44.59 80.67
N ARG J 444 8.06 -43.78 79.77
CA ARG J 444 6.68 -43.31 79.93
C ARG J 444 5.72 -44.49 79.93
N ALA J 445 5.96 -45.46 79.04
CA ALA J 445 5.14 -46.64 78.95
C ALA J 445 5.32 -47.50 80.21
N ALA J 446 6.57 -47.67 80.62
CA ALA J 446 6.89 -48.46 81.80
C ALA J 446 6.27 -47.79 83.03
N MET J 447 6.20 -46.47 83.00
CA MET J 447 5.63 -45.70 84.10
C MET J 447 4.16 -46.08 84.25
N LEU J 448 3.44 -46.13 83.14
CA LEU J 448 2.02 -46.47 83.13
C LEU J 448 1.82 -47.87 83.72
N SER J 449 2.71 -48.79 83.37
CA SER J 449 2.63 -50.16 83.87
C SER J 449 2.76 -50.17 85.39
N LEU J 450 3.68 -49.36 85.91
CA LEU J 450 3.90 -49.27 87.34
C LEU J 450 2.70 -48.58 88.01
N LEU J 451 2.18 -47.55 87.36
CA LEU J 451 1.03 -46.82 87.87
C LEU J 451 -0.20 -47.73 87.92
N ARG J 452 -0.28 -48.65 86.97
CA ARG J 452 -1.39 -49.59 86.91
C ARG J 452 -1.24 -50.67 87.98
N TYR J 453 -0.01 -51.16 88.16
CA TYR J 453 0.26 -52.19 89.16
C TYR J 453 -0.04 -51.65 90.55
N ASN J 454 0.32 -50.41 90.77
CA ASN J 454 0.08 -49.75 92.06
C ASN J 454 -1.41 -49.74 92.36
N ALA J 455 -2.20 -49.36 91.35
CA ALA J 455 -3.65 -49.30 91.49
C ALA J 455 -4.20 -50.70 91.75
N ASN J 456 -3.73 -51.66 90.96
CA ASN J 456 -4.16 -53.04 91.10
C ASN J 456 -3.86 -53.58 92.50
N LEU J 457 -2.67 -53.26 93.00
CA LEU J 457 -2.26 -53.71 94.32
C LEU J 457 -3.11 -53.04 95.41
N THR J 458 -3.31 -51.74 95.28
CA THR J 458 -4.11 -50.99 96.24
C THR J 458 -5.58 -51.39 96.23
N LYS J 459 -6.12 -51.70 95.04
CA LYS J 459 -7.51 -52.11 94.92
C LYS J 459 -7.84 -53.29 95.84
N MET J 460 -6.86 -54.16 96.06
CA MET J 460 -7.04 -55.31 96.94
C MET J 460 -6.86 -54.90 98.39
N LYS J 461 -6.11 -53.83 98.62
CA LYS J 461 -5.89 -53.32 99.96
C LYS J 461 -7.22 -52.85 100.54
N ASN J 462 -7.96 -52.08 99.75
CA ASN J 462 -9.25 -51.56 100.17
C ASN J 462 -10.20 -52.69 100.47
N THR J 463 -10.02 -53.81 99.77
CA THR J 463 -10.87 -54.97 99.96
C THR J 463 -10.27 -55.89 101.03
N LEU J 464 -8.98 -55.73 101.28
CA LEU J 464 -8.28 -56.55 102.27
C LEU J 464 -8.67 -56.07 103.67
N ILE J 465 -8.57 -54.76 103.87
CA ILE J 465 -8.92 -54.17 105.16
C ILE J 465 -10.43 -54.29 105.35
N SER J 466 -11.17 -54.23 104.24
CA SER J 466 -12.62 -54.35 104.29
C SER J 466 -13.02 -55.77 104.67
N ALA J 467 -12.24 -56.73 104.19
CA ALA J 467 -12.49 -58.15 104.46
C ALA J 467 -12.15 -58.45 105.91
N SER J 468 -11.12 -57.78 106.43
CA SER J 468 -10.71 -57.99 107.81
C SER J 468 -11.74 -57.39 108.76
N GLN J 469 -12.30 -56.25 108.36
CA GLN J 469 -13.31 -55.58 109.19
C GLN J 469 -14.46 -56.52 109.47
N GLN J 470 -14.65 -57.48 108.57
CA GLN J 470 -15.71 -58.46 108.73
C GLN J 470 -15.28 -59.46 109.81
N LEU J 471 -14.00 -59.83 109.77
CA LEU J 471 -13.44 -60.77 110.73
C LEU J 471 -13.56 -60.23 112.15
N LYS J 472 -13.05 -59.02 112.35
CA LYS J 472 -13.10 -58.38 113.66
C LYS J 472 -14.55 -58.19 114.11
N ALA J 473 -15.42 -57.88 113.14
CA ALA J 473 -16.83 -57.66 113.44
C ALA J 473 -17.49 -58.97 113.87
N LYS J 474 -17.03 -60.08 113.29
CA LYS J 474 -17.58 -61.38 113.62
C LYS J 474 -16.98 -61.91 114.92
N LEU J 475 -15.70 -61.65 115.14
CA LEU J 475 -15.02 -62.08 116.36
C LEU J 475 -15.74 -61.52 117.57
N GLU J 476 -16.17 -60.26 117.46
CA GLU J 476 -16.88 -59.59 118.54
C GLU J 476 -18.26 -60.21 118.73
N PHE J 477 -18.93 -60.50 117.62
CA PHE J 477 -20.26 -61.10 117.67
C PHE J 477 -20.12 -62.59 117.94
N PHE J 478 -18.92 -63.01 118.30
CA PHE J 478 -18.61 -64.41 118.60
C PHE J 478 -18.10 -64.53 120.04
N HIS J 479 -17.27 -63.56 120.44
CA HIS J 479 -16.71 -63.56 121.78
C HIS J 479 -17.77 -63.26 122.83
N LYS J 480 -18.85 -62.61 122.40
CA LYS J 480 -19.94 -62.27 123.32
C LYS J 480 -21.06 -63.30 123.18
N SER J 481 -20.80 -64.31 122.37
CA SER J 481 -21.78 -65.37 122.13
C SER J 481 -21.24 -66.70 122.65
N ILE J 482 -19.92 -66.85 122.65
CA ILE J 482 -19.28 -68.07 123.12
C ILE J 482 -19.28 -68.12 124.65
N GLN J 483 -18.95 -66.99 125.28
CA GLN J 483 -18.91 -66.93 126.73
C GLN J 483 -20.31 -66.63 127.26
N LEU J 484 -21.20 -66.21 126.37
CA LEU J 484 -22.58 -65.90 126.74
C LEU J 484 -23.26 -67.18 127.20
N ASP J 485 -22.73 -68.31 126.76
CA ASP J 485 -23.28 -69.62 127.12
C ASP J 485 -22.64 -70.13 128.40
N LEU J 486 -21.38 -69.74 128.63
CA LEU J 486 -20.64 -70.14 129.81
C LEU J 486 -21.31 -69.64 131.10
N GLU J 487 -21.80 -68.42 131.07
CA GLU J 487 -22.46 -67.83 132.24
C GLU J 487 -23.82 -68.48 132.47
N ARG J 488 -24.52 -68.80 131.39
CA ARG J 488 -25.84 -69.42 131.48
C ARG J 488 -25.69 -70.90 131.82
N TYR J 489 -24.46 -71.40 131.76
CA TYR J 489 -24.18 -72.79 132.06
C TYR J 489 -23.73 -72.99 133.51
N SER J 490 -22.79 -72.15 133.95
CA SER J 490 -22.26 -72.22 135.30
C SER J 490 -23.33 -72.07 136.37
N GLU J 491 -24.46 -71.46 136.00
CA GLU J 491 -25.56 -71.26 136.93
C GLU J 491 -26.61 -72.36 136.84
N GLN J 492 -26.28 -73.45 136.15
CA GLN J 492 -27.21 -74.56 136.00
C GLN J 492 -26.51 -75.92 135.95
N MET J 493 -25.28 -75.98 136.45
CA MET J 493 -24.52 -77.22 136.45
C MET J 493 -25.06 -78.23 137.47
N THR J 494 -26.15 -77.88 138.14
CA THR J 494 -26.73 -78.76 139.14
C THR J 494 -28.21 -78.46 139.34
N TYR J 495 -28.87 -78.00 138.28
CA TYR J 495 -30.28 -77.66 138.34
C TYR J 495 -31.00 -78.10 137.06
N GLY J 496 -30.62 -77.49 135.95
CA GLY J 496 -31.23 -77.84 134.68
C GLY J 496 -30.48 -78.96 133.98
N ILE J 497 -29.50 -78.61 133.16
CA ILE J 497 -28.71 -79.59 132.44
C ILE J 497 -27.22 -79.38 132.69
N SER J 498 -26.54 -80.42 133.15
CA SER J 498 -25.12 -80.36 133.43
C SER J 498 -24.37 -81.51 132.79
N SER J 499 -23.74 -81.24 131.65
CA SER J 499 -22.98 -82.26 130.93
C SER J 499 -21.51 -82.15 131.33
N GLU J 500 -20.63 -82.69 130.49
CA GLU J 500 -19.20 -82.64 130.76
C GLU J 500 -18.38 -82.83 129.49
N LYS J 501 -18.98 -83.50 128.50
CA LYS J 501 -18.29 -83.74 127.23
C LYS J 501 -18.15 -82.44 126.42
N MET J 502 -19.13 -81.56 126.56
CA MET J 502 -19.11 -80.29 125.85
C MET J 502 -18.48 -79.19 126.70
N LEU J 503 -18.05 -79.55 127.90
CA LEU J 503 -17.42 -78.59 128.81
C LEU J 503 -16.14 -78.06 128.17
N LYS J 504 -15.49 -78.90 127.37
CA LYS J 504 -14.27 -78.52 126.68
C LYS J 504 -14.55 -78.22 125.21
N ALA J 505 -15.54 -78.91 124.65
CA ALA J 505 -15.92 -78.72 123.24
C ALA J 505 -16.19 -77.25 122.95
N TRP J 506 -16.94 -76.60 123.83
CA TRP J 506 -17.28 -75.19 123.68
C TRP J 506 -16.12 -74.29 124.10
N LYS J 507 -15.41 -74.69 125.15
CA LYS J 507 -14.29 -73.92 125.68
C LYS J 507 -13.20 -73.70 124.63
N GLU J 508 -13.22 -74.51 123.57
CA GLU J 508 -12.23 -74.39 122.50
C GLU J 508 -12.56 -73.28 121.52
N MET J 509 -13.82 -73.19 121.14
CA MET J 509 -14.26 -72.16 120.21
C MET J 509 -13.80 -70.77 120.63
N GLU J 510 -13.91 -70.47 121.92
CA GLU J 510 -13.51 -69.18 122.47
C GLU J 510 -12.03 -68.90 122.25
N GLU J 511 -11.19 -69.91 122.48
CA GLU J 511 -9.75 -69.78 122.31
C GLU J 511 -9.34 -69.75 120.84
N LYS J 512 -10.19 -70.30 119.98
CA LYS J 512 -9.92 -70.35 118.55
C LYS J 512 -9.95 -68.95 117.92
N ALA J 513 -10.98 -68.17 118.24
CA ALA J 513 -11.12 -66.83 117.72
C ALA J 513 -10.01 -65.92 118.22
N ILE J 514 -9.40 -66.31 119.34
CA ILE J 514 -8.32 -65.53 119.93
C ILE J 514 -7.08 -65.55 119.04
N HIS J 515 -6.56 -66.75 118.78
CA HIS J 515 -5.38 -66.91 117.94
C HIS J 515 -5.59 -66.31 116.55
N TYR J 516 -6.84 -66.05 116.21
CA TYR J 516 -7.18 -65.47 114.92
C TYR J 516 -6.78 -64.00 114.87
N ALA J 517 -7.73 -63.15 114.50
CA ALA J 517 -7.49 -61.71 114.41
C ALA J 517 -6.39 -61.37 113.41
N GLU J 518 -6.80 -61.08 112.17
CA GLU J 518 -5.87 -60.73 111.10
C GLU J 518 -6.13 -59.30 110.63
N VAL J 519 -7.09 -58.65 111.26
CA VAL J 519 -7.46 -57.28 110.90
C VAL J 519 -6.30 -56.34 111.21
N GLY J 520 -5.56 -56.66 112.27
CA GLY J 520 -4.43 -55.83 112.66
C GLY J 520 -3.15 -56.29 112.01
N VAL J 521 -3.10 -57.56 111.63
CA VAL J 521 -1.92 -58.12 110.99
C VAL J 521 -1.69 -57.41 109.65
N ILE J 522 -2.69 -56.67 109.20
CA ILE J 522 -2.60 -55.95 107.94
C ILE J 522 -1.58 -54.81 108.07
N GLY J 523 -1.15 -54.56 109.31
CA GLY J 523 -0.17 -53.51 109.55
C GLY J 523 1.08 -53.67 108.72
N TYR J 524 1.63 -54.89 108.69
CA TYR J 524 2.85 -55.17 107.93
C TYR J 524 2.60 -54.88 106.46
N LEU J 525 1.33 -54.72 106.09
CA LEU J 525 0.94 -54.46 104.72
C LEU J 525 0.51 -53.00 104.48
N GLU J 526 -0.48 -52.56 105.26
CA GLU J 526 -0.99 -51.19 105.13
C GLU J 526 0.11 -50.15 105.06
N ASP J 527 0.88 -50.01 106.13
CA ASP J 527 1.97 -49.04 106.19
C ASP J 527 3.15 -49.40 105.28
N GLN J 528 3.02 -50.50 104.55
CA GLN J 528 4.09 -50.92 103.66
C GLN J 528 3.68 -50.74 102.21
N ILE J 529 2.38 -50.87 101.94
CA ILE J 529 1.86 -50.70 100.59
C ILE J 529 1.75 -49.22 100.30
N MET J 530 1.56 -48.43 101.36
CA MET J 530 1.45 -46.98 101.24
C MET J 530 2.84 -46.37 101.16
N SER J 531 3.78 -46.96 101.89
CA SER J 531 5.15 -46.48 101.88
C SER J 531 5.70 -46.64 100.48
N LEU J 532 5.12 -47.58 99.73
CA LEU J 532 5.53 -47.85 98.36
C LEU J 532 4.63 -47.05 97.42
N HIS J 533 3.35 -47.00 97.74
CA HIS J 533 2.36 -46.28 96.95
C HIS J 533 2.79 -44.83 96.77
N ALA J 534 2.99 -44.13 97.89
CA ALA J 534 3.40 -42.74 97.85
C ALA J 534 4.78 -42.63 97.24
N GLU J 535 5.62 -43.65 97.47
CA GLU J 535 6.98 -43.67 96.94
C GLU J 535 6.95 -43.61 95.42
N ILE J 536 6.09 -44.41 94.81
CA ILE J 536 5.95 -44.44 93.37
C ILE J 536 5.53 -43.09 92.82
N MET J 537 4.50 -42.50 93.42
CA MET J 537 4.01 -41.20 92.98
C MET J 537 5.03 -40.11 93.34
N GLU J 538 5.90 -40.43 94.29
CA GLU J 538 6.95 -39.52 94.72
C GLU J 538 8.05 -39.55 93.67
N LEU J 539 8.23 -40.73 93.07
CA LEU J 539 9.23 -40.93 92.02
C LEU J 539 8.64 -40.39 90.71
N GLN J 540 7.36 -40.04 90.76
CA GLN J 540 6.67 -39.51 89.60
C GLN J 540 6.86 -38.00 89.53
N LYS J 541 7.48 -37.44 90.58
CA LYS J 541 7.74 -36.02 90.63
C LYS J 541 9.14 -35.71 90.12
N SER J 542 10.06 -36.65 90.32
CA SER J 542 11.44 -36.48 89.87
C SER J 542 11.46 -36.28 88.36
N PRO J 543 12.51 -35.64 87.84
CA PRO J 543 12.63 -35.40 86.39
C PRO J 543 12.76 -36.70 85.60
N TYR J 544 11.79 -36.95 84.73
CA TYR J 544 11.80 -38.15 83.91
C TYR J 544 13.09 -38.30 83.12
N GLY J 545 13.14 -37.73 81.93
CA GLY J 545 14.32 -37.82 81.10
C GLY J 545 14.27 -36.84 79.94
N ARG J 546 13.09 -36.70 79.35
CA ARG J 546 12.89 -35.79 78.23
C ARG J 546 12.95 -34.35 78.75
N ARG J 547 13.03 -34.22 80.07
CA ARG J 547 13.10 -32.91 80.71
C ARG J 547 14.25 -32.13 80.07
N GLN J 548 15.34 -32.85 79.77
CA GLN J 548 16.52 -32.25 79.16
C GLN J 548 16.58 -32.58 77.68
N GLY J 549 15.59 -33.35 77.20
CA GLY J 549 15.56 -33.72 75.81
C GLY J 549 15.44 -32.49 74.92
N ASP J 550 14.78 -31.46 75.44
CA ASP J 550 14.59 -30.22 74.72
C ASP J 550 15.93 -29.56 74.46
N LEU J 551 16.79 -29.61 75.48
CA LEU J 551 18.13 -29.02 75.38
C LEU J 551 18.87 -29.61 74.18
N MET J 552 18.57 -30.89 73.90
CA MET J 552 19.19 -31.58 72.79
C MET J 552 18.53 -31.17 71.49
N GLU J 553 17.21 -31.00 71.54
CA GLU J 553 16.44 -30.60 70.37
C GLU J 553 16.94 -29.25 69.86
N SER J 554 17.53 -28.48 70.77
CA SER J 554 18.08 -27.17 70.43
C SER J 554 19.29 -27.39 69.55
N LEU J 555 20.09 -28.40 69.90
CA LEU J 555 21.28 -28.74 69.14
C LEU J 555 20.87 -29.14 67.73
N GLU J 556 19.72 -29.80 67.63
CA GLU J 556 19.18 -30.23 66.34
C GLU J 556 18.99 -29.05 65.42
N GLN J 557 18.23 -28.06 65.90
CA GLN J 557 17.94 -26.85 65.14
C GLN J 557 19.24 -26.20 64.68
N ARG J 558 20.27 -26.30 65.51
CA ARG J 558 21.58 -25.73 65.18
C ARG J 558 22.14 -26.34 63.88
N ALA J 559 22.29 -27.66 63.89
CA ALA J 559 22.81 -28.37 62.72
C ALA J 559 22.01 -28.02 61.48
N ILE J 560 20.69 -27.96 61.63
CA ILE J 560 19.78 -27.63 60.54
C ILE J 560 20.16 -26.28 59.92
N ASP J 561 20.42 -25.31 60.79
CA ASP J 561 20.81 -23.98 60.36
C ASP J 561 22.11 -24.01 59.54
N LEU J 562 23.02 -24.91 59.90
CA LEU J 562 24.29 -25.03 59.19
C LEU J 562 24.08 -25.63 57.81
N TYR J 563 23.31 -26.71 57.75
CA TYR J 563 23.02 -27.36 56.48
C TYR J 563 22.21 -26.41 55.60
N LYS J 564 21.48 -25.50 56.26
CA LYS J 564 20.65 -24.52 55.57
C LYS J 564 21.56 -23.46 54.94
N GLN J 565 22.60 -23.05 55.67
CA GLN J 565 23.55 -22.06 55.18
C GLN J 565 24.60 -22.73 54.32
N LEU J 566 24.31 -23.96 53.89
CA LEU J 566 25.23 -24.72 53.06
C LEU J 566 24.72 -24.73 51.62
N LYS J 567 23.40 -24.58 51.46
CA LYS J 567 22.78 -24.57 50.14
C LYS J 567 22.28 -23.18 49.77
N HIS J 568 21.58 -22.55 50.71
CA HIS J 568 21.03 -21.22 50.50
C HIS J 568 22.09 -20.13 50.56
N ARG J 569 23.31 -20.49 50.95
CA ARG J 569 24.39 -19.52 51.03
C ARG J 569 24.74 -19.01 49.62
N PRO J 570 25.32 -17.80 49.53
CA PRO J 570 25.70 -17.20 48.24
C PRO J 570 26.47 -18.12 47.30
N SER J 571 25.73 -18.82 46.43
CA SER J 571 26.32 -19.74 45.46
C SER J 571 27.15 -20.85 46.09
N ASP J 572 27.54 -21.83 45.28
CA ASP J 572 28.34 -22.95 45.75
C ASP J 572 29.31 -23.45 44.68
N HIS J 573 29.46 -24.77 44.60
CA HIS J 573 30.36 -25.41 43.63
C HIS J 573 31.81 -24.97 43.75
N SER J 574 32.22 -24.58 44.96
CA SER J 574 33.58 -24.13 45.20
C SER J 574 33.85 -23.91 46.68
N TYR J 575 32.78 -23.61 47.42
CA TYR J 575 32.89 -23.36 48.85
C TYR J 575 33.74 -24.42 49.53
N SER J 576 34.51 -24.01 50.53
CA SER J 576 35.39 -24.92 51.25
C SER J 576 35.43 -24.57 52.73
N ASP J 577 34.94 -25.48 53.57
CA ASP J 577 34.92 -25.26 55.02
C ASP J 577 34.17 -26.41 55.69
N SER J 578 34.40 -26.61 56.98
CA SER J 578 33.73 -27.68 57.72
C SER J 578 33.95 -27.61 59.23
N THR J 579 34.88 -26.76 59.66
CA THR J 579 35.19 -26.60 61.08
C THR J 579 33.99 -26.21 61.95
N GLU J 580 33.09 -25.40 61.38
CA GLU J 580 31.91 -24.94 62.11
C GLU J 580 31.00 -26.09 62.53
N MET J 581 30.72 -27.00 61.61
CA MET J 581 29.87 -28.14 61.90
C MET J 581 30.34 -28.89 63.14
N VAL J 582 31.66 -28.98 63.32
CA VAL J 582 32.26 -29.67 64.47
C VAL J 582 31.56 -29.26 65.76
N LYS J 583 31.17 -27.98 65.81
CA LYS J 583 30.47 -27.42 66.96
C LYS J 583 29.26 -28.30 67.34
N ILE J 584 28.18 -28.16 66.58
CA ILE J 584 26.95 -28.91 66.82
C ILE J 584 27.21 -30.41 67.03
N ILE J 585 28.14 -30.95 66.26
CA ILE J 585 28.50 -32.36 66.34
C ILE J 585 28.91 -32.81 67.75
N VAL J 586 30.00 -32.23 68.25
CA VAL J 586 30.51 -32.57 69.56
C VAL J 586 29.50 -32.38 70.70
N HIS J 587 28.81 -31.24 70.69
CA HIS J 587 27.83 -30.92 71.73
C HIS J 587 26.73 -31.97 71.85
N THR J 588 26.14 -32.35 70.71
CA THR J 588 25.08 -33.34 70.69
C THR J 588 25.52 -34.67 71.31
N VAL J 589 26.77 -35.04 71.05
CA VAL J 589 27.33 -36.28 71.59
C VAL J 589 27.34 -36.24 73.11
N GLN J 590 27.93 -35.18 73.65
CA GLN J 590 28.03 -35.00 75.10
C GLN J 590 26.65 -35.03 75.75
N SER J 591 25.73 -34.22 75.22
CA SER J 591 24.38 -34.14 75.74
C SER J 591 23.70 -35.51 75.68
N GLN J 592 23.93 -36.23 74.59
CA GLN J 592 23.34 -37.56 74.40
C GLN J 592 23.65 -38.51 75.56
N ASP J 593 24.92 -38.93 75.64
CA ASP J 593 25.37 -39.85 76.68
C ASP J 593 25.06 -39.39 78.10
N ARG J 594 24.88 -38.09 78.30
CA ARG J 594 24.58 -37.57 79.63
C ARG J 594 23.16 -37.94 80.06
N VAL J 595 22.18 -37.45 79.33
CA VAL J 595 20.77 -37.72 79.64
C VAL J 595 20.40 -39.16 79.29
N LEU J 596 21.21 -39.79 78.44
CA LEU J 596 20.97 -41.17 78.03
C LEU J 596 21.00 -42.09 79.24
N LYS J 597 22.19 -42.32 79.78
CA LYS J 597 22.31 -43.18 80.96
C LYS J 597 21.57 -42.57 82.14
N GLU J 598 21.28 -41.28 82.05
CA GLU J 598 20.55 -40.57 83.11
C GLU J 598 19.10 -41.03 83.11
N LEU J 599 18.56 -41.22 81.91
CA LEU J 599 17.19 -41.68 81.75
C LEU J 599 17.04 -43.08 82.37
N PHE J 600 18.02 -43.95 82.11
CA PHE J 600 18.00 -45.30 82.65
C PHE J 600 18.03 -45.28 84.17
N GLY J 601 18.69 -44.28 84.73
CA GLY J 601 18.76 -44.13 86.18
C GLY J 601 17.39 -43.89 86.76
N HIS J 602 16.70 -42.88 86.25
CA HIS J 602 15.35 -42.55 86.71
C HIS J 602 14.37 -43.66 86.35
N LEU J 603 14.86 -44.65 85.61
CA LEU J 603 14.05 -45.79 85.19
C LEU J 603 14.28 -46.96 86.13
N SER J 604 15.51 -47.10 86.60
CA SER J 604 15.88 -48.17 87.52
C SER J 604 14.95 -48.20 88.72
N LYS J 605 14.57 -47.01 89.19
CA LYS J 605 13.67 -46.88 90.34
C LYS J 605 12.27 -47.32 89.95
N LEU J 606 11.80 -46.84 88.80
CA LEU J 606 10.48 -47.18 88.29
C LEU J 606 10.36 -48.69 88.04
N LEU J 607 11.35 -49.24 87.36
CA LEU J 607 11.38 -50.66 87.04
C LEU J 607 11.52 -51.50 88.31
N GLY J 608 12.16 -50.93 89.32
CA GLY J 608 12.34 -51.62 90.59
C GLY J 608 11.10 -51.70 91.45
N CYS J 609 10.28 -50.65 91.42
CA CYS J 609 9.05 -50.60 92.22
C CYS J 609 8.04 -51.65 91.77
N LYS J 610 8.08 -52.03 90.49
CA LYS J 610 7.16 -53.03 89.96
C LYS J 610 7.33 -54.36 90.69
N GLN J 611 8.55 -54.88 90.72
CA GLN J 611 8.84 -56.14 91.40
C GLN J 611 8.47 -56.05 92.87
N LYS J 612 8.55 -54.84 93.42
CA LYS J 612 8.21 -54.61 94.82
C LYS J 612 6.70 -54.76 95.03
N ILE J 613 5.93 -54.36 94.01
CA ILE J 613 4.48 -54.47 94.06
C ILE J 613 4.08 -55.91 93.80
N ILE J 614 4.76 -56.54 92.83
CA ILE J 614 4.50 -57.93 92.46
C ILE J 614 4.97 -58.88 93.56
N ASP J 615 5.87 -58.38 94.41
CA ASP J 615 6.41 -59.19 95.51
C ASP J 615 5.43 -59.17 96.67
N LEU J 616 4.68 -58.08 96.78
CA LEU J 616 3.69 -57.93 97.85
C LEU J 616 2.34 -58.44 97.36
N LEU J 617 2.22 -58.61 96.05
CA LEU J 617 1.00 -59.09 95.43
C LEU J 617 0.56 -60.43 96.05
N PRO J 618 1.48 -61.40 96.16
CA PRO J 618 1.14 -62.70 96.74
C PRO J 618 0.80 -62.62 98.23
N LYS J 619 1.44 -61.68 98.91
CA LYS J 619 1.20 -61.48 100.34
C LYS J 619 -0.24 -61.03 100.58
N VAL J 620 -0.86 -60.48 99.54
CA VAL J 620 -2.25 -60.03 99.63
C VAL J 620 -3.17 -61.24 99.72
N GLU J 621 -2.99 -62.19 98.80
CA GLU J 621 -3.81 -63.39 98.80
C GLU J 621 -3.67 -64.09 100.15
N VAL J 622 -2.49 -63.96 100.75
CA VAL J 622 -2.24 -64.57 102.03
C VAL J 622 -3.18 -63.99 103.07
N ALA J 623 -3.24 -62.65 103.13
CA ALA J 623 -4.11 -61.97 104.07
C ALA J 623 -5.56 -62.33 103.81
N LEU J 624 -5.97 -62.23 102.54
CA LEU J 624 -7.34 -62.54 102.15
C LEU J 624 -7.73 -63.96 102.57
N SER J 625 -6.92 -64.93 102.15
CA SER J 625 -7.18 -66.32 102.47
C SER J 625 -7.23 -66.55 103.99
N ASN J 626 -6.30 -65.96 104.72
CA ASN J 626 -6.26 -66.11 106.17
C ASN J 626 -7.46 -65.47 106.85
N ILE J 627 -7.81 -64.26 106.40
CA ILE J 627 -8.95 -63.54 106.97
C ILE J 627 -10.25 -64.24 106.61
N LYS J 628 -10.32 -64.76 105.38
CA LYS J 628 -11.51 -65.46 104.91
C LYS J 628 -11.58 -66.85 105.53
N GLU J 629 -10.43 -67.36 105.96
CA GLU J 629 -10.35 -68.68 106.57
C GLU J 629 -11.14 -68.64 107.87
N ALA J 630 -10.83 -67.67 108.71
CA ALA J 630 -11.51 -67.51 109.99
C ALA J 630 -12.94 -67.01 109.73
N ASP J 631 -13.08 -66.18 108.71
CA ASP J 631 -14.37 -65.62 108.34
C ASP J 631 -15.36 -66.73 108.03
N ASN J 632 -14.83 -67.87 107.60
CA ASN J 632 -15.66 -69.02 107.26
C ASN J 632 -15.81 -69.94 108.45
N THR J 633 -14.71 -70.21 109.14
CA THR J 633 -14.73 -71.09 110.32
C THR J 633 -15.69 -70.55 111.38
N VAL J 634 -15.38 -69.36 111.89
CA VAL J 634 -16.21 -68.73 112.91
C VAL J 634 -17.65 -68.65 112.44
N MET J 635 -17.84 -68.48 111.13
CA MET J 635 -19.17 -68.38 110.56
C MET J 635 -19.97 -69.65 110.85
N PHE J 636 -19.43 -70.80 110.44
CA PHE J 636 -20.11 -72.07 110.66
C PHE J 636 -19.98 -72.55 112.10
N MET J 637 -19.32 -71.76 112.93
CA MET J 637 -19.16 -72.09 114.34
C MET J 637 -20.47 -71.78 115.05
N GLN J 638 -21.39 -71.16 114.32
CA GLN J 638 -22.70 -70.80 114.84
C GLN J 638 -23.48 -72.06 115.22
N GLY J 639 -23.23 -73.14 114.49
CA GLY J 639 -23.92 -74.39 114.77
C GLY J 639 -23.40 -75.05 116.02
N LYS J 640 -22.08 -74.98 116.23
CA LYS J 640 -21.45 -75.57 117.40
C LYS J 640 -21.75 -74.73 118.63
N ARG J 641 -22.44 -73.61 118.41
CA ARG J 641 -22.79 -72.71 119.50
C ARG J 641 -24.31 -72.59 119.66
N GLN J 642 -25.05 -72.98 118.62
CA GLN J 642 -26.50 -72.95 118.65
C GLN J 642 -27.08 -74.35 118.47
N LYS J 643 -26.78 -74.96 117.33
CA LYS J 643 -27.27 -76.30 117.03
C LYS J 643 -26.92 -77.30 118.12
N GLU J 644 -25.82 -77.06 118.84
CA GLU J 644 -25.41 -77.95 119.92
C GLU J 644 -26.30 -77.79 121.14
N ILE J 645 -27.20 -76.81 121.09
CA ILE J 645 -28.12 -76.57 122.19
C ILE J 645 -29.40 -77.36 121.95
N TRP J 646 -29.79 -77.46 120.69
CA TRP J 646 -30.99 -78.19 120.31
C TRP J 646 -30.73 -79.68 120.39
N HIS J 647 -29.51 -80.08 120.06
CA HIS J 647 -29.12 -81.48 120.09
C HIS J 647 -29.09 -81.90 121.57
N LEU J 648 -28.79 -80.93 122.42
CA LEU J 648 -28.73 -81.16 123.86
C LEU J 648 -29.94 -80.47 124.48
N LEU J 649 -31.12 -80.78 123.95
CA LEU J 649 -32.37 -80.20 124.42
C LEU J 649 -33.41 -81.26 124.78
N LYS J 650 -33.46 -82.32 123.99
CA LYS J 650 -34.43 -83.40 124.22
C LYS J 650 -34.00 -84.35 125.33
N ILE J 651 -33.09 -83.90 126.19
CA ILE J 651 -32.60 -84.72 127.29
C ILE J 651 -33.74 -85.12 128.21
N ALA J 652 -34.76 -84.27 128.29
CA ALA J 652 -35.92 -84.54 129.14
C ALA J 652 -37.21 -84.36 128.36
N CYS J 653 -37.09 -84.11 127.06
CA CYS J 653 -38.24 -83.91 126.20
C CYS J 653 -38.87 -85.27 125.87
N THR J 654 -38.43 -86.30 126.58
CA THR J 654 -38.94 -87.65 126.37
C THR J 654 -39.07 -88.42 127.69
N GLN J 655 -39.21 -87.69 128.79
CA GLN J 655 -39.36 -88.30 130.10
C GLN J 655 -40.83 -88.53 130.44
N ASP K 1 27.76 43.58 58.08
CA ASP K 1 27.03 44.50 59.00
C ASP K 1 27.69 45.88 59.06
N PRO K 2 29.02 45.92 59.24
CA PRO K 2 29.74 47.20 59.31
C PRO K 2 29.84 47.91 57.96
N GLU K 3 28.97 47.54 57.03
CA GLU K 3 28.93 48.14 55.70
C GLU K 3 30.29 48.06 55.01
N PHE K 4 30.91 49.21 54.77
CA PHE K 4 32.22 49.26 54.12
C PHE K 4 32.21 48.55 52.78
N GLY K 5 31.11 48.69 52.04
CA GLY K 5 31.01 48.04 50.75
C GLY K 5 31.73 48.82 49.66
N ALA K 6 32.88 49.40 50.02
CA ALA K 6 33.68 50.18 49.09
C ALA K 6 34.76 49.32 48.44
N GLY K 7 34.33 48.31 47.69
CA GLY K 7 35.27 47.43 47.03
C GLY K 7 35.70 46.28 47.92
N GLY K 8 36.97 45.89 47.79
CA GLY K 8 37.48 44.80 48.60
C GLY K 8 38.87 45.03 49.21
N PRO K 9 39.17 46.26 49.67
CA PRO K 9 40.49 46.52 50.26
C PRO K 9 40.74 45.55 51.43
N TRP K 10 40.39 45.99 52.63
CA TRP K 10 40.56 45.16 53.81
C TRP K 10 39.45 44.12 53.86
N GLU K 11 39.26 43.49 55.02
CA GLU K 11 38.22 42.48 55.18
C GLU K 11 38.23 41.95 56.61
N MET K 12 37.08 42.02 57.28
CA MET K 12 36.99 41.55 58.66
C MET K 12 36.78 40.04 58.76
N ARG K 13 37.45 39.44 59.73
CA ARG K 13 37.36 38.00 59.97
C ARG K 13 36.22 37.72 60.94
N GLU K 14 36.47 37.97 62.22
CA GLU K 14 35.46 37.75 63.26
C GLU K 14 35.31 38.98 64.13
N ARG K 15 34.18 39.07 64.83
CA ARG K 15 33.93 40.20 65.71
C ARG K 15 34.69 40.00 67.02
N LEU K 16 34.35 40.80 68.01
CA LEU K 16 35.00 40.71 69.31
C LEU K 16 33.99 40.60 70.45
N GLY K 17 34.48 40.72 71.68
CA GLY K 17 33.63 40.62 72.85
C GLY K 17 32.72 41.80 73.08
N THR K 18 32.75 42.35 74.29
CA THR K 18 31.92 43.48 74.67
C THR K 18 32.16 44.70 73.79
N GLY K 19 31.42 45.77 74.06
CA GLY K 19 31.56 46.99 73.29
C GLY K 19 30.22 47.60 72.96
N GLY K 20 29.36 46.82 72.33
CA GLY K 20 28.04 47.31 71.96
C GLY K 20 27.55 46.70 70.66
N PHE K 21 26.46 47.25 70.13
CA PHE K 21 25.87 46.76 68.89
C PHE K 21 26.92 46.67 67.80
N GLY K 22 27.36 45.46 67.50
CA GLY K 22 28.37 45.27 66.46
C GLY K 22 29.61 46.09 66.75
N ASN K 23 30.25 45.81 67.87
CA ASN K 23 31.46 46.52 68.26
C ASN K 23 32.65 46.24 67.33
N VAL K 24 33.84 46.23 67.89
CA VAL K 24 35.06 46.00 67.12
C VAL K 24 35.03 44.67 66.37
N CYS K 25 35.74 44.63 65.26
CA CYS K 25 35.80 43.42 64.44
C CYS K 25 37.23 43.21 63.96
N LEU K 26 37.65 41.95 63.92
CA LEU K 26 38.99 41.62 63.48
C LEU K 26 39.16 41.97 62.00
N TYR K 27 39.72 43.14 61.73
CA TYR K 27 39.92 43.58 60.37
C TYR K 27 41.29 43.24 59.81
N GLN K 28 41.32 42.29 58.87
CA GLN K 28 42.56 41.86 58.22
C GLN K 28 42.57 42.34 56.79
N HIS K 29 43.77 42.60 56.26
CA HIS K 29 43.89 43.06 54.89
C HIS K 29 44.23 41.91 53.96
N ARG K 30 43.28 41.52 53.13
CA ARG K 30 43.48 40.43 52.19
C ARG K 30 44.76 40.63 51.36
N GLU K 31 45.08 41.89 51.10
CA GLU K 31 46.26 42.24 50.32
C GLU K 31 47.52 42.27 51.18
N LEU K 32 47.57 43.21 52.12
CA LEU K 32 48.70 43.34 53.01
C LEU K 32 48.73 42.27 54.09
N ASP K 33 49.38 42.57 55.21
CA ASP K 33 49.47 41.62 56.31
C ASP K 33 48.95 42.20 57.61
N LEU K 34 48.49 43.44 57.56
CA LEU K 34 47.95 44.09 58.76
C LEU K 34 46.58 43.54 59.13
N LYS K 35 46.40 43.24 60.41
CA LYS K 35 45.13 42.69 60.89
C LYS K 35 44.56 43.51 62.05
N ILE K 36 44.93 44.79 62.10
CA ILE K 36 44.46 45.67 63.16
C ILE K 36 42.94 45.75 63.14
N ALA K 37 42.34 45.60 64.32
CA ALA K 37 40.89 45.65 64.45
C ALA K 37 40.40 47.07 64.73
N ILE K 38 39.22 47.38 64.21
CA ILE K 38 38.61 48.69 64.42
C ILE K 38 37.19 48.52 64.96
N LYS K 39 36.76 49.47 65.78
CA LYS K 39 35.42 49.40 66.37
C LYS K 39 34.37 49.99 65.45
N SER K 40 33.23 49.30 65.38
CA SER K 40 32.13 49.75 64.54
C SER K 40 31.06 50.40 65.39
N CYS K 41 30.56 51.54 64.93
CA CYS K 41 29.53 52.29 65.65
C CYS K 41 28.21 51.55 65.65
N ARG K 42 27.45 51.69 66.73
CA ARG K 42 26.15 51.02 66.84
C ARG K 42 25.20 51.61 65.81
N LEU K 43 23.91 51.44 66.03
CA LEU K 43 22.92 51.97 65.11
C LEU K 43 22.93 53.49 65.13
N GLU K 44 21.76 54.10 65.27
CA GLU K 44 21.66 55.56 65.30
C GLU K 44 21.96 56.11 66.69
N LEU K 45 23.24 56.29 66.98
CA LEU K 45 23.64 56.82 68.28
C LEU K 45 22.97 58.16 68.53
N SER K 46 22.43 58.31 69.74
CA SER K 46 21.74 59.54 70.11
C SER K 46 22.66 60.76 69.92
N THR K 47 22.05 61.90 69.65
CA THR K 47 22.81 63.14 69.45
C THR K 47 23.70 63.41 70.66
N LYS K 48 23.17 63.18 71.86
CA LYS K 48 23.92 63.42 73.09
C LYS K 48 25.00 62.36 73.27
N ASN K 49 24.73 61.15 72.78
CA ASN K 49 25.67 60.05 72.88
C ASN K 49 26.79 60.20 71.86
N ARG K 50 26.54 61.01 70.84
CA ARG K 50 27.52 61.23 69.78
C ARG K 50 28.83 61.78 70.33
N GLU K 51 28.74 62.64 71.34
CA GLU K 51 29.92 63.24 71.94
C GLU K 51 30.69 62.21 72.77
N ARG K 52 29.99 61.15 73.18
CA ARG K 52 30.59 60.11 73.99
C ARG K 52 31.57 59.28 73.15
N TRP K 53 31.15 58.95 71.93
CA TRP K 53 31.97 58.16 71.05
C TRP K 53 33.21 58.93 70.61
N CYS K 54 33.01 60.17 70.16
CA CYS K 54 34.12 61.01 69.71
C CYS K 54 35.05 61.25 70.88
N HIS K 55 34.54 61.02 72.09
CA HIS K 55 35.31 61.22 73.31
C HIS K 55 36.28 60.06 73.53
N GLU K 56 35.78 58.85 73.37
CA GLU K 56 36.60 57.66 73.57
C GLU K 56 37.83 57.68 72.68
N ILE K 57 37.61 57.89 71.38
CA ILE K 57 38.70 57.93 70.44
C ILE K 57 39.71 59.00 70.83
N GLN K 58 39.22 60.05 71.46
CA GLN K 58 40.06 61.16 71.89
C GLN K 58 41.10 60.69 72.90
N ILE K 59 40.62 60.28 74.07
CA ILE K 59 41.50 59.82 75.13
C ILE K 59 42.23 58.53 74.75
N MET K 60 41.65 57.76 73.84
CA MET K 60 42.27 56.52 73.40
C MET K 60 43.58 56.79 72.69
N LYS K 61 43.62 57.84 71.90
CA LYS K 61 44.83 58.19 71.17
C LYS K 61 45.87 58.78 72.13
N LYS K 62 45.40 59.15 73.32
CA LYS K 62 46.28 59.73 74.33
C LYS K 62 47.09 58.61 74.99
N LEU K 63 46.53 57.41 74.99
CA LEU K 63 47.19 56.26 75.59
C LEU K 63 48.17 55.65 74.62
N ASN K 64 49.44 55.56 75.04
CA ASN K 64 50.48 55.01 74.20
C ASN K 64 51.31 53.96 74.91
N HIS K 65 50.86 53.55 76.10
CA HIS K 65 51.56 52.55 76.87
C HIS K 65 51.46 51.21 76.15
N ALA K 66 52.59 50.71 75.66
CA ALA K 66 52.62 49.44 74.95
C ALA K 66 52.04 48.31 75.79
N ASN K 67 51.80 48.58 77.07
CA ASN K 67 51.25 47.57 77.96
C ASN K 67 49.75 47.79 78.19
N VAL K 68 49.05 48.11 77.11
CA VAL K 68 47.61 48.35 77.15
C VAL K 68 47.11 48.54 75.73
N VAL K 69 45.79 48.62 75.57
CA VAL K 69 45.18 48.80 74.25
C VAL K 69 45.78 50.01 73.53
N LYS K 70 46.57 49.73 72.50
CA LYS K 70 47.20 50.79 71.71
C LYS K 70 46.40 51.01 70.42
N ALA K 71 45.66 52.12 70.38
CA ALA K 71 44.85 52.45 69.23
C ALA K 71 45.68 52.92 68.04
N CYS K 72 45.47 52.28 66.89
CA CYS K 72 46.20 52.64 65.67
C CYS K 72 45.53 53.84 65.00
N ASP K 73 44.96 53.62 63.83
CA ASP K 73 44.28 54.70 63.11
C ASP K 73 43.46 54.15 61.94
N VAL K 74 42.39 54.86 61.60
CA VAL K 74 41.51 54.47 60.51
C VAL K 74 42.28 54.38 59.19
N PRO K 75 42.18 53.23 58.50
CA PRO K 75 42.88 53.01 57.23
C PRO K 75 42.35 53.87 56.08
N GLU K 76 42.55 53.38 54.86
CA GLU K 76 42.13 54.09 53.66
C GLU K 76 40.61 54.30 53.65
N GLU K 77 39.92 53.54 54.49
CA GLU K 77 38.47 53.64 54.60
C GLU K 77 38.05 54.10 55.98
N LEU K 78 37.81 55.40 56.12
CA LEU K 78 37.38 55.97 57.39
C LEU K 78 35.86 56.01 57.47
N ASN K 79 35.25 56.79 56.58
CA ASN K 79 33.80 56.92 56.55
C ASN K 79 33.27 57.27 57.95
N ILE K 80 32.02 56.94 58.21
CA ILE K 80 31.42 57.22 59.51
C ILE K 80 30.48 56.14 60.01
N LEU K 81 30.39 55.03 59.27
CA LEU K 81 29.52 53.92 59.65
C LEU K 81 28.09 54.41 59.84
N ILE K 82 27.38 53.78 60.77
CA ILE K 82 26.00 54.15 61.06
C ILE K 82 25.94 55.49 61.77
N HIS K 83 25.24 56.45 61.15
CA HIS K 83 25.09 57.79 61.69
C HIS K 83 26.43 58.51 61.73
N ASP K 84 26.38 59.84 61.69
CA ASP K 84 27.59 60.66 61.72
C ASP K 84 28.45 60.39 62.94
N VAL K 85 29.49 59.57 62.78
CA VAL K 85 30.41 59.23 63.85
C VAL K 85 31.58 58.39 63.33
N PRO K 86 32.81 58.77 63.70
CA PRO K 86 34.05 58.09 63.30
C PRO K 86 34.25 56.66 63.81
N LEU K 87 35.42 56.11 63.54
CA LEU K 87 35.78 54.76 63.97
C LEU K 87 36.89 54.75 65.02
N LEU K 88 37.26 53.55 65.46
CA LEU K 88 38.29 53.40 66.48
C LEU K 88 39.24 52.25 66.13
N ALA K 89 40.34 52.57 65.46
CA ALA K 89 41.31 51.56 65.09
C ALA K 89 42.22 51.27 66.28
N MET K 90 42.70 50.03 66.37
CA MET K 90 43.57 49.65 67.47
C MET K 90 44.29 48.33 67.23
N GLU K 91 45.40 48.11 67.93
CA GLU K 91 46.19 46.90 67.78
C GLU K 91 45.38 45.66 68.11
N TYR K 92 45.64 44.58 67.36
CA TYR K 92 44.95 43.33 67.58
C TYR K 92 45.84 42.31 68.28
N CYS K 93 45.22 41.44 69.07
CA CYS K 93 45.95 40.41 69.79
C CYS K 93 45.22 39.08 69.70
N SER K 94 45.87 38.09 69.07
CA SER K 94 45.27 36.78 68.90
C SER K 94 45.37 35.95 70.17
N GLY K 95 46.06 36.48 71.18
CA GLY K 95 46.23 35.76 72.43
C GLY K 95 44.92 35.58 73.18
N GLY K 96 43.84 36.07 72.59
CA GLY K 96 42.54 35.96 73.22
C GLY K 96 42.46 36.73 74.54
N ASP K 97 41.27 36.79 75.11
CA ASP K 97 41.06 37.50 76.36
C ASP K 97 41.65 36.73 77.53
N LEU K 98 41.54 37.30 78.72
CA LEU K 98 42.07 36.65 79.93
C LEU K 98 41.19 35.48 80.34
N ARG K 99 39.88 35.60 80.09
CA ARG K 99 38.94 34.55 80.44
C ARG K 99 39.33 33.23 79.82
N LYS K 100 40.07 33.29 78.72
CA LYS K 100 40.53 32.09 78.05
C LYS K 100 41.48 31.33 78.96
N LEU K 101 42.57 31.99 79.34
CA LEU K 101 43.59 31.40 80.20
C LEU K 101 42.99 30.97 81.54
N LEU K 102 41.93 31.67 81.95
CA LEU K 102 41.29 31.36 83.21
C LEU K 102 40.44 30.10 83.12
N ASN K 103 39.74 29.93 82.00
CA ASN K 103 38.88 28.76 81.80
C ASN K 103 39.67 27.51 81.45
N LYS K 104 40.96 27.68 81.16
CA LYS K 104 41.79 26.54 80.82
C LYS K 104 41.80 25.52 81.94
N PRO K 105 41.40 24.27 81.63
CA PRO K 105 41.37 23.19 82.61
C PRO K 105 42.71 23.03 83.34
N GLU K 106 43.80 23.22 82.62
CA GLU K 106 45.14 23.10 83.20
C GLU K 106 45.30 24.06 84.37
N ASN K 107 44.54 25.15 84.32
CA ASN K 107 44.59 26.15 85.39
C ASN K 107 43.21 26.30 86.01
N CYS K 108 42.41 25.24 85.95
CA CYS K 108 41.06 25.24 86.50
C CYS K 108 41.02 25.76 87.93
N CYS K 109 42.14 25.62 88.63
CA CYS K 109 42.26 26.08 90.01
C CYS K 109 43.59 26.79 90.23
N GLY K 110 43.64 28.07 89.84
CA GLY K 110 44.85 28.86 90.00
C GLY K 110 45.83 28.63 88.88
N LEU K 111 46.31 29.71 88.28
CA LEU K 111 47.27 29.63 87.17
C LEU K 111 48.67 29.37 87.71
N LYS K 112 49.64 29.19 86.80
CA LYS K 112 51.03 28.96 87.19
C LYS K 112 51.67 30.24 87.71
N GLU K 113 52.57 30.10 88.68
CA GLU K 113 53.25 31.24 89.26
C GLU K 113 53.76 32.20 88.20
N SER K 114 54.31 31.64 87.13
CA SER K 114 54.84 32.45 86.04
C SER K 114 53.78 33.41 85.50
N GLN K 115 52.71 32.84 84.98
CA GLN K 115 51.62 33.63 84.42
C GLN K 115 51.05 34.61 85.44
N ILE K 116 50.91 34.15 86.67
CA ILE K 116 50.37 34.98 87.74
C ILE K 116 51.10 36.30 87.84
N LEU K 117 52.34 36.23 88.32
CA LEU K 117 53.13 37.44 88.48
C LEU K 117 53.27 38.18 87.17
N SER K 118 53.25 37.44 86.07
CA SER K 118 53.39 38.04 84.75
C SER K 118 52.20 38.92 84.44
N LEU K 119 51.17 38.82 85.26
CA LEU K 119 49.96 39.61 85.06
C LEU K 119 50.02 40.87 85.92
N LEU K 120 50.68 40.76 87.06
CA LEU K 120 50.82 41.90 87.95
C LEU K 120 51.75 42.94 87.31
N SER K 121 52.91 42.47 86.85
CA SER K 121 53.91 43.35 86.23
C SER K 121 53.36 43.97 84.97
N ASP K 122 52.31 43.36 84.42
CA ASP K 122 51.67 43.85 83.21
C ASP K 122 50.48 44.75 83.53
N ILE K 123 49.39 44.14 83.97
CA ILE K 123 48.17 44.89 84.29
C ILE K 123 48.43 45.92 85.36
N GLY K 124 49.32 45.59 86.28
CA GLY K 124 49.65 46.51 87.35
C GLY K 124 50.31 47.76 86.82
N SER K 125 51.06 47.64 85.73
CA SER K 125 51.75 48.79 85.14
C SER K 125 50.79 49.59 84.29
N GLY K 126 49.98 48.90 83.49
CA GLY K 126 49.04 49.56 82.64
C GLY K 126 47.95 50.26 83.44
N ILE K 127 47.47 49.58 84.48
CA ILE K 127 46.42 50.15 85.32
C ILE K 127 46.95 51.41 85.99
N ARG K 128 48.26 51.45 86.19
CA ARG K 128 48.88 52.60 86.83
C ARG K 128 49.00 53.72 85.82
N TYR K 129 49.37 53.36 84.60
CA TYR K 129 49.52 54.34 83.53
C TYR K 129 48.24 55.14 83.34
N LEU K 130 47.13 54.43 83.26
CA LEU K 130 45.84 55.08 83.07
C LEU K 130 45.60 56.10 84.17
N HIS K 131 46.12 55.80 85.36
CA HIS K 131 45.96 56.70 86.50
C HIS K 131 46.88 57.90 86.38
N GLU K 132 47.83 57.82 85.45
CA GLU K 132 48.77 58.90 85.23
C GLU K 132 48.26 59.83 84.15
N ASN K 133 47.00 59.64 83.77
CA ASN K 133 46.37 60.47 82.75
C ASN K 133 44.96 60.80 83.19
N LYS K 134 44.72 60.69 84.49
CA LYS K 134 43.41 60.95 85.06
C LYS K 134 42.32 60.10 84.43
N ILE K 135 42.74 58.99 83.82
CA ILE K 135 41.81 58.07 83.18
C ILE K 135 41.59 56.87 84.09
N ILE K 136 40.38 56.72 84.59
CA ILE K 136 40.05 55.62 85.48
C ILE K 136 39.08 54.61 84.87
N HIS K 137 39.55 53.37 84.70
CA HIS K 137 38.75 52.31 84.12
C HIS K 137 38.30 51.36 85.22
N ARG K 138 37.07 51.54 85.67
CA ARG K 138 36.54 50.73 86.75
C ARG K 138 36.04 49.37 86.27
N ASP K 139 35.55 49.32 85.04
CA ASP K 139 35.03 48.07 84.50
C ASP K 139 36.18 47.13 84.13
N LEU K 140 37.21 47.10 84.95
CA LEU K 140 38.35 46.24 84.70
C LEU K 140 38.03 44.79 84.98
N LYS K 141 37.24 44.18 84.11
CA LYS K 141 36.87 42.78 84.25
C LYS K 141 37.72 41.89 83.35
N PRO K 142 37.98 40.64 83.76
CA PRO K 142 38.79 39.67 83.01
C PRO K 142 38.51 39.66 81.51
N GLU K 143 37.25 39.76 81.12
CA GLU K 143 36.87 39.74 79.71
C GLU K 143 37.26 41.03 78.99
N ASN K 144 38.18 41.78 79.60
CA ASN K 144 38.66 43.03 79.02
C ASN K 144 40.19 43.11 79.05
N ILE K 145 40.83 41.96 79.20
CA ILE K 145 42.28 41.90 79.23
C ILE K 145 42.79 40.97 78.14
N VAL K 146 43.09 41.54 76.99
CA VAL K 146 43.58 40.77 75.86
C VAL K 146 45.01 40.31 76.07
N LEU K 147 45.39 39.25 75.37
CA LEU K 147 46.73 38.70 75.44
C LEU K 147 47.40 38.67 74.06
N GLN K 148 48.72 38.73 74.05
CA GLN K 148 49.47 38.71 72.80
C GLN K 148 50.85 38.06 72.99
N ASP K 149 51.30 37.33 71.97
CA ASP K 149 52.58 36.65 72.03
C ASP K 149 53.66 37.55 71.47
N VAL K 150 53.80 38.74 72.05
CA VAL K 150 54.79 39.70 71.60
C VAL K 150 56.19 39.12 71.76
N GLY K 151 56.72 38.56 70.67
CA GLY K 151 58.04 37.98 70.72
C GLY K 151 58.02 36.52 71.13
N GLY K 152 57.85 36.27 72.42
CA GLY K 152 57.82 34.91 72.90
C GLY K 152 56.99 34.75 74.15
N LYS K 153 57.01 35.75 75.02
CA LYS K 153 56.26 35.70 76.26
C LYS K 153 54.88 36.32 76.08
N ILE K 154 53.95 35.94 76.95
CA ILE K 154 52.59 36.47 76.91
C ILE K 154 52.53 37.89 77.47
N ILE K 155 51.93 38.79 76.72
CA ILE K 155 51.82 40.19 77.15
C ILE K 155 50.38 40.57 77.40
N HIS K 156 50.05 40.81 78.67
CA HIS K 156 48.70 41.18 79.04
C HIS K 156 48.48 42.66 78.74
N LYS K 157 47.29 43.01 78.24
CA LYS K 157 46.97 44.39 77.92
C LYS K 157 45.52 44.73 78.21
N ILE K 158 45.29 45.85 78.88
CA ILE K 158 43.94 46.29 79.20
C ILE K 158 43.33 46.76 77.90
N ILE K 159 42.00 46.80 77.83
CA ILE K 159 41.36 47.23 76.60
C ILE K 159 39.93 47.71 76.81
N ASP K 160 39.42 48.50 75.86
CA ASP K 160 38.06 49.04 75.93
C ASP K 160 37.87 49.97 77.12
N LEU K 161 37.59 51.23 76.83
CA LEU K 161 37.40 52.22 77.88
C LEU K 161 36.08 52.94 77.68
N GLY K 162 35.24 52.40 76.80
CA GLY K 162 33.96 53.02 76.52
C GLY K 162 33.06 53.05 77.75
N TYR K 163 33.50 52.37 78.79
CA TYR K 163 32.75 52.29 80.04
C TYR K 163 33.53 52.98 81.16
N ALA K 164 34.83 53.09 80.97
CA ALA K 164 35.68 53.71 81.98
C ALA K 164 35.25 55.14 82.24
N LYS K 165 35.96 55.81 83.14
CA LYS K 165 35.67 57.20 83.49
C LYS K 165 36.94 58.05 83.44
N ASP K 166 36.77 59.35 83.19
CA ASP K 166 37.90 60.27 83.10
C ASP K 166 37.61 61.47 83.99
N VAL K 167 37.98 62.66 83.50
CA VAL K 167 37.75 63.89 84.24
C VAL K 167 37.86 65.08 83.30
N ASP K 168 38.22 64.79 82.05
CA ASP K 168 38.37 65.81 81.02
C ASP K 168 37.02 66.11 80.35
N GLN K 169 37.06 66.33 79.04
CA GLN K 169 35.85 66.64 78.27
C GLN K 169 34.80 65.55 78.44
N GLY K 170 33.69 65.88 79.10
CA GLY K 170 32.62 64.91 79.31
C GLY K 170 33.12 63.67 80.03
N GLU K 171 33.27 63.76 81.34
CA GLU K 171 33.74 62.64 82.15
C GLU K 171 32.84 61.42 82.04
N LEU K 172 33.28 60.31 82.63
CA LEU K 172 32.53 59.05 82.62
C LEU K 172 32.17 58.63 81.19
N CYS K 173 31.27 57.66 81.09
CA CYS K 173 30.82 57.15 79.81
C CYS K 173 29.40 56.61 79.93
N THR K 174 29.16 55.84 80.99
CA THR K 174 27.85 55.27 81.27
C THR K 174 27.80 54.89 82.74
N GLU K 175 27.38 53.67 83.05
CA GLU K 175 27.33 53.23 84.44
C GLU K 175 27.24 51.70 84.55
N PHE K 176 26.03 51.18 84.51
CA PHE K 176 25.83 49.74 84.64
C PHE K 176 26.38 49.01 83.41
N VAL K 177 26.92 47.82 83.63
CA VAL K 177 27.49 47.02 82.56
C VAL K 177 26.67 45.74 82.33
N GLY K 178 27.35 44.63 82.08
CA GLY K 178 26.64 43.37 81.87
C GLY K 178 27.27 42.24 82.68
N THR K 179 26.45 41.55 83.46
CA THR K 179 26.92 40.44 84.29
C THR K 179 28.09 40.90 85.16
N LEU K 180 27.76 41.67 86.19
CA LEU K 180 28.78 42.20 87.07
C LEU K 180 29.26 41.13 88.02
N GLN K 181 30.41 41.38 88.64
CA GLN K 181 31.03 40.45 89.59
C GLN K 181 32.44 40.94 89.90
N TYR K 182 33.00 41.71 88.98
CA TYR K 182 34.35 42.22 89.14
C TYR K 182 34.36 43.75 89.08
N LEU K 183 33.93 44.37 90.17
CA LEU K 183 33.90 45.81 90.28
C LEU K 183 33.69 46.24 91.72
N ALA K 184 34.37 47.30 92.13
CA ALA K 184 34.26 47.82 93.50
C ALA K 184 32.80 48.10 93.84
N PRO K 185 32.43 47.95 95.11
CA PRO K 185 31.06 48.20 95.57
C PRO K 185 30.67 49.67 95.54
N GLU K 186 31.47 50.48 94.86
CA GLU K 186 31.18 51.90 94.77
C GLU K 186 30.02 52.19 93.82
N LEU K 187 30.16 51.76 92.57
CA LEU K 187 29.13 52.00 91.58
C LEU K 187 27.82 51.27 91.90
N PHE K 188 27.82 50.49 92.96
CA PHE K 188 26.63 49.75 93.34
C PHE K 188 25.67 50.63 94.13
N GLU K 189 26.12 51.83 94.46
CA GLU K 189 25.29 52.76 95.23
C GLU K 189 25.14 54.06 94.47
N ASN K 190 25.84 54.17 93.34
CA ASN K 190 25.80 55.37 92.52
C ASN K 190 26.19 56.61 93.32
N LYS K 191 26.77 56.36 94.50
CA LYS K 191 27.22 57.44 95.37
C LYS K 191 28.59 57.94 94.94
N PRO K 192 29.06 59.07 95.50
CA PRO K 192 30.37 59.63 95.15
C PRO K 192 31.48 58.59 95.19
N TYR K 193 31.89 58.13 94.00
CA TYR K 193 32.94 57.13 93.88
C TYR K 193 34.33 57.76 94.04
N THR K 194 35.36 56.93 93.88
CA THR K 194 36.73 57.40 94.01
C THR K 194 37.58 56.89 92.87
N ALA K 195 38.90 57.02 93.02
CA ALA K 195 39.83 56.57 92.00
C ALA K 195 40.38 55.20 92.33
N THR K 196 40.06 54.71 93.53
CA THR K 196 40.54 53.42 93.98
C THR K 196 39.67 52.31 93.44
N VAL K 197 38.55 52.69 92.83
CA VAL K 197 37.63 51.71 92.28
C VAL K 197 38.35 50.70 91.38
N ASP K 198 39.43 51.12 90.75
CA ASP K 198 40.18 50.25 89.87
C ASP K 198 40.98 49.22 90.65
N TYR K 199 41.52 49.64 91.79
CA TYR K 199 42.31 48.75 92.62
C TYR K 199 41.57 47.48 92.96
N TRP K 200 40.27 47.59 93.16
CA TRP K 200 39.45 46.44 93.49
C TRP K 200 39.37 45.48 92.32
N SER K 201 39.03 46.02 91.16
CA SER K 201 38.89 45.19 89.97
C SER K 201 40.16 44.41 89.73
N PHE K 202 41.29 45.08 89.87
CA PHE K 202 42.57 44.43 89.64
C PHE K 202 42.85 43.40 90.69
N GLY K 203 42.58 43.75 91.93
CA GLY K 203 42.83 42.81 93.01
C GLY K 203 42.03 41.53 92.89
N THR K 204 40.74 41.67 92.67
CA THR K 204 39.86 40.52 92.56
C THR K 204 40.39 39.53 91.54
N MET K 205 40.83 40.03 90.40
CA MET K 205 41.33 39.16 89.34
C MET K 205 42.60 38.46 89.77
N VAL K 206 43.50 39.22 90.37
CA VAL K 206 44.76 38.66 90.82
C VAL K 206 44.51 37.46 91.71
N PHE K 207 43.50 37.57 92.55
CA PHE K 207 43.15 36.49 93.45
C PHE K 207 42.71 35.28 92.63
N GLU K 208 41.77 35.50 91.73
CA GLU K 208 41.27 34.42 90.89
C GLU K 208 42.38 33.77 90.06
N CYS K 209 43.39 34.55 89.71
CA CYS K 209 44.49 34.02 88.92
C CYS K 209 45.39 33.16 89.76
N ILE K 210 44.94 32.85 90.97
CA ILE K 210 45.72 32.04 91.87
C ILE K 210 44.83 30.93 92.43
N ALA K 211 43.56 31.24 92.65
CA ALA K 211 42.62 30.29 93.20
C ALA K 211 41.80 29.66 92.09
N GLY K 212 41.35 30.49 91.17
CA GLY K 212 40.57 30.01 90.06
C GLY K 212 39.12 30.43 90.12
N TYR K 213 38.80 31.27 91.11
CA TYR K 213 37.44 31.75 91.30
C TYR K 213 37.41 33.09 92.00
N ARG K 214 36.20 33.66 92.07
CA ARG K 214 35.96 34.95 92.71
C ARG K 214 36.75 35.15 94.00
N PRO K 215 36.98 36.42 94.39
CA PRO K 215 37.72 36.77 95.60
C PRO K 215 36.90 36.55 96.88
N PHE K 216 35.60 36.33 96.72
CA PHE K 216 34.74 36.10 97.87
C PHE K 216 33.72 34.99 97.58
N LEU K 217 32.46 35.22 97.95
CA LEU K 217 31.41 34.24 97.73
C LEU K 217 31.28 33.91 96.24
N HIS K 218 32.10 32.99 95.77
CA HIS K 218 32.11 32.58 94.38
C HIS K 218 30.74 32.06 93.92
N HIS K 219 30.58 31.96 92.62
CA HIS K 219 29.34 31.46 92.04
C HIS K 219 28.07 31.98 92.71
N LEU K 220 28.07 33.27 93.03
CA LEU K 220 26.91 33.92 93.63
C LEU K 220 26.71 35.32 93.06
N GLN K 221 25.47 35.62 92.66
CA GLN K 221 25.13 36.92 92.08
C GLN K 221 25.61 38.07 92.96
N PRO K 222 26.14 39.13 92.35
CA PRO K 222 26.63 40.30 93.10
C PRO K 222 25.58 40.93 93.99
N PHE K 223 24.33 40.94 93.51
CA PHE K 223 23.24 41.54 94.27
C PHE K 223 23.28 41.07 95.72
N THR K 224 23.24 39.76 95.91
CA THR K 224 23.28 39.17 97.25
C THR K 224 24.70 38.79 97.63
N TRP K 225 25.65 39.15 96.77
CA TRP K 225 27.06 38.84 97.02
C TRP K 225 27.63 39.76 98.09
N HIS K 226 27.25 41.03 98.05
CA HIS K 226 27.72 42.02 99.01
C HIS K 226 26.99 41.92 100.33
N GLU K 227 25.73 41.48 100.27
CA GLU K 227 24.92 41.33 101.47
C GLU K 227 25.64 40.54 102.56
N LYS K 228 26.53 39.65 102.14
CA LYS K 228 27.28 38.82 103.08
C LYS K 228 28.70 39.36 103.30
N ILE K 229 29.21 40.10 102.33
CA ILE K 229 30.55 40.65 102.42
C ILE K 229 30.53 42.10 102.89
N LYS K 230 29.34 42.59 103.22
CA LYS K 230 29.18 43.96 103.68
C LYS K 230 30.04 44.20 104.93
N LYS K 231 30.27 43.15 105.70
CA LYS K 231 31.08 43.24 106.91
C LYS K 231 32.56 43.22 106.55
N LYS K 232 32.91 42.43 105.55
CA LYS K 232 34.30 42.31 105.08
C LYS K 232 35.28 42.39 106.25
N ASP K 233 35.57 41.23 106.83
CA ASP K 233 36.48 41.16 107.96
C ASP K 233 37.73 42.00 107.71
N PRO K 234 38.43 42.39 108.78
CA PRO K 234 39.64 43.20 108.65
C PRO K 234 40.69 42.59 107.74
N LYS K 235 40.82 43.15 106.54
CA LYS K 235 41.78 42.68 105.56
C LYS K 235 41.44 41.27 105.05
N CYS K 236 40.16 41.02 104.82
CA CYS K 236 39.71 39.73 104.33
C CYS K 236 39.82 39.64 102.82
N ILE K 237 40.25 38.48 102.32
CA ILE K 237 40.41 38.28 100.88
C ILE K 237 39.80 36.98 100.39
N PHE K 238 38.89 36.43 101.18
CA PHE K 238 38.24 35.18 100.82
C PHE K 238 37.03 34.90 101.67
N ALA K 239 36.03 34.25 101.09
CA ALA K 239 34.81 33.92 101.80
C ALA K 239 33.90 33.03 100.95
N CYS K 240 34.06 31.72 101.12
CA CYS K 240 33.26 30.77 100.36
C CYS K 240 32.09 30.27 101.22
N GLU K 241 31.38 29.27 100.71
CA GLU K 241 30.25 28.70 101.42
C GLU K 241 30.50 27.23 101.73
N GLU K 242 30.50 26.90 103.02
CA GLU K 242 30.73 25.54 103.48
C GLU K 242 29.74 24.57 102.83
N MET K 243 30.08 23.30 102.87
CA MET K 243 29.24 22.25 102.30
C MET K 243 27.82 22.36 102.84
N SER K 244 27.70 22.82 104.08
CA SER K 244 26.40 22.96 104.72
C SER K 244 25.81 24.32 104.42
N GLY K 245 26.18 24.88 103.28
CA GLY K 245 25.66 26.17 102.88
C GLY K 245 26.13 27.32 103.75
N GLU K 246 26.80 26.99 104.85
CA GLU K 246 27.31 28.01 105.76
C GLU K 246 28.27 28.98 105.06
N VAL K 247 28.61 30.06 105.75
CA VAL K 247 29.52 31.06 105.19
C VAL K 247 30.74 31.22 106.09
N ARG K 248 31.93 31.17 105.48
CA ARG K 248 33.19 31.30 106.22
C ARG K 248 34.06 32.39 105.62
N PHE K 249 34.65 33.21 106.49
CA PHE K 249 35.51 34.30 106.06
C PHE K 249 36.97 33.99 106.40
N SER K 250 37.89 34.66 105.72
CA SER K 250 39.32 34.46 105.95
C SER K 250 40.17 35.50 105.24
N SER K 251 41.25 35.90 105.88
CA SER K 251 42.14 36.90 105.30
C SER K 251 43.38 36.22 104.75
N HIS K 252 43.32 34.89 104.62
CA HIS K 252 44.45 34.14 104.12
C HIS K 252 44.25 33.78 102.66
N LEU K 253 45.23 33.13 102.05
CA LEU K 253 45.13 32.72 100.65
C LEU K 253 44.84 31.24 100.56
N PRO K 254 43.66 30.87 100.04
CA PRO K 254 43.22 29.49 99.88
C PRO K 254 44.24 28.55 99.21
N GLN K 255 43.95 27.26 99.27
CA GLN K 255 44.81 26.24 98.68
C GLN K 255 43.98 25.31 97.81
N PRO K 256 44.61 24.68 96.80
CA PRO K 256 46.03 24.80 96.47
C PRO K 256 46.31 25.99 95.56
N ASN K 257 47.52 26.53 95.64
CA ASN K 257 47.90 27.67 94.81
C ASN K 257 49.09 27.29 93.94
N SER K 258 49.84 28.30 93.50
CA SER K 258 51.01 28.06 92.66
C SER K 258 52.17 28.93 93.09
N LEU K 259 51.93 29.78 94.08
CA LEU K 259 52.96 30.68 94.59
C LEU K 259 53.90 29.91 95.50
N CYS K 260 55.16 30.32 95.56
CA CYS K 260 56.12 29.65 96.42
C CYS K 260 55.84 29.97 97.87
N SER K 261 56.54 29.29 98.78
CA SER K 261 56.34 29.50 100.21
C SER K 261 56.86 30.85 100.69
N LEU K 262 57.29 31.69 99.75
CA LEU K 262 57.82 33.00 100.11
C LEU K 262 56.95 34.13 99.58
N ILE K 263 56.52 33.99 98.33
CA ILE K 263 55.70 35.02 97.69
C ILE K 263 54.34 35.12 98.37
N VAL K 264 54.01 34.14 99.19
CA VAL K 264 52.74 34.12 99.88
C VAL K 264 52.61 35.25 100.90
N GLU K 265 53.63 35.42 101.72
CA GLU K 265 53.63 36.45 102.75
C GLU K 265 53.26 37.82 102.19
N PRO K 266 53.86 38.23 101.06
CA PRO K 266 53.54 39.54 100.48
C PRO K 266 52.27 39.54 99.65
N MET K 267 52.04 38.46 98.93
CA MET K 267 50.86 38.36 98.09
C MET K 267 49.58 38.54 98.89
N GLU K 268 49.50 37.88 100.05
CA GLU K 268 48.32 37.96 100.89
C GLU K 268 48.10 39.40 101.35
N ASN K 269 49.15 40.00 101.88
CA ASN K 269 49.08 41.35 102.39
C ASN K 269 48.68 42.31 101.27
N TRP K 270 49.23 42.07 100.08
CA TRP K 270 48.93 42.92 98.94
C TRP K 270 47.44 42.90 98.65
N LEU K 271 46.92 41.68 98.48
CA LEU K 271 45.51 41.50 98.18
C LEU K 271 44.65 42.16 99.25
N GLN K 272 45.17 42.22 100.46
CA GLN K 272 44.44 42.81 101.56
C GLN K 272 44.14 44.29 101.35
N LEU K 273 45.14 45.05 100.93
CA LEU K 273 44.95 46.47 100.70
C LEU K 273 44.20 46.71 99.39
N MET K 274 44.15 45.69 98.53
CA MET K 274 43.47 45.82 97.27
C MET K 274 42.03 45.35 97.38
N LEU K 275 41.76 44.51 98.37
CA LEU K 275 40.41 43.98 98.57
C LEU K 275 39.81 44.47 99.88
N ASN K 276 39.96 45.75 100.15
CA ASN K 276 39.43 46.33 101.37
C ASN K 276 38.14 47.05 101.03
N TRP K 277 37.03 46.57 101.57
CA TRP K 277 35.72 47.16 101.30
C TRP K 277 35.71 48.69 101.35
N ASP K 278 36.43 49.26 102.31
CA ASP K 278 36.50 50.72 102.44
C ASP K 278 37.19 51.31 101.21
N PRO K 279 36.46 52.12 100.43
CA PRO K 279 36.98 52.76 99.21
C PRO K 279 38.07 53.81 99.45
N GLN K 280 38.00 54.50 100.58
CA GLN K 280 38.99 55.52 100.90
C GLN K 280 40.18 54.98 101.67
N GLN K 281 40.10 53.74 102.12
CA GLN K 281 41.20 53.14 102.87
C GLN K 281 41.77 51.91 102.17
N ARG K 282 41.20 51.55 101.03
CA ARG K 282 41.66 50.40 100.26
C ARG K 282 43.04 50.72 99.65
N GLY K 283 44.09 50.31 100.35
CA GLY K 283 45.44 50.56 99.89
C GLY K 283 45.69 52.05 99.86
N GLY K 284 45.01 52.77 100.75
CA GLY K 284 45.16 54.22 100.84
C GLY K 284 46.52 54.71 101.28
N PRO K 285 47.23 53.97 102.16
CA PRO K 285 48.56 54.40 102.61
C PRO K 285 49.49 54.82 101.48
N VAL K 286 49.50 56.12 101.19
CA VAL K 286 50.35 56.67 100.13
C VAL K 286 51.67 57.18 100.68
N ASP K 287 52.75 56.53 100.31
CA ASP K 287 54.09 56.90 100.76
C ASP K 287 54.70 57.89 99.77
N LEU K 288 54.66 59.17 100.14
CA LEU K 288 55.20 60.22 99.28
C LEU K 288 56.68 60.03 98.94
N THR K 289 57.28 58.98 99.49
CA THR K 289 58.70 58.69 99.23
C THR K 289 58.89 58.47 97.73
N LEU K 290 57.89 57.85 97.10
CA LEU K 290 57.95 57.59 95.66
C LEU K 290 56.69 58.08 94.97
N LYS K 291 55.83 58.75 95.74
CA LYS K 291 54.57 59.29 95.22
C LYS K 291 53.62 58.18 94.77
N GLN K 292 53.85 56.98 95.29
CA GLN K 292 53.03 55.82 94.96
C GLN K 292 52.36 55.22 96.19
N PRO K 293 51.09 54.83 96.06
CA PRO K 293 50.35 54.24 97.17
C PRO K 293 50.93 52.87 97.56
N ARG K 294 50.67 52.43 98.80
CA ARG K 294 51.19 51.16 99.26
C ARG K 294 50.77 50.02 98.35
N CYS K 295 49.80 50.30 97.48
CA CYS K 295 49.32 49.28 96.55
C CYS K 295 50.40 48.93 95.52
N PHE K 296 50.96 49.96 94.88
CA PHE K 296 51.99 49.76 93.88
C PHE K 296 53.35 49.56 94.54
N VAL K 297 53.42 49.91 95.82
CA VAL K 297 54.67 49.77 96.56
C VAL K 297 55.00 48.30 96.72
N LEU K 298 54.10 47.54 97.32
CA LEU K 298 54.32 46.12 97.54
C LEU K 298 54.51 45.40 96.21
N MET K 299 53.75 45.83 95.21
CA MET K 299 53.82 45.22 93.90
C MET K 299 55.25 45.26 93.40
N ASP K 300 55.83 46.46 93.37
CA ASP K 300 57.19 46.65 92.90
C ASP K 300 58.17 45.95 93.84
N HIS K 301 57.77 45.83 95.09
CA HIS K 301 58.60 45.19 96.11
C HIS K 301 58.66 43.69 95.84
N ILE K 302 57.61 43.18 95.17
CA ILE K 302 57.54 41.77 94.86
C ILE K 302 58.23 41.45 93.55
N LEU K 303 57.71 42.03 92.46
CA LEU K 303 58.28 41.80 91.14
C LEU K 303 59.79 41.99 91.13
N ASN K 304 60.28 42.99 91.84
CA ASN K 304 61.71 43.25 91.89
C ASN K 304 62.38 42.41 92.97
N LEU K 305 62.33 41.09 92.80
CA LEU K 305 62.94 40.16 93.75
C LEU K 305 63.64 39.04 93.02
N LYS K 306 64.38 38.22 93.76
CA LYS K 306 65.11 37.10 93.17
C LYS K 306 64.35 35.81 93.42
N ILE K 307 64.36 35.36 94.67
CA ILE K 307 63.65 34.15 95.06
C ILE K 307 64.02 32.98 94.14
N VAL K 308 65.15 32.34 94.42
CA VAL K 308 65.61 31.23 93.61
C VAL K 308 65.07 29.89 94.14
N HIS K 309 64.27 29.24 93.33
CA HIS K 309 63.68 27.96 93.69
C HIS K 309 64.75 26.87 93.64
N ILE K 310 64.82 26.05 94.68
CA ILE K 310 65.80 24.97 94.73
C ILE K 310 65.12 23.63 94.97
N LEU K 311 65.33 22.70 94.04
CA LEU K 311 64.75 21.37 94.14
C LEU K 311 65.77 20.38 94.73
N ASN K 312 65.43 19.81 95.88
CA ASN K 312 66.31 18.86 96.54
C ASN K 312 66.11 17.46 95.96
N MET K 313 67.09 16.99 95.19
CA MET K 313 67.00 15.67 94.58
C MET K 313 67.31 14.57 95.58
N THR K 314 66.95 14.81 96.84
CA THR K 314 67.19 13.82 97.89
C THR K 314 65.96 13.69 98.76
N SER K 315 65.04 14.65 98.61
CA SER K 315 63.81 14.65 99.39
C SER K 315 62.64 15.23 98.57
N ALA K 316 62.86 15.42 97.28
CA ALA K 316 61.84 15.96 96.38
C ALA K 316 61.26 17.28 96.90
N LYS K 317 62.03 17.96 97.75
CA LYS K 317 61.60 19.24 98.32
C LYS K 317 61.97 20.40 97.39
N ILE K 318 61.20 21.48 97.49
CA ILE K 318 61.45 22.65 96.66
C ILE K 318 61.57 23.89 97.54
N ILE K 319 62.71 24.02 98.22
CA ILE K 319 62.93 25.16 99.09
C ILE K 319 63.35 26.39 98.28
N SER K 320 62.73 27.51 98.59
CA SER K 320 63.03 28.75 97.89
C SER K 320 63.87 29.68 98.77
N PHE K 321 64.71 30.48 98.14
CA PHE K 321 65.56 31.41 98.87
C PHE K 321 65.56 32.79 98.23
N LEU K 322 64.99 33.78 98.91
CA LEU K 322 64.94 35.15 98.39
C LEU K 322 66.29 35.79 98.62
N LEU K 323 67.19 35.57 97.67
CA LEU K 323 68.55 36.10 97.75
C LEU K 323 68.63 37.60 97.46
N PRO K 324 69.46 38.32 98.25
CA PRO K 324 69.64 39.77 98.07
C PRO K 324 70.65 40.07 96.97
N PRO K 325 70.64 41.31 96.45
CA PRO K 325 71.56 41.71 95.38
C PRO K 325 73.00 41.92 95.87
N ASP K 326 73.44 41.07 96.79
CA ASP K 326 74.79 41.19 97.34
C ASP K 326 75.33 39.84 97.79
N GLU K 327 74.49 39.07 98.47
CA GLU K 327 74.88 37.76 98.98
C GLU K 327 75.57 36.92 97.92
N SER K 328 76.47 36.04 98.37
CA SER K 328 77.21 35.15 97.47
C SER K 328 76.69 33.74 97.62
N LEU K 329 77.04 32.86 96.69
CA LEU K 329 76.59 31.48 96.73
C LEU K 329 77.16 30.80 97.96
N HIS K 330 78.37 31.16 98.34
CA HIS K 330 79.03 30.59 99.50
C HIS K 330 78.30 31.06 100.76
N SER K 331 77.56 32.15 100.62
CA SER K 331 76.80 32.71 101.73
C SER K 331 75.41 32.08 101.74
N LEU K 332 75.03 31.54 100.59
CA LEU K 332 73.73 30.89 100.44
C LEU K 332 73.80 29.40 100.77
N GLN K 333 74.87 28.75 100.32
CA GLN K 333 75.05 27.33 100.57
C GLN K 333 74.84 27.03 102.05
N SER K 334 75.25 27.96 102.91
CA SER K 334 75.10 27.80 104.34
C SER K 334 73.62 27.83 104.71
N ARG K 335 72.88 28.74 104.08
CA ARG K 335 71.46 28.87 104.34
C ARG K 335 70.75 27.56 104.02
N ILE K 336 71.11 26.97 102.88
CA ILE K 336 70.52 25.73 102.45
C ILE K 336 70.74 24.63 103.48
N GLU K 337 71.94 24.58 104.02
CA GLU K 337 72.31 23.59 105.02
C GLU K 337 71.37 23.63 106.23
N ARG K 338 70.74 24.77 106.46
CA ARG K 338 69.83 24.92 107.60
C ARG K 338 68.47 24.31 107.32
N GLU K 339 68.17 24.04 106.05
CA GLU K 339 66.89 23.46 105.69
C GLU K 339 67.06 22.17 104.90
N THR K 340 68.26 21.60 104.95
CA THR K 340 68.55 20.37 104.24
C THR K 340 69.37 19.41 105.09
N GLY K 341 70.37 19.95 105.77
CA GLY K 341 71.22 19.12 106.61
C GLY K 341 72.44 18.64 105.87
N ILE K 342 72.58 19.08 104.63
CA ILE K 342 73.72 18.70 103.80
C ILE K 342 74.91 19.60 104.09
N ASN K 343 76.08 18.99 104.31
CA ASN K 343 77.29 19.75 104.61
C ASN K 343 77.52 20.83 103.58
N THR K 344 77.88 22.02 104.05
CA THR K 344 78.12 23.15 103.17
C THR K 344 79.15 22.81 102.10
N GLY K 345 80.00 21.83 102.39
CA GLY K 345 81.01 21.43 101.44
C GLY K 345 80.53 20.34 100.51
N SER K 346 79.47 19.65 100.91
CA SER K 346 78.91 18.57 100.12
C SER K 346 77.64 19.00 99.41
N GLN K 347 77.50 20.31 99.20
CA GLN K 347 76.33 20.87 98.52
C GLN K 347 76.62 21.18 97.06
N GLU K 348 76.45 20.19 96.20
CA GLU K 348 76.68 20.35 94.77
C GLU K 348 75.35 20.58 94.06
N LEU K 349 75.02 21.85 93.83
CA LEU K 349 73.79 22.18 93.14
C LEU K 349 73.98 22.28 91.64
N LEU K 350 73.20 21.49 90.91
CA LEU K 350 73.27 21.49 89.45
C LEU K 350 72.04 22.16 88.84
N SER K 351 72.24 22.93 87.78
CA SER K 351 71.16 23.63 87.10
C SER K 351 70.61 22.79 85.98
N GLU K 352 69.57 23.28 85.31
CA GLU K 352 68.95 22.56 84.20
C GLU K 352 70.00 22.23 83.14
N THR K 353 70.94 23.15 82.95
CA THR K 353 71.99 22.96 81.96
C THR K 353 72.91 21.81 82.35
N GLY K 354 72.66 21.24 83.52
CA GLY K 354 73.47 20.13 83.99
C GLY K 354 74.78 20.59 84.61
N ILE K 355 75.16 21.84 84.34
CA ILE K 355 76.39 22.40 84.87
C ILE K 355 76.38 22.35 86.39
N SER K 356 77.56 22.22 86.99
CA SER K 356 77.68 22.17 88.44
C SER K 356 77.35 23.53 89.05
N LEU K 357 77.85 23.78 90.24
CA LEU K 357 77.60 25.05 90.92
C LEU K 357 78.43 26.13 90.22
N ASP K 358 78.90 27.11 90.98
CA ASP K 358 79.70 28.20 90.41
C ASP K 358 80.26 29.11 91.50
N PRO K 359 81.23 28.61 92.28
CA PRO K 359 81.83 29.40 93.36
C PRO K 359 82.26 30.80 92.93
N ARG K 360 82.60 30.95 91.65
CA ARG K 360 83.03 32.23 91.10
C ARG K 360 82.06 33.36 91.45
N LYS K 361 81.06 33.54 90.60
CA LYS K 361 80.05 34.57 90.80
C LYS K 361 79.25 34.32 92.07
N PRO K 362 78.63 35.39 92.63
CA PRO K 362 77.84 35.27 93.85
C PRO K 362 76.48 34.61 93.54
N ALA K 363 75.45 35.02 94.27
CA ALA K 363 74.12 34.47 94.07
C ALA K 363 73.61 34.83 92.68
N SER K 364 74.33 35.73 92.01
CA SER K 364 73.96 36.18 90.68
C SER K 364 74.15 35.08 89.64
N GLN K 365 74.53 33.89 90.08
CA GLN K 365 74.74 32.78 89.17
C GLN K 365 73.42 32.14 88.75
N CYS K 366 72.33 32.89 88.87
CA CYS K 366 71.02 32.37 88.51
C CYS K 366 70.00 33.48 88.28
N VAL K 367 70.48 34.64 87.87
CA VAL K 367 69.62 35.79 87.59
C VAL K 367 68.98 35.65 86.21
N LEU K 368 67.66 35.81 86.16
CA LEU K 368 66.92 35.69 84.91
C LEU K 368 66.01 36.89 84.69
N ASP K 369 66.37 37.74 83.72
CA ASP K 369 65.58 38.93 83.42
C ASP K 369 65.28 38.99 81.93
N GLY K 370 64.90 37.86 81.35
CA GLY K 370 64.58 37.81 79.93
C GLY K 370 63.08 37.67 79.70
N VAL K 371 62.54 36.50 80.01
CA VAL K 371 61.12 36.24 79.86
C VAL K 371 60.42 36.37 81.21
N ARG K 372 60.93 35.65 82.20
CA ARG K 372 60.39 35.68 83.55
C ARG K 372 61.48 35.35 84.58
N GLY K 373 61.08 35.17 85.83
CA GLY K 373 62.06 34.86 86.86
C GLY K 373 61.55 33.91 87.92
N CYS K 374 61.02 32.77 87.49
CA CYS K 374 60.50 31.77 88.42
C CYS K 374 60.03 30.53 87.67
N ASP K 375 60.29 29.36 88.26
CA ASP K 375 59.91 28.10 87.65
C ASP K 375 60.51 27.96 86.26
N SER K 376 61.73 28.50 86.09
CA SER K 376 62.40 28.44 84.80
C SER K 376 63.91 28.25 84.95
N TYR K 377 64.35 27.94 86.16
CA TYR K 377 65.77 27.74 86.42
C TYR K 377 65.96 27.01 87.74
N MET K 378 64.92 26.31 88.18
CA MET K 378 64.95 25.56 89.44
C MET K 378 66.25 24.77 89.60
N VAL K 379 67.14 25.29 90.43
CA VAL K 379 68.43 24.63 90.67
C VAL K 379 68.18 23.34 91.45
N TYR K 380 68.73 22.24 90.97
CA TYR K 380 68.57 20.94 91.60
C TYR K 380 69.72 20.63 92.57
N LEU K 381 69.42 20.60 93.86
CA LEU K 381 70.43 20.33 94.87
C LEU K 381 70.78 18.84 94.94
N PHE K 382 72.07 18.54 94.82
CA PHE K 382 72.54 17.16 94.88
C PHE K 382 73.51 16.98 96.03
N ASP K 383 73.35 15.89 96.77
CA ASP K 383 74.22 15.58 97.91
C ASP K 383 75.42 14.77 97.46
N LYS K 384 76.59 15.08 98.01
CA LYS K 384 77.83 14.39 97.65
C LYS K 384 78.03 13.13 98.48
N SER K 385 77.79 13.23 99.78
CA SER K 385 77.96 12.10 100.68
C SER K 385 77.05 10.94 100.29
N LYS K 386 75.75 11.20 100.24
CA LYS K 386 74.78 10.17 99.88
C LYS K 386 75.03 9.60 98.49
N THR K 387 75.51 8.36 98.43
CA THR K 387 75.79 7.72 97.15
C THR K 387 74.46 7.37 96.47
N VAL K 388 73.47 7.04 97.28
CA VAL K 388 72.13 6.72 96.79
C VAL K 388 71.09 7.32 97.73
N TYR K 389 70.00 7.82 97.16
CA TYR K 389 68.94 8.44 97.96
C TYR K 389 67.85 7.43 98.29
N GLU K 390 67.61 7.25 99.58
CA GLU K 390 66.60 6.31 100.05
C GLU K 390 65.19 6.81 99.73
N GLY K 391 64.53 7.41 100.72
CA GLY K 391 63.19 7.91 100.49
C GLY K 391 62.66 8.92 101.48
N PRO K 392 63.48 9.88 101.96
CA PRO K 392 62.99 10.88 102.92
C PRO K 392 61.91 11.76 102.27
N PHE K 393 61.76 11.62 100.96
CA PHE K 393 60.79 12.39 100.18
C PHE K 393 59.36 11.86 100.30
N ALA K 394 58.42 12.64 99.79
CA ALA K 394 57.01 12.26 99.83
C ALA K 394 56.26 12.96 98.71
N SER K 395 55.10 13.51 99.02
CA SER K 395 54.29 14.21 98.03
C SER K 395 53.38 15.23 98.71
N ARG K 396 52.10 15.24 98.34
CA ARG K 396 51.14 16.16 98.92
C ARG K 396 49.78 15.48 99.10
N SER K 397 49.01 15.94 100.08
CA SER K 397 47.70 15.36 100.36
C SER K 397 46.61 15.91 99.46
N LEU K 398 45.45 15.30 99.53
CA LEU K 398 44.31 15.72 98.73
C LEU K 398 43.34 16.55 99.56
N SER K 399 43.66 16.70 100.83
CA SER K 399 42.82 17.47 101.76
C SER K 399 41.46 16.81 101.92
N ASP K 400 40.74 17.24 102.97
CA ASP K 400 39.42 16.70 103.26
C ASP K 400 38.44 16.97 102.10
N CYS K 401 38.81 17.91 101.23
CA CYS K 401 37.97 18.27 100.11
C CYS K 401 37.90 17.15 99.09
N VAL K 402 39.03 16.48 98.86
CA VAL K 402 39.09 15.39 97.89
C VAL K 402 39.00 14.02 98.55
N ASN K 403 39.19 13.99 99.87
CA ASN K 403 39.11 12.74 100.59
C ASN K 403 37.77 12.06 100.40
N TYR K 404 36.70 12.84 100.34
CA TYR K 404 35.37 12.28 100.16
C TYR K 404 35.30 11.48 98.87
N ILE K 405 35.93 12.04 97.83
CA ILE K 405 35.94 11.43 96.51
C ILE K 405 36.68 10.09 96.50
N VAL K 406 37.66 9.96 97.38
CA VAL K 406 38.45 8.75 97.45
C VAL K 406 37.95 7.77 98.53
N GLN K 407 37.59 8.31 99.68
CA GLN K 407 37.11 7.49 100.78
C GLN K 407 35.69 7.00 100.55
N ASP K 408 34.79 7.92 100.22
CA ASP K 408 33.39 7.57 99.99
C ASP K 408 33.21 7.00 98.61
N SER K 409 34.14 7.32 97.71
CA SER K 409 34.08 6.83 96.34
C SER K 409 32.77 7.21 95.67
N LYS K 410 31.78 6.35 95.77
CA LYS K 410 30.48 6.60 95.18
C LYS K 410 29.61 7.42 96.10
N ILE K 411 29.59 8.74 95.89
CA ILE K 411 28.79 9.63 96.71
C ILE K 411 28.11 10.68 95.84
N GLN K 412 26.87 11.01 96.18
CA GLN K 412 26.12 12.00 95.44
C GLN K 412 26.25 13.37 96.08
N LEU K 413 27.26 14.12 95.65
CA LEU K 413 27.51 15.45 96.19
C LEU K 413 27.09 16.54 95.21
N PRO K 414 26.53 17.65 95.72
CA PRO K 414 26.09 18.77 94.89
C PRO K 414 27.20 19.30 93.98
N ILE K 415 26.87 19.48 92.71
CA ILE K 415 27.83 19.97 91.74
C ILE K 415 28.42 21.31 92.17
N ILE K 416 27.63 22.10 92.90
CA ILE K 416 28.08 23.39 93.38
C ILE K 416 29.36 23.22 94.20
N GLN K 417 29.57 22.00 94.69
CA GLN K 417 30.74 21.68 95.48
C GLN K 417 31.70 20.83 94.64
N LEU K 418 31.13 20.06 93.73
CA LEU K 418 31.92 19.20 92.86
C LEU K 418 32.87 20.03 91.99
N ARG K 419 32.41 21.21 91.59
CA ARG K 419 33.20 22.09 90.74
C ARG K 419 34.52 22.45 91.41
N LYS K 420 34.66 22.08 92.67
CA LYS K 420 35.87 22.35 93.42
C LYS K 420 36.59 21.07 93.78
N VAL K 421 35.88 20.15 94.44
CA VAL K 421 36.49 18.89 94.83
C VAL K 421 37.05 18.18 93.61
N TRP K 422 36.40 18.35 92.47
CA TRP K 422 36.86 17.72 91.24
C TRP K 422 38.01 18.53 90.68
N ALA K 423 37.87 19.84 90.70
CA ALA K 423 38.89 20.75 90.20
C ALA K 423 40.22 20.47 90.89
N GLU K 424 40.20 20.50 92.22
CA GLU K 424 41.41 20.24 93.02
C GLU K 424 41.94 18.84 92.74
N ALA K 425 41.01 17.90 92.54
CA ALA K 425 41.39 16.52 92.27
C ALA K 425 42.17 16.48 90.98
N VAL K 426 41.67 17.19 89.97
CA VAL K 426 42.32 17.25 88.67
C VAL K 426 43.69 17.91 88.81
N HIS K 427 43.77 18.96 89.61
CA HIS K 427 45.01 19.67 89.81
C HIS K 427 46.02 18.76 90.50
N TYR K 428 45.53 17.91 91.40
CA TYR K 428 46.39 16.98 92.12
C TYR K 428 46.93 15.93 91.14
N VAL K 429 46.04 15.44 90.29
CA VAL K 429 46.41 14.44 89.29
C VAL K 429 47.55 14.99 88.44
N SER K 430 47.29 16.09 87.75
CA SER K 430 48.30 16.72 86.89
C SER K 430 49.48 17.14 87.75
N GLY K 431 49.21 17.40 89.02
CA GLY K 431 50.25 17.81 89.94
C GLY K 431 51.36 16.79 90.03
N LEU K 432 51.00 15.55 90.37
CA LEU K 432 51.97 14.48 90.47
C LEU K 432 52.74 14.35 89.16
N LYS K 433 52.03 14.49 88.05
CA LYS K 433 52.64 14.38 86.72
C LYS K 433 53.70 15.45 86.53
N GLU K 434 53.27 16.71 86.54
CA GLU K 434 54.18 17.83 86.37
C GLU K 434 55.28 17.78 87.42
N ASP K 435 54.97 17.23 88.58
CA ASP K 435 55.92 17.12 89.68
C ASP K 435 56.97 16.07 89.33
N TYR K 436 56.57 15.07 88.55
CA TYR K 436 57.47 14.00 88.14
C TYR K 436 58.50 14.56 87.17
N SER K 437 58.06 15.46 86.30
CA SER K 437 58.94 16.06 85.31
C SER K 437 60.11 16.77 85.99
N ARG K 438 59.80 17.48 87.06
CA ARG K 438 60.82 18.22 87.80
C ARG K 438 61.87 17.25 88.31
N LEU K 439 61.42 16.14 88.89
CA LEU K 439 62.32 15.13 89.43
C LEU K 439 63.14 14.50 88.30
N PHE K 440 62.46 14.20 87.19
CA PHE K 440 63.12 13.59 86.05
C PHE K 440 64.26 14.47 85.56
N GLN K 441 64.00 15.77 85.43
CA GLN K 441 65.01 16.70 84.97
C GLN K 441 66.26 16.63 85.83
N GLY K 442 66.06 16.35 87.11
CA GLY K 442 67.18 16.25 88.02
C GLY K 442 68.14 15.17 87.55
N GLN K 443 67.58 14.04 87.13
CA GLN K 443 68.38 12.92 86.63
C GLN K 443 69.09 13.34 85.35
N ARG K 444 68.37 14.06 84.51
CA ARG K 444 68.91 14.54 83.25
C ARG K 444 70.09 15.46 83.49
N ALA K 445 69.94 16.35 84.47
CA ALA K 445 70.99 17.27 84.82
C ALA K 445 72.17 16.52 85.42
N ALA K 446 71.87 15.58 86.32
CA ALA K 446 72.91 14.77 86.96
C ALA K 446 73.63 13.94 85.91
N MET K 447 72.89 13.54 84.88
CA MET K 447 73.46 12.75 83.79
C MET K 447 74.55 13.55 83.08
N LEU K 448 74.25 14.81 82.80
CA LEU K 448 75.18 15.71 82.15
C LEU K 448 76.47 15.86 82.97
N SER K 449 76.31 15.97 84.28
CA SER K 449 77.44 16.12 85.18
C SER K 449 78.34 14.89 85.07
N LEU K 450 77.72 13.71 85.01
CA LEU K 450 78.47 12.46 84.91
C LEU K 450 79.13 12.38 83.53
N LEU K 451 78.40 12.79 82.51
CA LEU K 451 78.91 12.77 81.15
C LEU K 451 80.10 13.71 81.03
N ARG K 452 80.06 14.80 81.78
CA ARG K 452 81.13 15.78 81.74
C ARG K 452 82.34 15.26 82.52
N TYR K 453 82.09 14.63 83.66
CA TYR K 453 83.16 14.08 84.48
C TYR K 453 83.91 13.00 83.69
N ASN K 454 83.15 12.17 82.98
CA ASN K 454 83.73 11.10 82.19
C ASN K 454 84.69 11.69 81.15
N ALA K 455 84.25 12.75 80.50
CA ALA K 455 85.07 13.41 79.49
C ALA K 455 86.31 14.00 80.14
N ASN K 456 86.11 14.68 81.26
CA ASN K 456 87.21 15.29 81.98
C ASN K 456 88.24 14.25 82.40
N LEU K 457 87.76 13.11 82.88
CA LEU K 457 88.64 12.03 83.31
C LEU K 457 89.40 11.46 82.13
N THR K 458 88.68 11.20 81.03
CA THR K 458 89.28 10.63 79.84
C THR K 458 90.28 11.59 79.17
N LYS K 459 89.99 12.88 79.22
CA LYS K 459 90.86 13.88 78.61
C LYS K 459 92.28 13.76 79.16
N MET K 460 92.39 13.36 80.43
CA MET K 460 93.70 13.20 81.05
C MET K 460 94.30 11.86 80.66
N LYS K 461 93.44 10.91 80.33
CA LYS K 461 93.90 9.58 79.94
C LYS K 461 94.70 9.70 78.65
N ASN K 462 94.14 10.44 77.70
CA ASN K 462 94.78 10.63 76.41
C ASN K 462 96.12 11.31 76.60
N THR K 463 96.22 12.13 77.64
CA THR K 463 97.45 12.86 77.92
C THR K 463 98.34 12.05 78.87
N LEU K 464 97.72 11.09 79.55
CA LEU K 464 98.44 10.25 80.49
C LEU K 464 99.25 9.23 79.70
N ILE K 465 98.59 8.55 78.76
CA ILE K 465 99.25 7.55 77.93
C ILE K 465 100.24 8.26 77.01
N SER K 466 99.90 9.49 76.63
CA SER K 466 100.75 10.29 75.76
C SER K 466 102.00 10.72 76.52
N ALA K 467 101.83 11.00 77.80
CA ALA K 467 102.95 11.42 78.65
C ALA K 467 103.88 10.23 78.92
N SER K 468 103.29 9.03 79.02
CA SER K 468 104.06 7.82 79.28
C SER K 468 104.85 7.44 78.03
N GLN K 469 104.25 7.64 76.87
CA GLN K 469 104.92 7.33 75.61
C GLN K 469 106.24 8.07 75.52
N GLN K 470 106.32 9.20 76.23
CA GLN K 470 107.53 10.00 76.25
C GLN K 470 108.55 9.30 77.14
N LEU K 471 108.07 8.78 78.26
CA LEU K 471 108.91 8.06 79.20
C LEU K 471 109.56 6.85 78.54
N LYS K 472 108.74 6.00 77.94
CA LYS K 472 109.23 4.81 77.28
C LYS K 472 110.16 5.18 76.13
N ALA K 473 109.84 6.29 75.45
CA ALA K 473 110.65 6.76 74.32
C ALA K 473 112.00 7.24 74.81
N LYS K 474 112.03 7.83 76.01
CA LYS K 474 113.27 8.33 76.59
C LYS K 474 114.08 7.20 77.20
N LEU K 475 113.40 6.24 77.81
CA LEU K 475 114.06 5.09 78.42
C LEU K 475 114.89 4.35 77.37
N GLU K 476 114.33 4.23 76.17
CA GLU K 476 115.00 3.56 75.07
C GLU K 476 116.20 4.37 74.62
N PHE K 477 116.02 5.70 74.54
CA PHE K 477 117.08 6.60 74.11
C PHE K 477 118.03 6.84 75.28
N PHE K 478 117.87 6.04 76.33
CA PHE K 478 118.70 6.15 77.52
C PHE K 478 119.40 4.81 77.77
N HIS K 479 118.68 3.72 77.55
CA HIS K 479 119.23 2.38 77.73
C HIS K 479 120.28 2.06 76.68
N LYS K 480 120.21 2.72 75.55
CA LYS K 480 121.16 2.50 74.47
C LYS K 480 122.24 3.58 74.52
N SER K 481 122.17 4.42 75.55
CA SER K 481 123.13 5.50 75.74
C SER K 481 123.93 5.28 77.01
N ILE K 482 123.33 4.61 77.98
CA ILE K 482 123.98 4.33 79.25
C ILE K 482 124.98 3.19 79.10
N GLN K 483 124.57 2.14 78.38
CA GLN K 483 125.43 0.98 78.17
C GLN K 483 126.33 1.22 76.98
N LEU K 484 125.99 2.23 76.20
CA LEU K 484 126.78 2.60 75.02
C LEU K 484 128.15 3.07 75.47
N ASP K 485 128.23 3.51 76.72
CA ASP K 485 129.49 3.99 77.29
C ASP K 485 130.25 2.84 77.93
N LEU K 486 129.52 1.85 78.42
CA LEU K 486 130.12 0.68 79.06
C LEU K 486 131.00 -0.11 78.09
N GLU K 487 130.55 -0.25 76.85
CA GLU K 487 131.30 -0.99 75.85
C GLU K 487 132.53 -0.21 75.40
N ARG K 488 132.39 1.12 75.31
CA ARG K 488 133.49 1.98 74.90
C ARG K 488 134.48 2.16 76.05
N TYR K 489 134.07 1.71 77.24
CA TYR K 489 134.91 1.81 78.43
C TYR K 489 135.69 0.53 78.70
N SER K 490 135.00 -0.60 78.63
CA SER K 490 135.62 -1.90 78.85
C SER K 490 136.78 -2.18 77.90
N GLU K 491 136.79 -1.49 76.76
CA GLU K 491 137.86 -1.68 75.78
C GLU K 491 138.97 -0.65 75.92
N GLN K 492 138.99 0.07 77.03
CA GLN K 492 140.02 1.07 77.27
C GLN K 492 140.37 1.21 78.75
N MET K 493 140.08 0.18 79.53
CA MET K 493 140.38 0.20 80.96
C MET K 493 141.88 0.06 81.21
N THR K 494 142.66 -0.03 80.14
CA THR K 494 144.10 -0.18 80.26
C THR K 494 144.83 0.72 79.26
N TYR K 495 144.47 0.59 77.97
CA TYR K 495 145.09 1.40 76.93
C TYR K 495 144.86 2.88 77.16
N GLY K 496 143.68 3.22 77.67
CA GLY K 496 143.37 4.61 77.92
C GLY K 496 142.92 4.93 79.34
N ILE K 497 141.76 5.56 79.45
CA ILE K 497 141.19 5.96 80.74
C ILE K 497 140.46 4.84 81.46
N SER K 498 140.67 4.77 82.77
CA SER K 498 140.04 3.77 83.61
C SER K 498 139.75 4.34 84.99
N SER K 499 138.52 4.16 85.46
CA SER K 499 138.11 4.65 86.77
C SER K 499 137.40 3.56 87.57
N GLU K 500 137.34 3.73 88.89
CA GLU K 500 136.70 2.75 89.76
C GLU K 500 135.58 3.41 90.57
N LYS K 501 135.66 4.71 90.78
CA LYS K 501 134.64 5.43 91.54
C LYS K 501 133.35 5.53 90.75
N MET K 502 133.45 5.64 89.43
CA MET K 502 132.29 5.74 88.57
C MET K 502 131.85 4.36 88.08
N LEU K 503 132.57 3.32 88.51
CA LEU K 503 132.25 1.96 88.12
C LEU K 503 130.85 1.60 88.62
N LYS K 504 130.48 2.19 89.75
CA LYS K 504 129.16 1.95 90.34
C LYS K 504 128.24 3.15 90.07
N ALA K 505 128.82 4.34 89.99
CA ALA K 505 128.06 5.56 89.74
C ALA K 505 127.20 5.40 88.49
N TRP K 506 127.80 4.88 87.43
CA TRP K 506 127.08 4.68 86.16
C TRP K 506 126.20 3.44 86.21
N LYS K 507 126.68 2.39 86.88
CA LYS K 507 125.96 1.13 86.99
C LYS K 507 124.59 1.31 87.64
N GLU K 508 124.41 2.43 88.34
CA GLU K 508 123.14 2.70 89.02
C GLU K 508 122.07 3.24 88.05
N MET K 509 122.48 4.16 87.18
CA MET K 509 121.56 4.75 86.22
C MET K 509 120.78 3.69 85.46
N GLU K 510 121.48 2.65 85.03
CA GLU K 510 120.86 1.56 84.27
C GLU K 510 119.76 0.87 85.07
N GLU K 511 120.02 0.62 86.34
CA GLU K 511 119.05 -0.05 87.21
C GLU K 511 117.91 0.89 87.60
N LYS K 512 118.16 2.18 87.55
CA LYS K 512 117.14 3.18 87.89
C LYS K 512 115.99 3.18 86.90
N ALA K 513 116.32 3.19 85.62
CA ALA K 513 115.31 3.19 84.57
C ALA K 513 114.50 1.91 84.57
N ILE K 514 115.07 0.87 85.15
CA ILE K 514 114.40 -0.43 85.22
C ILE K 514 113.18 -0.37 86.14
N HIS K 515 113.41 -0.01 87.40
CA HIS K 515 112.33 0.09 88.38
C HIS K 515 111.26 1.06 87.93
N TYR K 516 111.59 1.89 86.95
CA TYR K 516 110.64 2.87 86.41
C TYR K 516 109.56 2.19 85.59
N ALA K 517 109.37 2.67 84.36
CA ALA K 517 108.37 2.11 83.47
C ALA K 517 106.96 2.21 84.04
N GLU K 518 106.26 3.28 83.68
CA GLU K 518 104.89 3.49 84.13
C GLU K 518 103.94 3.51 82.94
N VAL K 519 104.49 3.29 81.74
CA VAL K 519 103.70 3.27 80.52
C VAL K 519 102.73 2.10 80.54
N GLY K 520 103.15 1.00 81.16
CA GLY K 520 102.30 -0.18 81.25
C GLY K 520 101.45 -0.18 82.50
N VAL K 521 101.91 0.54 83.52
CA VAL K 521 101.18 0.62 84.78
C VAL K 521 99.84 1.30 84.55
N ILE K 522 99.68 1.91 83.37
CA ILE K 522 98.45 2.58 83.00
C ILE K 522 97.34 1.56 82.81
N GLY K 523 97.72 0.29 82.79
CA GLY K 523 96.75 -0.78 82.62
C GLY K 523 95.64 -0.72 83.65
N TYR K 524 96.02 -0.57 84.92
CA TYR K 524 95.04 -0.49 86.00
C TYR K 524 94.09 0.68 85.77
N LEU K 525 94.47 1.57 84.85
CA LEU K 525 93.68 2.74 84.55
C LEU K 525 92.96 2.64 83.20
N GLU K 526 93.72 2.39 82.14
CA GLU K 526 93.16 2.28 80.80
C GLU K 526 91.92 1.40 80.76
N ASP K 527 92.09 0.11 81.06
CA ASP K 527 90.98 -0.83 81.03
C ASP K 527 89.99 -0.61 82.16
N GLN K 528 90.22 0.42 82.98
CA GLN K 528 89.32 0.71 84.09
C GLN K 528 88.55 1.99 83.82
N ILE K 529 89.16 2.91 83.09
CA ILE K 529 88.51 4.17 82.75
C ILE K 529 87.56 3.94 81.59
N MET K 530 87.87 2.93 80.78
CA MET K 530 87.03 2.58 79.64
C MET K 530 85.87 1.70 80.10
N SER K 531 86.14 0.85 81.10
CA SER K 531 85.12 -0.02 81.64
C SER K 531 84.04 0.85 82.26
N LEU K 532 84.44 2.06 82.64
CA LEU K 532 83.51 3.01 83.25
C LEU K 532 82.98 3.93 82.16
N HIS K 533 83.86 4.32 81.24
CA HIS K 533 83.49 5.19 80.14
C HIS K 533 82.33 4.59 79.36
N ALA K 534 82.53 3.38 78.86
CA ALA K 534 81.49 2.70 78.09
C ALA K 534 80.29 2.43 78.98
N GLU K 535 80.55 2.17 80.27
CA GLU K 535 79.49 1.90 81.23
C GLU K 535 78.52 3.08 81.31
N ILE K 536 79.08 4.28 81.40
CA ILE K 536 78.27 5.49 81.48
C ILE K 536 77.40 5.65 80.25
N MET K 537 78.01 5.51 79.08
CA MET K 537 77.26 5.64 77.82
C MET K 537 76.32 4.45 77.66
N GLU K 538 76.61 3.36 78.38
CA GLU K 538 75.78 2.17 78.34
C GLU K 538 74.57 2.36 79.22
N LEU K 539 74.82 2.90 80.41
CA LEU K 539 73.76 3.13 81.38
C LEU K 539 72.96 4.35 80.95
N GLN K 540 73.39 4.97 79.85
CA GLN K 540 72.73 6.15 79.32
C GLN K 540 71.65 5.71 78.35
N LYS K 541 71.68 4.43 77.97
CA LYS K 541 70.70 3.88 77.05
C LYS K 541 69.51 3.28 77.79
N SER K 542 69.72 2.96 79.06
CA SER K 542 68.65 2.38 79.88
C SER K 542 67.52 3.39 80.05
N PRO K 543 66.29 2.89 80.25
CA PRO K 543 65.13 3.77 80.43
C PRO K 543 65.24 4.63 81.68
N TYR K 544 65.39 5.94 81.48
CA TYR K 544 65.51 6.88 82.59
C TYR K 544 64.34 6.74 83.56
N GLY K 545 63.22 7.36 83.21
CA GLY K 545 62.03 7.31 84.03
C GLY K 545 60.87 7.99 83.33
N ARG K 546 61.17 9.06 82.61
CA ARG K 546 60.16 9.80 81.86
C ARG K 546 59.64 8.89 80.75
N ARG K 547 60.38 7.80 80.53
CA ARG K 547 60.02 6.82 79.52
C ARG K 547 58.58 6.40 79.78
N GLN K 548 58.23 6.31 81.06
CA GLN K 548 56.89 5.92 81.47
C GLN K 548 56.10 7.13 81.94
N GLY K 549 56.74 8.29 81.90
CA GLY K 549 56.08 9.51 82.31
C GLY K 549 54.88 9.80 81.43
N ASP K 550 54.98 9.40 80.17
CA ASP K 550 53.90 9.61 79.22
C ASP K 550 52.66 8.84 79.65
N LEU K 551 52.88 7.62 80.14
CA LEU K 551 51.78 6.77 80.60
C LEU K 551 50.98 7.49 81.67
N MET K 552 51.67 8.31 82.44
CA MET K 552 51.05 9.07 83.50
C MET K 552 50.32 10.28 82.90
N GLU K 553 50.94 10.89 81.89
CA GLU K 553 50.36 12.05 81.22
C GLU K 553 49.02 11.68 80.63
N SER K 554 48.86 10.39 80.33
CA SER K 554 47.62 9.89 79.78
C SER K 554 46.55 9.99 80.84
N LEU K 555 46.92 9.65 82.08
CA LEU K 555 46.01 9.72 83.21
C LEU K 555 45.54 11.16 83.40
N GLU K 556 46.45 12.09 83.14
CA GLU K 556 46.17 13.51 83.26
C GLU K 556 45.00 13.88 82.35
N GLN K 557 45.15 13.55 81.07
CA GLN K 557 44.14 13.85 80.07
C GLN K 557 42.80 13.27 80.51
N ARG K 558 42.84 12.13 81.18
CA ARG K 558 41.62 11.48 81.66
C ARG K 558 40.87 12.38 82.63
N ALA K 559 41.54 12.79 83.70
CA ALA K 559 40.93 13.65 84.71
C ALA K 559 40.36 14.90 84.06
N ILE K 560 41.11 15.47 83.13
CA ILE K 560 40.67 16.67 82.42
C ILE K 560 39.32 16.43 81.77
N ASP K 561 39.18 15.28 81.11
CA ASP K 561 37.96 14.92 80.42
C ASP K 561 36.77 14.87 81.40
N LEU K 562 37.04 14.41 82.63
CA LEU K 562 35.99 14.33 83.62
C LEU K 562 35.56 15.71 84.09
N TYR K 563 36.54 16.56 84.40
CA TYR K 563 36.25 17.91 84.85
C TYR K 563 35.56 18.66 83.71
N LYS K 564 35.86 18.23 82.49
CA LYS K 564 35.30 18.84 81.30
C LYS K 564 33.82 18.45 81.19
N GLN K 565 33.52 17.20 81.50
CA GLN K 565 32.15 16.70 81.45
C GLN K 565 31.44 17.05 82.74
N LEU K 566 32.01 17.97 83.50
CA LEU K 566 31.43 18.39 84.76
C LEU K 566 30.78 19.75 84.61
N LYS K 567 31.27 20.53 83.65
CA LYS K 567 30.73 21.86 83.39
C LYS K 567 29.97 21.90 82.07
N HIS K 568 30.59 21.34 81.02
CA HIS K 568 29.98 21.32 79.70
C HIS K 568 28.85 20.31 79.58
N ARG K 569 28.67 19.50 80.61
CA ARG K 569 27.61 18.49 80.61
C ARG K 569 26.25 19.18 80.62
N PRO K 570 25.22 18.50 80.08
CA PRO K 570 23.86 19.04 80.02
C PRO K 570 23.40 19.69 81.33
N SER K 571 23.67 20.98 81.45
CA SER K 571 23.31 21.76 82.63
C SER K 571 23.86 21.16 83.92
N ASP K 572 23.63 21.84 85.03
CA ASP K 572 24.10 21.37 86.33
C ASP K 572 23.23 21.90 87.48
N HIS K 573 23.88 22.33 88.56
CA HIS K 573 23.19 22.83 89.74
C HIS K 573 22.24 21.79 90.31
N SER K 574 22.68 20.52 90.27
CA SER K 574 21.88 19.41 90.77
C SER K 574 22.63 18.08 90.64
N TYR K 575 23.30 17.91 89.49
CA TYR K 575 24.06 16.70 89.20
C TYR K 575 24.81 16.19 90.43
N SER K 576 24.49 14.96 90.82
CA SER K 576 25.11 14.34 91.98
C SER K 576 25.83 13.05 91.58
N ASP K 577 27.15 13.03 91.72
CA ASP K 577 27.95 11.85 91.37
C ASP K 577 29.42 12.16 91.63
N SER K 578 30.24 11.12 91.78
CA SER K 578 31.66 11.31 92.03
C SER K 578 32.47 10.02 91.94
N THR K 579 31.78 8.90 91.89
CA THR K 579 32.43 7.60 91.83
C THR K 579 33.38 7.46 90.64
N GLU K 580 33.02 8.06 89.51
CA GLU K 580 33.85 7.98 88.31
C GLU K 580 35.25 8.55 88.50
N MET K 581 35.32 9.72 89.11
CA MET K 581 36.60 10.39 89.34
C MET K 581 37.58 9.45 90.05
N VAL K 582 37.05 8.64 90.98
CA VAL K 582 37.86 7.70 91.73
C VAL K 582 38.83 6.97 90.81
N LYS K 583 38.34 6.65 89.61
CA LYS K 583 39.10 5.95 88.60
C LYS K 583 40.47 6.61 88.41
N ILE K 584 40.47 7.74 87.69
CA ILE K 584 41.69 8.48 87.41
C ILE K 584 42.52 8.72 88.65
N ILE K 585 41.85 9.01 89.76
CA ILE K 585 42.53 9.27 91.02
C ILE K 585 43.46 8.13 91.44
N VAL K 586 42.89 6.96 91.68
CA VAL K 586 43.66 5.81 92.11
C VAL K 586 44.80 5.42 91.17
N HIS K 587 44.51 5.39 89.87
CA HIS K 587 45.50 5.01 88.88
C HIS K 587 46.74 5.89 88.90
N THR K 588 46.53 7.20 88.93
CA THR K 588 47.64 8.14 88.95
C THR K 588 48.56 7.91 90.15
N VAL K 589 47.96 7.57 91.29
CA VAL K 589 48.72 7.33 92.51
C VAL K 589 49.66 6.14 92.30
N GLN K 590 49.11 5.02 91.86
CA GLN K 590 49.87 3.81 91.62
C GLN K 590 51.03 4.08 90.65
N SER K 591 50.70 4.67 89.51
CA SER K 591 51.70 4.99 88.49
C SER K 591 52.80 5.88 89.06
N GLN K 592 52.40 6.85 89.87
CA GLN K 592 53.32 7.79 90.47
C GLN K 592 54.42 7.06 91.23
N ASP K 593 54.05 6.49 92.38
CA ASP K 593 54.99 5.79 93.23
C ASP K 593 55.79 4.71 92.52
N ARG K 594 55.29 4.20 91.41
CA ARG K 594 56.00 3.16 90.67
C ARG K 594 57.23 3.73 89.97
N VAL K 595 56.99 4.64 89.03
CA VAL K 595 58.08 5.24 88.28
C VAL K 595 58.87 6.22 89.14
N LEU K 596 58.26 6.66 90.23
CA LEU K 596 58.91 7.61 91.14
C LEU K 596 60.20 7.01 91.69
N LYS K 597 60.07 6.03 92.57
CA LYS K 597 61.23 5.37 93.17
C LYS K 597 62.03 4.66 92.09
N GLU K 598 61.37 4.41 90.95
CA GLU K 598 62.02 3.74 89.82
C GLU K 598 63.03 4.70 89.21
N LEU K 599 62.65 5.97 89.14
CA LEU K 599 63.53 7.00 88.59
C LEU K 599 64.80 7.11 89.45
N PHE K 600 64.62 7.10 90.77
CA PHE K 600 65.75 7.19 91.70
C PHE K 600 66.69 6.00 91.51
N GLY K 601 66.13 4.86 91.15
CA GLY K 601 66.95 3.69 90.92
C GLY K 601 67.90 3.89 89.76
N HIS K 602 67.35 4.28 88.61
CA HIS K 602 68.16 4.53 87.41
C HIS K 602 69.07 5.72 87.63
N LEU K 603 68.90 6.38 88.78
CA LEU K 603 69.72 7.55 89.12
C LEU K 603 70.86 7.14 90.03
N SER K 604 70.60 6.16 90.89
CA SER K 604 71.60 5.66 91.83
C SER K 604 72.86 5.25 91.09
N LYS K 605 72.68 4.67 89.92
CA LYS K 605 73.80 4.24 89.10
C LYS K 605 74.54 5.46 88.54
N LEU K 606 73.77 6.41 88.02
CA LEU K 606 74.33 7.62 87.44
C LEU K 606 75.09 8.41 88.50
N LEU K 607 74.45 8.61 89.64
CA LEU K 607 75.05 9.35 90.74
C LEU K 607 76.27 8.61 91.29
N GLY K 608 76.25 7.28 91.16
CA GLY K 608 77.35 6.48 91.67
C GLY K 608 78.59 6.53 90.80
N CYS K 609 78.40 6.62 89.49
CA CYS K 609 79.51 6.66 88.56
C CYS K 609 80.35 7.92 88.71
N LYS K 610 79.72 9.00 89.16
CA LYS K 610 80.44 10.25 89.36
C LYS K 610 81.58 10.08 90.36
N GLN K 611 81.25 9.59 91.54
CA GLN K 611 82.26 9.38 92.58
C GLN K 611 83.34 8.43 92.09
N LYS K 612 82.96 7.53 91.20
CA LYS K 612 83.90 6.56 90.64
C LYS K 612 84.89 7.28 89.74
N ILE K 613 84.41 8.32 89.07
CA ILE K 613 85.26 9.10 88.18
C ILE K 613 86.12 10.04 89.01
N ILE K 614 85.51 10.64 90.02
CA ILE K 614 86.20 11.56 90.90
C ILE K 614 87.19 10.80 91.78
N ASP K 615 86.98 9.50 91.92
CA ASP K 615 87.86 8.66 92.73
C ASP K 615 89.11 8.29 91.94
N LEU K 616 88.96 8.23 90.63
CA LEU K 616 90.07 7.89 89.75
C LEU K 616 90.75 9.18 89.29
N LEU K 617 90.06 10.30 89.49
CA LEU K 617 90.57 11.61 89.10
C LEU K 617 91.96 11.86 89.72
N PRO K 618 92.10 11.62 91.03
CA PRO K 618 93.39 11.85 91.69
C PRO K 618 94.45 10.86 91.23
N LYS K 619 94.03 9.65 90.89
CA LYS K 619 94.95 8.62 90.42
C LYS K 619 95.61 9.05 89.11
N VAL K 620 94.96 9.98 88.42
CA VAL K 620 95.48 10.49 87.15
C VAL K 620 96.70 11.36 87.42
N GLU K 621 96.57 12.29 88.36
CA GLU K 621 97.68 13.18 88.72
C GLU K 621 98.88 12.34 89.18
N VAL K 622 98.58 11.24 89.86
CA VAL K 622 99.59 10.30 90.35
C VAL K 622 100.42 9.82 89.16
N ALA K 623 99.72 9.42 88.10
CA ALA K 623 100.39 8.95 86.89
C ALA K 623 101.26 10.05 86.29
N LEU K 624 100.68 11.24 86.15
CA LEU K 624 101.39 12.39 85.60
C LEU K 624 102.67 12.66 86.39
N SER K 625 102.52 12.85 87.70
CA SER K 625 103.66 13.13 88.57
C SER K 625 104.72 12.04 88.47
N ASN K 626 104.28 10.78 88.48
CA ASN K 626 105.21 9.66 88.41
C ASN K 626 105.92 9.59 87.06
N ILE K 627 105.16 9.79 85.99
CA ILE K 627 105.73 9.75 84.65
C ILE K 627 106.65 10.94 84.44
N LYS K 628 106.26 12.09 84.98
CA LYS K 628 107.05 13.31 84.86
C LYS K 628 108.25 13.27 85.79
N GLU K 629 108.14 12.44 86.82
CA GLU K 629 109.22 12.30 87.79
C GLU K 629 110.43 11.70 87.07
N ALA K 630 110.21 10.58 86.38
CA ALA K 630 111.26 9.91 85.64
C ALA K 630 111.62 10.73 84.40
N ASP K 631 110.61 11.37 83.83
CA ASP K 631 110.80 12.21 82.66
C ASP K 631 111.81 13.31 82.95
N ASN K 632 111.90 13.69 84.22
CA ASN K 632 112.82 14.74 84.64
C ASN K 632 114.15 14.15 85.08
N THR K 633 114.10 13.08 85.86
CA THR K 633 115.30 12.41 86.34
C THR K 633 116.17 11.96 85.17
N VAL K 634 115.61 11.04 84.38
CA VAL K 634 116.32 10.50 83.23
C VAL K 634 116.82 11.63 82.33
N MET K 635 116.05 12.72 82.28
CA MET K 635 116.41 13.88 81.47
C MET K 635 117.76 14.45 81.90
N PHE K 636 117.88 14.80 83.18
CA PHE K 636 119.11 15.36 83.71
C PHE K 636 120.17 14.30 83.94
N MET K 637 119.84 13.06 83.61
CA MET K 637 120.78 11.96 83.75
C MET K 637 121.76 12.01 82.59
N GLN K 638 121.49 12.92 81.66
CA GLN K 638 122.33 13.11 80.49
C GLN K 638 123.71 13.58 80.91
N GLY K 639 123.75 14.34 82.00
CA GLY K 639 125.02 14.85 82.50
C GLY K 639 125.86 13.77 83.15
N LYS K 640 125.20 12.87 83.87
CA LYS K 640 125.88 11.78 84.54
C LYS K 640 126.30 10.72 83.52
N ARG K 641 125.92 10.95 82.26
CA ARG K 641 126.25 10.02 81.18
C ARG K 641 127.12 10.69 80.12
N GLN K 642 127.15 12.02 80.13
CA GLN K 642 127.96 12.78 79.19
C GLN K 642 128.98 13.63 79.93
N LYS K 643 128.49 14.55 80.77
CA LYS K 643 129.35 15.43 81.54
C LYS K 643 130.39 14.66 82.36
N GLU K 644 130.05 13.43 82.75
CA GLU K 644 130.97 12.61 83.52
C GLU K 644 132.12 12.08 82.66
N ILE K 645 132.03 12.32 81.36
CA ILE K 645 133.07 11.88 80.43
C ILE K 645 134.09 13.01 80.27
N TRP K 646 133.61 14.24 80.30
CA TRP K 646 134.48 15.42 80.17
C TRP K 646 135.24 15.65 81.47
N HIS K 647 134.58 15.35 82.59
CA HIS K 647 135.19 15.51 83.90
C HIS K 647 136.29 14.46 84.02
N LEU K 648 136.07 13.34 83.34
CA LEU K 648 137.02 12.22 83.33
C LEU K 648 137.69 12.20 81.94
N LEU K 649 138.22 13.35 81.54
CA LEU K 649 138.87 13.49 80.24
C LEU K 649 140.27 14.08 80.36
N LYS K 650 140.44 15.04 81.27
CA LYS K 650 141.74 15.69 81.47
C LYS K 650 142.70 14.85 82.29
N ILE K 651 142.44 13.54 82.38
CA ILE K 651 143.28 12.64 83.13
C ILE K 651 144.71 12.65 82.60
N ALA K 652 144.84 12.89 81.29
CA ALA K 652 146.14 12.93 80.64
C ALA K 652 146.31 14.21 79.83
N CYS K 653 145.33 15.09 79.90
CA CYS K 653 145.36 16.36 79.17
C CYS K 653 146.29 17.34 79.87
N THR K 654 147.05 16.84 80.84
CA THR K 654 147.99 17.66 81.59
C THR K 654 149.29 16.91 81.89
N GLN K 655 149.61 15.91 81.08
CA GLN K 655 150.83 15.13 81.25
C GLN K 655 151.98 15.73 80.45
N ASP L 1 34.75 -45.70 80.48
CA ASP L 1 35.75 -44.60 80.40
C ASP L 1 35.49 -43.72 79.18
N PRO L 2 35.67 -42.40 79.32
CA PRO L 2 35.46 -41.46 78.22
C PRO L 2 36.60 -41.49 77.20
N GLU L 3 36.41 -42.22 76.11
CA GLU L 3 37.42 -42.34 75.06
C GLU L 3 38.74 -42.84 75.65
N PHE L 4 39.58 -41.92 76.11
CA PHE L 4 40.86 -42.27 76.70
C PHE L 4 41.07 -41.51 78.01
N GLY L 5 40.52 -42.06 79.09
CA GLY L 5 40.65 -41.42 80.40
C GLY L 5 39.92 -42.16 81.50
N ALA L 6 40.38 -43.38 81.79
CA ALA L 6 39.77 -44.19 82.83
C ALA L 6 39.74 -43.44 84.15
N GLY L 7 40.92 -43.09 84.65
CA GLY L 7 41.02 -42.36 85.91
C GLY L 7 41.46 -40.93 85.70
N GLY L 8 42.15 -40.69 84.60
CA GLY L 8 42.64 -39.35 84.29
C GLY L 8 44.11 -39.24 83.93
N PRO L 9 44.76 -40.31 83.46
CA PRO L 9 46.18 -40.20 83.13
C PRO L 9 46.42 -39.19 82.01
N TRP L 10 46.49 -39.69 80.77
CA TRP L 10 46.71 -38.85 79.61
C TRP L 10 45.43 -38.10 79.26
N GLU L 11 45.40 -37.53 78.05
CA GLU L 11 44.23 -36.79 77.60
C GLU L 11 44.47 -36.27 76.18
N MET L 12 43.57 -36.61 75.27
CA MET L 12 43.70 -36.18 73.88
C MET L 12 43.19 -34.76 73.65
N ARG L 13 43.92 -34.01 72.83
CA ARG L 13 43.57 -32.63 72.49
C ARG L 13 42.64 -32.61 71.28
N GLU L 14 43.24 -32.79 70.10
CA GLU L 14 42.49 -32.80 68.85
C GLU L 14 42.84 -34.03 68.04
N ARG L 15 41.97 -34.40 67.10
CA ARG L 15 42.20 -35.56 66.25
C ARG L 15 43.19 -35.18 65.15
N LEU L 16 43.29 -36.04 64.14
CA LEU L 16 44.19 -35.80 63.02
C LEU L 16 43.48 -35.91 61.67
N GLY L 17 44.28 -35.91 60.59
CA GLY L 17 43.72 -36.01 59.26
C GLY L 17 43.17 -37.37 58.90
N THR L 18 43.61 -37.88 57.75
CA THR L 18 43.19 -39.18 57.26
C THR L 18 43.48 -40.32 58.24
N GLY L 19 43.10 -41.53 57.86
CA GLY L 19 43.33 -42.69 58.71
C GLY L 19 42.12 -43.61 58.75
N GLY L 20 40.97 -43.04 59.11
CA GLY L 20 39.76 -43.82 59.19
C GLY L 20 38.84 -43.35 60.30
N PHE L 21 37.81 -44.14 60.58
CA PHE L 21 36.85 -43.81 61.63
C PHE L 21 37.56 -43.49 62.94
N GLY L 22 37.63 -42.20 63.27
CA GLY L 22 38.30 -41.79 64.50
C GLY L 22 39.72 -42.29 64.55
N ASN L 23 40.54 -41.86 63.59
CA ASN L 23 41.93 -42.27 63.53
C ASN L 23 42.76 -41.72 64.68
N VAL L 24 44.02 -41.43 64.41
CA VAL L 24 44.94 -40.91 65.43
C VAL L 24 44.41 -39.63 66.08
N CYS L 25 44.80 -39.44 67.34
CA CYS L 25 44.39 -38.26 68.11
C CYS L 25 45.58 -37.70 68.89
N LEU L 26 45.68 -36.39 68.96
CA LEU L 26 46.78 -35.74 69.69
C LEU L 26 46.65 -36.04 71.18
N TYR L 27 47.38 -37.05 71.63
CA TYR L 27 47.33 -37.46 73.03
C TYR L 27 48.42 -36.80 73.87
N GLN L 28 48.00 -35.86 74.71
CA GLN L 28 48.93 -35.15 75.60
C GLN L 28 48.71 -35.62 77.04
N HIS L 29 49.77 -35.59 77.84
CA HIS L 29 49.66 -36.02 79.23
C HIS L 29 49.51 -34.82 80.15
N ARG L 30 48.32 -34.67 80.73
CA ARG L 30 48.02 -33.56 81.63
C ARG L 30 49.07 -33.46 82.73
N GLU L 31 49.60 -34.61 83.13
CA GLU L 31 50.60 -34.67 84.19
C GLU L 31 52.01 -34.41 83.65
N LEU L 32 52.49 -35.30 82.79
CA LEU L 32 53.81 -35.17 82.19
C LEU L 32 53.85 -34.11 81.10
N ASP L 33 54.79 -34.24 80.17
CA ASP L 33 54.93 -33.30 79.08
C ASP L 33 54.88 -33.98 77.71
N LEU L 34 54.71 -35.30 77.72
CA LEU L 34 54.64 -36.06 76.47
C LEU L 34 53.31 -35.84 75.76
N LYS L 35 53.37 -35.59 74.47
CA LYS L 35 52.19 -35.36 73.67
C LYS L 35 52.12 -36.29 72.46
N ILE L 36 52.77 -37.43 72.56
CA ILE L 36 52.78 -38.40 71.47
C ILE L 36 51.36 -38.84 71.13
N ALA L 37 51.03 -38.82 69.84
CA ALA L 37 49.70 -39.21 69.38
C ALA L 37 49.63 -40.70 69.07
N ILE L 38 48.46 -41.30 69.31
CA ILE L 38 48.24 -42.72 69.06
C ILE L 38 47.00 -42.90 68.19
N LYS L 39 47.01 -43.92 67.33
CA LYS L 39 45.87 -44.16 66.45
C LYS L 39 44.80 -44.97 67.14
N SER L 40 43.54 -44.57 66.90
CA SER L 40 42.40 -45.25 67.48
C SER L 40 41.74 -46.14 66.42
N CYS L 41 41.42 -47.37 66.82
CA CYS L 41 40.78 -48.33 65.93
C CYS L 41 39.35 -47.91 65.57
N ARG L 42 38.94 -48.23 64.34
CA ARG L 42 37.60 -47.89 63.90
C ARG L 42 36.59 -48.68 64.74
N LEU L 43 35.38 -48.81 64.21
CA LEU L 43 34.33 -49.56 64.90
C LEU L 43 34.69 -51.05 64.97
N GLU L 44 33.76 -51.92 64.60
CA GLU L 44 34.00 -53.35 64.62
C GLU L 44 34.75 -53.83 63.37
N LEU L 45 36.08 -53.69 63.38
CA LEU L 45 36.89 -54.11 62.25
C LEU L 45 36.62 -55.58 61.92
N SER L 46 36.42 -55.85 60.63
CA SER L 46 36.14 -57.20 60.17
C SER L 46 37.24 -58.16 60.64
N THR L 47 36.86 -59.42 60.82
CA THR L 47 37.81 -60.44 61.24
C THR L 47 39.01 -60.50 60.30
N LYS L 48 38.73 -60.41 59.00
CA LYS L 48 39.79 -60.45 57.99
C LYS L 48 40.62 -59.16 58.02
N ASN L 49 39.97 -58.06 58.37
CA ASN L 49 40.63 -56.76 58.43
C ASN L 49 41.47 -56.65 59.71
N ARG L 50 41.18 -57.49 60.68
CA ARG L 50 41.90 -57.47 61.95
C ARG L 50 43.39 -57.70 61.74
N GLU L 51 43.74 -58.56 60.79
CA GLU L 51 45.14 -58.86 60.52
C GLU L 51 45.83 -57.70 59.81
N ARG L 52 45.03 -56.82 59.20
CA ARG L 52 45.56 -55.67 58.50
C ARG L 52 46.09 -54.62 59.49
N TRP L 53 45.33 -54.41 60.57
CA TRP L 53 45.71 -53.45 61.60
C TRP L 53 46.95 -53.90 62.36
N CYS L 54 46.93 -55.15 62.81
CA CYS L 54 48.07 -55.72 63.53
C CYS L 54 49.29 -55.75 62.63
N HIS L 55 49.05 -55.64 61.33
CA HIS L 55 50.12 -55.65 60.33
C HIS L 55 50.82 -54.30 60.26
N GLU L 56 50.03 -53.23 60.24
CA GLU L 56 50.57 -51.88 60.18
C GLU L 56 51.52 -51.62 61.33
N ILE L 57 51.05 -51.86 62.55
CA ILE L 57 51.86 -51.66 63.74
C ILE L 57 53.16 -52.47 63.67
N GLN L 58 53.08 -53.61 62.97
CA GLN L 58 54.23 -54.49 62.81
C GLN L 58 55.35 -53.79 62.04
N ILE L 59 55.08 -53.51 60.77
CA ILE L 59 56.05 -52.84 59.91
C ILE L 59 56.37 -51.42 60.38
N MET L 60 55.43 -50.80 61.10
CA MET L 60 55.62 -49.44 61.60
C MET L 60 56.76 -49.38 62.62
N LYS L 61 56.85 -50.41 63.47
CA LYS L 61 57.89 -50.46 64.47
C LYS L 61 59.24 -50.80 63.81
N LYS L 62 59.17 -51.27 62.56
CA LYS L 62 60.37 -51.63 61.81
C LYS L 62 61.03 -50.36 61.29
N LEU L 63 60.24 -49.31 61.11
CA LEU L 63 60.73 -48.04 60.61
C LEU L 63 61.28 -47.18 61.73
N ASN L 64 62.50 -46.69 61.55
CA ASN L 64 63.12 -45.84 62.56
C ASN L 64 64.07 -44.77 61.98
N HIS L 65 63.60 -44.05 60.96
CA HIS L 65 64.41 -43.00 60.34
C HIS L 65 63.79 -41.61 60.50
N ALA L 66 64.65 -40.60 60.56
CA ALA L 66 64.23 -39.21 60.75
C ALA L 66 63.42 -38.63 59.59
N ASN L 67 63.23 -39.42 58.53
CA ASN L 67 62.49 -38.94 57.38
C ASN L 67 61.15 -39.64 57.24
N VAL L 68 60.71 -40.30 58.31
CA VAL L 68 59.43 -41.01 58.28
C VAL L 68 58.64 -40.77 59.57
N VAL L 69 58.28 -41.85 60.25
CA VAL L 69 57.52 -41.76 61.50
C VAL L 69 58.26 -42.49 62.63
N LYS L 70 57.50 -43.00 63.60
CA LYS L 70 58.07 -43.71 64.73
C LYS L 70 56.97 -44.39 65.52
N ALA L 71 56.74 -45.67 65.23
CA ALA L 71 55.70 -46.43 65.91
C ALA L 71 56.11 -46.74 67.36
N CYS L 72 55.69 -45.89 68.28
CA CYS L 72 56.00 -46.08 69.70
C CYS L 72 55.21 -47.28 70.24
N ASP L 73 54.83 -47.23 71.51
CA ASP L 73 54.09 -48.32 72.12
C ASP L 73 52.96 -47.80 73.01
N VAL L 74 52.02 -48.68 73.34
CA VAL L 74 50.89 -48.31 74.18
C VAL L 74 51.34 -47.86 75.58
N PRO L 75 51.12 -46.58 75.91
CA PRO L 75 51.50 -46.01 77.21
C PRO L 75 50.67 -46.52 78.38
N GLU L 76 49.98 -45.61 79.05
CA GLU L 76 49.14 -45.95 80.20
C GLU L 76 48.01 -46.90 79.81
N GLU L 77 46.91 -46.34 79.32
CA GLU L 77 45.75 -47.14 78.92
C GLU L 77 46.02 -47.78 77.57
N LEU L 78 46.03 -49.11 77.54
CA LEU L 78 46.27 -49.85 76.30
C LEU L 78 44.97 -50.14 75.55
N ASN L 79 44.03 -50.81 76.23
CA ASN L 79 42.74 -51.14 75.63
C ASN L 79 42.88 -51.82 74.28
N ILE L 80 41.77 -51.87 73.54
CA ILE L 80 41.73 -52.48 72.22
C ILE L 80 40.63 -51.83 71.40
N LEU L 81 40.08 -50.76 71.93
CA LEU L 81 39.02 -50.02 71.27
C LEU L 81 37.80 -50.91 71.06
N ILE L 82 37.49 -51.17 69.79
CA ILE L 82 36.35 -52.01 69.45
C ILE L 82 36.89 -53.28 68.78
N HIS L 83 36.51 -54.42 69.33
CA HIS L 83 36.97 -55.72 68.82
C HIS L 83 38.48 -55.82 69.02
N ASP L 84 39.03 -56.99 68.71
CA ASP L 84 40.47 -57.23 68.87
C ASP L 84 41.31 -56.41 67.89
N VAL L 85 41.81 -55.27 68.37
CA VAL L 85 42.64 -54.38 67.56
C VAL L 85 43.51 -53.50 68.45
N PRO L 86 44.84 -53.69 68.40
CA PRO L 86 45.81 -52.93 69.20
C PRO L 86 45.90 -51.47 68.76
N LEU L 87 46.69 -50.66 69.49
CA LEU L 87 46.84 -49.25 69.14
C LEU L 87 48.13 -48.99 68.39
N LEU L 88 48.31 -47.75 67.96
CA LEU L 88 49.50 -47.35 67.23
C LEU L 88 50.04 -46.03 67.72
N ALA L 89 51.00 -46.08 68.65
CA ALA L 89 51.62 -44.87 69.19
C ALA L 89 52.70 -44.38 68.23
N MET L 90 52.90 -43.07 68.19
CA MET L 90 53.90 -42.48 67.30
C MET L 90 54.21 -41.03 67.65
N GLU L 91 55.37 -40.57 67.21
CA GLU L 91 55.80 -39.20 67.46
C GLU L 91 54.83 -38.18 66.89
N TYR L 92 54.65 -37.08 67.61
CA TYR L 92 53.76 -36.01 67.18
C TYR L 92 54.54 -34.81 66.65
N CYS L 93 53.95 -34.10 65.68
CA CYS L 93 54.58 -32.93 65.09
C CYS L 93 53.57 -31.80 64.95
N SER L 94 53.81 -30.70 65.65
CA SER L 94 52.91 -29.55 65.61
C SER L 94 53.12 -28.72 64.36
N GLY L 95 54.14 -29.08 63.58
CA GLY L 95 54.42 -28.34 62.35
C GLY L 95 53.33 -28.48 61.31
N GLY L 96 52.27 -29.21 61.65
CA GLY L 96 51.16 -29.41 60.73
C GLY L 96 51.57 -30.17 59.48
N ASP L 97 50.60 -30.51 58.66
CA ASP L 97 50.86 -31.23 57.42
C ASP L 97 51.55 -30.33 56.39
N LEU L 98 51.85 -30.91 55.23
CA LEU L 98 52.49 -30.16 54.16
C LEU L 98 51.48 -29.24 53.48
N ARG L 99 50.23 -29.67 53.43
CA ARG L 99 49.18 -28.88 52.81
C ARG L 99 49.11 -27.49 53.43
N LYS L 100 49.55 -27.38 54.67
CA LYS L 100 49.55 -26.09 55.38
C LYS L 100 50.50 -25.12 54.68
N LEU L 101 51.77 -25.52 54.60
CA LEU L 101 52.79 -24.71 53.95
C LEU L 101 52.45 -24.42 52.49
N LEU L 102 51.72 -25.34 51.88
CA LEU L 102 51.33 -25.20 50.49
C LEU L 102 50.22 -24.16 50.31
N ASN L 103 49.26 -24.16 51.21
CA ASN L 103 48.14 -23.24 51.15
C ASN L 103 48.52 -21.83 51.61
N LYS L 104 49.69 -21.70 52.21
CA LYS L 104 50.15 -20.40 52.68
C LYS L 104 50.19 -19.39 51.54
N PRO L 105 49.46 -18.28 51.67
CA PRO L 105 49.42 -17.23 50.65
C PRO L 105 50.82 -16.77 50.24
N GLU L 106 51.72 -16.72 51.21
CA GLU L 106 53.10 -16.29 50.96
C GLU L 106 53.78 -17.21 49.94
N ASN L 107 53.44 -18.50 49.99
CA ASN L 107 54.00 -19.50 49.08
C ASN L 107 52.95 -19.96 48.09
N CYS L 108 52.11 -19.03 47.63
CA CYS L 108 51.04 -19.35 46.70
C CYS L 108 51.54 -19.58 45.28
N CYS L 109 52.65 -18.96 44.92
CA CYS L 109 53.22 -19.10 43.57
C CYS L 109 54.60 -19.75 43.55
N GLY L 110 54.79 -20.74 44.41
CA GLY L 110 56.06 -21.44 44.45
C GLY L 110 56.86 -21.15 45.71
N LEU L 111 56.93 -22.13 46.60
CA LEU L 111 57.68 -21.98 47.84
C LEU L 111 59.12 -21.58 47.57
N LYS L 112 59.78 -21.02 48.57
CA LYS L 112 61.16 -20.56 48.46
C LYS L 112 62.15 -21.69 48.17
N GLU L 113 63.20 -21.37 47.42
CA GLU L 113 64.22 -22.35 47.05
C GLU L 113 64.69 -23.16 48.25
N SER L 114 64.85 -22.50 49.39
CA SER L 114 65.29 -23.17 50.61
C SER L 114 64.36 -24.33 50.98
N GLN L 115 63.09 -24.01 51.23
CA GLN L 115 62.10 -25.02 51.58
C GLN L 115 61.97 -26.11 50.51
N ILE L 116 62.01 -25.70 49.24
CA ILE L 116 61.91 -26.63 48.12
C ILE L 116 62.92 -27.76 48.24
N LEU L 117 64.20 -27.43 48.06
CA LEU L 117 65.28 -28.41 48.15
C LEU L 117 65.29 -29.11 49.51
N SER L 118 64.87 -28.39 50.54
CA SER L 118 64.83 -28.94 51.90
C SER L 118 63.79 -30.05 52.00
N LEU L 119 62.96 -30.18 50.97
CA LEU L 119 61.94 -31.22 50.92
C LEU L 119 62.44 -32.45 50.16
N LEU L 120 63.31 -32.22 49.18
CA LEU L 120 63.90 -33.31 48.40
C LEU L 120 64.88 -34.10 49.27
N SER L 121 65.78 -33.39 49.96
CA SER L 121 66.78 -34.01 50.83
C SER L 121 66.10 -34.74 51.99
N ASP L 122 64.86 -34.36 52.27
CA ASP L 122 64.08 -34.98 53.35
C ASP L 122 63.19 -36.11 52.84
N ILE L 123 62.11 -35.75 52.14
CA ILE L 123 61.19 -36.75 51.60
C ILE L 123 61.90 -37.71 50.66
N GLY L 124 62.88 -37.20 49.92
CA GLY L 124 63.64 -38.03 49.00
C GLY L 124 64.43 -39.11 49.71
N SER L 125 64.87 -38.82 50.93
CA SER L 125 65.64 -39.77 51.73
C SER L 125 64.70 -40.77 52.41
N GLY L 126 63.61 -40.25 52.97
CA GLY L 126 62.63 -41.11 53.64
C GLY L 126 61.93 -42.03 52.66
N ILE L 127 61.55 -41.49 51.50
CA ILE L 127 60.86 -42.28 50.47
C ILE L 127 61.79 -43.41 49.98
N ARG L 128 63.10 -43.16 50.06
CA ARG L 128 64.10 -44.14 49.64
C ARG L 128 64.23 -45.21 50.73
N TYR L 129 64.23 -44.78 51.99
CA TYR L 129 64.35 -45.68 53.14
C TYR L 129 63.25 -46.74 53.09
N LEU L 130 62.02 -46.29 52.88
CA LEU L 130 60.88 -47.21 52.82
C LEU L 130 61.11 -48.26 51.73
N HIS L 131 61.81 -47.87 50.67
CA HIS L 131 62.11 -48.78 49.58
C HIS L 131 63.23 -49.75 49.95
N GLU L 132 63.92 -49.47 51.05
CA GLU L 132 65.00 -50.32 51.54
C GLU L 132 64.46 -51.33 52.55
N ASN L 133 63.14 -51.42 52.65
CA ASN L 133 62.47 -52.35 53.56
C ASN L 133 61.29 -52.99 52.84
N LYS L 134 61.33 -52.94 51.51
CA LYS L 134 60.28 -53.50 50.66
C LYS L 134 58.92 -52.90 51.01
N ILE L 135 58.94 -51.72 51.64
CA ILE L 135 57.72 -51.02 52.02
C ILE L 135 57.47 -49.90 51.01
N ILE L 136 56.39 -50.02 50.26
CA ILE L 136 56.04 -49.02 49.24
C ILE L 136 54.77 -48.25 49.60
N HIS L 137 54.92 -46.95 49.80
CA HIS L 137 53.79 -46.08 50.13
C HIS L 137 53.41 -45.26 48.90
N ARG L 138 52.38 -45.72 48.19
CA ARG L 138 51.93 -45.03 46.97
C ARG L 138 51.05 -43.82 47.26
N ASP L 139 50.30 -43.87 48.36
CA ASP L 139 49.42 -42.77 48.73
C ASP L 139 50.23 -41.59 49.30
N LEU L 140 51.39 -41.33 48.71
CA LEU L 140 52.25 -40.23 49.16
C LEU L 140 51.70 -38.88 48.73
N LYS L 141 50.62 -38.46 49.38
CA LYS L 141 49.99 -37.19 49.08
C LYS L 141 50.41 -36.14 50.11
N PRO L 142 50.48 -34.86 49.68
CA PRO L 142 50.87 -33.74 50.53
C PRO L 142 50.28 -33.77 51.94
N GLU L 143 49.00 -34.14 52.04
CA GLU L 143 48.34 -34.20 53.35
C GLU L 143 48.83 -35.37 54.19
N ASN L 144 49.99 -35.91 53.82
CA ASN L 144 50.59 -37.03 54.56
C ASN L 144 52.05 -36.76 54.85
N ILE L 145 52.45 -35.50 54.80
CA ILE L 145 53.82 -35.11 55.07
C ILE L 145 53.87 -34.08 56.19
N VAL L 146 54.01 -34.56 57.43
CA VAL L 146 54.08 -33.70 58.60
C VAL L 146 55.40 -32.94 58.67
N LEU L 147 55.38 -31.80 59.38
CA LEU L 147 56.56 -30.97 59.56
C LEU L 147 56.88 -30.79 61.04
N GLN L 148 58.15 -30.55 61.34
CA GLN L 148 58.58 -30.37 62.72
C GLN L 148 59.78 -29.44 62.79
N ASP L 149 59.83 -28.62 63.83
CA ASP L 149 60.91 -27.67 64.02
C ASP L 149 62.03 -28.32 64.86
N VAL L 150 62.53 -29.45 64.39
CA VAL L 150 63.60 -30.16 65.08
C VAL L 150 64.84 -29.30 65.20
N GLY L 151 64.98 -28.62 66.34
CA GLY L 151 66.13 -27.76 66.56
C GLY L 151 65.88 -26.34 66.08
N GLY L 152 65.96 -26.13 64.77
CA GLY L 152 65.75 -24.82 64.22
C GLY L 152 65.19 -24.84 62.80
N LYS L 153 65.62 -25.83 62.02
CA LYS L 153 65.17 -25.96 60.64
C LYS L 153 63.94 -26.88 60.54
N ILE L 154 63.18 -26.72 59.47
CA ILE L 154 61.98 -27.53 59.25
C ILE L 154 62.36 -28.91 58.77
N ILE L 155 61.81 -29.93 59.43
CA ILE L 155 62.10 -31.32 59.08
C ILE L 155 60.85 -32.02 58.54
N HIS L 156 60.87 -32.33 57.25
CA HIS L 156 59.75 -33.00 56.59
C HIS L 156 59.80 -34.50 56.91
N LYS L 157 58.64 -35.08 57.16
CA LYS L 157 58.55 -36.50 57.49
C LYS L 157 57.30 -37.16 56.92
N ILE L 158 57.48 -38.30 56.27
CA ILE L 158 56.37 -39.04 55.70
C ILE L 158 55.58 -39.63 56.86
N ILE L 159 54.31 -39.94 56.65
CA ILE L 159 53.51 -40.49 57.73
C ILE L 159 52.30 -41.27 57.23
N ASP L 160 51.77 -42.13 58.09
CA ASP L 160 50.62 -42.97 57.78
C ASP L 160 50.91 -43.93 56.63
N LEU L 161 50.85 -45.22 56.93
CA LEU L 161 51.10 -46.25 55.92
C LEU L 161 49.95 -47.26 55.88
N GLY L 162 48.83 -46.90 56.52
CA GLY L 162 47.69 -47.80 56.55
C GLY L 162 47.09 -48.01 55.17
N TYR L 163 47.59 -47.26 54.20
CA TYR L 163 47.10 -47.36 52.83
C TYR L 163 48.23 -47.82 51.90
N ALA L 164 49.46 -47.79 52.42
CA ALA L 164 50.62 -48.20 51.65
C ALA L 164 50.57 -49.68 51.28
N LYS L 165 51.64 -50.16 50.67
CA LYS L 165 51.73 -51.55 50.25
C LYS L 165 52.96 -52.19 50.88
N ASP L 166 53.07 -53.51 50.76
CA ASP L 166 54.22 -54.24 51.30
C ASP L 166 54.22 -55.66 50.74
N VAL L 167 55.35 -56.07 50.16
CA VAL L 167 55.50 -57.39 49.56
C VAL L 167 55.66 -58.50 50.60
N ASP L 168 55.27 -58.22 51.84
CA ASP L 168 55.39 -59.20 52.92
C ASP L 168 54.04 -59.68 53.42
N GLN L 169 53.93 -59.88 54.73
CA GLN L 169 52.69 -60.34 55.36
C GLN L 169 51.50 -59.44 55.06
N GLY L 170 50.76 -59.79 54.01
CA GLY L 170 49.59 -59.01 53.65
C GLY L 170 49.90 -57.84 52.71
N GLU L 171 50.11 -58.15 51.44
CA GLU L 171 50.40 -57.12 50.44
C GLU L 171 49.28 -56.08 50.39
N LEU L 172 49.67 -54.81 50.28
CA LEU L 172 48.72 -53.72 50.21
C LEU L 172 47.78 -53.72 51.41
N CYS L 173 46.71 -52.92 51.32
CA CYS L 173 45.73 -52.83 52.39
C CYS L 173 44.36 -52.46 51.81
N THR L 174 44.34 -51.50 50.89
CA THR L 174 43.11 -51.06 50.26
C THR L 174 43.43 -50.25 49.00
N GLU L 175 43.17 -50.84 47.84
CA GLU L 175 43.42 -50.19 46.56
C GLU L 175 43.07 -48.71 46.58
N PHE L 176 41.78 -48.42 46.46
CA PHE L 176 41.30 -47.03 46.46
C PHE L 176 41.32 -46.40 47.85
N VAL L 177 41.45 -45.07 47.87
CA VAL L 177 41.48 -44.32 49.12
C VAL L 177 40.30 -43.32 49.16
N GLY L 178 40.57 -42.08 48.75
CA GLY L 178 39.54 -41.07 48.74
C GLY L 178 40.04 -39.76 48.19
N THR L 179 39.33 -39.21 47.21
CA THR L 179 39.69 -37.93 46.59
C THR L 179 41.15 -37.97 46.19
N LEU L 180 41.47 -38.78 45.19
CA LEU L 180 42.84 -38.92 44.74
C LEU L 180 43.24 -37.79 43.83
N GLN L 181 44.51 -37.38 43.93
CA GLN L 181 45.05 -36.30 43.11
C GLN L 181 46.56 -36.45 42.93
N TYR L 182 47.22 -37.05 43.91
CA TYR L 182 48.66 -37.27 43.86
C TYR L 182 49.02 -38.74 43.92
N LEU L 183 48.86 -39.43 42.80
CA LEU L 183 49.18 -40.86 42.74
C LEU L 183 49.38 -41.31 41.31
N ALA L 184 50.35 -42.21 41.11
CA ALA L 184 50.64 -42.74 39.79
C ALA L 184 49.39 -43.36 39.15
N PRO L 185 49.29 -43.30 37.81
CA PRO L 185 48.14 -43.85 37.08
C PRO L 185 48.06 -45.37 37.11
N GLU L 186 48.84 -45.98 38.00
CA GLU L 186 48.87 -47.43 38.11
C GLU L 186 47.62 -47.95 38.80
N LEU L 187 47.38 -47.48 40.02
CA LEU L 187 46.22 -47.93 40.78
C LEU L 187 44.89 -47.51 40.18
N PHE L 188 44.95 -46.76 39.08
CA PHE L 188 43.74 -46.30 38.40
C PHE L 188 43.18 -47.37 37.48
N GLU L 189 43.95 -48.45 37.30
CA GLU L 189 43.53 -49.54 36.43
C GLU L 189 43.49 -50.86 37.21
N ASN L 190 43.94 -50.80 38.47
CA ASN L 190 43.97 -51.98 39.34
C ASN L 190 44.80 -53.10 38.71
N LYS L 191 45.56 -52.75 37.67
CA LYS L 191 46.41 -53.70 36.97
C LYS L 191 47.72 -53.88 37.72
N PRO L 192 48.53 -54.89 37.33
CA PRO L 192 49.81 -55.14 37.99
C PRO L 192 50.66 -53.88 38.13
N TYR L 193 50.69 -53.34 39.35
CA TYR L 193 51.46 -52.12 39.64
C TYR L 193 52.94 -52.43 39.81
N THR L 194 53.70 -51.40 40.14
CA THR L 194 55.14 -51.56 40.33
C THR L 194 55.59 -50.87 41.61
N ALA L 195 56.91 -50.71 41.76
CA ALA L 195 57.47 -50.06 42.94
C ALA L 195 57.79 -48.59 42.65
N THR L 196 57.65 -48.20 41.38
CA THR L 196 57.92 -46.83 40.97
C THR L 196 56.72 -45.93 41.25
N VAL L 197 55.61 -46.54 41.64
CA VAL L 197 54.37 -45.80 41.93
C VAL L 197 54.64 -44.65 42.89
N ASP L 198 55.63 -44.82 43.76
CA ASP L 198 55.98 -43.79 44.73
C ASP L 198 56.70 -42.61 44.08
N TYR L 199 57.55 -42.91 43.10
CA TYR L 199 58.31 -41.87 42.40
C TYR L 199 57.40 -40.79 41.83
N TRP L 200 56.23 -41.20 41.36
CA TRP L 200 55.26 -40.27 40.80
C TRP L 200 54.69 -39.34 41.88
N SER L 201 54.22 -39.92 42.97
CA SER L 201 53.66 -39.15 44.07
C SER L 201 54.65 -38.09 44.56
N PHE L 202 55.91 -38.49 44.71
CA PHE L 202 56.96 -37.59 45.16
C PHE L 202 57.25 -36.51 44.11
N GLY L 203 57.37 -36.92 42.85
CA GLY L 203 57.64 -35.96 41.79
C GLY L 203 56.57 -34.90 41.66
N THR L 204 55.31 -35.31 41.62
CA THR L 204 54.18 -34.38 41.51
C THR L 204 54.23 -33.29 42.55
N MET L 205 54.50 -33.67 43.80
CA MET L 205 54.56 -32.72 44.89
C MET L 205 55.74 -31.76 44.71
N VAL L 206 56.91 -32.31 44.36
CA VAL L 206 58.10 -31.49 44.14
C VAL L 206 57.80 -30.37 43.14
N PHE L 207 57.03 -30.70 42.11
CA PHE L 207 56.65 -29.73 41.08
C PHE L 207 55.79 -28.64 41.72
N GLU L 208 54.75 -29.05 42.42
CA GLU L 208 53.85 -28.12 43.09
C GLU L 208 54.58 -27.23 44.11
N CYS L 209 55.64 -27.76 44.71
CA CYS L 209 56.41 -26.99 45.69
C CYS L 209 57.29 -25.96 45.01
N ILE L 210 57.06 -25.75 43.72
CA ILE L 210 57.83 -24.79 42.94
C ILE L 210 56.89 -23.91 42.13
N ALA L 211 55.79 -24.50 41.67
CA ALA L 211 54.78 -23.78 40.88
C ALA L 211 53.62 -23.35 41.77
N GLY L 212 53.16 -24.26 42.64
CA GLY L 212 52.06 -23.95 43.53
C GLY L 212 50.78 -24.68 43.17
N TYR L 213 50.87 -25.57 42.18
CA TYR L 213 49.74 -26.36 41.72
C TYR L 213 50.18 -27.69 41.10
N ARG L 214 49.21 -28.57 40.87
CA ARG L 214 49.51 -29.88 40.31
C ARG L 214 50.38 -29.82 39.05
N PRO L 215 51.09 -30.93 38.76
CA PRO L 215 51.97 -31.03 37.61
C PRO L 215 51.22 -31.06 36.28
N PHE L 216 49.90 -31.24 36.35
CA PHE L 216 49.06 -31.29 35.16
C PHE L 216 47.78 -30.50 35.41
N LEU L 217 46.73 -30.80 34.64
CA LEU L 217 45.45 -30.11 34.81
C LEU L 217 44.94 -30.22 36.25
N HIS L 218 45.18 -29.17 37.03
CA HIS L 218 44.76 -29.13 38.42
C HIS L 218 43.28 -28.80 38.54
N HIS L 219 42.77 -28.81 39.76
CA HIS L 219 41.37 -28.52 40.03
C HIS L 219 40.45 -29.29 39.08
N LEU L 220 40.87 -30.49 38.72
CA LEU L 220 40.08 -31.34 37.83
C LEU L 220 40.12 -32.78 38.31
N GLN L 221 38.97 -33.29 38.73
CA GLN L 221 38.83 -34.65 39.23
C GLN L 221 39.74 -35.62 38.47
N PRO L 222 40.40 -36.53 39.19
CA PRO L 222 41.29 -37.50 38.54
C PRO L 222 40.57 -38.39 37.54
N PHE L 223 39.26 -38.54 37.72
CA PHE L 223 38.45 -39.36 36.83
C PHE L 223 38.59 -38.85 35.41
N THR L 224 38.49 -37.53 35.27
CA THR L 224 38.62 -36.90 33.96
C THR L 224 40.04 -36.39 33.75
N TRP L 225 40.84 -36.43 34.80
CA TRP L 225 42.21 -35.97 34.74
C TRP L 225 43.10 -36.95 33.97
N HIS L 226 42.92 -38.24 34.25
CA HIS L 226 43.69 -39.28 33.57
C HIS L 226 43.11 -39.62 32.20
N GLU L 227 42.86 -38.59 31.40
CA GLU L 227 42.30 -38.77 30.07
C GLU L 227 42.90 -37.76 29.10
N LYS L 228 42.48 -36.51 29.20
CA LYS L 228 42.98 -35.47 28.33
C LYS L 228 44.48 -35.31 28.49
N ILE L 229 45.06 -36.04 29.43
CA ILE L 229 46.48 -36.00 29.68
C ILE L 229 47.10 -37.38 29.57
N LYS L 230 46.24 -38.40 29.51
CA LYS L 230 46.71 -39.77 29.41
C LYS L 230 47.74 -39.94 28.30
N LYS L 231 47.49 -39.28 27.16
CA LYS L 231 48.40 -39.36 26.02
C LYS L 231 49.82 -39.02 26.49
N LYS L 232 49.91 -38.02 27.36
CA LYS L 232 51.19 -37.58 27.89
C LYS L 232 52.17 -37.22 26.78
N ASP L 233 53.35 -36.77 27.16
CA ASP L 233 54.39 -36.38 26.21
C ASP L 233 55.77 -36.82 26.68
N PRO L 234 56.78 -36.69 25.81
CA PRO L 234 58.15 -37.07 26.16
C PRO L 234 58.73 -36.28 27.34
N LYS L 235 58.65 -36.88 28.52
CA LYS L 235 59.18 -36.26 29.74
C LYS L 235 58.47 -34.95 30.08
N CYS L 236 57.17 -34.91 29.82
CA CYS L 236 56.35 -33.74 30.10
C CYS L 236 56.12 -33.63 31.62
N ILE L 237 56.16 -32.41 32.14
CA ILE L 237 55.95 -32.17 33.56
C ILE L 237 54.99 -31.02 33.84
N PHE L 238 54.15 -30.70 32.84
CA PHE L 238 53.18 -29.62 32.98
C PHE L 238 52.14 -29.63 31.86
N ALA L 239 50.92 -29.23 32.20
CA ALA L 239 49.84 -29.20 31.22
C ALA L 239 48.62 -28.52 31.81
N CYS L 240 48.52 -27.22 31.62
CA CYS L 240 47.38 -26.46 32.13
C CYS L 240 46.35 -26.24 31.03
N GLU L 241 45.33 -25.44 31.32
CA GLU L 241 44.28 -25.12 30.37
C GLU L 241 44.26 -23.64 30.04
N GLU L 242 44.48 -23.32 28.77
CA GLU L 242 44.50 -21.94 28.29
C GLU L 242 43.21 -21.22 28.68
N MET L 243 43.25 -19.89 28.63
CA MET L 243 42.09 -19.06 28.96
C MET L 243 40.88 -19.48 28.14
N SER L 244 41.14 -19.97 26.93
CA SER L 244 40.07 -20.41 26.03
C SER L 244 39.72 -21.89 26.28
N GLY L 245 39.95 -22.35 27.50
CA GLY L 245 39.66 -23.73 27.84
C GLY L 245 40.56 -24.74 27.14
N GLU L 246 41.37 -24.27 26.20
CA GLU L 246 42.28 -25.14 25.46
C GLU L 246 43.25 -25.85 26.40
N VAL L 247 43.98 -26.83 25.86
CA VAL L 247 44.94 -27.59 26.65
C VAL L 247 46.33 -27.48 26.05
N ARG L 248 47.31 -27.16 26.90
CA ARG L 248 48.69 -27.01 26.44
C ARG L 248 49.63 -27.88 27.28
N PHE L 249 50.56 -28.54 26.59
CA PHE L 249 51.54 -29.40 27.24
C PHE L 249 52.92 -28.78 27.19
N SER L 250 53.80 -29.21 28.09
CA SER L 250 55.15 -28.68 28.16
C SER L 250 56.03 -29.51 29.09
N SER L 251 57.29 -29.68 28.72
CA SER L 251 58.25 -30.44 29.52
C SER L 251 59.17 -29.49 30.29
N HIS L 252 58.78 -28.22 30.34
CA HIS L 252 59.57 -27.20 31.04
C HIS L 252 58.96 -26.91 32.40
N LEU L 253 59.63 -26.05 33.17
CA LEU L 253 59.16 -25.67 34.50
C LEU L 253 58.52 -24.29 34.45
N PRO L 254 57.19 -24.20 34.69
CA PRO L 254 56.43 -22.96 34.67
C PRO L 254 57.04 -21.81 35.48
N GLN L 255 56.51 -20.62 35.29
CA GLN L 255 56.97 -19.42 35.99
C GLN L 255 55.79 -18.71 36.62
N PRO L 256 56.03 -17.95 37.71
CA PRO L 256 57.34 -17.75 38.35
C PRO L 256 57.66 -18.86 39.37
N ASN L 257 58.95 -19.11 39.58
CA ASN L 257 59.37 -20.13 40.53
C ASN L 257 60.23 -19.49 41.61
N SER L 258 61.06 -20.29 42.26
CA SER L 258 61.94 -19.79 43.32
C SER L 258 63.34 -20.38 43.19
N LEU L 259 63.52 -21.26 42.21
CA LEU L 259 64.80 -21.90 41.97
C LEU L 259 65.72 -20.93 41.23
N CYS L 260 67.03 -21.04 41.46
CA CYS L 260 67.99 -20.17 40.79
C CYS L 260 68.09 -20.55 39.32
N SER L 261 68.82 -19.74 38.55
CA SER L 261 68.99 -19.99 37.12
C SER L 261 69.90 -21.19 36.83
N LEU L 262 70.29 -21.91 37.87
CA LEU L 262 71.16 -23.07 37.71
C LEU L 262 70.47 -24.36 38.11
N ILE L 263 69.76 -24.33 39.24
CA ILE L 263 69.06 -25.51 39.74
C ILE L 263 67.91 -25.91 38.80
N VAL L 264 67.57 -25.02 37.88
CA VAL L 264 66.50 -25.29 36.92
C VAL L 264 66.84 -26.42 35.95
N GLU L 265 68.05 -26.36 35.39
CA GLU L 265 68.52 -27.37 34.43
C GLU L 265 68.34 -28.81 34.96
N PRO L 266 68.76 -29.07 36.21
CA PRO L 266 68.63 -30.41 36.78
C PRO L 266 67.24 -30.71 37.33
N MET L 267 66.60 -29.71 37.92
CA MET L 267 65.27 -29.86 38.49
C MET L 267 64.25 -30.31 37.44
N GLU L 268 64.28 -29.69 36.27
CA GLU L 268 63.37 -30.04 35.20
C GLU L 268 63.59 -31.49 34.77
N ASN L 269 64.84 -31.84 34.51
CA ASN L 269 65.19 -33.18 34.08
C ASN L 269 64.79 -34.20 35.13
N TRP L 270 65.00 -33.86 36.40
CA TRP L 270 64.66 -34.75 37.50
C TRP L 270 63.16 -35.05 37.47
N LEU L 271 62.35 -33.99 37.45
CA LEU L 271 60.89 -34.12 37.42
C LEU L 271 60.44 -34.96 36.23
N GLN L 272 61.21 -34.90 35.14
CA GLN L 272 60.90 -35.66 33.94
C GLN L 272 60.89 -37.17 34.15
N LEU L 273 61.93 -37.69 34.81
CA LEU L 273 62.01 -39.12 35.10
C LEU L 273 61.07 -39.52 36.23
N MET L 274 60.63 -38.54 37.01
CA MET L 274 59.71 -38.81 38.12
C MET L 274 58.26 -38.68 37.65
N LEU L 275 58.04 -37.99 36.54
CA LEU L 275 56.71 -37.79 35.97
C LEU L 275 56.60 -38.42 34.60
N ASN L 276 56.85 -39.72 34.53
CA ASN L 276 56.76 -40.46 33.28
C ASN L 276 55.64 -41.49 33.40
N TRP L 277 54.59 -41.29 32.62
CA TRP L 277 53.42 -42.18 32.64
C TRP L 277 53.80 -43.66 32.62
N ASP L 278 54.90 -43.98 31.94
CA ASP L 278 55.35 -45.36 31.84
C ASP L 278 55.52 -45.95 33.25
N PRO L 279 54.71 -46.96 33.59
CA PRO L 279 54.76 -47.63 34.90
C PRO L 279 56.02 -48.44 35.13
N GLN L 280 56.93 -48.40 34.16
CA GLN L 280 58.19 -49.13 34.25
C GLN L 280 59.40 -48.28 33.91
N GLN L 281 59.30 -47.53 32.83
CA GLN L 281 60.40 -46.67 32.39
C GLN L 281 60.66 -45.50 33.31
N ARG L 282 59.71 -45.17 34.18
CA ARG L 282 59.88 -44.06 35.11
C ARG L 282 61.09 -44.30 36.02
N GLY L 283 62.17 -43.60 35.72
CA GLY L 283 63.38 -43.75 36.50
C GLY L 283 64.00 -45.12 36.29
N GLY L 284 63.67 -45.76 35.17
CA GLY L 284 64.19 -47.07 34.86
C GLY L 284 65.71 -47.14 34.80
N PRO L 285 66.37 -46.16 34.15
CA PRO L 285 67.83 -46.14 34.05
C PRO L 285 68.53 -46.31 35.40
N VAL L 286 68.85 -47.55 35.75
CA VAL L 286 69.53 -47.86 37.00
C VAL L 286 71.04 -47.91 36.80
N ASP L 287 71.68 -46.74 36.86
CA ASP L 287 73.12 -46.64 36.67
C ASP L 287 73.83 -47.57 37.65
N LEU L 288 74.34 -48.69 37.13
CA LEU L 288 75.05 -49.67 37.94
C LEU L 288 76.21 -49.10 38.73
N THR L 289 76.66 -47.90 38.34
CA THR L 289 77.78 -47.25 39.02
C THR L 289 77.57 -47.21 40.53
N LEU L 290 76.32 -47.10 40.95
CA LEU L 290 75.99 -47.05 42.36
C LEU L 290 74.76 -47.88 42.70
N LYS L 291 74.35 -48.73 41.77
CA LYS L 291 73.17 -49.59 41.96
C LYS L 291 71.91 -48.79 42.30
N GLN L 292 71.93 -47.50 41.98
CA GLN L 292 70.76 -46.65 42.26
C GLN L 292 70.11 -46.11 41.00
N PRO L 293 68.79 -45.88 41.03
CA PRO L 293 68.04 -45.35 39.89
C PRO L 293 68.38 -43.89 39.61
N ARG L 294 68.28 -43.50 38.35
CA ARG L 294 68.61 -42.13 37.94
C ARG L 294 67.77 -41.10 38.69
N CYS L 295 66.71 -41.57 39.34
CA CYS L 295 65.84 -40.69 40.11
C CYS L 295 66.57 -40.13 41.34
N PHE L 296 67.18 -41.00 42.12
CA PHE L 296 67.91 -40.58 43.30
C PHE L 296 69.31 -40.09 42.94
N VAL L 297 69.75 -40.42 41.72
CA VAL L 297 71.07 -40.00 41.25
C VAL L 297 71.12 -38.49 41.08
N LEU L 298 70.22 -37.96 40.26
CA LEU L 298 70.16 -36.52 40.03
C LEU L 298 69.88 -35.78 41.34
N MET L 299 69.03 -36.36 42.18
CA MET L 299 68.68 -35.75 43.46
C MET L 299 69.95 -35.48 44.27
N ASP L 300 70.76 -36.52 44.46
CA ASP L 300 72.01 -36.40 45.22
C ASP L 300 73.00 -35.53 44.47
N HIS L 301 72.88 -35.51 43.14
CA HIS L 301 73.76 -34.69 42.31
C HIS L 301 73.43 -33.21 42.51
N ILE L 302 72.19 -32.93 42.91
CA ILE L 302 71.74 -31.56 43.13
C ILE L 302 72.04 -31.10 44.55
N LEU L 303 71.42 -31.77 45.53
CA LEU L 303 71.62 -31.43 46.94
C LEU L 303 73.10 -31.27 47.28
N ASN L 304 73.93 -32.15 46.73
CA ASN L 304 75.36 -32.10 46.99
C ASN L 304 76.07 -31.14 46.03
N LEU L 305 75.70 -29.86 46.12
CA LEU L 305 76.30 -28.83 45.28
C LEU L 305 76.57 -27.57 46.10
N LYS L 306 77.27 -26.62 45.50
CA LYS L 306 77.59 -25.36 46.16
C LYS L 306 76.64 -24.26 45.69
N ILE L 307 76.82 -23.83 44.44
CA ILE L 307 75.98 -22.80 43.86
C ILE L 307 75.90 -21.59 44.78
N VAL L 308 76.89 -20.72 44.71
CA VAL L 308 76.94 -19.53 45.55
C VAL L 308 76.24 -18.35 44.87
N HIS L 309 75.16 -17.88 45.46
CA HIS L 309 74.42 -16.76 44.91
C HIS L 309 75.18 -15.45 45.16
N ILE L 310 75.29 -14.64 44.11
CA ILE L 310 76.01 -13.37 44.19
C ILE L 310 75.14 -12.20 43.76
N LEU L 311 74.94 -11.25 44.67
CA LEU L 311 74.13 -10.08 44.38
C LEU L 311 75.01 -8.91 43.97
N ASN L 312 74.83 -8.43 42.76
CA ASN L 312 75.62 -7.32 42.25
C ASN L 312 75.00 -6.01 42.70
N MET L 313 75.67 -5.33 43.64
CA MET L 313 75.19 -4.05 44.16
C MET L 313 75.48 -2.91 43.18
N THR L 314 75.45 -3.20 41.89
CA THR L 314 75.69 -2.20 40.86
C THR L 314 74.67 -2.34 39.74
N SER L 315 73.96 -3.46 39.74
CA SER L 315 72.95 -3.75 38.72
C SER L 315 71.79 -4.58 39.29
N ALA L 316 71.75 -4.69 40.62
CA ALA L 316 70.70 -5.45 41.30
C ALA L 316 70.55 -6.86 40.73
N LYS L 317 71.61 -7.37 40.11
CA LYS L 317 71.60 -8.70 39.53
C LYS L 317 71.99 -9.75 40.57
N ILE L 318 71.50 -10.97 40.38
CA ILE L 318 71.80 -12.05 41.29
C ILE L 318 72.36 -13.24 40.51
N ILE L 319 73.62 -13.12 40.09
CA ILE L 319 74.27 -14.19 39.32
C ILE L 319 74.75 -15.30 40.26
N SER L 320 74.46 -16.55 39.89
CA SER L 320 74.85 -17.70 40.69
C SER L 320 76.03 -18.42 40.06
N PHE L 321 76.88 -19.01 40.89
CA PHE L 321 78.06 -19.73 40.41
C PHE L 321 78.21 -21.08 41.13
N LEU L 322 78.01 -22.17 40.39
CA LEU L 322 78.13 -23.51 40.94
C LEU L 322 79.62 -23.84 41.04
N LEU L 323 80.24 -23.43 42.14
CA LEU L 323 81.66 -23.64 42.37
C LEU L 323 81.99 -25.09 42.74
N PRO L 324 83.10 -25.63 42.18
CA PRO L 324 83.53 -27.00 42.47
C PRO L 324 84.32 -27.07 43.77
N PRO L 325 84.46 -28.28 44.33
CA PRO L 325 85.19 -28.47 45.59
C PRO L 325 86.71 -28.37 45.42
N ASP L 326 87.16 -27.45 44.57
CA ASP L 326 88.58 -27.28 44.33
C ASP L 326 88.91 -25.84 43.94
N GLU L 327 88.10 -25.27 43.05
CA GLU L 327 88.30 -23.90 42.58
C GLU L 327 88.55 -22.92 43.72
N SER L 328 89.32 -21.87 43.43
CA SER L 328 89.65 -20.85 44.42
C SER L 328 88.88 -19.57 44.11
N LEU L 329 88.84 -18.65 45.06
CA LEU L 329 88.12 -17.39 44.85
C LEU L 329 88.79 -16.60 43.74
N HIS L 330 90.10 -16.70 43.64
CA HIS L 330 90.85 -16.00 42.61
C HIS L 330 90.54 -16.62 41.25
N SER L 331 90.04 -17.85 41.28
CA SER L 331 89.67 -18.56 40.07
C SER L 331 88.20 -18.24 39.75
N LEU L 332 87.47 -17.80 40.75
CA LEU L 332 86.06 -17.45 40.60
C LEU L 332 85.89 -15.98 40.22
N GLN L 333 86.69 -15.11 40.84
CA GLN L 333 86.62 -13.67 40.57
C GLN L 333 86.67 -13.42 39.06
N SER L 334 87.45 -14.23 38.36
CA SER L 334 87.58 -14.11 36.92
C SER L 334 86.25 -14.48 36.24
N ARG L 335 85.61 -15.53 36.74
CA ARG L 335 84.31 -15.99 36.20
C ARG L 335 83.28 -14.86 36.30
N ILE L 336 83.26 -14.20 37.45
CA ILE L 336 82.35 -13.10 37.71
C ILE L 336 82.56 -11.99 36.69
N GLU L 337 83.83 -11.68 36.42
CA GLU L 337 84.18 -10.63 35.47
C GLU L 337 83.56 -10.86 34.09
N ARG L 338 83.24 -12.11 33.78
CA ARG L 338 82.64 -12.47 32.49
C ARG L 338 81.15 -12.17 32.44
N GLU L 339 80.54 -11.99 33.61
CA GLU L 339 79.11 -11.69 33.67
C GLU L 339 78.84 -10.39 34.41
N THR L 340 79.87 -9.57 34.57
CA THR L 340 79.73 -8.30 35.28
C THR L 340 80.50 -7.18 34.57
N GLY L 341 81.72 -7.50 34.14
CA GLY L 341 82.54 -6.52 33.46
C GLY L 341 83.44 -5.78 34.41
N ILE L 342 83.39 -6.18 35.68
CA ILE L 342 84.21 -5.55 36.72
C ILE L 342 85.61 -6.18 36.72
N ASN L 343 86.63 -5.33 36.73
CA ASN L 343 88.02 -5.79 36.74
C ASN L 343 88.23 -6.82 37.85
N THR L 344 88.93 -7.90 37.53
CA THR L 344 89.20 -8.96 38.49
C THR L 344 89.87 -8.40 39.74
N GLY L 345 90.55 -7.26 39.58
CA GLY L 345 91.23 -6.64 40.70
C GLY L 345 90.33 -5.68 41.46
N SER L 346 89.27 -5.23 40.80
CA SER L 346 88.33 -4.30 41.41
C SER L 346 87.05 -5.01 41.86
N GLN L 347 87.15 -6.31 42.09
CA GLN L 347 86.01 -7.10 42.52
C GLN L 347 86.03 -7.34 44.03
N GLU L 348 85.47 -6.40 44.78
CA GLU L 348 85.43 -6.51 46.23
C GLU L 348 84.06 -7.01 46.67
N LEU L 349 83.96 -8.32 46.88
CA LEU L 349 82.69 -8.93 47.31
C LEU L 349 82.57 -8.98 48.83
N LEU L 350 81.51 -8.38 49.34
CA LEU L 350 81.25 -8.36 50.77
C LEU L 350 80.10 -9.28 51.12
N SER L 351 80.22 -9.98 52.24
CA SER L 351 79.18 -10.90 52.70
C SER L 351 78.23 -10.20 53.65
N GLU L 352 77.21 -10.90 54.10
CA GLU L 352 76.23 -10.33 55.02
C GLU L 352 76.92 -9.78 56.26
N THR L 353 77.97 -10.47 56.70
CA THR L 353 78.72 -10.07 57.88
C THR L 353 79.44 -8.74 57.63
N GLY L 354 79.34 -8.23 56.41
CA GLY L 354 79.99 -6.98 56.07
C GLY L 354 81.46 -7.14 55.76
N ILE L 355 82.02 -8.27 56.17
CA ILE L 355 83.43 -8.56 55.94
C ILE L 355 83.75 -8.51 54.45
N SER L 356 84.97 -8.13 54.10
CA SER L 356 85.39 -8.05 52.71
C SER L 356 85.48 -9.45 52.12
N LEU L 357 86.28 -9.59 51.06
CA LEU L 357 86.45 -10.89 50.42
C LEU L 357 87.31 -11.77 51.33
N ASP L 358 88.14 -12.63 50.73
CA ASP L 358 89.01 -13.51 51.52
C ASP L 358 89.98 -14.28 50.61
N PRO L 359 90.98 -13.57 50.04
CA PRO L 359 91.99 -14.15 49.15
C PRO L 359 92.57 -15.49 49.64
N ARG L 360 92.47 -15.75 50.94
CA ARG L 360 92.99 -16.96 51.53
C ARG L 360 92.18 -18.19 51.09
N LYS L 361 91.19 -18.55 51.91
CA LYS L 361 90.33 -19.70 51.62
C LYS L 361 89.96 -19.74 50.13
N PRO L 362 89.79 -20.95 49.58
CA PRO L 362 89.44 -21.10 48.17
C PRO L 362 88.02 -20.65 47.86
N ALA L 363 87.29 -21.44 47.08
CA ALA L 363 85.91 -21.12 46.71
C ALA L 363 84.93 -21.70 47.71
N SER L 364 85.46 -22.28 48.78
CA SER L 364 84.63 -22.87 49.82
C SER L 364 84.52 -21.89 50.98
N GLN L 365 84.66 -20.60 50.66
CA GLN L 365 84.58 -19.54 51.67
C GLN L 365 83.25 -18.79 51.59
N CYS L 366 82.65 -18.76 50.40
CA CYS L 366 81.37 -18.08 50.19
C CYS L 366 80.22 -19.09 50.16
N VAL L 367 80.56 -20.37 50.15
CA VAL L 367 79.55 -21.42 50.11
C VAL L 367 78.89 -21.63 51.46
N LEU L 368 77.62 -22.01 51.44
CA LEU L 368 76.85 -22.25 52.66
C LEU L 368 76.25 -23.64 52.62
N ASP L 369 76.58 -24.46 53.63
CA ASP L 369 76.07 -25.82 53.69
C ASP L 369 75.96 -26.35 55.12
N GLY L 370 75.70 -25.46 56.06
CA GLY L 370 75.59 -25.87 57.45
C GLY L 370 74.22 -26.49 57.71
N VAL L 371 73.23 -25.65 57.92
CA VAL L 371 71.86 -26.11 58.17
C VAL L 371 71.16 -26.33 56.83
N ARG L 372 70.91 -25.23 56.12
CA ARG L 372 70.25 -25.27 54.81
C ARG L 372 70.79 -24.12 53.98
N GLY L 373 71.88 -24.37 53.26
CA GLY L 373 72.49 -23.34 52.44
C GLY L 373 71.92 -23.20 51.04
N CYS L 374 70.78 -22.54 50.93
CA CYS L 374 70.13 -22.33 49.64
C CYS L 374 69.30 -21.04 49.68
N ASP L 375 69.68 -20.07 48.85
CA ASP L 375 68.99 -18.79 48.78
C ASP L 375 69.02 -18.11 50.15
N SER L 376 70.22 -17.97 50.70
CA SER L 376 70.41 -17.35 52.01
C SER L 376 71.71 -16.55 52.05
N TYR L 377 72.71 -17.09 52.74
CA TYR L 377 74.00 -16.42 52.85
C TYR L 377 74.68 -16.32 51.49
N MET L 378 74.51 -15.17 50.85
CA MET L 378 75.10 -14.94 49.55
C MET L 378 76.32 -14.04 49.68
N VAL L 379 76.66 -13.35 48.60
CA VAL L 379 77.82 -12.46 48.59
C VAL L 379 77.51 -11.24 47.73
N TYR L 380 77.44 -10.07 48.35
CA TYR L 380 77.14 -8.84 47.64
C TYR L 380 78.36 -8.30 46.94
N LEU L 381 78.35 -8.34 45.62
CA LEU L 381 79.47 -7.84 44.82
C LEU L 381 79.50 -6.31 44.75
N PHE L 382 80.65 -5.74 45.12
CA PHE L 382 80.84 -4.29 45.10
C PHE L 382 81.98 -3.90 44.17
N ASP L 383 81.74 -2.87 43.37
CA ASP L 383 82.75 -2.38 42.43
C ASP L 383 83.63 -1.32 43.10
N LYS L 384 84.92 -1.39 42.83
CA LYS L 384 85.86 -0.44 43.41
C LYS L 384 85.98 0.84 42.59
N SER L 385 86.07 0.68 41.26
CA SER L 385 86.18 1.84 40.36
C SER L 385 84.98 2.76 40.49
N LYS L 386 83.79 2.22 40.28
CA LYS L 386 82.56 3.01 40.36
C LYS L 386 82.39 3.61 41.75
N THR L 387 82.57 4.92 41.85
CA THR L 387 82.41 5.63 43.12
C THR L 387 80.93 5.70 43.50
N VAL L 388 80.08 5.91 42.50
CA VAL L 388 78.65 6.00 42.71
C VAL L 388 77.91 5.31 41.56
N TYR L 389 77.28 4.19 41.87
CA TYR L 389 76.55 3.43 40.87
C TYR L 389 75.35 4.20 40.34
N GLU L 390 75.23 4.27 39.01
CA GLU L 390 74.13 4.98 38.38
C GLU L 390 72.85 4.17 38.47
N GLY L 391 72.55 3.40 37.44
CA GLY L 391 71.35 2.58 37.44
C GLY L 391 71.23 1.67 36.23
N PRO L 392 72.26 0.87 35.94
CA PRO L 392 72.22 -0.05 34.80
C PRO L 392 71.08 -1.06 34.94
N PHE L 393 70.73 -1.38 36.18
CA PHE L 393 69.69 -2.33 36.50
C PHE L 393 68.31 -1.86 36.05
N ALA L 394 67.30 -2.71 36.29
CA ALA L 394 65.93 -2.39 35.93
C ALA L 394 64.99 -2.87 37.02
N SER L 395 64.35 -4.01 36.78
CA SER L 395 63.40 -4.60 37.74
C SER L 395 62.86 -5.90 37.18
N ARG L 396 61.58 -6.17 37.41
CA ARG L 396 60.94 -7.39 36.92
C ARG L 396 59.64 -7.10 36.17
N SER L 397 59.20 -8.04 35.36
CA SER L 397 57.98 -7.89 34.58
C SER L 397 56.83 -8.64 35.26
N LEU L 398 55.61 -8.35 34.83
CA LEU L 398 54.42 -8.99 35.38
C LEU L 398 53.84 -10.00 34.39
N SER L 399 54.46 -10.09 33.22
CA SER L 399 54.01 -11.00 32.18
C SER L 399 52.61 -10.62 31.68
N ASP L 400 52.23 -11.19 30.53
CA ASP L 400 50.92 -10.93 29.94
C ASP L 400 49.79 -11.38 30.86
N CYS L 401 50.13 -12.23 31.83
CA CYS L 401 49.15 -12.76 32.77
C CYS L 401 48.63 -11.67 33.71
N VAL L 402 49.52 -10.80 34.16
CA VAL L 402 49.14 -9.73 35.09
C VAL L 402 48.93 -8.40 34.35
N ASN L 403 49.42 -8.32 33.12
CA ASN L 403 49.28 -7.11 32.32
C ASN L 403 47.82 -6.70 32.16
N TYR L 404 46.93 -7.68 32.04
CA TYR L 404 45.50 -7.39 31.90
C TYR L 404 44.99 -6.65 33.13
N ILE L 405 45.49 -7.06 34.30
CA ILE L 405 45.10 -6.45 35.57
C ILE L 405 45.54 -4.99 35.68
N VAL L 406 46.66 -4.68 35.05
CA VAL L 406 47.19 -3.31 35.08
C VAL L 406 46.77 -2.45 33.89
N GLN L 407 46.79 -3.05 32.69
CA GLN L 407 46.42 -2.33 31.47
C GLN L 407 44.90 -2.14 31.36
N ASP L 408 44.15 -3.23 31.52
CA ASP L 408 42.71 -3.17 31.43
C ASP L 408 42.10 -2.63 32.73
N SER L 409 42.85 -2.77 33.82
CA SER L 409 42.41 -2.32 35.14
C SER L 409 41.07 -2.96 35.52
N LYS L 410 39.97 -2.30 35.18
CA LYS L 410 38.64 -2.80 35.48
C LYS L 410 38.17 -3.77 34.40
N ILE L 411 38.37 -5.06 34.66
CA ILE L 411 37.96 -6.08 33.73
C ILE L 411 37.31 -7.25 34.48
N GLN L 412 36.27 -7.81 33.88
CA GLN L 412 35.56 -8.94 34.49
C GLN L 412 36.11 -10.26 33.94
N LEU L 413 37.12 -10.79 34.61
CA LEU L 413 37.74 -12.05 34.19
C LEU L 413 37.33 -13.21 35.10
N PRO L 414 37.13 -14.40 34.52
CA PRO L 414 36.73 -15.58 35.28
C PRO L 414 37.68 -15.89 36.44
N ILE L 415 37.12 -16.15 37.61
CA ILE L 415 37.92 -16.44 38.80
C ILE L 415 38.85 -17.64 38.56
N ILE L 416 38.39 -18.56 37.71
CA ILE L 416 39.19 -19.74 37.39
C ILE L 416 40.56 -19.31 36.86
N GLN L 417 40.64 -18.07 36.37
CA GLN L 417 41.88 -17.52 35.84
C GLN L 417 42.45 -16.51 36.83
N LEU L 418 41.55 -15.87 37.58
CA LEU L 418 41.94 -14.87 38.57
C LEU L 418 42.80 -15.50 39.67
N ARG L 419 42.50 -16.76 39.99
CA ARG L 419 43.24 -17.47 41.03
C ARG L 419 44.72 -17.55 40.68
N LYS L 420 45.07 -17.16 39.45
CA LYS L 420 46.45 -17.19 38.99
C LYS L 420 46.98 -15.79 38.74
N VAL L 421 46.29 -15.03 37.91
CA VAL L 421 46.71 -13.67 37.60
C VAL L 421 46.84 -12.85 38.89
N TRP L 422 45.98 -13.15 39.86
CA TRP L 422 46.01 -12.47 41.16
C TRP L 422 47.14 -13.03 42.00
N ALA L 423 47.27 -14.35 41.99
CA ALA L 423 48.32 -15.03 42.73
C ALA L 423 49.70 -14.49 42.33
N GLU L 424 49.98 -14.52 41.02
CA GLU L 424 51.25 -14.03 40.50
C GLU L 424 51.44 -12.55 40.83
N ALA L 425 50.33 -11.80 40.76
CA ALA L 425 50.36 -10.38 41.06
C ALA L 425 50.81 -10.18 42.51
N VAL L 426 50.24 -10.98 43.42
CA VAL L 426 50.58 -10.90 44.84
C VAL L 426 52.04 -11.28 45.04
N HIS L 427 52.49 -12.28 44.29
CA HIS L 427 53.87 -12.75 44.38
C HIS L 427 54.81 -11.66 43.89
N TYR L 428 54.39 -10.93 42.87
CA TYR L 428 55.19 -9.85 42.32
C TYR L 428 55.29 -8.72 43.35
N VAL L 429 54.16 -8.42 43.97
CA VAL L 429 54.09 -7.37 45.00
C VAL L 429 55.09 -7.67 46.09
N SER L 430 54.92 -8.81 46.77
CA SER L 430 55.81 -9.23 47.85
C SER L 430 57.21 -9.41 47.28
N GLY L 431 57.28 -9.71 45.98
CA GLY L 431 58.56 -9.91 45.34
C GLY L 431 59.43 -8.68 45.45
N LEU L 432 58.92 -7.55 44.98
CA LEU L 432 59.67 -6.30 45.05
C LEU L 432 60.09 -6.02 46.49
N LYS L 433 59.19 -6.29 47.43
CA LYS L 433 59.44 -6.07 48.85
C LYS L 433 60.62 -6.92 49.33
N GLU L 434 60.46 -8.24 49.26
CA GLU L 434 61.51 -9.16 49.68
C GLU L 434 62.79 -8.91 48.89
N ASP L 435 62.64 -8.41 47.67
CA ASP L 435 63.78 -8.11 46.81
C ASP L 435 64.51 -6.88 47.33
N TYR L 436 63.74 -5.97 47.95
CA TYR L 436 64.31 -4.75 48.50
C TYR L 436 65.19 -5.08 49.71
N SER L 437 64.75 -6.06 50.50
CA SER L 437 65.48 -6.49 51.68
C SER L 437 66.89 -6.96 51.30
N ARG L 438 66.98 -7.72 50.22
CA ARG L 438 68.25 -8.23 49.74
C ARG L 438 69.19 -7.06 49.44
N LEU L 439 68.68 -6.07 48.73
CA LEU L 439 69.46 -4.88 48.37
C LEU L 439 69.87 -4.11 49.62
N PHE L 440 68.92 -3.95 50.53
CA PHE L 440 69.16 -3.23 51.77
C PHE L 440 70.32 -3.86 52.53
N GLN L 441 70.29 -5.19 52.65
CA GLN L 441 71.33 -5.92 53.36
C GLN L 441 72.71 -5.60 52.78
N GLY L 442 72.74 -5.34 51.48
CA GLY L 442 73.99 -5.02 50.82
C GLY L 442 74.60 -3.78 51.44
N GLN L 443 73.76 -2.78 51.69
CA GLN L 443 74.20 -1.54 52.30
C GLN L 443 74.67 -1.81 53.73
N ARG L 444 73.93 -2.67 54.43
CA ARG L 444 74.26 -3.03 55.81
C ARG L 444 75.63 -3.70 55.86
N ALA L 445 75.86 -4.59 54.90
CA ALA L 445 77.13 -5.30 54.83
C ALA L 445 78.25 -4.32 54.47
N ALA L 446 77.98 -3.45 53.49
CA ALA L 446 78.96 -2.45 53.05
C ALA L 446 79.26 -1.50 54.20
N MET L 447 78.25 -1.25 55.03
CA MET L 447 78.39 -0.37 56.18
C MET L 447 79.43 -0.94 57.13
N LEU L 448 79.31 -2.24 57.41
CA LEU L 448 80.24 -2.94 58.30
C LEU L 448 81.67 -2.86 57.77
N SER L 449 81.82 -2.97 56.47
CA SER L 449 83.14 -2.89 55.83
C SER L 449 83.74 -1.51 56.08
N LEU L 450 82.90 -0.48 55.96
CA LEU L 450 83.34 0.90 56.17
C LEU L 450 83.66 1.12 57.65
N LEU L 451 82.82 0.57 58.51
CA LEU L 451 83.01 0.68 59.96
C LEU L 451 84.30 -0.01 60.38
N ARG L 452 84.64 -1.10 59.70
CA ARG L 452 85.86 -1.84 59.99
C ARG L 452 87.09 -1.10 59.48
N TYR L 453 86.97 -0.51 58.28
CA TYR L 453 88.08 0.25 57.69
C TYR L 453 88.41 1.45 58.57
N ASN L 454 87.36 2.10 59.07
CA ASN L 454 87.53 3.26 59.92
C ASN L 454 88.33 2.88 61.16
N ALA L 455 87.97 1.75 61.76
CA ALA L 455 88.65 1.26 62.95
C ALA L 455 90.09 0.92 62.60
N ASN L 456 90.29 0.21 61.50
CA ASN L 456 91.62 -0.18 61.07
C ASN L 456 92.50 1.06 60.84
N LEU L 457 91.92 2.08 60.22
CA LEU L 457 92.65 3.31 59.95
C LEU L 457 93.00 4.03 61.24
N THR L 458 92.03 4.13 62.13
CA THR L 458 92.22 4.80 63.41
C THR L 458 93.21 4.07 64.31
N LYS L 459 93.19 2.74 64.27
CA LYS L 459 94.07 1.94 65.09
C LYS L 459 95.53 2.33 64.86
N MET L 460 95.85 2.75 63.63
CA MET L 460 97.20 3.17 63.30
C MET L 460 97.43 4.61 63.74
N LYS L 461 96.35 5.37 63.85
CA LYS L 461 96.44 6.76 64.28
C LYS L 461 96.95 6.80 65.72
N ASN L 462 96.35 5.97 66.56
CA ASN L 462 96.72 5.89 67.97
C ASN L 462 98.18 5.48 68.11
N THR L 463 98.66 4.68 67.16
CA THR L 463 100.04 4.23 67.18
C THR L 463 100.94 5.20 66.42
N LEU L 464 100.31 6.03 65.57
CA LEU L 464 101.04 7.00 64.78
C LEU L 464 101.45 8.16 65.68
N ILE L 465 100.47 8.68 66.42
CA ILE L 465 100.73 9.78 67.33
C ILE L 465 101.61 9.27 68.47
N SER L 466 101.43 8.00 68.81
CA SER L 466 102.20 7.38 69.88
C SER L 466 103.66 7.21 69.44
N ALA L 467 103.84 6.92 68.16
CA ALA L 467 105.17 6.72 67.60
C ALA L 467 105.88 8.07 67.49
N SER L 468 105.10 9.12 67.21
CA SER L 468 105.66 10.46 67.09
C SER L 468 106.08 10.98 68.45
N GLN L 469 105.28 10.67 69.46
CA GLN L 469 105.59 11.10 70.81
C GLN L 469 106.99 10.62 71.22
N GLN L 470 107.43 9.54 70.60
CA GLN L 470 108.76 9.00 70.89
C GLN L 470 109.79 9.89 70.21
N LEU L 471 109.47 10.32 68.99
CA LEU L 471 110.36 11.18 68.22
C LEU L 471 110.60 12.49 68.96
N LYS L 472 109.51 13.16 69.33
CA LYS L 472 109.61 14.43 70.05
C LYS L 472 110.32 14.24 71.38
N ALA L 473 110.07 13.09 72.01
CA ALA L 473 110.68 12.78 73.29
C ALA L 473 112.18 12.58 73.14
N LYS L 474 112.57 12.00 72.01
CA LYS L 474 113.97 11.76 71.75
C LYS L 474 114.67 13.04 71.28
N LEU L 475 113.97 13.84 70.50
CA LEU L 475 114.52 15.09 70.00
C LEU L 475 114.93 15.98 71.18
N GLU L 476 114.11 15.98 72.21
CA GLU L 476 114.38 16.77 73.40
C GLU L 476 115.58 16.21 74.13
N PHE L 477 115.64 14.89 74.23
CA PHE L 477 116.74 14.20 74.90
C PHE L 477 117.95 14.16 73.98
N PHE L 478 117.88 14.91 72.89
CA PHE L 478 118.96 14.98 71.92
C PHE L 478 119.43 16.42 71.78
N HIS L 479 118.48 17.35 71.80
CA HIS L 479 118.78 18.77 71.68
C HIS L 479 119.49 19.29 72.92
N LYS L 480 119.30 18.61 74.05
CA LYS L 480 119.93 19.01 75.29
C LYS L 480 121.18 18.16 75.52
N SER L 481 121.50 17.34 74.54
CA SER L 481 122.67 16.47 74.61
C SER L 481 123.69 16.85 73.53
N ILE L 482 123.19 17.38 72.42
CA ILE L 482 124.05 17.79 71.32
C ILE L 482 124.75 19.10 71.63
N GLN L 483 124.00 20.05 72.19
CA GLN L 483 124.55 21.36 72.54
C GLN L 483 125.20 21.29 73.92
N LEU L 484 124.90 20.22 74.65
CA LEU L 484 125.45 20.03 75.98
C LEU L 484 126.96 19.83 75.86
N ASP L 485 127.40 19.41 74.69
CA ASP L 485 128.81 19.19 74.42
C ASP L 485 129.47 20.48 73.92
N LEU L 486 128.68 21.30 73.24
CA LEU L 486 129.16 22.57 72.71
C LEU L 486 129.64 23.53 73.81
N GLU L 487 128.90 23.57 74.91
CA GLU L 487 129.26 24.44 76.02
C GLU L 487 130.48 23.91 76.76
N ARG L 488 130.59 22.59 76.86
CA ARG L 488 131.72 21.95 77.53
C ARG L 488 132.95 21.97 76.63
N TYR L 489 132.75 22.33 75.37
CA TYR L 489 133.83 22.40 74.39
C TYR L 489 134.39 23.82 74.27
N SER L 490 133.50 24.79 74.14
CA SER L 490 133.89 26.19 73.99
C SER L 490 134.73 26.69 75.17
N GLU L 491 134.62 26.03 76.31
CA GLU L 491 135.38 26.41 77.50
C GLU L 491 136.68 25.63 77.65
N GLN L 492 137.07 24.92 76.59
CA GLN L 492 138.30 24.14 76.62
C GLN L 492 139.00 24.09 75.27
N MET L 493 138.70 25.04 74.39
CA MET L 493 139.31 25.08 73.07
C MET L 493 140.78 25.48 73.14
N THR L 494 141.29 25.62 74.36
CA THR L 494 142.68 26.02 74.57
C THR L 494 143.27 25.25 75.75
N TYR L 495 142.42 24.58 76.52
CA TYR L 495 142.87 23.81 77.68
C TYR L 495 142.71 22.31 77.44
N GLY L 496 141.48 21.82 77.62
CA GLY L 496 141.21 20.41 77.42
C GLY L 496 141.34 19.99 75.97
N ILE L 497 140.99 18.74 75.68
CA ILE L 497 141.06 18.21 74.32
C ILE L 497 140.28 19.09 73.33
N SER L 498 141.01 19.82 72.51
CA SER L 498 140.40 20.70 71.52
C SER L 498 140.54 20.12 70.13
N SER L 499 139.75 20.62 69.19
CA SER L 499 139.78 20.16 67.81
C SER L 499 139.14 21.21 66.91
N GLU L 500 138.96 20.86 65.64
CA GLU L 500 138.35 21.79 64.69
C GLU L 500 137.58 21.04 63.62
N LYS L 501 137.96 19.79 63.35
CA LYS L 501 137.28 18.99 62.33
C LYS L 501 135.88 18.59 62.79
N MET L 502 135.71 18.39 64.09
CA MET L 502 134.41 18.01 64.65
C MET L 502 133.63 19.24 65.11
N LEU L 503 134.21 20.42 64.93
CA LEU L 503 133.57 21.67 65.29
C LEU L 503 132.27 21.83 64.50
N LYS L 504 132.27 21.31 63.28
CA LYS L 504 131.11 21.35 62.40
C LYS L 504 130.40 20.01 62.37
N ALA L 505 131.15 18.92 62.52
CA ALA L 505 130.59 17.58 62.52
C ALA L 505 129.47 17.45 63.54
N TRP L 506 129.69 17.98 64.74
CA TRP L 506 128.70 17.95 65.81
C TRP L 506 127.63 19.02 65.62
N LYS L 507 128.05 20.20 65.16
CA LYS L 507 127.14 21.31 64.96
C LYS L 507 126.01 20.97 63.99
N GLU L 508 126.20 19.92 63.19
CA GLU L 508 125.18 19.48 62.23
C GLU L 508 124.06 18.68 62.87
N MET L 509 124.43 17.75 63.75
CA MET L 509 123.44 16.92 64.43
C MET L 509 122.33 17.76 65.06
N GLU L 510 122.71 18.87 65.68
CA GLU L 510 121.75 19.77 66.34
C GLU L 510 120.74 20.33 65.35
N GLU L 511 121.22 20.75 64.19
CA GLU L 511 120.36 21.32 63.16
C GLU L 511 119.53 20.25 62.45
N LYS L 512 120.00 19.00 62.50
CA LYS L 512 119.30 17.90 61.86
C LYS L 512 117.97 17.58 62.55
N ALA L 513 118.00 17.51 63.88
CA ALA L 513 116.81 17.23 64.66
C ALA L 513 115.79 18.36 64.53
N ILE L 514 116.26 19.55 64.17
CA ILE L 514 115.41 20.72 64.01
C ILE L 514 114.45 20.54 62.83
N HIS L 515 115.01 20.35 61.63
CA HIS L 515 114.22 20.16 60.43
C HIS L 515 113.27 18.98 60.54
N TYR L 516 113.52 18.13 61.54
CA TYR L 516 112.68 16.96 61.78
C TYR L 516 111.33 17.37 62.36
N ALA L 517 110.97 16.75 63.49
CA ALA L 517 109.72 17.05 64.14
C ALA L 517 108.51 16.77 63.25
N GLU L 518 107.97 15.56 63.37
CA GLU L 518 106.80 15.15 62.59
C GLU L 518 105.62 14.87 63.52
N VAL L 519 105.84 15.05 64.82
CA VAL L 519 104.81 14.82 65.82
C VAL L 519 103.66 15.81 65.64
N GLY L 520 104.00 17.02 65.20
CA GLY L 520 102.99 18.04 64.99
C GLY L 520 102.46 18.02 63.56
N VAL L 521 103.25 17.49 62.65
CA VAL L 521 102.85 17.40 61.25
C VAL L 521 101.64 16.48 61.12
N ILE L 522 101.35 15.75 62.19
CA ILE L 522 100.22 14.84 62.22
C ILE L 522 98.91 15.64 62.18
N GLY L 523 99.03 16.95 62.37
CA GLY L 523 97.86 17.82 62.36
C GLY L 523 97.04 17.67 61.10
N TYR L 524 97.71 17.71 59.94
CA TYR L 524 97.02 17.58 58.67
C TYR L 524 96.29 16.25 58.61
N LEU L 525 96.62 15.36 59.53
CA LEU L 525 96.01 14.03 59.57
C LEU L 525 95.00 13.88 60.71
N GLU L 526 95.45 14.15 61.94
CA GLU L 526 94.59 14.03 63.11
C GLU L 526 93.23 14.68 62.91
N ASP L 527 93.22 15.99 62.73
CA ASP L 527 91.98 16.73 62.56
C ASP L 527 91.32 16.45 61.21
N GLN L 528 91.93 15.57 60.41
CA GLN L 528 91.36 15.24 59.11
C GLN L 528 90.81 13.82 59.11
N ILE L 529 91.41 12.96 59.91
CA ILE L 529 90.95 11.58 60.02
C ILE L 529 89.72 11.54 60.92
N MET L 530 89.66 12.50 61.85
CA MET L 530 88.54 12.59 62.78
C MET L 530 87.37 13.30 62.11
N SER L 531 87.69 14.27 61.25
CA SER L 531 86.67 15.02 60.53
C SER L 531 85.94 14.04 59.62
N LEU L 532 86.62 12.95 59.27
CA LEU L 532 86.06 11.91 58.42
C LEU L 532 85.47 10.82 59.30
N HIS L 533 86.19 10.49 60.37
CA HIS L 533 85.75 9.47 61.31
C HIS L 533 84.35 9.78 61.82
N ALA L 534 84.20 10.96 62.43
CA ALA L 534 82.91 11.38 62.96
C ALA L 534 81.91 11.53 61.82
N GLU L 535 82.39 11.95 60.67
CA GLU L 535 81.55 12.14 59.50
C GLU L 535 80.87 10.83 59.12
N ILE L 536 81.64 9.75 59.09
CA ILE L 536 81.12 8.43 58.75
C ILE L 536 80.03 8.00 59.75
N MET L 537 80.32 8.12 61.04
CA MET L 537 79.35 7.75 62.07
C MET L 537 78.20 8.73 62.08
N GLU L 538 78.43 9.92 61.51
CA GLU L 538 77.40 10.95 61.43
C GLU L 538 76.46 10.57 60.30
N LEU L 539 77.01 9.92 59.28
CA LEU L 539 76.22 9.47 58.14
C LEU L 539 75.63 8.10 58.49
N GLN L 540 75.77 7.73 59.76
CA GLN L 540 75.26 6.44 60.24
C GLN L 540 73.87 6.61 60.85
N LYS L 541 73.50 7.86 61.13
CA LYS L 541 72.19 8.15 61.71
C LYS L 541 71.16 8.35 60.60
N SER L 542 71.62 8.82 59.44
CA SER L 542 70.74 9.05 58.31
C SER L 542 69.92 7.81 58.01
N PRO L 543 68.80 7.96 57.30
CA PRO L 543 67.94 6.82 56.96
C PRO L 543 68.64 5.84 56.01
N TYR L 544 68.95 4.65 56.50
CA TYR L 544 69.60 3.63 55.69
C TYR L 544 68.86 3.38 54.39
N GLY L 545 67.57 3.07 54.50
CA GLY L 545 66.76 2.80 53.33
C GLY L 545 65.58 1.91 53.67
N ARG L 546 65.83 0.90 54.50
CA ARG L 546 64.80 -0.03 54.93
C ARG L 546 63.83 0.72 55.83
N ARG L 547 64.20 1.95 56.17
CA ARG L 547 63.40 2.81 57.03
C ARG L 547 61.99 2.91 56.46
N GLN L 548 61.91 2.95 55.13
CA GLN L 548 60.64 3.03 54.44
C GLN L 548 60.25 1.68 53.85
N GLY L 549 61.09 0.68 54.06
CA GLY L 549 60.82 -0.64 53.56
C GLY L 549 59.55 -1.20 54.18
N ASP L 550 59.27 -0.80 55.42
CA ASP L 550 58.09 -1.25 56.13
C ASP L 550 56.83 -0.74 55.42
N LEU L 551 56.88 0.50 54.96
CA LEU L 551 55.76 1.10 54.24
C LEU L 551 55.39 0.21 53.05
N MET L 552 56.39 -0.42 52.46
CA MET L 552 56.19 -1.30 51.31
C MET L 552 55.64 -2.63 51.79
N GLU L 553 56.13 -3.10 52.92
CA GLU L 553 55.68 -4.37 53.50
C GLU L 553 54.19 -4.30 53.78
N SER L 554 53.70 -3.08 54.00
CA SER L 554 52.30 -2.87 54.26
C SER L 554 51.52 -3.19 52.98
N LEU L 555 52.07 -2.77 51.84
CA LEU L 555 51.45 -3.01 50.54
C LEU L 555 51.37 -4.51 50.31
N GLU L 556 52.37 -5.23 50.80
CA GLU L 556 52.43 -6.67 50.68
C GLU L 556 51.21 -7.30 51.33
N GLN L 557 51.01 -6.98 52.61
CA GLN L 557 49.88 -7.50 53.36
C GLN L 557 48.57 -7.21 52.63
N ARG L 558 48.51 -6.07 51.94
CA ARG L 558 47.32 -5.69 51.20
C ARG L 558 46.99 -6.72 50.13
N ALA L 559 47.95 -6.95 49.23
CA ALA L 559 47.77 -7.90 48.15
C ALA L 559 47.36 -9.26 48.70
N ILE L 560 47.99 -9.67 49.80
CA ILE L 560 47.69 -10.94 50.45
C ILE L 560 46.21 -11.01 50.81
N ASP L 561 45.69 -9.93 51.36
CA ASP L 561 44.29 -9.86 51.74
C ASP L 561 43.36 -10.04 50.54
N LEU L 562 43.78 -9.52 49.39
CA LEU L 562 42.98 -9.66 48.17
C LEU L 562 42.98 -11.10 47.67
N TYR L 563 44.15 -11.71 47.61
CA TYR L 563 44.25 -13.10 47.16
C TYR L 563 43.52 -13.99 48.16
N LYS L 564 43.44 -13.52 49.41
CA LYS L 564 42.77 -14.24 50.48
C LYS L 564 41.26 -14.20 50.25
N GLN L 565 40.77 -13.02 49.86
CA GLN L 565 39.35 -12.84 49.59
C GLN L 565 39.02 -13.31 48.18
N LEU L 566 39.95 -14.07 47.59
CA LEU L 566 39.75 -14.60 46.25
C LEU L 566 39.40 -16.08 46.31
N LYS L 567 39.81 -16.74 47.39
CA LYS L 567 39.53 -18.15 47.57
C LYS L 567 38.54 -18.38 48.70
N HIS L 568 38.77 -17.71 49.82
CA HIS L 568 37.91 -17.84 50.99
C HIS L 568 36.58 -17.09 50.82
N ARG L 569 36.46 -16.31 49.75
CA ARG L 569 35.23 -15.57 49.50
C ARG L 569 34.09 -16.55 49.22
N PRO L 570 32.84 -16.14 49.51
CA PRO L 570 31.66 -17.00 49.29
C PRO L 570 31.61 -17.68 47.93
N SER L 571 32.15 -18.90 47.87
CA SER L 571 32.16 -19.69 46.64
C SER L 571 32.86 -18.99 45.48
N ASP L 572 33.17 -19.75 44.44
CA ASP L 572 33.84 -19.21 43.25
C ASP L 572 33.45 -19.99 42.00
N HIS L 573 34.35 -20.01 41.01
CA HIS L 573 34.14 -20.72 39.76
C HIS L 573 33.08 -20.05 38.87
N SER L 574 33.04 -18.72 38.91
CA SER L 574 32.09 -17.96 38.12
C SER L 574 32.27 -16.46 38.35
N TYR L 575 33.09 -16.12 39.33
CA TYR L 575 33.36 -14.73 39.67
C TYR L 575 33.95 -13.99 38.47
N SER L 576 33.93 -12.67 38.54
CA SER L 576 34.47 -11.85 37.46
C SER L 576 34.78 -10.43 37.93
N ASP L 577 36.03 -10.21 38.34
CA ASP L 577 36.46 -8.89 38.81
C ASP L 577 37.98 -8.87 38.90
N SER L 578 38.57 -7.68 38.89
CA SER L 578 40.03 -7.56 38.95
C SER L 578 40.51 -6.13 39.16
N THR L 579 39.58 -5.17 39.03
CA THR L 579 39.92 -3.77 39.19
C THR L 579 40.54 -3.44 40.55
N GLU L 580 40.08 -4.12 41.59
CA GLU L 580 40.59 -3.88 42.93
C GLU L 580 42.09 -4.12 43.07
N MET L 581 42.55 -5.25 42.53
CA MET L 581 43.95 -5.62 42.60
C MET L 581 44.83 -4.50 42.08
N VAL L 582 44.36 -3.80 41.05
CA VAL L 582 45.10 -2.69 40.44
C VAL L 582 45.65 -1.77 41.51
N LYS L 583 44.87 -1.60 42.58
CA LYS L 583 45.23 -0.76 43.70
C LYS L 583 46.63 -1.12 44.20
N ILE L 584 46.72 -2.21 44.95
CA ILE L 584 47.97 -2.69 45.52
C ILE L 584 49.11 -2.72 44.50
N ILE L 585 48.77 -3.13 43.27
CA ILE L 585 49.73 -3.22 42.19
C ILE L 585 50.48 -1.91 41.91
N VAL L 586 49.73 -0.88 41.52
CA VAL L 586 50.30 0.43 41.21
C VAL L 586 51.10 1.03 42.37
N HIS L 587 50.54 0.98 43.57
CA HIS L 587 51.18 1.54 44.76
C HIS L 587 52.57 0.95 45.03
N THR L 588 52.65 -0.38 45.00
CA THR L 588 53.93 -1.06 45.25
C THR L 588 55.00 -0.63 44.25
N VAL L 589 54.60 -0.41 43.00
CA VAL L 589 55.54 0.01 41.96
C VAL L 589 56.13 1.37 42.31
N GLN L 590 55.27 2.35 42.59
CA GLN L 590 55.69 3.70 42.95
C GLN L 590 56.64 3.69 44.15
N SER L 591 56.22 3.02 45.22
CA SER L 591 57.01 2.92 46.44
C SER L 591 58.37 2.28 46.16
N GLN L 592 58.36 1.25 45.31
CA GLN L 592 59.59 0.53 44.95
C GLN L 592 60.64 1.49 44.42
N ASP L 593 60.42 1.99 43.20
CA ASP L 593 61.34 2.90 42.53
C ASP L 593 61.73 4.12 43.36
N ARG L 594 60.89 4.50 44.31
CA ARG L 594 61.19 5.66 45.14
C ARG L 594 62.33 5.36 46.12
N VAL L 595 62.10 4.40 47.02
CA VAL L 595 63.10 4.02 48.01
C VAL L 595 64.24 3.24 47.37
N LEU L 596 64.00 2.69 46.18
CA LEU L 596 65.01 1.93 45.48
C LEU L 596 66.23 2.79 45.18
N LYS L 597 66.08 3.74 44.25
CA LYS L 597 67.18 4.64 43.90
C LYS L 597 67.55 5.50 45.11
N GLU L 598 66.63 5.59 46.07
CA GLU L 598 66.87 6.37 47.28
C GLU L 598 67.91 5.65 48.13
N LEU L 599 67.81 4.32 48.17
CA LEU L 599 68.75 3.50 48.93
C LEU L 599 70.15 3.67 48.37
N PHE L 600 70.27 3.65 47.04
CA PHE L 600 71.55 3.83 46.38
C PHE L 600 72.16 5.18 46.72
N GLY L 601 71.30 6.18 46.92
CA GLY L 601 71.78 7.50 47.27
C GLY L 601 72.48 7.49 48.61
N HIS L 602 71.79 6.98 49.63
CA HIS L 602 72.35 6.91 50.97
C HIS L 602 73.52 5.94 51.00
N LEU L 603 73.75 5.26 49.88
CA LEU L 603 74.84 4.30 49.75
C LEU L 603 76.05 4.97 49.09
N SER L 604 75.77 5.88 48.15
CA SER L 604 76.83 6.60 47.43
C SER L 604 77.79 7.26 48.42
N LYS L 605 77.23 7.77 49.51
CA LYS L 605 78.04 8.42 50.53
C LYS L 605 78.88 7.39 51.27
N LEU L 606 78.24 6.30 51.66
CA LEU L 606 78.91 5.22 52.38
C LEU L 606 80.03 4.61 51.54
N LEU L 607 79.70 4.30 50.28
CA LEU L 607 80.68 3.72 49.37
C LEU L 607 81.79 4.71 49.06
N GLY L 608 81.46 6.01 49.13
CA GLY L 608 82.45 7.04 48.85
C GLY L 608 83.45 7.25 49.97
N CYS L 609 83.00 7.12 51.20
CA CYS L 609 83.88 7.30 52.35
C CYS L 609 84.98 6.25 52.42
N LYS L 610 84.72 5.06 51.88
CA LYS L 610 85.71 3.98 51.89
C LYS L 610 86.96 4.39 51.15
N GLN L 611 86.80 4.82 49.91
CA GLN L 611 87.94 5.26 49.10
C GLN L 611 88.66 6.43 49.76
N LYS L 612 87.91 7.22 50.53
CA LYS L 612 88.48 8.36 51.24
C LYS L 612 89.39 7.86 52.36
N ILE L 613 89.01 6.74 52.96
CA ILE L 613 89.80 6.14 54.04
C ILE L 613 91.00 5.41 53.44
N ILE L 614 90.77 4.71 52.34
CA ILE L 614 91.81 3.97 51.66
C ILE L 614 92.78 4.93 50.97
N ASP L 615 92.33 6.16 50.75
CA ASP L 615 93.16 7.18 50.11
C ASP L 615 94.09 7.81 51.13
N LEU L 616 93.66 7.82 52.39
CA LEU L 616 94.45 8.38 53.48
C LEU L 616 95.27 7.26 54.12
N LEU L 617 94.91 6.02 53.82
CA LEU L 617 95.60 4.85 54.34
C LEU L 617 97.10 4.91 54.04
N PRO L 618 97.47 5.18 52.78
CA PRO L 618 98.89 5.26 52.41
C PRO L 618 99.61 6.45 53.05
N LYS L 619 98.86 7.54 53.28
CA LYS L 619 99.42 8.73 53.90
C LYS L 619 99.84 8.44 55.33
N VAL L 620 99.29 7.38 55.90
CA VAL L 620 99.61 6.97 57.26
C VAL L 620 101.02 6.39 57.29
N GLU L 621 101.30 5.45 56.39
CA GLU L 621 102.61 4.83 56.31
C GLU L 621 103.67 5.91 56.08
N VAL L 622 103.28 6.94 55.34
CA VAL L 622 104.21 8.04 55.05
C VAL L 622 104.65 8.65 56.38
N ALA L 623 103.68 8.99 57.22
CA ALA L 623 103.95 9.58 58.52
C ALA L 623 104.78 8.62 59.37
N LEU L 624 104.32 7.37 59.45
CA LEU L 624 105.02 6.34 60.21
C LEU L 624 106.46 6.21 59.77
N SER L 625 106.66 5.96 58.47
CA SER L 625 107.99 5.81 57.92
C SER L 625 108.87 7.03 58.19
N ASN L 626 108.31 8.22 58.01
CA ASN L 626 109.05 9.47 58.24
C ASN L 626 109.38 9.68 59.71
N ILE L 627 108.42 9.42 60.58
CA ILE L 627 108.64 9.57 62.02
C ILE L 627 109.61 8.51 62.52
N LYS L 628 109.51 7.30 61.97
CA LYS L 628 110.39 6.19 62.36
C LYS L 628 111.77 6.35 61.73
N GLU L 629 111.83 7.14 60.66
CA GLU L 629 113.09 7.39 59.97
C GLU L 629 114.00 8.18 60.90
N ALA L 630 113.48 9.28 61.44
CA ALA L 630 114.23 10.12 62.37
C ALA L 630 114.37 9.38 63.70
N ASP L 631 113.34 8.63 64.05
CA ASP L 631 113.33 7.85 65.29
C ASP L 631 114.51 6.88 65.31
N ASN L 632 114.95 6.47 64.13
CA ASN L 632 116.06 5.54 64.01
C ASN L 632 117.39 6.29 63.86
N THR L 633 117.39 7.32 63.02
CA THR L 633 118.60 8.11 62.80
C THR L 633 119.08 8.73 64.11
N VAL L 634 118.26 9.59 64.69
CA VAL L 634 118.59 10.25 65.94
C VAL L 634 118.98 9.22 67.00
N MET L 635 118.37 8.04 66.93
CA MET L 635 118.65 6.97 67.88
C MET L 635 120.12 6.57 67.81
N PHE L 636 120.58 6.20 66.62
CA PHE L 636 121.97 5.78 66.44
C PHE L 636 122.92 6.97 66.41
N MET L 637 122.37 8.17 66.56
CA MET L 637 123.18 9.38 66.57
C MET L 637 123.85 9.48 67.94
N GLN L 638 123.46 8.58 68.84
CA GLN L 638 124.01 8.54 70.19
C GLN L 638 125.50 8.23 70.14
N GLY L 639 125.90 7.45 69.14
CA GLY L 639 127.31 7.10 68.99
C GLY L 639 128.15 8.26 68.50
N LYS L 640 127.58 9.04 67.58
CA LYS L 640 128.27 10.20 67.02
C LYS L 640 128.29 11.33 68.05
N ARG L 641 127.65 11.10 69.19
CA ARG L 641 127.59 12.10 70.25
C ARG L 641 128.26 11.59 71.52
N GLN L 642 128.44 10.27 71.61
CA GLN L 642 129.09 9.66 72.76
C GLN L 642 130.35 8.92 72.33
N LYS L 643 130.18 7.92 71.47
CA LYS L 643 131.30 7.13 70.99
C LYS L 643 132.40 7.99 70.39
N GLU L 644 132.03 9.15 69.86
CA GLU L 644 132.99 10.07 69.27
C GLU L 644 133.83 10.77 70.34
N ILE L 645 133.46 10.55 71.61
CA ILE L 645 134.19 11.15 72.71
C ILE L 645 135.27 10.18 73.18
N TRP L 646 134.97 8.89 73.11
CA TRP L 646 135.91 7.85 73.52
C TRP L 646 136.99 7.68 72.46
N HIS L 647 136.60 7.85 71.20
CA HIS L 647 137.53 7.73 70.09
C HIS L 647 138.48 8.91 70.17
N LEU L 648 137.98 10.03 70.71
CA LEU L 648 138.75 11.26 70.87
C LEU L 648 139.05 11.41 72.36
N LEU L 649 139.59 10.35 72.95
CA LEU L 649 139.92 10.34 74.37
C LEU L 649 141.36 9.94 74.63
N LYS L 650 141.86 8.98 73.86
CA LYS L 650 143.23 8.50 74.01
C LYS L 650 144.26 9.44 73.39
N ILE L 651 143.88 10.69 73.16
CA ILE L 651 144.77 11.67 72.56
C ILE L 651 146.02 11.87 73.43
N ALA L 652 145.85 11.69 74.73
CA ALA L 652 146.95 11.84 75.67
C ALA L 652 147.07 10.63 76.60
N CYS L 653 146.24 9.62 76.34
CA CYS L 653 146.25 8.39 77.14
C CYS L 653 147.43 7.51 76.74
N THR L 654 148.35 8.08 75.96
CA THR L 654 149.53 7.36 75.50
C THR L 654 150.76 8.27 75.47
N GLN L 655 150.74 9.33 76.27
CA GLN L 655 151.87 10.26 76.34
C GLN L 655 152.85 9.84 77.42
#